data_8VBX
#
_entry.id   8VBX
#
loop_
_entity.id
_entity.type
_entity.pdbx_description
1 polymer 'Tail nozzle (gp51)'
2 polymer 'Tail fiber (gp47)'
#
loop_
_entity_poly.entity_id
_entity_poly.type
_entity_poly.pdbx_seq_one_letter_code
_entity_poly.pdbx_strand_id
1 'polypeptide(L)'
;MAFDGSIKSLLQGVSQQVPRERLDGQVSVQLNRLSDVVNGNRRRPGARYLADVPTTSQYDDHVFASYVDVQDTANHVIIN
TETGQLLVISEDFSTTLHNSTQQYLVASAASAIQTATLRGDLYIANTEKAPTKVFGSTTQQDPTKAGFYFVRTPALQKDY
DITLSNSTGTYTYTYRTPTGTGTGDADLAKPSYIISDLLAKINAQTGTHGITATAYDAYMFLSSNTVSLSVTTNAGSTYA
TGSNQSRVSVVSDLPARLPAVGNGASVAVGTTERNFVWYQYDSATSVWKEAGAYGSPTGFSNMPIRISLDGVYTVETPAY
EGRLAGSDETNEDPGFIDNGVTGFGAYQGRLVILAGPEVCMSAAGNPLRWYRSTVTALLTDDPINIFSGAATSTNFRHCV
QFNKDLLLFARSCQAVVPSSNAAITPQTAQIVITSGYTTDTLAQPGVVGRSVLYSMPRTEHFAGVLEIIPSNTTDSQYTS
NDITAHIPRYLPGRIRSIVSSTTSNSSAFICTGDSRSLFIQDYLWSGDEKVQSAWHQWTLPYPIVCTWFVRDRVYIGMRD
GTTILVVTIEPQAGNTIDSYVRPFSDVYLRVTITDRQFALPTRLRAAVGSGEGLFITFADTSMGGMWVGYESIDPTTYVV
TTVRNVPDGEYFVGLRYTSVLSPTPPLVRDANGIVIGTYQSLLVRYELTLKDSGEFHAIITDSSRTLTDGNYSSLVYSST
ELLPNNPTDASLGRTIIPVRAQAQDTVATFEANADTDLCILDIEYVLQYRARRKRI
;
A,B,C,D,E,F
2 'polypeptide(L)'
;MYSVQIAVSDGTLTRIALSIEYFEKDDITLYRNLELTPLVLGTDWQWDGDTHINLLTGIPVPVGSYITVRRNTDIDRAFN
IYDGGAAFNRETLDENFKQMIYLAQEFTEGNGLTGLYFPLDMHGFQIKNLGEPTDPGDAVTKQYVDTANTAQNANFNASQ
QAQDQAVAASQAVQDNRLASLENTFVQATSSYPWYTVSTSTTDTFTPGFNFTKAAVYINGVCQTPDYSYIVVANQILLAD
PVPLGTMVFARLGEDIQNDDDFATTAQLSAVQANLQDEIDVTNTEVSNKASKGANSDISSLSGLTTPLSAAQGGTGNNTG
NAATATVLATPRTIQTNLASTSAASFNGSANITPGVTGNLPVTNGGTGAGSAPSARANLGAAMNGINNDISNLAALTGGI
TGLTTGTAAASGIVGEVASAASSSATNLVSGSVINIISLSLPAGDWELESAFQIINTGNVTALAFGVSTTTGVLPTPWYD
VYSITTTIGSGTSNRQGMARRVLLSTTTTVYLVAQATFTGTATANGYVRARRVR
;
R,Q,P,O,N,M,X,W,V,U,T,S,L,K,J,I,H,G
#
# COMPACT_ATOMS: atom_id res chain seq x y z
N ALA A 2 -21.67 27.07 -0.21
CA ALA A 2 -21.47 26.52 -1.55
C ALA A 2 -20.06 25.96 -1.68
N PHE A 3 -19.91 24.94 -2.54
CA PHE A 3 -18.63 24.28 -2.77
C PHE A 3 -18.27 24.40 -4.24
N ASP A 4 -17.03 24.04 -4.56
CA ASP A 4 -16.56 24.05 -5.94
C ASP A 4 -15.96 22.70 -6.30
N GLY A 5 -15.49 22.56 -7.53
CA GLY A 5 -14.93 21.30 -7.98
C GLY A 5 -14.43 21.42 -9.40
N SER A 6 -13.96 20.28 -9.92
CA SER A 6 -13.40 20.22 -11.26
C SER A 6 -13.57 18.82 -11.82
N ILE A 7 -13.89 18.74 -13.11
CA ILE A 7 -13.99 17.47 -13.81
C ILE A 7 -12.58 16.99 -14.12
N LYS A 8 -12.32 15.70 -13.88
CA LYS A 8 -10.95 15.19 -13.94
C LYS A 8 -10.35 15.34 -15.34
N SER A 9 -11.04 14.85 -16.36
CA SER A 9 -10.49 14.87 -17.72
C SER A 9 -11.61 14.61 -18.71
N LEU A 10 -11.28 14.75 -19.98
CA LEU A 10 -12.23 14.60 -21.09
C LEU A 10 -11.61 13.78 -22.22
N LEU A 11 -10.96 12.67 -21.89
CA LEU A 11 -10.18 11.91 -22.86
C LEU A 11 -10.55 10.43 -22.90
N GLN A 12 -11.81 10.07 -22.64
CA GLN A 12 -12.26 8.68 -22.70
C GLN A 12 -13.47 8.49 -23.59
N GLY A 13 -13.82 9.48 -24.40
CA GLY A 13 -14.87 9.28 -25.38
C GLY A 13 -16.26 9.08 -24.78
N VAL A 14 -17.15 8.58 -25.64
CA VAL A 14 -18.56 8.50 -25.30
C VAL A 14 -18.83 7.29 -24.42
N SER A 15 -19.95 7.33 -23.70
CA SER A 15 -20.42 6.23 -22.89
C SER A 15 -21.93 6.30 -22.80
N GLN A 16 -22.54 5.19 -22.38
CA GLN A 16 -23.99 5.09 -22.31
C GLN A 16 -24.48 4.46 -21.01
N GLN A 17 -23.63 4.32 -20.01
CA GLN A 17 -24.08 3.87 -18.70
C GLN A 17 -24.68 5.02 -17.92
N VAL A 18 -25.39 4.68 -16.85
CA VAL A 18 -25.94 5.69 -15.96
C VAL A 18 -24.77 6.43 -15.30
N PRO A 19 -24.94 7.70 -14.93
CA PRO A 19 -23.77 8.46 -14.44
C PRO A 19 -23.13 7.86 -13.20
N ARG A 20 -23.85 7.04 -12.45
CA ARG A 20 -23.29 6.47 -11.23
C ARG A 20 -22.06 5.61 -11.51
N GLU A 21 -21.98 5.02 -12.70
CA GLU A 21 -20.99 3.98 -12.98
C GLU A 21 -19.95 4.36 -14.02
N ARG A 22 -20.09 5.49 -14.70
CA ARG A 22 -19.15 5.86 -15.74
C ARG A 22 -17.76 6.04 -15.14
N LEU A 23 -16.74 5.62 -15.90
CA LEU A 23 -15.36 5.80 -15.48
C LEU A 23 -14.95 7.26 -15.60
N ASP A 24 -13.78 7.57 -15.05
CA ASP A 24 -13.26 8.93 -15.08
C ASP A 24 -12.85 9.32 -16.49
N GLY A 25 -13.33 10.46 -16.97
CA GLY A 25 -12.97 10.97 -18.27
C GLY A 25 -13.99 10.75 -19.37
N GLN A 26 -14.97 9.88 -19.16
CA GLN A 26 -15.97 9.61 -20.19
C GLN A 26 -16.97 10.75 -20.28
N VAL A 27 -17.49 10.97 -21.49
CA VAL A 27 -18.44 12.04 -21.75
C VAL A 27 -19.72 11.43 -22.30
N SER A 28 -20.70 12.27 -22.65
CA SER A 28 -22.01 11.79 -23.03
C SER A 28 -22.22 11.83 -24.53
N VAL A 29 -21.68 12.84 -25.21
CA VAL A 29 -21.84 13.00 -26.65
C VAL A 29 -20.58 13.64 -27.22
N GLN A 30 -20.11 13.14 -28.35
CA GLN A 30 -18.99 13.72 -29.07
C GLN A 30 -19.25 13.55 -30.57
N LEU A 31 -18.89 14.57 -31.34
CA LEU A 31 -19.20 14.57 -32.77
C LEU A 31 -18.28 15.56 -33.47
N ASN A 32 -17.51 15.07 -34.45
CA ASN A 32 -16.60 15.92 -35.21
C ASN A 32 -15.55 16.56 -34.31
N ARG A 33 -15.28 15.93 -33.16
CA ARG A 33 -14.23 16.35 -32.25
C ARG A 33 -13.06 15.38 -32.33
N LEU A 34 -12.01 15.71 -31.59
CA LEU A 34 -10.86 14.83 -31.41
C LEU A 34 -10.63 14.59 -29.93
N SER A 35 -10.17 13.38 -29.61
CA SER A 35 -9.78 13.01 -28.26
C SER A 35 -8.27 13.15 -28.09
N ASP A 36 -7.69 14.13 -28.78
CA ASP A 36 -6.25 14.24 -28.87
C ASP A 36 -5.63 14.52 -27.50
N VAL A 37 -4.55 13.80 -27.19
CA VAL A 37 -3.72 14.16 -26.06
C VAL A 37 -2.83 15.34 -26.43
N VAL A 38 -2.15 15.90 -25.43
CA VAL A 38 -1.14 16.94 -25.60
C VAL A 38 -1.77 18.26 -26.07
N ASN A 39 -2.70 18.20 -27.02
CA ASN A 39 -3.37 19.39 -27.51
C ASN A 39 -4.76 19.59 -26.92
N GLY A 40 -5.35 18.56 -26.32
CA GLY A 40 -6.65 18.70 -25.70
C GLY A 40 -7.79 18.24 -26.60
N ASN A 41 -9.01 18.54 -26.15
CA ASN A 41 -10.24 18.12 -26.83
C ASN A 41 -10.71 19.25 -27.75
N ARG A 42 -10.16 19.25 -28.96
CA ARG A 42 -10.43 20.30 -29.94
C ARG A 42 -11.18 19.72 -31.13
N ARG A 43 -11.43 20.57 -32.14
CA ARG A 43 -12.15 20.16 -33.32
C ARG A 43 -11.22 19.45 -34.31
N ARG A 44 -11.82 18.66 -35.20
CA ARG A 44 -11.04 17.97 -36.21
C ARG A 44 -10.75 18.89 -37.40
N PRO A 45 -9.67 18.64 -38.14
CA PRO A 45 -9.41 19.44 -39.34
C PRO A 45 -10.40 19.12 -40.44
N GLY A 46 -10.29 19.88 -41.53
CA GLY A 46 -11.19 19.69 -42.67
C GLY A 46 -10.66 18.64 -43.63
N ALA A 47 -11.54 18.17 -44.50
CA ALA A 47 -11.17 17.17 -45.50
C ALA A 47 -10.75 17.85 -46.79
N ARG A 48 -9.62 17.43 -47.33
CA ARG A 48 -9.04 18.06 -48.52
C ARG A 48 -9.36 17.24 -49.76
N TYR A 49 -9.62 17.94 -50.87
CA TYR A 49 -9.97 17.28 -52.11
C TYR A 49 -8.71 16.98 -52.92
N LEU A 50 -8.63 15.75 -53.44
CA LEU A 50 -7.43 15.30 -54.14
C LEU A 50 -7.70 15.07 -55.63
N ALA A 51 -8.66 14.21 -55.95
CA ALA A 51 -8.95 13.86 -57.34
C ALA A 51 -10.14 12.93 -57.37
N ASP A 52 -10.58 12.61 -58.59
CA ASP A 52 -11.70 11.71 -58.82
C ASP A 52 -11.22 10.50 -59.61
N VAL A 53 -11.60 9.31 -59.15
CA VAL A 53 -11.18 8.06 -59.80
C VAL A 53 -11.96 7.92 -61.11
N PRO A 54 -11.30 7.52 -62.22
CA PRO A 54 -12.04 7.35 -63.49
C PRO A 54 -12.89 6.08 -63.52
N THR A 55 -14.02 6.12 -62.82
CA THR A 55 -14.97 5.03 -62.82
C THR A 55 -16.34 5.57 -62.42
N THR A 56 -17.35 4.71 -62.52
CA THR A 56 -18.71 5.10 -62.19
C THR A 56 -19.39 3.98 -61.42
N SER A 57 -20.36 4.36 -60.58
CA SER A 57 -21.11 3.40 -59.79
C SER A 57 -22.39 4.06 -59.28
N GLN A 58 -23.41 3.24 -59.06
CA GLN A 58 -24.67 3.73 -58.52
C GLN A 58 -24.94 3.24 -57.11
N TYR A 59 -24.18 2.26 -56.62
CA TYR A 59 -24.41 1.65 -55.32
C TYR A 59 -23.20 1.90 -54.42
N ASP A 60 -23.43 1.76 -53.11
CA ASP A 60 -22.46 2.13 -52.10
C ASP A 60 -21.47 1.02 -51.75
N ASP A 61 -21.67 -0.20 -52.27
CA ASP A 61 -20.81 -1.31 -51.85
C ASP A 61 -20.30 -2.17 -53.00
N HIS A 62 -20.18 -1.62 -54.21
CA HIS A 62 -19.67 -2.38 -55.35
C HIS A 62 -18.29 -1.90 -55.74
N VAL A 63 -17.48 -1.49 -54.76
CA VAL A 63 -16.14 -0.98 -55.01
C VAL A 63 -15.18 -1.58 -54.01
N PHE A 64 -13.96 -1.89 -54.46
CA PHE A 64 -12.91 -2.46 -53.63
C PHE A 64 -11.62 -1.69 -53.88
N ALA A 65 -10.82 -1.51 -52.82
CA ALA A 65 -9.61 -0.70 -52.91
C ALA A 65 -8.53 -1.29 -52.02
N SER A 66 -7.29 -1.22 -52.49
CA SER A 66 -6.12 -1.67 -51.75
C SER A 66 -4.90 -1.16 -52.51
N TYR A 67 -3.70 -1.55 -52.05
CA TYR A 67 -2.46 -1.06 -52.63
C TYR A 67 -1.46 -2.20 -52.77
N VAL A 68 -0.45 -1.96 -53.59
CA VAL A 68 0.64 -2.92 -53.81
C VAL A 68 1.91 -2.13 -54.07
N ASP A 69 3.05 -2.72 -53.72
CA ASP A 69 4.34 -2.06 -53.80
C ASP A 69 5.15 -2.64 -54.95
N VAL A 70 5.72 -1.75 -55.77
CA VAL A 70 6.59 -2.13 -56.87
C VAL A 70 7.89 -1.34 -56.71
N GLN A 71 9.00 -2.04 -56.52
CA GLN A 71 10.30 -1.39 -56.31
C GLN A 71 10.21 -0.42 -55.14
N ASP A 72 10.53 0.85 -55.37
CA ASP A 72 10.40 1.87 -54.33
C ASP A 72 9.05 2.57 -54.36
N THR A 73 8.20 2.28 -55.34
CA THR A 73 6.92 2.96 -55.47
C THR A 73 5.81 2.15 -54.82
N ALA A 74 4.74 2.85 -54.45
CA ALA A 74 3.51 2.23 -53.97
C ALA A 74 2.37 2.70 -54.85
N ASN A 75 1.47 1.78 -55.20
CA ASN A 75 0.41 2.05 -56.15
C ASN A 75 -0.92 1.56 -55.62
N HIS A 76 -2.00 2.20 -56.07
CA HIS A 76 -3.34 1.85 -55.62
C HIS A 76 -3.95 0.82 -56.55
N VAL A 77 -4.81 -0.04 -56.00
CA VAL A 77 -5.56 -1.03 -56.76
C VAL A 77 -7.03 -0.79 -56.50
N ILE A 78 -7.79 -0.58 -57.58
CA ILE A 78 -9.22 -0.30 -57.50
C ILE A 78 -9.95 -1.29 -58.40
N ILE A 79 -11.00 -1.92 -57.86
CA ILE A 79 -11.79 -2.90 -58.59
C ILE A 79 -13.25 -2.53 -58.46
N ASN A 80 -13.95 -2.53 -59.59
CA ASN A 80 -15.41 -2.32 -59.61
C ASN A 80 -16.05 -3.68 -59.82
N THR A 81 -16.90 -4.08 -58.87
CA THR A 81 -17.41 -5.44 -58.82
C THR A 81 -18.71 -5.62 -59.62
N GLU A 82 -19.27 -4.55 -60.17
CA GLU A 82 -20.50 -4.68 -60.96
C GLU A 82 -20.17 -5.05 -62.41
N THR A 83 -19.35 -4.22 -63.07
CA THR A 83 -18.98 -4.48 -64.45
C THR A 83 -17.68 -5.26 -64.57
N GLY A 84 -16.99 -5.53 -63.46
CA GLY A 84 -15.75 -6.28 -63.51
C GLY A 84 -14.62 -5.52 -64.18
N GLN A 85 -14.21 -4.41 -63.58
CA GLN A 85 -13.14 -3.57 -64.10
C GLN A 85 -11.99 -3.53 -63.11
N LEU A 86 -10.77 -3.45 -63.65
CA LEU A 86 -9.55 -3.45 -62.85
C LEU A 86 -8.74 -2.20 -63.18
N LEU A 87 -8.29 -1.49 -62.15
CA LEU A 87 -7.56 -0.25 -62.31
C LEU A 87 -6.30 -0.26 -61.46
N VAL A 88 -5.26 0.39 -61.95
CA VAL A 88 -4.02 0.64 -61.21
C VAL A 88 -3.65 2.10 -61.43
N ILE A 89 -3.33 2.79 -60.34
CA ILE A 89 -3.07 4.23 -60.38
C ILE A 89 -1.77 4.52 -59.64
N SER A 90 -1.15 5.64 -59.96
CA SER A 90 0.05 6.06 -59.25
C SER A 90 -0.31 6.62 -57.88
N GLU A 91 0.71 6.77 -57.03
CA GLU A 91 0.47 7.21 -55.66
C GLU A 91 -0.17 8.58 -55.59
N ASP A 92 0.03 9.43 -56.58
CA ASP A 92 -0.48 10.79 -56.57
C ASP A 92 -1.72 11.00 -57.43
N PHE A 93 -2.32 9.92 -57.93
CA PHE A 93 -3.52 10.00 -58.76
C PHE A 93 -3.30 10.78 -60.04
N SER A 94 -2.07 10.80 -60.55
CA SER A 94 -1.75 11.61 -61.73
C SER A 94 -1.75 10.83 -63.03
N THR A 95 -1.52 9.52 -62.97
CA THR A 95 -1.44 8.70 -64.17
C THR A 95 -2.12 7.36 -63.92
N THR A 96 -2.58 6.73 -65.01
CA THR A 96 -3.20 5.42 -64.97
C THR A 96 -2.23 4.43 -65.60
N LEU A 97 -1.89 3.38 -64.85
CA LEU A 97 -0.90 2.41 -65.31
C LEU A 97 -1.53 1.19 -65.98
N HIS A 98 -2.78 0.87 -65.64
CA HIS A 98 -3.46 -0.27 -66.25
C HIS A 98 -4.96 -0.04 -66.17
N ASN A 99 -5.68 -0.54 -67.18
CA ASN A 99 -7.13 -0.41 -67.23
C ASN A 99 -7.66 -1.46 -68.19
N SER A 100 -8.47 -2.39 -67.67
CA SER A 100 -8.99 -3.48 -68.49
C SER A 100 -10.22 -4.07 -67.81
N THR A 101 -10.98 -4.84 -68.58
CA THR A 101 -12.17 -5.51 -68.08
C THR A 101 -11.88 -6.99 -67.87
N GLN A 102 -12.54 -7.56 -66.86
CA GLN A 102 -12.33 -8.97 -66.51
C GLN A 102 -13.68 -9.56 -66.13
N GLN A 103 -14.16 -10.53 -66.91
CA GLN A 103 -15.42 -11.18 -66.61
C GLN A 103 -15.36 -12.02 -65.35
N TYR A 104 -14.16 -12.37 -64.89
CA TYR A 104 -14.04 -13.21 -63.70
C TYR A 104 -14.37 -12.42 -62.44
N LEU A 105 -14.23 -11.10 -62.48
CA LEU A 105 -14.37 -10.26 -61.29
C LEU A 105 -15.79 -9.76 -61.08
N VAL A 106 -16.78 -10.35 -61.75
CA VAL A 106 -18.16 -9.93 -61.54
C VAL A 106 -18.73 -10.66 -60.34
N ALA A 107 -19.27 -9.89 -59.40
CA ALA A 107 -19.86 -10.47 -58.19
C ALA A 107 -20.91 -9.52 -57.65
N SER A 108 -21.61 -9.96 -56.61
CA SER A 108 -22.72 -9.19 -56.07
C SER A 108 -22.24 -8.03 -55.21
N ALA A 109 -21.14 -8.19 -54.48
CA ALA A 109 -20.68 -7.17 -53.55
C ALA A 109 -19.16 -7.22 -53.45
N ALA A 110 -18.60 -6.12 -52.97
CA ALA A 110 -17.15 -5.96 -52.87
C ALA A 110 -16.53 -6.73 -51.71
N SER A 111 -17.31 -7.55 -51.01
CA SER A 111 -16.77 -8.34 -49.91
C SER A 111 -16.28 -9.71 -50.34
N ALA A 112 -16.42 -10.05 -51.63
CA ALA A 112 -16.02 -11.38 -52.10
C ALA A 112 -14.61 -11.40 -52.67
N ILE A 113 -13.91 -10.27 -52.71
CA ILE A 113 -12.59 -10.18 -53.31
C ILE A 113 -11.54 -10.38 -52.23
N GLN A 114 -10.44 -11.06 -52.59
CA GLN A 114 -9.32 -11.29 -51.69
C GLN A 114 -8.06 -11.41 -52.53
N THR A 115 -6.90 -11.21 -51.88
CA THR A 115 -5.64 -11.12 -52.62
C THR A 115 -4.52 -11.77 -51.82
N ALA A 116 -3.46 -12.15 -52.54
CA ALA A 116 -2.26 -12.69 -51.94
C ALA A 116 -1.12 -12.59 -52.95
N THR A 117 0.11 -12.65 -52.43
CA THR A 117 1.31 -12.54 -53.26
C THR A 117 2.35 -13.55 -52.76
N LEU A 118 2.91 -14.32 -53.69
CA LEU A 118 3.86 -15.37 -53.31
C LEU A 118 5.27 -15.18 -53.85
N ARG A 119 5.48 -15.06 -55.17
CA ARG A 119 6.83 -14.94 -55.70
C ARG A 119 7.07 -13.61 -56.40
N GLY A 120 6.31 -13.35 -57.46
CA GLY A 120 6.48 -12.13 -58.22
C GLY A 120 5.19 -11.62 -58.83
N ASP A 121 4.06 -12.10 -58.31
CA ASP A 121 2.77 -11.75 -58.90
C ASP A 121 1.73 -11.62 -57.79
N LEU A 122 0.70 -10.82 -58.07
CA LEU A 122 -0.40 -10.60 -57.15
C LEU A 122 -1.61 -11.39 -57.64
N TYR A 123 -2.09 -12.30 -56.79
CA TYR A 123 -3.24 -13.13 -57.13
C TYR A 123 -4.52 -12.52 -56.56
N ILE A 124 -5.61 -12.67 -57.30
CA ILE A 124 -6.92 -12.14 -56.91
C ILE A 124 -7.93 -13.27 -56.97
N ALA A 125 -8.68 -13.46 -55.89
CA ALA A 125 -9.61 -14.57 -55.76
C ALA A 125 -11.02 -14.04 -55.55
N ASN A 126 -11.97 -14.66 -56.25
CA ASN A 126 -13.39 -14.35 -56.12
C ASN A 126 -14.06 -15.53 -55.43
N THR A 127 -14.58 -15.30 -54.22
CA THR A 127 -15.15 -16.38 -53.41
C THR A 127 -16.56 -16.76 -53.83
N GLU A 128 -17.16 -16.04 -54.78
CA GLU A 128 -18.52 -16.33 -55.21
C GLU A 128 -18.57 -17.28 -56.42
N LYS A 129 -17.43 -17.79 -56.86
CA LYS A 129 -17.36 -18.66 -58.03
C LYS A 129 -16.65 -19.95 -57.66
N ALA A 130 -17.04 -21.04 -58.34
CA ALA A 130 -16.54 -22.37 -58.03
C ALA A 130 -15.74 -22.92 -59.20
N PRO A 131 -14.59 -23.54 -58.97
CA PRO A 131 -13.83 -24.14 -60.07
C PRO A 131 -14.37 -25.50 -60.46
N THR A 132 -13.91 -25.98 -61.62
CA THR A 132 -14.32 -27.26 -62.15
C THR A 132 -13.15 -27.90 -62.89
N LYS A 133 -13.18 -29.23 -62.96
CA LYS A 133 -12.14 -29.97 -63.66
C LYS A 133 -12.38 -29.97 -65.16
N VAL A 134 -11.30 -30.05 -65.94
CA VAL A 134 -11.36 -30.12 -67.39
C VAL A 134 -10.47 -31.26 -67.86
N PHE A 135 -10.96 -32.00 -68.85
CA PHE A 135 -10.24 -33.12 -69.44
C PHE A 135 -9.85 -32.76 -70.87
N GLY A 136 -8.55 -32.81 -71.15
CA GLY A 136 -8.07 -32.54 -72.50
C GLY A 136 -7.80 -33.81 -73.28
N SER A 137 -7.61 -33.64 -74.59
CA SER A 137 -7.31 -34.77 -75.45
C SER A 137 -5.95 -35.35 -75.11
N THR A 138 -5.87 -36.68 -75.05
CA THR A 138 -4.62 -37.36 -74.74
C THR A 138 -4.51 -38.61 -75.59
N THR A 139 -3.29 -39.13 -75.68
CA THR A 139 -3.00 -40.32 -76.49
C THR A 139 -3.08 -41.61 -75.68
N GLN A 140 -3.48 -41.55 -74.41
CA GLN A 140 -3.49 -42.74 -73.58
C GLN A 140 -4.48 -43.77 -74.11
N GLN A 141 -4.20 -45.04 -73.82
CA GLN A 141 -5.05 -46.15 -74.21
C GLN A 141 -5.50 -46.90 -72.96
N ASP A 142 -6.61 -47.60 -73.07
CA ASP A 142 -7.19 -48.29 -71.93
C ASP A 142 -6.20 -49.33 -71.39
N ALA A 265 1.04 -45.64 -76.58
CA ALA A 265 0.81 -45.08 -75.26
C ALA A 265 0.22 -46.11 -74.30
N SER A 266 0.82 -47.31 -74.28
CA SER A 266 0.35 -48.35 -73.36
C SER A 266 0.66 -47.97 -71.92
N VAL A 267 -0.09 -48.55 -71.00
CA VAL A 267 0.05 -48.29 -69.57
C VAL A 267 0.27 -49.61 -68.85
N ALA A 268 1.27 -49.62 -67.97
CA ALA A 268 1.57 -50.79 -67.14
C ALA A 268 1.77 -50.32 -65.71
N VAL A 269 1.50 -51.23 -64.77
CA VAL A 269 1.51 -50.91 -63.35
C VAL A 269 2.63 -51.70 -62.69
N GLY A 270 3.58 -50.99 -62.08
CA GLY A 270 4.61 -51.63 -61.29
C GLY A 270 4.23 -51.79 -59.84
N THR A 271 5.20 -52.19 -59.03
CA THR A 271 4.99 -52.35 -57.59
C THR A 271 6.28 -52.81 -56.92
N PHE A 276 1.04 -49.85 -57.06
CA PHE A 276 1.33 -48.51 -56.55
C PHE A 276 1.58 -47.53 -57.68
N VAL A 277 2.73 -47.68 -58.36
CA VAL A 277 3.21 -46.74 -59.35
C VAL A 277 2.68 -47.14 -60.72
N TRP A 278 2.37 -46.15 -61.55
CA TRP A 278 1.88 -46.36 -62.90
C TRP A 278 2.85 -45.72 -63.88
N TYR A 279 3.07 -46.37 -65.02
CA TYR A 279 4.01 -45.90 -66.03
C TYR A 279 3.34 -45.82 -67.39
N GLN A 280 3.79 -44.87 -68.19
CA GLN A 280 3.40 -44.75 -69.59
C GLN A 280 4.63 -44.86 -70.47
N TYR A 281 4.43 -45.37 -71.69
CA TYR A 281 5.51 -45.62 -72.63
C TYR A 281 5.45 -44.57 -73.74
N ASP A 282 6.49 -43.75 -73.83
CA ASP A 282 6.56 -42.71 -74.85
C ASP A 282 7.24 -43.25 -76.12
N SER A 283 6.41 -43.55 -77.12
CA SER A 283 6.91 -44.15 -78.35
C SER A 283 7.83 -43.22 -79.12
N ALA A 284 7.85 -41.93 -78.79
CA ALA A 284 8.73 -40.99 -79.46
C ALA A 284 10.20 -41.19 -79.11
N THR A 285 10.50 -41.66 -77.90
CA THR A 285 11.89 -41.88 -77.48
C THR A 285 12.11 -43.19 -76.75
N SER A 286 11.08 -44.01 -76.53
CA SER A 286 11.18 -45.32 -75.91
C SER A 286 11.42 -45.25 -74.39
N VAL A 287 11.19 -44.11 -73.77
CA VAL A 287 11.34 -43.96 -72.33
C VAL A 287 10.03 -44.39 -71.66
N TRP A 288 10.08 -44.65 -70.35
CA TRP A 288 8.90 -45.01 -69.56
C TRP A 288 8.69 -43.92 -68.53
N LYS A 289 7.97 -42.87 -68.91
CA LYS A 289 7.65 -41.79 -68.00
C LYS A 289 6.42 -42.12 -67.17
N GLU A 290 6.31 -41.45 -66.03
CA GLU A 290 5.17 -41.67 -65.14
C GLU A 290 3.92 -40.99 -65.68
N ALA A 291 2.77 -41.52 -65.28
CA ALA A 291 1.48 -40.92 -65.62
C ALA A 291 0.50 -41.29 -64.52
N GLY A 292 -0.43 -40.39 -64.22
CA GLY A 292 -1.36 -40.65 -63.13
C GLY A 292 -2.22 -41.87 -63.38
N ALA A 293 -3.14 -41.77 -64.34
CA ALA A 293 -4.02 -42.88 -64.70
C ALA A 293 -4.89 -42.42 -65.86
N TYR A 294 -5.65 -43.36 -66.41
CA TYR A 294 -6.58 -43.03 -67.47
C TYR A 294 -7.73 -42.17 -66.94
N GLY A 295 -8.13 -41.19 -67.75
CA GLY A 295 -9.24 -40.34 -67.39
C GLY A 295 -8.94 -39.31 -66.32
N SER A 296 -7.68 -39.01 -66.09
CA SER A 296 -7.33 -38.01 -65.07
C SER A 296 -7.48 -36.61 -65.63
N PRO A 297 -7.74 -35.62 -64.77
CA PRO A 297 -7.89 -34.24 -65.26
C PRO A 297 -6.56 -33.66 -65.69
N THR A 298 -6.61 -32.68 -66.59
CA THR A 298 -5.43 -32.01 -67.11
C THR A 298 -5.39 -30.52 -66.80
N GLY A 299 -6.26 -30.02 -65.93
CA GLY A 299 -6.24 -28.62 -65.59
C GLY A 299 -7.48 -28.25 -64.80
N PHE A 300 -7.61 -26.95 -64.56
CA PHE A 300 -8.72 -26.39 -63.80
C PHE A 300 -9.31 -25.19 -64.54
N SER A 301 -10.56 -24.86 -64.21
CA SER A 301 -11.25 -23.71 -64.75
C SER A 301 -11.80 -22.87 -63.61
N ASN A 302 -12.00 -21.58 -63.90
CA ASN A 302 -12.51 -20.60 -62.94
C ASN A 302 -11.57 -20.37 -61.77
N MET A 303 -10.27 -20.55 -61.96
CA MET A 303 -9.32 -20.36 -60.88
C MET A 303 -8.88 -18.90 -60.79
N PRO A 304 -8.30 -18.50 -59.66
CA PRO A 304 -7.92 -17.09 -59.49
C PRO A 304 -6.95 -16.62 -60.56
N ILE A 305 -7.12 -15.36 -60.99
CA ILE A 305 -6.26 -14.74 -61.99
C ILE A 305 -4.99 -14.23 -61.31
N ARG A 306 -4.00 -13.85 -62.13
CA ARG A 306 -2.70 -13.44 -61.62
C ARG A 306 -2.25 -12.17 -62.33
N ILE A 307 -1.50 -11.32 -61.63
CA ILE A 307 -0.98 -10.08 -62.16
C ILE A 307 0.51 -10.01 -61.85
N SER A 308 1.29 -9.46 -62.78
CA SER A 308 2.74 -9.36 -62.61
C SER A 308 3.11 -8.09 -61.87
N LEU A 309 4.29 -8.11 -61.24
CA LEU A 309 4.82 -6.97 -60.50
C LEU A 309 6.23 -6.62 -60.92
N ASP A 310 6.65 -7.06 -62.11
CA ASP A 310 8.02 -6.77 -62.56
C ASP A 310 8.17 -5.36 -63.10
N GLY A 311 7.07 -4.63 -63.27
CA GLY A 311 7.12 -3.25 -63.75
C GLY A 311 6.34 -2.98 -65.01
N VAL A 312 5.60 -3.95 -65.56
CA VAL A 312 4.82 -3.74 -66.76
C VAL A 312 3.35 -4.11 -66.58
N TYR A 313 2.99 -4.75 -65.47
CA TYR A 313 1.59 -5.01 -65.14
C TYR A 313 0.90 -5.85 -66.21
N THR A 314 1.37 -7.09 -66.38
CA THR A 314 0.72 -8.03 -67.29
C THR A 314 -0.32 -8.84 -66.53
N VAL A 315 -1.47 -9.07 -67.17
CA VAL A 315 -2.55 -9.87 -66.61
C VAL A 315 -2.73 -11.11 -67.47
N GLU A 316 -2.78 -12.28 -66.84
CA GLU A 316 -2.89 -13.53 -67.57
C GLU A 316 -3.40 -14.61 -66.63
N THR A 317 -4.23 -15.50 -67.15
CA THR A 317 -4.73 -16.63 -66.36
C THR A 317 -3.68 -17.74 -66.36
N PRO A 318 -3.15 -18.15 -65.22
CA PRO A 318 -2.10 -19.18 -65.22
C PRO A 318 -2.65 -20.57 -65.52
N ALA A 319 -1.76 -21.43 -65.97
CA ALA A 319 -2.11 -22.80 -66.34
C ALA A 319 -1.77 -23.72 -65.18
N TYR A 320 -2.80 -24.23 -64.50
CA TYR A 320 -2.59 -25.12 -63.37
C TYR A 320 -2.44 -26.56 -63.84
N GLU A 321 -1.70 -27.35 -63.06
CA GLU A 321 -1.37 -28.71 -63.46
C GLU A 321 -2.44 -29.70 -63.02
N GLY A 322 -2.72 -30.68 -63.87
CA GLY A 322 -3.50 -31.83 -63.49
C GLY A 322 -2.63 -32.89 -62.85
N ARG A 323 -3.22 -34.06 -62.63
CA ARG A 323 -2.46 -35.16 -62.06
C ARG A 323 -1.43 -35.66 -63.06
N LEU A 324 -0.19 -35.81 -62.60
CA LEU A 324 0.88 -36.43 -63.37
C LEU A 324 1.25 -37.80 -62.84
N ALA A 325 1.10 -38.01 -61.54
CA ALA A 325 1.36 -39.30 -60.90
C ALA A 325 0.23 -39.67 -59.95
N GLY A 326 0.08 -40.97 -59.73
CA GLY A 326 -0.87 -41.46 -58.74
C GLY A 326 -2.26 -41.69 -59.25
N SER A 327 -3.00 -42.56 -58.57
CA SER A 327 -4.38 -42.86 -58.91
C SER A 327 -5.34 -42.21 -57.92
N ASP A 328 -6.63 -42.34 -58.19
CA ASP A 328 -7.64 -41.71 -57.35
C ASP A 328 -7.60 -42.23 -55.92
N GLU A 329 -7.02 -43.41 -55.69
CA GLU A 329 -6.94 -43.99 -54.35
C GLU A 329 -5.64 -43.64 -53.63
N THR A 330 -4.74 -42.90 -54.29
CA THR A 330 -3.49 -42.47 -53.65
C THR A 330 -3.19 -40.99 -53.87
N ASN A 331 -3.88 -40.32 -54.79
CA ASN A 331 -3.76 -38.89 -55.00
C ASN A 331 -5.19 -38.35 -55.20
N GLU A 332 -5.81 -37.96 -54.09
CA GLU A 332 -7.21 -37.56 -54.12
C GLU A 332 -7.33 -36.10 -54.57
N ASP A 333 -8.58 -35.65 -54.69
CA ASP A 333 -8.84 -34.28 -55.08
C ASP A 333 -8.39 -33.33 -53.95
N PRO A 334 -8.06 -32.08 -54.28
CA PRO A 334 -7.56 -31.17 -53.23
C PRO A 334 -8.61 -30.85 -52.18
N GLY A 335 -9.88 -31.11 -52.48
CA GLY A 335 -10.94 -30.86 -51.52
C GLY A 335 -11.75 -29.61 -51.82
N PHE A 336 -11.09 -28.56 -52.32
CA PHE A 336 -11.80 -27.33 -52.67
C PHE A 336 -12.64 -27.49 -53.93
N ILE A 337 -12.55 -28.62 -54.62
CA ILE A 337 -13.38 -28.85 -55.79
C ILE A 337 -14.85 -28.89 -55.39
N ASP A 338 -15.16 -29.56 -54.28
CA ASP A 338 -16.54 -29.77 -53.85
C ASP A 338 -17.12 -28.62 -53.05
N ASN A 339 -16.39 -28.11 -52.06
CA ASN A 339 -16.92 -27.06 -51.20
C ASN A 339 -16.68 -25.66 -51.76
N GLY A 340 -16.00 -25.53 -52.89
CA GLY A 340 -15.71 -24.22 -53.42
C GLY A 340 -14.59 -23.53 -52.66
N VAL A 341 -14.35 -22.28 -53.04
CA VAL A 341 -13.32 -21.47 -52.39
C VAL A 341 -13.99 -20.38 -51.56
N THR A 342 -13.81 -20.44 -50.24
CA THR A 342 -14.37 -19.46 -49.32
C THR A 342 -13.30 -18.60 -48.65
N GLY A 343 -12.09 -18.60 -49.16
CA GLY A 343 -11.03 -17.80 -48.56
C GLY A 343 -9.78 -17.87 -49.41
N PHE A 344 -8.78 -17.08 -49.00
CA PHE A 344 -7.53 -17.01 -49.72
C PHE A 344 -6.48 -16.36 -48.83
N GLY A 345 -5.24 -16.81 -49.00
CA GLY A 345 -4.14 -16.27 -48.20
C GLY A 345 -2.85 -17.00 -48.50
N ALA A 346 -1.79 -16.57 -47.81
CA ALA A 346 -0.47 -17.15 -47.98
C ALA A 346 0.12 -17.47 -46.61
N TYR A 347 0.94 -18.52 -46.58
CA TYR A 347 1.56 -18.95 -45.32
C TYR A 347 2.76 -19.83 -45.64
N GLN A 348 3.90 -19.47 -45.06
CA GLN A 348 5.13 -20.23 -45.22
C GLN A 348 5.46 -20.46 -46.68
N GLY A 349 5.33 -19.43 -47.50
CA GLY A 349 5.65 -19.56 -48.91
C GLY A 349 4.71 -20.47 -49.67
N ARG A 350 3.52 -20.74 -49.13
CA ARG A 350 2.54 -21.59 -49.76
C ARG A 350 1.22 -20.85 -49.86
N LEU A 351 0.59 -20.92 -51.03
CA LEU A 351 -0.75 -20.37 -51.20
C LEU A 351 -1.73 -21.22 -50.40
N VAL A 352 -2.72 -20.55 -49.82
CA VAL A 352 -3.72 -21.19 -48.98
C VAL A 352 -5.10 -20.92 -49.58
N ILE A 353 -5.90 -21.98 -49.72
CA ILE A 353 -7.26 -21.88 -50.21
C ILE A 353 -8.17 -22.58 -49.22
N LEU A 354 -9.08 -21.82 -48.60
CA LEU A 354 -10.03 -22.37 -47.65
C LEU A 354 -11.25 -22.91 -48.39
N ALA A 355 -11.69 -24.11 -47.99
CA ALA A 355 -12.78 -24.82 -48.65
C ALA A 355 -13.78 -25.27 -47.57
N GLY A 356 -14.11 -24.35 -46.67
CA GLY A 356 -15.02 -24.66 -45.59
C GLY A 356 -14.30 -25.32 -44.43
N PRO A 357 -14.65 -26.57 -44.11
CA PRO A 357 -13.97 -27.27 -43.01
C PRO A 357 -12.63 -27.88 -43.40
N GLU A 358 -12.08 -27.52 -44.56
CA GLU A 358 -10.79 -28.03 -45.00
C GLU A 358 -9.87 -26.86 -45.35
N VAL A 359 -8.57 -27.11 -45.27
CA VAL A 359 -7.54 -26.13 -45.61
C VAL A 359 -6.62 -26.79 -46.63
N CYS A 360 -6.40 -26.11 -47.75
CA CYS A 360 -5.57 -26.60 -48.83
C CYS A 360 -4.36 -25.71 -49.01
N MET A 361 -3.20 -26.33 -49.25
CA MET A 361 -1.94 -25.61 -49.42
C MET A 361 -1.20 -26.18 -50.62
N SER A 362 -0.56 -25.30 -51.38
CA SER A 362 0.15 -25.72 -52.59
C SER A 362 1.57 -26.16 -52.23
N ALA A 363 2.35 -26.44 -53.27
CA ALA A 363 3.73 -26.86 -53.09
C ALA A 363 4.60 -25.70 -52.62
N ALA A 364 5.72 -26.03 -52.01
CA ALA A 364 6.62 -25.03 -51.45
C ALA A 364 7.23 -24.17 -52.55
N GLY A 365 6.78 -22.92 -52.65
CA GLY A 365 7.31 -22.00 -53.63
C GLY A 365 6.83 -22.20 -55.04
N ASN A 366 5.82 -23.03 -55.25
CA ASN A 366 5.28 -23.30 -56.58
C ASN A 366 3.77 -23.18 -56.53
N PRO A 367 3.21 -22.00 -56.83
CA PRO A 367 1.76 -21.83 -56.70
C PRO A 367 0.94 -22.60 -57.72
N LEU A 368 1.56 -23.16 -58.76
CA LEU A 368 0.83 -23.85 -59.82
C LEU A 368 0.67 -25.34 -59.56
N ARG A 369 1.24 -25.87 -58.48
CA ARG A 369 1.19 -27.30 -58.19
C ARG A 369 0.24 -27.55 -57.03
N TRP A 370 -0.83 -28.31 -57.28
CA TRP A 370 -1.79 -28.66 -56.25
C TRP A 370 -1.93 -30.15 -56.00
N TYR A 371 -1.57 -31.00 -56.96
CA TYR A 371 -1.57 -32.44 -56.78
C TYR A 371 -0.17 -32.91 -56.39
N ARG A 372 -0.12 -34.08 -55.74
CA ARG A 372 1.16 -34.63 -55.33
C ARG A 372 1.93 -35.12 -56.56
N SER A 373 3.21 -34.74 -56.62
CA SER A 373 3.95 -34.87 -57.88
C SER A 373 4.31 -36.32 -58.19
N THR A 374 4.76 -37.08 -57.19
CA THR A 374 5.23 -38.44 -57.43
C THR A 374 4.67 -39.36 -56.35
N VAL A 375 4.56 -40.65 -56.69
CA VAL A 375 3.99 -41.66 -55.80
C VAL A 375 5.04 -42.63 -55.29
N THR A 376 6.23 -42.67 -55.90
CA THR A 376 7.26 -43.59 -55.44
C THR A 376 7.64 -43.37 -53.98
N ALA A 377 7.40 -42.17 -53.44
CA ALA A 377 7.64 -41.89 -52.03
C ALA A 377 6.75 -40.72 -51.63
N LEU A 378 6.97 -40.23 -50.42
CA LEU A 378 6.26 -39.08 -49.89
C LEU A 378 7.25 -37.94 -49.69
N LEU A 379 7.04 -36.85 -50.41
CA LEU A 379 7.98 -35.72 -50.41
C LEU A 379 7.48 -34.63 -49.46
N THR A 380 8.42 -34.00 -48.76
CA THR A 380 8.08 -32.96 -47.81
C THR A 380 7.46 -31.75 -48.52
N ASP A 381 7.97 -31.42 -49.71
CA ASP A 381 7.58 -30.19 -50.39
C ASP A 381 6.24 -30.30 -51.12
N ASP A 382 5.63 -31.48 -51.18
CA ASP A 382 4.41 -31.63 -51.94
C ASP A 382 3.23 -31.00 -51.21
N PRO A 383 2.15 -30.69 -51.93
CA PRO A 383 0.98 -30.05 -51.29
C PRO A 383 0.47 -30.86 -50.10
N ILE A 384 -0.37 -30.22 -49.30
CA ILE A 384 -0.93 -30.83 -48.10
C ILE A 384 -2.35 -30.32 -47.91
N ASN A 385 -3.23 -31.22 -47.48
CA ASN A 385 -4.60 -30.86 -47.08
C ASN A 385 -4.88 -31.48 -45.72
N ILE A 386 -5.66 -30.77 -44.91
CA ILE A 386 -5.94 -31.18 -43.54
C ILE A 386 -7.40 -30.90 -43.22
N PHE A 387 -8.03 -31.81 -42.49
CA PHE A 387 -9.47 -31.79 -42.23
C PHE A 387 -9.75 -31.27 -40.83
N SER A 388 -11.01 -30.90 -40.62
CA SER A 388 -11.47 -30.40 -39.32
C SER A 388 -12.92 -30.79 -39.11
N GLY A 389 -13.33 -30.81 -37.85
CA GLY A 389 -14.70 -31.13 -37.49
C GLY A 389 -15.06 -30.52 -36.17
N ALA A 390 -16.37 -30.49 -35.89
CA ALA A 390 -16.87 -29.88 -34.67
C ALA A 390 -18.22 -30.50 -34.34
N ALA A 391 -18.83 -30.00 -33.26
CA ALA A 391 -20.10 -30.54 -32.78
C ALA A 391 -21.27 -30.18 -33.68
N THR A 392 -21.29 -29.00 -34.30
CA THR A 392 -22.39 -28.62 -35.17
C THR A 392 -21.92 -28.46 -36.62
N SER A 393 -20.95 -27.58 -36.84
CA SER A 393 -20.39 -27.35 -38.17
C SER A 393 -19.30 -26.30 -38.03
N THR A 394 -18.47 -26.20 -39.07
CA THR A 394 -17.45 -25.16 -39.15
C THR A 394 -17.31 -24.71 -40.60
N ASN A 395 -17.08 -23.41 -40.78
CA ASN A 395 -16.80 -22.85 -42.10
C ASN A 395 -15.85 -21.67 -41.97
N PHE A 396 -14.56 -21.90 -42.14
CA PHE A 396 -13.59 -20.83 -41.99
C PHE A 396 -13.73 -19.85 -43.15
N ARG A 397 -13.51 -18.56 -42.85
CA ARG A 397 -13.77 -17.50 -43.81
C ARG A 397 -12.61 -16.53 -43.99
N HIS A 398 -11.73 -16.38 -43.00
CA HIS A 398 -10.63 -15.43 -43.09
C HIS A 398 -9.41 -16.00 -42.39
N CYS A 399 -8.24 -15.46 -42.73
CA CYS A 399 -6.98 -15.92 -42.16
C CYS A 399 -6.03 -14.75 -41.97
N VAL A 400 -5.27 -14.79 -40.88
CA VAL A 400 -4.26 -13.79 -40.56
C VAL A 400 -3.10 -14.48 -39.87
N GLN A 401 -1.89 -13.99 -40.12
CA GLN A 401 -0.68 -14.63 -39.61
C GLN A 401 -0.40 -14.22 -38.16
N PHE A 402 -0.15 -12.93 -37.94
CA PHE A 402 0.07 -12.37 -36.61
C PHE A 402 1.20 -13.11 -35.91
N ASN A 403 0.97 -13.72 -34.74
CA ASN A 403 2.05 -14.12 -33.82
C ASN A 403 2.66 -15.45 -34.25
N LYS A 404 3.20 -15.46 -35.47
CA LYS A 404 3.99 -16.60 -35.95
C LYS A 404 3.12 -17.81 -36.29
N ASP A 405 1.83 -17.75 -35.96
CA ASP A 405 0.90 -18.82 -36.30
C ASP A 405 0.03 -18.39 -37.47
N LEU A 406 -0.98 -19.20 -37.79
CA LEU A 406 -2.01 -18.83 -38.75
C LEU A 406 -3.36 -18.98 -38.07
N LEU A 407 -4.14 -17.91 -38.09
CA LEU A 407 -5.41 -17.85 -37.36
C LEU A 407 -6.57 -18.07 -38.32
N LEU A 408 -7.59 -18.80 -37.86
CA LEU A 408 -8.77 -19.10 -38.66
C LEU A 408 -10.00 -18.64 -37.90
N PHE A 409 -10.91 -17.95 -38.59
CA PHE A 409 -12.08 -17.35 -37.98
C PHE A 409 -13.36 -17.98 -38.54
N ALA A 410 -14.33 -18.22 -37.65
CA ALA A 410 -15.63 -18.75 -38.04
C ALA A 410 -16.68 -18.19 -37.10
N ARG A 411 -17.93 -18.59 -37.32
CA ARG A 411 -19.02 -18.08 -36.49
C ARG A 411 -18.82 -18.43 -35.02
N SER A 412 -18.88 -19.71 -34.70
CA SER A 412 -19.00 -20.15 -33.31
C SER A 412 -17.73 -20.76 -32.74
N CYS A 413 -16.62 -20.74 -33.47
CA CYS A 413 -15.38 -21.29 -32.95
C CYS A 413 -14.21 -20.66 -33.67
N GLN A 414 -13.03 -20.82 -33.09
CA GLN A 414 -11.79 -20.29 -33.65
C GLN A 414 -10.71 -21.36 -33.54
N ALA A 415 -9.80 -21.36 -34.51
CA ALA A 415 -8.75 -22.37 -34.57
C ALA A 415 -7.44 -21.71 -34.99
N VAL A 416 -6.35 -22.46 -34.82
CA VAL A 416 -5.01 -21.99 -35.17
C VAL A 416 -4.22 -23.16 -35.73
N VAL A 417 -3.22 -22.85 -36.55
CA VAL A 417 -2.32 -23.84 -37.12
C VAL A 417 -0.98 -23.70 -36.40
N PRO A 418 -0.67 -24.56 -35.42
CA PRO A 418 0.53 -24.33 -34.61
C PRO A 418 1.80 -24.34 -35.45
N SER A 419 2.74 -23.49 -35.04
CA SER A 419 4.09 -23.52 -35.59
C SER A 419 4.96 -24.46 -34.76
N SER A 420 6.14 -24.77 -35.30
CA SER A 420 7.04 -25.71 -34.64
C SER A 420 8.47 -25.29 -34.94
N ASN A 421 9.41 -26.12 -34.48
CA ASN A 421 10.83 -25.86 -34.67
C ASN A 421 11.30 -26.34 -36.03
N ALA A 422 10.39 -26.93 -36.81
CA ALA A 422 10.72 -27.41 -38.14
C ALA A 422 9.62 -26.96 -39.10
N ALA A 423 10.00 -26.79 -40.37
CA ALA A 423 9.05 -26.35 -41.37
C ALA A 423 7.89 -27.34 -41.48
N ILE A 424 6.69 -26.80 -41.71
CA ILE A 424 5.51 -27.65 -41.78
C ILE A 424 5.68 -28.70 -42.87
N THR A 425 5.25 -29.92 -42.56
CA THR A 425 5.35 -31.05 -43.46
C THR A 425 4.02 -31.80 -43.48
N PRO A 426 3.80 -32.64 -44.49
CA PRO A 426 2.51 -33.36 -44.55
C PRO A 426 2.24 -34.25 -43.35
N GLN A 427 3.28 -34.63 -42.60
CA GLN A 427 3.12 -35.54 -41.48
C GLN A 427 2.95 -34.83 -40.14
N THR A 428 2.84 -33.51 -40.14
CA THR A 428 2.70 -32.75 -38.89
C THR A 428 1.62 -31.69 -38.91
N ALA A 429 1.01 -31.38 -40.05
CA ALA A 429 -0.01 -30.33 -40.10
C ALA A 429 -1.25 -30.76 -39.33
N GLN A 430 -1.85 -29.80 -38.61
CA GLN A 430 -3.05 -30.07 -37.83
C GLN A 430 -3.79 -28.77 -37.58
N ILE A 431 -5.07 -28.92 -37.22
CA ILE A 431 -5.92 -27.79 -36.84
C ILE A 431 -6.49 -28.09 -35.45
N VAL A 432 -6.45 -27.08 -34.58
CA VAL A 432 -6.88 -27.23 -33.19
C VAL A 432 -7.79 -26.06 -32.83
N ILE A 433 -8.89 -26.36 -32.13
CA ILE A 433 -9.81 -25.34 -31.67
C ILE A 433 -9.28 -24.74 -30.38
N THR A 434 -9.57 -23.45 -30.15
CA THR A 434 -9.01 -22.72 -29.02
C THR A 434 -10.04 -21.97 -28.19
N SER A 435 -11.16 -21.53 -28.76
CA SER A 435 -12.14 -20.76 -28.01
C SER A 435 -13.52 -20.97 -28.62
N GLY A 436 -14.51 -20.31 -28.05
CA GLY A 436 -15.89 -20.52 -28.45
C GLY A 436 -16.74 -19.27 -28.52
N TYR A 437 -16.14 -18.12 -28.82
CA TYR A 437 -16.90 -16.88 -28.97
C TYR A 437 -17.71 -16.91 -30.27
N THR A 438 -18.89 -16.28 -30.21
CA THR A 438 -19.70 -16.11 -31.41
C THR A 438 -19.37 -14.77 -32.06
N THR A 439 -19.15 -14.80 -33.36
CA THR A 439 -18.75 -13.60 -34.10
C THR A 439 -19.50 -13.53 -35.42
N ASP A 440 -19.20 -12.49 -36.19
CA ASP A 440 -19.75 -12.31 -37.53
C ASP A 440 -18.65 -12.50 -38.56
N THR A 441 -19.07 -12.58 -39.84
CA THR A 441 -18.13 -12.89 -40.91
C THR A 441 -18.29 -12.02 -42.15
N LEU A 442 -18.63 -10.74 -41.98
CA LEU A 442 -18.78 -9.86 -43.15
C LEU A 442 -17.53 -9.01 -43.37
N ALA A 443 -16.78 -8.73 -42.31
CA ALA A 443 -15.64 -7.82 -42.37
C ALA A 443 -14.35 -8.57 -42.04
N GLN A 444 -13.31 -8.30 -42.82
CA GLN A 444 -12.03 -8.96 -42.61
C GLN A 444 -11.38 -8.41 -41.33
N PRO A 445 -10.78 -9.26 -40.50
CA PRO A 445 -10.11 -8.76 -39.29
C PRO A 445 -8.96 -7.82 -39.65
N GLY A 446 -8.70 -6.88 -38.74
CA GLY A 446 -7.63 -5.91 -38.89
C GLY A 446 -6.60 -6.07 -37.80
N VAL A 447 -5.38 -5.61 -38.07
CA VAL A 447 -4.25 -5.72 -37.16
C VAL A 447 -3.76 -4.32 -36.85
N VAL A 448 -3.52 -4.05 -35.56
CA VAL A 448 -3.11 -2.72 -35.11
C VAL A 448 -1.75 -2.80 -34.44
N GLY A 449 -0.92 -3.73 -34.88
CA GLY A 449 0.42 -3.88 -34.32
C GLY A 449 0.56 -4.86 -33.18
N ARG A 450 -0.18 -4.65 -32.09
CA ARG A 450 -0.10 -5.51 -30.91
C ARG A 450 -1.38 -6.30 -30.67
N SER A 451 -2.39 -6.16 -31.53
CA SER A 451 -3.66 -6.83 -31.31
C SER A 451 -4.39 -6.95 -32.65
N VAL A 452 -5.46 -7.73 -32.65
CA VAL A 452 -6.27 -7.98 -33.83
C VAL A 452 -7.73 -7.77 -33.46
N LEU A 453 -8.49 -7.13 -34.33
CA LEU A 453 -9.88 -6.78 -34.09
C LEU A 453 -10.78 -7.54 -35.04
N TYR A 454 -11.85 -8.14 -34.50
CA TYR A 454 -12.90 -8.75 -35.29
C TYR A 454 -14.24 -8.43 -34.67
N SER A 455 -15.28 -8.35 -35.50
CA SER A 455 -16.58 -7.87 -35.08
C SER A 455 -17.48 -9.02 -34.62
N MET A 456 -18.46 -8.69 -33.81
CA MET A 456 -19.46 -9.61 -33.30
C MET A 456 -20.81 -8.94 -33.33
N PRO A 457 -21.89 -9.71 -33.35
CA PRO A 457 -23.23 -9.10 -33.31
C PRO A 457 -23.71 -8.92 -31.89
N ARG A 458 -24.26 -7.73 -31.61
CA ARG A 458 -24.87 -7.48 -30.30
C ARG A 458 -26.33 -7.91 -30.30
N THR A 459 -27.12 -7.38 -31.22
CA THR A 459 -28.50 -7.79 -31.41
C THR A 459 -28.82 -7.65 -32.89
N GLU A 460 -30.12 -7.77 -33.21
CA GLU A 460 -30.54 -7.77 -34.60
C GLU A 460 -30.11 -6.52 -35.36
N HIS A 461 -29.97 -5.38 -34.67
CA HIS A 461 -29.73 -4.10 -35.34
C HIS A 461 -28.51 -3.36 -34.84
N PHE A 462 -27.65 -3.99 -34.04
CA PHE A 462 -26.46 -3.32 -33.52
C PHE A 462 -25.29 -4.29 -33.50
N ALA A 463 -24.08 -3.75 -33.57
CA ALA A 463 -22.86 -4.55 -33.67
C ALA A 463 -21.93 -4.28 -32.49
N GLY A 464 -20.89 -5.12 -32.41
CA GLY A 464 -19.88 -4.97 -31.38
C GLY A 464 -18.50 -5.21 -31.96
N VAL A 465 -17.52 -5.34 -31.05
CA VAL A 465 -16.13 -5.56 -31.42
C VAL A 465 -15.45 -6.37 -30.32
N LEU A 466 -14.51 -7.22 -30.73
CA LEU A 466 -13.68 -7.99 -29.81
C LEU A 466 -12.21 -7.79 -30.15
N GLU A 467 -11.35 -8.03 -29.16
CA GLU A 467 -9.92 -7.87 -29.35
C GLU A 467 -9.20 -9.09 -28.79
N ILE A 468 -8.09 -9.46 -29.42
CA ILE A 468 -7.31 -10.63 -29.06
C ILE A 468 -5.85 -10.22 -28.95
N ILE A 469 -5.20 -10.62 -27.86
CA ILE A 469 -3.80 -10.27 -27.62
C ILE A 469 -3.02 -11.54 -27.27
N PRO A 470 -1.75 -11.63 -27.63
CA PRO A 470 -0.99 -12.84 -27.34
C PRO A 470 -0.31 -12.79 -25.98
N SER A 471 -0.03 -13.99 -25.45
CA SER A 471 0.74 -14.09 -24.21
C SER A 471 2.20 -13.78 -24.49
N ASN A 472 2.92 -13.38 -23.43
CA ASN A 472 4.31 -12.97 -23.55
C ASN A 472 5.27 -13.88 -22.80
N THR A 473 4.78 -14.82 -22.01
CA THR A 473 5.64 -15.65 -21.17
C THR A 473 5.64 -17.12 -21.59
N THR A 474 5.27 -17.41 -22.84
CA THR A 474 5.25 -18.79 -23.31
C THR A 474 5.04 -18.82 -24.81
N ASP A 475 4.86 -20.02 -25.34
CA ASP A 475 4.59 -20.20 -26.76
C ASP A 475 3.14 -19.79 -27.06
N SER A 476 2.69 -20.10 -28.26
CA SER A 476 1.39 -19.62 -28.74
C SER A 476 0.30 -19.84 -27.71
N GLN A 477 -0.24 -18.73 -27.18
CA GLN A 477 -1.37 -18.72 -26.27
C GLN A 477 -2.10 -17.41 -26.44
N TYR A 478 -3.43 -17.45 -26.46
CA TYR A 478 -4.21 -16.27 -26.79
C TYR A 478 -5.36 -16.10 -25.79
N THR A 479 -5.80 -14.86 -25.67
CA THR A 479 -6.95 -14.52 -24.82
C THR A 479 -7.67 -13.35 -25.47
N SER A 480 -9.00 -13.38 -25.39
CA SER A 480 -9.84 -12.39 -26.05
C SER A 480 -10.63 -11.60 -25.02
N ASN A 481 -10.89 -10.33 -25.33
CA ASN A 481 -11.65 -9.44 -24.46
C ASN A 481 -12.71 -8.70 -25.27
N ASP A 482 -13.77 -8.26 -24.58
CA ASP A 482 -14.79 -7.44 -25.19
C ASP A 482 -14.59 -5.99 -24.77
N ILE A 483 -14.50 -5.10 -25.76
CA ILE A 483 -14.11 -3.71 -25.49
C ILE A 483 -15.20 -2.74 -25.95
N THR A 484 -16.44 -3.22 -26.03
CA THR A 484 -17.56 -2.34 -26.33
C THR A 484 -18.80 -2.68 -25.52
N ALA A 485 -18.65 -3.21 -24.30
CA ALA A 485 -19.82 -3.60 -23.50
C ALA A 485 -20.60 -2.39 -23.02
N HIS A 486 -19.95 -1.23 -22.88
CA HIS A 486 -20.58 -0.06 -22.30
C HIS A 486 -21.31 0.80 -23.33
N ILE A 487 -21.31 0.42 -24.60
CA ILE A 487 -22.06 1.14 -25.62
C ILE A 487 -22.83 0.12 -26.46
N PRO A 488 -23.85 -0.55 -25.91
CA PRO A 488 -24.53 -1.62 -26.64
C PRO A 488 -25.47 -1.15 -27.73
N ARG A 489 -25.64 0.17 -27.92
CA ARG A 489 -26.54 0.67 -28.94
C ARG A 489 -25.97 1.86 -29.71
N TYR A 490 -24.64 1.92 -29.88
CA TYR A 490 -24.00 3.05 -30.52
C TYR A 490 -23.61 2.78 -31.97
N LEU A 491 -23.51 1.52 -32.37
CA LEU A 491 -23.10 1.14 -33.73
C LEU A 491 -24.28 0.53 -34.48
N PRO A 492 -24.86 1.24 -35.45
CA PRO A 492 -26.08 0.74 -36.11
C PRO A 492 -25.75 -0.26 -37.21
N GLY A 493 -26.47 -1.38 -37.22
CA GLY A 493 -26.34 -2.34 -38.29
C GLY A 493 -25.15 -3.27 -38.14
N ARG A 494 -24.57 -3.68 -39.26
CA ARG A 494 -23.43 -4.58 -39.29
C ARG A 494 -22.18 -3.83 -39.72
N ILE A 495 -21.06 -4.15 -39.08
CA ILE A 495 -19.79 -3.55 -39.45
C ILE A 495 -19.37 -4.11 -40.80
N ARG A 496 -19.00 -3.22 -41.72
CA ARG A 496 -18.66 -3.61 -43.09
C ARG A 496 -17.19 -3.44 -43.42
N SER A 497 -16.41 -2.77 -42.58
CA SER A 497 -15.00 -2.57 -42.85
C SER A 497 -14.25 -2.33 -41.55
N ILE A 498 -12.94 -2.53 -41.60
CA ILE A 498 -12.04 -2.26 -40.49
C ILE A 498 -10.74 -1.74 -41.06
N VAL A 499 -10.25 -0.62 -40.54
CA VAL A 499 -9.04 0.02 -41.03
C VAL A 499 -8.14 0.30 -39.83
N SER A 500 -6.83 0.20 -40.05
CA SER A 500 -5.85 0.43 -39.00
C SER A 500 -4.85 1.50 -39.43
N SER A 501 -4.55 2.42 -38.50
CA SER A 501 -3.55 3.45 -38.71
C SER A 501 -2.61 3.44 -37.50
N THR A 502 -1.59 2.59 -37.57
CA THR A 502 -0.63 2.48 -36.46
C THR A 502 0.29 3.69 -36.38
N THR A 503 0.28 4.55 -37.40
CA THR A 503 1.14 5.73 -37.39
C THR A 503 0.53 6.88 -36.60
N SER A 504 -0.76 6.82 -36.25
CA SER A 504 -1.41 7.88 -35.50
C SER A 504 -2.29 7.34 -34.38
N ASN A 505 -2.19 6.02 -34.11
CA ASN A 505 -2.89 5.40 -32.99
C ASN A 505 -4.41 5.57 -33.10
N SER A 506 -5.02 5.05 -34.15
CA SER A 506 -6.46 5.15 -34.34
C SER A 506 -6.93 4.03 -35.25
N SER A 507 -8.25 3.93 -35.40
CA SER A 507 -8.88 2.94 -36.27
C SER A 507 -10.22 3.50 -36.74
N ALA A 508 -10.72 2.96 -37.84
CA ALA A 508 -11.95 3.44 -38.45
C ALA A 508 -12.84 2.25 -38.80
N PHE A 509 -14.15 2.45 -38.64
CA PHE A 509 -15.15 1.43 -38.95
C PHE A 509 -16.24 2.03 -39.81
N ILE A 510 -16.83 1.20 -40.67
CA ILE A 510 -17.93 1.60 -41.54
C ILE A 510 -19.08 0.63 -41.30
N CYS A 511 -20.28 1.17 -41.07
CA CYS A 511 -21.46 0.38 -40.76
C CYS A 511 -22.49 0.51 -41.87
N THR A 512 -23.30 -0.53 -42.01
CA THR A 512 -24.33 -0.54 -43.06
C THR A 512 -25.59 0.19 -42.65
N GLY A 513 -25.75 0.49 -41.35
CA GLY A 513 -26.96 1.17 -40.90
C GLY A 513 -27.01 2.63 -41.26
N ASP A 514 -25.86 3.28 -41.43
CA ASP A 514 -25.81 4.69 -41.82
C ASP A 514 -24.58 4.88 -42.70
N SER A 515 -24.79 5.33 -43.93
CA SER A 515 -23.75 5.39 -44.94
C SER A 515 -23.04 6.74 -45.00
N ARG A 516 -23.33 7.66 -44.09
CA ARG A 516 -22.72 8.98 -44.09
C ARG A 516 -21.92 9.27 -42.83
N SER A 517 -21.64 8.26 -42.01
CA SER A 517 -20.93 8.47 -40.76
C SER A 517 -19.79 7.47 -40.63
N LEU A 518 -18.71 7.90 -39.97
CA LEU A 518 -17.54 7.09 -39.74
C LEU A 518 -17.22 7.09 -38.25
N PHE A 519 -17.02 5.91 -37.68
CA PHE A 519 -16.75 5.75 -36.26
C PHE A 519 -15.26 5.53 -36.04
N ILE A 520 -14.72 6.22 -35.04
CA ILE A 520 -13.29 6.24 -34.78
C ILE A 520 -13.02 5.67 -33.40
N GLN A 521 -11.79 5.22 -33.21
CA GLN A 521 -11.29 4.83 -31.89
C GLN A 521 -9.87 5.37 -31.74
N ASP A 522 -9.49 5.70 -30.52
CA ASP A 522 -8.14 6.15 -30.19
C ASP A 522 -7.62 5.34 -29.02
N TYR A 523 -6.40 4.82 -29.16
CA TYR A 523 -5.83 3.93 -28.16
C TYR A 523 -4.40 4.34 -27.87
N LEU A 524 -3.94 3.99 -26.67
CA LEU A 524 -2.56 4.27 -26.26
C LEU A 524 -2.10 3.13 -25.36
N TRP A 525 -0.80 2.86 -25.41
CA TRP A 525 -0.21 1.77 -24.66
C TRP A 525 0.94 2.29 -23.79
N SER A 526 1.10 1.66 -22.63
CA SER A 526 2.19 2.02 -21.71
C SER A 526 2.65 0.72 -21.05
N GLY A 527 3.87 0.29 -21.39
CA GLY A 527 4.36 -0.97 -20.87
C GLY A 527 3.46 -2.10 -21.34
N ASP A 528 2.85 -2.80 -20.39
CA ASP A 528 1.91 -3.88 -20.67
C ASP A 528 0.50 -3.51 -20.20
N GLU A 529 0.14 -2.23 -20.34
CA GLU A 529 -1.17 -1.73 -19.94
C GLU A 529 -1.75 -0.84 -21.03
N LYS A 530 -3.08 -0.87 -21.14
CA LYS A 530 -3.82 -0.05 -22.09
C LYS A 530 -4.56 1.02 -21.32
N VAL A 531 -4.45 2.27 -21.77
CA VAL A 531 -4.90 3.41 -20.98
C VAL A 531 -6.06 4.17 -21.61
N GLN A 532 -6.19 4.18 -22.93
CA GLN A 532 -7.20 4.99 -23.61
C GLN A 532 -7.98 4.14 -24.60
N SER A 533 -9.30 4.29 -24.55
CA SER A 533 -10.21 3.57 -25.44
C SER A 533 -11.32 4.51 -25.92
N ALA A 534 -10.92 5.72 -26.34
CA ALA A 534 -11.88 6.75 -26.73
C ALA A 534 -12.66 6.31 -27.97
N TRP A 535 -13.96 6.58 -27.97
CA TRP A 535 -14.83 6.37 -29.12
C TRP A 535 -15.54 7.67 -29.46
N HIS A 536 -15.81 7.89 -30.74
CA HIS A 536 -16.56 9.06 -31.17
C HIS A 536 -16.94 8.91 -32.64
N GLN A 537 -17.71 9.87 -33.13
CA GLN A 537 -18.35 9.80 -34.43
C GLN A 537 -18.00 11.00 -35.29
N TRP A 538 -17.92 10.79 -36.60
CA TRP A 538 -17.76 11.85 -37.58
C TRP A 538 -18.88 11.77 -38.61
N THR A 539 -19.00 12.82 -39.42
CA THR A 539 -20.00 12.88 -40.46
C THR A 539 -19.44 13.63 -41.66
N LEU A 540 -19.96 13.31 -42.84
CA LEU A 540 -19.48 13.89 -44.09
C LEU A 540 -20.66 14.18 -45.00
N PRO A 541 -20.49 15.07 -45.98
CA PRO A 541 -21.64 15.50 -46.78
C PRO A 541 -22.09 14.51 -47.83
N TYR A 542 -21.26 13.53 -48.19
CA TYR A 542 -21.60 12.57 -49.22
C TYR A 542 -21.48 11.15 -48.67
N PRO A 543 -22.19 10.19 -49.28
CA PRO A 543 -22.08 8.80 -48.82
C PRO A 543 -20.66 8.28 -48.99
N ILE A 544 -20.25 7.42 -48.06
CA ILE A 544 -18.89 6.87 -48.03
C ILE A 544 -18.92 5.51 -48.71
N VAL A 545 -17.91 5.23 -49.52
CA VAL A 545 -17.86 3.99 -50.28
C VAL A 545 -16.79 3.04 -49.72
N CYS A 546 -15.56 3.50 -49.57
CA CYS A 546 -14.47 2.64 -49.15
C CYS A 546 -13.37 3.49 -48.51
N THR A 547 -12.43 2.80 -47.86
CA THR A 547 -11.31 3.47 -47.20
C THR A 547 -10.12 2.53 -47.21
N TRP A 548 -8.92 3.11 -47.28
CA TRP A 548 -7.69 2.32 -47.21
C TRP A 548 -6.54 3.23 -46.78
N PHE A 549 -5.44 2.60 -46.34
CA PHE A 549 -4.32 3.29 -45.73
C PHE A 549 -3.05 3.00 -46.51
N VAL A 550 -2.33 4.07 -46.89
CA VAL A 550 -1.08 3.93 -47.63
C VAL A 550 -0.10 4.99 -47.18
N ARG A 551 0.97 4.58 -46.50
CA ARG A 551 2.10 5.45 -46.17
C ARG A 551 1.65 6.72 -45.44
N ASP A 552 1.14 6.52 -44.24
CA ASP A 552 0.92 7.63 -43.29
C ASP A 552 -0.22 8.53 -43.73
N ARG A 553 -1.26 7.95 -44.34
CA ARG A 553 -2.50 8.67 -44.61
C ARG A 553 -3.63 7.68 -44.74
N VAL A 554 -4.85 8.20 -44.63
CA VAL A 554 -6.08 7.42 -44.81
C VAL A 554 -6.91 8.11 -45.88
N TYR A 555 -7.31 7.36 -46.89
CA TYR A 555 -8.11 7.89 -48.00
C TYR A 555 -9.56 7.45 -47.85
N ILE A 556 -10.46 8.31 -48.33
CA ILE A 556 -11.90 8.08 -48.24
C ILE A 556 -12.50 8.40 -49.60
N GLY A 557 -13.40 7.54 -50.07
CA GLY A 557 -14.08 7.73 -51.34
C GLY A 557 -15.56 7.97 -51.12
N MET A 558 -16.14 8.87 -51.91
CA MET A 558 -17.53 9.25 -51.77
C MET A 558 -18.19 9.31 -53.13
N ARG A 559 -19.50 9.05 -53.16
CA ARG A 559 -20.26 8.93 -54.40
C ARG A 559 -21.00 10.24 -54.64
N ASP A 560 -20.41 11.11 -55.47
CA ASP A 560 -21.08 12.33 -55.94
C ASP A 560 -21.82 11.98 -57.22
N GLY A 561 -23.13 11.82 -57.13
CA GLY A 561 -23.90 11.38 -58.28
C GLY A 561 -23.53 9.98 -58.70
N THR A 562 -22.83 9.85 -59.83
CA THR A 562 -22.28 8.58 -60.25
C THR A 562 -20.76 8.58 -60.36
N THR A 563 -20.09 9.61 -59.84
CA THR A 563 -18.63 9.72 -59.89
C THR A 563 -18.07 9.57 -58.49
N ILE A 564 -16.84 9.07 -58.41
CA ILE A 564 -16.18 8.79 -57.13
C ILE A 564 -15.14 9.88 -56.87
N LEU A 565 -15.10 10.38 -55.64
CA LEU A 565 -14.12 11.35 -55.21
C LEU A 565 -13.10 10.71 -54.27
N VAL A 566 -12.14 11.51 -53.83
CA VAL A 566 -11.12 11.07 -52.88
C VAL A 566 -10.71 12.25 -52.02
N VAL A 567 -10.82 12.08 -50.70
CA VAL A 567 -10.41 13.10 -49.73
C VAL A 567 -9.64 12.42 -48.61
N THR A 568 -8.91 13.23 -47.84
CA THR A 568 -8.09 12.73 -46.76
C THR A 568 -8.12 13.70 -45.58
N ILE A 569 -8.06 13.15 -44.38
CA ILE A 569 -8.03 13.93 -43.14
C ILE A 569 -6.76 13.56 -42.38
N GLU A 570 -5.98 14.57 -42.00
CA GLU A 570 -4.71 14.37 -41.30
C GLU A 570 -4.76 15.15 -39.99
N PRO A 571 -5.11 14.50 -38.87
CA PRO A 571 -5.22 15.25 -37.61
C PRO A 571 -3.89 15.69 -37.04
N GLN A 572 -2.81 14.98 -37.32
CA GLN A 572 -1.51 15.28 -36.72
C GLN A 572 -0.65 16.21 -37.57
N ALA A 573 -1.25 17.04 -38.42
CA ALA A 573 -0.51 17.95 -39.27
C ALA A 573 -0.61 19.37 -38.72
N GLY A 574 0.32 20.23 -39.13
CA GLY A 574 0.33 21.60 -38.67
C GLY A 574 -0.85 22.39 -39.20
N ASN A 575 -0.77 23.71 -38.99
CA ASN A 575 -1.85 24.60 -39.42
C ASN A 575 -1.61 25.22 -40.79
N THR A 576 -0.49 24.93 -41.44
CA THR A 576 -0.15 25.51 -42.73
C THR A 576 0.15 24.43 -43.75
N ILE A 577 -0.30 24.65 -44.98
CA ILE A 577 -0.02 23.75 -46.09
C ILE A 577 0.54 24.54 -47.26
N ASP A 578 1.87 24.57 -47.38
CA ASP A 578 2.53 25.24 -48.50
C ASP A 578 2.20 26.73 -48.51
N SER A 579 2.49 27.42 -47.41
CA SER A 579 2.36 28.87 -47.34
C SER A 579 0.90 29.31 -47.30
N TYR A 580 -0.03 28.35 -47.19
CA TYR A 580 -1.44 28.70 -47.04
C TYR A 580 -1.99 28.16 -45.72
N VAL A 581 -3.04 28.80 -45.23
CA VAL A 581 -3.65 28.40 -43.97
C VAL A 581 -4.87 27.54 -44.25
N ARG A 582 -4.94 26.38 -43.59
CA ARG A 582 -6.01 25.44 -43.86
C ARG A 582 -7.33 25.96 -43.30
N PRO A 583 -8.42 25.86 -44.04
CA PRO A 583 -9.72 26.30 -43.52
C PRO A 583 -10.43 25.20 -42.74
N PHE A 584 -11.51 25.61 -42.08
CA PHE A 584 -12.39 24.69 -41.38
C PHE A 584 -13.60 24.35 -42.25
N SER A 585 -13.36 23.54 -43.28
CA SER A 585 -14.40 23.17 -44.22
C SER A 585 -14.06 21.82 -44.85
N ASP A 586 -15.07 21.20 -45.44
CA ASP A 586 -14.93 19.88 -46.06
C ASP A 586 -14.79 20.00 -47.57
N VAL A 587 -13.98 19.11 -48.15
CA VAL A 587 -13.82 19.00 -49.60
C VAL A 587 -13.55 20.37 -50.20
N TYR A 588 -12.55 21.07 -49.67
CA TYR A 588 -12.28 22.44 -50.10
C TYR A 588 -11.29 22.46 -51.25
N LEU A 589 -11.48 23.42 -52.16
CA LEU A 589 -10.61 23.64 -53.31
C LEU A 589 -10.11 25.07 -53.30
N ARG A 590 -9.03 25.31 -54.04
CA ARG A 590 -8.48 26.65 -54.18
C ARG A 590 -8.95 27.27 -55.50
N VAL A 591 -9.23 28.57 -55.46
CA VAL A 591 -9.77 29.27 -56.61
C VAL A 591 -9.36 30.74 -56.53
N THR A 592 -9.38 31.41 -57.67
CA THR A 592 -9.00 32.81 -57.78
C THR A 592 -10.26 33.67 -57.93
N ILE A 593 -10.26 34.83 -57.27
CA ILE A 593 -11.38 35.75 -57.30
C ILE A 593 -10.93 37.04 -57.96
N THR A 594 -11.69 37.50 -58.96
CA THR A 594 -11.41 38.73 -59.66
C THR A 594 -12.70 39.53 -59.82
N ASP A 595 -12.63 40.82 -59.48
CA ASP A 595 -13.79 41.71 -59.57
C ASP A 595 -14.97 41.17 -58.76
N ARG A 596 -14.67 40.58 -57.59
CA ARG A 596 -15.71 40.08 -56.69
C ARG A 596 -16.61 39.07 -57.38
N GLN A 597 -16.04 38.20 -58.22
CA GLN A 597 -16.80 37.18 -58.92
C GLN A 597 -15.91 36.00 -59.23
N PHE A 598 -16.53 34.82 -59.31
CA PHE A 598 -15.84 33.60 -59.70
C PHE A 598 -16.88 32.54 -60.03
N ALA A 599 -16.41 31.42 -60.57
CA ALA A 599 -17.28 30.33 -60.99
C ALA A 599 -17.25 29.21 -59.96
N LEU A 600 -18.43 28.72 -59.60
CA LEU A 600 -18.54 27.69 -58.59
C LEU A 600 -17.96 26.38 -59.12
N PRO A 601 -17.03 25.74 -58.41
CA PRO A 601 -16.49 24.46 -58.91
C PRO A 601 -17.57 23.40 -59.03
N THR A 602 -17.35 22.47 -59.97
CA THR A 602 -18.39 21.50 -60.33
C THR A 602 -18.74 20.60 -59.16
N ARG A 603 -17.73 20.11 -58.42
CA ARG A 603 -17.98 19.09 -57.40
C ARG A 603 -18.72 19.61 -56.18
N LEU A 604 -19.15 20.88 -56.13
CA LEU A 604 -19.94 21.39 -55.02
C LEU A 604 -21.36 21.78 -55.43
N ARG A 605 -21.70 21.72 -56.71
CA ARG A 605 -23.02 22.14 -57.16
C ARG A 605 -24.10 21.24 -56.59
N ALA A 606 -23.85 19.93 -56.54
CA ALA A 606 -24.85 19.00 -56.03
C ALA A 606 -25.10 19.21 -54.55
N ALA A 607 -24.03 19.37 -53.75
CA ALA A 607 -24.20 19.52 -52.31
C ALA A 607 -24.94 20.81 -51.96
N VAL A 608 -24.51 21.93 -52.54
CA VAL A 608 -25.16 23.20 -52.23
C VAL A 608 -26.62 23.19 -52.65
N GLY A 609 -26.95 22.40 -53.67
CA GLY A 609 -28.33 22.30 -54.13
C GLY A 609 -29.23 21.49 -53.23
N SER A 610 -28.69 20.86 -52.19
CA SER A 610 -29.45 20.00 -51.30
C SER A 610 -29.35 20.46 -49.85
N GLY A 611 -29.07 21.75 -49.64
CA GLY A 611 -29.06 22.32 -48.31
C GLY A 611 -27.70 22.52 -47.68
N GLU A 612 -26.64 22.00 -48.29
CA GLU A 612 -25.30 22.17 -47.73
C GLU A 612 -24.92 23.64 -47.75
N GLY A 613 -24.20 24.08 -46.71
CA GLY A 613 -23.83 25.47 -46.59
C GLY A 613 -22.50 25.81 -47.24
N LEU A 614 -22.51 26.75 -48.17
CA LEU A 614 -21.28 27.17 -48.83
C LEU A 614 -20.45 28.04 -47.90
N PHE A 615 -19.15 27.79 -47.85
CA PHE A 615 -18.24 28.49 -46.96
C PHE A 615 -17.01 28.96 -47.73
N ILE A 616 -16.59 30.19 -47.46
CA ILE A 616 -15.44 30.81 -48.12
C ILE A 616 -14.51 31.35 -47.05
N THR A 617 -13.21 31.36 -47.35
CA THR A 617 -12.21 31.84 -46.40
C THR A 617 -11.04 32.46 -47.17
N PHE A 618 -10.33 33.35 -46.48
CA PHE A 618 -9.07 33.86 -47.02
C PHE A 618 -8.03 32.75 -47.09
N ALA A 619 -7.10 32.88 -48.03
CA ALA A 619 -6.10 31.84 -48.27
C ALA A 619 -4.67 32.29 -48.01
N ASP A 620 -4.41 33.60 -47.98
CA ASP A 620 -3.05 34.12 -47.91
C ASP A 620 -3.02 35.32 -46.96
N THR A 621 -1.85 35.95 -46.87
CA THR A 621 -1.63 37.19 -46.13
C THR A 621 -2.03 37.05 -44.67
N SER A 622 -1.91 38.15 -43.92
CA SER A 622 -2.13 38.10 -42.47
C SER A 622 -3.56 37.71 -42.14
N MET A 623 -4.52 38.08 -42.97
CA MET A 623 -5.92 37.78 -42.70
C MET A 623 -6.30 36.36 -43.09
N GLY A 624 -5.34 35.47 -43.35
CA GLY A 624 -5.63 34.12 -43.75
C GLY A 624 -6.46 33.36 -42.73
N GLY A 625 -7.52 32.69 -43.20
CA GLY A 625 -8.39 31.90 -42.36
C GLY A 625 -9.67 32.57 -41.94
N MET A 626 -9.88 33.83 -42.33
CA MET A 626 -11.06 34.57 -41.87
C MET A 626 -12.23 34.38 -42.82
N TRP A 627 -13.44 34.46 -42.27
CA TRP A 627 -14.65 34.19 -43.02
C TRP A 627 -14.96 35.34 -43.98
N VAL A 628 -15.50 34.98 -45.15
CA VAL A 628 -16.07 35.94 -46.09
C VAL A 628 -17.37 35.33 -46.62
N GLY A 629 -18.28 36.22 -47.05
CA GLY A 629 -19.61 35.82 -47.44
C GLY A 629 -19.90 36.09 -48.90
N TYR A 630 -21.08 35.65 -49.33
CA TYR A 630 -21.54 35.80 -50.70
C TYR A 630 -22.95 36.37 -50.71
N GLU A 631 -23.36 36.92 -51.85
CA GLU A 631 -24.63 37.61 -51.96
C GLU A 631 -25.63 36.94 -52.91
N SER A 632 -25.16 36.23 -53.94
CA SER A 632 -26.10 35.64 -54.90
C SER A 632 -25.38 34.55 -55.68
N ILE A 633 -26.18 33.69 -56.32
CA ILE A 633 -25.70 32.65 -57.20
C ILE A 633 -26.62 32.61 -58.42
N ASP A 634 -26.04 32.77 -59.61
CA ASP A 634 -26.84 32.78 -60.83
C ASP A 634 -27.34 31.37 -61.12
N PRO A 635 -28.65 31.14 -61.22
CA PRO A 635 -29.15 29.78 -61.46
C PRO A 635 -28.70 29.18 -62.78
N THR A 636 -28.41 30.00 -63.79
CA THR A 636 -28.08 29.47 -65.11
C THR A 636 -26.59 29.20 -65.28
N THR A 637 -25.73 30.09 -64.79
CA THR A 637 -24.29 29.97 -64.99
C THR A 637 -23.51 29.65 -63.73
N TYR A 638 -24.14 29.62 -62.55
CA TYR A 638 -23.47 29.29 -61.30
C TYR A 638 -22.33 30.26 -60.99
N VAL A 639 -22.52 31.55 -61.28
CA VAL A 639 -21.54 32.56 -60.90
C VAL A 639 -21.90 33.10 -59.52
N VAL A 640 -20.88 33.35 -58.72
CA VAL A 640 -21.05 33.77 -57.33
C VAL A 640 -20.47 35.16 -57.17
N THR A 641 -21.17 36.01 -56.41
CA THR A 641 -20.74 37.38 -56.12
C THR A 641 -20.49 37.50 -54.63
N THR A 642 -19.31 38.00 -54.27
CA THR A 642 -18.93 38.09 -52.87
C THR A 642 -19.32 39.44 -52.28
N VAL A 643 -19.14 39.57 -50.97
CA VAL A 643 -19.48 40.79 -50.25
C VAL A 643 -18.47 41.87 -50.64
N ARG A 644 -18.77 43.12 -50.26
CA ARG A 644 -17.99 44.26 -50.70
C ARG A 644 -16.59 44.25 -50.09
N ASN A 645 -15.67 44.89 -50.80
CA ASN A 645 -14.32 45.23 -50.33
C ASN A 645 -13.42 44.01 -50.13
N VAL A 646 -13.59 42.96 -50.91
CA VAL A 646 -12.65 41.83 -50.90
C VAL A 646 -11.65 42.03 -52.03
N PRO A 647 -10.35 42.07 -51.76
CA PRO A 647 -9.38 42.28 -52.83
C PRO A 647 -9.12 41.00 -53.63
N ASP A 648 -8.54 41.20 -54.82
CA ASP A 648 -8.23 40.08 -55.69
C ASP A 648 -7.09 39.23 -55.11
N GLY A 649 -7.23 37.92 -55.23
CA GLY A 649 -6.19 37.02 -54.72
C GLY A 649 -6.69 35.59 -54.72
N GLU A 650 -6.08 34.79 -53.85
CA GLU A 650 -6.39 33.36 -53.74
C GLU A 650 -7.36 33.15 -52.58
N TYR A 651 -8.27 32.19 -52.73
CA TYR A 651 -9.26 31.90 -51.71
C TYR A 651 -9.61 30.42 -51.74
N PHE A 652 -10.14 29.94 -50.61
CA PHE A 652 -10.64 28.58 -50.49
C PHE A 652 -12.16 28.58 -50.52
N VAL A 653 -12.75 27.44 -50.87
CA VAL A 653 -14.19 27.27 -50.94
C VAL A 653 -14.53 25.85 -50.49
N GLY A 654 -15.52 25.72 -49.63
CA GLY A 654 -15.87 24.42 -49.11
C GLY A 654 -17.24 24.41 -48.47
N LEU A 655 -17.42 23.49 -47.51
CA LEU A 655 -18.69 23.27 -46.86
C LEU A 655 -18.51 23.27 -45.34
N ARG A 656 -19.62 23.42 -44.63
CA ARG A 656 -19.60 23.57 -43.18
C ARG A 656 -19.92 22.26 -42.47
N TYR A 657 -19.64 22.22 -41.17
CA TYR A 657 -20.01 21.11 -40.32
C TYR A 657 -20.04 21.57 -38.87
N THR A 658 -20.65 20.75 -38.01
CA THR A 658 -20.83 21.08 -36.61
C THR A 658 -19.92 20.22 -35.72
N SER A 659 -19.69 20.70 -34.50
CA SER A 659 -18.73 20.09 -33.58
C SER A 659 -19.33 19.96 -32.18
N VAL A 660 -20.54 19.40 -32.09
CA VAL A 660 -21.26 19.28 -30.84
C VAL A 660 -20.42 18.58 -29.77
N LEU A 661 -20.63 18.93 -28.51
CA LEU A 661 -20.05 18.24 -27.37
C LEU A 661 -20.98 18.41 -26.17
N SER A 662 -20.95 17.44 -25.25
CA SER A 662 -21.85 17.45 -24.11
C SER A 662 -21.21 16.76 -22.91
N PRO A 663 -20.84 17.50 -21.87
CA PRO A 663 -20.23 16.86 -20.69
C PRO A 663 -21.24 15.99 -19.94
N THR A 664 -20.75 15.39 -18.85
CA THR A 664 -21.59 14.59 -17.96
C THR A 664 -21.86 15.35 -16.68
N PRO A 665 -23.05 15.24 -16.08
CA PRO A 665 -23.34 16.04 -14.89
C PRO A 665 -22.44 15.68 -13.74
N PRO A 666 -22.15 16.62 -12.83
CA PRO A 666 -21.26 16.32 -11.72
C PRO A 666 -21.85 15.29 -10.76
N LEU A 667 -21.04 14.91 -9.78
CA LEU A 667 -21.44 13.95 -8.76
C LEU A 667 -20.79 14.30 -7.42
N VAL A 668 -21.40 13.85 -6.34
CA VAL A 668 -20.88 14.01 -4.99
C VAL A 668 -20.40 12.65 -4.51
N ARG A 669 -19.19 12.61 -3.95
CA ARG A 669 -18.56 11.35 -3.59
C ARG A 669 -17.84 11.51 -2.26
N ASP A 670 -18.14 10.64 -1.31
CA ASP A 670 -17.58 10.72 0.03
C ASP A 670 -16.17 10.12 0.05
N ALA A 671 -15.65 9.93 1.27
CA ALA A 671 -14.28 9.45 1.43
C ALA A 671 -14.08 8.08 0.81
N ASN A 672 -15.01 7.15 1.01
CA ASN A 672 -14.87 5.78 0.55
C ASN A 672 -15.25 5.61 -0.92
N GLY A 673 -15.67 6.68 -1.59
CA GLY A 673 -16.03 6.60 -2.99
C GLY A 673 -17.49 6.36 -3.27
N ILE A 674 -18.33 6.27 -2.24
CA ILE A 674 -19.76 6.04 -2.46
C ILE A 674 -20.41 7.33 -2.96
N VAL A 675 -21.47 7.17 -3.75
CA VAL A 675 -22.18 8.31 -4.31
C VAL A 675 -23.39 8.63 -3.43
N ILE A 676 -23.57 9.92 -3.13
CA ILE A 676 -24.63 10.39 -2.26
C ILE A 676 -25.23 11.67 -2.82
N GLY A 677 -26.45 11.97 -2.37
CA GLY A 677 -27.12 13.20 -2.74
C GLY A 677 -27.55 13.31 -4.18
N THR A 678 -28.00 12.21 -4.80
CA THR A 678 -28.44 12.27 -6.18
C THR A 678 -29.71 13.10 -6.37
N TYR A 679 -30.50 13.27 -5.31
CA TYR A 679 -31.77 13.99 -5.39
C TYR A 679 -31.78 15.18 -4.43
N GLN A 680 -30.65 15.50 -3.83
CA GLN A 680 -30.58 16.58 -2.84
C GLN A 680 -29.37 17.46 -3.12
N SER A 681 -29.14 17.79 -4.39
CA SER A 681 -28.04 18.67 -4.77
C SER A 681 -28.51 19.59 -5.88
N LEU A 682 -27.93 20.78 -5.95
CA LEU A 682 -28.30 21.80 -6.93
C LEU A 682 -27.04 22.34 -7.57
N LEU A 683 -27.10 22.57 -8.88
CA LEU A 683 -25.96 23.06 -9.64
C LEU A 683 -26.14 24.55 -9.92
N VAL A 684 -25.08 25.32 -9.76
CA VAL A 684 -25.18 26.77 -9.85
C VAL A 684 -24.52 27.31 -11.10
N ARG A 685 -23.36 26.77 -11.50
CA ARG A 685 -22.56 27.45 -12.51
C ARG A 685 -21.57 26.48 -13.13
N TYR A 686 -21.10 26.85 -14.33
CA TYR A 686 -19.96 26.20 -14.98
C TYR A 686 -18.86 27.22 -15.20
N GLU A 687 -17.61 26.76 -15.10
CA GLU A 687 -16.44 27.56 -15.41
C GLU A 687 -15.68 26.83 -16.52
N LEU A 688 -15.37 27.56 -17.60
CA LEU A 688 -14.71 26.98 -18.76
C LEU A 688 -13.42 27.72 -19.05
N THR A 689 -12.34 26.97 -19.24
CA THR A 689 -11.05 27.53 -19.61
C THR A 689 -10.71 27.07 -21.02
N LEU A 690 -10.42 28.03 -21.89
CA LEU A 690 -10.23 27.76 -23.32
C LEU A 690 -8.85 28.23 -23.75
N LYS A 691 -8.12 27.34 -24.43
CA LYS A 691 -6.80 27.66 -24.95
C LYS A 691 -6.86 28.55 -26.19
N ASP A 692 -7.90 28.41 -27.00
CA ASP A 692 -8.12 29.28 -28.15
C ASP A 692 -9.53 29.02 -28.66
N SER A 693 -10.25 30.09 -28.96
CA SER A 693 -11.64 29.96 -29.36
C SER A 693 -12.21 31.31 -29.71
N GLY A 694 -13.36 31.29 -30.39
CA GLY A 694 -14.14 32.48 -30.63
C GLY A 694 -15.50 32.35 -30.00
N GLU A 695 -16.53 32.91 -30.61
CA GLU A 695 -17.88 32.77 -30.11
C GLU A 695 -18.42 31.37 -30.39
N PHE A 696 -19.14 30.83 -29.42
CA PHE A 696 -19.81 29.54 -29.58
C PHE A 696 -21.23 29.67 -29.05
N HIS A 697 -21.94 28.54 -29.00
CA HIS A 697 -23.36 28.53 -28.65
C HIS A 697 -23.59 27.46 -27.59
N ALA A 698 -24.33 27.82 -26.55
CA ALA A 698 -24.57 26.93 -25.42
C ALA A 698 -26.06 26.86 -25.12
N ILE A 699 -26.54 25.65 -24.84
CA ILE A 699 -27.93 25.42 -24.48
C ILE A 699 -27.96 24.53 -23.25
N ILE A 700 -28.72 24.95 -22.23
CA ILE A 700 -28.95 24.15 -21.04
C ILE A 700 -30.45 23.97 -20.88
N THR A 701 -30.88 22.73 -20.67
CA THR A 701 -32.29 22.40 -20.57
C THR A 701 -32.52 21.47 -19.40
N ASP A 702 -33.76 21.51 -18.88
CA ASP A 702 -34.17 20.67 -17.77
C ASP A 702 -35.21 19.67 -18.26
N SER A 703 -35.77 18.93 -17.31
CA SER A 703 -36.73 17.88 -17.65
C SER A 703 -37.92 18.42 -18.42
N SER A 704 -38.29 19.68 -18.19
CA SER A 704 -39.53 20.23 -18.73
C SER A 704 -39.39 21.62 -19.32
N ARG A 705 -38.24 22.28 -19.21
CA ARG A 705 -38.14 23.65 -19.67
C ARG A 705 -36.68 24.00 -19.96
N THR A 706 -36.51 25.04 -20.78
CA THR A 706 -35.17 25.56 -21.05
C THR A 706 -34.78 26.57 -19.97
N LEU A 707 -33.49 26.58 -19.62
CA LEU A 707 -32.97 27.47 -18.58
C LEU A 707 -32.05 28.55 -19.15
N THR A 708 -31.08 28.17 -19.97
CA THR A 708 -30.10 29.12 -20.49
C THR A 708 -29.98 28.94 -21.99
N ASP A 709 -29.63 30.02 -22.68
CA ASP A 709 -29.47 30.00 -24.13
C ASP A 709 -28.84 31.32 -24.56
N GLY A 710 -28.03 31.24 -25.61
CA GLY A 710 -27.36 32.39 -26.17
C GLY A 710 -25.89 32.14 -26.41
N ASN A 711 -25.28 33.07 -27.14
CA ASN A 711 -23.87 32.96 -27.50
C ASN A 711 -22.98 33.41 -26.35
N TYR A 712 -21.77 32.87 -26.34
CA TYR A 712 -20.74 33.25 -25.36
C TYR A 712 -19.41 33.34 -26.07
N SER A 713 -18.47 34.05 -25.46
CA SER A 713 -17.15 34.24 -26.04
C SER A 713 -16.15 34.52 -24.94
N SER A 714 -14.87 34.35 -25.27
CA SER A 714 -13.77 34.62 -24.35
C SER A 714 -12.91 35.80 -24.78
N LEU A 715 -13.32 36.53 -25.82
CA LEU A 715 -12.57 37.68 -26.31
C LEU A 715 -13.33 38.94 -25.94
N VAL A 716 -12.64 39.87 -25.28
CA VAL A 716 -13.27 41.08 -24.74
C VAL A 716 -12.78 42.28 -25.52
N TYR A 717 -13.45 43.41 -25.30
CA TYR A 717 -13.18 44.63 -26.06
C TYR A 717 -11.88 45.31 -25.67
N SER A 718 -11.26 44.90 -24.56
CA SER A 718 -10.02 45.51 -24.09
C SER A 718 -8.81 44.61 -24.29
N SER A 719 -8.93 43.60 -25.14
CA SER A 719 -7.83 42.68 -25.41
C SER A 719 -7.12 43.09 -26.69
N THR A 720 -5.78 43.09 -26.63
CA THR A 720 -4.97 43.49 -27.77
C THR A 720 -5.14 42.51 -28.93
N GLU A 721 -5.69 41.32 -28.64
CA GLU A 721 -5.90 40.32 -29.69
C GLU A 721 -6.96 40.76 -30.69
N LEU A 722 -7.83 41.70 -30.33
CA LEU A 722 -8.91 42.15 -31.20
C LEU A 722 -8.42 43.34 -32.01
N LEU A 723 -8.14 43.11 -33.29
CA LEU A 723 -7.71 44.16 -34.21
C LEU A 723 -8.40 43.94 -35.55
N PRO A 724 -8.61 45.00 -36.32
CA PRO A 724 -9.08 44.82 -37.70
C PRO A 724 -7.99 44.24 -38.57
N ASN A 725 -8.38 43.38 -39.51
CA ASN A 725 -7.49 42.66 -40.41
C ASN A 725 -6.69 41.58 -39.70
N ASN A 726 -7.17 41.07 -38.57
CA ASN A 726 -6.55 39.97 -37.85
C ASN A 726 -7.64 38.98 -37.42
N PRO A 727 -7.27 37.71 -37.20
CA PRO A 727 -8.27 36.74 -36.75
C PRO A 727 -8.81 37.10 -35.37
N THR A 728 -10.07 36.73 -35.12
CA THR A 728 -10.73 37.03 -33.85
C THR A 728 -10.66 35.81 -32.94
N ASP A 729 -9.48 35.65 -32.33
CA ASP A 729 -9.23 34.55 -31.40
C ASP A 729 -8.43 35.07 -30.22
N ALA A 730 -8.62 34.43 -29.07
CA ALA A 730 -7.92 34.79 -27.83
C ALA A 730 -7.06 33.62 -27.38
N SER A 731 -5.79 33.90 -27.07
CA SER A 731 -4.85 32.87 -26.68
C SER A 731 -5.17 32.23 -25.34
N LEU A 732 -5.97 32.89 -24.50
CA LEU A 732 -6.33 32.34 -23.21
C LEU A 732 -7.46 33.17 -22.62
N GLY A 733 -8.44 32.51 -22.02
CA GLY A 733 -9.59 33.20 -21.49
C GLY A 733 -10.47 32.25 -20.69
N ARG A 734 -11.62 32.76 -20.30
CA ARG A 734 -12.55 32.01 -19.47
C ARG A 734 -13.98 32.45 -19.78
N THR A 735 -14.94 31.59 -19.42
CA THR A 735 -16.35 31.87 -19.60
C THR A 735 -17.14 31.30 -18.43
N ILE A 736 -18.30 31.88 -18.15
CA ILE A 736 -19.13 31.51 -17.02
C ILE A 736 -20.57 31.35 -17.51
N ILE A 737 -21.24 30.30 -17.04
CA ILE A 737 -22.60 29.99 -17.48
C ILE A 737 -23.45 29.63 -16.26
N PRO A 738 -24.61 30.26 -16.07
CA PRO A 738 -25.48 29.89 -14.96
C PRO A 738 -26.49 28.82 -15.33
N VAL A 739 -26.81 27.97 -14.35
CA VAL A 739 -27.73 26.86 -14.55
C VAL A 739 -28.91 26.99 -13.58
N ARG A 740 -28.63 26.95 -12.28
CA ARG A 740 -29.68 27.05 -11.26
C ARG A 740 -30.75 25.98 -11.43
N ALA A 741 -30.37 24.71 -11.25
CA ALA A 741 -31.33 23.62 -11.32
C ALA A 741 -30.72 22.38 -10.70
N GLN A 742 -31.53 21.33 -10.56
CA GLN A 742 -31.05 20.08 -9.98
C GLN A 742 -29.89 19.55 -10.79
N ALA A 743 -28.90 18.97 -10.10
CA ALA A 743 -27.63 18.64 -10.74
C ALA A 743 -27.82 17.62 -11.86
N GLN A 744 -28.46 16.50 -11.57
CA GLN A 744 -28.49 15.37 -12.50
C GLN A 744 -29.63 15.46 -13.52
N ASP A 745 -30.59 16.35 -13.32
CA ASP A 745 -31.70 16.51 -14.28
C ASP A 745 -31.40 17.63 -15.27
N THR A 746 -30.24 17.56 -15.94
CA THR A 746 -29.81 18.61 -16.85
C THR A 746 -29.11 18.00 -18.05
N VAL A 747 -29.13 18.74 -19.16
CA VAL A 747 -28.40 18.39 -20.37
C VAL A 747 -27.73 19.65 -20.88
N ALA A 748 -26.46 19.56 -21.23
CA ALA A 748 -25.68 20.70 -21.69
C ALA A 748 -24.99 20.34 -23.00
N THR A 749 -24.99 21.30 -23.93
CA THR A 749 -24.33 21.12 -25.22
C THR A 749 -23.65 22.42 -25.63
N PHE A 750 -22.57 22.28 -26.38
CA PHE A 750 -21.82 23.41 -26.92
C PHE A 750 -21.56 23.17 -28.40
N GLU A 751 -21.98 24.12 -29.23
CA GLU A 751 -21.86 24.00 -30.68
C GLU A 751 -20.93 25.05 -31.23
N ALA A 752 -20.35 24.75 -32.40
CA ALA A 752 -19.52 25.69 -33.12
C ALA A 752 -19.37 25.22 -34.55
N ASN A 753 -19.76 26.08 -35.50
CA ASN A 753 -19.72 25.73 -36.92
C ASN A 753 -19.18 26.90 -37.74
N ALA A 754 -18.10 27.51 -37.28
CA ALA A 754 -17.54 28.69 -37.93
C ALA A 754 -16.03 28.49 -38.10
N ASP A 755 -15.34 29.55 -38.48
CA ASP A 755 -13.92 29.44 -38.83
C ASP A 755 -13.02 29.36 -37.60
N THR A 756 -13.56 29.53 -36.41
CA THR A 756 -12.75 29.52 -35.20
C THR A 756 -12.80 28.17 -34.51
N ASP A 757 -11.72 27.86 -33.80
CA ASP A 757 -11.59 26.60 -33.10
C ASP A 757 -12.37 26.65 -31.78
N LEU A 758 -12.40 25.53 -31.06
CA LEU A 758 -12.98 25.45 -29.73
C LEU A 758 -12.21 24.37 -28.96
N CYS A 759 -11.24 24.80 -28.16
CA CYS A 759 -10.39 23.89 -27.40
C CYS A 759 -10.69 24.07 -25.91
N ILE A 760 -11.09 23.00 -25.25
CA ILE A 760 -11.48 23.04 -23.85
C ILE A 760 -10.37 22.40 -23.02
N LEU A 761 -9.78 23.19 -22.12
CA LEU A 761 -8.69 22.69 -21.29
C LEU A 761 -9.18 22.14 -19.96
N ASP A 762 -10.16 22.79 -19.34
CA ASP A 762 -10.65 22.36 -18.04
C ASP A 762 -12.07 22.87 -17.86
N ILE A 763 -12.78 22.23 -16.93
CA ILE A 763 -14.16 22.60 -16.59
C ILE A 763 -14.29 22.58 -15.07
N GLU A 764 -14.98 23.60 -14.53
CA GLU A 764 -15.21 23.72 -13.11
C GLU A 764 -16.66 24.12 -12.86
N TYR A 765 -17.14 23.83 -11.66
CA TYR A 765 -18.53 24.07 -11.31
C TYR A 765 -18.62 24.53 -9.86
N VAL A 766 -19.80 25.04 -9.50
CA VAL A 766 -20.12 25.41 -8.13
C VAL A 766 -21.33 24.60 -7.70
N LEU A 767 -21.21 23.87 -6.60
CA LEU A 767 -22.23 22.96 -6.14
C LEU A 767 -22.73 23.37 -4.76
N GLN A 768 -24.04 23.32 -4.58
CA GLN A 768 -24.69 23.68 -3.32
C GLN A 768 -25.31 22.43 -2.72
N TYR A 769 -24.62 21.84 -1.74
CA TYR A 769 -25.10 20.64 -1.06
C TYR A 769 -24.83 20.80 0.43
N ARG A 770 -25.81 20.43 1.24
CA ARG A 770 -25.74 20.69 2.69
C ARG A 770 -26.29 19.46 3.43
N ALA A 771 -25.38 18.71 4.04
CA ALA A 771 -25.80 17.59 4.90
C ALA A 771 -26.23 18.13 6.26
N ARG A 772 -27.23 17.46 6.85
CA ARG A 772 -27.78 17.90 8.13
C ARG A 772 -27.74 16.80 9.19
N ARG A 773 -27.03 15.71 8.92
CA ARG A 773 -26.78 14.69 9.93
C ARG A 773 -25.41 14.08 9.66
N LYS A 774 -24.76 13.64 10.73
CA LYS A 774 -23.49 12.95 10.62
C LYS A 774 -23.70 11.64 9.87
N ARG A 775 -22.61 10.98 9.49
CA ARG A 775 -22.66 9.76 8.71
C ARG A 775 -21.97 8.63 9.46
N ILE A 776 -22.55 7.43 9.35
CA ILE A 776 -22.02 6.26 10.03
C ILE A 776 -22.91 5.06 9.73
N MET B 1 -23.08 74.53 -49.37
CA MET B 1 -23.98 73.36 -49.60
C MET B 1 -23.17 72.09 -49.82
N TYR B 2 -23.70 70.97 -49.36
CA TYR B 2 -23.06 69.67 -49.51
C TYR B 2 -23.85 68.70 -50.36
N SER B 3 -25.18 68.79 -50.34
CA SER B 3 -26.03 67.85 -51.06
C SER B 3 -26.57 68.40 -52.36
N VAL B 4 -26.70 69.72 -52.50
CA VAL B 4 -27.27 70.33 -53.70
C VAL B 4 -26.42 71.52 -54.12
N GLN B 5 -26.56 71.89 -55.40
CA GLN B 5 -25.91 73.08 -55.94
C GLN B 5 -26.80 73.64 -57.03
N ILE B 6 -26.62 74.92 -57.33
CA ILE B 6 -27.44 75.65 -58.28
C ILE B 6 -26.55 76.39 -59.25
N ALA B 7 -26.91 76.37 -60.53
CA ALA B 7 -26.20 77.10 -61.58
C ALA B 7 -27.20 77.98 -62.32
N VAL B 8 -26.78 79.23 -62.59
CA VAL B 8 -27.63 80.21 -63.23
C VAL B 8 -26.97 80.66 -64.53
N SER B 9 -27.75 80.68 -65.60
CA SER B 9 -27.25 81.09 -66.90
C SER B 9 -26.65 82.49 -66.85
N THR B 14 -24.19 75.29 -70.89
CA THR B 14 -23.75 74.17 -71.73
C THR B 14 -23.07 73.09 -70.88
N ARG B 15 -22.15 73.53 -70.02
CA ARG B 15 -21.39 72.64 -69.14
C ARG B 15 -21.63 73.03 -67.70
N ILE B 16 -21.79 72.03 -66.84
CA ILE B 16 -21.98 72.22 -65.41
C ILE B 16 -20.86 71.48 -64.67
N ALA B 17 -20.15 72.20 -63.82
CA ALA B 17 -19.05 71.62 -63.05
C ALA B 17 -19.58 71.19 -61.68
N LEU B 18 -19.46 69.90 -61.39
CA LEU B 18 -19.98 69.35 -60.14
C LEU B 18 -18.95 69.54 -59.04
N SER B 19 -19.35 70.20 -57.95
CA SER B 19 -18.50 70.38 -56.79
C SER B 19 -18.79 69.39 -55.68
N ILE B 20 -20.00 68.82 -55.64
CA ILE B 20 -20.39 67.86 -54.61
C ILE B 20 -19.76 66.51 -54.93
N GLU B 21 -19.79 65.60 -53.96
CA GLU B 21 -19.28 64.25 -54.13
C GLU B 21 -20.43 63.26 -54.04
N TYR B 22 -20.17 62.04 -54.49
CA TYR B 22 -21.21 61.01 -54.53
C TYR B 22 -20.56 59.64 -54.47
N PHE B 23 -21.39 58.64 -54.15
CA PHE B 23 -20.94 57.25 -54.14
C PHE B 23 -21.01 56.62 -55.53
N GLU B 24 -22.14 56.79 -56.22
CA GLU B 24 -22.32 56.25 -57.56
C GLU B 24 -22.96 57.31 -58.44
N LYS B 25 -22.72 57.17 -59.75
CA LYS B 25 -23.25 58.15 -60.70
C LYS B 25 -24.76 58.10 -60.82
N ASP B 26 -25.41 57.08 -60.28
CA ASP B 26 -26.86 56.96 -60.37
C ASP B 26 -27.61 57.83 -59.36
N ASP B 27 -26.91 58.37 -58.37
CA ASP B 27 -27.58 59.14 -57.32
C ASP B 27 -27.80 60.59 -57.72
N ILE B 28 -27.32 61.01 -58.88
CA ILE B 28 -27.39 62.40 -59.32
C ILE B 28 -28.61 62.58 -60.22
N THR B 29 -29.38 63.62 -59.94
CA THR B 29 -30.55 63.97 -60.75
C THR B 29 -30.56 65.48 -60.97
N LEU B 30 -31.25 65.90 -62.03
CA LEU B 30 -31.28 67.29 -62.44
C LEU B 30 -32.72 67.79 -62.55
N TYR B 31 -32.90 69.07 -62.26
CA TYR B 31 -34.18 69.75 -62.42
C TYR B 31 -33.93 71.13 -63.00
N ARG B 32 -34.97 71.69 -63.63
CA ARG B 32 -34.87 72.98 -64.29
C ARG B 32 -36.07 73.85 -63.96
N ASN B 33 -35.80 75.09 -63.57
CA ASN B 33 -36.81 76.13 -63.38
C ASN B 33 -37.98 75.62 -62.54
N LEU B 34 -37.66 75.24 -61.30
CA LEU B 34 -38.65 74.86 -60.30
C LEU B 34 -39.77 74.01 -60.88
N GLU B 35 -39.38 73.05 -61.72
CA GLU B 35 -40.35 72.16 -62.36
C GLU B 35 -41.17 71.42 -61.31
N THR B 37 -40.67 67.21 -62.66
CA THR B 37 -40.15 65.99 -63.27
C THR B 37 -38.70 66.17 -63.69
N PRO B 38 -37.82 65.28 -63.23
CA PRO B 38 -36.40 65.44 -63.57
C PRO B 38 -36.14 65.22 -65.06
N LEU B 39 -35.10 65.89 -65.54
CA LEU B 39 -34.70 65.75 -66.93
C LEU B 39 -34.25 64.32 -67.20
N VAL B 40 -34.73 63.75 -68.30
CA VAL B 40 -34.37 62.38 -68.67
C VAL B 40 -32.99 62.37 -69.31
N LEU B 41 -32.09 61.58 -68.75
CA LEU B 41 -30.74 61.49 -69.30
C LEU B 41 -30.77 60.84 -70.68
N GLY B 42 -30.02 61.41 -71.61
CA GLY B 42 -29.98 60.91 -72.97
C GLY B 42 -31.17 61.36 -73.79
N ASP B 44 -31.54 64.40 -72.50
CA ASP B 44 -31.41 65.84 -72.24
C ASP B 44 -30.03 66.15 -71.69
N TRP B 45 -29.50 65.27 -70.84
CA TRP B 45 -28.19 65.44 -70.27
C TRP B 45 -27.45 64.10 -70.27
N GLN B 46 -26.13 64.17 -70.34
CA GLN B 46 -25.31 62.97 -70.35
C GLN B 46 -23.98 63.27 -69.67
N TRP B 47 -23.38 62.23 -69.10
CA TRP B 47 -22.10 62.39 -68.43
C TRP B 47 -20.97 62.59 -69.44
N ASP B 48 -20.05 63.50 -69.09
CA ASP B 48 -18.84 63.75 -69.87
C ASP B 48 -17.68 63.82 -68.88
N GLY B 49 -17.08 62.66 -68.61
CA GLY B 49 -16.08 62.55 -67.56
C GLY B 49 -16.71 62.37 -66.21
N ASP B 50 -15.84 62.35 -65.18
CA ASP B 50 -16.30 62.10 -63.82
C ASP B 50 -16.71 63.38 -63.09
N THR B 51 -16.54 64.55 -63.69
CA THR B 51 -16.81 65.80 -63.01
C THR B 51 -17.51 66.85 -63.88
N HIS B 52 -17.95 66.51 -65.08
CA HIS B 52 -18.62 67.45 -65.97
C HIS B 52 -19.88 66.84 -66.54
N ILE B 53 -20.89 67.67 -66.76
CA ILE B 53 -22.16 67.26 -67.35
C ILE B 53 -22.40 68.08 -68.60
N ASN B 54 -22.75 67.41 -69.70
CA ASN B 54 -23.02 68.05 -70.96
C ASN B 54 -24.52 68.07 -71.23
N LEU B 55 -25.06 69.25 -71.52
CA LEU B 55 -26.48 69.39 -71.81
C LEU B 55 -26.75 69.12 -73.28
N LEU B 56 -27.86 68.45 -73.55
CA LEU B 56 -28.25 68.13 -74.92
C LEU B 56 -29.28 69.14 -75.43
N SER B 65 -33.07 81.58 -66.32
CA SER B 65 -33.23 80.18 -65.95
C SER B 65 -32.03 79.70 -65.13
N TYR B 66 -32.21 78.59 -64.43
CA TYR B 66 -31.16 78.02 -63.60
C TYR B 66 -31.33 76.52 -63.53
N ILE B 67 -30.24 75.83 -63.17
CA ILE B 67 -30.21 74.38 -63.10
C ILE B 67 -29.87 73.97 -61.67
N THR B 68 -30.52 72.92 -61.18
CA THR B 68 -30.31 72.41 -59.84
C THR B 68 -29.91 70.95 -59.90
N VAL B 69 -29.02 70.56 -58.98
CA VAL B 69 -28.54 69.19 -58.87
C VAL B 69 -28.79 68.71 -57.44
N ARG B 70 -29.27 67.48 -57.31
CA ARG B 70 -29.61 66.90 -56.02
C ARG B 70 -28.98 65.52 -55.89
N ARG B 71 -28.59 65.18 -54.67
CA ARG B 71 -27.93 63.91 -54.37
C ARG B 71 -28.72 63.16 -53.31
N ASN B 72 -28.90 61.86 -53.53
CA ASN B 72 -29.70 61.04 -52.61
C ASN B 72 -29.06 59.64 -52.55
N THR B 73 -28.40 59.36 -51.43
CA THR B 73 -27.80 58.05 -51.23
C THR B 73 -28.87 57.03 -50.82
N ASP B 74 -28.48 55.75 -50.89
CA ASP B 74 -29.41 54.68 -50.53
C ASP B 74 -29.70 54.71 -49.03
N ILE B 75 -30.96 54.43 -48.69
CA ILE B 75 -31.40 54.45 -47.30
C ILE B 75 -31.99 53.12 -46.84
N ASP B 76 -32.27 52.19 -47.76
CA ASP B 76 -32.95 50.96 -47.36
C ASP B 76 -32.11 50.14 -46.40
N ARG B 77 -30.82 50.00 -46.68
CA ARG B 77 -29.95 49.12 -45.90
C ARG B 77 -28.58 49.76 -45.72
N ALA B 78 -27.89 49.32 -44.68
CA ALA B 78 -26.48 49.65 -44.53
C ALA B 78 -25.66 48.86 -45.53
N PHE B 79 -24.60 49.47 -46.05
CA PHE B 79 -23.83 48.84 -47.11
C PHE B 79 -23.26 47.50 -46.66
N ASN B 80 -22.71 47.45 -45.44
CA ASN B 80 -22.06 46.25 -44.92
C ASN B 80 -22.76 45.79 -43.66
N ILE B 81 -23.09 44.50 -43.59
CA ILE B 81 -23.72 43.88 -42.44
C ILE B 81 -22.75 42.82 -41.92
N TYR B 82 -22.26 43.00 -40.69
CA TYR B 82 -21.29 42.07 -40.13
C TYR B 82 -21.92 40.74 -39.75
N ASP B 83 -23.24 40.68 -39.60
CA ASP B 83 -23.92 39.42 -39.31
C ASP B 83 -23.98 38.53 -40.55
N GLY B 84 -23.97 39.11 -41.74
CA GLY B 84 -24.07 38.33 -42.96
C GLY B 84 -22.73 37.95 -43.55
N GLY B 85 -21.67 38.05 -42.75
CA GLY B 85 -20.35 37.66 -43.18
C GLY B 85 -19.49 38.75 -43.76
N ALA B 86 -19.83 40.02 -43.53
CA ALA B 86 -19.03 41.11 -44.07
C ALA B 86 -17.61 41.05 -43.53
N ALA B 87 -16.65 41.40 -44.39
CA ALA B 87 -15.25 41.34 -44.02
C ALA B 87 -14.95 42.28 -42.85
N PHE B 88 -14.13 41.82 -41.91
CA PHE B 88 -13.78 42.60 -40.72
C PHE B 88 -12.43 43.29 -40.94
N ASN B 89 -12.48 44.38 -41.71
CA ASN B 89 -11.29 45.20 -41.95
C ASN B 89 -11.69 46.67 -41.89
N ARG B 90 -10.68 47.54 -42.05
CA ARG B 90 -10.88 48.96 -41.80
C ARG B 90 -11.77 49.60 -42.86
N GLU B 91 -11.66 49.14 -44.10
CA GLU B 91 -12.39 49.78 -45.20
C GLU B 91 -13.90 49.72 -45.01
N THR B 92 -14.43 48.60 -44.53
CA THR B 92 -15.87 48.50 -44.28
C THR B 92 -16.34 49.45 -43.20
N LEU B 93 -15.60 49.57 -42.10
CA LEU B 93 -15.96 50.52 -41.06
C LEU B 93 -15.92 51.95 -41.61
N ASP B 94 -14.88 52.28 -42.38
CA ASP B 94 -14.79 53.61 -42.95
C ASP B 94 -15.96 53.88 -43.90
N GLU B 95 -16.33 52.91 -44.73
CA GLU B 95 -17.44 53.08 -45.65
C GLU B 95 -18.75 53.27 -44.90
N ASN B 96 -18.98 52.48 -43.85
CA ASN B 96 -20.21 52.63 -43.07
C ASN B 96 -20.28 53.99 -42.41
N PHE B 97 -19.18 54.45 -41.81
CA PHE B 97 -19.19 55.76 -41.18
C PHE B 97 -19.39 56.87 -42.21
N LYS B 98 -18.78 56.73 -43.39
CA LYS B 98 -18.96 57.74 -44.43
C LYS B 98 -20.41 57.77 -44.90
N GLN B 99 -21.06 56.61 -45.06
CA GLN B 99 -22.47 56.59 -45.43
C GLN B 99 -23.32 57.26 -44.35
N MET B 100 -23.02 56.98 -43.08
CA MET B 100 -23.77 57.58 -41.99
C MET B 100 -23.62 59.09 -41.99
N ILE B 101 -22.41 59.60 -42.24
CA ILE B 101 -22.20 61.04 -42.28
C ILE B 101 -22.89 61.66 -43.49
N TYR B 102 -22.88 60.94 -44.62
CA TYR B 102 -23.55 61.46 -45.82
C TYR B 102 -25.06 61.56 -45.59
N LEU B 103 -25.66 60.60 -44.91
CA LEU B 103 -27.09 60.68 -44.62
C LEU B 103 -27.40 61.91 -43.77
N ALA B 104 -26.55 62.21 -42.78
CA ALA B 104 -26.74 63.43 -42.00
C ALA B 104 -26.59 64.67 -42.86
N GLN B 105 -25.56 64.73 -43.70
CA GLN B 105 -25.40 65.87 -44.59
C GLN B 105 -26.63 66.04 -45.48
N GLU B 106 -27.27 64.94 -45.85
CA GLU B 106 -28.45 65.02 -46.71
C GLU B 106 -29.67 65.54 -45.95
N PHE B 107 -30.10 64.83 -44.90
CA PHE B 107 -31.36 65.22 -44.28
C PHE B 107 -31.22 66.45 -43.41
N THR B 108 -29.98 66.90 -43.16
CA THR B 108 -29.81 68.14 -42.39
C THR B 108 -30.26 69.35 -43.21
N GLU B 109 -30.07 69.31 -44.53
CA GLU B 109 -30.44 70.42 -45.40
C GLU B 109 -31.86 70.31 -45.92
N GLY B 110 -32.63 69.32 -45.47
CA GLY B 110 -33.99 69.16 -45.96
C GLY B 110 -34.09 68.80 -47.42
N ASN B 111 -33.22 67.90 -47.91
CA ASN B 111 -33.22 67.57 -49.32
C ASN B 111 -34.49 66.85 -49.75
N GLY B 112 -34.97 65.90 -48.94
CA GLY B 112 -36.07 65.05 -49.34
C GLY B 112 -37.39 65.36 -48.68
N LEU B 113 -37.44 66.42 -47.88
CA LEU B 113 -38.68 66.77 -47.19
C LEU B 113 -39.78 67.10 -48.20
N THR B 114 -40.98 66.55 -47.96
CA THR B 114 -42.12 66.79 -48.82
C THR B 114 -43.41 67.02 -48.07
N GLY B 115 -43.39 67.05 -46.74
CA GLY B 115 -44.61 67.27 -45.97
C GLY B 115 -44.36 66.99 -44.50
N LEU B 116 -45.39 67.31 -43.71
CA LEU B 116 -45.35 67.12 -42.27
C LEU B 116 -46.67 66.53 -41.80
N TYR B 117 -46.60 65.82 -40.67
CA TYR B 117 -47.78 65.20 -40.07
C TYR B 117 -48.11 65.80 -38.70
N PHE B 118 -47.45 66.89 -38.32
CA PHE B 118 -47.64 67.52 -37.01
C PHE B 118 -47.60 69.02 -37.22
N PRO B 119 -48.41 69.78 -36.49
CA PRO B 119 -48.38 71.24 -36.66
C PRO B 119 -47.02 71.82 -36.29
N LEU B 120 -46.70 72.95 -36.94
CA LEU B 120 -45.39 73.57 -36.85
C LEU B 120 -45.51 74.95 -36.20
N ASP B 121 -44.54 75.27 -35.34
CA ASP B 121 -44.48 76.56 -34.66
C ASP B 121 -43.20 77.27 -35.12
N MET B 122 -43.35 78.51 -35.60
CA MET B 122 -42.25 79.25 -36.18
C MET B 122 -41.50 80.12 -35.18
N HIS B 123 -41.93 80.15 -33.92
CA HIS B 123 -41.26 80.94 -32.89
C HIS B 123 -41.17 82.42 -33.29
N GLY B 124 -42.23 82.91 -33.94
CA GLY B 124 -42.35 84.33 -34.24
C GLY B 124 -41.57 84.83 -35.44
N PHE B 125 -40.90 83.95 -36.17
CA PHE B 125 -40.17 84.36 -37.36
C PHE B 125 -41.13 84.45 -38.54
N GLN B 126 -40.60 84.66 -39.74
CA GLN B 126 -41.41 84.89 -40.93
C GLN B 126 -40.97 83.96 -42.06
N ILE B 127 -41.91 83.63 -42.94
CA ILE B 127 -41.63 82.80 -44.11
C ILE B 127 -41.59 83.70 -45.33
N LYS B 128 -40.59 83.50 -46.18
CA LYS B 128 -40.36 84.36 -47.34
C LYS B 128 -40.22 83.51 -48.59
N ASN B 129 -40.39 84.16 -49.74
CA ASN B 129 -40.27 83.51 -51.05
C ASN B 129 -41.34 82.43 -51.23
N LEU B 130 -42.59 82.79 -50.95
CA LEU B 130 -43.70 81.87 -51.12
C LEU B 130 -44.39 82.09 -52.47
N GLY B 131 -44.91 81.01 -53.04
CA GLY B 131 -45.59 81.09 -54.31
C GLY B 131 -47.08 81.38 -54.16
N GLU B 132 -47.67 81.91 -55.24
CA GLU B 132 -49.08 82.25 -55.22
C GLU B 132 -49.92 80.99 -55.16
N PRO B 133 -51.07 81.03 -54.48
CA PRO B 133 -51.92 79.84 -54.38
C PRO B 133 -52.88 79.73 -55.55
N THR B 134 -53.22 78.48 -55.87
CA THR B 134 -54.24 78.19 -56.87
C THR B 134 -55.43 77.51 -56.20
N ASP B 135 -55.17 76.43 -55.49
CA ASP B 135 -56.17 75.77 -54.67
C ASP B 135 -56.12 76.32 -53.25
N PRO B 136 -57.22 76.21 -52.49
CA PRO B 136 -57.22 76.78 -51.13
C PRO B 136 -56.04 76.32 -50.30
N GLY B 137 -55.14 77.25 -49.99
CA GLY B 137 -53.95 76.96 -49.22
C GLY B 137 -53.46 78.16 -48.45
N ASP B 138 -52.17 78.44 -48.54
CA ASP B 138 -51.56 79.63 -47.97
C ASP B 138 -51.38 80.69 -49.04
N ALA B 139 -51.66 81.94 -48.68
CA ALA B 139 -51.63 83.05 -49.62
C ALA B 139 -50.46 83.98 -49.31
N VAL B 140 -49.96 84.63 -50.35
CA VAL B 140 -48.86 85.56 -50.22
C VAL B 140 -49.40 86.96 -49.97
N THR B 141 -48.55 87.83 -49.44
CA THR B 141 -48.97 89.19 -49.11
C THR B 141 -49.46 89.93 -50.35
N LYS B 142 -48.82 89.69 -51.50
CA LYS B 142 -49.21 90.38 -52.72
C LYS B 142 -50.65 90.05 -53.11
N GLN B 143 -51.03 88.78 -52.98
CA GLN B 143 -52.40 88.39 -53.31
C GLN B 143 -53.41 89.12 -52.43
N TYR B 144 -53.13 89.19 -51.12
CA TYR B 144 -54.02 89.92 -50.22
C TYR B 144 -53.95 91.42 -50.44
N VAL B 145 -52.78 91.95 -50.82
CA VAL B 145 -52.64 93.38 -51.04
C VAL B 145 -53.54 93.84 -52.19
N ASP B 146 -53.79 92.96 -53.16
CA ASP B 146 -54.58 93.33 -54.32
C ASP B 146 -56.07 93.33 -53.98
N THR B 147 -56.46 94.18 -53.02
CA THR B 147 -57.87 94.31 -52.68
C THR B 147 -58.58 95.28 -53.64
N ALA B 148 -58.15 96.54 -53.64
CA ALA B 148 -58.62 97.55 -54.60
C ALA B 148 -60.14 97.51 -54.75
N ASN B 149 -60.83 97.76 -53.63
CA ASN B 149 -62.28 97.86 -53.65
C ASN B 149 -62.71 99.32 -53.72
N MET C 1 56.68 71.74 -12.82
CA MET C 1 55.83 71.43 -14.01
C MET C 1 55.84 69.94 -14.31
N TYR C 2 54.72 69.43 -14.80
CA TYR C 2 54.57 68.03 -15.15
C TYR C 2 54.31 67.80 -16.62
N SER C 3 53.63 68.73 -17.29
CA SER C 3 53.25 68.56 -18.68
C SER C 3 54.15 69.34 -19.64
N VAL C 4 54.78 70.42 -19.20
CA VAL C 4 55.61 71.27 -20.07
C VAL C 4 56.90 71.62 -19.36
N GLN C 5 57.90 72.00 -20.15
CA GLN C 5 59.17 72.48 -19.64
C GLN C 5 59.74 73.48 -20.63
N ILE C 6 60.62 74.34 -20.14
CA ILE C 6 61.19 75.42 -20.93
C ILE C 6 62.70 75.41 -20.78
N ALA C 7 63.40 75.64 -21.89
CA ALA C 7 64.86 75.73 -21.89
C ALA C 7 65.26 77.05 -22.54
N VAL C 8 66.23 77.72 -21.94
CA VAL C 8 66.69 79.03 -22.39
C VAL C 8 68.16 78.94 -22.74
N SER C 9 68.53 79.46 -23.90
CA SER C 9 69.91 79.44 -24.37
C SER C 9 70.83 80.13 -23.37
N THR C 14 71.74 73.05 -28.20
CA THR C 14 72.06 71.92 -29.05
C THR C 14 71.34 70.66 -28.58
N ARG C 15 71.41 70.39 -27.29
CA ARG C 15 70.78 69.23 -26.68
C ARG C 15 69.81 69.68 -25.60
N ILE C 16 68.65 69.01 -25.55
CA ILE C 16 67.62 69.28 -24.55
C ILE C 16 67.37 67.99 -23.78
N ALA C 17 67.47 68.07 -22.46
CA ALA C 17 67.25 66.92 -21.59
C ALA C 17 65.80 66.93 -21.11
N LEU C 18 65.06 65.88 -21.45
CA LEU C 18 63.65 65.80 -21.10
C LEU C 18 63.50 65.27 -19.68
N SER C 19 62.81 66.03 -18.83
CA SER C 19 62.51 65.61 -17.47
C SER C 19 61.11 65.03 -17.31
N ILE C 20 60.19 65.39 -18.19
CA ILE C 20 58.82 64.92 -18.12
C ILE C 20 58.76 63.49 -18.64
N GLU C 21 57.63 62.81 -18.38
CA GLU C 21 57.42 61.45 -18.84
C GLU C 21 56.28 61.45 -19.87
N TYR C 22 56.18 60.35 -20.61
CA TYR C 22 55.20 60.25 -21.67
C TYR C 22 54.88 58.78 -21.92
N PHE C 23 53.75 58.55 -22.60
CA PHE C 23 53.35 57.20 -22.99
C PHE C 23 54.01 56.77 -24.30
N GLU C 24 53.99 57.63 -25.31
CA GLU C 24 54.58 57.33 -26.60
C GLU C 24 55.37 58.55 -27.08
N LYS C 25 56.36 58.31 -27.92
CA LYS C 25 57.20 59.39 -28.44
C LYS C 25 56.45 60.33 -29.36
N ASP C 26 55.24 59.97 -29.79
CA ASP C 26 54.48 60.83 -30.71
C ASP C 26 53.76 61.96 -30.00
N ASP C 27 53.67 61.93 -28.67
CA ASP C 27 52.92 62.95 -27.95
C ASP C 27 53.75 64.19 -27.68
N ILE C 28 55.02 64.20 -28.04
CA ILE C 28 55.93 65.30 -27.74
C ILE C 28 56.00 66.23 -28.94
N THR C 29 55.86 67.53 -28.69
CA THR C 29 55.97 68.55 -29.74
C THR C 29 56.80 69.71 -29.19
N LEU C 30 57.38 70.47 -30.12
CA LEU C 30 58.29 71.56 -29.78
C LEU C 30 57.83 72.87 -30.41
N TYR C 31 58.11 73.96 -29.71
CA TYR C 31 57.84 75.30 -30.20
C TYR C 31 59.02 76.20 -29.85
N ARG C 32 59.16 77.30 -30.58
CA ARG C 32 60.27 78.22 -30.40
C ARG C 32 59.79 79.65 -30.42
N ASN C 33 60.23 80.42 -29.43
CA ASN C 33 60.02 81.86 -29.36
C ASN C 33 58.56 82.24 -29.64
N LEU C 34 57.69 81.74 -28.77
CA LEU C 34 56.26 82.09 -28.76
C LEU C 34 55.70 82.17 -30.18
N GLU C 35 56.07 81.20 -30.99
CA GLU C 35 55.60 81.14 -32.38
C GLU C 35 54.07 81.11 -32.43
N THR C 37 53.38 77.58 -35.06
CA THR C 37 53.53 76.32 -35.77
C THR C 37 54.69 75.51 -35.19
N PRO C 38 54.44 74.26 -34.80
CA PRO C 38 55.50 73.46 -34.20
C PRO C 38 56.62 73.13 -35.20
N LEU C 39 57.82 72.97 -34.67
CA LEU C 39 58.96 72.60 -35.51
C LEU C 39 58.74 71.23 -36.11
N VAL C 40 59.00 71.10 -37.40
CA VAL C 40 58.83 69.83 -38.10
C VAL C 40 60.02 68.93 -37.80
N LEU C 41 59.75 67.74 -37.29
CA LEU C 41 60.82 66.79 -36.98
C LEU C 41 61.49 66.33 -38.28
N GLY C 42 62.81 66.27 -38.26
CA GLY C 42 63.57 65.86 -39.42
C GLY C 42 63.73 66.98 -40.44
N ASP C 44 64.00 69.53 -38.33
CA ASP C 44 64.53 70.54 -37.41
C ASP C 44 65.03 69.89 -36.13
N TRP C 45 64.30 68.87 -35.66
CA TRP C 45 64.67 68.14 -34.45
C TRP C 45 64.47 66.66 -34.69
N GLN C 46 65.26 65.84 -34.00
CA GLN C 46 65.15 64.39 -34.11
C GLN C 46 65.52 63.77 -32.77
N TRP C 47 64.96 62.58 -32.52
CA TRP C 47 65.24 61.87 -31.29
C TRP C 47 66.65 61.30 -31.29
N ASP C 48 67.31 61.40 -30.13
CA ASP C 48 68.63 60.80 -29.91
C ASP C 48 68.57 60.10 -28.55
N GLY C 49 68.18 58.83 -28.57
CA GLY C 49 67.92 58.10 -27.35
C GLY C 49 66.53 58.36 -26.81
N ASP C 50 66.26 57.79 -25.64
CA ASP C 50 64.93 57.89 -25.04
C ASP C 50 64.77 59.13 -24.16
N THR C 51 65.83 59.92 -23.95
CA THR C 51 65.77 61.05 -23.05
C THR C 51 66.50 62.29 -23.53
N HIS C 52 66.95 62.33 -24.79
CA HIS C 52 67.66 63.47 -25.33
C HIS C 52 67.10 63.82 -26.71
N ILE C 53 67.11 65.11 -27.02
CA ILE C 53 66.65 65.63 -28.30
C ILE C 53 67.78 66.41 -28.94
N ASN C 54 68.07 66.13 -30.21
CA ASN C 54 69.13 66.78 -30.95
C ASN C 54 68.52 67.77 -31.94
N LEU C 55 68.97 69.02 -31.89
CA LEU C 55 68.48 70.05 -32.79
C LEU C 55 69.27 70.03 -34.11
N LEU C 56 68.56 70.23 -35.20
CA LEU C 56 69.17 70.24 -36.52
C LEU C 56 69.45 71.68 -36.97
N SER C 65 66.60 83.59 -26.88
CA SER C 65 65.61 82.63 -27.35
C SER C 65 65.46 81.49 -26.35
N TYR C 66 64.35 80.76 -26.46
CA TYR C 66 64.06 79.65 -25.58
C TYR C 66 63.23 78.61 -26.31
N ILE C 67 63.26 77.39 -25.79
CA ILE C 67 62.56 76.25 -26.39
C ILE C 67 61.55 75.73 -25.39
N THR C 68 60.37 75.36 -25.89
CA THR C 68 59.29 74.83 -25.07
C THR C 68 58.88 73.45 -25.57
N VAL C 69 58.53 72.57 -24.62
CA VAL C 69 58.08 71.22 -24.92
C VAL C 69 56.72 71.01 -24.27
N ARG C 70 55.81 70.39 -25.02
CA ARG C 70 54.44 70.17 -24.55
C ARG C 70 54.06 68.72 -24.75
N ARG C 71 53.24 68.19 -23.84
CA ARG C 71 52.81 66.80 -23.85
C ARG C 71 51.29 66.75 -23.88
N ASN C 72 50.74 65.87 -24.74
CA ASN C 72 49.29 65.76 -24.91
C ASN C 72 48.96 64.28 -25.16
N THR C 73 48.39 63.63 -24.15
CA THR C 73 47.97 62.26 -24.28
C THR C 73 46.65 62.17 -25.05
N ASP C 74 46.32 60.96 -25.48
CA ASP C 74 45.08 60.73 -26.22
C ASP C 74 43.87 60.94 -25.32
N ILE C 75 42.83 61.55 -25.88
CA ILE C 75 41.61 61.85 -25.13
C ILE C 75 40.37 61.22 -25.74
N ASP C 76 40.44 60.69 -26.97
CA ASP C 76 39.24 60.19 -27.63
C ASP C 76 38.63 59.02 -26.89
N ARG C 77 39.46 58.08 -26.44
CA ARG C 77 38.95 56.84 -25.83
C ARG C 77 39.86 56.44 -24.67
N ALA C 78 39.30 55.65 -23.77
CA ALA C 78 40.10 55.01 -22.75
C ALA C 78 40.88 53.86 -23.37
N PHE C 79 42.10 53.64 -22.87
CA PHE C 79 42.98 52.66 -23.50
C PHE C 79 42.34 51.27 -23.48
N ASN C 80 41.75 50.88 -22.36
CA ASN C 80 41.18 49.54 -22.20
C ASN C 80 39.70 49.64 -21.89
N ILE C 81 38.89 48.88 -22.64
CA ILE C 81 37.46 48.81 -22.44
C ILE C 81 37.13 47.38 -22.04
N TYR C 82 36.59 47.20 -20.84
CA TYR C 82 36.29 45.86 -20.34
C TYR C 82 35.07 45.25 -21.03
N ASP C 83 34.23 46.07 -21.67
CA ASP C 83 33.10 45.54 -22.42
C ASP C 83 33.53 44.90 -23.72
N GLY C 84 34.65 45.34 -24.30
CA GLY C 84 35.11 44.81 -25.57
C GLY C 84 36.08 43.66 -25.42
N GLY C 85 36.12 43.05 -24.24
CA GLY C 85 36.95 41.89 -24.02
C GLY C 85 38.33 42.17 -23.45
N ALA C 86 38.55 43.35 -22.89
CA ALA C 86 39.86 43.66 -22.33
C ALA C 86 40.22 42.69 -21.21
N ALA C 87 41.50 42.35 -21.13
CA ALA C 87 41.95 41.38 -20.14
C ALA C 87 41.72 41.91 -18.73
N PHE C 88 41.28 41.02 -17.83
CA PHE C 88 40.97 41.38 -16.45
C PHE C 88 42.16 41.05 -15.56
N ASN C 89 43.18 41.90 -15.62
CA ASN C 89 44.36 41.76 -14.77
C ASN C 89 44.78 43.13 -14.27
N ARG C 90 45.81 43.14 -13.42
CA ARG C 90 46.18 44.36 -12.70
C ARG C 90 46.75 45.42 -13.63
N GLU C 91 47.50 45.00 -14.66
CA GLU C 91 48.17 45.96 -15.53
C GLU C 91 47.21 46.89 -16.24
N THR C 92 46.06 46.39 -16.70
CA THR C 92 45.08 47.24 -17.36
C THR C 92 44.47 48.27 -16.41
N LEU C 93 44.15 47.88 -15.18
CA LEU C 93 43.65 48.84 -14.21
C LEU C 93 44.70 49.90 -13.92
N ASP C 94 45.96 49.48 -13.74
CA ASP C 94 47.03 50.43 -13.49
C ASP C 94 47.20 51.39 -14.65
N GLU C 95 47.15 50.89 -15.89
CA GLU C 95 47.29 51.75 -17.06
C GLU C 95 46.14 52.74 -17.15
N ASN C 96 44.91 52.29 -16.91
CA ASN C 96 43.77 53.19 -16.96
C ASN C 96 43.88 54.28 -15.90
N PHE C 97 44.24 53.91 -14.67
CA PHE C 97 44.39 54.92 -13.62
C PHE C 97 45.52 55.89 -13.93
N LYS C 98 46.62 55.39 -14.50
CA LYS C 98 47.73 56.28 -14.87
C LYS C 98 47.31 57.25 -15.97
N GLN C 99 46.55 56.78 -16.96
CA GLN C 99 46.04 57.68 -17.99
C GLN C 99 45.12 58.73 -17.39
N MET C 100 44.25 58.32 -16.47
CA MET C 100 43.34 59.28 -15.84
C MET C 100 44.12 60.34 -15.05
N ILE C 101 45.16 59.93 -14.33
CA ILE C 101 45.96 60.89 -13.58
C ILE C 101 46.73 61.80 -14.54
N TYR C 102 47.22 61.26 -15.64
CA TYR C 102 47.94 62.09 -16.61
C TYR C 102 47.03 63.15 -17.22
N LEU C 103 45.78 62.79 -17.52
CA LEU C 103 44.85 63.78 -18.04
C LEU C 103 44.63 64.93 -17.05
N ALA C 104 44.52 64.61 -15.76
CA ALA C 104 44.41 65.65 -14.74
C ALA C 104 45.67 66.51 -14.70
N GLN C 105 46.85 65.88 -14.70
CA GLN C 105 48.09 66.65 -14.71
C GLN C 105 48.15 67.57 -15.92
N GLU C 106 47.56 67.15 -17.04
CA GLU C 106 47.58 67.98 -18.25
C GLU C 106 46.62 69.16 -18.13
N PHE C 107 45.33 68.91 -17.95
CA PHE C 107 44.38 70.02 -18.03
C PHE C 107 44.39 70.86 -16.76
N THR C 108 45.09 70.40 -15.71
CA THR C 108 45.21 71.23 -14.51
C THR C 108 46.09 72.44 -14.76
N GLU C 109 47.12 72.28 -15.60
CA GLU C 109 48.04 73.37 -15.91
C GLU C 109 47.60 74.22 -17.09
N GLY C 110 46.42 73.96 -17.66
CA GLY C 110 45.97 74.72 -18.80
C GLY C 110 46.79 74.51 -20.05
N ASN C 111 47.19 73.27 -20.34
CA ASN C 111 48.05 73.01 -21.49
C ASN C 111 47.35 73.28 -22.81
N GLY C 112 46.08 72.88 -22.93
CA GLY C 112 45.39 72.95 -24.21
C GLY C 112 44.34 74.04 -24.31
N LEU C 113 44.23 74.88 -23.29
CA LEU C 113 43.25 75.94 -23.31
C LEU C 113 43.52 76.90 -24.46
N THR C 114 42.46 77.26 -25.19
CA THR C 114 42.58 78.19 -26.30
C THR C 114 41.44 79.20 -26.37
N GLY C 115 40.53 79.21 -25.42
CA GLY C 115 39.44 80.16 -25.43
C GLY C 115 38.39 79.80 -24.40
N LEU C 116 37.42 80.70 -24.25
CA LEU C 116 36.33 80.53 -23.30
C LEU C 116 35.02 80.93 -23.95
N TYR C 117 33.93 80.36 -23.46
CA TYR C 117 32.59 80.64 -23.95
C TYR C 117 31.72 81.31 -22.90
N PHE C 118 32.30 81.72 -21.77
CA PHE C 118 31.55 82.31 -20.66
C PHE C 118 32.39 83.43 -20.09
N PRO C 119 31.79 84.53 -19.67
CA PRO C 119 32.59 85.63 -19.09
C PRO C 119 33.32 85.19 -17.83
N LEU C 120 34.46 85.83 -17.59
CA LEU C 120 35.38 85.46 -16.53
C LEU C 120 35.48 86.58 -15.52
N ASP C 121 35.54 86.20 -14.23
CA ASP C 121 35.68 87.15 -13.13
C ASP C 121 37.00 86.86 -12.43
N MET C 122 37.83 87.89 -12.28
CA MET C 122 39.18 87.74 -11.75
C MET C 122 39.27 87.92 -10.24
N HIS C 123 38.16 88.22 -9.57
CA HIS C 123 38.14 88.40 -8.12
C HIS C 123 39.14 89.47 -7.67
N GLY C 124 39.27 90.52 -8.47
CA GLY C 124 40.05 91.68 -8.09
C GLY C 124 41.55 91.55 -8.28
N PHE C 125 42.03 90.44 -8.84
CA PHE C 125 43.46 90.29 -9.09
C PHE C 125 43.83 90.99 -10.40
N GLN C 126 45.06 90.79 -10.86
CA GLN C 126 45.57 91.50 -12.03
C GLN C 126 46.19 90.51 -13.00
N ILE C 127 46.16 90.87 -14.28
CA ILE C 127 46.76 90.06 -15.33
C ILE C 127 48.07 90.72 -15.77
N LYS C 128 49.12 89.92 -15.91
CA LYS C 128 50.45 90.42 -16.20
C LYS C 128 51.04 89.68 -17.40
N ASN C 129 52.06 90.30 -18.00
CA ASN C 129 52.76 89.72 -19.15
C ASN C 129 51.82 89.59 -20.35
N LEU C 130 51.12 90.68 -20.67
CA LEU C 130 50.23 90.69 -21.82
C LEU C 130 50.92 91.32 -23.03
N GLY C 131 50.54 90.83 -24.22
CA GLY C 131 51.12 91.34 -25.45
C GLY C 131 50.35 92.51 -26.02
N GLU C 132 51.05 93.31 -26.84
CA GLU C 132 50.43 94.48 -27.43
C GLU C 132 49.37 94.06 -28.44
N PRO C 133 48.29 94.84 -28.56
CA PRO C 133 47.22 94.49 -29.49
C PRO C 133 47.48 95.03 -30.89
N THR C 134 46.97 94.30 -31.88
CA THR C 134 46.99 94.74 -33.27
C THR C 134 45.58 94.99 -33.76
N ASP C 135 44.71 93.99 -33.61
CA ASP C 135 43.29 94.14 -33.88
C ASP C 135 42.56 94.52 -32.60
N PRO C 136 41.38 95.15 -32.71
CA PRO C 136 40.67 95.59 -31.50
C PRO C 136 40.51 94.47 -30.48
N GLY C 137 41.19 94.60 -29.35
CA GLY C 137 41.15 93.59 -28.30
C GLY C 137 41.41 94.20 -26.93
N ASP C 138 42.29 93.58 -26.17
CA ASP C 138 42.75 94.09 -24.89
C ASP C 138 44.10 94.78 -25.05
N ALA C 139 44.27 95.91 -24.38
CA ALA C 139 45.44 96.74 -24.50
C ALA C 139 46.28 96.67 -23.23
N VAL C 140 47.58 96.85 -23.39
CA VAL C 140 48.50 96.85 -22.28
C VAL C 140 48.66 98.27 -21.74
N THR C 141 49.15 98.37 -20.51
CA THR C 141 49.29 99.69 -19.88
C THR C 141 50.26 100.56 -20.67
N LYS C 142 51.31 99.97 -21.24
CA LYS C 142 52.28 100.74 -22.00
C LYS C 142 51.64 101.43 -23.20
N GLN C 143 50.76 100.71 -23.90
CA GLN C 143 50.09 101.31 -25.06
C GLN C 143 49.25 102.51 -24.65
N TYR C 144 48.51 102.39 -23.55
CA TYR C 144 47.72 103.51 -23.05
C TYR C 144 48.60 104.62 -22.48
N VAL C 145 49.73 104.26 -21.87
CA VAL C 145 50.63 105.26 -21.29
C VAL C 145 51.17 106.18 -22.37
N ASP C 146 51.32 105.68 -23.59
CA ASP C 146 51.89 106.48 -24.67
C ASP C 146 50.85 107.45 -25.22
N THR C 147 50.35 108.35 -24.38
CA THR C 147 49.41 109.37 -24.83
C THR C 147 50.15 110.55 -25.45
N ALA C 148 50.96 111.23 -24.64
CA ALA C 148 51.85 112.31 -25.10
C ALA C 148 51.12 113.27 -26.04
N ASN C 149 50.07 113.90 -25.52
CA ASN C 149 49.35 114.93 -26.27
C ASN C 149 49.83 116.31 -25.87
N MET D 1 72.13 17.93 54.78
CA MET D 1 72.37 18.25 53.34
C MET D 1 71.91 17.10 52.45
N TYR D 2 71.42 17.45 51.26
CA TYR D 2 70.96 16.47 50.28
C TYR D 2 71.77 16.47 49.00
N SER D 3 72.31 17.62 48.60
CA SER D 3 73.02 17.74 47.33
C SER D 3 74.54 17.75 47.50
N VAL D 4 75.06 18.16 48.66
CA VAL D 4 76.49 18.27 48.88
C VAL D 4 76.83 17.70 50.25
N GLN D 5 78.11 17.34 50.40
CA GLN D 5 78.64 16.89 51.67
C GLN D 5 80.11 17.28 51.74
N ILE D 6 80.63 17.36 52.97
CA ILE D 6 81.98 17.82 53.22
C ILE D 6 82.68 16.82 54.14
N ALA D 7 83.95 16.55 53.85
CA ALA D 7 84.78 15.68 54.66
C ALA D 7 86.05 16.42 55.03
N VAL D 8 86.45 16.30 56.30
CA VAL D 8 87.61 17.00 56.83
C VAL D 8 88.61 15.98 57.34
N SER D 9 89.87 16.15 56.96
CA SER D 9 90.94 15.24 57.38
C SER D 9 91.02 15.16 58.90
N THR D 14 91.72 9.18 52.73
CA THR D 14 91.99 8.12 51.77
C THR D 14 90.70 7.62 51.14
N ARG D 15 89.69 7.36 51.96
CA ARG D 15 88.40 6.89 51.52
C ARG D 15 87.31 7.87 51.95
N ILE D 16 86.35 8.10 51.06
CA ILE D 16 85.21 8.97 51.32
C ILE D 16 83.95 8.16 51.14
N ALA D 17 83.09 8.15 52.16
CA ALA D 17 81.83 7.42 52.11
C ALA D 17 80.73 8.37 51.67
N LEU D 18 80.09 8.04 50.54
CA LEU D 18 79.04 8.89 49.99
C LEU D 18 77.72 8.59 50.66
N SER D 19 77.08 9.62 51.23
CA SER D 19 75.77 9.48 51.85
C SER D 19 74.65 9.96 50.93
N ILE D 20 74.95 10.83 49.98
CA ILE D 20 73.94 11.35 49.06
C ILE D 20 73.62 10.30 48.01
N GLU D 21 72.53 10.51 47.27
CA GLU D 21 72.12 9.62 46.19
C GLU D 21 72.25 10.35 44.86
N TYR D 22 72.21 9.58 43.77
CA TYR D 22 72.40 10.14 42.45
C TYR D 22 71.73 9.23 41.43
N PHE D 23 71.51 9.79 40.23
CA PHE D 23 70.96 9.02 39.12
C PHE D 23 72.04 8.26 38.36
N GLU D 24 73.14 8.94 38.03
CA GLU D 24 74.25 8.33 37.31
C GLU D 24 75.56 8.75 37.97
N LYS D 25 76.59 7.92 37.79
CA LYS D 25 77.89 8.19 38.38
C LYS D 25 78.58 9.41 37.76
N ASP D 26 78.08 9.92 36.63
CA ASP D 26 78.71 11.06 35.98
C ASP D 26 78.34 12.39 36.62
N ASP D 27 77.32 12.42 37.48
CA ASP D 27 76.87 13.68 38.05
C ASP D 27 77.69 14.10 39.27
N ILE D 28 78.64 13.28 39.70
CA ILE D 28 79.42 13.52 40.91
C ILE D 28 80.72 14.19 40.53
N THR D 29 81.06 15.27 41.24
CA THR D 29 82.31 15.98 41.03
C THR D 29 82.91 16.32 42.39
N LEU D 30 84.23 16.52 42.41
CA LEU D 30 84.97 16.76 43.64
C LEU D 30 85.76 18.06 43.55
N TYR D 31 85.92 18.70 44.71
CA TYR D 31 86.73 19.91 44.84
C TYR D 31 87.51 19.83 46.14
N ARG D 32 88.62 20.57 46.20
CA ARG D 32 89.50 20.55 47.35
C ARG D 32 89.91 21.96 47.75
N ASN D 33 89.79 22.26 49.03
CA ASN D 33 90.29 23.49 49.64
C ASN D 33 89.87 24.72 48.82
N LEU D 34 88.55 24.91 48.73
CA LEU D 34 87.95 26.10 48.12
C LEU D 34 88.69 26.53 46.86
N GLU D 35 89.03 25.54 46.03
CA GLU D 35 89.74 25.81 44.78
C GLU D 35 88.95 26.77 43.90
N THR D 37 88.83 24.54 40.06
CA THR D 37 88.85 23.48 39.05
C THR D 37 88.69 22.11 39.72
N PRO D 38 87.71 21.32 39.28
CA PRO D 38 87.49 20.01 39.91
C PRO D 38 88.65 19.06 39.65
N LEU D 39 88.84 18.15 40.60
CA LEU D 39 89.88 17.14 40.46
C LEU D 39 89.56 16.22 39.29
N VAL D 40 90.57 15.95 38.46
CA VAL D 40 90.38 15.10 37.29
C VAL D 40 90.41 13.64 37.73
N LEU D 41 89.35 12.91 37.39
CA LEU D 41 89.28 11.50 37.74
C LEU D 41 90.35 10.72 36.99
N GLY D 42 91.02 9.81 37.69
CA GLY D 42 92.07 9.01 37.10
C GLY D 42 93.39 9.76 36.98
N ASP D 44 93.18 11.53 39.80
CA ASP D 44 93.27 11.95 41.19
C ASP D 44 92.33 11.12 42.06
N TRP D 45 91.15 10.83 41.52
CA TRP D 45 90.16 10.03 42.24
C TRP D 45 89.54 9.04 41.27
N GLN D 46 89.10 7.90 41.82
CA GLN D 46 88.46 6.86 41.01
C GLN D 46 87.42 6.16 41.86
N TRP D 47 86.41 5.61 41.19
CA TRP D 47 85.35 4.88 41.88
C TRP D 47 85.85 3.53 42.38
N ASP D 48 85.43 3.18 43.60
CA ASP D 48 85.70 1.87 44.19
C ASP D 48 84.39 1.37 44.79
N GLY D 49 83.62 0.66 43.97
CA GLY D 49 82.27 0.26 44.36
C GLY D 49 81.27 1.37 44.10
N ASP D 50 80.03 1.11 44.51
CA ASP D 50 78.94 2.05 44.27
C ASP D 50 78.79 3.08 45.37
N THR D 51 79.56 3.00 46.46
CA THR D 51 79.40 3.91 47.58
C THR D 51 80.70 4.38 48.20
N HIS D 52 81.85 4.12 47.58
CA HIS D 52 83.14 4.53 48.11
C HIS D 52 83.98 5.16 47.01
N ILE D 53 84.80 6.14 47.38
CA ILE D 53 85.70 6.83 46.47
C ILE D 53 87.12 6.69 47.00
N ASN D 54 88.04 6.28 46.14
CA ASN D 54 89.44 6.10 46.49
C ASN D 54 90.26 7.25 45.92
N LEU D 55 91.03 7.91 46.77
CA LEU D 55 91.88 9.01 46.35
C LEU D 55 93.22 8.49 45.85
N LEU D 56 93.72 9.11 44.77
CA LEU D 56 95.00 8.71 44.19
C LEU D 56 96.11 9.63 44.68
N SER D 65 92.83 20.55 55.74
CA SER D 65 92.20 20.45 54.43
C SER D 65 90.89 19.69 54.52
N TYR D 66 90.04 19.84 53.49
CA TYR D 66 88.75 19.19 53.46
C TYR D 66 88.35 18.93 52.02
N ILE D 67 87.45 17.98 51.82
CA ILE D 67 86.98 17.56 50.50
C ILE D 67 85.48 17.82 50.41
N THR D 68 85.04 18.31 49.25
CA THR D 68 83.64 18.60 49.00
C THR D 68 83.15 17.81 47.80
N VAL D 69 81.89 17.39 47.86
CA VAL D 69 81.24 16.64 46.79
C VAL D 69 79.97 17.36 46.42
N ARG D 70 79.71 17.48 45.12
CA ARG D 70 78.56 18.20 44.59
C ARG D 70 77.83 17.34 43.57
N ARG D 71 76.51 17.46 43.53
CA ARG D 71 75.65 16.68 42.64
C ARG D 71 74.83 17.63 41.78
N ASN D 72 74.75 17.31 40.48
CA ASN D 72 74.05 18.17 39.52
C ASN D 72 73.38 17.26 38.49
N THR D 73 72.06 17.15 38.59
CA THR D 73 71.30 16.36 37.62
C THR D 73 71.10 17.15 36.33
N ASP D 74 70.67 16.44 35.29
CA ASP D 74 70.44 17.06 34.00
C ASP D 74 69.24 18.02 34.08
N ILE D 75 69.36 19.15 33.39
CA ILE D 75 68.31 20.17 33.40
C ILE D 75 67.79 20.50 32.00
N ASP D 76 68.46 20.05 30.94
CA ASP D 76 68.07 20.44 29.60
C ASP D 76 66.67 19.95 29.24
N ARG D 77 66.37 18.69 29.57
CA ARG D 77 65.10 18.08 29.17
C ARG D 77 64.58 17.19 30.29
N ALA D 78 63.28 16.95 30.25
CA ALA D 78 62.68 15.94 31.10
C ALA D 78 63.03 14.55 30.56
N PHE D 79 63.23 13.60 31.47
CA PHE D 79 63.70 12.29 31.05
C PHE D 79 62.72 11.64 30.07
N ASN D 80 61.42 11.72 30.36
CA ASN D 80 60.39 11.07 29.56
C ASN D 80 59.43 12.11 29.01
N ILE D 81 59.17 12.05 27.71
CA ILE D 81 58.23 12.92 27.03
C ILE D 81 57.12 12.04 26.47
N TYR D 82 55.90 12.26 26.95
CA TYR D 82 54.77 11.43 26.51
C TYR D 82 54.33 11.76 25.09
N ASP D 83 54.71 12.93 24.56
CA ASP D 83 54.39 13.25 23.18
C ASP D 83 55.28 12.49 22.20
N GLY D 84 56.47 12.10 22.61
CA GLY D 84 57.38 11.41 21.72
C GLY D 84 57.28 9.89 21.81
N GLY D 85 56.17 9.41 22.38
CA GLY D 85 55.94 7.98 22.45
C GLY D 85 56.40 7.30 23.73
N ALA D 86 56.65 8.06 24.80
CA ALA D 86 57.10 7.45 26.04
C ALA D 86 56.06 6.49 26.57
N ALA D 87 56.52 5.38 27.15
CA ALA D 87 55.62 4.35 27.66
C ALA D 87 54.74 4.90 28.76
N PHE D 88 53.47 4.52 28.74
CA PHE D 88 52.48 5.00 29.72
C PHE D 88 52.33 3.96 30.84
N ASN D 89 53.30 3.95 31.74
CA ASN D 89 53.28 3.08 32.90
C ASN D 89 53.76 3.85 34.12
N ARG D 90 53.72 3.19 35.28
CA ARG D 90 53.95 3.87 36.55
C ARG D 90 55.41 4.32 36.70
N GLU D 91 56.34 3.52 36.17
CA GLU D 91 57.77 3.81 36.38
C GLU D 91 58.18 5.15 35.78
N THR D 92 57.66 5.51 34.60
CA THR D 92 57.99 6.79 34.01
C THR D 92 57.46 7.96 34.83
N LEU D 93 56.24 7.87 35.33
CA LEU D 93 55.72 8.93 36.19
C LEU D 93 56.55 9.05 37.45
N ASP D 94 56.90 7.92 38.05
CA ASP D 94 57.74 7.95 39.25
C ASP D 94 59.10 8.58 38.97
N GLU D 95 59.72 8.22 37.85
CA GLU D 95 61.01 8.79 37.50
C GLU D 95 60.91 10.29 37.26
N ASN D 96 59.87 10.75 36.56
CA ASN D 96 59.71 12.17 36.32
C ASN D 96 59.52 12.93 37.64
N PHE D 97 58.67 12.40 38.53
CA PHE D 97 58.46 13.08 39.81
C PHE D 97 59.74 13.09 40.64
N LYS D 98 60.49 12.00 40.61
CA LYS D 98 61.75 11.95 41.35
C LYS D 98 62.75 12.97 40.81
N GLN D 99 62.83 13.11 39.47
CA GLN D 99 63.71 14.12 38.89
C GLN D 99 63.27 15.53 39.31
N MET D 100 61.95 15.77 39.30
CA MET D 100 61.46 17.08 39.69
C MET D 100 61.79 17.39 41.15
N ILE D 101 61.66 16.39 42.03
CA ILE D 101 61.99 16.61 43.43
C ILE D 101 63.49 16.81 43.61
N TYR D 102 64.30 16.07 42.84
CA TYR D 102 65.75 16.24 42.93
C TYR D 102 66.18 17.64 42.50
N LEU D 103 65.54 18.19 41.45
CA LEU D 103 65.88 19.54 41.04
C LEU D 103 65.58 20.55 42.13
N ALA D 104 64.46 20.37 42.84
CA ALA D 104 64.15 21.24 43.97
C ALA D 104 65.18 21.08 45.08
N GLN D 105 65.52 19.84 45.43
CA GLN D 105 66.55 19.62 46.44
C GLN D 105 67.86 20.29 46.06
N GLU D 106 68.16 20.35 44.75
CA GLU D 106 69.40 20.96 44.30
C GLU D 106 69.34 22.48 44.41
N PHE D 107 68.40 23.13 43.71
CA PHE D 107 68.45 24.59 43.66
C PHE D 107 67.95 25.22 44.95
N THR D 108 67.36 24.43 45.85
CA THR D 108 66.95 24.97 47.15
C THR D 108 68.16 25.33 48.00
N GLU D 109 69.23 24.54 47.89
CA GLU D 109 70.43 24.77 48.69
C GLU D 109 71.43 25.70 48.00
N GLY D 110 71.08 26.27 46.85
CA GLY D 110 71.99 27.14 46.14
C GLY D 110 73.23 26.46 45.62
N ASN D 111 73.08 25.25 45.06
CA ASN D 111 74.25 24.50 44.61
C ASN D 111 74.92 25.17 43.41
N GLY D 112 74.15 25.67 42.45
CA GLY D 112 74.72 26.17 41.21
C GLY D 112 74.73 27.69 41.08
N LEU D 113 74.33 28.39 42.13
CA LEU D 113 74.31 29.85 42.07
C LEU D 113 75.70 30.40 41.85
N THR D 114 75.81 31.37 40.93
CA THR D 114 77.10 31.99 40.63
C THR D 114 77.00 33.51 40.44
N GLY D 115 75.83 34.10 40.63
CA GLY D 115 75.69 35.54 40.46
C GLY D 115 74.23 35.93 40.46
N LEU D 116 74.01 37.24 40.46
CA LEU D 116 72.68 37.81 40.45
C LEU D 116 72.62 38.97 39.46
N TYR D 117 71.42 39.25 38.95
CA TYR D 117 71.19 40.33 38.01
C TYR D 117 70.28 41.41 38.59
N PHE D 118 69.96 41.34 39.89
CA PHE D 118 69.05 42.28 40.53
C PHE D 118 69.61 42.58 41.92
N PRO D 119 69.48 43.81 42.39
CA PRO D 119 70.00 44.12 43.73
C PRO D 119 69.29 43.31 44.81
N LEU D 120 70.03 43.07 45.90
CA LEU D 120 69.60 42.18 46.96
C LEU D 120 69.44 42.97 48.25
N ASP D 121 68.39 42.65 49.01
CA ASP D 121 68.10 43.27 50.30
C ASP D 121 68.19 42.19 51.37
N MET D 122 68.99 42.44 52.40
CA MET D 122 69.27 41.46 53.44
C MET D 122 68.31 41.54 54.63
N HIS D 123 67.39 42.49 54.64
CA HIS D 123 66.42 42.63 55.73
C HIS D 123 67.13 42.79 57.07
N GLY D 124 68.25 43.51 57.07
CA GLY D 124 68.93 43.88 58.30
C GLY D 124 69.80 42.82 58.91
N PHE D 125 69.96 41.67 58.28
CA PHE D 125 70.83 40.62 58.79
C PHE D 125 72.27 40.92 58.40
N GLN D 126 73.17 39.97 58.66
CA GLN D 126 74.59 40.18 58.44
C GLN D 126 75.17 39.03 57.63
N ILE D 127 76.22 39.31 56.88
CA ILE D 127 76.94 38.31 56.09
C ILE D 127 78.24 37.98 56.80
N LYS D 128 78.54 36.69 56.90
CA LYS D 128 79.69 36.20 57.65
C LYS D 128 80.52 35.27 56.78
N ASN D 129 81.77 35.06 57.19
CA ASN D 129 82.71 34.18 56.50
C ASN D 129 82.99 34.68 55.09
N LEU D 130 83.35 35.97 54.99
CA LEU D 130 83.70 36.56 53.71
C LEU D 130 85.21 36.58 53.51
N GLY D 131 85.64 36.45 52.25
CA GLY D 131 87.04 36.47 51.93
C GLY D 131 87.57 37.87 51.66
N GLU D 132 88.89 38.01 51.82
CA GLU D 132 89.52 39.31 51.62
C GLU D 132 89.47 39.69 50.14
N PRO D 133 89.33 40.97 49.82
CA PRO D 133 89.26 41.40 48.43
C PRO D 133 90.65 41.64 47.84
N THR D 134 90.74 41.42 46.53
CA THR D 134 91.94 41.74 45.77
C THR D 134 91.64 42.85 44.78
N ASP D 135 90.63 42.66 43.95
CA ASP D 135 90.13 43.68 43.06
C ASP D 135 89.00 44.45 43.75
N PRO D 136 88.73 45.69 43.32
CA PRO D 136 87.69 46.48 43.99
C PRO D 136 86.36 45.74 44.09
N GLY D 137 85.98 45.38 45.31
CA GLY D 137 84.76 44.65 45.57
C GLY D 137 84.20 44.95 46.94
N ASP D 138 83.85 43.90 47.68
CA ASP D 138 83.42 44.00 49.06
C ASP D 138 84.56 43.63 49.99
N ALA D 139 84.69 44.40 51.07
CA ALA D 139 85.79 44.26 52.01
C ALA D 139 85.30 43.67 53.33
N VAL D 140 86.19 42.97 54.00
CA VAL D 140 85.89 42.36 55.29
C VAL D 140 86.25 43.34 56.40
N THR D 141 85.67 43.10 57.59
CA THR D 141 85.90 44.01 58.71
C THR D 141 87.39 44.05 59.08
N LYS D 142 88.08 42.92 58.97
CA LYS D 142 89.49 42.89 59.32
C LYS D 142 90.31 43.82 58.45
N GLN D 143 90.02 43.85 57.15
CA GLN D 143 90.76 44.73 56.25
C GLN D 143 90.56 46.19 56.64
N TYR D 144 89.32 46.58 56.96
CA TYR D 144 89.06 47.94 57.39
C TYR D 144 89.62 48.22 58.78
N VAL D 145 89.63 47.20 59.66
CA VAL D 145 90.15 47.40 61.00
C VAL D 145 91.64 47.75 60.97
N ASP D 146 92.36 47.27 59.97
CA ASP D 146 93.79 47.50 59.88
C ASP D 146 94.08 48.91 59.37
N THR D 147 93.61 49.93 60.11
CA THR D 147 93.90 51.31 59.75
C THR D 147 95.26 51.74 60.27
N ALA D 148 95.44 51.73 61.59
CA ALA D 148 96.71 51.97 62.24
C ALA D 148 97.44 53.18 61.63
N ASN D 149 96.80 54.34 61.73
CA ASN D 149 97.41 55.58 61.28
C ASN D 149 98.02 56.33 62.45
N MET E 1 7.84 -33.12 85.83
CA MET E 1 9.13 -33.04 85.10
C MET E 1 9.00 -33.61 83.70
N TYR E 2 9.74 -33.04 82.75
CA TYR E 2 9.73 -33.47 81.36
C TYR E 2 11.08 -34.01 80.90
N SER E 3 12.18 -33.47 81.44
CA SER E 3 13.51 -33.84 80.99
C SER E 3 14.21 -34.82 81.93
N VAL E 4 13.86 -34.84 83.21
CA VAL E 4 14.52 -35.69 84.19
C VAL E 4 13.48 -36.35 85.09
N GLN E 5 13.88 -37.45 85.70
CA GLN E 5 13.05 -38.15 86.68
C GLN E 5 13.97 -38.79 87.72
N ILE E 6 13.41 -39.08 88.89
CA ILE E 6 14.17 -39.60 90.02
C ILE E 6 13.45 -40.81 90.58
N ALA E 7 14.20 -41.85 90.93
CA ALA E 7 13.66 -43.04 91.55
C ALA E 7 14.43 -43.30 92.84
N VAL E 8 13.69 -43.66 93.90
CA VAL E 8 14.25 -43.87 95.23
C VAL E 8 13.95 -45.30 95.65
N SER E 9 14.98 -45.99 96.13
CA SER E 9 14.84 -47.37 96.59
C SER E 9 13.77 -47.49 97.67
N THR E 14 15.80 -52.49 90.95
CA THR E 14 16.14 -53.49 89.93
C THR E 14 15.67 -53.01 88.56
N ARG E 15 14.43 -52.56 88.48
CA ARG E 15 13.83 -52.08 87.25
C ARG E 15 13.39 -50.63 87.41
N ILE E 16 13.62 -49.83 86.38
CA ILE E 16 13.21 -48.43 86.34
C ILE E 16 12.30 -48.23 85.14
N ALA E 17 11.11 -47.68 85.40
CA ALA E 17 10.13 -47.42 84.36
C ALA E 17 10.29 -45.97 83.88
N LEU E 18 10.60 -45.81 82.59
CA LEU E 18 10.83 -44.48 82.03
C LEU E 18 9.49 -43.85 81.65
N SER E 19 9.22 -42.67 82.19
CA SER E 19 8.02 -41.92 81.84
C SER E 19 8.28 -40.82 80.81
N ILE E 20 9.52 -40.35 80.70
CA ILE E 20 9.86 -39.30 79.75
C ILE E 20 9.97 -39.89 78.36
N GLU E 21 10.00 -39.03 77.35
CA GLU E 21 10.15 -39.44 75.96
C GLU E 21 11.49 -38.96 75.42
N TYR E 22 11.89 -39.53 74.29
CA TYR E 22 13.19 -39.23 73.71
C TYR E 22 13.14 -39.48 72.21
N PHE E 23 14.13 -38.92 71.51
CA PHE E 23 14.27 -39.15 70.08
C PHE E 23 15.05 -40.41 69.77
N GLU E 24 16.18 -40.62 70.45
CA GLU E 24 17.00 -41.80 70.26
C GLU E 24 17.43 -42.32 71.62
N LYS E 25 17.73 -43.63 71.67
CA LYS E 25 18.13 -44.26 72.92
C LYS E 25 19.49 -43.79 73.41
N ASP E 26 20.25 -43.08 72.59
CA ASP E 26 21.58 -42.62 72.99
C ASP E 26 21.54 -41.36 73.85
N ASP E 27 20.40 -40.67 73.92
CA ASP E 27 20.32 -39.43 74.67
C ASP E 27 20.08 -39.65 76.16
N ILE E 28 19.91 -40.89 76.60
CA ILE E 28 19.58 -41.19 77.98
C ILE E 28 20.86 -41.54 78.73
N THR E 29 21.03 -40.93 79.90
CA THR E 29 22.17 -41.21 80.77
C THR E 29 21.68 -41.34 82.21
N LEU E 30 22.47 -42.04 83.03
CA LEU E 30 22.10 -42.34 84.39
C LEU E 30 23.18 -41.87 85.36
N TYR E 31 22.73 -41.47 86.56
CA TYR E 31 23.63 -41.09 87.64
C TYR E 31 23.08 -41.66 88.95
N ARG E 32 23.97 -41.81 89.93
CA ARG E 32 23.62 -42.40 91.20
C ARG E 32 24.20 -41.59 92.36
N ASN E 33 23.36 -41.29 93.34
CA ASN E 33 23.76 -40.67 94.60
C ASN E 33 24.67 -39.47 94.37
N LEU E 34 24.12 -38.47 93.67
CA LEU E 34 24.77 -37.17 93.47
C LEU E 34 26.26 -37.33 93.18
N GLU E 35 26.59 -38.29 92.32
CA GLU E 35 27.97 -38.54 91.95
C GLU E 35 28.61 -37.29 91.35
N THR E 37 30.26 -38.93 87.55
CA THR E 37 30.49 -39.74 86.37
C THR E 37 29.31 -40.69 86.12
N PRO E 38 28.74 -40.65 84.91
CA PRO E 38 27.59 -41.50 84.64
C PRO E 38 27.95 -42.97 84.64
N LEU E 39 26.97 -43.79 84.99
CA LEU E 39 27.16 -45.24 84.98
C LEU E 39 27.40 -45.73 83.57
N VAL E 40 28.41 -46.58 83.41
CA VAL E 40 28.75 -47.11 82.09
C VAL E 40 27.79 -48.24 81.75
N LEU E 41 27.13 -48.12 80.60
CA LEU E 41 26.19 -49.14 80.15
C LEU E 41 26.94 -50.43 79.84
N GLY E 42 26.39 -51.55 80.27
CA GLY E 42 27.01 -52.84 80.06
C GLY E 42 28.14 -53.12 81.04
N ASP E 44 26.84 -51.65 83.72
CA ASP E 44 26.09 -51.38 84.94
C ASP E 44 24.59 -51.41 84.67
N TRP E 45 24.20 -50.86 83.51
CA TRP E 45 22.80 -50.83 83.11
C TRP E 45 22.70 -51.18 81.64
N GLN E 46 21.57 -51.76 81.26
CA GLN E 46 21.32 -52.14 79.87
C GLN E 46 19.83 -52.01 79.58
N TRP E 47 19.53 -51.76 78.30
CA TRP E 47 18.14 -51.63 77.89
C TRP E 47 17.43 -52.98 77.89
N ASP E 48 16.18 -52.98 78.35
CA ASP E 48 15.30 -54.15 78.32
C ASP E 48 13.95 -53.67 77.79
N GLY E 49 13.79 -53.72 76.48
CA GLY E 49 12.61 -53.15 75.84
C GLY E 49 12.77 -51.65 75.62
N ASP E 50 11.69 -51.05 75.13
CA ASP E 50 11.71 -49.63 74.80
C ASP E 50 11.32 -48.74 75.97
N THR E 51 10.92 -49.31 77.11
CA THR E 51 10.45 -48.50 78.23
C THR E 51 10.92 -48.99 79.59
N HIS E 52 11.86 -49.94 79.66
CA HIS E 52 12.36 -50.47 80.92
C HIS E 52 13.89 -50.54 80.88
N ILE E 53 14.50 -50.31 82.04
CA ILE E 53 15.95 -50.37 82.20
C ILE E 53 16.27 -51.40 83.28
N ASN E 54 17.19 -52.30 82.98
CA ASN E 54 17.60 -53.35 83.91
C ASN E 54 18.98 -53.01 84.47
N LEU E 55 19.08 -53.01 85.80
CA LEU E 55 20.35 -52.72 86.46
C LEU E 55 21.18 -53.99 86.59
N LEU E 56 22.49 -53.84 86.39
CA LEU E 56 23.41 -54.97 86.50
C LEU E 56 24.08 -55.00 87.87
N SER E 65 19.44 -44.56 98.91
CA SER E 65 19.99 -44.22 97.60
C SER E 65 18.87 -43.95 96.59
N TYR E 66 19.21 -43.29 95.49
CA TYR E 66 18.24 -42.95 94.47
C TYR E 66 18.95 -42.89 93.12
N ILE E 67 18.16 -43.02 92.05
CA ILE E 67 18.67 -43.03 90.69
C ILE E 67 18.04 -41.87 89.94
N THR E 68 18.85 -41.21 89.10
CA THR E 68 18.41 -40.08 88.30
C THR E 68 18.65 -40.36 86.82
N VAL E 69 17.73 -39.87 85.99
CA VAL E 69 17.80 -40.01 84.54
C VAL E 69 17.71 -38.63 83.92
N ARG E 70 18.56 -38.38 82.92
CA ARG E 70 18.64 -37.08 82.26
C ARG E 70 18.59 -37.28 80.76
N ARG E 71 17.96 -36.32 80.08
CA ARG E 71 17.77 -36.36 78.63
C ARG E 71 18.39 -35.10 78.01
N ASN E 72 19.12 -35.29 76.90
CA ASN E 72 19.82 -34.18 76.25
C ASN E 72 19.78 -34.44 74.73
N THR E 73 18.95 -33.67 74.04
CA THR E 73 18.87 -33.77 72.58
C THR E 73 20.03 -33.04 71.93
N ASP E 74 20.22 -33.30 70.64
CA ASP E 74 21.30 -32.68 69.90
C ASP E 74 21.03 -31.18 69.75
N ILE E 75 22.11 -30.39 69.85
CA ILE E 75 22.00 -28.94 69.76
C ILE E 75 22.86 -28.35 68.65
N ASP E 76 23.77 -29.12 68.05
CA ASP E 76 24.70 -28.57 67.07
C ASP E 76 23.97 -28.04 65.84
N ARG E 77 23.01 -28.80 65.34
CA ARG E 77 22.34 -28.45 64.08
C ARG E 77 20.87 -28.79 64.18
N ALA E 78 20.07 -28.11 63.33
CA ALA E 78 18.69 -28.50 63.15
C ALA E 78 18.63 -29.78 62.31
N PHE E 79 17.66 -30.63 62.63
CA PHE E 79 17.60 -31.94 61.97
C PHE E 79 17.47 -31.80 60.46
N ASN E 80 16.62 -30.90 60.00
CA ASN E 80 16.35 -30.73 58.58
C ASN E 80 16.68 -29.31 58.15
N ILE E 81 17.45 -29.19 57.07
CA ILE E 81 17.83 -27.90 56.49
C ILE E 81 17.22 -27.86 55.09
N TYR E 82 16.33 -26.90 54.86
CA TYR E 82 15.67 -26.80 53.56
C TYR E 82 16.59 -26.27 52.48
N ASP E 83 17.69 -25.62 52.85
CA ASP E 83 18.66 -25.16 51.85
C ASP E 83 19.48 -26.31 51.29
N GLY E 84 19.65 -27.39 52.05
CA GLY E 84 20.45 -28.51 51.60
C GLY E 84 19.63 -29.59 50.90
N GLY E 85 18.43 -29.25 50.48
CA GLY E 85 17.59 -30.17 49.75
C GLY E 85 16.63 -31.00 50.58
N ALA E 86 16.35 -30.59 51.82
CA ALA E 86 15.43 -31.35 52.66
C ALA E 86 14.05 -31.40 52.02
N ALA E 87 13.38 -32.54 52.17
CA ALA E 87 12.08 -32.74 51.57
C ALA E 87 11.06 -31.75 52.12
N PHE E 88 10.22 -31.22 51.24
CA PHE E 88 9.21 -30.22 51.61
C PHE E 88 7.87 -30.91 51.84
N ASN E 89 7.74 -31.55 53.00
CA ASN E 89 6.50 -32.19 53.40
C ASN E 89 6.25 -31.91 54.88
N ARG E 90 5.10 -32.40 55.36
CA ARG E 90 4.64 -32.03 56.69
C ARG E 90 5.52 -32.63 57.79
N GLU E 91 6.02 -33.85 57.56
CA GLU E 91 6.77 -34.54 58.60
C GLU E 91 8.04 -33.80 59.02
N THR E 92 8.75 -33.19 58.08
CA THR E 92 9.95 -32.42 58.44
C THR E 92 9.61 -31.19 59.27
N LEU E 93 8.56 -30.46 58.92
CA LEU E 93 8.15 -29.31 59.72
C LEU E 93 7.75 -29.77 61.13
N ASP E 94 6.99 -30.87 61.22
CA ASP E 94 6.60 -31.37 62.53
C ASP E 94 7.82 -31.78 63.35
N GLU E 95 8.79 -32.46 62.73
CA GLU E 95 9.98 -32.86 63.45
C GLU E 95 10.79 -31.65 63.93
N ASN E 96 10.93 -30.63 63.08
CA ASN E 96 11.66 -29.44 63.47
C ASN E 96 10.98 -28.74 64.64
N PHE E 97 9.65 -28.59 64.57
CA PHE E 97 8.93 -27.94 65.67
C PHE E 97 9.03 -28.76 66.95
N LYS E 98 8.96 -30.09 66.84
CA LYS E 98 9.10 -30.93 68.02
C LYS E 98 10.48 -30.82 68.64
N GLN E 99 11.53 -30.76 67.82
CA GLN E 99 12.87 -30.55 68.35
C GLN E 99 12.98 -29.20 69.05
N MET E 100 12.40 -28.17 68.44
CA MET E 100 12.45 -26.85 69.06
C MET E 100 11.74 -26.83 70.40
N ILE E 101 10.59 -27.50 70.49
CA ILE E 101 9.86 -27.55 71.76
C ILE E 101 10.64 -28.37 72.79
N TYR E 102 11.28 -29.45 72.34
CA TYR E 102 12.07 -30.27 73.27
C TYR E 102 13.24 -29.48 73.84
N LEU E 103 13.89 -28.66 73.02
CA LEU E 103 14.99 -27.84 73.52
C LEU E 103 14.51 -26.87 74.60
N ALA E 104 13.33 -26.28 74.41
CA ALA E 104 12.74 -25.43 75.44
C ALA E 104 12.44 -26.22 76.71
N GLN E 105 11.81 -27.39 76.56
CA GLN E 105 11.54 -28.22 77.73
C GLN E 105 12.83 -28.56 78.47
N GLU E 106 13.94 -28.71 77.74
CA GLU E 106 15.21 -29.04 78.38
C GLU E 106 15.79 -27.84 79.13
N PHE E 107 16.07 -26.74 78.43
CA PHE E 107 16.80 -25.67 79.10
C PHE E 107 15.91 -24.86 80.02
N THR E 108 14.59 -25.08 79.97
CA THR E 108 13.69 -24.40 80.90
C THR E 108 13.90 -24.92 82.33
N GLU E 109 14.20 -26.21 82.47
CA GLU E 109 14.38 -26.82 83.79
C GLU E 109 15.83 -26.75 84.27
N GLY E 110 16.71 -26.09 83.53
CA GLY E 110 18.10 -26.02 83.93
C GLY E 110 18.83 -27.35 83.91
N ASN E 111 18.60 -28.17 82.89
CA ASN E 111 19.20 -29.49 82.85
C ASN E 111 20.71 -29.43 82.68
N GLY E 112 21.21 -28.54 81.82
CA GLY E 112 22.62 -28.53 81.49
C GLY E 112 23.41 -27.39 82.09
N LEU E 113 22.78 -26.59 82.94
CA LEU E 113 23.47 -25.46 83.57
C LEU E 113 24.63 -25.95 84.42
N THR E 114 25.77 -25.29 84.28
CA THR E 114 26.96 -25.64 85.05
C THR E 114 27.73 -24.43 85.56
N GLY E 115 27.26 -23.21 85.33
CA GLY E 115 27.95 -22.03 85.80
C GLY E 115 27.35 -20.78 85.19
N LEU E 116 27.83 -19.64 85.68
CA LEU E 116 27.38 -18.34 85.22
C LEU E 116 28.59 -17.42 85.03
N TYR E 117 28.42 -16.44 84.14
CA TYR E 117 29.46 -15.45 83.86
C TYR E 117 29.05 -14.04 84.27
N PHE E 118 27.94 -13.90 84.97
CA PHE E 118 27.42 -12.59 85.36
C PHE E 118 26.88 -12.72 86.78
N PRO E 119 27.03 -11.70 87.63
CA PRO E 119 26.49 -11.80 88.99
C PRO E 119 24.98 -11.96 88.99
N LEU E 120 24.50 -12.63 90.04
CA LEU E 120 23.10 -13.02 90.15
C LEU E 120 22.46 -12.32 91.34
N ASP E 121 21.20 -11.89 91.15
CA ASP E 121 20.42 -11.22 92.19
C ASP E 121 19.21 -12.11 92.49
N MET E 122 19.03 -12.43 93.77
CA MET E 122 17.99 -13.37 94.20
C MET E 122 16.67 -12.68 94.55
N HIS E 123 16.60 -11.36 94.50
CA HIS E 123 15.37 -10.62 94.81
C HIS E 123 14.87 -10.96 96.21
N GLY E 124 15.80 -11.14 97.14
CA GLY E 124 15.46 -11.29 98.54
C GLY E 124 15.01 -12.67 98.96
N PHE E 125 15.01 -13.65 98.06
CA PHE E 125 14.63 -15.02 98.42
C PHE E 125 15.83 -15.72 99.06
N GLN E 126 15.69 -17.03 99.30
CA GLN E 126 16.72 -17.80 100.00
C GLN E 126 17.06 -19.05 99.22
N ILE E 127 18.30 -19.51 99.39
CA ILE E 127 18.78 -20.73 98.75
C ILE E 127 18.81 -21.84 99.80
N LYS E 128 18.32 -23.01 99.44
CA LYS E 128 18.19 -24.12 100.36
C LYS E 128 18.81 -25.38 99.77
N ASN E 129 19.10 -26.35 100.65
CA ASN E 129 19.69 -27.62 100.25
C ASN E 129 21.08 -27.42 99.65
N LEU E 130 21.93 -26.68 100.35
CA LEU E 130 23.29 -26.45 99.92
C LEU E 130 24.25 -27.41 100.61
N GLY E 131 25.32 -27.79 99.90
CA GLY E 131 26.31 -28.69 100.44
C GLY E 131 27.41 -27.97 101.18
N GLU E 132 28.08 -28.71 102.08
CA GLU E 132 29.15 -28.13 102.86
C GLU E 132 30.36 -27.81 101.97
N PRO E 133 31.08 -26.74 102.27
CA PRO E 133 32.23 -26.37 101.45
C PRO E 133 33.51 -27.08 101.89
N THR E 134 34.38 -27.31 100.92
CA THR E 134 35.71 -27.86 101.18
C THR E 134 36.76 -26.81 100.84
N ASP E 135 36.71 -26.31 99.61
CA ASP E 135 37.55 -25.20 99.19
C ASP E 135 36.82 -23.88 99.42
N PRO E 136 37.54 -22.76 99.55
CA PRO E 136 36.87 -21.48 99.81
C PRO E 136 35.74 -21.19 98.84
N GLY E 137 34.51 -21.21 99.33
CA GLY E 137 33.34 -20.97 98.50
C GLY E 137 32.19 -20.39 99.30
N ASP E 138 31.01 -20.96 99.14
CA ASP E 138 29.84 -20.60 99.93
C ASP E 138 29.63 -21.62 101.04
N ALA E 139 29.27 -21.12 102.22
CA ALA E 139 29.14 -21.94 103.41
C ALA E 139 27.67 -22.07 103.80
N VAL E 140 27.35 -23.19 104.44
CA VAL E 140 25.99 -23.46 104.90
C VAL E 140 25.84 -22.94 106.32
N THR E 141 24.58 -22.75 106.74
CA THR E 141 24.33 -22.22 108.07
C THR E 141 24.87 -23.14 109.15
N LYS E 142 24.80 -24.45 108.93
CA LYS E 142 25.29 -25.40 109.93
C LYS E 142 26.78 -25.22 110.18
N GLN E 143 27.56 -25.01 109.13
CA GLN E 143 29.00 -24.81 109.30
C GLN E 143 29.29 -23.57 110.14
N TYR E 144 28.57 -22.47 109.87
CA TYR E 144 28.74 -21.27 110.66
C TYR E 144 28.18 -21.42 112.07
N VAL E 145 27.11 -22.20 112.23
CA VAL E 145 26.51 -22.39 113.54
C VAL E 145 27.49 -23.08 114.49
N ASP E 146 28.37 -23.92 113.94
CA ASP E 146 29.31 -24.67 114.77
C ASP E 146 30.47 -23.78 115.22
N THR E 147 30.15 -22.71 115.95
CA THR E 147 31.20 -21.84 116.49
C THR E 147 31.75 -22.41 117.80
N ALA E 148 30.90 -22.52 118.81
CA ALA E 148 31.24 -23.16 120.08
C ALA E 148 32.61 -22.72 120.59
N ASN E 149 32.73 -21.42 120.84
CA ASN E 149 33.94 -20.87 121.43
C ASN E 149 33.77 -20.70 122.94
N MET F 1 -71.94 -30.31 49.28
CA MET F 1 -70.69 -31.09 49.52
C MET F 1 -70.02 -31.44 48.19
N TYR F 2 -68.71 -31.48 48.20
CA TYR F 2 -67.91 -31.82 47.02
C TYR F 2 -67.10 -33.09 47.18
N SER F 3 -66.65 -33.40 48.40
CA SER F 3 -65.79 -34.54 48.63
C SER F 3 -66.53 -35.74 49.22
N VAL F 4 -67.64 -35.52 49.92
CA VAL F 4 -68.38 -36.60 50.58
C VAL F 4 -69.87 -36.42 50.33
N GLN F 5 -70.60 -37.54 50.49
CA GLN F 5 -72.05 -37.52 50.41
C GLN F 5 -72.59 -38.61 51.33
N ILE F 6 -73.85 -38.45 51.72
CA ILE F 6 -74.48 -39.35 52.68
C ILE F 6 -75.83 -39.79 52.12
N ALA F 7 -76.14 -41.08 52.31
CA ALA F 7 -77.42 -41.64 51.90
C ALA F 7 -78.05 -42.33 53.10
N VAL F 8 -79.35 -42.12 53.28
CA VAL F 8 -80.09 -42.65 54.42
C VAL F 8 -81.20 -43.54 53.90
N SER F 9 -81.33 -44.73 54.47
CA SER F 9 -82.35 -45.70 54.08
C SER F 9 -83.74 -45.10 54.20
N THR F 14 -80.15 -50.22 48.28
CA THR F 14 -79.69 -51.19 47.29
C THR F 14 -78.75 -50.54 46.29
N ARG F 15 -79.15 -49.39 45.77
CA ARG F 15 -78.38 -48.64 44.80
C ARG F 15 -78.07 -47.25 45.35
N ILE F 16 -76.84 -46.79 45.11
CA ILE F 16 -76.40 -45.46 45.52
C ILE F 16 -75.95 -44.70 44.27
N ALA F 17 -76.52 -43.52 44.06
CA ALA F 17 -76.17 -42.69 42.91
C ALA F 17 -75.10 -41.70 43.33
N LEU F 18 -73.94 -41.77 42.67
CA LEU F 18 -72.82 -40.90 43.01
C LEU F 18 -72.97 -39.57 42.30
N SER F 19 -72.96 -38.48 43.08
CA SER F 19 -73.01 -37.13 42.53
C SER F 19 -71.65 -36.47 42.45
N ILE F 20 -70.68 -36.91 43.26
CA ILE F 20 -69.35 -36.34 43.28
C ILE F 20 -68.57 -36.86 42.07
N GLU F 21 -67.43 -36.22 41.78
CA GLU F 21 -66.56 -36.63 40.69
C GLU F 21 -65.24 -37.14 41.27
N TYR F 22 -64.48 -37.83 40.43
CA TYR F 22 -63.24 -38.44 40.87
C TYR F 22 -62.31 -38.61 39.67
N PHE F 23 -61.02 -38.81 39.97
CA PHE F 23 -60.03 -39.08 38.94
C PHE F 23 -59.98 -40.56 38.56
N GLU F 24 -59.95 -41.44 39.55
CA GLU F 24 -59.91 -42.88 39.33
C GLU F 24 -60.88 -43.56 40.27
N LYS F 25 -61.36 -44.73 39.87
CA LYS F 25 -62.33 -45.48 40.68
C LYS F 25 -61.73 -46.00 41.97
N ASP F 26 -60.41 -45.95 42.15
CA ASP F 26 -59.77 -46.46 43.36
C ASP F 26 -59.84 -45.48 44.51
N ASP F 27 -60.19 -44.21 44.26
CA ASP F 27 -60.19 -43.21 45.32
C ASP F 27 -61.48 -43.22 46.13
N ILE F 28 -62.44 -44.05 45.78
CA ILE F 28 -63.76 -44.07 46.43
C ILE F 28 -63.76 -45.16 47.49
N THR F 29 -64.23 -44.82 48.69
CA THR F 29 -64.36 -45.77 49.79
C THR F 29 -65.71 -45.54 50.47
N LEU F 30 -66.18 -46.58 51.15
CA LEU F 30 -67.50 -46.56 51.77
C LEU F 30 -67.39 -46.91 53.26
N TYR F 31 -68.30 -46.32 54.04
CA TYR F 31 -68.42 -46.61 55.46
C TYR F 31 -69.89 -46.69 55.82
N ARG F 32 -70.18 -47.37 56.92
CA ARG F 32 -71.55 -47.59 57.35
C ARG F 32 -71.69 -47.35 58.84
N ASN F 33 -72.70 -46.58 59.22
CA ASN F 33 -73.10 -46.37 60.60
C ASN F 33 -71.90 -46.04 61.50
N LEU F 34 -71.25 -44.93 61.17
CA LEU F 34 -70.17 -44.35 61.98
C LEU F 34 -69.24 -45.45 62.51
N GLU F 35 -68.89 -46.38 61.64
CA GLU F 35 -68.00 -47.48 62.01
C GLU F 35 -66.66 -46.93 62.51
N THR F 37 -63.81 -49.26 59.99
CA THR F 37 -63.22 -50.03 58.91
C THR F 37 -64.10 -49.98 57.66
N PRO F 38 -63.53 -49.59 56.52
CA PRO F 38 -64.34 -49.48 55.31
C PRO F 38 -64.82 -50.85 54.83
N LEU F 39 -65.98 -50.83 54.16
CA LEU F 39 -66.53 -52.05 53.59
C LEU F 39 -65.60 -52.59 52.52
N VAL F 40 -65.34 -53.89 52.55
CA VAL F 40 -64.47 -54.53 51.57
C VAL F 40 -65.25 -54.75 50.28
N LEU F 41 -64.73 -54.23 49.18
CA LEU F 41 -65.39 -54.40 47.89
C LEU F 41 -65.34 -55.88 47.48
N GLY F 42 -66.46 -56.37 46.97
CA GLY F 42 -66.56 -57.76 46.56
C GLY F 42 -66.77 -58.70 47.73
N ASP F 44 -68.71 -56.74 49.59
CA ASP F 44 -69.87 -56.05 50.16
C ASP F 44 -70.48 -55.09 49.14
N TRP F 45 -69.62 -54.43 48.37
CA TRP F 45 -70.07 -53.50 47.34
C TRP F 45 -69.23 -53.70 46.09
N GLN F 46 -69.84 -53.41 44.94
CA GLN F 46 -69.15 -53.54 43.66
C GLN F 46 -69.68 -52.48 42.71
N TRP F 47 -68.83 -52.09 41.76
CA TRP F 47 -69.21 -51.09 40.78
C TRP F 47 -70.20 -51.66 39.77
N ASP F 48 -71.20 -50.84 39.41
CA ASP F 48 -72.17 -51.18 38.38
C ASP F 48 -72.32 -49.94 37.49
N GLY F 49 -71.48 -49.87 36.46
CA GLY F 49 -71.40 -48.67 35.64
C GLY F 49 -70.48 -47.63 36.25
N ASP F 50 -70.43 -46.47 35.60
CA ASP F 50 -69.54 -45.40 36.03
C ASP F 50 -70.17 -44.47 37.06
N THR F 51 -71.46 -44.64 37.38
CA THR F 51 -72.15 -43.74 38.28
C THR F 51 -73.08 -44.41 39.27
N HIS F 52 -73.05 -45.74 39.39
CA HIS F 52 -73.92 -46.47 40.31
C HIS F 52 -73.12 -47.50 41.08
N ILE F 53 -73.51 -47.73 42.32
CA ILE F 53 -72.88 -48.71 43.20
C ILE F 53 -73.94 -49.70 43.65
N ASN F 54 -73.65 -50.99 43.53
CA ASN F 54 -74.56 -52.05 43.92
C ASN F 54 -74.08 -52.68 45.22
N LEU F 55 -74.97 -52.75 46.21
CA LEU F 55 -74.64 -53.35 47.49
C LEU F 55 -74.86 -54.86 47.46
N LEU F 56 -73.95 -55.58 48.09
CA LEU F 56 -74.04 -57.04 48.14
C LEU F 56 -74.68 -57.49 49.46
N SER F 65 -80.25 -46.53 59.50
CA SER F 65 -78.87 -46.63 59.04
C SER F 65 -78.64 -45.70 57.85
N TYR F 66 -77.37 -45.42 57.57
CA TYR F 66 -77.00 -44.54 56.47
C TYR F 66 -75.63 -44.95 55.94
N ILE F 67 -75.35 -44.54 54.71
CA ILE F 67 -74.12 -44.87 54.01
C ILE F 67 -73.39 -43.59 53.68
N THR F 68 -72.07 -43.61 53.83
CA THR F 68 -71.22 -42.46 53.56
C THR F 68 -70.17 -42.83 52.52
N VAL F 69 -69.85 -41.86 51.65
CA VAL F 69 -68.84 -42.02 50.62
C VAL F 69 -67.81 -40.91 50.76
N ARG F 70 -66.53 -41.28 50.64
CA ARG F 70 -65.43 -40.33 50.82
C ARG F 70 -64.48 -40.44 49.64
N ARG F 71 -63.89 -39.31 49.27
CA ARG F 71 -62.97 -39.22 48.13
C ARG F 71 -61.64 -38.66 48.61
N ASN F 72 -60.54 -39.28 48.14
CA ASN F 72 -59.19 -38.89 48.57
C ASN F 72 -58.26 -39.06 47.37
N THR F 73 -57.86 -37.93 46.77
CA THR F 73 -56.92 -37.96 45.68
C THR F 73 -55.50 -38.16 46.18
N ASP F 74 -54.60 -38.48 45.26
CA ASP F 74 -53.20 -38.70 45.61
C ASP F 74 -52.54 -37.40 46.05
N ILE F 75 -51.69 -37.48 47.06
CA ILE F 75 -51.02 -36.31 47.61
C ILE F 75 -49.51 -36.42 47.57
N ASP F 76 -48.95 -37.61 47.29
CA ASP F 76 -47.50 -37.77 47.36
C ASP F 76 -46.78 -36.91 46.35
N ARG F 77 -47.28 -36.86 45.11
CA ARG F 77 -46.57 -36.16 44.04
C ARG F 77 -47.59 -35.46 43.14
N ALA F 78 -47.11 -34.45 42.43
CA ALA F 78 -47.89 -33.85 41.37
C ALA F 78 -47.91 -34.77 40.17
N PHE F 79 -49.05 -34.80 39.46
CA PHE F 79 -49.20 -35.76 38.37
C PHE F 79 -48.13 -35.57 37.30
N ASN F 80 -47.85 -34.32 36.93
CA ASN F 80 -46.90 -34.02 35.86
C ASN F 80 -45.78 -33.16 36.40
N ILE F 81 -44.54 -33.57 36.11
CA ILE F 81 -43.34 -32.83 36.50
C ILE F 81 -42.64 -32.41 35.22
N TYR F 82 -42.52 -31.10 35.00
CA TYR F 82 -41.91 -30.59 33.78
C TYR F 82 -40.40 -30.79 33.76
N ASP F 83 -39.78 -31.01 34.92
CA ASP F 83 -38.35 -31.29 34.96
C ASP F 83 -38.03 -32.69 34.48
N GLY F 84 -38.97 -33.63 34.60
CA GLY F 84 -38.73 -35.00 34.21
C GLY F 84 -39.16 -35.29 32.78
N GLY F 85 -39.36 -34.25 31.98
CA GLY F 85 -39.70 -34.42 30.59
C GLY F 85 -41.19 -34.41 30.28
N ALA F 86 -42.02 -33.93 31.18
CA ALA F 86 -43.46 -33.90 30.92
C ALA F 86 -43.77 -33.05 29.69
N ALA F 87 -44.76 -33.49 28.92
CA ALA F 87 -45.12 -32.80 27.70
C ALA F 87 -45.59 -31.38 27.99
N PHE F 88 -45.18 -30.43 27.16
CA PHE F 88 -45.53 -29.02 27.33
C PHE F 88 -46.72 -28.67 26.45
N ASN F 89 -47.91 -29.08 26.90
CA ASN F 89 -49.15 -28.77 26.21
C ASN F 89 -50.21 -28.40 27.24
N ARG F 90 -51.39 -28.02 26.73
CA ARG F 90 -52.42 -27.44 27.59
C ARG F 90 -53.00 -28.46 28.56
N GLU F 91 -53.13 -29.72 28.12
CA GLU F 91 -53.78 -30.73 28.93
C GLU F 91 -53.06 -30.97 30.25
N THR F 92 -51.73 -30.98 30.27
CA THR F 92 -51.00 -31.17 31.51
C THR F 92 -51.20 -30.01 32.48
N LEU F 93 -51.18 -28.77 32.00
CA LEU F 93 -51.47 -27.64 32.87
C LEU F 93 -52.87 -27.73 33.43
N ASP F 94 -53.85 -28.07 32.58
CA ASP F 94 -55.22 -28.20 33.05
C ASP F 94 -55.34 -29.30 34.10
N GLU F 95 -54.69 -30.44 33.88
CA GLU F 95 -54.74 -31.53 34.86
C GLU F 95 -54.10 -31.13 36.18
N ASN F 96 -52.95 -30.45 36.13
CA ASN F 96 -52.31 -30.01 37.36
C ASN F 96 -53.19 -29.03 38.13
N PHE F 97 -53.78 -28.06 37.43
CA PHE F 97 -54.64 -27.10 38.11
C PHE F 97 -55.88 -27.78 38.68
N LYS F 98 -56.45 -28.75 37.95
CA LYS F 98 -57.60 -29.48 38.46
C LYS F 98 -57.24 -30.28 39.71
N GLN F 99 -56.07 -30.92 39.73
CA GLN F 99 -55.63 -31.63 40.92
C GLN F 99 -55.46 -30.67 42.10
N MET F 100 -54.86 -29.51 41.83
CA MET F 100 -54.67 -28.53 42.90
C MET F 100 -56.01 -28.05 43.46
N ILE F 101 -56.99 -27.82 42.60
CA ILE F 101 -58.31 -27.39 43.07
C ILE F 101 -59.00 -28.51 43.84
N TYR F 102 -58.83 -29.76 43.37
CA TYR F 102 -59.44 -30.89 44.07
C TYR F 102 -58.86 -31.05 45.47
N LEU F 103 -57.54 -30.85 45.63
CA LEU F 103 -56.96 -30.93 46.95
C LEU F 103 -57.54 -29.88 47.90
N ALA F 104 -57.76 -28.66 47.40
CA ALA F 104 -58.42 -27.64 48.20
C ALA F 104 -59.84 -28.04 48.55
N GLN F 105 -60.61 -28.53 47.58
CA GLN F 105 -61.97 -28.98 47.87
C GLN F 105 -61.96 -30.08 48.93
N GLU F 106 -60.92 -30.90 48.95
CA GLU F 106 -60.85 -31.98 49.94
C GLU F 106 -60.52 -31.45 51.32
N PHE F 107 -59.37 -30.79 51.50
CA PHE F 107 -58.96 -30.45 52.86
C PHE F 107 -59.73 -29.24 53.39
N THR F 108 -60.49 -28.57 52.54
CA THR F 108 -61.33 -27.47 53.03
C THR F 108 -62.47 -27.98 53.89
N GLU F 109 -63.01 -29.16 53.56
CA GLU F 109 -64.11 -29.74 54.31
C GLU F 109 -63.66 -30.63 55.46
N GLY F 110 -62.36 -30.71 55.73
CA GLY F 110 -61.87 -31.55 56.80
C GLY F 110 -62.07 -33.03 56.56
N ASN F 111 -61.84 -33.51 55.34
CA ASN F 111 -62.09 -34.91 55.02
C ASN F 111 -61.14 -35.84 55.76
N GLY F 112 -59.86 -35.49 55.84
CA GLY F 112 -58.86 -36.39 56.38
C GLY F 112 -58.34 -36.04 57.76
N LEU F 113 -58.92 -35.01 58.38
CA LEU F 113 -58.48 -34.60 59.70
C LEU F 113 -58.69 -35.72 60.71
N THR F 114 -57.68 -35.96 61.54
CA THR F 114 -57.75 -36.99 62.57
C THR F 114 -57.15 -36.57 63.89
N GLY F 115 -56.69 -35.34 64.03
CA GLY F 115 -56.12 -34.88 65.28
C GLY F 115 -55.43 -33.55 65.11
N LEU F 116 -55.01 -33.00 66.24
CA LEU F 116 -54.32 -31.71 66.27
C LEU F 116 -53.13 -31.79 67.21
N TYR F 117 -52.14 -30.94 66.96
CA TYR F 117 -50.93 -30.86 67.77
C TYR F 117 -50.80 -29.52 68.48
N PHE F 118 -51.84 -28.68 68.45
CA PHE F 118 -51.79 -27.35 69.04
C PHE F 118 -53.15 -27.09 69.67
N PRO F 119 -53.20 -26.42 70.82
CA PRO F 119 -54.51 -26.15 71.45
C PRO F 119 -55.39 -25.29 70.55
N LEU F 120 -56.70 -25.48 70.72
CA LEU F 120 -57.71 -24.88 69.86
C LEU F 120 -58.57 -23.93 70.67
N ASP F 121 -58.91 -22.78 70.06
CA ASP F 121 -59.77 -21.77 70.67
C ASP F 121 -61.03 -21.66 69.83
N MET F 122 -62.18 -21.79 70.46
CA MET F 122 -63.47 -21.82 69.76
C MET F 122 -64.12 -20.46 69.62
N HIS F 123 -63.51 -19.41 70.15
CA HIS F 123 -64.06 -18.05 70.04
C HIS F 123 -65.48 -17.97 70.60
N GLY F 124 -65.72 -18.70 71.68
CA GLY F 124 -66.97 -18.60 72.41
C GLY F 124 -68.15 -19.36 71.82
N PHE F 125 -67.94 -20.12 70.74
CA PHE F 125 -69.03 -20.90 70.16
C PHE F 125 -69.16 -22.22 70.93
N GLN F 126 -69.99 -23.13 70.41
CA GLN F 126 -70.30 -24.37 71.11
C GLN F 126 -70.12 -25.55 70.18
N ILE F 127 -69.79 -26.70 70.76
CA ILE F 127 -69.64 -27.94 70.01
C ILE F 127 -70.87 -28.82 70.26
N LYS F 128 -71.42 -29.39 69.19
CA LYS F 128 -72.65 -30.15 69.25
C LYS F 128 -72.46 -31.51 68.61
N ASN F 129 -73.38 -32.43 68.93
CA ASN F 129 -73.36 -33.79 68.38
C ASN F 129 -72.10 -34.53 68.81
N LEU F 130 -71.81 -34.52 70.11
CA LEU F 130 -70.66 -35.23 70.64
C LEU F 130 -71.09 -36.57 71.21
N GLY F 131 -70.17 -37.55 71.12
CA GLY F 131 -70.45 -38.88 71.62
C GLY F 131 -70.05 -39.06 73.07
N GLU F 132 -70.67 -40.05 73.71
CA GLU F 132 -70.39 -40.30 75.12
C GLU F 132 -68.97 -40.84 75.29
N PRO F 133 -68.31 -40.49 76.40
CA PRO F 133 -66.94 -40.96 76.61
C PRO F 133 -66.90 -42.33 77.28
N THR F 134 -65.84 -43.07 76.97
CA THR F 134 -65.57 -44.34 77.63
C THR F 134 -64.28 -44.23 78.44
N ASP F 135 -63.20 -43.81 77.78
CA ASP F 135 -61.95 -43.51 78.45
C ASP F 135 -61.91 -42.02 78.81
N PRO F 136 -61.10 -41.64 79.81
CA PRO F 136 -61.07 -40.23 80.23
C PRO F 136 -60.84 -39.28 79.06
N GLY F 137 -61.86 -38.50 78.73
CA GLY F 137 -61.79 -37.56 77.62
C GLY F 137 -62.71 -36.38 77.84
N ASP F 138 -63.49 -36.04 76.81
CA ASP F 138 -64.51 -35.01 76.89
C ASP F 138 -65.87 -35.65 77.10
N ALA F 139 -66.69 -35.04 77.95
CA ALA F 139 -67.98 -35.57 78.34
C ALA F 139 -69.10 -34.72 77.76
N VAL F 140 -70.23 -35.37 77.51
CA VAL F 140 -71.40 -34.70 76.98
C VAL F 140 -72.27 -34.20 78.14
N THR F 141 -73.14 -33.24 77.84
CA THR F 141 -74.00 -32.66 78.88
C THR F 141 -74.89 -33.72 79.51
N LYS F 142 -75.36 -34.68 78.71
CA LYS F 142 -76.24 -35.71 79.24
C LYS F 142 -75.54 -36.54 80.31
N GLN F 143 -74.28 -36.88 80.09
CA GLN F 143 -73.54 -37.66 81.08
C GLN F 143 -73.42 -36.90 82.40
N TYR F 144 -73.12 -35.61 82.33
CA TYR F 144 -73.04 -34.79 83.53
C TYR F 144 -74.41 -34.55 84.15
N VAL F 145 -75.45 -34.45 83.32
CA VAL F 145 -76.80 -34.21 83.83
C VAL F 145 -77.26 -35.37 84.70
N ASP F 146 -76.78 -36.57 84.42
CA ASP F 146 -77.21 -37.76 85.16
C ASP F 146 -76.51 -37.83 86.52
N THR F 147 -76.70 -36.81 87.35
CA THR F 147 -76.14 -36.81 88.70
C THR F 147 -77.02 -37.61 89.65
N ALA F 148 -78.26 -37.15 89.85
CA ALA F 148 -79.27 -37.86 90.63
C ALA F 148 -78.70 -38.40 91.94
N ASN F 149 -78.22 -37.49 92.78
CA ASN F 149 -77.75 -37.86 94.11
C ASN F 149 -78.83 -37.61 95.15
N MET G 1 -87.39 23.50 -18.31
CA MET G 1 -87.24 22.10 -17.83
C MET G 1 -86.09 21.39 -18.57
N TYR G 2 -85.40 20.51 -17.85
CA TYR G 2 -84.30 19.74 -18.42
C TYR G 2 -84.56 18.25 -18.45
N SER G 3 -85.33 17.72 -17.49
CA SER G 3 -85.56 16.28 -17.39
C SER G 3 -86.92 15.85 -17.92
N VAL G 4 -87.92 16.74 -17.94
CA VAL G 4 -89.26 16.40 -18.36
C VAL G 4 -89.80 17.50 -19.27
N GLN G 5 -90.81 17.13 -20.06
CA GLN G 5 -91.52 18.08 -20.90
C GLN G 5 -92.96 17.59 -21.04
N ILE G 6 -93.85 18.53 -21.38
CA ILE G 6 -95.27 18.26 -21.47
C ILE G 6 -95.81 18.78 -22.79
N ALA G 7 -96.68 18.02 -23.42
CA ALA G 7 -97.34 18.42 -24.66
C ALA G 7 -98.84 18.29 -24.48
N VAL G 8 -99.57 19.30 -24.97
CA VAL G 8 -101.01 19.38 -24.81
C VAL G 8 -101.65 19.41 -26.19
N SER G 9 -102.67 18.58 -26.39
CA SER G 9 -103.37 18.51 -27.67
C SER G 9 -103.93 19.88 -28.06
N THR G 14 -100.13 13.64 -32.64
CA THR G 14 -99.63 12.61 -33.53
C THR G 14 -98.11 12.50 -33.43
N ARG G 15 -97.43 13.64 -33.48
CA ARG G 15 -95.99 13.70 -33.39
C ARG G 15 -95.58 14.57 -32.21
N ILE G 16 -94.55 14.12 -31.49
CA ILE G 16 -93.99 14.85 -30.36
C ILE G 16 -92.52 15.13 -30.64
N ALA G 17 -92.13 16.39 -30.55
CA ALA G 17 -90.76 16.80 -30.78
C ALA G 17 -90.03 16.87 -29.45
N LEU G 18 -88.97 16.06 -29.32
CA LEU G 18 -88.21 16.00 -28.08
C LEU G 18 -87.19 17.11 -28.04
N SER G 19 -87.23 17.93 -26.98
CA SER G 19 -86.26 19.00 -26.78
C SER G 19 -85.17 18.61 -25.79
N ILE G 20 -85.44 17.65 -24.91
CA ILE G 20 -84.47 17.23 -23.91
C ILE G 20 -83.42 16.33 -24.57
N GLU G 21 -82.33 16.08 -23.87
CA GLU G 21 -81.27 15.20 -24.34
C GLU G 21 -81.20 13.96 -23.47
N TYR G 22 -80.51 12.94 -23.96
CA TYR G 22 -80.43 11.67 -23.25
C TYR G 22 -79.16 10.94 -23.67
N PHE G 23 -78.78 9.95 -22.86
CA PHE G 23 -77.64 9.10 -23.17
C PHE G 23 -78.01 7.95 -24.09
N GLU G 24 -79.11 7.25 -23.77
CA GLU G 24 -79.58 6.13 -24.58
C GLU G 24 -81.09 6.25 -24.76
N LYS G 25 -81.59 5.65 -25.84
CA LYS G 25 -83.01 5.72 -26.14
C LYS G 25 -83.86 4.94 -25.14
N ASP G 26 -83.25 4.11 -24.29
CA ASP G 26 -84.00 3.32 -23.33
C ASP G 26 -84.42 4.11 -22.09
N ASP G 27 -83.85 5.30 -21.89
CA ASP G 27 -84.14 6.06 -20.68
C ASP G 27 -85.42 6.89 -20.80
N ILE G 28 -86.06 6.88 -21.96
CA ILE G 28 -87.23 7.71 -22.23
C ILE G 28 -88.49 6.88 -21.98
N THR G 29 -89.43 7.45 -21.24
CA THR G 29 -90.71 6.81 -20.97
C THR G 29 -91.81 7.85 -21.12
N LEU G 30 -93.04 7.37 -21.38
CA LEU G 30 -94.18 8.23 -21.65
C LEU G 30 -95.33 7.90 -20.70
N TYR G 31 -96.10 8.93 -20.37
CA TYR G 31 -97.31 8.80 -19.57
C TYR G 31 -98.39 9.70 -20.16
N ARG G 32 -99.64 9.36 -19.86
CA ARG G 32 -100.79 10.08 -20.40
C ARG G 32 -101.82 10.35 -19.31
N ASN G 33 -102.27 11.60 -19.23
CA ASN G 33 -103.37 12.02 -18.38
C ASN G 33 -103.21 11.48 -16.95
N LEU G 34 -102.12 11.92 -16.31
CA LEU G 34 -101.85 11.64 -14.90
C LEU G 34 -102.23 10.21 -14.52
N GLU G 35 -101.85 9.27 -15.38
CA GLU G 35 -102.14 7.86 -15.14
C GLU G 35 -101.54 7.41 -13.82
N THR G 37 -99.27 3.80 -15.12
CA THR G 37 -98.54 2.82 -15.91
C THR G 37 -98.10 3.43 -17.24
N PRO G 38 -96.81 3.37 -17.55
CA PRO G 38 -96.33 3.97 -18.80
C PRO G 38 -96.86 3.24 -20.02
N LEU G 39 -97.00 3.99 -21.11
CA LEU G 39 -97.45 3.43 -22.36
C LEU G 39 -96.43 2.42 -22.88
N VAL G 40 -96.91 1.25 -23.31
CA VAL G 40 -96.03 0.21 -23.81
C VAL G 40 -95.63 0.54 -25.25
N LEU G 41 -94.34 0.59 -25.50
CA LEU G 41 -93.85 0.89 -26.85
C LEU G 41 -94.20 -0.26 -27.78
N GLY G 42 -94.67 0.09 -28.98
CA GLY G 42 -95.06 -0.90 -29.96
C GLY G 42 -96.43 -1.48 -29.70
N ASP G 44 -97.90 1.27 -28.52
CA ASP G 44 -98.61 2.55 -28.43
C ASP G 44 -97.78 3.66 -29.03
N TRP G 45 -96.46 3.62 -28.81
CA TRP G 45 -95.55 4.62 -29.35
C TRP G 45 -94.31 3.92 -29.87
N GLN G 46 -93.68 4.54 -30.86
CA GLN G 46 -92.46 3.99 -31.45
C GLN G 46 -91.59 5.15 -31.91
N TRP G 47 -90.28 4.89 -31.95
CA TRP G 47 -89.33 5.90 -32.39
C TRP G 47 -89.41 6.11 -33.89
N ASP G 48 -89.32 7.37 -34.31
CA ASP G 48 -89.25 7.75 -35.72
C ASP G 48 -88.13 8.79 -35.85
N GLY G 49 -86.92 8.30 -36.09
CA GLY G 49 -85.75 9.16 -36.07
C GLY G 49 -85.22 9.36 -34.66
N ASP G 50 -84.20 10.21 -34.55
CA ASP G 50 -83.55 10.44 -33.28
C ASP G 50 -84.19 11.57 -32.48
N THR G 51 -85.19 12.26 -33.02
CA THR G 51 -85.78 13.40 -32.35
C THR G 51 -87.29 13.49 -32.47
N HIS G 52 -87.96 12.47 -32.98
CA HIS G 52 -89.41 12.47 -33.14
C HIS G 52 -90.00 11.17 -32.64
N ILE G 53 -91.20 11.25 -32.08
CA ILE G 53 -91.94 10.08 -31.58
C ILE G 53 -93.28 10.02 -32.29
N ASN G 54 -93.62 8.85 -32.81
CA ASN G 54 -94.87 8.63 -33.52
C ASN G 54 -95.82 7.84 -32.63
N LEU G 55 -97.03 8.36 -32.45
CA LEU G 55 -98.04 7.69 -31.65
C LEU G 55 -98.82 6.69 -32.48
N LEU G 56 -99.12 5.54 -31.88
CA LEU G 56 -99.87 4.49 -32.57
C LEU G 56 -101.34 4.56 -32.20
N SER G 65 -106.49 16.52 -23.11
CA SER G 65 -105.47 15.55 -22.74
C SER G 65 -104.08 16.11 -23.01
N TYR G 66 -103.06 15.50 -22.39
CA TYR G 66 -101.69 15.94 -22.55
C TYR G 66 -100.76 14.74 -22.38
N ILE G 67 -99.55 14.87 -22.91
CA ILE G 67 -98.54 13.81 -22.88
C ILE G 67 -97.32 14.32 -22.12
N THR G 68 -96.74 13.44 -21.31
CA THR G 68 -95.57 13.77 -20.52
C THR G 68 -94.43 12.81 -20.84
N VAL G 69 -93.21 13.34 -20.82
CA VAL G 69 -92.00 12.56 -21.09
C VAL G 69 -91.06 12.74 -19.92
N ARG G 70 -90.44 11.65 -19.48
CA ARG G 70 -89.55 11.64 -18.33
C ARG G 70 -88.25 10.94 -18.68
N ARG G 71 -87.15 11.43 -18.11
CA ARG G 71 -85.82 10.90 -18.37
C ARG G 71 -85.18 10.46 -17.05
N ASN G 72 -84.55 9.28 -17.07
CA ASN G 72 -83.95 8.71 -15.86
C ASN G 72 -82.68 7.97 -16.27
N THR G 73 -81.53 8.57 -15.95
CA THR G 73 -80.25 7.93 -16.23
C THR G 73 -79.94 6.86 -15.20
N ASP G 74 -78.95 6.03 -15.51
CA ASP G 74 -78.55 4.96 -14.61
C ASP G 74 -77.92 5.54 -13.34
N ILE G 75 -78.23 4.91 -12.21
CA ILE G 75 -77.72 5.38 -10.92
C ILE G 75 -76.93 4.31 -10.17
N ASP G 76 -76.97 3.05 -10.61
CA ASP G 76 -76.33 1.98 -9.86
C ASP G 76 -74.81 2.17 -9.78
N ARG G 77 -74.19 2.53 -10.90
CA ARG G 77 -72.73 2.62 -10.95
C ARG G 77 -72.32 3.81 -11.80
N ALA G 78 -71.10 4.26 -11.57
CA ALA G 78 -70.48 5.24 -12.47
C ALA G 78 -70.06 4.54 -13.76
N PHE G 79 -70.17 5.25 -14.88
CA PHE G 79 -69.93 4.62 -16.17
C PHE G 79 -68.50 4.07 -16.25
N ASN G 80 -67.52 4.84 -15.79
CA ASN G 80 -66.11 4.46 -15.89
C ASN G 80 -65.50 4.38 -14.50
N ILE G 81 -64.83 3.27 -14.22
CA ILE G 81 -64.12 3.05 -12.96
C ILE G 81 -62.64 2.93 -13.30
N TYR G 82 -61.83 3.85 -12.77
CA TYR G 82 -60.40 3.83 -13.07
C TYR G 82 -59.67 2.71 -12.35
N ASP G 83 -60.26 2.14 -11.30
CA ASP G 83 -59.65 1.00 -10.63
C ASP G 83 -59.78 -0.28 -11.45
N GLY G 84 -60.79 -0.38 -12.29
CA GLY G 84 -61.01 -1.58 -13.07
C GLY G 84 -60.37 -1.53 -14.45
N GLY G 85 -59.42 -0.61 -14.63
CA GLY G 85 -58.69 -0.51 -15.88
C GLY G 85 -59.26 0.46 -16.90
N ALA G 86 -60.13 1.38 -16.49
CA ALA G 86 -60.70 2.32 -17.44
C ALA G 86 -59.62 3.17 -18.07
N ALA G 87 -59.79 3.47 -19.36
CA ALA G 87 -58.80 4.23 -20.10
C ALA G 87 -58.62 5.62 -19.50
N PHE G 88 -57.37 6.08 -19.42
CA PHE G 88 -57.04 7.38 -18.83
C PHE G 88 -56.89 8.42 -19.94
N ASN G 89 -58.03 8.87 -20.45
CA ASN G 89 -58.06 9.92 -21.46
C ASN G 89 -59.19 10.88 -21.15
N ARG G 90 -59.29 11.94 -21.96
CA ARG G 90 -60.19 13.05 -21.65
C ARG G 90 -61.66 12.65 -21.77
N GLU G 91 -61.98 11.77 -22.72
CA GLU G 91 -63.38 11.42 -22.97
C GLU G 91 -64.05 10.77 -21.77
N THR G 92 -63.34 9.90 -21.04
CA THR G 92 -63.92 9.29 -19.85
C THR G 92 -64.19 10.30 -18.75
N LEU G 93 -63.28 11.23 -18.51
CA LEU G 93 -63.53 12.27 -17.52
C LEU G 93 -64.72 13.12 -17.94
N ASP G 94 -64.79 13.49 -19.21
CA ASP G 94 -65.93 14.28 -19.69
C ASP G 94 -67.24 13.52 -19.52
N GLU G 95 -67.25 12.23 -19.85
CA GLU G 95 -68.46 11.44 -19.69
C GLU G 95 -68.88 11.33 -18.23
N ASN G 96 -67.92 11.11 -17.33
CA ASN G 96 -68.25 11.01 -15.92
C ASN G 96 -68.83 12.33 -15.40
N PHE G 97 -68.20 13.46 -15.77
CA PHE G 97 -68.71 14.75 -15.31
C PHE G 97 -70.10 15.02 -15.89
N LYS G 98 -70.32 14.66 -17.16
CA LYS G 98 -71.62 14.85 -17.76
C LYS G 98 -72.69 14.01 -17.06
N GLN G 99 -72.36 12.75 -16.71
CA GLN G 99 -73.31 11.93 -15.97
C GLN G 99 -73.61 12.55 -14.60
N MET G 100 -72.58 13.05 -13.93
CA MET G 100 -72.79 13.67 -12.62
C MET G 100 -73.69 14.90 -12.73
N ILE G 101 -73.49 15.72 -13.77
CA ILE G 101 -74.34 16.89 -13.95
C ILE G 101 -75.76 16.48 -14.30
N TYR G 102 -75.91 15.43 -15.11
CA TYR G 102 -77.25 14.96 -15.46
C TYR G 102 -78.00 14.46 -14.24
N LEU G 103 -77.32 13.77 -13.32
CA LEU G 103 -77.99 13.32 -12.11
C LEU G 103 -78.49 14.49 -11.28
N ALA G 104 -77.70 15.57 -11.20
CA ALA G 104 -78.16 16.78 -10.51
C ALA G 104 -79.35 17.39 -11.21
N GLN G 105 -79.29 17.52 -12.54
CA GLN G 105 -80.43 18.04 -13.28
C GLN G 105 -81.68 17.22 -13.04
N GLU G 106 -81.51 15.90 -12.85
CA GLU G 106 -82.67 15.04 -12.61
C GLU G 106 -83.24 15.23 -11.22
N PHE G 107 -82.44 14.98 -10.16
CA PHE G 107 -83.03 14.99 -8.83
C PHE G 107 -83.28 16.40 -8.32
N THR G 108 -82.78 17.42 -9.02
CA THR G 108 -83.07 18.79 -8.63
C THR G 108 -84.54 19.13 -8.87
N GLU G 109 -85.12 18.58 -9.93
CA GLU G 109 -86.51 18.86 -10.28
C GLU G 109 -87.49 17.89 -9.64
N GLY G 110 -87.02 16.98 -8.78
CA GLY G 110 -87.90 16.03 -8.15
C GLY G 110 -88.51 15.03 -9.10
N ASN G 111 -87.74 14.52 -10.06
CA ASN G 111 -88.29 13.61 -11.06
C ASN G 111 -88.72 12.28 -10.45
N GLY G 112 -87.93 11.72 -9.54
CA GLY G 112 -88.19 10.39 -9.04
C GLY G 112 -88.74 10.33 -7.62
N LEU G 113 -89.03 11.49 -7.03
CA LEU G 113 -89.54 11.51 -5.67
C LEU G 113 -90.88 10.80 -5.59
N THR G 114 -91.04 9.95 -4.57
CA THR G 114 -92.28 9.20 -4.37
C THR G 114 -92.71 9.15 -2.91
N GLY G 115 -92.00 9.79 -1.99
CA GLY G 115 -92.37 9.76 -0.59
C GLY G 115 -91.28 10.33 0.27
N LEU G 116 -91.60 10.48 1.55
CA LEU G 116 -90.66 11.01 2.53
C LEU G 116 -90.73 10.18 3.80
N TYR G 117 -89.63 10.19 4.56
CA TYR G 117 -89.53 9.46 5.82
C TYR G 117 -89.37 10.39 7.01
N PHE G 118 -89.50 11.71 6.81
CA PHE G 118 -89.30 12.70 7.86
C PHE G 118 -90.37 13.77 7.68
N PRO G 119 -90.89 14.32 8.77
CA PRO G 119 -91.91 15.37 8.63
C PRO G 119 -91.36 16.60 7.92
N LEU G 120 -92.27 17.30 7.24
CA LEU G 120 -91.92 18.41 6.37
C LEU G 120 -92.52 19.70 6.91
N ASP G 121 -91.76 20.79 6.83
CA ASP G 121 -92.19 22.11 7.25
C ASP G 121 -92.21 23.02 6.02
N MET G 122 -93.34 23.67 5.79
CA MET G 122 -93.56 24.47 4.59
C MET G 122 -93.17 25.94 4.76
N HIS G 123 -92.75 26.35 5.95
CA HIS G 123 -92.34 27.73 6.20
C HIS G 123 -93.48 28.70 5.86
N GLY G 124 -94.70 28.31 6.14
CA GLY G 124 -95.84 29.19 6.02
C GLY G 124 -96.39 29.37 4.63
N PHE G 125 -95.88 28.67 3.63
CA PHE G 125 -96.39 28.76 2.28
C PHE G 125 -97.61 27.85 2.14
N GLN G 126 -98.11 27.71 0.91
CA GLN G 126 -99.34 26.96 0.66
C GLN G 126 -99.11 25.94 -0.44
N ILE G 127 -99.87 24.85 -0.40
CA ILE G 127 -99.82 23.81 -1.41
C ILE G 127 -101.05 23.94 -2.30
N LYS G 128 -100.84 23.86 -3.61
CA LYS G 128 -101.90 24.08 -4.59
C LYS G 128 -101.96 22.92 -5.56
N ASN G 129 -103.09 22.81 -6.26
CA ASN G 129 -103.32 21.77 -7.26
C ASN G 129 -103.28 20.38 -6.62
N LEU G 130 -104.05 20.21 -5.54
CA LEU G 130 -104.14 18.92 -4.87
C LEU G 130 -105.37 18.16 -5.32
N GLY G 131 -105.27 16.83 -5.35
CA GLY G 131 -106.37 15.99 -5.76
C GLY G 131 -107.27 15.60 -4.60
N GLU G 132 -108.51 15.25 -4.94
CA GLU G 132 -109.48 14.88 -3.92
C GLU G 132 -109.09 13.55 -3.28
N PRO G 133 -109.36 13.38 -1.98
CA PRO G 133 -108.99 12.14 -1.30
C PRO G 133 -110.07 11.07 -1.44
N THR G 134 -109.62 9.82 -1.43
CA THR G 134 -110.52 8.67 -1.40
C THR G 134 -110.35 7.92 -0.08
N ASP G 135 -109.12 7.54 0.24
CA ASP G 135 -108.79 6.97 1.52
C ASP G 135 -108.35 8.06 2.48
N PRO G 136 -108.45 7.84 3.80
CA PRO G 136 -108.09 8.89 4.75
C PRO G 136 -106.70 9.46 4.50
N GLY G 137 -106.65 10.72 4.07
CA GLY G 137 -105.41 11.39 3.76
C GLY G 137 -105.50 12.89 3.97
N ASP G 138 -105.05 13.65 2.98
CA ASP G 138 -105.19 15.10 2.96
C ASP G 138 -106.35 15.49 2.05
N ALA G 139 -107.11 16.48 2.51
CA ALA G 139 -108.33 16.91 1.83
C ALA G 139 -108.12 18.29 1.21
N VAL G 140 -108.85 18.53 0.13
CA VAL G 140 -108.79 19.81 -0.57
C VAL G 140 -109.85 20.73 0.00
N THR G 141 -109.67 22.04 -0.24
CA THR G 141 -110.61 23.03 0.30
C THR G 141 -112.02 22.80 -0.23
N LYS G 142 -112.14 22.38 -1.49
CA LYS G 142 -113.46 22.16 -2.07
C LYS G 142 -114.22 21.08 -1.32
N GLN G 143 -113.55 19.99 -0.95
CA GLN G 143 -114.21 18.92 -0.22
C GLN G 143 -114.74 19.43 1.12
N TYR G 144 -113.93 20.22 1.84
CA TYR G 144 -114.38 20.78 3.10
C TYR G 144 -115.44 21.86 2.90
N VAL G 145 -115.36 22.62 1.80
CA VAL G 145 -116.34 23.66 1.55
C VAL G 145 -117.73 23.08 1.37
N ASP G 146 -117.82 21.85 0.88
CA ASP G 146 -119.12 21.23 0.62
C ASP G 146 -119.73 20.72 1.92
N THR G 147 -119.97 21.63 2.87
CA THR G 147 -120.63 21.25 4.11
C THR G 147 -122.14 21.22 3.95
N ALA G 148 -122.74 22.37 3.63
CA ALA G 148 -124.16 22.49 3.30
C ALA G 148 -125.02 21.70 4.28
N ASN G 149 -124.95 22.09 5.55
CA ASN G 149 -125.81 21.50 6.57
C ASN G 149 -127.02 22.38 6.83
N TYR H 2 -31.94 70.03 -25.36
CA TYR H 2 -30.61 69.45 -25.47
C TYR H 2 -29.61 70.43 -26.06
N SER H 3 -30.01 71.16 -27.09
CA SER H 3 -29.10 71.98 -27.87
C SER H 3 -29.35 73.47 -27.76
N VAL H 4 -30.50 73.90 -27.23
CA VAL H 4 -30.85 75.32 -27.17
C VAL H 4 -31.22 75.68 -25.74
N GLN H 5 -30.81 76.88 -25.33
CA GLN H 5 -31.12 77.43 -24.03
C GLN H 5 -31.53 78.88 -24.19
N ILE H 6 -32.55 79.28 -23.43
CA ILE H 6 -33.10 80.63 -23.49
C ILE H 6 -33.26 81.16 -22.08
N ALA H 7 -32.95 82.44 -21.90
CA ALA H 7 -33.08 83.11 -20.61
C ALA H 7 -33.80 84.44 -20.82
N VAL H 8 -34.88 84.64 -20.07
CA VAL H 8 -35.67 85.87 -20.13
C VAL H 8 -35.31 86.71 -18.92
N SER H 9 -34.87 87.95 -19.16
CA SER H 9 -34.38 88.80 -18.10
C SER H 9 -35.48 89.70 -17.55
N ASP H 10 -35.56 89.80 -16.23
CA ASP H 10 -36.49 90.73 -15.60
C ASP H 10 -35.89 92.13 -15.41
N GLY H 11 -34.60 92.30 -15.70
CA GLY H 11 -33.97 93.59 -15.57
C GLY H 11 -32.60 93.54 -14.91
N THR H 12 -32.11 92.34 -14.61
CA THR H 12 -30.84 92.18 -13.94
C THR H 12 -29.97 91.06 -14.50
N LEU H 13 -30.30 90.53 -15.69
CA LEU H 13 -29.52 89.44 -16.25
C LEU H 13 -28.14 89.92 -16.65
N THR H 14 -27.11 89.32 -16.08
CA THR H 14 -25.72 89.63 -16.44
C THR H 14 -24.84 88.41 -16.64
N ARG H 15 -25.18 87.25 -16.10
CA ARG H 15 -24.40 86.03 -16.24
C ARG H 15 -25.31 84.87 -16.59
N ILE H 16 -24.77 83.91 -17.35
CA ILE H 16 -25.51 82.74 -17.79
C ILE H 16 -24.69 81.50 -17.44
N ALA H 17 -25.36 80.50 -16.87
CA ALA H 17 -24.74 79.22 -16.55
C ALA H 17 -25.19 78.18 -17.58
N LEU H 18 -24.22 77.61 -18.28
CA LEU H 18 -24.54 76.67 -19.35
C LEU H 18 -25.17 75.41 -18.79
N SER H 19 -26.14 74.86 -19.53
CA SER H 19 -26.82 73.63 -19.15
C SER H 19 -26.88 72.66 -20.32
N ILE H 20 -25.94 72.77 -21.26
CA ILE H 20 -25.88 71.90 -22.43
C ILE H 20 -24.42 71.53 -22.67
N GLU H 21 -24.20 70.29 -23.11
CA GLU H 21 -22.87 69.77 -23.35
C GLU H 21 -22.46 70.01 -24.80
N TYR H 22 -21.16 69.85 -25.06
CA TYR H 22 -20.62 70.10 -26.38
C TYR H 22 -19.28 69.37 -26.51
N PHE H 23 -18.76 69.33 -27.74
CA PHE H 23 -17.47 68.72 -28.01
C PHE H 23 -16.33 69.72 -27.85
N GLU H 24 -16.46 70.90 -28.44
CA GLU H 24 -15.46 71.95 -28.33
C GLU H 24 -16.15 73.30 -28.20
N LYS H 25 -15.42 74.27 -27.67
CA LYS H 25 -16.00 75.57 -27.38
C LYS H 25 -16.39 76.34 -28.64
N ASP H 26 -15.85 75.96 -29.80
CA ASP H 26 -16.14 76.68 -31.04
C ASP H 26 -17.58 76.49 -31.51
N ASP H 27 -18.33 75.57 -30.91
CA ASP H 27 -19.67 75.25 -31.41
C ASP H 27 -20.74 76.16 -30.84
N ILE H 28 -20.42 76.97 -29.83
CA ILE H 28 -21.41 77.77 -29.10
C ILE H 28 -21.45 79.17 -29.70
N THR H 29 -22.64 79.74 -29.78
CA THR H 29 -22.84 81.10 -30.28
C THR H 29 -24.04 81.72 -29.60
N LEU H 30 -24.10 83.06 -29.63
CA LEU H 30 -25.18 83.82 -29.04
C LEU H 30 -25.81 84.71 -30.11
N TYR H 31 -27.13 84.93 -30.00
CA TYR H 31 -27.88 85.67 -31.01
C TYR H 31 -28.79 86.75 -30.43
N ARG H 32 -28.68 87.06 -29.14
CA ARG H 32 -29.60 87.99 -28.48
C ARG H 32 -31.02 87.43 -28.67
N ASN H 33 -32.02 88.27 -28.95
CA ASN H 33 -33.41 87.83 -28.95
C ASN H 33 -33.95 87.53 -30.34
N LEU H 34 -34.02 88.52 -31.22
CA LEU H 34 -34.67 88.35 -32.52
C LEU H 34 -33.86 89.02 -33.61
N GLU H 35 -32.55 88.83 -33.60
CA GLU H 35 -31.66 89.40 -34.59
C GLU H 35 -31.00 88.29 -35.39
N LEU H 36 -30.72 88.59 -36.66
CA LEU H 36 -30.10 87.62 -37.57
C LEU H 36 -28.59 87.79 -37.66
N THR H 37 -27.96 88.27 -36.59
CA THR H 37 -26.52 88.46 -36.58
C THR H 37 -26.00 88.05 -35.20
N PRO H 38 -25.05 87.12 -35.12
CA PRO H 38 -24.55 86.69 -33.82
C PRO H 38 -23.71 87.75 -33.14
N LEU H 39 -23.70 87.69 -31.81
CA LEU H 39 -22.88 88.61 -31.02
C LEU H 39 -21.40 88.29 -31.22
N VAL H 40 -20.58 89.34 -31.31
CA VAL H 40 -19.15 89.18 -31.59
C VAL H 40 -18.45 88.72 -30.31
N LEU H 41 -17.72 87.62 -30.42
CA LEU H 41 -16.94 87.12 -29.29
C LEU H 41 -15.77 88.05 -29.00
N GLY H 42 -15.50 88.28 -27.72
CA GLY H 42 -14.41 89.13 -27.29
C GLY H 42 -14.80 90.57 -27.02
N THR H 43 -15.94 91.02 -27.56
CA THR H 43 -16.44 92.36 -27.33
C THR H 43 -17.82 92.39 -26.69
N ASP H 44 -18.62 91.34 -26.87
CA ASP H 44 -19.96 91.27 -26.30
C ASP H 44 -20.08 90.22 -25.20
N TRP H 45 -19.23 89.18 -25.20
CA TRP H 45 -19.27 88.18 -24.15
C TRP H 45 -17.91 87.50 -24.07
N GLN H 46 -17.66 86.88 -22.92
CA GLN H 46 -16.41 86.18 -22.65
C GLN H 46 -16.68 84.78 -22.13
N TRP H 47 -15.69 83.92 -22.29
CA TRP H 47 -15.72 82.62 -21.62
C TRP H 47 -15.07 82.72 -20.24
N ASP H 48 -15.82 82.38 -19.21
CA ASP H 48 -15.34 82.38 -17.84
C ASP H 48 -15.22 80.93 -17.39
N GLY H 49 -13.98 80.47 -17.20
CA GLY H 49 -13.78 79.06 -16.93
C GLY H 49 -14.33 78.22 -18.06
N ASP H 50 -15.14 77.23 -17.71
CA ASP H 50 -15.83 76.39 -18.68
C ASP H 50 -17.30 76.20 -18.37
N THR H 51 -17.87 76.98 -17.44
CA THR H 51 -19.25 76.81 -17.01
C THR H 51 -20.08 78.08 -17.09
N HIS H 52 -19.46 79.26 -17.17
CA HIS H 52 -20.17 80.52 -17.13
C HIS H 52 -19.79 81.39 -18.32
N ILE H 53 -20.72 82.26 -18.72
CA ILE H 53 -20.51 83.21 -19.80
C ILE H 53 -20.86 84.59 -19.25
N ASN H 54 -19.96 85.56 -19.47
CA ASN H 54 -20.12 86.91 -18.95
C ASN H 54 -20.35 87.88 -20.09
N LEU H 55 -21.38 88.72 -19.95
CA LEU H 55 -21.67 89.75 -20.94
C LEU H 55 -20.80 90.97 -20.68
N LEU H 56 -20.58 91.76 -21.75
CA LEU H 56 -19.72 92.93 -21.67
C LEU H 56 -20.37 94.21 -22.19
N THR H 57 -21.26 94.13 -23.17
CA THR H 57 -21.89 95.32 -23.75
C THR H 57 -23.38 95.27 -23.44
N GLY H 58 -23.88 96.35 -22.83
CA GLY H 58 -25.26 96.37 -22.41
C GLY H 58 -25.58 95.23 -21.45
N ILE H 59 -24.72 95.01 -20.46
CA ILE H 59 -24.85 93.85 -19.58
C ILE H 59 -26.20 93.84 -18.86
N PRO H 60 -26.75 94.99 -18.41
CA PRO H 60 -28.09 94.91 -17.81
C PRO H 60 -29.16 94.82 -18.89
N VAL H 61 -29.71 93.63 -19.07
CA VAL H 61 -30.64 93.41 -20.19
C VAL H 61 -31.98 94.06 -19.86
N PRO H 62 -32.52 94.93 -20.73
CA PRO H 62 -33.84 95.53 -20.45
C PRO H 62 -34.91 94.50 -20.18
N VAL H 63 -36.02 94.93 -19.58
CA VAL H 63 -37.09 94.01 -19.23
C VAL H 63 -37.75 93.49 -20.51
N GLY H 64 -37.94 92.18 -20.59
CA GLY H 64 -38.59 91.56 -21.72
C GLY H 64 -37.66 91.01 -22.78
N SER H 65 -36.39 91.37 -22.77
CA SER H 65 -35.44 90.83 -23.74
C SER H 65 -34.81 89.55 -23.21
N TYR H 66 -34.43 88.67 -24.13
CA TYR H 66 -33.89 87.37 -23.77
C TYR H 66 -32.68 87.05 -24.63
N ILE H 67 -31.83 86.17 -24.11
CA ILE H 67 -30.60 85.72 -24.77
C ILE H 67 -30.73 84.24 -25.07
N THR H 68 -30.24 83.83 -26.24
CA THR H 68 -30.34 82.45 -26.69
C THR H 68 -28.96 81.90 -27.00
N VAL H 69 -28.78 80.61 -26.77
CA VAL H 69 -27.52 79.91 -26.99
C VAL H 69 -27.77 78.77 -27.96
N ARG H 70 -26.85 78.57 -28.90
CA ARG H 70 -27.00 77.59 -29.96
C ARG H 70 -25.76 76.70 -30.01
N ARG H 71 -25.93 75.50 -30.56
CA ARG H 71 -24.85 74.54 -30.73
C ARG H 71 -24.85 73.98 -32.13
N ASN H 72 -23.66 73.66 -32.64
CA ASN H 72 -23.50 73.11 -33.98
C ASN H 72 -22.18 72.35 -34.05
N THR H 73 -22.27 71.04 -34.23
CA THR H 73 -21.09 70.19 -34.30
C THR H 73 -20.62 70.01 -35.73
N ASP H 74 -19.39 69.51 -35.88
CA ASP H 74 -18.81 69.29 -37.19
C ASP H 74 -19.62 68.24 -37.96
N ILE H 75 -19.79 68.48 -39.25
CA ILE H 75 -20.62 67.61 -40.09
C ILE H 75 -19.85 67.19 -41.34
N ASP H 76 -18.66 67.75 -41.54
CA ASP H 76 -17.92 67.49 -42.77
C ASP H 76 -17.36 66.07 -42.81
N ARG H 77 -16.80 65.59 -41.71
CA ARG H 77 -16.15 64.29 -41.67
C ARG H 77 -16.22 63.71 -40.27
N ALA H 78 -16.03 62.40 -40.19
CA ALA H 78 -15.96 61.73 -38.89
C ALA H 78 -14.68 62.10 -38.17
N PHE H 79 -14.76 62.16 -36.84
CA PHE H 79 -13.59 62.54 -36.05
C PHE H 79 -12.44 61.56 -36.24
N ASN H 80 -12.75 60.26 -36.21
CA ASN H 80 -11.72 59.22 -36.30
C ASN H 80 -11.89 58.45 -37.60
N ILE H 81 -10.80 58.34 -38.35
CA ILE H 81 -10.74 57.53 -39.56
C ILE H 81 -9.61 56.55 -39.39
N TYR H 82 -9.93 55.26 -39.32
CA TYR H 82 -8.92 54.24 -39.05
C TYR H 82 -7.92 54.14 -40.19
N ASP H 83 -8.39 54.24 -41.43
CA ASP H 83 -7.49 54.14 -42.57
C ASP H 83 -6.50 55.30 -42.63
N GLY H 84 -6.74 56.37 -41.89
CA GLY H 84 -5.85 57.51 -41.88
C GLY H 84 -4.89 57.52 -40.71
N GLY H 85 -4.73 56.38 -40.04
CA GLY H 85 -3.80 56.25 -38.94
C GLY H 85 -4.42 56.32 -37.56
N ALA H 86 -5.75 56.43 -37.46
CA ALA H 86 -6.39 56.47 -36.15
C ALA H 86 -6.37 55.09 -35.51
N ALA H 87 -6.02 55.04 -34.22
CA ALA H 87 -5.98 53.78 -33.51
C ALA H 87 -7.39 53.25 -33.26
N PHE H 88 -7.48 51.93 -33.05
CA PHE H 88 -8.76 51.29 -32.79
C PHE H 88 -8.92 51.01 -31.30
N ASN H 89 -9.80 51.76 -30.65
CA ASN H 89 -10.08 51.60 -29.24
C ASN H 89 -11.60 51.63 -29.06
N ARG H 90 -12.06 51.50 -27.81
CA ARG H 90 -13.47 51.66 -27.51
C ARG H 90 -13.89 53.12 -27.66
N GLU H 91 -13.00 54.05 -27.25
CA GLU H 91 -13.32 55.46 -27.32
C GLU H 91 -13.53 55.93 -28.75
N THR H 92 -12.72 55.44 -29.69
CA THR H 92 -12.86 55.85 -31.08
C THR H 92 -14.18 55.43 -31.69
N LEU H 93 -14.86 54.44 -31.13
CA LEU H 93 -16.19 54.03 -31.59
C LEU H 93 -17.28 54.78 -30.84
N ASP H 94 -17.12 54.91 -29.52
CA ASP H 94 -18.11 55.63 -28.73
C ASP H 94 -18.24 57.08 -29.19
N GLU H 95 -17.10 57.74 -29.42
CA GLU H 95 -17.13 59.12 -29.91
C GLU H 95 -17.76 59.20 -31.29
N ASN H 96 -17.46 58.24 -32.16
CA ASN H 96 -18.05 58.25 -33.49
C ASN H 96 -19.57 58.16 -33.43
N PHE H 97 -20.09 57.28 -32.57
CA PHE H 97 -21.54 57.16 -32.45
C PHE H 97 -22.16 58.38 -31.79
N LYS H 98 -21.47 58.93 -30.77
CA LYS H 98 -21.98 60.13 -30.11
C LYS H 98 -22.02 61.32 -31.05
N GLN H 99 -21.09 61.39 -32.01
CA GLN H 99 -21.15 62.45 -33.01
C GLN H 99 -22.44 62.39 -33.82
N MET H 100 -22.85 61.19 -34.22
CA MET H 100 -24.08 61.05 -34.98
C MET H 100 -25.31 61.31 -34.13
N ILE H 101 -25.26 60.96 -32.84
CA ILE H 101 -26.38 61.24 -31.95
C ILE H 101 -26.61 62.75 -31.84
N TYR H 102 -25.52 63.52 -31.73
CA TYR H 102 -25.64 64.96 -31.56
C TYR H 102 -26.30 65.62 -32.76
N LEU H 103 -25.96 65.17 -33.98
CA LEU H 103 -26.56 65.76 -35.16
C LEU H 103 -28.06 65.51 -35.24
N ALA H 104 -28.53 64.39 -34.71
CA ALA H 104 -29.97 64.15 -34.64
C ALA H 104 -30.61 65.02 -33.57
N GLN H 105 -29.94 65.16 -32.42
CA GLN H 105 -30.48 66.02 -31.37
C GLN H 105 -30.64 67.45 -31.85
N GLU H 106 -29.66 67.96 -32.60
CA GLU H 106 -29.75 69.31 -33.13
C GLU H 106 -30.84 69.48 -34.16
N PHE H 107 -31.12 68.45 -34.97
CA PHE H 107 -32.12 68.57 -36.03
C PHE H 107 -33.55 68.42 -35.52
N THR H 108 -33.76 67.54 -34.54
CA THR H 108 -35.12 67.34 -34.05
C THR H 108 -35.69 68.61 -33.41
N GLU H 109 -34.83 69.57 -33.05
CA GLU H 109 -35.30 70.81 -32.44
C GLU H 109 -35.31 71.96 -33.45
N GLY H 110 -35.09 71.65 -34.73
CA GLY H 110 -35.13 72.65 -35.76
C GLY H 110 -33.96 73.61 -35.78
N ASN H 111 -32.85 73.28 -35.12
CA ASN H 111 -31.71 74.18 -35.05
C ASN H 111 -30.81 74.09 -36.28
N GLY H 112 -31.03 73.11 -37.16
CA GLY H 112 -30.12 72.90 -38.28
C GLY H 112 -30.69 73.21 -39.64
N LEU H 113 -31.98 72.97 -39.84
CA LEU H 113 -32.59 73.15 -41.16
C LEU H 113 -32.56 74.63 -41.54
N THR H 114 -32.25 74.90 -42.80
CA THR H 114 -32.12 76.28 -43.27
C THR H 114 -32.69 76.51 -44.67
N GLY H 115 -33.49 75.61 -45.20
CA GLY H 115 -34.03 75.81 -46.53
C GLY H 115 -34.98 74.69 -46.91
N LEU H 116 -35.58 74.86 -48.08
CA LEU H 116 -36.53 73.89 -48.63
C LEU H 116 -36.54 74.01 -50.14
N TYR H 117 -36.80 72.89 -50.81
CA TYR H 117 -36.74 72.83 -52.27
C TYR H 117 -37.91 72.07 -52.90
N PHE H 118 -38.99 71.85 -52.16
CA PHE H 118 -40.13 71.10 -52.67
C PHE H 118 -41.39 71.59 -51.96
N PRO H 119 -42.51 71.67 -52.67
CA PRO H 119 -43.76 72.08 -52.00
C PRO H 119 -44.14 71.12 -50.89
N LEU H 120 -44.73 71.69 -49.83
CA LEU H 120 -45.12 70.90 -48.66
C LEU H 120 -46.61 70.60 -48.68
N ASP H 121 -46.98 69.52 -48.01
CA ASP H 121 -48.37 69.16 -47.76
C ASP H 121 -48.60 69.06 -46.26
N MET H 122 -49.37 70.01 -45.72
CA MET H 122 -49.54 70.11 -44.28
C MET H 122 -50.56 69.13 -43.72
N HIS H 123 -51.35 68.47 -44.57
CA HIS H 123 -52.33 67.48 -44.14
C HIS H 123 -53.34 68.06 -43.15
N GLY H 124 -53.60 69.36 -43.23
CA GLY H 124 -54.61 69.99 -42.42
C GLY H 124 -54.10 70.63 -41.14
N PHE H 125 -52.82 70.50 -40.83
CA PHE H 125 -52.27 71.12 -39.62
C PHE H 125 -52.00 72.60 -39.87
N GLN H 126 -51.72 73.33 -38.79
CA GLN H 126 -51.67 74.77 -38.81
C GLN H 126 -50.29 75.28 -38.40
N ILE H 127 -49.91 76.43 -38.94
CA ILE H 127 -48.75 77.18 -38.45
C ILE H 127 -49.24 78.26 -37.48
N LYS H 128 -48.43 78.52 -36.45
CA LYS H 128 -48.89 79.35 -35.34
C LYS H 128 -48.18 80.70 -35.27
N ASN H 129 -46.85 80.69 -35.12
CA ASN H 129 -46.09 81.93 -34.96
C ASN H 129 -45.44 82.31 -36.30
N LEU H 130 -46.22 82.95 -37.16
CA LEU H 130 -45.76 83.29 -38.50
C LEU H 130 -45.08 84.66 -38.57
N GLY H 131 -45.00 85.39 -37.45
CA GLY H 131 -44.40 86.71 -37.52
C GLY H 131 -45.30 87.67 -38.29
N GLU H 132 -44.69 88.75 -38.76
CA GLU H 132 -45.40 89.77 -39.52
C GLU H 132 -44.70 90.01 -40.85
N PRO H 133 -45.47 90.24 -41.93
CA PRO H 133 -44.84 90.46 -43.23
C PRO H 133 -44.05 91.77 -43.26
N THR H 134 -43.00 91.77 -44.08
CA THR H 134 -42.24 92.98 -44.37
C THR H 134 -41.94 93.17 -45.85
N ASP H 135 -42.06 92.13 -46.68
CA ASP H 135 -41.79 92.19 -48.10
C ASP H 135 -42.97 91.58 -48.87
N PRO H 136 -43.13 91.91 -50.15
CA PRO H 136 -44.27 91.38 -50.91
C PRO H 136 -44.30 89.87 -51.04
N GLY H 137 -43.17 89.19 -50.88
CA GLY H 137 -43.10 87.75 -50.97
C GLY H 137 -43.31 87.00 -49.67
N ASP H 138 -43.65 87.69 -48.59
CA ASP H 138 -43.85 87.03 -47.32
C ASP H 138 -45.27 86.49 -47.19
N ALA H 139 -45.44 85.51 -46.31
CA ALA H 139 -46.74 84.88 -46.07
C ALA H 139 -47.50 85.73 -45.07
N VAL H 140 -48.64 86.28 -45.51
CA VAL H 140 -49.43 87.14 -44.65
C VAL H 140 -50.06 86.31 -43.55
N THR H 141 -49.96 86.80 -42.32
CA THR H 141 -50.56 86.14 -41.18
C THR H 141 -51.91 86.76 -40.84
N LYS H 142 -52.64 86.10 -39.95
CA LYS H 142 -53.89 86.66 -39.46
C LYS H 142 -53.59 87.86 -38.55
N GLN H 143 -54.63 88.64 -38.28
CA GLN H 143 -54.52 89.88 -37.53
C GLN H 143 -53.85 90.96 -38.38
N TYR H 144 -53.42 90.60 -39.58
CA TYR H 144 -52.97 91.59 -40.55
C TYR H 144 -54.03 91.81 -41.63
N VAL H 145 -54.67 90.72 -42.07
CA VAL H 145 -55.80 90.83 -42.99
C VAL H 145 -56.99 91.43 -42.25
N ASP H 146 -57.23 91.00 -41.02
CA ASP H 146 -58.38 91.51 -40.27
C ASP H 146 -58.28 93.02 -40.07
N THR H 147 -57.11 93.51 -39.66
CA THR H 147 -56.95 94.95 -39.47
C THR H 147 -57.14 95.70 -40.77
N ALA H 148 -56.57 95.20 -41.86
CA ALA H 148 -56.72 95.86 -43.15
C ALA H 148 -58.17 95.88 -43.59
N ASN H 149 -58.86 94.74 -43.48
CA ASN H 149 -60.25 94.66 -43.89
C ASN H 149 -61.14 95.55 -43.01
N THR H 150 -60.90 95.54 -41.70
CA THR H 150 -61.70 96.35 -40.79
C THR H 150 -61.35 97.83 -40.89
N ALA H 151 -60.14 98.16 -41.35
CA ALA H 151 -59.72 99.55 -41.47
C ALA H 151 -60.38 100.27 -42.64
N GLN H 152 -61.08 99.55 -43.52
CA GLN H 152 -61.72 100.15 -44.68
C GLN H 152 -63.22 99.90 -44.67
N ASN H 153 -63.79 99.61 -43.49
CA ASN H 153 -65.23 99.45 -43.40
C ASN H 153 -65.96 100.74 -43.75
N ALA H 154 -65.32 101.89 -43.53
CA ALA H 154 -65.93 103.17 -43.86
C ALA H 154 -64.84 104.19 -44.20
N TYR I 2 32.80 74.05 -2.83
CA TYR I 2 33.33 72.75 -2.46
C TYR I 2 34.73 72.85 -1.87
N SER I 3 35.58 73.67 -2.48
CA SER I 3 37.00 73.70 -2.16
C SER I 3 37.46 75.01 -1.52
N VAL I 4 36.67 76.07 -1.58
CA VAL I 4 37.08 77.37 -1.07
C VAL I 4 36.04 77.89 -0.10
N GLN I 5 36.51 78.54 0.96
CA GLN I 5 35.66 79.16 1.96
C GLN I 5 36.21 80.53 2.29
N ILE I 6 35.30 81.49 2.45
CA ILE I 6 35.67 82.88 2.73
C ILE I 6 34.82 83.38 3.89
N ALA I 7 35.45 84.16 4.78
CA ALA I 7 34.76 84.76 5.91
C ALA I 7 35.12 86.23 6.00
N VAL I 8 34.10 87.08 6.03
CA VAL I 8 34.28 88.53 6.12
C VAL I 8 33.99 88.94 7.56
N SER I 9 34.96 89.60 8.19
CA SER I 9 34.86 89.93 9.61
C SER I 9 34.29 91.33 9.79
N ASP I 10 33.35 91.46 10.73
CA ASP I 10 32.83 92.77 11.11
C ASP I 10 33.65 93.44 12.20
N GLY I 11 34.62 92.74 12.77
CA GLY I 11 35.46 93.32 13.81
C GLY I 11 35.71 92.39 14.99
N THR I 12 35.21 91.16 14.91
CA THR I 12 35.34 90.21 16.01
C THR I 12 35.70 88.80 15.55
N LEU I 13 36.12 88.61 14.31
CA LEU I 13 36.44 87.27 13.83
C LEU I 13 37.70 86.75 14.51
N THR I 14 37.56 85.62 15.20
CA THR I 14 38.70 84.96 15.84
C THR I 14 38.76 83.45 15.60
N ARG I 15 37.66 82.79 15.28
CA ARG I 15 37.63 81.35 15.04
C ARG I 15 36.86 81.06 13.76
N ILE I 16 37.27 79.99 13.08
CA ILE I 16 36.65 79.57 11.83
C ILE I 16 36.27 78.09 11.95
N ALA I 17 35.05 77.77 11.52
CA ALA I 17 34.57 76.39 11.49
C ALA I 17 34.60 75.90 10.06
N LEU I 18 35.35 74.82 9.81
CA LEU I 18 35.52 74.32 8.47
C LEU I 18 34.20 73.76 7.93
N SER I 19 33.96 73.97 6.64
CA SER I 19 32.77 73.47 5.97
C SER I 19 33.13 72.78 4.66
N ILE I 20 34.35 72.25 4.56
CA ILE I 20 34.82 71.54 3.38
C ILE I 20 35.60 70.32 3.83
N GLU I 21 35.47 69.24 3.06
CA GLU I 21 36.12 67.98 3.37
C GLU I 21 37.47 67.90 2.68
N TYR I 22 38.29 66.94 3.14
CA TYR I 22 39.64 66.77 2.62
C TYR I 22 40.11 65.35 2.91
N PHE I 23 41.24 65.00 2.31
CA PHE I 23 41.86 63.69 2.54
C PHE I 23 42.80 63.71 3.73
N GLU I 24 43.69 64.70 3.79
CA GLU I 24 44.63 64.84 4.89
C GLU I 24 44.78 66.32 5.22
N LYS I 25 45.24 66.59 6.45
CA LYS I 25 45.31 67.96 6.94
C LYS I 25 46.34 68.79 6.19
N ASP I 26 47.29 68.16 5.49
CA ASP I 26 48.34 68.90 4.80
C ASP I 26 47.81 69.69 3.61
N ASP I 27 46.56 69.47 3.19
CA ASP I 27 46.07 70.10 1.97
C ASP I 27 45.50 71.49 2.21
N ILE I 28 45.31 71.89 3.46
CA ILE I 28 44.64 73.13 3.81
C ILE I 28 45.68 74.23 4.01
N THR I 29 45.34 75.44 3.57
CA THR I 29 46.22 76.60 3.74
C THR I 29 45.37 77.86 3.86
N LEU I 30 45.96 78.91 4.42
CA LEU I 30 45.31 80.20 4.59
C LEU I 30 46.14 81.28 3.92
N TYR I 31 45.46 82.30 3.38
CA TYR I 31 46.10 83.35 2.60
C TYR I 31 45.69 84.76 3.02
N ARG I 32 44.99 84.93 4.13
CA ARG I 32 44.43 86.24 4.51
C ARG I 32 43.55 86.73 3.36
N ASN I 33 43.60 88.00 3.00
CA ASN I 33 42.65 88.57 2.06
C ASN I 33 43.21 88.70 0.64
N LEU I 34 44.26 89.51 0.44
CA LEU I 34 44.75 89.80 -0.90
C LEU I 34 46.28 89.77 -0.93
N GLU I 35 46.88 88.78 -0.29
CA GLU I 35 48.33 88.65 -0.24
C GLU I 35 48.74 87.37 -0.96
N LEU I 36 49.93 87.41 -1.56
CA LEU I 36 50.47 86.28 -2.31
C LEU I 36 51.41 85.43 -1.48
N THR I 37 51.22 85.39 -0.16
CA THR I 37 52.06 84.60 0.71
C THR I 37 51.18 83.96 1.76
N PRO I 38 51.20 82.63 1.91
CA PRO I 38 50.35 81.98 2.91
C PRO I 38 50.81 82.24 4.32
N LEU I 39 49.84 82.19 5.24
CA LEU I 39 50.15 82.36 6.66
C LEU I 39 50.93 81.16 7.18
N VAL I 40 51.90 81.43 8.03
CA VAL I 40 52.79 80.38 8.54
C VAL I 40 52.06 79.57 9.61
N LEU I 41 52.02 78.26 9.42
CA LEU I 41 51.42 77.38 10.41
C LEU I 41 52.26 77.34 11.67
N GLY I 42 51.60 77.33 12.83
CA GLY I 42 52.26 77.28 14.11
C GLY I 42 52.51 78.63 14.75
N THR I 43 52.49 79.70 13.96
CA THR I 43 52.67 81.06 14.47
C THR I 43 51.49 81.96 14.19
N ASP I 44 50.71 81.67 13.14
CA ASP I 44 49.55 82.48 12.79
C ASP I 44 48.22 81.76 13.01
N TRP I 45 48.21 80.43 12.99
CA TRP I 45 46.98 79.69 13.24
C TRP I 45 47.35 78.28 13.72
N GLN I 46 46.39 77.65 14.39
CA GLN I 46 46.56 76.31 14.92
C GLN I 46 45.40 75.42 14.51
N TRP I 47 45.64 74.12 14.53
CA TRP I 47 44.56 73.15 14.38
C TRP I 47 43.98 72.81 15.75
N ASP I 48 42.68 73.03 15.91
CA ASP I 48 41.97 72.71 17.14
C ASP I 48 41.06 71.53 16.86
N GLY I 49 41.39 70.38 17.44
CA GLY I 49 40.66 69.18 17.09
C GLY I 49 40.78 68.89 15.61
N ASP I 50 39.64 68.66 14.97
CA ASP I 50 39.59 68.46 13.53
C ASP I 50 38.48 69.27 12.86
N THR I 51 37.87 70.23 13.56
CA THR I 51 36.75 71.00 13.04
C THR I 51 36.95 72.50 13.12
N HIS I 52 37.87 73.00 13.94
CA HIS I 52 38.03 74.42 14.16
C HIS I 52 39.48 74.83 13.94
N ILE I 53 39.66 76.10 13.55
CA ILE I 53 40.97 76.70 13.35
C ILE I 53 41.03 77.97 14.17
N ASN I 54 42.10 78.13 14.94
CA ASN I 54 42.26 79.26 15.85
C ASN I 54 43.39 80.16 15.38
N LEU I 55 43.11 81.46 15.29
CA LEU I 55 44.12 82.43 14.92
C LEU I 55 44.96 82.81 16.14
N LEU I 56 46.20 83.26 15.87
CA LEU I 56 47.14 83.60 16.93
C LEU I 56 47.74 85.00 16.81
N THR I 57 47.93 85.51 15.60
CA THR I 57 48.54 86.83 15.39
C THR I 57 47.50 87.75 14.79
N GLY I 58 47.29 88.90 15.44
CA GLY I 58 46.24 89.81 15.00
C GLY I 58 44.89 89.15 14.98
N ILE I 59 44.54 88.42 16.04
CA ILE I 59 43.32 87.62 16.05
C ILE I 59 42.09 88.48 15.82
N PRO I 60 41.99 89.71 16.37
CA PRO I 60 40.81 90.52 16.03
C PRO I 60 40.96 91.14 14.64
N VAL I 61 40.25 90.60 13.67
CA VAL I 61 40.44 91.03 12.28
C VAL I 61 39.79 92.39 12.09
N PRO I 62 40.51 93.40 11.58
CA PRO I 62 39.88 94.72 11.35
C PRO I 62 38.64 94.62 10.48
N VAL I 63 37.81 95.67 10.50
CA VAL I 63 36.58 95.66 9.73
C VAL I 63 36.90 95.70 8.24
N GLY I 64 36.26 94.81 7.48
CA GLY I 64 36.43 94.76 6.04
C GLY I 64 37.43 93.75 5.54
N SER I 65 38.27 93.19 6.41
CA SER I 65 39.23 92.17 6.00
C SER I 65 38.61 90.79 6.12
N TYR I 66 39.06 89.87 5.27
CA TYR I 66 38.51 88.52 5.22
C TYR I 66 39.63 87.51 5.13
N ILE I 67 39.31 86.28 5.54
CA ILE I 67 40.23 85.15 5.54
C ILE I 67 39.70 84.10 4.58
N THR I 68 40.61 83.47 3.83
CA THR I 68 40.25 82.49 2.83
C THR I 68 40.97 81.17 3.10
N VAL I 69 40.31 80.07 2.76
CA VAL I 69 40.83 78.72 2.97
C VAL I 69 40.86 78.02 1.62
N ARG I 70 41.94 77.27 1.37
CA ARG I 70 42.16 76.62 0.09
C ARG I 70 42.45 75.14 0.32
N ARG I 71 42.21 74.34 -0.72
CA ARG I 71 42.47 72.91 -0.68
C ARG I 71 43.23 72.48 -1.94
N ASN I 72 44.07 71.47 -1.78
CA ASN I 72 44.86 70.95 -2.90
C ASN I 72 45.27 69.52 -2.59
N THR I 73 44.77 68.57 -3.37
CA THR I 73 45.04 67.16 -3.16
C THR I 73 46.24 66.71 -4.00
N ASP I 74 46.77 65.55 -3.66
CA ASP I 74 47.92 65.01 -4.38
C ASP I 74 47.56 64.73 -5.83
N ILE I 75 48.49 65.02 -6.74
CA ILE I 75 48.26 64.90 -8.17
C ILE I 75 49.36 64.08 -8.83
N ASP I 76 50.41 63.74 -8.07
CA ASP I 76 51.56 63.06 -8.66
C ASP I 76 51.24 61.61 -9.02
N ARG I 77 50.53 60.89 -8.17
CA ARG I 77 50.27 59.47 -8.39
C ARG I 77 48.96 59.08 -7.71
N ALA I 78 48.41 57.95 -8.15
CA ALA I 78 47.22 57.40 -7.52
C ALA I 78 47.57 56.84 -6.14
N PHE I 79 46.61 56.94 -5.22
CA PHE I 79 46.84 56.48 -3.86
C PHE I 79 47.15 54.99 -3.82
N ASN I 80 46.38 54.19 -4.57
CA ASN I 80 46.51 52.74 -4.55
C ASN I 80 47.01 52.25 -5.91
N ILE I 81 48.08 51.47 -5.90
CA ILE I 81 48.60 50.82 -7.10
C ILE I 81 48.63 49.33 -6.80
N TYR I 82 47.83 48.56 -7.54
CA TYR I 82 47.71 47.13 -7.26
C TYR I 82 49.01 46.40 -7.57
N ASP I 83 49.70 46.80 -8.65
CA ASP I 83 50.94 46.13 -9.01
C ASP I 83 52.04 46.37 -7.98
N GLY I 84 51.86 47.35 -7.10
CA GLY I 84 52.86 47.64 -6.08
C GLY I 84 52.55 47.02 -4.73
N GLY I 85 51.64 46.04 -4.71
CA GLY I 85 51.29 45.34 -3.49
C GLY I 85 50.01 45.80 -2.82
N ALA I 86 49.27 46.73 -3.42
CA ALA I 86 48.02 47.19 -2.83
C ALA I 86 46.95 46.12 -3.00
N ALA I 87 46.20 45.87 -1.93
CA ALA I 87 45.14 44.86 -1.99
C ALA I 87 43.97 45.37 -2.82
N PHE I 88 43.17 44.44 -3.32
CA PHE I 88 42.00 44.77 -4.13
C PHE I 88 40.74 44.66 -3.30
N ASN I 89 40.15 45.81 -2.98
CA ASN I 89 38.91 45.86 -2.21
C ASN I 89 37.99 46.87 -2.89
N ARG I 90 36.79 47.05 -2.33
CA ARG I 90 35.89 48.10 -2.80
C ARG I 90 36.44 49.48 -2.46
N GLU I 91 37.04 49.61 -1.27
CA GLU I 91 37.57 50.90 -0.83
C GLU I 91 38.68 51.39 -1.74
N THR I 92 39.56 50.49 -2.19
CA THR I 92 40.67 50.90 -3.05
C THR I 92 40.21 51.44 -4.39
N LEU I 93 38.98 51.12 -4.82
CA LEU I 93 38.42 51.67 -6.05
C LEU I 93 37.63 52.95 -5.77
N ASP I 94 36.84 52.94 -4.69
CA ASP I 94 36.07 54.13 -4.34
C ASP I 94 36.99 55.31 -4.06
N GLU I 95 38.07 55.08 -3.31
CA GLU I 95 39.02 56.15 -3.03
C GLU I 95 39.71 56.63 -4.31
N ASN I 96 40.04 55.70 -5.20
CA ASN I 96 40.69 56.09 -6.46
C ASN I 96 39.79 57.00 -7.28
N PHE I 97 38.49 56.66 -7.35
CA PHE I 97 37.57 57.52 -8.11
C PHE I 97 37.33 58.84 -7.41
N LYS I 98 37.22 58.83 -6.09
CA LYS I 98 37.03 60.05 -5.33
C LYS I 98 38.22 61.00 -5.47
N GLN I 99 39.43 60.45 -5.61
CA GLN I 99 40.58 61.31 -5.85
C GLN I 99 40.44 62.09 -7.16
N MET I 100 39.97 61.44 -8.22
CA MET I 100 39.77 62.13 -9.48
C MET I 100 38.62 63.12 -9.41
N ILE I 101 37.58 62.82 -8.65
CA ILE I 101 36.48 63.76 -8.50
C ILE I 101 36.97 65.05 -7.85
N TYR I 102 37.82 64.94 -6.83
CA TYR I 102 38.30 66.11 -6.11
C TYR I 102 39.08 67.04 -7.01
N LEU I 103 39.93 66.49 -7.89
CA LEU I 103 40.72 67.32 -8.78
C LEU I 103 39.86 68.11 -9.75
N ALA I 104 38.72 67.56 -10.16
CA ALA I 104 37.79 68.31 -11.00
C ALA I 104 37.08 69.38 -10.19
N GLN I 105 36.68 69.06 -8.96
CA GLN I 105 36.03 70.05 -8.11
C GLN I 105 36.95 71.25 -7.88
N GLU I 106 38.23 71.00 -7.64
CA GLU I 106 39.18 72.10 -7.44
C GLU I 106 39.40 72.93 -8.68
N PHE I 107 39.35 72.33 -9.88
CA PHE I 107 39.64 73.06 -11.10
C PHE I 107 38.44 73.87 -11.58
N THR I 108 37.22 73.34 -11.43
CA THR I 108 36.05 74.07 -11.90
C THR I 108 35.88 75.40 -11.18
N GLU I 109 36.51 75.58 -10.01
CA GLU I 109 36.40 76.83 -9.26
C GLU I 109 37.61 77.71 -9.46
N GLY I 110 38.50 77.33 -10.38
CA GLY I 110 39.69 78.12 -10.66
C GLY I 110 40.75 78.09 -9.60
N ASN I 111 40.73 77.12 -8.70
CA ASN I 111 41.70 77.08 -7.61
C ASN I 111 43.02 76.44 -8.03
N GLY I 112 43.08 75.82 -9.21
CA GLY I 112 44.26 75.07 -9.60
C GLY I 112 45.07 75.67 -10.73
N LEU I 113 44.41 76.33 -11.69
CA LEU I 113 45.11 76.87 -12.84
C LEU I 113 46.06 77.98 -12.42
N THR I 114 47.26 77.98 -13.02
CA THR I 114 48.28 78.95 -12.64
C THR I 114 49.08 79.50 -13.82
N GLY I 115 48.62 79.33 -15.05
CA GLY I 115 49.37 79.82 -16.19
C GLY I 115 48.62 79.60 -17.48
N LEU I 116 49.20 80.11 -18.57
CA LEU I 116 48.64 79.99 -19.89
C LEU I 116 49.77 80.09 -20.91
N TYR I 117 49.60 79.40 -22.05
CA TYR I 117 50.63 79.31 -23.06
C TYR I 117 50.12 79.50 -24.48
N PHE I 118 48.90 80.03 -24.65
CA PHE I 118 48.31 80.19 -25.97
C PHE I 118 47.36 81.37 -25.93
N PRO I 119 47.29 82.17 -27.00
CA PRO I 119 46.34 83.29 -27.02
C PRO I 119 44.90 82.81 -26.89
N LEU I 120 44.10 83.61 -26.20
CA LEU I 120 42.70 83.27 -25.94
C LEU I 120 41.78 84.00 -26.91
N ASP I 121 40.61 83.41 -27.14
CA ASP I 121 39.53 84.04 -27.88
C ASP I 121 38.29 84.12 -27.00
N MET I 122 37.92 85.33 -26.60
CA MET I 122 36.85 85.53 -25.63
C MET I 122 35.47 85.44 -26.24
N HIS I 123 35.35 85.45 -27.57
CA HIS I 123 34.06 85.31 -28.25
C HIS I 123 33.08 86.41 -27.84
N GLY I 124 33.59 87.58 -27.44
CA GLY I 124 32.75 88.71 -27.12
C GLY I 124 32.41 88.87 -25.65
N PHE I 125 32.81 87.94 -24.80
CA PHE I 125 32.54 88.05 -23.38
C PHE I 125 33.53 89.01 -22.72
N GLN I 126 33.24 89.38 -21.47
CA GLN I 126 33.94 90.45 -20.79
C GLN I 126 34.62 89.94 -19.52
N ILE I 127 35.73 90.58 -19.17
CA ILE I 127 36.34 90.39 -17.85
C ILE I 127 35.88 91.53 -16.93
N LYS I 128 35.70 91.20 -15.65
CA LYS I 128 35.04 92.14 -14.74
C LYS I 128 35.98 92.70 -13.69
N ASN I 129 36.57 91.84 -12.85
CA ASN I 129 37.45 92.29 -11.77
C ASN I 129 38.92 92.15 -12.17
N LEU I 130 39.40 93.16 -12.90
CA LEU I 130 40.76 93.13 -13.44
C LEU I 130 41.79 93.72 -12.49
N GLY I 131 41.38 94.22 -11.33
CA GLY I 131 42.34 94.84 -10.44
C GLY I 131 42.85 96.16 -11.02
N GLU I 132 44.00 96.59 -10.53
CA GLU I 132 44.62 97.83 -10.98
C GLU I 132 46.05 97.56 -11.44
N PRO I 133 46.50 98.23 -12.50
CA PRO I 133 47.88 98.00 -12.96
C PRO I 133 48.91 98.48 -11.96
N THR I 134 50.07 97.80 -11.96
CA THR I 134 51.23 98.23 -11.20
C THR I 134 52.53 98.18 -12.00
N ASP I 135 52.58 97.47 -13.12
CA ASP I 135 53.76 97.34 -13.95
C ASP I 135 53.39 97.64 -15.40
N PRO I 136 54.38 98.00 -16.24
CA PRO I 136 54.06 98.33 -17.63
C PRO I 136 53.45 97.20 -18.44
N GLY I 137 53.64 95.95 -18.02
CA GLY I 137 53.09 94.81 -18.72
C GLY I 137 51.71 94.37 -18.27
N ASP I 138 51.07 95.12 -17.37
CA ASP I 138 49.75 94.74 -16.88
C ASP I 138 48.66 95.24 -17.83
N ALA I 139 47.49 94.61 -17.74
CA ALA I 139 46.35 94.97 -18.56
C ALA I 139 45.60 96.11 -17.88
N VAL I 140 45.56 97.26 -18.56
CA VAL I 140 44.91 98.43 -17.99
C VAL I 140 43.41 98.19 -17.93
N THR I 141 42.82 98.51 -16.78
CA THR I 141 41.38 98.40 -16.61
C THR I 141 40.70 99.74 -16.82
N LYS I 142 39.37 99.72 -16.90
CA LYS I 142 38.61 100.95 -16.96
C LYS I 142 38.66 101.66 -15.62
N GLN I 143 38.27 102.94 -15.63
CA GLN I 143 38.37 103.82 -14.46
C GLN I 143 39.82 104.20 -14.20
N TYR I 144 40.74 103.65 -14.99
CA TYR I 144 42.12 104.12 -14.96
C TYR I 144 42.41 104.97 -16.20
N VAL I 145 41.89 104.55 -17.35
CA VAL I 145 41.99 105.37 -18.56
C VAL I 145 41.11 106.60 -18.43
N ASP I 146 39.90 106.43 -17.87
CA ASP I 146 38.98 107.56 -17.74
C ASP I 146 39.58 108.64 -16.85
N THR I 147 40.14 108.25 -15.70
CA THR I 147 40.74 109.25 -14.82
C THR I 147 41.90 109.95 -15.49
N ALA I 148 42.77 109.20 -16.17
CA ALA I 148 43.90 109.80 -16.86
C ALA I 148 43.44 110.75 -17.95
N ASN I 149 42.47 110.32 -18.77
CA ASN I 149 41.99 111.17 -19.85
C ASN I 149 41.28 112.41 -19.30
N THR I 150 40.47 112.26 -18.25
CA THR I 150 39.77 113.39 -17.67
C THR I 150 40.71 114.29 -16.87
N ALA I 151 41.83 113.76 -16.38
CA ALA I 151 42.77 114.55 -15.60
C ALA I 151 43.57 115.52 -16.45
N GLN I 152 43.51 115.43 -17.78
CA GLN I 152 44.25 116.31 -18.67
C GLN I 152 43.33 117.09 -19.58
N ASN I 153 42.06 117.22 -19.20
CA ASN I 153 41.13 118.04 -20.00
C ASN I 153 41.59 119.50 -20.04
N ALA I 154 42.29 119.96 -19.01
CA ALA I 154 42.78 121.33 -18.98
C ALA I 154 44.07 121.40 -18.16
N TYR J 2 53.27 35.15 49.93
CA TYR J 2 52.70 33.81 49.87
C TYR J 2 53.07 32.97 51.08
N SER J 3 54.35 33.05 51.49
CA SER J 3 54.88 32.16 52.50
C SER J 3 55.28 32.84 53.81
N VAL J 4 55.37 34.17 53.83
CA VAL J 4 55.83 34.90 55.00
C VAL J 4 54.82 35.97 55.37
N GLN J 5 54.61 36.15 56.67
CA GLN J 5 53.72 37.17 57.20
C GLN J 5 54.41 37.87 58.36
N ILE J 6 54.24 39.18 58.44
CA ILE J 6 54.88 40.00 59.47
C ILE J 6 53.83 40.93 60.06
N ALA J 7 53.88 41.11 61.37
CA ALA J 7 52.98 42.01 62.08
C ALA J 7 53.78 42.90 63.02
N VAL J 8 53.61 44.21 62.88
CA VAL J 8 54.29 45.20 63.71
C VAL J 8 53.30 45.69 64.76
N SER J 9 53.67 45.57 66.03
CA SER J 9 52.77 45.88 67.12
C SER J 9 52.96 47.31 67.58
N ASP J 10 51.85 48.02 67.80
CA ASP J 10 51.90 49.35 68.39
C ASP J 10 51.86 49.33 69.90
N GLY J 11 51.66 48.17 70.51
CA GLY J 11 51.64 48.06 71.96
C GLY J 11 50.51 47.20 72.49
N THR J 12 49.73 46.58 71.60
CA THR J 12 48.59 45.78 72.00
C THR J 12 48.46 44.47 71.23
N LEU J 13 49.48 44.05 70.49
CA LEU J 13 49.40 42.82 69.72
C LEU J 13 49.34 41.61 70.63
N THR J 14 48.26 40.84 70.52
CA THR J 14 48.12 39.60 71.28
C THR J 14 47.63 38.41 70.45
N ARG J 15 46.98 38.62 69.32
CA ARG J 15 46.48 37.55 68.48
C ARG J 15 46.83 37.82 67.02
N ILE J 16 47.05 36.75 66.27
CA ILE J 16 47.41 36.83 64.86
C ILE J 16 46.46 35.95 64.06
N ALA J 17 45.97 36.50 62.95
CA ALA J 17 45.11 35.76 62.03
C ALA J 17 45.91 35.37 60.80
N LEU J 18 45.99 34.06 60.55
CA LEU J 18 46.81 33.57 59.45
C LEU J 18 46.23 34.00 58.11
N SER J 19 47.12 34.33 57.17
CA SER J 19 46.74 34.72 55.82
C SER J 19 47.54 33.96 54.78
N ILE J 20 48.03 32.77 55.13
CA ILE J 20 48.80 31.93 54.22
C ILE J 20 48.34 30.49 54.40
N GLU J 21 48.32 29.76 53.29
CA GLU J 21 47.88 28.37 53.27
C GLU J 21 49.06 27.42 53.48
N TYR J 22 48.73 26.17 53.79
CA TYR J 22 49.75 25.17 54.09
C TYR J 22 49.14 23.79 53.89
N PHE J 23 50.01 22.78 53.91
CA PHE J 23 49.57 21.39 53.80
C PHE J 23 49.25 20.79 55.17
N GLU J 24 50.13 20.97 56.15
CA GLU J 24 49.92 20.46 57.50
C GLU J 24 50.43 21.49 58.49
N LYS J 25 49.92 21.39 59.72
CA LYS J 25 50.25 22.39 60.75
C LYS J 25 51.71 22.35 61.16
N ASP J 26 52.42 21.26 60.88
CA ASP J 26 53.81 21.14 61.31
C ASP J 26 54.75 22.08 60.55
N ASP J 27 54.27 22.72 59.48
CA ASP J 27 55.16 23.52 58.64
C ASP J 27 55.31 24.95 59.14
N ILE J 28 54.51 25.38 60.12
CA ILE J 28 54.46 26.77 60.57
C ILE J 28 55.38 26.92 61.78
N THR J 29 56.07 28.05 61.85
CA THR J 29 56.94 28.37 62.98
C THR J 29 56.99 29.88 63.18
N LEU J 30 57.38 30.29 64.38
CA LEU J 30 57.49 31.70 64.75
C LEU J 30 58.91 31.98 65.22
N TYR J 31 59.39 33.20 64.94
CA TYR J 31 60.76 33.59 65.24
C TYR J 31 60.90 34.92 65.95
N ARG J 32 59.80 35.51 66.43
CA ARG J 32 59.82 36.85 67.01
C ARG J 32 60.40 37.80 65.94
N ASN J 33 61.26 38.75 66.32
CA ASN J 33 61.69 39.79 65.40
C ASN J 33 63.05 39.53 64.76
N LEU J 34 64.12 39.47 65.57
CA LEU J 34 65.46 39.37 65.02
C LEU J 34 66.30 38.36 65.81
N GLU J 35 65.71 37.22 66.13
CA GLU J 35 66.39 36.18 66.88
C GLU J 35 66.55 34.94 66.02
N LEU J 36 67.63 34.20 66.26
CA LEU J 36 67.94 32.99 65.49
C LEU J 36 67.46 31.73 66.19
N THR J 37 66.40 31.81 66.99
CA THR J 37 65.87 30.67 67.71
C THR J 37 64.35 30.75 67.66
N PRO J 38 63.67 29.72 67.18
CA PRO J 38 62.20 29.78 67.11
C PRO J 38 61.55 29.69 68.48
N LEU J 39 60.36 30.27 68.58
CA LEU J 39 59.60 30.20 69.81
C LEU J 39 59.10 28.78 70.04
N VAL J 40 59.13 28.35 71.30
CA VAL J 40 58.78 26.98 71.65
C VAL J 40 57.25 26.83 71.64
N LEU J 41 56.76 25.85 70.88
CA LEU J 41 55.33 25.59 70.83
C LEU J 41 54.87 25.00 72.16
N GLY J 42 53.69 25.43 72.61
CA GLY J 42 53.10 24.96 73.84
C GLY J 42 53.40 25.82 75.05
N THR J 43 54.44 26.65 74.99
CA THR J 43 54.78 27.57 76.06
C THR J 43 54.77 29.02 75.65
N ASP J 44 54.97 29.31 74.36
CA ASP J 44 54.97 30.67 73.85
C ASP J 44 53.78 31.00 72.96
N TRP J 45 53.18 29.98 72.33
CA TRP J 45 52.00 30.20 71.50
C TRP J 45 51.22 28.91 71.38
N GLN J 46 49.93 29.05 71.03
CA GLN J 46 49.03 27.92 70.88
C GLN J 46 48.31 28.00 69.55
N TRP J 47 47.83 26.84 69.09
CA TRP J 47 46.91 26.81 67.96
C TRP J 47 45.47 26.92 68.45
N ASP J 48 44.77 27.94 67.97
CA ASP J 48 43.36 28.16 68.30
C ASP J 48 42.54 27.86 67.06
N GLY J 49 41.77 26.77 67.12
CA GLY J 49 41.08 26.32 65.92
C GLY J 49 42.08 26.03 64.82
N ASP J 50 41.82 26.58 63.64
CA ASP J 50 42.73 26.47 62.51
C ASP J 50 42.98 27.80 61.81
N THR J 51 42.59 28.93 62.43
CA THR J 51 42.71 30.24 61.81
C THR J 51 43.44 31.26 62.66
N HIS J 52 43.58 31.03 63.97
CA HIS J 52 44.16 32.02 64.87
C HIS J 52 45.28 31.39 65.68
N ILE J 53 46.22 32.24 66.09
CA ILE J 53 47.35 31.85 66.94
C ILE J 53 47.36 32.78 68.14
N ASN J 54 47.46 32.20 69.33
CA ASN J 54 47.41 32.96 70.58
C ASN J 54 48.77 32.90 71.27
N LEU J 55 49.27 34.08 71.67
CA LEU J 55 50.52 34.16 72.40
C LEU J 55 50.28 33.89 73.89
N LEU J 56 51.33 33.44 74.57
CA LEU J 56 51.24 33.09 75.98
C LEU J 56 52.29 33.76 76.86
N THR J 57 53.48 34.03 76.36
CA THR J 57 54.55 34.63 77.15
C THR J 57 54.85 36.01 76.59
N GLY J 58 54.80 37.02 77.46
CA GLY J 58 54.96 38.39 77.01
C GLY J 58 53.95 38.78 75.95
N ILE J 59 52.68 38.44 76.16
CA ILE J 59 51.65 38.61 75.15
C ILE J 59 51.55 40.08 74.72
N PRO J 60 51.67 41.09 75.62
CA PRO J 60 51.65 42.46 75.12
C PRO J 60 52.99 42.83 74.51
N VAL J 61 53.06 42.88 73.20
CA VAL J 61 54.35 43.09 72.52
C VAL J 61 54.76 44.55 72.67
N PRO J 62 55.97 44.85 73.16
CA PRO J 62 56.39 46.25 73.27
C PRO J 62 56.30 46.99 71.94
N VAL J 63 56.32 48.33 72.00
CA VAL J 63 56.21 49.12 70.78
C VAL J 63 57.45 48.94 69.93
N GLY J 64 57.25 48.70 68.64
CA GLY J 64 58.34 48.54 67.70
C GLY J 64 58.76 47.12 67.42
N SER J 65 58.35 46.15 68.23
CA SER J 65 58.68 44.76 67.98
C SER J 65 57.64 44.11 67.08
N TYR J 66 58.07 43.10 66.32
CA TYR J 66 57.20 42.45 65.35
C TYR J 66 57.39 40.94 65.42
N ILE J 67 56.36 40.22 64.98
CA ILE J 67 56.35 38.76 64.96
C ILE J 67 56.28 38.31 63.50
N THR J 68 57.01 37.24 63.18
CA THR J 68 57.08 36.72 61.82
C THR J 68 56.67 35.26 61.80
N VAL J 69 56.06 34.85 60.69
CA VAL J 69 55.57 33.48 60.50
C VAL J 69 56.22 32.93 59.24
N ARG J 70 56.65 31.66 59.31
CA ARG J 70 57.38 31.02 58.23
C ARG J 70 56.70 29.71 57.87
N ARG J 71 56.94 29.25 56.63
CA ARG J 71 56.40 28.00 56.13
C ARG J 71 57.50 27.19 55.46
N ASN J 72 57.38 25.87 55.56
CA ASN J 72 58.37 24.96 54.96
C ASN J 72 57.70 23.61 54.74
N THR J 73 57.56 23.21 53.49
CA THR J 73 56.93 21.95 53.13
C THR J 73 57.96 20.84 52.98
N ASP J 74 57.47 19.61 52.96
CA ASP J 74 58.35 18.45 52.83
C ASP J 74 59.07 18.48 51.49
N ILE J 75 60.33 18.10 51.49
CA ILE J 75 61.17 18.16 50.30
C ILE J 75 61.86 16.81 50.05
N ASP J 76 61.72 15.89 51.00
CA ASP J 76 62.45 14.62 50.89
C ASP J 76 61.89 13.72 49.79
N ARG J 77 60.57 13.63 49.68
CA ARG J 77 59.94 12.73 48.73
C ARG J 77 58.58 13.27 48.31
N ALA J 78 58.09 12.77 47.19
CA ALA J 78 56.74 13.12 46.73
C ALA J 78 55.70 12.47 47.63
N PHE J 79 54.57 13.17 47.80
CA PHE J 79 53.51 12.66 48.67
C PHE J 79 52.98 11.33 48.17
N ASN J 80 52.72 11.22 46.87
CA ASN J 80 52.12 10.04 46.28
C ASN J 80 53.14 9.35 45.36
N ILE J 81 53.35 8.05 45.59
CA ILE J 81 54.19 7.23 44.73
C ILE J 81 53.31 6.07 44.27
N TYR J 82 53.05 6.00 42.96
CA TYR J 82 52.14 4.99 42.43
C TYR J 82 52.73 3.59 42.58
N ASP J 83 54.04 3.44 42.37
CA ASP J 83 54.66 2.14 42.48
C ASP J 83 54.62 1.60 43.91
N GLY J 84 54.34 2.46 44.89
CA GLY J 84 54.29 2.04 46.28
C GLY J 84 52.88 1.77 46.77
N GLY J 85 51.93 1.62 45.85
CA GLY J 85 50.56 1.32 46.19
C GLY J 85 49.61 2.48 46.18
N ALA J 86 50.06 3.67 45.80
CA ALA J 86 49.19 4.83 45.74
C ALA J 86 48.25 4.72 44.55
N ALA J 87 46.97 5.00 44.77
CA ALA J 87 45.98 4.93 43.70
C ALA J 87 46.18 6.08 42.72
N PHE J 88 45.68 5.89 41.50
CA PHE J 88 45.79 6.89 40.45
C PHE J 88 44.46 7.63 40.30
N ASN J 89 44.44 8.88 40.74
CA ASN J 89 43.26 9.73 40.63
C ASN J 89 43.71 11.10 40.12
N ARG J 90 42.76 12.02 39.96
CA ARG J 90 43.09 13.40 39.62
C ARG J 90 43.77 14.09 40.80
N GLU J 91 43.30 13.79 42.02
CA GLU J 91 43.86 14.44 43.21
C GLU J 91 45.32 14.09 43.40
N THR J 92 45.70 12.84 43.14
CA THR J 92 47.09 12.43 43.33
C THR J 92 48.04 13.13 42.38
N LEU J 93 47.55 13.69 41.27
CA LEU J 93 48.37 14.48 40.36
C LEU J 93 48.34 15.96 40.72
N ASP J 94 47.14 16.46 41.04
CA ASP J 94 47.04 17.87 41.43
C ASP J 94 47.86 18.17 42.67
N GLU J 95 47.80 17.30 43.67
CA GLU J 95 48.59 17.49 44.88
C GLU J 95 50.08 17.41 44.57
N ASN J 96 50.48 16.49 43.70
CA ASN J 96 51.89 16.37 43.34
C ASN J 96 52.41 17.64 42.69
N PHE J 97 51.62 18.23 41.79
CA PHE J 97 52.06 19.47 41.14
C PHE J 97 52.04 20.64 42.13
N LYS J 98 51.02 20.70 42.99
CA LYS J 98 50.95 21.76 43.98
C LYS J 98 52.10 21.70 44.97
N GLN J 99 52.61 20.50 45.26
CA GLN J 99 53.79 20.40 46.12
C GLN J 99 54.99 21.09 45.49
N MET J 100 55.20 20.91 44.19
CA MET J 100 56.31 21.56 43.51
C MET J 100 56.10 23.06 43.39
N ILE J 101 54.85 23.50 43.23
CA ILE J 101 54.59 24.93 43.17
C ILE J 101 54.98 25.60 44.49
N TYR J 102 54.65 24.95 45.61
CA TYR J 102 54.93 25.55 46.92
C TYR J 102 56.43 25.74 47.14
N LEU J 103 57.24 24.77 46.73
CA LEU J 103 58.68 24.89 46.92
C LEU J 103 59.27 26.05 46.12
N ALA J 104 58.70 26.38 44.96
CA ALA J 104 59.14 27.54 44.23
C ALA J 104 58.67 28.83 44.90
N GLN J 105 57.44 28.83 45.41
CA GLN J 105 56.94 30.01 46.11
C GLN J 105 57.81 30.33 47.33
N GLU J 106 58.22 29.30 48.07
CA GLU J 106 59.06 29.53 49.23
C GLU J 106 60.47 30.01 48.86
N PHE J 107 61.01 29.60 47.73
CA PHE J 107 62.37 29.97 47.35
C PHE J 107 62.44 31.36 46.74
N THR J 108 61.43 31.74 45.95
CA THR J 108 61.47 33.06 45.32
C THR J 108 61.47 34.18 46.35
N GLU J 109 61.07 33.92 47.58
CA GLU J 109 61.03 34.93 48.63
C GLU J 109 62.23 34.80 49.56
N GLY J 110 63.19 33.95 49.22
CA GLY J 110 64.39 33.78 50.02
C GLY J 110 64.19 33.07 51.33
N ASN J 111 63.08 32.34 51.51
CA ASN J 111 62.82 31.68 52.77
C ASN J 111 63.53 30.33 52.90
N GLY J 112 64.13 29.83 51.81
CA GLY J 112 64.69 28.50 51.83
C GLY J 112 66.21 28.43 51.76
N LEU J 113 66.82 29.35 51.04
CA LEU J 113 68.27 29.31 50.85
C LEU J 113 68.98 29.54 52.17
N THR J 114 70.05 28.77 52.40
CA THR J 114 70.77 28.84 53.67
C THR J 114 72.28 28.73 53.52
N GLY J 115 72.84 28.91 52.32
CA GLY J 115 74.27 28.80 52.17
C GLY J 115 74.69 29.12 50.74
N LEU J 116 76.01 29.13 50.54
CA LEU J 116 76.60 29.40 49.24
C LEU J 116 77.96 28.74 49.18
N TYR J 117 78.37 28.33 47.98
CA TYR J 117 79.61 27.59 47.79
C TYR J 117 80.42 28.08 46.60
N PHE J 118 80.13 29.27 46.07
CA PHE J 118 80.83 29.77 44.90
C PHE J 118 80.84 31.29 44.94
N PRO J 119 81.92 31.94 44.53
CA PRO J 119 81.93 33.40 44.52
C PRO J 119 80.85 33.97 43.61
N LEU J 120 80.29 35.11 44.02
CA LEU J 120 79.21 35.75 43.29
C LEU J 120 79.75 36.92 42.46
N ASP J 121 79.01 37.23 41.39
CA ASP J 121 79.26 38.41 40.57
C ASP J 121 77.99 39.26 40.56
N MET J 122 78.06 40.43 41.21
CA MET J 122 76.89 41.27 41.39
C MET J 122 76.54 42.11 40.17
N HIS J 123 77.43 42.19 39.19
CA HIS J 123 77.16 42.92 37.95
C HIS J 123 76.85 44.39 38.21
N GLY J 124 77.36 44.95 39.31
CA GLY J 124 77.20 46.35 39.61
C GLY J 124 76.05 46.70 40.52
N PHE J 125 75.23 45.73 40.91
CA PHE J 125 74.13 45.99 41.81
C PHE J 125 74.63 46.07 43.25
N GLN J 126 73.75 46.54 44.14
CA GLN J 126 74.13 46.91 45.50
C GLN J 126 73.36 46.07 46.52
N ILE J 127 73.99 45.83 47.67
CA ILE J 127 73.30 45.30 48.83
C ILE J 127 72.92 46.46 49.76
N LYS J 128 71.76 46.33 50.41
CA LYS J 128 71.18 47.46 51.13
C LYS J 128 71.20 47.28 52.64
N ASN J 129 70.54 46.24 53.14
CA ASN J 129 70.43 46.01 54.59
C ASN J 129 71.44 44.95 55.03
N LEU J 130 72.68 45.41 55.25
CA LEU J 130 73.77 44.51 55.58
C LEU J 130 73.92 44.29 57.09
N GLY J 131 73.10 44.93 57.91
CA GLY J 131 73.28 44.78 59.35
C GLY J 131 74.55 45.46 59.82
N GLU J 132 75.01 45.03 60.99
CA GLU J 132 76.23 45.57 61.57
C GLU J 132 77.20 44.44 61.91
N PRO J 133 78.50 44.66 61.72
CA PRO J 133 79.47 43.59 62.03
C PRO J 133 79.52 43.28 63.51
N THR J 134 79.83 42.02 63.82
CA THR J 134 80.10 41.60 65.18
C THR J 134 81.35 40.71 65.31
N ASP J 135 81.85 40.14 64.22
CA ASP J 135 83.01 39.28 64.21
C ASP J 135 83.99 39.74 63.13
N PRO J 136 85.27 39.37 63.23
CA PRO J 136 86.25 39.84 62.25
C PRO J 136 85.98 39.37 60.83
N GLY J 137 85.20 38.30 60.64
CA GLY J 137 84.89 37.79 59.32
C GLY J 137 83.63 38.34 58.70
N ASP J 138 82.99 39.33 59.32
CA ASP J 138 81.77 39.91 58.78
C ASP J 138 82.08 40.99 57.76
N ALA J 139 81.11 41.26 56.89
CA ALA J 139 81.24 42.28 55.85
C ALA J 139 80.89 43.63 56.46
N VAL J 140 81.87 44.54 56.50
CA VAL J 140 81.65 45.85 57.09
C VAL J 140 80.70 46.64 56.21
N THR J 141 79.70 47.27 56.84
CA THR J 141 78.76 48.12 56.12
C THR J 141 79.16 49.59 56.24
N LYS J 142 78.49 50.42 55.45
CA LYS J 142 78.70 51.85 55.56
C LYS J 142 78.10 52.36 56.87
N GLN J 143 78.47 53.59 57.23
CA GLN J 143 78.09 54.19 58.51
C GLN J 143 78.85 53.54 59.66
N TYR J 144 79.66 52.52 59.36
CA TYR J 144 80.60 51.99 60.33
C TYR J 144 82.01 52.44 60.01
N VAL J 145 82.36 52.46 58.73
CA VAL J 145 83.65 53.02 58.31
C VAL J 145 83.63 54.54 58.51
N ASP J 146 82.53 55.19 58.15
CA ASP J 146 82.45 56.64 58.27
C ASP J 146 82.63 57.08 59.72
N THR J 147 81.95 56.42 60.65
CA THR J 147 82.08 56.78 62.06
C THR J 147 83.51 56.56 62.54
N ALA J 148 84.10 55.43 62.18
CA ALA J 148 85.48 55.15 62.60
C ALA J 148 86.45 56.18 62.01
N ASN J 149 86.31 56.48 60.72
CA ASN J 149 87.21 57.44 60.09
C ASN J 149 87.00 58.84 60.68
N THR J 150 85.75 59.24 60.89
CA THR J 150 85.49 60.56 61.45
C THR J 150 85.82 60.65 62.94
N ALA J 151 85.83 59.51 63.63
CA ALA J 151 86.15 59.51 65.06
C ALA J 151 87.62 59.72 65.36
N GLN J 152 88.49 59.70 64.33
CA GLN J 152 89.92 59.87 64.51
C GLN J 152 90.44 61.08 63.74
N ASN J 153 89.54 62.01 63.38
CA ASN J 153 89.99 63.22 62.70
C ASN J 153 90.92 64.04 63.59
N ALA J 154 90.78 63.94 64.90
CA ALA J 154 91.64 64.65 65.83
C ALA J 154 91.78 63.87 67.14
N TYR K 2 9.00 -7.76 80.16
CA TYR K 2 8.12 -8.41 79.20
C TYR K 2 7.08 -9.29 79.86
N SER K 3 7.50 -10.05 80.88
CA SER K 3 6.66 -11.09 81.47
C SER K 3 6.26 -10.82 82.91
N VAL K 4 6.91 -9.86 83.59
CA VAL K 4 6.64 -9.61 85.01
C VAL K 4 6.33 -8.13 85.20
N GLN K 5 5.37 -7.86 86.09
CA GLN K 5 4.99 -6.51 86.45
C GLN K 5 4.84 -6.43 87.96
N ILE K 6 5.30 -5.32 88.53
CA ILE K 6 5.28 -5.11 89.97
C ILE K 6 4.72 -3.72 90.25
N ALA K 7 3.90 -3.61 91.29
CA ALA K 7 3.32 -2.34 91.71
C ALA K 7 3.49 -2.19 93.21
N VAL K 8 4.09 -1.08 93.63
CA VAL K 8 4.31 -0.77 95.03
C VAL K 8 3.27 0.25 95.46
N SER K 9 2.50 -0.08 96.50
CA SER K 9 1.39 0.74 96.91
C SER K 9 1.81 1.71 98.02
N ASP K 10 1.39 2.96 97.89
CA ASP K 10 1.61 3.95 98.93
C ASP K 10 0.49 3.96 99.98
N GLY K 11 -0.58 3.20 99.76
CA GLY K 11 -1.68 3.14 100.71
C GLY K 11 -3.05 3.22 100.08
N THR K 12 -3.10 3.25 98.75
CA THR K 12 -4.36 3.37 98.04
C THR K 12 -4.48 2.46 96.83
N LEU K 13 -3.59 1.47 96.67
CA LEU K 13 -3.65 0.60 95.50
C LEU K 13 -4.88 -0.29 95.57
N THR K 14 -5.73 -0.18 94.54
CA THR K 14 -6.93 -1.03 94.42
C THR K 14 -7.14 -1.61 93.04
N ARG K 15 -6.58 -1.03 91.98
CA ARG K 15 -6.74 -1.52 90.62
C ARG K 15 -5.39 -1.55 89.92
N ILE K 16 -5.22 -2.50 89.01
CA ILE K 16 -3.99 -2.68 88.26
C ILE K 16 -4.33 -2.73 86.77
N ALA K 17 -3.56 -2.00 85.97
CA ALA K 17 -3.70 -1.99 84.53
C ALA K 17 -2.57 -2.82 83.91
N LEU K 18 -2.95 -3.87 83.19
CA LEU K 18 -1.95 -4.78 82.63
C LEU K 18 -1.11 -4.07 81.58
N SER K 19 0.18 -4.41 81.54
CA SER K 19 1.11 -3.85 80.56
C SER K 19 1.94 -4.96 79.93
N ILE K 20 1.40 -6.18 79.88
CA ILE K 20 2.08 -7.32 79.27
C ILE K 20 1.06 -8.12 78.48
N GLU K 21 1.50 -8.66 77.35
CA GLU K 21 0.65 -9.42 76.46
C GLU K 21 0.69 -10.91 76.82
N TYR K 22 -0.28 -11.66 76.28
CA TYR K 22 -0.39 -13.08 76.58
C TYR K 22 -1.21 -13.74 75.47
N PHE K 23 -1.22 -15.08 75.49
CA PHE K 23 -2.01 -15.85 74.54
C PHE K 23 -3.43 -16.10 75.05
N GLU K 24 -3.57 -16.54 76.29
CA GLU K 24 -4.87 -16.77 76.89
C GLU K 24 -4.84 -16.33 78.35
N LYS K 25 -6.03 -16.07 78.89
CA LYS K 25 -6.13 -15.52 80.24
C LYS K 25 -5.66 -16.49 81.32
N ASP K 26 -5.58 -17.79 81.00
CA ASP K 26 -5.19 -18.78 82.00
C ASP K 26 -3.73 -18.67 82.40
N ASP K 27 -2.93 -17.87 81.69
CA ASP K 27 -1.49 -17.83 81.95
C ASP K 27 -1.11 -16.85 83.05
N ILE K 28 -2.04 -16.00 83.49
CA ILE K 28 -1.75 -14.91 84.43
C ILE K 28 -2.05 -15.38 85.84
N THR K 29 -1.22 -14.97 86.79
CA THR K 29 -1.41 -15.30 88.20
C THR K 29 -0.84 -14.17 89.05
N LEU K 30 -1.30 -14.12 90.31
CA LEU K 30 -0.86 -13.12 91.27
C LEU K 30 -0.30 -13.82 92.51
N TYR K 31 0.70 -13.20 93.14
CA TYR K 31 1.41 -13.81 94.26
C TYR K 31 1.57 -12.87 95.46
N ARG K 32 0.92 -11.72 95.46
CA ARG K 32 1.13 -10.70 96.51
C ARG K 32 2.63 -10.36 96.51
N ASN K 33 3.25 -10.19 97.67
CA ASN K 33 4.62 -9.67 97.74
C ASN K 33 5.67 -10.76 97.91
N LEU K 34 5.65 -11.50 99.02
CA LEU K 34 6.71 -12.45 99.32
C LEU K 34 6.13 -13.74 99.87
N GLU K 35 5.07 -14.25 99.25
CA GLU K 35 4.42 -15.47 99.66
C GLU K 35 4.56 -16.52 98.56
N LEU K 36 4.63 -17.78 98.98
CA LEU K 36 4.79 -18.90 98.05
C LEU K 36 3.46 -19.56 97.71
N THR K 37 2.36 -18.80 97.74
CA THR K 37 1.05 -19.33 97.42
C THR K 37 0.30 -18.28 96.61
N PRO K 38 -0.19 -18.62 95.42
CA PRO K 38 -0.89 -17.64 94.60
C PRO K 38 -2.25 -17.28 95.17
N LEU K 39 -2.69 -16.07 94.86
CA LEU K 39 -4.02 -15.62 95.29
C LEU K 39 -5.10 -16.38 94.52
N VAL K 40 -6.17 -16.73 95.22
CA VAL K 40 -7.24 -17.54 94.65
C VAL K 40 -8.10 -16.66 93.74
N LEU K 41 -8.27 -17.09 92.50
CA LEU K 41 -9.12 -16.38 91.56
C LEU K 41 -10.58 -16.52 91.98
N GLY K 42 -11.34 -15.43 91.85
CA GLY K 42 -12.75 -15.41 92.18
C GLY K 42 -13.05 -14.94 93.59
N THR K 43 -12.07 -14.98 94.49
CA THR K 43 -12.25 -14.51 95.85
C THR K 43 -11.28 -13.40 96.22
N ASP K 44 -10.13 -13.30 95.56
CA ASP K 44 -9.15 -12.26 95.84
C ASP K 44 -9.02 -11.25 94.71
N TRP K 45 -9.34 -11.62 93.47
CA TRP K 45 -9.28 -10.69 92.36
C TRP K 45 -10.21 -11.17 91.25
N GLN K 46 -10.58 -10.24 90.38
CA GLN K 46 -11.47 -10.51 89.25
C GLN K 46 -10.87 -9.98 87.96
N TRP K 47 -11.34 -10.55 86.86
CA TRP K 47 -11.03 -9.98 85.55
C TRP K 47 -12.10 -8.97 85.16
N ASP K 48 -11.67 -7.74 84.91
CA ASP K 48 -12.56 -6.66 84.49
C ASP K 48 -12.25 -6.37 83.02
N GLY K 49 -13.20 -6.69 82.15
CA GLY K 49 -12.92 -6.58 80.73
C GLY K 49 -11.74 -7.45 80.35
N ASP K 50 -10.78 -6.85 79.64
CA ASP K 50 -9.55 -7.53 79.29
C ASP K 50 -8.31 -6.69 79.56
N THR K 51 -8.44 -5.57 80.30
CA THR K 51 -7.33 -4.66 80.52
C THR K 51 -7.09 -4.34 81.99
N HIS K 52 -8.05 -4.61 82.88
CA HIS K 52 -7.93 -4.23 84.28
C HIS K 52 -8.20 -5.43 85.17
N ILE K 53 -7.60 -5.41 86.36
CA ILE K 53 -7.78 -6.43 87.38
C ILE K 53 -8.20 -5.73 88.67
N ASN K 54 -9.26 -6.23 89.29
CA ASN K 54 -9.82 -5.63 90.49
C ASN K 54 -9.62 -6.55 91.68
N LEU K 55 -9.10 -5.98 92.78
CA LEU K 55 -8.91 -6.73 94.01
C LEU K 55 -10.22 -6.77 94.79
N LEU K 56 -10.35 -7.80 95.65
CA LEU K 56 -11.57 -8.01 96.42
C LEU K 56 -11.33 -8.17 97.91
N THR K 57 -10.20 -8.74 98.33
CA THR K 57 -9.91 -8.97 99.75
C THR K 57 -8.73 -8.12 100.16
N GLY K 58 -8.92 -7.32 101.20
CA GLY K 58 -7.89 -6.38 101.60
C GLY K 58 -7.50 -5.43 100.49
N ILE K 59 -8.49 -4.86 99.81
CA ILE K 59 -8.23 -4.06 98.61
C ILE K 59 -7.31 -2.88 98.93
N PRO K 60 -7.44 -2.19 100.09
CA PRO K 60 -6.46 -1.13 100.36
C PRO K 60 -5.14 -1.72 100.84
N VAL K 61 -4.15 -1.73 99.97
CA VAL K 61 -2.88 -2.40 100.29
C VAL K 61 -2.10 -1.55 101.28
N PRO K 62 -1.67 -2.11 102.43
CA PRO K 62 -0.88 -1.32 103.38
C PRO K 62 0.36 -0.70 102.74
N VAL K 63 0.94 0.30 103.40
CA VAL K 63 2.09 0.99 102.85
C VAL K 63 3.29 0.04 102.84
N GLY K 64 3.99 -0.02 101.71
CA GLY K 64 5.17 -0.84 101.57
C GLY K 64 4.95 -2.20 100.95
N SER K 65 3.71 -2.66 100.84
CA SER K 65 3.43 -3.95 100.21
C SER K 65 3.21 -3.77 98.72
N TYR K 66 3.52 -4.81 97.96
CA TYR K 66 3.45 -4.74 96.50
C TYR K 66 2.82 -6.02 95.96
N ILE K 67 2.26 -5.90 94.76
CA ILE K 67 1.60 -7.01 94.06
C ILE K 67 2.38 -7.30 92.79
N THR K 68 2.52 -8.59 92.47
CA THR K 68 3.29 -9.03 91.31
C THR K 68 2.42 -9.87 90.40
N VAL K 69 2.69 -9.79 89.10
CA VAL K 69 1.95 -10.52 88.08
C VAL K 69 2.94 -11.37 87.29
N ARG K 70 2.54 -12.60 86.97
CA ARG K 70 3.41 -13.56 86.32
C ARG K 70 2.71 -14.13 85.08
N ARG K 71 3.51 -14.63 84.16
CA ARG K 71 3.01 -15.24 82.92
C ARG K 71 3.70 -16.56 82.67
N ASN K 72 2.97 -17.50 82.07
CA ASN K 72 3.49 -18.82 81.77
C ASN K 72 2.69 -19.43 80.63
N THR K 73 3.32 -19.63 79.49
CA THR K 73 2.66 -20.18 78.31
C THR K 73 2.82 -21.69 78.26
N ASP K 74 2.00 -22.32 77.40
CA ASP K 74 2.04 -23.77 77.26
C ASP K 74 3.40 -24.21 76.72
N ILE K 75 3.90 -25.33 77.24
CA ILE K 75 5.22 -25.82 76.88
C ILE K 75 5.15 -27.29 76.46
N ASP K 76 3.99 -27.91 76.62
CA ASP K 76 3.87 -29.34 76.35
C ASP K 76 3.94 -29.66 74.86
N ARG K 77 3.28 -28.88 74.02
CA ARG K 77 3.21 -29.16 72.60
C ARG K 77 3.02 -27.87 71.82
N ALA K 78 3.33 -27.93 70.53
CA ALA K 78 3.09 -26.80 69.65
C ALA K 78 1.60 -26.61 69.42
N PHE K 79 1.19 -25.34 69.25
CA PHE K 79 -0.22 -25.05 69.05
C PHE K 79 -0.76 -25.71 67.79
N ASN K 80 -0.01 -25.63 66.69
CA ASN K 80 -0.45 -26.15 65.40
C ASN K 80 0.41 -27.32 64.99
N ILE K 81 -0.22 -28.44 64.67
CA ILE K 81 0.46 -29.62 64.13
C ILE K 81 -0.20 -29.94 62.81
N TYR K 82 0.56 -29.81 61.71
CA TYR K 82 -0.01 -30.00 60.38
C TYR K 82 -0.44 -31.44 60.16
N ASP K 83 0.34 -32.40 60.66
CA ASP K 83 -0.01 -33.80 60.47
C ASP K 83 -1.28 -34.18 61.21
N GLY K 84 -1.74 -33.36 62.14
CA GLY K 84 -2.95 -33.64 62.89
C GLY K 84 -4.17 -32.93 62.35
N GLY K 85 -4.09 -32.43 61.12
CA GLY K 85 -5.21 -31.78 60.48
C GLY K 85 -5.17 -30.26 60.49
N ALA K 86 -4.12 -29.66 61.02
CA ALA K 86 -4.03 -28.21 61.03
C ALA K 86 -3.72 -27.68 59.63
N ALA K 87 -4.45 -26.63 59.22
CA ALA K 87 -4.24 -26.05 57.92
C ALA K 87 -2.91 -25.30 57.86
N PHE K 88 -2.39 -25.13 56.64
CA PHE K 88 -1.14 -24.43 56.43
C PHE K 88 -1.40 -23.01 55.95
N ASN K 89 -1.16 -22.04 56.81
CA ASN K 89 -1.33 -20.63 56.49
C ASN K 89 -0.09 -19.88 57.01
N ARG K 90 -0.08 -18.56 56.80
CA ARG K 90 0.97 -17.73 57.38
C ARG K 90 0.81 -17.64 58.89
N GLU K 91 -0.43 -17.56 59.36
CA GLU K 91 -0.69 -17.43 60.79
C GLU K 91 -0.20 -18.65 61.56
N THR K 92 -0.39 -19.85 61.01
CA THR K 92 0.04 -21.07 61.70
C THR K 92 1.55 -21.14 61.88
N LEU K 93 2.32 -20.40 61.09
CA LEU K 93 3.77 -20.33 61.25
C LEU K 93 4.16 -19.18 62.17
N ASP K 94 3.53 -18.03 61.99
CA ASP K 94 3.84 -16.88 62.84
C ASP K 94 3.54 -17.19 64.30
N GLU K 95 2.39 -17.81 64.57
CA GLU K 95 2.05 -18.18 65.94
C GLU K 95 3.03 -19.21 66.49
N ASN K 96 3.43 -20.17 65.67
CA ASN K 96 4.39 -21.17 66.13
C ASN K 96 5.71 -20.53 66.55
N PHE K 97 6.20 -19.58 65.75
CA PHE K 97 7.45 -18.92 66.12
C PHE K 97 7.28 -18.01 67.32
N LYS K 98 6.14 -17.31 67.40
CA LYS K 98 5.89 -16.45 68.55
C LYS K 98 5.78 -17.25 69.85
N GLN K 99 5.28 -18.49 69.78
CA GLN K 99 5.27 -19.33 70.96
C GLN K 99 6.67 -19.58 71.49
N MET K 100 7.63 -19.86 70.60
CA MET K 100 9.00 -20.08 71.04
C MET K 100 9.65 -18.81 71.53
N ILE K 101 9.30 -17.66 70.95
CA ILE K 101 9.86 -16.40 71.42
C ILE K 101 9.43 -16.14 72.87
N TYR K 102 8.16 -16.42 73.19
CA TYR K 102 7.65 -16.15 74.52
C TYR K 102 8.38 -16.97 75.58
N LEU K 103 8.68 -18.24 75.28
CA LEU K 103 9.36 -19.08 76.25
C LEU K 103 10.77 -18.58 76.55
N ALA K 104 11.43 -17.96 75.57
CA ALA K 104 12.73 -17.36 75.83
C ALA K 104 12.58 -16.08 76.65
N GLN K 105 11.56 -15.27 76.34
CA GLN K 105 11.34 -14.05 77.10
C GLN K 105 11.08 -14.37 78.57
N GLU K 106 10.30 -15.42 78.85
CA GLU K 106 10.04 -15.80 80.23
C GLU K 106 11.26 -16.33 80.95
N PHE K 107 12.17 -17.01 80.25
CA PHE K 107 13.34 -17.60 80.89
C PHE K 107 14.45 -16.59 81.15
N THR K 108 14.65 -15.64 80.22
CA THR K 108 15.72 -14.67 80.41
C THR K 108 15.50 -13.81 81.65
N GLU K 109 14.27 -13.76 82.18
CA GLU K 109 13.97 -12.96 83.36
C GLU K 109 13.89 -13.83 84.61
N GLY K 110 14.26 -15.11 84.49
CA GLY K 110 14.26 -16.00 85.63
C GLY K 110 12.89 -16.42 86.12
N ASN K 111 11.84 -16.26 85.30
CA ASN K 111 10.50 -16.59 85.75
C ASN K 111 10.18 -18.08 85.59
N GLY K 112 11.04 -18.85 84.92
CA GLY K 112 10.72 -20.23 84.62
C GLY K 112 11.55 -21.26 85.37
N LEU K 113 12.82 -20.96 85.62
CA LEU K 113 13.72 -21.93 86.25
C LEU K 113 13.26 -22.22 87.67
N THR K 114 13.31 -23.49 88.05
CA THR K 114 12.83 -23.91 89.36
C THR K 114 13.70 -24.97 90.03
N GLY K 115 14.92 -25.19 89.58
CA GLY K 115 15.75 -26.20 90.19
C GLY K 115 17.13 -26.23 89.56
N LEU K 116 17.98 -27.08 90.14
CA LEU K 116 19.35 -27.25 89.68
C LEU K 116 19.82 -28.64 90.07
N TYR K 117 20.71 -29.21 89.25
CA TYR K 117 21.17 -30.59 89.45
C TYR K 117 22.68 -30.74 89.27
N PHE K 118 23.45 -29.66 89.30
CA PHE K 118 24.88 -29.73 89.08
C PHE K 118 25.54 -28.56 89.83
N PRO K 119 26.71 -28.78 90.42
CA PRO K 119 27.39 -27.66 91.10
C PRO K 119 27.71 -26.54 90.14
N LEU K 120 27.64 -25.30 90.64
CA LEU K 120 27.88 -24.12 89.84
C LEU K 120 29.28 -23.57 90.07
N ASP K 121 29.79 -22.86 89.07
CA ASP K 121 31.04 -22.11 89.17
C ASP K 121 30.76 -20.64 88.88
N MET K 122 30.87 -19.81 89.90
CA MET K 122 30.49 -18.41 89.79
C MET K 122 31.56 -17.55 89.13
N HIS K 123 32.77 -18.06 88.95
CA HIS K 123 33.85 -17.33 88.28
C HIS K 123 34.16 -16.01 88.97
N GLY K 124 33.91 -15.92 90.27
CA GLY K 124 34.26 -14.74 91.05
C GLY K 124 33.14 -13.73 91.22
N PHE K 125 31.98 -13.95 90.60
CA PHE K 125 30.87 -13.02 90.76
C PHE K 125 30.15 -13.28 92.08
N GLN K 126 29.26 -12.36 92.45
CA GLN K 126 28.66 -12.33 93.77
C GLN K 126 27.15 -12.46 93.69
N ILE K 127 26.56 -13.05 94.73
CA ILE K 127 25.12 -13.01 94.93
C ILE K 127 24.78 -11.88 95.91
N LYS K 128 23.64 -11.23 95.67
CA LYS K 128 23.34 -9.99 96.39
C LYS K 128 22.19 -10.14 97.38
N ASN K 129 21.00 -10.51 96.89
CA ASN K 129 19.82 -10.61 97.75
C ASN K 129 19.56 -12.06 98.12
N LEU K 130 20.27 -12.53 99.15
CA LEU K 130 20.21 -13.92 99.56
C LEU K 130 19.12 -14.19 100.59
N GLY K 131 18.38 -13.15 101.03
CA GLY K 131 17.39 -13.39 102.06
C GLY K 131 18.05 -13.70 103.40
N GLU K 132 17.27 -14.32 104.28
CA GLU K 132 17.74 -14.70 105.60
C GLU K 132 17.50 -16.18 105.83
N PRO K 133 18.44 -16.88 106.51
CA PRO K 133 18.25 -18.30 106.75
C PRO K 133 17.09 -18.58 107.68
N THR K 134 16.46 -19.73 107.48
CA THR K 134 15.43 -20.24 108.40
C THR K 134 15.61 -21.71 108.75
N ASP K 135 16.40 -22.47 107.99
CA ASP K 135 16.63 -23.89 108.22
C ASP K 135 18.13 -24.16 108.21
N PRO K 136 18.58 -25.27 108.80
CA PRO K 136 20.02 -25.56 108.85
C PRO K 136 20.67 -25.73 107.49
N GLY K 137 19.90 -26.06 106.45
CA GLY K 137 20.44 -26.23 105.12
C GLY K 137 20.46 -24.99 104.25
N ASP K 138 20.13 -23.83 104.80
CA ASP K 138 20.12 -22.61 104.02
C ASP K 138 21.50 -21.98 103.97
N ALA K 139 21.73 -21.14 102.97
CA ALA K 139 23.00 -20.45 102.78
C ALA K 139 22.99 -19.19 103.63
N VAL K 140 23.90 -19.14 104.61
CA VAL K 140 23.96 -18.00 105.51
C VAL K 140 24.44 -16.77 104.74
N THR K 141 23.75 -15.66 104.93
CA THR K 141 24.13 -14.41 104.31
C THR K 141 24.93 -13.54 105.28
N LYS K 142 25.52 -12.47 104.75
CA LYS K 142 26.21 -11.52 105.60
C LYS K 142 25.18 -10.73 106.43
N GLN K 143 25.68 -10.05 107.45
CA GLN K 143 24.85 -9.34 108.42
C GLN K 143 24.14 -10.33 109.35
N TYR K 144 24.32 -11.63 109.09
CA TYR K 144 23.89 -12.64 110.04
C TYR K 144 25.08 -13.22 110.80
N VAL K 145 26.19 -13.43 110.09
CA VAL K 145 27.43 -13.83 110.76
C VAL K 145 27.98 -12.68 111.59
N ASP K 146 27.93 -11.46 111.03
CA ASP K 146 28.46 -10.30 111.75
C ASP K 146 27.73 -10.09 113.06
N THR K 147 26.39 -10.14 113.05
CA THR K 147 25.64 -9.95 114.28
C THR K 147 25.95 -11.05 115.28
N ALA K 148 26.03 -12.30 114.83
CA ALA K 148 26.34 -13.39 115.74
C ALA K 148 27.73 -13.24 116.33
N ASN K 149 28.71 -12.92 115.49
CA ASN K 149 30.09 -12.77 115.97
C ASN K 149 30.20 -11.58 116.92
N THR K 150 29.56 -10.46 116.58
CA THR K 150 29.62 -9.28 117.43
C THR K 150 28.78 -9.44 118.70
N ALA K 151 27.78 -10.31 118.68
CA ALA K 151 26.92 -10.52 119.84
C ALA K 151 27.60 -11.31 120.95
N GLN K 152 28.78 -11.89 120.68
CA GLN K 152 29.49 -12.68 121.68
C GLN K 152 30.87 -12.10 121.96
N ASN K 153 31.07 -10.81 121.66
CA ASN K 153 32.34 -10.18 121.98
C ASN K 153 32.59 -10.15 123.48
N ALA K 154 31.53 -10.14 124.28
CA ALA K 154 31.66 -10.15 125.73
C ALA K 154 30.45 -10.84 126.36
N TYR L 2 -55.74 -11.79 57.63
CA TYR L 2 -55.81 -11.71 56.18
C TYR L 2 -57.25 -11.70 55.69
N SER L 3 -58.10 -12.56 56.27
CA SER L 3 -59.43 -12.81 55.76
C SER L 3 -60.55 -12.34 56.69
N VAL L 4 -60.25 -12.03 57.94
CA VAL L 4 -61.29 -11.66 58.91
C VAL L 4 -60.92 -10.34 59.56
N GLN L 5 -61.94 -9.51 59.79
CA GLN L 5 -61.78 -8.24 60.46
C GLN L 5 -62.90 -8.08 61.48
N ILE L 6 -62.55 -7.54 62.64
CA ILE L 6 -63.50 -7.36 63.75
C ILE L 6 -63.36 -5.94 64.27
N ALA L 7 -64.49 -5.33 64.61
CA ALA L 7 -64.52 -3.99 65.18
C ALA L 7 -65.42 -3.98 66.40
N VAL L 8 -64.89 -3.52 67.52
CA VAL L 8 -65.63 -3.43 68.78
C VAL L 8 -66.03 -1.97 68.99
N SER L 9 -67.33 -1.74 69.15
CA SER L 9 -67.85 -0.38 69.22
C SER L 9 -67.96 0.08 70.67
N ASP L 10 -67.53 1.31 70.92
CA ASP L 10 -67.71 1.92 72.24
C ASP L 10 -69.04 2.65 72.37
N GLY L 11 -69.81 2.76 71.29
CA GLY L 11 -71.10 3.42 71.34
C GLY L 11 -71.35 4.37 70.18
N THR L 12 -70.42 4.44 69.22
CA THR L 12 -70.54 5.35 68.10
C THR L 12 -70.15 4.72 66.77
N LEU L 13 -70.02 3.41 66.69
CA LEU L 13 -69.62 2.78 65.43
C LEU L 13 -70.72 2.90 64.39
N THR L 14 -70.41 3.53 63.27
CA THR L 14 -71.35 3.65 62.16
C THR L 14 -70.74 3.34 60.79
N ARG L 15 -69.43 3.43 60.62
CA ARG L 15 -68.77 3.15 59.34
C ARG L 15 -67.56 2.26 59.58
N ILE L 16 -67.27 1.43 58.59
CA ILE L 16 -66.15 0.50 58.64
C ILE L 16 -65.29 0.68 57.40
N ALA L 17 -63.98 0.74 57.59
CA ALA L 17 -63.02 0.83 56.49
C ALA L 17 -62.36 -0.52 56.29
N LEU L 18 -62.52 -1.09 55.09
CA LEU L 18 -62.01 -2.42 54.82
C LEU L 18 -60.48 -2.42 54.86
N SER L 19 -59.91 -3.51 55.37
CA SER L 19 -58.48 -3.70 55.45
C SER L 19 -58.07 -5.07 54.94
N ILE L 20 -58.88 -5.66 54.06
CA ILE L 20 -58.61 -6.96 53.47
C ILE L 20 -58.97 -6.91 51.99
N GLU L 21 -58.17 -7.61 51.18
CA GLU L 21 -58.35 -7.64 49.75
C GLU L 21 -59.25 -8.81 49.34
N TYR L 22 -59.73 -8.74 48.09
CA TYR L 22 -60.65 -9.75 47.58
C TYR L 22 -60.60 -9.73 46.05
N PHE L 23 -61.24 -10.73 45.46
CA PHE L 23 -61.34 -10.82 44.00
C PHE L 23 -62.56 -10.09 43.47
N GLU L 24 -63.73 -10.33 44.07
CA GLU L 24 -64.96 -9.67 43.68
C GLU L 24 -65.77 -9.35 44.92
N LYS L 25 -66.68 -8.38 44.79
CA LYS L 25 -67.44 -7.90 45.93
C LYS L 25 -68.39 -8.94 46.49
N ASP L 26 -68.72 -9.98 45.71
CA ASP L 26 -69.67 -10.99 46.17
C ASP L 26 -69.12 -11.85 47.30
N ASP L 27 -67.82 -11.76 47.61
CA ASP L 27 -67.22 -12.66 48.58
C ASP L 27 -67.35 -12.16 50.01
N ILE L 28 -67.78 -10.91 50.20
CA ILE L 28 -67.79 -10.28 51.52
C ILE L 28 -69.17 -10.44 52.13
N THR L 29 -69.21 -10.66 53.45
CA THR L 29 -70.46 -10.79 54.19
C THR L 29 -70.26 -10.30 55.62
N LEU L 30 -71.37 -9.96 56.27
CA LEU L 30 -71.37 -9.48 57.65
C LEU L 30 -72.26 -10.38 58.49
N TYR L 31 -71.88 -10.56 59.77
CA TYR L 31 -72.58 -11.48 60.66
C TYR L 31 -72.91 -10.87 62.02
N ARG L 32 -72.75 -9.57 62.20
CA ARG L 32 -72.91 -8.94 63.53
C ARG L 32 -71.95 -9.64 64.49
N ASN L 33 -72.37 -9.92 65.72
CA ASN L 33 -71.44 -10.41 66.75
C ASN L 33 -71.50 -11.92 66.94
N LEU L 34 -72.64 -12.47 67.37
CA LEU L 34 -72.72 -13.88 67.72
C LEU L 34 -74.01 -14.50 67.19
N GLU L 35 -74.36 -14.19 65.95
CA GLU L 35 -75.57 -14.70 65.32
C GLU L 35 -75.19 -15.59 64.15
N LEU L 36 -76.02 -16.60 63.89
CA LEU L 36 -75.79 -17.55 62.81
C LEU L 36 -76.55 -17.19 61.55
N THR L 37 -76.82 -15.90 61.32
CA THR L 37 -77.54 -15.46 60.15
C THR L 37 -76.88 -14.17 59.65
N PRO L 38 -76.45 -14.12 58.40
CA PRO L 38 -75.80 -12.90 57.90
C PRO L 38 -76.77 -11.76 57.72
N LEU L 39 -76.23 -10.54 57.83
CA LEU L 39 -77.04 -9.34 57.61
C LEU L 39 -77.43 -9.23 56.14
N VAL L 40 -78.65 -8.80 55.89
CA VAL L 40 -79.19 -8.72 54.53
C VAL L 40 -78.62 -7.50 53.83
N LEU L 41 -78.01 -7.71 52.67
CA LEU L 41 -77.48 -6.62 51.88
C LEU L 41 -78.62 -5.78 51.32
N GLY L 42 -78.45 -4.46 51.32
CA GLY L 42 -79.43 -3.54 50.80
C GLY L 42 -80.38 -2.98 51.84
N THR L 43 -80.51 -3.65 52.99
CA THR L 43 -81.36 -3.18 54.08
C THR L 43 -80.60 -2.94 55.37
N ASP L 44 -79.46 -3.62 55.56
CA ASP L 44 -78.66 -3.46 56.77
C ASP L 44 -77.32 -2.78 56.51
N TRP L 45 -76.79 -2.86 55.29
CA TRP L 45 -75.54 -2.18 54.97
C TRP L 45 -75.47 -1.95 53.47
N GLN L 46 -74.62 -0.99 53.08
CA GLN L 46 -74.44 -0.63 51.69
C GLN L 46 -72.96 -0.61 51.34
N TRP L 47 -72.67 -0.74 50.06
CA TRP L 47 -71.32 -0.51 49.56
C TRP L 47 -71.16 0.96 49.18
N ASP L 48 -70.18 1.62 49.80
CA ASP L 48 -69.87 3.01 49.52
C ASP L 48 -68.54 3.05 48.79
N GLY L 49 -68.56 3.41 47.50
CA GLY L 49 -67.36 3.31 46.71
C GLY L 49 -66.85 1.88 46.69
N ASP L 50 -65.57 1.72 46.98
CA ASP L 50 -64.95 0.40 47.10
C ASP L 50 -64.10 0.26 48.34
N THR L 51 -64.19 1.18 49.29
CA THR L 51 -63.34 1.17 50.48
C THR L 51 -64.11 1.24 51.79
N HIS L 52 -65.38 1.65 51.77
CA HIS L 52 -66.14 1.86 52.99
C HIS L 52 -67.46 1.12 52.93
N ILE L 53 -67.97 0.76 54.09
CA ILE L 53 -69.26 0.10 54.24
C ILE L 53 -70.08 0.89 55.24
N ASN L 54 -71.32 1.19 54.88
CA ASN L 54 -72.21 2.02 55.69
C ASN L 54 -73.36 1.19 56.23
N LEU L 55 -73.59 1.29 57.53
CA LEU L 55 -74.71 0.60 58.16
C LEU L 55 -75.99 1.41 57.99
N LEU L 56 -77.14 0.71 58.04
CA LEU L 56 -78.43 1.34 57.84
C LEU L 56 -79.45 1.06 58.94
N THR L 57 -79.39 -0.11 59.57
CA THR L 57 -80.36 -0.47 60.62
C THR L 57 -79.62 -0.58 61.94
N GLY L 58 -80.10 0.15 62.95
CA GLY L 58 -79.40 0.19 64.21
C GLY L 58 -77.98 0.67 64.08
N ILE L 59 -77.75 1.74 63.33
CA ILE L 59 -76.41 2.19 62.99
C ILE L 59 -75.61 2.49 64.25
N PRO L 60 -76.18 3.10 65.32
CA PRO L 60 -75.36 3.27 66.54
C PRO L 60 -75.26 1.96 67.31
N VAL L 61 -74.12 1.31 67.24
CA VAL L 61 -73.97 -0.02 67.83
C VAL L 61 -73.87 0.13 69.35
N PRO L 62 -74.71 -0.58 70.13
CA PRO L 62 -74.60 -0.49 71.60
C PRO L 62 -73.20 -0.81 72.09
N VAL L 63 -72.91 -0.43 73.33
CA VAL L 63 -71.58 -0.66 73.88
C VAL L 63 -71.37 -2.15 74.10
N GLY L 64 -70.21 -2.65 73.64
CA GLY L 64 -69.85 -4.04 73.81
C GLY L 64 -70.15 -4.93 72.63
N SER L 65 -70.95 -4.48 71.66
CA SER L 65 -71.24 -5.28 70.48
C SER L 65 -70.21 -5.00 69.40
N TYR L 66 -69.96 -6.00 68.55
CA TYR L 66 -68.95 -5.90 67.51
C TYR L 66 -69.49 -6.46 66.21
N ILE L 67 -68.88 -6.01 65.11
CA ILE L 67 -69.24 -6.42 63.76
C ILE L 67 -68.05 -7.15 63.15
N THR L 68 -68.33 -8.22 62.40
CA THR L 68 -67.30 -9.05 61.81
C THR L 68 -67.50 -9.14 60.30
N VAL L 69 -66.40 -9.25 59.58
CA VAL L 69 -66.40 -9.32 58.12
C VAL L 69 -65.70 -10.61 57.71
N ARG L 70 -66.25 -11.29 56.71
CA ARG L 70 -65.76 -12.58 56.26
C ARG L 70 -65.51 -12.55 54.76
N ARG L 71 -64.64 -13.46 54.30
CA ARG L 71 -64.32 -13.59 52.89
C ARG L 71 -64.37 -15.06 52.48
N ASN L 72 -64.77 -15.29 51.23
CA ASN L 72 -64.87 -16.65 50.69
C ASN L 72 -64.77 -16.58 49.18
N THR L 73 -63.70 -17.15 48.62
CA THR L 73 -63.47 -17.13 47.19
C THR L 73 -64.05 -18.40 46.53
N ASP L 74 -64.16 -18.34 45.21
CA ASP L 74 -64.70 -19.47 44.46
C ASP L 74 -63.78 -20.68 44.60
N ILE L 75 -64.39 -21.87 44.72
CA ILE L 75 -63.66 -23.10 44.97
C ILE L 75 -64.06 -24.17 43.95
N ASP L 76 -65.08 -23.88 43.15
CA ASP L 76 -65.62 -24.90 42.24
C ASP L 76 -64.66 -25.19 41.08
N ARG L 77 -64.06 -24.16 40.49
CA ARG L 77 -63.22 -24.34 39.32
C ARG L 77 -62.17 -23.22 39.28
N ALA L 78 -61.12 -23.47 38.51
CA ALA L 78 -60.10 -22.45 38.28
C ALA L 78 -60.65 -21.34 37.39
N PHE L 79 -60.17 -20.12 37.63
CA PHE L 79 -60.66 -18.98 36.86
C PHE L 79 -60.36 -19.13 35.38
N ASN L 80 -59.14 -19.56 35.05
CA ASN L 80 -58.70 -19.66 33.67
C ASN L 80 -58.48 -21.13 33.31
N ILE L 81 -59.10 -21.58 32.22
CA ILE L 81 -58.89 -22.90 31.67
C ILE L 81 -58.44 -22.71 30.23
N TYR L 82 -57.20 -23.12 29.93
CA TYR L 82 -56.65 -22.88 28.60
C TYR L 82 -57.37 -23.71 27.55
N ASP L 83 -57.75 -24.94 27.88
CA ASP L 83 -58.44 -25.79 26.92
C ASP L 83 -59.82 -25.25 26.57
N GLY L 84 -60.35 -24.32 27.36
CA GLY L 84 -61.66 -23.76 27.10
C GLY L 84 -61.62 -22.42 26.38
N GLY L 85 -60.46 -22.09 25.79
CA GLY L 85 -60.31 -20.87 25.03
C GLY L 85 -59.61 -19.74 25.76
N ALA L 86 -59.14 -19.96 26.98
CA ALA L 86 -58.44 -18.91 27.72
C ALA L 86 -57.05 -18.71 27.12
N ALA L 87 -56.67 -17.44 26.94
CA ALA L 87 -55.36 -17.14 26.39
C ALA L 87 -54.26 -17.43 27.42
N PHE L 88 -53.05 -17.63 26.92
CA PHE L 88 -51.90 -17.91 27.77
C PHE L 88 -51.06 -16.66 27.94
N ASN L 89 -51.10 -16.08 29.14
CA ASN L 89 -50.32 -14.89 29.47
C ASN L 89 -49.68 -15.12 30.84
N ARG L 90 -48.92 -14.13 31.30
CA ARG L 90 -48.39 -14.17 32.67
C ARG L 90 -49.51 -14.00 33.69
N GLU L 91 -50.48 -13.13 33.38
CA GLU L 91 -51.58 -12.87 34.31
C GLU L 91 -52.41 -14.11 34.55
N THR L 92 -52.67 -14.91 33.51
CA THR L 92 -53.48 -16.11 33.67
C THR L 92 -52.84 -17.14 34.58
N LEU L 93 -51.52 -17.08 34.78
CA LEU L 93 -50.83 -17.96 35.71
C LEU L 93 -50.75 -17.35 37.10
N ASP L 94 -50.43 -16.05 37.16
CA ASP L 94 -50.35 -15.38 38.46
C ASP L 94 -51.69 -15.41 39.17
N GLU L 95 -52.78 -15.15 38.45
CA GLU L 95 -54.10 -15.21 39.06
C GLU L 95 -54.44 -16.63 39.51
N ASN L 96 -54.07 -17.63 38.72
CA ASN L 96 -54.35 -19.01 39.09
C ASN L 96 -53.65 -19.38 40.39
N PHE L 97 -52.38 -18.97 40.54
CA PHE L 97 -51.66 -19.28 41.78
C PHE L 97 -52.20 -18.47 42.95
N LYS L 98 -52.56 -17.21 42.72
CA LYS L 98 -53.12 -16.38 43.77
C LYS L 98 -54.46 -16.92 44.26
N GLN L 99 -55.23 -17.55 43.38
CA GLN L 99 -56.48 -18.17 43.82
C GLN L 99 -56.21 -19.28 44.83
N MET L 100 -55.19 -20.10 44.59
CA MET L 100 -54.87 -21.17 45.54
C MET L 100 -54.29 -20.61 46.83
N ILE L 101 -53.53 -19.52 46.76
CA ILE L 101 -53.01 -18.92 47.98
C ILE L 101 -54.14 -18.44 48.88
N TYR L 102 -55.18 -17.84 48.29
CA TYR L 102 -56.28 -17.30 49.07
C TYR L 102 -57.01 -18.39 49.83
N LEU L 103 -57.22 -19.56 49.20
CA LEU L 103 -57.92 -20.64 49.87
C LEU L 103 -57.15 -21.16 51.07
N ALA L 104 -55.82 -21.12 51.03
CA ALA L 104 -55.03 -21.51 52.19
C ALA L 104 -55.11 -20.44 53.27
N GLN L 105 -55.07 -19.17 52.87
CA GLN L 105 -55.17 -18.09 53.86
C GLN L 105 -56.50 -18.17 54.60
N GLU L 106 -57.59 -18.46 53.89
CA GLU L 106 -58.89 -18.58 54.53
C GLU L 106 -58.98 -19.78 55.46
N PHE L 107 -58.31 -20.89 55.16
CA PHE L 107 -58.41 -22.09 55.96
C PHE L 107 -57.53 -22.03 57.20
N THR L 108 -56.34 -21.45 57.10
CA THR L 108 -55.45 -21.39 58.26
C THR L 108 -56.07 -20.60 59.41
N GLU L 109 -57.07 -19.77 59.15
CA GLU L 109 -57.70 -18.97 60.19
C GLU L 109 -59.04 -19.58 60.62
N GLY L 110 -59.33 -20.79 60.14
CA GLY L 110 -60.56 -21.47 60.53
C GLY L 110 -61.82 -20.91 59.94
N ASN L 111 -61.74 -20.11 58.88
CA ASN L 111 -62.92 -19.49 58.31
C ASN L 111 -63.66 -20.41 57.35
N GLY L 112 -63.07 -21.55 56.98
CA GLY L 112 -63.66 -22.40 55.97
C GLY L 112 -64.21 -23.72 56.45
N LEU L 113 -63.57 -24.32 57.46
CA LEU L 113 -63.99 -25.63 57.95
C LEU L 113 -65.37 -25.56 58.57
N THR L 114 -66.20 -26.57 58.27
CA THR L 114 -67.58 -26.57 58.75
C THR L 114 -68.08 -27.94 59.20
N GLY L 115 -67.20 -28.90 59.44
CA GLY L 115 -67.64 -30.22 59.85
C GLY L 115 -66.48 -31.13 60.15
N LEU L 116 -66.81 -32.33 60.62
CA LEU L 116 -65.82 -33.34 60.95
C LEU L 116 -66.48 -34.71 60.85
N TYR L 117 -65.69 -35.73 60.49
CA TYR L 117 -66.20 -37.06 60.25
C TYR L 117 -65.35 -38.16 60.87
N PHE L 118 -64.45 -37.82 61.80
CA PHE L 118 -63.56 -38.80 62.40
C PHE L 118 -63.21 -38.35 63.80
N PRO L 119 -63.10 -39.27 64.77
CA PRO L 119 -62.71 -38.87 66.12
C PRO L 119 -61.33 -38.21 66.14
N LEU L 120 -61.17 -37.23 67.02
CA LEU L 120 -59.94 -36.47 67.14
C LEU L 120 -59.11 -36.97 68.30
N ASP L 121 -57.80 -36.76 68.20
CA ASP L 121 -56.86 -37.00 69.29
C ASP L 121 -56.12 -35.70 69.61
N MET L 122 -56.42 -35.13 70.78
CA MET L 122 -55.90 -33.82 71.14
C MET L 122 -54.47 -33.86 71.64
N HIS L 123 -53.92 -35.03 71.94
CA HIS L 123 -52.53 -35.17 72.38
C HIS L 123 -52.26 -34.36 73.65
N GLY L 124 -53.27 -34.14 74.48
CA GLY L 124 -53.10 -33.46 75.75
C GLY L 124 -53.37 -31.97 75.74
N PHE L 125 -53.65 -31.38 74.57
CA PHE L 125 -53.94 -29.97 74.50
C PHE L 125 -55.38 -29.69 74.92
N GLN L 126 -55.70 -28.42 75.13
CA GLN L 126 -56.94 -28.01 75.75
C GLN L 126 -57.76 -27.13 74.81
N ILE L 127 -59.08 -27.20 74.95
CA ILE L 127 -59.98 -26.23 74.33
C ILE L 127 -60.34 -25.15 75.35
N LYS L 128 -60.49 -23.92 74.88
CA LYS L 128 -60.60 -22.78 75.79
C LYS L 128 -61.98 -22.15 75.79
N ASN L 129 -62.44 -21.65 74.64
CA ASN L 129 -63.73 -20.97 74.55
C ASN L 129 -64.80 -21.91 74.00
N LEU L 130 -65.36 -22.72 74.91
CA LEU L 130 -66.32 -23.74 74.51
C LEU L 130 -67.76 -23.24 74.53
N GLY L 131 -68.00 -21.99 74.91
CA GLY L 131 -69.36 -21.51 75.00
C GLY L 131 -70.11 -22.18 76.14
N GLU L 132 -71.43 -22.14 76.06
CA GLU L 132 -72.28 -22.74 77.07
C GLU L 132 -73.25 -23.73 76.42
N PRO L 133 -73.54 -24.85 77.09
CA PRO L 133 -74.47 -25.82 76.50
C PRO L 133 -75.88 -25.27 76.40
N THR L 134 -76.61 -25.75 75.38
CA THR L 134 -78.03 -25.47 75.24
C THR L 134 -78.86 -26.71 74.90
N ASP L 135 -78.25 -27.80 74.44
CA ASP L 135 -78.93 -29.03 74.08
C ASP L 135 -78.23 -30.21 74.76
N PRO L 136 -78.93 -31.35 74.91
CA PRO L 136 -78.32 -32.49 75.59
C PRO L 136 -77.08 -33.05 74.90
N GLY L 137 -76.89 -32.79 73.60
CA GLY L 137 -75.75 -33.28 72.88
C GLY L 137 -74.56 -32.35 72.86
N ASP L 138 -74.60 -31.25 73.59
CA ASP L 138 -73.49 -30.31 73.60
C ASP L 138 -72.43 -30.73 74.61
N ALA L 139 -71.21 -30.23 74.41
CA ALA L 139 -70.09 -30.53 75.28
C ALA L 139 -70.12 -29.56 76.46
N VAL L 140 -70.30 -30.12 77.66
CA VAL L 140 -70.38 -29.29 78.85
C VAL L 140 -69.02 -28.67 79.14
N THR L 141 -69.03 -27.36 79.41
CA THR L 141 -67.80 -26.65 79.76
C THR L 141 -67.67 -26.52 81.27
N LYS L 142 -66.50 -26.08 81.71
CA LYS L 142 -66.30 -25.79 83.12
C LYS L 142 -67.07 -24.54 83.50
N GLN L 143 -67.23 -24.34 84.81
CA GLN L 143 -68.05 -23.26 85.37
C GLN L 143 -69.53 -23.56 85.18
N TYR L 144 -69.84 -24.67 84.51
CA TYR L 144 -71.21 -25.15 84.47
C TYR L 144 -71.37 -26.37 85.39
N VAL L 145 -70.37 -27.25 85.39
CA VAL L 145 -70.36 -28.36 86.34
C VAL L 145 -70.12 -27.83 87.75
N ASP L 146 -69.21 -26.87 87.90
CA ASP L 146 -68.90 -26.34 89.23
C ASP L 146 -70.13 -25.70 89.86
N THR L 147 -70.85 -24.88 89.09
CA THR L 147 -72.05 -24.25 89.64
C THR L 147 -73.10 -25.28 90.01
N ALA L 148 -73.31 -26.28 89.16
CA ALA L 148 -74.29 -27.32 89.45
C ALA L 148 -73.89 -28.11 90.69
N ASN L 149 -72.61 -28.50 90.78
CA ASN L 149 -72.16 -29.27 91.94
C ASN L 149 -72.23 -28.45 93.22
N THR L 150 -71.82 -27.17 93.15
CA THR L 150 -71.86 -26.31 94.32
C THR L 150 -73.28 -25.89 94.67
N ALA L 151 -74.20 -25.90 93.72
CA ALA L 151 -75.57 -25.50 93.98
C ALA L 151 -76.35 -26.55 94.76
N GLN L 152 -75.81 -27.75 94.95
CA GLN L 152 -76.48 -28.82 95.68
C GLN L 152 -75.68 -29.28 96.89
N ASN L 153 -74.78 -28.42 97.37
CA ASN L 153 -74.03 -28.76 98.58
C ASN L 153 -74.96 -28.90 99.78
N ALA L 154 -76.09 -28.21 99.77
CA ALA L 154 -77.06 -28.29 100.85
C ALA L 154 -78.47 -28.04 100.34
N TYR M 2 -76.21 27.10 4.87
CA TYR M 2 -75.18 27.21 3.84
C TYR M 2 -75.59 28.15 2.72
N SER M 3 -76.85 28.03 2.27
CA SER M 3 -77.31 28.72 1.08
C SER M 3 -78.35 29.80 1.33
N VAL M 4 -78.96 29.84 2.52
CA VAL M 4 -80.03 30.79 2.81
C VAL M 4 -79.70 31.56 4.07
N GLN M 5 -80.03 32.85 4.06
CA GLN M 5 -79.84 33.73 5.21
C GLN M 5 -81.10 34.57 5.40
N ILE M 6 -81.49 34.76 6.65
CA ILE M 6 -82.69 35.51 6.99
C ILE M 6 -82.36 36.50 8.09
N ALA M 7 -82.92 37.70 7.99
CA ALA M 7 -82.73 38.73 9.00
C ALA M 7 -84.08 39.34 9.37
N VAL M 8 -84.39 39.34 10.66
CA VAL M 8 -85.64 39.89 11.18
C VAL M 8 -85.33 41.26 11.78
N SER M 9 -86.03 42.28 11.30
CA SER M 9 -85.75 43.65 11.68
C SER M 9 -86.63 44.06 12.85
N ASP M 10 -86.02 44.73 13.84
CA ASP M 10 -86.77 45.31 14.94
C ASP M 10 -87.25 46.72 14.64
N GLY M 11 -86.84 47.31 13.52
CA GLY M 11 -87.26 48.65 13.16
C GLY M 11 -86.14 49.53 12.65
N THR M 12 -84.93 48.98 12.51
CA THR M 12 -83.78 49.75 12.08
C THR M 12 -82.91 49.03 11.06
N LEU M 13 -83.37 47.94 10.47
CA LEU M 13 -82.56 47.19 9.53
C LEU M 13 -82.35 48.00 8.25
N THR M 14 -81.09 48.29 7.92
CA THR M 14 -80.75 48.97 6.69
C THR M 14 -79.60 48.35 5.92
N ARG M 15 -78.73 47.56 6.54
CA ARG M 15 -77.60 46.93 5.88
C ARG M 15 -77.52 45.47 6.29
N ILE M 16 -77.03 44.64 5.37
CA ILE M 16 -76.90 43.20 5.59
C ILE M 16 -75.47 42.79 5.25
N ALA M 17 -74.88 41.98 6.14
CA ALA M 17 -73.55 41.44 5.92
C ALA M 17 -73.67 39.98 5.52
N LEU M 18 -73.15 39.65 4.33
CA LEU M 18 -73.29 38.30 3.81
C LEU M 18 -72.50 37.31 4.66
N SER M 19 -73.07 36.12 4.83
CA SER M 19 -72.44 35.04 5.58
C SER M 19 -72.48 33.73 4.80
N ILE M 20 -72.55 33.81 3.47
CA ILE M 20 -72.59 32.64 2.61
C ILE M 20 -71.69 32.91 1.40
N GLU M 21 -71.02 31.86 0.95
CA GLU M 21 -70.10 31.95 -0.18
C GLU M 21 -70.82 31.65 -1.49
N TYR M 22 -70.16 32.00 -2.59
CA TYR M 22 -70.75 31.83 -3.92
C TYR M 22 -69.63 31.82 -4.95
N PHE M 23 -69.99 31.46 -6.18
CA PHE M 23 -69.04 31.46 -7.29
C PHE M 23 -69.00 32.81 -7.99
N GLU M 24 -70.15 33.39 -8.31
CA GLU M 24 -70.23 34.69 -8.96
C GLU M 24 -71.41 35.45 -8.37
N LYS M 25 -71.35 36.78 -8.52
CA LYS M 25 -72.36 37.64 -7.90
C LYS M 25 -73.74 37.46 -8.52
N ASP M 26 -73.84 36.88 -9.71
CA ASP M 26 -75.13 36.73 -10.37
C ASP M 26 -76.04 35.71 -9.68
N ASP M 27 -75.51 34.94 -8.72
CA ASP M 27 -76.30 33.87 -8.13
C ASP M 27 -77.16 34.34 -6.97
N ILE M 28 -76.96 35.57 -6.47
CA ILE M 28 -77.61 36.06 -5.27
C ILE M 28 -78.87 36.83 -5.66
N THR M 29 -79.92 36.69 -4.87
CA THR M 29 -81.17 37.40 -5.09
C THR M 29 -81.86 37.64 -3.75
N LEU M 30 -82.77 38.61 -3.73
CA LEU M 30 -83.53 38.98 -2.54
C LEU M 30 -85.02 38.87 -2.84
N TYR M 31 -85.80 38.50 -1.83
CA TYR M 31 -87.23 38.25 -2.00
C TYR M 31 -88.10 38.92 -0.96
N ARG M 32 -87.55 39.81 -0.13
CA ARG M 32 -88.29 40.40 0.99
C ARG M 32 -88.78 39.24 1.87
N ASN M 33 -90.02 39.30 2.39
CA ASN M 33 -90.47 38.33 3.38
C ASN M 33 -91.33 37.21 2.78
N LEU M 34 -92.49 37.54 2.22
CA LEU M 34 -93.42 36.51 1.78
C LEU M 34 -94.02 36.87 0.41
N GLU M 35 -93.18 37.33 -0.51
CA GLU M 35 -93.62 37.72 -1.84
C GLU M 35 -92.98 36.81 -2.87
N LEU M 36 -93.70 36.57 -3.96
CA LEU M 36 -93.24 35.69 -5.04
C LEU M 36 -92.58 36.46 -6.17
N THR M 37 -91.97 37.62 -5.88
CA THR M 37 -91.33 38.43 -6.89
C THR M 37 -90.03 38.97 -6.30
N PRO M 38 -88.89 38.74 -6.92
CA PRO M 38 -87.63 39.24 -6.35
C PRO M 38 -87.50 40.75 -6.47
N LEU M 39 -86.74 41.33 -5.55
CA LEU M 39 -86.47 42.76 -5.59
C LEU M 39 -85.58 43.10 -6.78
N VAL M 40 -85.87 44.23 -7.42
CA VAL M 40 -85.15 44.62 -8.63
C VAL M 40 -83.78 45.19 -8.25
N LEU M 41 -82.73 44.63 -8.84
CA LEU M 41 -81.38 45.13 -8.58
C LEU M 41 -81.21 46.50 -9.22
N GLY M 42 -80.52 47.40 -8.51
CA GLY M 42 -80.25 48.73 -8.98
C GLY M 42 -81.25 49.77 -8.51
N THR M 43 -82.44 49.35 -8.09
CA THR M 43 -83.45 50.25 -7.57
C THR M 43 -83.86 49.94 -6.14
N ASP M 44 -83.70 48.69 -5.70
CA ASP M 44 -84.06 48.29 -4.35
C ASP M 44 -82.86 47.95 -3.49
N TRP M 45 -81.74 47.54 -4.08
CA TRP M 45 -80.53 47.24 -3.33
C TRP M 45 -79.32 47.38 -4.23
N GLN M 46 -78.16 47.55 -3.60
CA GLN M 46 -76.90 47.71 -4.31
C GLN M 46 -75.85 46.77 -3.74
N TRP M 47 -74.84 46.48 -4.55
CA TRP M 47 -73.66 45.79 -4.06
C TRP M 47 -72.63 46.80 -3.56
N ASP M 48 -72.26 46.67 -2.30
CA ASP M 48 -71.25 47.53 -1.68
C ASP M 48 -70.00 46.70 -1.44
N GLY M 49 -68.95 46.99 -2.20
CA GLY M 49 -67.77 46.13 -2.15
C GLY M 49 -68.14 44.72 -2.55
N ASP M 50 -67.73 43.76 -1.72
CA ASP M 50 -68.09 42.36 -1.92
C ASP M 50 -68.58 41.68 -0.65
N THR M 51 -68.89 42.45 0.40
CA THR M 51 -69.29 41.90 1.68
C THR M 51 -70.59 42.45 2.22
N HIS M 52 -71.08 43.59 1.72
CA HIS M 52 -72.25 44.24 2.26
C HIS M 52 -73.26 44.53 1.15
N ILE M 53 -74.53 44.58 1.53
CA ILE M 53 -75.63 44.91 0.63
C ILE M 53 -76.41 46.05 1.25
N ASN M 54 -76.68 47.09 0.46
CA ASN M 54 -77.35 48.29 0.94
C ASN M 54 -78.73 48.40 0.30
N LEU M 55 -79.74 48.63 1.14
CA LEU M 55 -81.09 48.83 0.65
C LEU M 55 -81.29 50.28 0.20
N LEU M 56 -82.25 50.49 -0.70
CA LEU M 56 -82.51 51.81 -1.26
C LEU M 56 -83.97 52.24 -1.17
N THR M 57 -84.93 51.33 -1.22
CA THR M 57 -86.35 51.67 -1.19
C THR M 57 -86.94 51.11 0.10
N GLY M 58 -87.59 51.97 0.87
CA GLY M 58 -88.10 51.56 2.17
C GLY M 58 -87.02 51.00 3.07
N ILE M 59 -85.88 51.67 3.15
CA ILE M 59 -84.72 51.13 3.85
C ILE M 59 -85.05 50.85 5.32
N PRO M 60 -85.84 51.68 6.03
CA PRO M 60 -86.19 51.29 7.40
C PRO M 60 -87.28 50.23 7.40
N VAL M 61 -86.91 48.99 7.67
CA VAL M 61 -87.86 47.88 7.56
C VAL M 61 -88.83 47.93 8.73
N PRO M 62 -90.15 47.93 8.51
CA PRO M 62 -91.09 47.93 9.63
C PRO M 62 -90.85 46.78 10.59
N VAL M 63 -91.40 46.88 11.81
CA VAL M 63 -91.19 45.85 12.81
C VAL M 63 -91.90 44.57 12.39
N GLY M 64 -91.20 43.45 12.47
CA GLY M 64 -91.75 42.16 12.13
C GLY M 64 -91.48 41.67 10.73
N SER M 65 -91.02 42.53 9.83
CA SER M 65 -90.69 42.10 8.48
C SER M 65 -89.23 41.65 8.41
N TYR M 66 -88.96 40.74 7.48
CA TYR M 66 -87.63 40.15 7.35
C TYR M 66 -87.23 40.07 5.88
N ILE M 67 -85.93 40.02 5.65
CA ILE M 67 -85.35 39.94 4.32
C ILE M 67 -84.61 38.60 4.19
N THR M 68 -84.72 37.98 3.02
CA THR M 68 -84.12 36.67 2.78
C THR M 68 -83.20 36.74 1.58
N VAL M 69 -82.14 35.94 1.61
CA VAL M 69 -81.13 35.89 0.56
C VAL M 69 -81.05 34.45 0.06
N ARG M 70 -80.95 34.29 -1.26
CA ARG M 70 -80.96 32.98 -1.90
C ARG M 70 -79.75 32.85 -2.80
N ARG M 71 -79.36 31.59 -3.07
CA ARG M 71 -78.24 31.28 -3.95
C ARG M 71 -78.64 30.20 -4.94
N ASN M 72 -78.07 30.28 -6.14
CA ASN M 72 -78.36 29.30 -7.20
C ASN M 72 -77.20 29.30 -8.18
N THR M 73 -76.49 28.17 -8.25
CA THR M 73 -75.34 28.03 -9.14
C THR M 73 -75.75 27.44 -10.48
N ASP M 74 -74.85 27.55 -11.45
CA ASP M 74 -75.11 27.04 -12.79
C ASP M 74 -75.28 25.53 -12.75
N ILE M 75 -76.22 25.03 -13.54
CA ILE M 75 -76.56 23.60 -13.54
C ILE M 75 -76.55 23.05 -14.96
N ASP M 76 -76.39 23.94 -15.95
CA ASP M 76 -76.49 23.50 -17.34
C ASP M 76 -75.29 22.66 -17.77
N ARG M 77 -74.08 23.05 -17.39
CA ARG M 77 -72.87 22.38 -17.83
C ARG M 77 -71.78 22.55 -16.79
N ALA M 78 -70.78 21.68 -16.87
CA ALA M 78 -69.60 21.79 -16.01
C ALA M 78 -68.76 23.00 -16.41
N PHE M 79 -68.12 23.62 -15.42
CA PHE M 79 -67.32 24.80 -15.69
C PHE M 79 -66.17 24.48 -16.64
N ASN M 80 -65.47 23.38 -16.41
CA ASN M 80 -64.30 23.02 -17.19
C ASN M 80 -64.60 21.74 -17.99
N ILE M 81 -64.35 21.81 -19.30
CA ILE M 81 -64.45 20.66 -20.19
C ILE M 81 -63.10 20.52 -20.87
N TYR M 82 -62.42 19.41 -20.60
CA TYR M 82 -61.06 19.23 -21.12
C TYR M 82 -61.08 19.07 -22.64
N ASP M 83 -62.07 18.36 -23.18
CA ASP M 83 -62.15 18.16 -24.61
C ASP M 83 -62.40 19.47 -25.37
N GLY M 84 -62.81 20.52 -24.66
CA GLY M 84 -63.07 21.81 -25.29
C GLY M 84 -61.93 22.79 -25.16
N GLY M 85 -60.75 22.30 -24.80
CA GLY M 85 -59.57 23.13 -24.68
C GLY M 85 -59.19 23.54 -23.28
N ALA M 86 -59.92 23.07 -22.26
CA ALA M 86 -59.59 23.40 -20.89
C ALA M 86 -58.33 22.66 -20.45
N ALA M 87 -57.42 23.37 -19.79
CA ALA M 87 -56.19 22.77 -19.32
C ALA M 87 -56.46 21.84 -18.15
N PHE M 88 -55.55 20.90 -17.92
CA PHE M 88 -55.67 19.94 -16.83
C PHE M 88 -54.77 20.34 -15.68
N ASN M 89 -55.38 20.81 -14.60
CA ASN M 89 -54.66 21.21 -13.40
C ASN M 89 -55.40 20.63 -12.19
N ARG M 90 -54.88 20.89 -10.99
CA ARG M 90 -55.59 20.52 -9.76
C ARG M 90 -56.84 21.37 -9.58
N GLU M 91 -56.73 22.66 -9.93
CA GLU M 91 -57.86 23.57 -9.74
C GLU M 91 -59.05 23.17 -10.60
N THR M 92 -58.81 22.73 -11.84
CA THR M 92 -59.90 22.35 -12.72
C THR M 92 -60.67 21.13 -12.21
N LEU M 93 -60.09 20.33 -11.32
CA LEU M 93 -60.78 19.21 -10.71
C LEU M 93 -61.45 19.63 -9.40
N ASP M 94 -60.73 20.41 -8.59
CA ASP M 94 -61.31 20.86 -7.32
C ASP M 94 -62.55 21.71 -7.56
N GLU M 95 -62.51 22.62 -8.54
CA GLU M 95 -63.68 23.43 -8.86
C GLU M 95 -64.81 22.57 -9.38
N ASN M 96 -64.50 21.57 -10.20
CA ASN M 96 -65.54 20.69 -10.72
C ASN M 96 -66.26 19.95 -9.60
N PHE M 97 -65.51 19.45 -8.62
CA PHE M 97 -66.14 18.75 -7.51
C PHE M 97 -66.91 19.72 -6.61
N LYS M 98 -66.35 20.90 -6.37
CA LYS M 98 -67.03 21.90 -5.56
C LYS M 98 -68.33 22.36 -6.18
N GLN M 99 -68.40 22.38 -7.52
CA GLN M 99 -69.67 22.71 -8.17
C GLN M 99 -70.75 21.70 -7.83
N MET M 100 -70.42 20.41 -7.82
CA MET M 100 -71.39 19.38 -7.47
C MET M 100 -71.75 19.43 -6.00
N ILE M 101 -70.80 19.78 -5.13
CA ILE M 101 -71.11 19.90 -3.71
C ILE M 101 -72.15 20.99 -3.48
N TYR M 102 -71.99 22.12 -4.17
CA TYR M 102 -72.91 23.25 -3.97
C TYR M 102 -74.34 22.88 -4.34
N LEU M 103 -74.53 22.14 -5.44
CA LEU M 103 -75.87 21.77 -5.85
C LEU M 103 -76.55 20.86 -4.83
N ALA M 104 -75.80 20.04 -4.12
CA ALA M 104 -76.37 19.24 -3.05
C ALA M 104 -76.70 20.10 -1.84
N GLN M 105 -75.81 21.05 -1.51
CA GLN M 105 -76.08 21.93 -0.38
C GLN M 105 -77.36 22.73 -0.62
N GLU M 106 -77.56 23.22 -1.85
CA GLU M 106 -78.78 23.97 -2.14
C GLU M 106 -80.04 23.11 -2.10
N PHE M 107 -79.96 21.83 -2.46
CA PHE M 107 -81.14 20.98 -2.50
C PHE M 107 -81.53 20.46 -1.13
N THR M 108 -80.54 20.14 -0.29
CA THR M 108 -80.87 19.60 1.03
C THR M 108 -81.66 20.60 1.87
N GLU M 109 -81.63 21.88 1.53
CA GLU M 109 -82.35 22.90 2.28
C GLU M 109 -83.64 23.30 1.58
N GLY M 110 -84.01 22.58 0.53
CA GLY M 110 -85.25 22.84 -0.18
C GLY M 110 -85.25 24.09 -1.02
N ASN M 111 -84.08 24.65 -1.35
CA ASN M 111 -84.03 25.89 -2.11
C ASN M 111 -84.16 25.67 -3.61
N GLY M 112 -84.10 24.41 -4.08
CA GLY M 112 -84.08 24.15 -5.50
C GLY M 112 -85.33 23.50 -6.06
N LEU M 113 -85.97 22.63 -5.29
CA LEU M 113 -87.14 21.90 -5.77
C LEU M 113 -88.29 22.86 -6.05
N THR M 114 -88.99 22.62 -7.17
CA THR M 114 -90.06 23.51 -7.58
C THR M 114 -91.26 22.78 -8.18
N GLY M 115 -91.40 21.48 -7.97
CA GLY M 115 -92.54 20.78 -8.53
C GLY M 115 -92.54 19.32 -8.11
N LEU M 116 -93.60 18.62 -8.51
CA LEU M 116 -93.77 17.21 -8.22
C LEU M 116 -94.67 16.60 -9.28
N TYR M 117 -94.45 15.31 -9.56
CA TYR M 117 -95.16 14.62 -10.63
C TYR M 117 -95.64 13.24 -10.23
N PHE M 118 -95.68 12.91 -8.94
CA PHE M 118 -96.08 11.59 -8.49
C PHE M 118 -96.67 11.71 -7.11
N PRO M 119 -97.72 10.93 -6.79
CA PRO M 119 -98.29 10.99 -5.45
C PRO M 119 -97.27 10.60 -4.38
N LEU M 120 -97.38 11.24 -3.22
CA LEU M 120 -96.45 11.02 -2.13
C LEU M 120 -97.07 10.10 -1.08
N ASP M 121 -96.20 9.41 -0.34
CA ASP M 121 -96.57 8.62 0.83
C ASP M 121 -95.83 9.14 2.04
N MET M 122 -96.55 9.76 2.97
CA MET M 122 -95.93 10.42 4.10
C MET M 122 -95.54 9.47 5.23
N HIS M 123 -96.00 8.23 5.19
CA HIS M 123 -95.64 7.22 6.18
C HIS M 123 -96.02 7.66 7.60
N GLY M 124 -97.05 8.49 7.73
CA GLY M 124 -97.56 8.90 9.02
C GLY M 124 -97.01 10.20 9.56
N PHE M 125 -96.06 10.83 8.86
CA PHE M 125 -95.52 12.10 9.31
C PHE M 125 -96.47 13.23 8.94
N GLN M 126 -96.21 14.41 9.51
CA GLN M 126 -97.13 15.53 9.46
C GLN M 126 -96.50 16.73 8.76
N ILE M 127 -97.34 17.54 8.10
CA ILE M 127 -96.94 18.85 7.63
C ILE M 127 -97.36 19.90 8.65
N LYS M 128 -96.54 20.95 8.80
CA LYS M 128 -96.73 21.88 9.91
C LYS M 128 -97.19 23.26 9.45
N ASN M 129 -96.39 23.93 8.62
CA ASN M 129 -96.71 25.29 8.18
C ASN M 129 -97.31 25.26 6.77
N LEU M 130 -98.62 25.01 6.73
CA LEU M 130 -99.32 24.85 5.47
C LEU M 130 -99.88 26.17 4.93
N GLY M 131 -99.70 27.27 5.65
CA GLY M 131 -100.28 28.52 5.18
C GLY M 131 -101.80 28.50 5.28
N GLU M 132 -102.42 29.38 4.50
CA GLU M 132 -103.88 29.48 4.47
C GLU M 132 -104.38 29.36 3.05
N PRO M 133 -105.52 28.69 2.84
CA PRO M 133 -106.05 28.55 1.47
C PRO M 133 -106.48 29.88 0.89
N THR M 134 -106.36 29.99 -0.44
CA THR M 134 -106.89 31.12 -1.18
C THR M 134 -107.66 30.71 -2.44
N ASP M 135 -107.51 29.49 -2.93
CA ASP M 135 -108.17 28.99 -4.12
C ASP M 135 -108.81 27.65 -3.82
N PRO M 136 -109.80 27.22 -4.62
CA PRO M 136 -110.49 25.96 -4.33
C PRO M 136 -109.60 24.73 -4.40
N GLY M 137 -108.46 24.81 -5.09
CA GLY M 137 -107.54 23.69 -5.20
C GLY M 137 -106.46 23.63 -4.15
N ASP M 138 -106.51 24.50 -3.14
CA ASP M 138 -105.50 24.50 -2.09
C ASP M 138 -105.84 23.49 -1.00
N ALA M 139 -104.81 23.08 -0.27
CA ALA M 139 -104.97 22.11 0.83
C ALA M 139 -105.39 22.87 2.08
N VAL M 140 -106.59 22.58 2.57
CA VAL M 140 -107.11 23.26 3.74
C VAL M 140 -106.31 22.86 4.97
N THR M 141 -105.91 23.85 5.77
CA THR M 141 -105.18 23.59 7.00
C THR M 141 -106.13 23.62 8.20
N LYS M 142 -105.61 23.19 9.34
CA LYS M 142 -106.38 23.28 10.57
C LYS M 142 -106.50 24.74 10.99
N GLN M 143 -107.42 24.99 11.93
CA GLN M 143 -107.76 26.34 12.37
C GLN M 143 -108.55 27.07 11.30
N TYR M 144 -108.75 26.43 10.14
CA TYR M 144 -109.68 26.95 9.15
C TYR M 144 -110.96 26.13 9.15
N VAL M 145 -110.83 24.81 9.29
CA VAL M 145 -112.01 23.96 9.45
C VAL M 145 -112.65 24.21 10.81
N ASP M 146 -111.83 24.34 11.85
CA ASP M 146 -112.36 24.55 13.19
C ASP M 146 -113.18 25.83 13.26
N THR M 147 -112.65 26.93 12.71
CA THR M 147 -113.39 28.19 12.73
C THR M 147 -114.69 28.07 11.95
N ALA M 148 -114.65 27.45 10.78
CA ALA M 148 -115.86 27.30 9.98
C ALA M 148 -116.88 26.44 10.70
N ASN M 149 -116.44 25.31 11.27
CA ASN M 149 -117.37 24.43 11.97
C ASN M 149 -117.94 25.11 13.22
N THR M 150 -117.09 25.81 13.98
CA THR M 150 -117.56 26.49 15.18
C THR M 150 -118.38 27.74 14.86
N ALA M 151 -118.19 28.32 13.68
CA ALA M 151 -118.94 29.52 13.30
C ALA M 151 -120.39 29.23 12.94
N GLN M 152 -120.78 27.95 12.81
CA GLN M 152 -122.14 27.57 12.46
C GLN M 152 -122.78 26.71 13.54
N ASN M 153 -122.25 26.78 14.77
CA ASN M 153 -122.87 26.03 15.86
C ASN M 153 -124.29 26.53 16.13
N ALA M 154 -124.57 27.79 15.84
CA ALA M 154 -125.90 28.35 16.03
C ALA M 154 -126.17 29.46 15.02
N MET N 1 -44.62 55.99 -45.35
CA MET N 1 -43.85 54.99 -46.13
C MET N 1 -43.18 53.97 -45.20
N TYR N 2 -42.10 54.39 -44.55
CA TYR N 2 -41.37 53.53 -43.63
C TYR N 2 -41.86 53.64 -42.18
N SER N 3 -41.99 54.86 -41.66
CA SER N 3 -42.28 55.06 -40.25
C SER N 3 -43.72 55.44 -39.96
N VAL N 4 -44.53 55.71 -40.99
CA VAL N 4 -45.90 56.14 -40.80
C VAL N 4 -46.82 55.25 -41.63
N GLN N 5 -47.92 54.82 -41.03
CA GLN N 5 -48.93 54.02 -41.71
C GLN N 5 -50.31 54.59 -41.41
N ILE N 6 -51.21 54.49 -42.38
CA ILE N 6 -52.57 55.02 -42.26
C ILE N 6 -53.55 53.93 -42.66
N ALA N 7 -54.77 54.02 -42.15
CA ALA N 7 -55.80 53.01 -42.38
C ALA N 7 -57.16 53.68 -42.30
N VAL N 8 -57.89 53.71 -43.42
CA VAL N 8 -59.24 54.24 -43.43
C VAL N 8 -60.15 53.30 -42.66
N SER N 9 -61.13 53.88 -41.95
CA SER N 9 -61.97 53.17 -41.00
C SER N 9 -63.43 53.12 -41.44
N ASP N 10 -63.70 52.72 -42.68
CA ASP N 10 -65.05 52.79 -43.21
C ASP N 10 -65.94 51.70 -42.62
N GLY N 11 -66.54 52.00 -41.46
CA GLY N 11 -67.58 51.17 -40.89
C GLY N 11 -67.18 49.77 -40.47
N THR N 12 -65.94 49.34 -40.71
CA THR N 12 -65.57 47.96 -40.49
C THR N 12 -64.29 47.75 -39.69
N LEU N 13 -63.37 48.71 -39.64
CA LEU N 13 -62.09 48.48 -38.99
C LEU N 13 -62.25 48.15 -37.52
N THR N 14 -61.93 46.91 -37.16
CA THR N 14 -61.78 46.50 -35.76
C THR N 14 -60.38 46.03 -35.44
N ARG N 15 -59.60 45.67 -36.46
CA ARG N 15 -58.22 45.27 -36.29
C ARG N 15 -57.37 45.94 -37.37
N ILE N 16 -56.09 46.09 -37.08
CA ILE N 16 -55.14 46.68 -38.02
C ILE N 16 -53.91 45.79 -38.09
N ALA N 17 -53.43 45.57 -39.32
CA ALA N 17 -52.24 44.78 -39.55
C ALA N 17 -51.07 45.71 -39.83
N LEU N 18 -50.00 45.57 -39.05
CA LEU N 18 -48.84 46.45 -39.17
C LEU N 18 -48.02 46.08 -40.40
N SER N 19 -47.66 47.09 -41.18
CA SER N 19 -46.78 46.93 -42.33
C SER N 19 -45.42 47.58 -42.11
N ILE N 20 -45.27 48.37 -41.05
CA ILE N 20 -44.01 49.04 -40.76
C ILE N 20 -43.16 48.14 -39.87
N GLU N 21 -41.86 48.41 -39.84
CA GLU N 21 -40.92 47.70 -38.98
C GLU N 21 -40.50 48.63 -37.85
N TYR N 22 -40.38 48.07 -36.65
CA TYR N 22 -40.10 48.87 -35.48
C TYR N 22 -38.98 48.23 -34.67
N PHE N 23 -38.23 49.08 -33.96
CA PHE N 23 -37.12 48.61 -33.15
C PHE N 23 -37.62 47.84 -31.94
N GLU N 24 -38.62 48.38 -31.24
CA GLU N 24 -39.28 47.70 -30.15
C GLU N 24 -40.72 48.18 -30.05
N LYS N 25 -41.55 47.37 -29.40
CA LYS N 25 -42.99 47.65 -29.36
C LYS N 25 -43.31 48.92 -28.59
N ASP N 26 -42.37 49.46 -27.82
CA ASP N 26 -42.67 50.62 -26.98
C ASP N 26 -42.82 51.90 -27.80
N ASP N 27 -42.36 51.90 -29.06
CA ASP N 27 -42.30 53.12 -29.84
C ASP N 27 -43.56 53.41 -30.64
N ILE N 28 -44.58 52.57 -30.55
CA ILE N 28 -45.79 52.76 -31.36
C ILE N 28 -46.77 53.66 -30.62
N THR N 29 -47.46 54.52 -31.38
CA THR N 29 -48.47 55.40 -30.83
C THR N 29 -49.59 55.56 -31.86
N LEU N 30 -50.76 56.00 -31.38
CA LEU N 30 -51.95 56.11 -32.21
C LEU N 30 -52.64 57.46 -31.98
N TYR N 31 -53.26 57.98 -33.04
CA TYR N 31 -54.08 59.17 -32.98
C TYR N 31 -55.37 58.91 -33.74
N ARG N 32 -56.48 59.46 -33.25
CA ARG N 32 -57.78 59.02 -33.74
C ARG N 32 -58.15 59.57 -35.11
N ASN N 33 -58.39 60.86 -35.26
CA ASN N 33 -58.53 61.43 -36.60
C ASN N 33 -57.68 62.69 -36.78
N LEU N 34 -57.76 63.61 -35.82
CA LEU N 34 -56.91 64.79 -35.85
C LEU N 34 -56.48 65.23 -34.46
N GLU N 35 -56.83 64.48 -33.40
CA GLU N 35 -56.55 64.90 -32.04
C GLU N 35 -55.05 64.86 -31.77
N LEU N 36 -54.56 65.85 -31.03
CA LEU N 36 -53.15 65.90 -30.65
C LEU N 36 -52.85 65.05 -29.43
N THR N 37 -53.86 64.45 -28.81
CA THR N 37 -53.67 63.60 -27.64
C THR N 37 -53.68 62.14 -28.06
N PRO N 38 -52.62 61.36 -27.78
CA PRO N 38 -52.59 59.97 -28.23
C PRO N 38 -53.58 59.09 -27.47
N LEU N 39 -53.98 58.00 -28.11
CA LEU N 39 -54.86 57.05 -27.47
C LEU N 39 -54.13 56.32 -26.34
N VAL N 40 -54.89 55.85 -25.36
CA VAL N 40 -54.35 55.24 -24.15
C VAL N 40 -54.24 53.74 -24.38
N LEU N 41 -53.05 53.20 -24.18
CA LEU N 41 -52.85 51.76 -24.26
C LEU N 41 -53.57 51.06 -23.11
N GLY N 42 -54.19 49.93 -23.40
CA GLY N 42 -54.93 49.17 -22.42
C GLY N 42 -56.39 49.54 -22.28
N THR N 43 -56.84 50.60 -22.95
CA THR N 43 -58.24 50.99 -22.93
C THR N 43 -58.83 51.26 -24.31
N ASP N 44 -57.99 51.52 -25.33
CA ASP N 44 -58.47 51.73 -26.69
C ASP N 44 -57.78 50.84 -27.71
N TRP N 45 -56.62 50.28 -27.37
CA TRP N 45 -55.92 49.38 -28.29
C TRP N 45 -54.99 48.48 -27.49
N GLN N 46 -54.83 47.24 -27.95
CA GLN N 46 -54.02 46.24 -27.26
C GLN N 46 -53.28 45.38 -28.28
N TRP N 47 -52.03 45.07 -27.98
CA TRP N 47 -51.24 44.22 -28.87
C TRP N 47 -51.84 42.82 -28.93
N ASP N 48 -51.72 42.18 -30.09
CA ASP N 48 -52.25 40.84 -30.30
C ASP N 48 -51.15 39.81 -30.57
N GLY N 49 -50.36 40.01 -31.62
CA GLY N 49 -49.36 39.02 -31.99
C GLY N 49 -48.07 39.60 -32.51
N ASP N 50 -47.74 40.83 -32.08
CA ASP N 50 -46.60 41.60 -32.56
C ASP N 50 -46.77 42.06 -34.00
N THR N 51 -47.90 41.72 -34.64
CA THR N 51 -48.17 42.26 -35.98
C THR N 51 -49.65 42.63 -36.16
N HIS N 52 -50.44 42.68 -35.09
CA HIS N 52 -51.85 42.99 -35.19
C HIS N 52 -52.27 43.77 -33.96
N ILE N 53 -53.21 44.69 -34.14
CA ILE N 53 -53.69 45.56 -33.07
C ILE N 53 -55.20 45.42 -32.97
N ASN N 54 -55.69 45.20 -31.75
CA ASN N 54 -57.11 45.09 -31.47
C ASN N 54 -57.62 46.41 -30.93
N LEU N 55 -58.78 46.84 -31.41
CA LEU N 55 -59.42 48.07 -30.96
C LEU N 55 -60.55 47.75 -29.98
N LEU N 56 -60.72 48.62 -28.99
CA LEU N 56 -61.68 48.41 -27.92
C LEU N 56 -62.77 49.46 -27.82
N THR N 57 -62.66 50.56 -28.56
CA THR N 57 -63.67 51.62 -28.50
C THR N 57 -64.23 51.91 -29.88
N GLY N 58 -64.54 50.86 -30.64
CA GLY N 58 -65.09 51.01 -31.97
C GLY N 58 -65.75 49.74 -32.47
N SER N 65 -63.35 58.71 -41.14
CA SER N 65 -62.46 58.42 -40.01
C SER N 65 -61.32 57.51 -40.45
N TYR N 66 -60.14 57.73 -39.88
CA TYR N 66 -58.96 56.96 -40.24
C TYR N 66 -57.99 56.95 -39.06
N ILE N 67 -57.27 55.85 -38.91
CA ILE N 67 -56.30 55.68 -37.84
C ILE N 67 -54.90 55.84 -38.41
N THR N 68 -54.01 56.40 -37.61
CA THR N 68 -52.61 56.63 -38.00
C THR N 68 -51.68 55.98 -37.00
N VAL N 69 -50.56 55.47 -37.50
CA VAL N 69 -49.56 54.79 -36.69
C VAL N 69 -48.22 55.49 -36.88
N ARG N 70 -47.49 55.67 -35.79
CA ARG N 70 -46.22 56.39 -35.81
C ARG N 70 -45.14 55.56 -35.13
N ARG N 71 -43.91 55.72 -35.60
CA ARG N 71 -42.74 55.12 -35.00
C ARG N 71 -41.72 56.19 -34.65
N ASN N 72 -41.21 56.11 -33.41
CA ASN N 72 -40.25 57.11 -32.92
C ASN N 72 -39.20 56.36 -32.11
N THR N 73 -38.01 56.19 -32.68
CA THR N 73 -36.93 55.52 -31.98
C THR N 73 -36.30 56.43 -30.95
N ASP N 74 -35.58 55.82 -30.01
CA ASP N 74 -34.93 56.58 -28.94
C ASP N 74 -33.87 57.51 -29.52
N ILE N 75 -33.71 58.67 -28.89
CA ILE N 75 -32.73 59.66 -29.31
C ILE N 75 -31.81 60.08 -28.17
N ASP N 76 -31.86 59.42 -27.02
CA ASP N 76 -31.08 59.82 -25.86
C ASP N 76 -29.67 59.25 -25.87
N ARG N 77 -29.48 58.04 -26.39
CA ARG N 77 -28.19 57.37 -26.35
C ARG N 77 -28.08 56.38 -27.49
N ALA N 78 -26.86 55.94 -27.75
CA ALA N 78 -26.65 54.75 -28.55
C ALA N 78 -27.04 53.52 -27.73
N PHE N 79 -27.70 52.57 -28.38
CA PHE N 79 -28.30 51.46 -27.64
C PHE N 79 -27.25 50.69 -26.85
N ASN N 80 -26.11 50.39 -27.48
CA ASN N 80 -25.06 49.60 -26.85
C ASN N 80 -23.87 50.49 -26.50
N ILE N 81 -23.38 50.36 -25.27
CA ILE N 81 -22.15 51.00 -24.82
C ILE N 81 -21.10 49.93 -24.67
N TYR N 82 -19.97 50.09 -25.36
CA TYR N 82 -18.95 49.05 -25.46
C TYR N 82 -18.06 49.12 -24.23
N ASP N 83 -18.49 48.43 -23.17
CA ASP N 83 -17.71 48.35 -21.95
C ASP N 83 -16.45 47.51 -22.20
N GLY N 84 -15.45 47.72 -21.35
CA GLY N 84 -14.19 47.02 -21.49
C GLY N 84 -14.20 45.57 -21.09
N GLY N 85 -15.34 45.06 -20.61
CA GLY N 85 -15.43 43.67 -20.18
C GLY N 85 -16.53 42.90 -20.88
N ALA N 86 -17.05 43.45 -21.97
CA ALA N 86 -18.14 42.83 -22.72
C ALA N 86 -17.57 42.01 -23.86
N ALA N 87 -18.03 40.77 -24.00
CA ALA N 87 -17.55 39.88 -25.05
C ALA N 87 -17.89 40.45 -26.42
N PHE N 88 -17.00 40.22 -27.39
CA PHE N 88 -17.18 40.76 -28.73
C PHE N 88 -18.19 39.93 -29.51
N ASN N 89 -19.09 40.60 -30.23
CA ASN N 89 -20.09 39.95 -31.05
C ASN N 89 -20.43 40.85 -32.23
N ARG N 90 -21.21 40.31 -33.16
CA ARG N 90 -21.56 41.04 -34.37
C ARG N 90 -22.92 41.74 -34.24
N GLU N 91 -23.87 41.10 -33.56
CA GLU N 91 -25.19 41.70 -33.38
C GLU N 91 -25.09 43.03 -32.66
N THR N 92 -24.16 43.16 -31.72
CA THR N 92 -23.96 44.41 -30.99
C THR N 92 -23.55 45.55 -31.89
N LEU N 93 -22.87 45.28 -33.01
CA LEU N 93 -22.56 46.32 -33.97
C LEU N 93 -23.72 46.53 -34.93
N ASP N 94 -24.40 45.45 -35.31
CA ASP N 94 -25.51 45.55 -36.25
C ASP N 94 -26.63 46.42 -35.68
N GLU N 95 -26.95 46.25 -34.41
CA GLU N 95 -28.01 47.06 -33.79
C GLU N 95 -27.65 48.54 -33.80
N ASN N 96 -26.40 48.86 -33.44
CA ASN N 96 -25.99 50.26 -33.43
C ASN N 96 -26.07 50.87 -34.82
N PHE N 97 -25.63 50.12 -35.84
CA PHE N 97 -25.69 50.67 -37.19
C PHE N 97 -27.14 50.74 -37.70
N LYS N 98 -28.02 49.91 -37.15
CA LYS N 98 -29.43 49.95 -37.55
C LYS N 98 -30.15 51.14 -36.96
N GLN N 99 -29.79 51.53 -35.74
CA GLN N 99 -30.47 52.63 -35.08
C GLN N 99 -30.34 53.92 -35.89
N MET N 100 -29.14 54.20 -36.38
CA MET N 100 -28.92 55.42 -37.16
C MET N 100 -29.71 55.42 -38.46
N ILE N 101 -29.79 54.29 -39.14
CA ILE N 101 -30.61 54.20 -40.34
C ILE N 101 -32.09 54.41 -40.02
N TYR N 102 -32.56 53.86 -38.91
CA TYR N 102 -33.95 54.09 -38.52
C TYR N 102 -34.19 55.58 -38.29
N LEU N 103 -33.28 56.24 -37.59
CA LEU N 103 -33.45 57.68 -37.33
C LEU N 103 -33.48 58.47 -38.62
N ALA N 104 -32.58 58.15 -39.56
CA ALA N 104 -32.56 58.84 -40.84
C ALA N 104 -33.83 58.62 -41.63
N GLN N 105 -34.36 57.39 -41.64
CA GLN N 105 -35.62 57.14 -42.32
C GLN N 105 -36.74 57.96 -41.69
N GLU N 106 -36.78 58.03 -40.36
CA GLU N 106 -37.83 58.80 -39.70
C GLU N 106 -37.72 60.28 -40.06
N PHE N 107 -36.50 60.83 -40.05
CA PHE N 107 -36.33 62.25 -40.29
C PHE N 107 -36.55 62.66 -41.74
N THR N 108 -36.13 61.84 -42.71
CA THR N 108 -36.32 62.16 -44.11
C THR N 108 -37.78 62.29 -44.51
N GLU N 109 -38.69 61.69 -43.74
CA GLU N 109 -40.11 61.79 -44.04
C GLU N 109 -40.76 62.98 -43.33
N GLY N 110 -40.01 63.73 -42.53
CA GLY N 110 -40.56 64.85 -41.79
C GLY N 110 -41.37 64.45 -40.58
N ASN N 111 -41.28 63.19 -40.13
CA ASN N 111 -42.14 62.72 -39.07
C ASN N 111 -41.85 63.43 -37.74
N GLY N 112 -40.58 63.65 -37.42
CA GLY N 112 -40.21 64.09 -36.09
C GLY N 112 -39.88 65.56 -35.92
N LEU N 113 -40.11 66.37 -36.95
CA LEU N 113 -39.82 67.80 -36.84
C LEU N 113 -40.83 68.49 -35.95
N THR N 114 -40.37 69.55 -35.26
CA THR N 114 -41.22 70.24 -34.28
C THR N 114 -41.24 71.75 -34.41
N GLY N 115 -40.23 72.40 -34.97
CA GLY N 115 -40.23 73.85 -35.06
C GLY N 115 -38.95 74.36 -35.66
N LEU N 116 -38.87 75.69 -35.73
CA LEU N 116 -37.73 76.36 -36.34
C LEU N 116 -37.33 77.56 -35.49
N TYR N 117 -36.05 77.93 -35.59
CA TYR N 117 -35.50 79.11 -34.94
C TYR N 117 -34.82 80.02 -35.94
N PHE N 118 -35.29 80.00 -37.19
CA PHE N 118 -34.74 80.83 -38.25
C PHE N 118 -35.83 81.07 -39.29
N PRO N 119 -35.70 82.10 -40.11
CA PRO N 119 -36.67 82.31 -41.19
C PRO N 119 -36.62 81.15 -42.18
N LEU N 120 -37.80 80.62 -42.50
CA LEU N 120 -37.91 79.51 -43.44
C LEU N 120 -37.90 80.06 -44.87
N ASP N 121 -37.01 79.55 -45.70
CA ASP N 121 -36.90 79.99 -47.08
C ASP N 121 -37.51 78.99 -48.03
N MET N 122 -38.28 79.49 -48.99
CA MET N 122 -38.81 78.68 -50.09
C MET N 122 -38.55 79.44 -51.37
N HIS N 123 -38.09 78.73 -52.40
CA HIS N 123 -37.63 79.38 -53.62
C HIS N 123 -38.74 79.46 -54.66
N GLY N 124 -39.99 79.47 -54.23
CA GLY N 124 -41.12 79.63 -55.12
C GLY N 124 -42.16 78.54 -55.08
N PHE N 125 -42.05 77.59 -54.14
CA PHE N 125 -43.03 76.52 -54.04
C PHE N 125 -44.20 76.95 -53.18
N GLN N 126 -45.17 76.07 -52.95
CA GLN N 126 -46.39 76.42 -52.27
C GLN N 126 -46.66 75.45 -51.13
N ILE N 127 -47.66 75.77 -50.33
CA ILE N 127 -48.17 74.91 -49.28
C ILE N 127 -49.64 74.63 -49.55
N LYS N 128 -50.03 73.37 -49.47
CA LYS N 128 -51.34 72.96 -49.96
C LYS N 128 -52.38 72.78 -48.84
N ASN N 129 -52.11 71.92 -47.86
CA ASN N 129 -53.10 71.63 -46.83
C ASN N 129 -52.79 72.39 -45.54
N LEU N 130 -52.89 73.72 -45.60
CA LEU N 130 -52.49 74.54 -44.47
C LEU N 130 -53.44 74.45 -43.29
N GLY N 131 -54.74 74.27 -43.52
CA GLY N 131 -55.71 74.24 -42.44
C GLY N 131 -56.29 75.60 -42.13
N GLU N 132 -57.30 75.61 -41.27
CA GLU N 132 -58.07 76.81 -40.96
C GLU N 132 -57.50 77.49 -39.72
N PRO N 133 -57.15 78.78 -39.83
CA PRO N 133 -56.60 79.47 -38.66
C PRO N 133 -57.68 79.77 -37.62
N THR N 134 -57.29 79.61 -36.36
CA THR N 134 -58.15 79.99 -35.24
C THR N 134 -57.48 81.07 -34.41
N ASP N 135 -56.23 80.84 -34.01
CA ASP N 135 -55.49 81.80 -33.21
C ASP N 135 -55.15 83.04 -34.05
N PRO N 136 -55.06 84.22 -33.42
CA PRO N 136 -54.69 85.42 -34.19
C PRO N 136 -53.36 85.30 -34.91
N GLY N 137 -52.38 84.64 -34.30
CA GLY N 137 -51.06 84.51 -34.91
C GLY N 137 -50.92 83.26 -35.75
N ASP N 138 -51.76 83.12 -36.78
CA ASP N 138 -51.76 81.98 -37.66
C ASP N 138 -51.79 82.44 -39.11
N ALA N 139 -51.53 81.50 -40.02
CA ALA N 139 -51.56 81.78 -41.45
C ALA N 139 -52.98 81.65 -41.98
N VAL N 140 -53.24 82.34 -43.09
CA VAL N 140 -54.57 82.44 -43.67
C VAL N 140 -54.58 81.69 -44.99
N THR N 141 -55.57 80.82 -45.17
CA THR N 141 -55.73 80.07 -46.40
C THR N 141 -56.43 80.93 -47.45
N LYS N 142 -56.35 80.47 -48.71
CA LYS N 142 -57.02 81.18 -49.79
C LYS N 142 -58.53 81.21 -49.58
N GLN N 143 -59.10 80.11 -49.09
CA GLN N 143 -60.53 80.04 -48.86
C GLN N 143 -60.99 81.09 -47.86
N TYR N 144 -60.26 81.24 -46.76
CA TYR N 144 -60.67 82.15 -45.70
C TYR N 144 -60.74 83.59 -46.22
N VAL N 145 -59.70 84.03 -46.94
CA VAL N 145 -59.67 85.41 -47.43
C VAL N 145 -60.70 85.60 -48.53
N ASP N 146 -60.83 84.63 -49.45
CA ASP N 146 -61.73 84.80 -50.58
C ASP N 146 -63.19 84.89 -50.14
N THR N 147 -63.60 84.05 -49.19
CA THR N 147 -64.97 84.07 -48.69
C THR N 147 -65.25 85.26 -47.79
N ALA N 148 -64.22 85.90 -47.23
CA ALA N 148 -64.39 87.08 -46.40
C ALA N 148 -64.72 88.31 -47.22
N ASN N 149 -64.23 88.39 -48.45
CA ASN N 149 -64.53 89.54 -49.30
C ASN N 149 -66.02 89.62 -49.61
N THR N 150 -66.66 88.47 -49.84
CA THR N 150 -68.08 88.48 -50.17
C THR N 150 -68.91 89.05 -49.01
N ALA N 151 -68.56 88.69 -47.77
CA ALA N 151 -69.31 89.17 -46.63
C ALA N 151 -69.27 90.69 -46.55
N GLN N 152 -68.10 91.28 -46.76
CA GLN N 152 -67.93 92.73 -46.75
C GLN N 152 -68.22 93.36 -48.11
N ASN N 153 -68.94 92.65 -48.98
CA ASN N 153 -69.31 93.18 -50.28
C ASN N 153 -70.80 92.97 -50.53
N ALA N 154 -71.61 93.18 -49.51
CA ALA N 154 -73.06 93.00 -49.61
C ALA N 154 -73.69 94.18 -50.35
N MET O 1 33.84 71.58 -30.22
CA MET O 1 34.35 70.31 -30.81
C MET O 1 33.59 69.11 -30.28
N TYR O 2 33.89 68.73 -29.03
CA TYR O 2 33.23 67.59 -28.39
C TYR O 2 32.01 67.99 -27.58
N SER O 3 32.12 69.01 -26.73
CA SER O 3 31.05 69.34 -25.80
C SER O 3 30.24 70.57 -26.19
N VAL O 4 30.66 71.30 -27.23
CA VAL O 4 29.98 72.53 -27.65
C VAL O 4 29.68 72.44 -29.14
N GLN O 5 28.46 72.82 -29.52
CA GLN O 5 28.04 72.86 -30.92
C GLN O 5 27.35 74.18 -31.19
N ILE O 6 27.51 74.70 -32.40
CA ILE O 6 26.94 75.98 -32.81
C ILE O 6 26.20 75.78 -34.13
N ALA O 7 25.22 76.65 -34.37
CA ALA O 7 24.37 76.54 -35.57
C ALA O 7 23.89 77.94 -35.94
N VAL O 8 24.32 78.42 -37.11
CA VAL O 8 23.84 79.71 -37.60
C VAL O 8 22.37 79.59 -37.98
N SER O 9 21.61 80.66 -37.74
CA SER O 9 20.16 80.66 -37.86
C SER O 9 19.67 81.57 -38.97
N ASP O 10 20.22 81.44 -40.18
CA ASP O 10 19.91 82.37 -41.26
C ASP O 10 18.51 82.12 -41.82
N GLY O 11 17.51 82.73 -41.20
CA GLY O 11 16.16 82.77 -41.75
C GLY O 11 15.45 81.45 -41.87
N THR O 12 16.08 80.32 -41.57
CA THR O 12 15.49 79.02 -41.85
C THR O 12 15.53 78.03 -40.69
N LEU O 13 16.41 78.17 -39.71
CA LEU O 13 16.53 77.17 -38.68
C LEU O 13 15.25 77.01 -37.88
N THR O 14 14.59 75.86 -38.03
CA THR O 14 13.50 75.46 -37.15
C THR O 14 13.81 74.19 -36.39
N ARG O 15 14.79 73.42 -36.84
CA ARG O 15 15.23 72.21 -36.15
C ARG O 15 16.75 72.18 -36.16
N ILE O 16 17.30 71.46 -35.18
CA ILE O 16 18.75 71.29 -35.05
C ILE O 16 19.05 69.83 -34.86
N ALA O 17 20.08 69.34 -35.55
CA ALA O 17 20.53 67.95 -35.44
C ALA O 17 21.78 67.91 -34.57
N LEU O 18 21.73 67.12 -33.51
CA LEU O 18 22.84 67.05 -32.57
C LEU O 18 23.98 66.22 -33.14
N SER O 19 25.20 66.76 -33.04
CA SER O 19 26.41 66.07 -33.45
C SER O 19 27.28 65.69 -32.26
N ILE O 20 26.97 66.19 -31.07
CA ILE O 20 27.74 65.88 -29.88
C ILE O 20 27.15 64.64 -29.21
N GLU O 21 27.95 64.02 -28.35
CA GLU O 21 27.51 62.87 -27.57
C GLU O 21 27.36 63.29 -26.12
N TYR O 22 26.32 62.79 -25.47
CA TYR O 22 26.00 63.22 -24.11
C TYR O 22 25.74 62.00 -23.23
N PHE O 23 26.03 62.16 -21.94
CA PHE O 23 25.82 61.08 -20.99
C PHE O 23 24.34 60.82 -20.77
N GLU O 24 23.57 61.89 -20.57
CA GLU O 24 22.12 61.79 -20.45
C GLU O 24 21.50 63.09 -20.95
N LYS O 25 20.22 63.01 -21.32
CA LYS O 25 19.54 64.15 -21.94
C LYS O 25 19.41 65.33 -20.99
N ASP O 26 19.61 65.12 -19.69
CA ASP O 26 19.38 66.21 -18.73
C ASP O 26 20.47 67.27 -18.80
N ASP O 27 21.60 66.98 -19.44
CA ASP O 27 22.75 67.87 -19.39
C ASP O 27 22.77 68.92 -20.49
N ILE O 28 21.77 68.94 -21.38
CA ILE O 28 21.79 69.86 -22.51
C ILE O 28 21.16 71.18 -22.11
N THR O 29 21.71 72.28 -22.61
CA THR O 29 21.18 73.62 -22.37
C THR O 29 21.39 74.47 -23.62
N LEU O 30 20.61 75.55 -23.73
CA LEU O 30 20.62 76.41 -24.89
C LEU O 30 20.71 77.87 -24.49
N TYR O 31 21.37 78.68 -25.34
CA TYR O 31 21.43 80.12 -25.18
C TYR O 31 21.15 80.76 -26.54
N ARG O 32 20.46 81.90 -26.54
CA ARG O 32 19.91 82.40 -27.79
C ARG O 32 20.94 83.06 -28.70
N ASN O 33 21.50 84.20 -28.34
CA ASN O 33 22.64 84.73 -29.09
C ASN O 33 23.80 85.12 -28.18
N LEU O 34 23.49 85.88 -27.13
CA LEU O 34 24.50 86.22 -26.14
C LEU O 34 23.93 86.29 -24.73
N GLU O 35 22.67 85.94 -24.52
CA GLU O 35 22.04 86.09 -23.22
C GLU O 35 22.62 85.08 -22.23
N LEU O 36 22.81 85.51 -21.00
CA LEU O 36 23.32 84.65 -19.95
C LEU O 36 22.23 83.81 -19.31
N THR O 37 20.97 83.99 -19.70
CA THR O 37 19.86 83.22 -19.16
C THR O 37 19.49 82.11 -20.14
N PRO O 38 19.50 80.85 -19.72
CA PRO O 38 19.20 79.76 -20.67
C PRO O 38 17.74 79.73 -21.06
N LEU O 39 17.47 79.17 -22.24
CA LEU O 39 16.11 79.01 -22.71
C LEU O 39 15.37 77.98 -21.85
N VAL O 40 14.05 78.11 -21.80
CA VAL O 40 13.21 77.30 -20.93
C VAL O 40 12.74 76.08 -21.72
N LEU O 41 12.99 74.90 -21.19
CA LEU O 41 12.50 73.66 -21.80
C LEU O 41 10.99 73.60 -21.70
N GLY O 42 10.34 73.14 -22.77
CA GLY O 42 8.91 73.05 -22.82
C GLY O 42 8.19 74.27 -23.35
N THR O 43 8.90 75.37 -23.57
CA THR O 43 8.33 76.58 -24.14
C THR O 43 9.11 77.16 -25.30
N ASP O 44 10.40 76.82 -25.44
CA ASP O 44 11.20 77.29 -26.56
C ASP O 44 11.90 76.16 -27.32
N TRP O 45 12.02 74.98 -26.71
CA TRP O 45 12.65 73.85 -27.39
C TRP O 45 12.16 72.56 -26.74
N GLN O 46 12.01 71.52 -27.56
CA GLN O 46 11.51 70.23 -27.09
C GLN O 46 12.23 69.09 -27.80
N TRP O 47 12.55 68.04 -27.06
CA TRP O 47 13.22 66.88 -27.64
C TRP O 47 12.29 66.20 -28.66
N ASP O 48 12.90 65.65 -29.71
CA ASP O 48 12.15 64.97 -30.75
C ASP O 48 12.47 63.47 -30.82
N GLY O 49 13.73 63.10 -31.04
CA GLY O 49 14.07 61.71 -31.22
C GLY O 49 15.40 61.32 -30.61
N ASP O 50 15.83 62.04 -29.57
CA ASP O 50 17.13 61.88 -28.93
C ASP O 50 18.27 62.35 -29.83
N THR O 51 17.97 62.82 -31.04
CA THR O 51 19.02 63.41 -31.89
C THR O 51 18.53 64.65 -32.63
N HIS O 52 17.36 65.19 -32.29
CA HIS O 52 16.82 66.34 -32.99
C HIS O 52 16.07 67.21 -31.99
N ILE O 53 16.12 68.52 -32.20
CA ILE O 53 15.49 69.49 -31.30
C ILE O 53 14.55 70.37 -32.11
N ASN O 54 13.32 70.51 -31.62
CA ASN O 54 12.31 71.35 -32.25
C ASN O 54 12.26 72.70 -31.54
N LEU O 55 12.16 73.76 -32.31
CA LEU O 55 12.06 75.12 -31.77
C LEU O 55 10.62 75.60 -31.83
N LEU O 56 10.23 76.38 -30.83
CA LEU O 56 8.84 76.83 -30.69
C LEU O 56 8.68 78.34 -30.74
N THR O 57 9.76 79.11 -30.69
CA THR O 57 9.66 80.57 -30.70
C THR O 57 10.47 81.16 -31.85
N GLY O 58 10.36 80.55 -33.03
CA GLY O 58 11.08 81.03 -34.20
C GLY O 58 10.51 80.49 -35.49
N SER O 65 22.04 85.78 -36.15
CA SER O 65 21.59 84.98 -35.01
C SER O 65 22.09 83.55 -35.12
N TYR O 66 22.43 82.95 -33.97
CA TYR O 66 22.96 81.60 -33.94
C TYR O 66 22.64 80.96 -32.60
N ILE O 67 22.41 79.66 -32.61
CA ILE O 67 22.10 78.90 -31.41
C ILE O 67 23.32 78.11 -30.99
N THR O 68 23.49 77.95 -29.67
CA THR O 68 24.62 77.24 -29.09
C THR O 68 24.11 76.14 -28.18
N VAL O 69 24.83 75.01 -28.17
CA VAL O 69 24.49 73.84 -27.36
C VAL O 69 25.66 73.52 -26.45
N ARG O 70 25.36 73.18 -25.20
CA ARG O 70 26.37 72.91 -24.20
C ARG O 70 26.09 71.58 -23.52
N ARG O 71 27.16 70.91 -23.11
CA ARG O 71 27.09 69.68 -22.33
C ARG O 71 27.87 69.85 -21.03
N ASN O 72 27.24 69.45 -19.92
CA ASN O 72 27.86 69.59 -18.60
C ASN O 72 27.50 68.34 -17.81
N THR O 73 28.47 67.44 -17.65
CA THR O 73 28.24 66.22 -16.88
C THR O 73 28.26 66.52 -15.39
N ASP O 74 27.69 65.58 -14.63
CA ASP O 74 27.64 65.74 -13.18
C ASP O 74 29.04 65.76 -12.58
N ILE O 75 29.20 66.54 -11.52
CA ILE O 75 30.48 66.65 -10.82
C ILE O 75 30.36 66.38 -9.33
N ASP O 76 29.20 65.91 -8.85
CA ASP O 76 28.98 65.70 -7.43
C ASP O 76 29.48 64.36 -6.93
N ARG O 77 29.39 63.31 -7.75
CA ARG O 77 29.77 61.98 -7.32
C ARG O 77 30.18 61.15 -8.53
N ALA O 78 30.82 60.02 -8.26
CA ALA O 78 30.96 58.97 -9.25
C ALA O 78 29.61 58.31 -9.45
N PHE O 79 29.29 58.00 -10.71
CA PHE O 79 27.93 57.54 -11.03
C PHE O 79 27.58 56.27 -10.27
N ASN O 80 28.50 55.31 -10.22
CA ASN O 80 28.26 54.03 -9.57
C ASN O 80 29.06 53.93 -8.28
N ILE O 81 28.38 53.51 -7.21
CA ILE O 81 29.02 53.21 -5.92
C ILE O 81 28.99 51.70 -5.74
N TYR O 82 30.16 51.10 -5.55
CA TYR O 82 30.30 49.65 -5.54
C TYR O 82 29.94 49.12 -4.15
N ASP O 83 28.63 48.88 -3.97
CA ASP O 83 28.15 48.31 -2.72
C ASP O 83 28.61 46.85 -2.60
N GLY O 84 28.66 46.36 -1.37
CA GLY O 84 29.11 45.02 -1.11
C GLY O 84 28.15 43.91 -1.50
N GLY O 85 26.96 44.25 -2.01
CA GLY O 85 25.98 43.27 -2.40
C GLY O 85 25.54 43.38 -3.84
N ALA O 86 26.28 44.15 -4.64
CA ALA O 86 25.95 44.38 -6.04
C ALA O 86 26.69 43.39 -6.91
N ALA O 87 25.98 42.74 -7.83
CA ALA O 87 26.59 41.76 -8.72
C ALA O 87 27.64 42.41 -9.61
N PHE O 88 28.69 41.66 -9.91
CA PHE O 88 29.79 42.19 -10.71
C PHE O 88 29.42 42.20 -12.18
N ASN O 89 29.76 43.30 -12.85
CA ASN O 89 29.52 43.46 -14.29
C ASN O 89 30.59 44.36 -14.89
N ARG O 90 30.58 44.46 -16.21
CA ARG O 90 31.59 45.25 -16.92
C ARG O 90 31.08 46.65 -17.24
N GLU O 91 29.80 46.78 -17.57
CA GLU O 91 29.24 48.10 -17.88
C GLU O 91 29.39 49.05 -16.70
N THR O 92 29.28 48.53 -15.48
CA THR O 92 29.42 49.36 -14.29
C THR O 92 30.82 49.96 -14.17
N LEU O 93 31.85 49.32 -14.71
CA LEU O 93 33.17 49.91 -14.74
C LEU O 93 33.33 50.83 -15.95
N ASP O 94 32.74 50.44 -17.07
CA ASP O 94 32.86 51.24 -18.29
C ASP O 94 32.26 52.63 -18.10
N GLU O 95 31.09 52.70 -17.45
CA GLU O 95 30.46 54.00 -17.22
C GLU O 95 31.33 54.90 -16.34
N ASN O 96 31.89 54.34 -15.27
CA ASN O 96 32.74 55.14 -14.39
C ASN O 96 33.96 55.65 -15.13
N PHE O 97 34.58 54.80 -15.95
CA PHE O 97 35.76 55.26 -16.70
C PHE O 97 35.38 56.24 -17.80
N LYS O 98 34.13 56.19 -18.28
CA LYS O 98 33.69 57.12 -19.31
C LYS O 98 33.42 58.50 -18.73
N GLN O 99 32.92 58.55 -17.49
CA GLN O 99 32.59 59.85 -16.90
C GLN O 99 33.82 60.74 -16.80
N MET O 100 34.95 60.18 -16.36
CA MET O 100 36.16 60.96 -16.22
C MET O 100 36.66 61.48 -17.56
N ILE O 101 36.60 60.67 -18.62
CA ILE O 101 36.98 61.14 -19.94
C ILE O 101 36.06 62.25 -20.42
N TYR O 102 34.75 62.13 -20.16
CA TYR O 102 33.84 63.22 -20.52
C TYR O 102 34.22 64.50 -19.81
N LEU O 103 34.52 64.42 -18.51
CA LEU O 103 34.89 65.61 -17.76
C LEU O 103 36.15 66.24 -18.32
N ALA O 104 37.16 65.41 -18.64
CA ALA O 104 38.39 65.94 -19.20
C ALA O 104 38.16 66.59 -20.56
N GLN O 105 37.34 65.99 -21.42
CA GLN O 105 37.04 66.62 -22.70
C GLN O 105 36.36 67.96 -22.48
N GLU O 106 35.42 68.04 -21.54
CA GLU O 106 34.74 69.31 -21.28
C GLU O 106 35.73 70.37 -20.79
N PHE O 107 36.63 70.00 -19.87
CA PHE O 107 37.53 70.98 -19.29
C PHE O 107 38.63 71.42 -20.25
N THR O 108 39.16 70.53 -21.08
CA THR O 108 40.22 70.90 -22.01
C THR O 108 39.78 71.94 -23.03
N GLU O 109 38.46 72.07 -23.26
CA GLU O 109 37.97 73.08 -24.19
C GLU O 109 37.65 74.39 -23.50
N GLY O 110 37.83 74.48 -22.19
CA GLY O 110 37.51 75.68 -21.44
C GLY O 110 36.04 75.92 -21.21
N ASN O 111 35.20 74.89 -21.43
CA ASN O 111 33.76 75.09 -21.36
C ASN O 111 33.30 75.45 -19.96
N GLY O 112 33.86 74.80 -18.93
CA GLY O 112 33.30 74.89 -17.59
C GLY O 112 34.02 75.79 -16.62
N LEU O 113 35.01 76.56 -17.09
CA LEU O 113 35.74 77.45 -16.20
C LEU O 113 34.88 78.64 -15.79
N THR O 114 35.11 79.15 -14.59
CA THR O 114 34.27 80.22 -14.04
C THR O 114 35.04 81.39 -13.43
N GLY O 115 36.28 81.22 -12.99
CA GLY O 115 37.00 82.33 -12.39
C GLY O 115 38.35 81.89 -11.87
N LEU O 116 39.05 82.85 -11.27
CA LEU O 116 40.40 82.63 -10.77
C LEU O 116 40.56 83.28 -9.40
N TYR O 117 41.48 82.74 -8.61
CA TYR O 117 41.84 83.28 -7.31
C TYR O 117 43.34 83.52 -7.23
N PHE O 118 43.96 83.82 -8.37
CA PHE O 118 45.39 84.10 -8.44
C PHE O 118 45.65 84.98 -9.64
N PRO O 119 46.77 85.68 -9.68
CA PRO O 119 47.11 86.47 -10.86
C PRO O 119 47.32 85.56 -12.07
N LEU O 120 46.68 85.91 -13.18
CA LEU O 120 46.79 85.14 -14.41
C LEU O 120 48.05 85.56 -15.16
N ASP O 121 48.89 84.59 -15.50
CA ASP O 121 50.13 84.86 -16.20
C ASP O 121 50.02 84.49 -17.67
N MET O 122 50.52 85.38 -18.53
CA MET O 122 50.65 85.10 -19.95
C MET O 122 52.04 85.51 -20.37
N HIS O 123 52.70 84.67 -21.17
CA HIS O 123 54.11 84.87 -21.48
C HIS O 123 54.29 85.65 -22.77
N GLY O 124 53.31 86.47 -23.14
CA GLY O 124 53.42 87.34 -24.30
C GLY O 124 52.33 87.16 -25.34
N PHE O 125 51.29 86.38 -25.06
CA PHE O 125 50.21 86.19 -26.02
C PHE O 125 49.17 87.29 -25.84
N GLN O 126 48.09 87.23 -26.62
CA GLN O 126 47.10 88.30 -26.63
C GLN O 126 45.71 87.72 -26.43
N ILE O 127 44.75 88.62 -26.25
CA ILE O 127 43.33 88.29 -26.19
C ILE O 127 42.62 89.03 -27.31
N LYS O 128 41.77 88.32 -28.04
CA LYS O 128 41.23 88.86 -29.28
C LYS O 128 39.81 89.39 -29.15
N ASN O 129 38.87 88.56 -28.71
CA ASN O 129 37.46 88.98 -28.64
C ASN O 129 37.06 89.36 -27.23
N LEU O 130 37.65 90.44 -26.70
CA LEU O 130 37.44 90.81 -25.31
C LEU O 130 36.05 91.36 -25.04
N GLY O 131 35.43 92.05 -25.99
CA GLY O 131 34.13 92.65 -25.77
C GLY O 131 34.22 94.08 -25.23
N GLU O 132 33.07 94.73 -25.19
CA GLU O 132 32.98 96.15 -24.82
C GLU O 132 32.72 96.30 -23.33
N PRO O 133 33.57 97.04 -22.62
CA PRO O 133 33.35 97.22 -21.18
C PRO O 133 32.17 98.13 -20.90
N THR O 134 31.40 97.77 -19.87
CA THR O 134 30.32 98.61 -19.38
C THR O 134 30.58 99.01 -17.93
N ASP O 135 30.87 98.02 -17.09
CA ASP O 135 31.13 98.27 -15.69
C ASP O 135 32.46 99.00 -15.51
N PRO O 136 32.61 99.83 -14.48
CA PRO O 136 33.90 100.51 -14.26
C PRO O 136 35.08 99.55 -14.11
N GLY O 137 34.87 98.42 -13.45
CA GLY O 137 35.94 97.47 -13.23
C GLY O 137 36.05 96.43 -14.33
N ASP O 138 36.26 96.87 -15.56
CA ASP O 138 36.37 95.99 -16.71
C ASP O 138 37.60 96.36 -17.53
N ALA O 139 37.96 95.48 -18.46
CA ALA O 139 39.08 95.72 -19.35
C ALA O 139 38.65 96.54 -20.55
N VAL O 140 39.61 97.23 -21.16
CA VAL O 140 39.35 98.16 -22.24
C VAL O 140 39.94 97.60 -23.52
N THR O 141 39.14 97.59 -24.59
CA THR O 141 39.59 97.12 -25.88
C THR O 141 40.36 98.22 -26.60
N LYS O 142 41.08 97.82 -27.66
CA LYS O 142 41.81 98.79 -28.45
C LYS O 142 40.87 99.80 -29.10
N GLN O 143 39.72 99.33 -29.57
CA GLN O 143 38.75 100.21 -30.23
C GLN O 143 38.27 101.30 -29.29
N TYR O 144 37.95 100.94 -28.05
CA TYR O 144 37.40 101.91 -27.10
C TYR O 144 38.38 103.05 -26.83
N VAL O 145 39.65 102.70 -26.58
CA VAL O 145 40.63 103.74 -26.29
C VAL O 145 40.95 104.55 -27.53
N ASP O 146 41.10 103.90 -28.68
CA ASP O 146 41.50 104.61 -29.89
C ASP O 146 40.45 105.62 -30.33
N THR O 147 39.16 105.25 -30.26
CA THR O 147 38.09 106.16 -30.65
C THR O 147 37.85 107.24 -29.62
N ALA O 148 38.29 107.05 -28.38
CA ALA O 148 38.13 108.07 -27.34
C ALA O 148 39.10 109.23 -27.53
N ASN O 149 40.29 108.96 -28.09
CA ASN O 149 41.25 110.03 -28.32
C ASN O 149 40.71 111.06 -29.31
N THR O 150 40.01 110.60 -30.34
CA THR O 150 39.47 111.53 -31.34
C THR O 150 38.47 112.49 -30.71
N ALA O 151 37.61 111.99 -29.82
CA ALA O 151 36.61 112.85 -29.20
C ALA O 151 37.27 113.98 -28.42
N GLN O 152 38.32 113.67 -27.66
CA GLN O 152 39.06 114.67 -26.89
C GLN O 152 40.16 115.33 -27.72
N ASN O 153 40.07 115.26 -29.05
CA ASN O 153 41.04 115.91 -29.92
C ASN O 153 40.32 116.70 -31.00
N ALA O 154 39.25 117.40 -30.62
CA ALA O 154 38.48 118.19 -31.57
C ALA O 154 39.19 119.50 -31.88
N MET P 1 72.22 32.62 30.10
CA MET P 1 72.33 31.33 29.37
C MET P 1 70.99 30.91 28.79
N TYR P 2 70.09 30.42 29.64
CA TYR P 2 68.77 29.98 29.22
C TYR P 2 67.73 31.08 29.31
N SER P 3 67.64 31.79 30.44
CA SER P 3 66.55 32.73 30.67
C SER P 3 66.97 34.19 30.51
N VAL P 4 68.26 34.48 30.34
CA VAL P 4 68.74 35.84 30.25
C VAL P 4 69.61 35.97 29.00
N GLN P 5 69.40 37.06 28.25
CA GLN P 5 70.18 37.36 27.07
C GLN P 5 70.60 38.82 27.11
N ILE P 6 71.79 39.11 26.57
CA ILE P 6 72.36 40.45 26.57
C ILE P 6 72.80 40.78 25.16
N ALA P 7 72.85 42.08 24.85
CA ALA P 7 73.20 42.55 23.51
C ALA P 7 73.84 43.92 23.63
N VAL P 8 75.12 44.02 23.25
CA VAL P 8 75.80 45.31 23.24
C VAL P 8 75.23 46.17 22.13
N SER P 9 75.13 47.47 22.38
CA SER P 9 74.44 48.42 21.50
C SER P 9 75.38 49.43 20.87
N ASP P 10 76.48 48.98 20.26
CA ASP P 10 77.50 49.88 19.77
C ASP P 10 77.03 50.59 18.51
N GLY P 11 76.34 51.71 18.68
CA GLY P 11 76.02 52.62 17.58
C GLY P 11 75.13 52.08 16.49
N THR P 12 74.74 50.80 16.54
CA THR P 12 74.03 50.20 15.42
C THR P 12 72.77 49.42 15.79
N LEU P 13 72.62 48.95 17.03
CA LEU P 13 71.49 48.10 17.36
C LEU P 13 70.16 48.82 17.16
N THR P 14 69.39 48.37 16.17
CA THR P 14 68.00 48.77 16.00
C THR P 14 67.04 47.59 16.13
N ARG P 15 67.54 46.37 15.98
CA ARG P 15 66.74 45.17 16.15
C ARG P 15 67.54 44.16 16.96
N ILE P 16 66.82 43.25 17.61
CA ILE P 16 67.43 42.19 18.40
C ILE P 16 66.78 40.88 18.03
N ALA P 17 67.60 39.84 17.86
CA ALA P 17 67.14 38.50 17.55
C ALA P 17 67.17 37.65 18.82
N LEU P 18 66.03 37.07 19.17
CA LEU P 18 65.91 36.30 20.39
C LEU P 18 66.57 34.94 20.24
N SER P 19 67.39 34.56 21.22
CA SER P 19 68.02 33.25 21.26
C SER P 19 67.47 32.40 22.40
N ILE P 20 66.68 32.98 23.29
CA ILE P 20 66.10 32.24 24.41
C ILE P 20 64.75 31.68 23.99
N GLU P 21 64.28 30.69 24.74
CA GLU P 21 62.98 30.08 24.53
C GLU P 21 62.05 30.51 25.66
N TYR P 22 60.80 30.80 25.32
CA TYR P 22 59.86 31.34 26.29
C TYR P 22 58.54 30.58 26.21
N PHE P 23 57.85 30.51 27.35
CA PHE P 23 56.57 29.82 27.42
C PHE P 23 55.50 30.58 26.65
N GLU P 24 55.43 31.89 26.86
CA GLU P 24 54.53 32.76 26.11
C GLU P 24 55.14 34.15 26.02
N LYS P 25 54.68 34.92 25.04
CA LYS P 25 55.28 36.22 24.76
C LYS P 25 55.08 37.21 25.90
N ASP P 26 54.16 36.92 26.83
CA ASP P 26 53.85 37.89 27.88
C ASP P 26 54.97 38.00 28.91
N ASP P 27 55.89 37.04 28.94
CA ASP P 27 56.88 36.98 30.01
C ASP P 27 58.15 37.76 29.72
N ILE P 28 58.25 38.43 28.58
CA ILE P 28 59.50 39.12 28.21
C ILE P 28 59.47 40.54 28.76
N THR P 29 60.63 41.02 29.21
CA THR P 29 60.78 42.38 29.71
C THR P 29 62.15 42.89 29.33
N LEU P 30 62.32 44.21 29.34
CA LEU P 30 63.54 44.87 28.92
C LEU P 30 63.97 45.93 29.92
N TYR P 31 65.27 46.11 30.06
CA TYR P 31 65.86 47.18 30.86
C TYR P 31 66.96 47.83 30.06
N ARG P 32 67.13 49.15 30.20
CA ARG P 32 67.94 49.90 29.25
C ARG P 32 69.44 49.72 29.47
N ASN P 33 70.00 50.24 30.57
CA ASN P 33 71.39 49.90 30.89
C ASN P 33 71.55 49.46 32.33
N LEU P 34 70.97 50.23 33.26
CA LEU P 34 70.98 49.83 34.67
C LEU P 34 69.69 50.25 35.38
N GLU P 35 68.71 50.80 34.67
CA GLU P 35 67.51 51.31 35.32
C GLU P 35 66.67 50.17 35.86
N LEU P 36 66.08 50.38 37.04
CA LEU P 36 65.22 49.39 37.66
C LEU P 36 63.79 49.45 37.12
N THR P 37 63.48 50.41 36.26
CA THR P 37 62.15 50.54 35.67
C THR P 37 62.14 49.94 34.27
N PRO P 38 61.28 48.97 33.99
CA PRO P 38 61.29 48.33 32.66
C PRO P 38 60.78 49.26 31.58
N LEU P 39 61.22 49.00 30.35
CA LEU P 39 60.75 49.76 29.21
C LEU P 39 59.28 49.46 28.94
N VAL P 40 58.60 50.42 28.32
CA VAL P 40 57.15 50.34 28.10
C VAL P 40 56.91 49.72 26.73
N LEU P 41 56.12 48.65 26.70
CA LEU P 41 55.74 48.03 25.44
C LEU P 41 54.83 48.98 24.66
N GLY P 42 55.04 49.04 23.34
CA GLY P 42 54.25 49.89 22.48
C GLY P 42 54.81 51.29 22.29
N THR P 43 55.84 51.66 23.02
CA THR P 43 56.49 52.96 22.87
C THR P 43 58.01 52.89 22.75
N ASP P 44 58.63 51.81 23.19
CA ASP P 44 60.08 51.63 23.05
C ASP P 44 60.47 50.34 22.38
N TRP P 45 59.57 49.35 22.33
CA TRP P 45 59.88 48.08 21.66
C TRP P 45 58.57 47.42 21.26
N GLN P 46 58.58 46.72 20.12
CA GLN P 46 57.40 46.07 19.59
C GLN P 46 57.78 44.73 18.96
N TRP P 47 56.95 43.72 19.17
CA TRP P 47 57.19 42.42 18.58
C TRP P 47 57.10 42.50 17.06
N ASP P 48 57.92 41.67 16.39
CA ASP P 48 57.96 41.64 14.94
C ASP P 48 57.49 40.30 14.38
N GLY P 49 58.15 39.20 14.73
CA GLY P 49 57.83 37.91 14.14
C GLY P 49 57.94 36.75 15.11
N ASP P 50 57.75 37.02 16.41
CA ASP P 50 57.93 36.07 17.49
C ASP P 50 59.39 35.68 17.69
N THR P 51 60.30 36.24 16.89
CA THR P 51 61.73 36.01 17.14
C THR P 51 62.56 37.27 16.92
N HIS P 52 61.95 38.44 16.77
CA HIS P 52 62.68 39.67 16.53
C HIS P 52 61.96 40.81 17.22
N ILE P 53 62.73 41.78 17.70
CA ILE P 53 62.20 42.92 18.45
C ILE P 53 62.67 44.21 17.76
N ASN P 54 61.72 45.11 17.51
CA ASN P 54 62.02 46.40 16.92
C ASN P 54 62.08 47.46 18.01
N LEU P 55 63.07 48.35 17.91
CA LEU P 55 63.25 49.43 18.85
C LEU P 55 62.74 50.73 18.25
N LEU P 56 62.17 51.58 19.10
CA LEU P 56 61.54 52.82 18.66
C LEU P 56 62.18 54.08 19.23
N THR P 57 63.07 53.97 20.22
CA THR P 57 63.68 55.15 20.82
C THR P 57 65.20 55.06 20.72
N GLY P 58 65.71 54.67 19.55
CA GLY P 58 67.14 54.58 19.35
C GLY P 58 67.51 54.53 17.88
N SER P 65 76.56 51.09 26.09
CA SER P 65 75.15 50.78 26.27
C SER P 65 74.85 49.36 25.82
N TYR P 66 73.94 48.69 26.52
CA TYR P 66 73.58 47.32 26.21
C TYR P 66 72.17 47.04 26.69
N ILE P 67 71.46 46.18 25.95
CA ILE P 67 70.09 45.82 26.28
C ILE P 67 70.09 44.42 26.88
N THR P 68 69.17 44.19 27.82
CA THR P 68 69.05 42.92 28.51
C THR P 68 67.62 42.39 28.37
N VAL P 69 67.49 41.08 28.25
CA VAL P 69 66.21 40.42 28.09
C VAL P 69 66.04 39.41 29.22
N ARG P 70 64.83 39.35 29.78
CA ARG P 70 64.53 38.48 30.91
C ARG P 70 63.29 37.64 30.62
N ARG P 71 63.28 36.43 31.18
CA ARG P 71 62.12 35.55 31.12
C ARG P 71 61.69 35.16 32.53
N ASN P 72 60.39 35.27 32.79
CA ASN P 72 59.84 34.98 34.11
C ASN P 72 58.51 34.25 33.90
N THR P 73 58.50 32.94 34.12
CA THR P 73 57.29 32.17 33.98
C THR P 73 56.37 32.37 35.18
N ASP P 74 55.11 32.03 34.98
CA ASP P 74 54.11 32.18 36.04
C ASP P 74 54.45 31.29 37.23
N ILE P 75 54.13 31.77 38.43
CA ILE P 75 54.37 31.05 39.66
C ILE P 75 53.12 30.91 40.52
N ASP P 76 51.96 31.29 40.00
CA ASP P 76 50.73 31.29 40.79
C ASP P 76 50.03 29.93 40.79
N ARG P 77 50.10 29.20 39.69
CA ARG P 77 49.39 27.93 39.57
C ARG P 77 50.09 27.04 38.57
N ALA P 78 49.73 25.76 38.59
CA ALA P 78 50.03 24.88 37.47
C ALA P 78 49.15 25.24 36.29
N PHE P 79 49.72 25.22 35.09
CA PHE P 79 49.01 25.75 33.93
C PHE P 79 47.70 25.01 33.69
N ASN P 80 47.73 23.68 33.78
CA ASN P 80 46.56 22.85 33.51
C ASN P 80 46.02 22.27 34.81
N ILE P 81 44.70 22.38 35.00
CA ILE P 81 44.00 21.74 36.10
C ILE P 81 43.16 20.61 35.52
N TYR P 82 43.38 19.39 36.02
CA TYR P 82 42.79 18.20 35.43
C TYR P 82 41.36 18.02 35.96
N ASP P 83 40.43 18.69 35.28
CA ASP P 83 39.03 18.56 35.63
C ASP P 83 38.53 17.16 35.29
N GLY P 84 37.44 16.76 35.96
CA GLY P 84 36.89 15.42 35.77
C GLY P 84 36.16 15.22 34.47
N GLY P 85 36.04 16.25 33.63
CA GLY P 85 35.34 16.13 32.37
C GLY P 85 36.18 16.50 31.17
N ALA P 86 37.49 16.61 31.36
CA ALA P 86 38.42 17.00 30.29
C ALA P 86 38.99 15.76 29.62
N ALA P 87 38.95 15.74 28.29
CA ALA P 87 39.47 14.59 27.55
C ALA P 87 40.95 14.41 27.79
N PHE P 88 41.39 13.15 27.81
CA PHE P 88 42.79 12.85 28.08
C PHE P 88 43.65 13.10 26.85
N ASN P 89 44.82 13.71 27.07
CA ASN P 89 45.77 13.99 26.00
C ASN P 89 47.18 13.99 26.58
N ARG P 90 48.16 14.07 25.68
CA ARG P 90 49.56 14.02 26.10
C ARG P 90 50.16 15.42 26.25
N GLU P 91 49.76 16.35 25.37
CA GLU P 91 50.29 17.71 25.46
C GLU P 91 49.96 18.34 26.81
N THR P 92 48.80 18.01 27.38
CA THR P 92 48.41 18.55 28.68
C THR P 92 49.34 18.11 29.79
N LEU P 93 49.99 16.95 29.67
CA LEU P 93 51.00 16.54 30.64
C LEU P 93 52.35 17.14 30.30
N ASP P 94 52.66 17.23 29.00
CA ASP P 94 53.95 17.76 28.58
C ASP P 94 54.11 19.21 29.03
N GLU P 95 53.07 20.02 28.89
CA GLU P 95 53.16 21.42 29.31
C GLU P 95 53.41 21.54 30.80
N ASN P 96 52.70 20.75 31.61
CA ASN P 96 52.89 20.81 33.05
C ASN P 96 54.31 20.40 33.43
N PHE P 97 54.84 19.35 32.80
CA PHE P 97 56.20 18.94 33.13
C PHE P 97 57.23 19.93 32.59
N LYS P 98 56.87 20.70 31.57
CA LYS P 98 57.79 21.70 31.02
C LYS P 98 57.86 22.93 31.92
N GLN P 99 56.75 23.29 32.55
CA GLN P 99 56.73 24.49 33.39
C GLN P 99 57.73 24.38 34.54
N MET P 100 57.76 23.21 35.19
CA MET P 100 58.68 23.03 36.31
C MET P 100 60.13 23.09 35.88
N ILE P 101 60.48 22.52 34.72
CA ILE P 101 61.83 22.63 34.21
C ILE P 101 62.19 24.08 33.89
N TYR P 102 61.26 24.83 33.31
CA TYR P 102 61.51 26.25 33.06
C TYR P 102 61.79 26.99 34.37
N LEU P 103 61.00 26.73 35.40
CA LEU P 103 61.20 27.40 36.69
C LEU P 103 62.57 27.05 37.26
N ALA P 104 62.95 25.78 37.20
CA ALA P 104 64.25 25.37 37.71
C ALA P 104 65.39 26.01 36.94
N GLN P 105 65.29 26.09 35.61
CA GLN P 105 66.32 26.78 34.83
C GLN P 105 66.42 28.25 35.24
N GLU P 106 65.29 28.90 35.43
CA GLU P 106 65.31 30.31 35.83
C GLU P 106 65.97 30.48 37.19
N PHE P 107 65.63 29.61 38.15
CA PHE P 107 66.15 29.76 39.51
C PHE P 107 67.62 29.40 39.63
N THR P 108 68.09 28.37 38.92
CA THR P 108 69.50 27.97 39.02
C THR P 108 70.45 29.05 38.53
N GLU P 109 69.97 30.00 37.73
CA GLU P 109 70.82 31.09 37.27
C GLU P 109 70.77 32.31 38.19
N GLY P 110 69.96 32.25 39.25
CA GLY P 110 69.81 33.37 40.15
C GLY P 110 68.95 34.50 39.62
N ASN P 111 68.20 34.27 38.55
CA ASN P 111 67.46 35.35 37.90
C ASN P 111 66.39 35.92 38.81
N GLY P 112 65.66 35.06 39.52
CA GLY P 112 64.45 35.49 40.21
C GLY P 112 64.57 35.70 41.71
N LEU P 113 65.77 35.66 42.26
CA LEU P 113 65.94 35.85 43.70
C LEU P 113 65.72 37.33 44.05
N THR P 114 65.22 37.56 45.27
CA THR P 114 64.88 38.91 45.70
C THR P 114 65.39 39.31 47.07
N GLY P 115 65.66 38.38 47.98
CA GLY P 115 66.12 38.76 49.30
C GLY P 115 66.29 37.54 50.20
N LEU P 116 66.66 37.82 51.44
CA LEU P 116 66.93 36.78 52.42
C LEU P 116 66.33 37.17 53.76
N TYR P 117 66.02 36.16 54.57
CA TYR P 117 65.54 36.34 55.93
C TYR P 117 66.40 35.56 56.92
N PHE P 118 67.67 35.38 56.59
CA PHE P 118 68.61 34.67 57.44
C PHE P 118 70.01 35.17 57.14
N PRO P 119 70.96 34.98 58.05
CA PRO P 119 72.35 35.36 57.76
C PRO P 119 72.90 34.53 56.61
N LEU P 120 73.51 35.21 55.64
CA LEU P 120 74.09 34.56 54.47
C LEU P 120 75.49 34.07 54.83
N ASP P 121 75.74 32.79 54.60
CA ASP P 121 77.03 32.18 54.90
C ASP P 121 77.84 31.96 53.63
N MET P 122 79.13 32.33 53.71
CA MET P 122 80.08 32.04 52.65
C MET P 122 81.32 31.44 53.30
N HIS P 123 81.85 30.37 52.71
CA HIS P 123 82.91 29.62 53.34
C HIS P 123 84.30 30.09 52.90
N GLY P 124 84.40 31.35 52.48
CA GLY P 124 85.68 31.94 52.12
C GLY P 124 85.75 32.51 50.72
N PHE P 125 84.64 32.58 49.99
CA PHE P 125 84.66 33.15 48.65
C PHE P 125 84.47 34.66 48.72
N GLN P 126 84.42 35.32 47.56
CA GLN P 126 84.38 36.78 47.51
C GLN P 126 83.23 37.23 46.63
N ILE P 127 83.00 38.55 46.64
CA ILE P 127 82.04 39.21 45.77
C ILE P 127 82.80 40.23 44.94
N LYS P 128 82.54 40.24 43.64
CA LYS P 128 83.38 41.01 42.72
C LYS P 128 82.76 42.34 42.29
N ASN P 129 81.56 42.31 41.71
CA ASN P 129 80.96 43.54 41.19
C ASN P 129 79.91 44.10 42.15
N LEU P 130 80.34 44.53 43.33
CA LEU P 130 79.41 44.94 44.37
C LEU P 130 78.71 46.26 44.05
N GLY P 131 79.38 47.20 43.38
CA GLY P 131 78.80 48.50 43.09
C GLY P 131 79.11 49.52 44.18
N GLU P 132 78.76 50.76 43.89
CA GLU P 132 79.09 51.90 44.75
C GLU P 132 77.96 52.18 45.73
N PRO P 133 78.26 52.19 47.03
CA PRO P 133 77.20 52.48 48.01
C PRO P 133 76.78 53.93 47.99
N THR P 134 75.47 54.16 48.13
CA THR P 134 74.92 55.50 48.28
C THR P 134 74.22 55.62 49.62
N ASP P 135 73.32 54.68 49.91
CA ASP P 135 72.58 54.71 51.16
C ASP P 135 73.51 54.40 52.34
N PRO P 136 73.22 54.94 53.53
CA PRO P 136 74.07 54.62 54.69
C PRO P 136 74.15 53.13 54.99
N GLY P 137 73.06 52.39 54.82
CA GLY P 137 73.05 50.98 55.12
C GLY P 137 73.41 50.11 53.93
N ASP P 138 74.60 50.31 53.38
CA ASP P 138 75.08 49.58 52.22
C ASP P 138 76.49 49.06 52.48
N ALA P 139 76.94 48.16 51.62
CA ALA P 139 78.28 47.61 51.71
C ALA P 139 79.28 48.53 51.01
N VAL P 140 80.54 48.42 51.42
CA VAL P 140 81.60 49.30 50.94
C VAL P 140 82.57 48.49 50.10
N THR P 141 82.88 49.00 48.91
CA THR P 141 83.84 48.36 48.04
C THR P 141 85.26 48.70 48.45
N LYS P 142 86.22 47.93 47.92
CA LYS P 142 87.63 48.20 48.20
C LYS P 142 88.03 49.58 47.70
N GLN P 143 87.54 49.96 46.52
CA GLN P 143 87.88 51.26 45.95
C GLN P 143 87.46 52.40 46.86
N TYR P 144 86.24 52.33 47.39
CA TYR P 144 85.71 53.43 48.20
C TYR P 144 86.56 53.66 49.44
N VAL P 145 86.91 52.58 50.15
CA VAL P 145 87.70 52.72 51.37
C VAL P 145 89.12 53.13 51.04
N ASP P 146 89.72 52.55 50.01
CA ASP P 146 91.11 52.84 49.70
C ASP P 146 91.32 54.28 49.29
N THR P 147 90.42 54.83 48.47
CA THR P 147 90.54 56.21 48.04
C THR P 147 90.16 57.21 49.13
N ALA P 148 89.43 56.77 50.15
CA ALA P 148 89.08 57.65 51.27
C ALA P 148 90.26 57.89 52.19
N ASN P 149 91.17 56.93 52.31
CA ASN P 149 92.34 57.12 53.17
C ASN P 149 93.21 58.26 52.65
N THR P 150 93.37 58.37 51.34
CA THR P 150 94.21 59.42 50.77
C THR P 150 93.67 60.80 51.12
N ALA P 151 92.34 60.96 51.05
CA ALA P 151 91.76 62.27 51.34
C ALA P 151 92.07 62.71 52.76
N GLN P 152 91.96 61.78 53.72
CA GLN P 152 92.26 62.08 55.12
C GLN P 152 93.73 61.86 55.45
N ASN P 153 94.60 61.87 54.43
CA ASN P 153 96.04 61.74 54.64
C ASN P 153 96.78 62.81 53.85
N ALA P 154 96.25 64.03 53.86
CA ALA P 154 96.87 65.14 53.15
C ALA P 154 98.07 65.67 53.93
N MET Q 1 32.10 -21.95 75.33
CA MET Q 1 32.09 -23.01 74.29
C MET Q 1 31.60 -22.47 72.95
N TYR Q 2 30.29 -22.25 72.84
CA TYR Q 2 29.67 -21.73 71.62
C TYR Q 2 29.56 -20.22 71.62
N SER Q 3 29.03 -19.62 72.68
CA SER Q 3 28.72 -18.20 72.71
C SER Q 3 29.71 -17.36 73.49
N VAL Q 4 30.65 -17.97 74.21
CA VAL Q 4 31.60 -17.26 75.04
C VAL Q 4 33.01 -17.71 74.69
N GLN Q 5 33.92 -16.75 74.54
CA GLN Q 5 35.32 -17.03 74.29
C GLN Q 5 36.19 -16.19 75.21
N ILE Q 6 37.33 -16.74 75.62
CA ILE Q 6 38.24 -16.08 76.54
C ILE Q 6 39.64 -16.12 75.94
N ALA Q 7 40.48 -15.16 76.35
CA ALA Q 7 41.83 -15.05 75.81
C ALA Q 7 42.72 -14.40 76.88
N VAL Q 8 43.71 -15.17 77.36
CA VAL Q 8 44.67 -14.63 78.31
C VAL Q 8 45.54 -13.59 77.62
N SER Q 9 45.91 -12.54 78.34
CA SER Q 9 46.59 -11.38 77.79
C SER Q 9 48.01 -11.22 78.32
N ASP Q 10 48.82 -12.28 78.28
CA ASP Q 10 50.13 -12.25 78.91
C ASP Q 10 51.11 -11.41 78.10
N GLY Q 11 51.13 -10.10 78.36
CA GLY Q 11 52.15 -9.21 77.84
C GLY Q 11 52.20 -9.04 76.34
N THR Q 12 51.37 -9.76 75.57
CA THR Q 12 51.52 -9.77 74.12
C THR Q 12 50.23 -9.54 73.34
N LEU Q 13 49.06 -9.79 73.91
CA LEU Q 13 47.83 -9.70 73.13
C LEU Q 13 47.59 -8.29 72.60
N THR Q 14 47.68 -8.14 71.29
CA THR Q 14 47.23 -6.93 70.61
C THR Q 14 46.11 -7.21 69.62
N ARG Q 15 45.91 -8.47 69.23
CA ARG Q 15 44.83 -8.86 68.36
C ARG Q 15 44.22 -10.14 68.88
N ILE Q 16 42.95 -10.38 68.54
CA ILE Q 16 42.22 -11.57 68.94
C ILE Q 16 41.54 -12.16 67.71
N ALA Q 17 41.63 -13.48 67.58
CA ALA Q 17 40.99 -14.20 66.49
C ALA Q 17 39.73 -14.87 67.00
N LEU Q 18 38.60 -14.56 66.35
CA LEU Q 18 37.32 -15.07 66.80
C LEU Q 18 37.16 -16.54 66.41
N SER Q 19 36.73 -17.35 67.37
CA SER Q 19 36.42 -18.76 67.14
C SER Q 19 34.93 -19.06 67.24
N ILE Q 20 34.15 -18.09 67.72
CA ILE Q 20 32.70 -18.28 67.84
C ILE Q 20 32.03 -17.83 66.55
N GLU Q 21 30.79 -18.29 66.36
CA GLU Q 21 29.97 -17.90 65.23
C GLU Q 21 28.86 -16.98 65.72
N TYR Q 22 28.57 -15.94 64.94
CA TYR Q 22 27.63 -14.92 65.36
C TYR Q 22 26.63 -14.65 64.24
N PHE Q 23 25.42 -14.25 64.63
CA PHE Q 23 24.37 -13.95 63.67
C PHE Q 23 24.70 -12.67 62.89
N GLU Q 24 25.10 -11.63 63.61
CA GLU Q 24 25.55 -10.39 63.00
C GLU Q 24 26.57 -9.72 63.91
N LYS Q 25 27.38 -8.84 63.32
CA LYS Q 25 28.49 -8.24 64.06
C LYS Q 25 28.02 -7.35 65.20
N ASP Q 26 26.74 -6.97 65.22
CA ASP Q 26 26.27 -6.04 66.24
C ASP Q 26 26.18 -6.67 67.61
N ASP Q 27 26.22 -7.99 67.70
CA ASP Q 27 25.95 -8.68 68.95
C ASP Q 27 27.19 -8.92 69.81
N ILE Q 28 28.36 -8.49 69.36
CA ILE Q 28 29.60 -8.76 70.10
C ILE Q 28 29.84 -7.66 71.13
N THR Q 29 30.36 -8.04 72.29
CA THR Q 29 30.70 -7.11 73.35
C THR Q 29 31.95 -7.61 74.07
N LEU Q 30 32.62 -6.70 74.77
CA LEU Q 30 33.88 -7.01 75.44
C LEU Q 30 33.86 -6.47 76.87
N TYR Q 31 34.56 -7.18 77.76
CA TYR Q 31 34.78 -6.75 79.13
C TYR Q 31 36.25 -6.97 79.47
N ARG Q 32 36.82 -6.07 80.27
CA ARG Q 32 38.28 -6.03 80.39
C ARG Q 32 38.84 -7.14 81.28
N ASN Q 33 38.60 -7.11 82.59
CA ASN Q 33 38.96 -8.27 83.41
C ASN Q 33 37.81 -8.70 84.30
N LEU Q 34 37.19 -7.75 85.00
CA LEU Q 34 36.01 -8.04 85.80
C LEU Q 34 35.01 -6.90 85.80
N GLU Q 35 35.24 -5.84 85.04
CA GLU Q 35 34.37 -4.67 85.07
C GLU Q 35 33.02 -5.00 84.46
N LEU Q 36 31.96 -4.46 85.07
CA LEU Q 36 30.61 -4.65 84.57
C LEU Q 36 30.25 -3.68 83.46
N THR Q 37 31.15 -2.75 83.12
CA THR Q 37 30.91 -1.78 82.05
C THR Q 37 31.63 -2.24 80.79
N PRO Q 38 30.93 -2.42 79.67
CA PRO Q 38 31.59 -2.91 78.46
C PRO Q 38 32.51 -1.87 77.84
N LEU Q 39 33.51 -2.36 77.10
CA LEU Q 39 34.41 -1.47 76.39
C LEU Q 39 33.68 -0.75 75.26
N VAL Q 40 34.19 0.42 74.91
CA VAL Q 40 33.54 1.30 73.94
C VAL Q 40 34.10 0.98 72.55
N LEU Q 41 33.21 0.68 71.61
CA LEU Q 41 33.63 0.46 70.23
C LEU Q 41 34.13 1.77 69.63
N GLY Q 42 35.20 1.68 68.84
CA GLY Q 42 35.79 2.84 68.21
C GLY Q 42 36.86 3.54 69.02
N THR Q 43 37.06 3.15 70.27
CA THR Q 43 38.11 3.73 71.11
C THR Q 43 38.97 2.69 71.82
N ASP Q 44 38.50 1.46 71.97
CA ASP Q 44 39.28 0.38 72.57
C ASP Q 44 39.37 -0.86 71.71
N TRP Q 45 38.50 -1.02 70.73
CA TRP Q 45 38.55 -2.18 69.84
C TRP Q 45 37.83 -1.85 68.55
N GLN Q 46 38.34 -2.38 67.44
CA GLN Q 46 37.79 -2.12 66.12
C GLN Q 46 37.84 -3.38 65.26
N TRP Q 47 36.78 -3.61 64.50
CA TRP Q 47 36.72 -4.77 63.61
C TRP Q 47 37.80 -4.65 62.54
N ASP Q 48 38.34 -5.80 62.13
CA ASP Q 48 39.38 -5.85 61.12
C ASP Q 48 38.93 -6.57 59.84
N GLY Q 49 38.52 -7.83 59.94
CA GLY Q 49 38.19 -8.61 58.77
C GLY Q 49 37.02 -9.56 58.97
N ASP Q 50 36.12 -9.23 59.91
CA ASP Q 50 35.01 -10.08 60.32
C ASP Q 50 35.47 -11.31 61.07
N THR Q 51 36.78 -11.48 61.26
CA THR Q 51 37.27 -12.59 62.11
C THR Q 51 38.44 -12.16 62.98
N HIS Q 52 38.74 -10.88 63.09
CA HIS Q 52 39.87 -10.41 63.88
C HIS Q 52 39.52 -9.08 64.51
N ILE Q 53 40.03 -8.84 65.71
CA ILE Q 53 39.74 -7.63 66.47
C ILE Q 53 41.05 -6.95 66.83
N ASN Q 54 41.14 -5.66 66.57
CA ASN Q 54 42.31 -4.86 66.90
C ASN Q 54 42.05 -4.09 68.20
N LEU Q 55 43.05 -4.06 69.07
CA LEU Q 55 42.97 -3.35 70.33
C LEU Q 55 43.73 -2.02 70.23
N LEU Q 56 43.20 -1.01 70.91
CA LEU Q 56 43.74 0.34 70.83
C LEU Q 56 44.24 0.89 72.16
N THR Q 57 43.97 0.22 73.28
CA THR Q 57 44.41 0.72 74.58
C THR Q 57 45.25 -0.33 75.30
N GLY Q 58 46.17 -0.96 74.57
CA GLY Q 58 47.04 -1.95 75.16
C GLY Q 58 48.27 -2.23 74.31
N SER Q 65 45.68 -10.71 83.39
CA SER Q 65 44.65 -10.04 82.62
C SER Q 65 44.17 -10.92 81.48
N TYR Q 66 42.88 -10.84 81.17
CA TYR Q 66 42.28 -11.66 80.12
C TYR Q 66 41.07 -10.95 79.56
N ILE Q 67 40.83 -11.14 78.27
CA ILE Q 67 39.69 -10.53 77.59
C ILE Q 67 38.62 -11.60 77.36
N THR Q 68 37.35 -11.18 77.42
CA THR Q 68 36.22 -12.07 77.24
C THR Q 68 35.33 -11.53 76.13
N VAL Q 69 34.73 -12.45 75.37
CA VAL Q 69 33.86 -12.12 74.26
C VAL Q 69 32.51 -12.78 74.49
N ARG Q 70 31.44 -12.05 74.20
CA ARG Q 70 30.08 -12.52 74.43
C ARG Q 70 29.24 -12.34 73.17
N ARG Q 71 28.29 -13.26 72.99
CA ARG Q 71 27.31 -13.18 71.92
C ARG Q 71 25.90 -13.19 72.50
N ASN Q 72 25.07 -12.26 72.03
CA ASN Q 72 23.70 -12.13 72.51
C ASN Q 72 22.81 -11.82 71.31
N THR Q 73 22.05 -12.81 70.87
CA THR Q 73 21.15 -12.62 69.74
C THR Q 73 19.90 -11.86 70.18
N ASP Q 74 19.20 -11.30 69.20
CA ASP Q 74 18.00 -10.54 69.47
C ASP Q 74 16.92 -11.45 70.07
N ILE Q 75 16.12 -10.86 70.97
CA ILE Q 75 15.04 -11.58 71.62
C ILE Q 75 13.70 -10.87 71.48
N ASP Q 76 13.61 -9.82 70.68
CA ASP Q 76 12.39 -9.03 70.55
C ASP Q 76 11.41 -9.61 69.56
N ARG Q 77 11.90 -10.22 68.47
CA ARG Q 77 11.02 -10.70 67.42
C ARG Q 77 11.71 -11.85 66.69
N ALA Q 78 10.91 -12.59 65.91
CA ALA Q 78 11.46 -13.46 64.89
C ALA Q 78 12.00 -12.60 63.75
N PHE Q 79 13.15 -13.00 63.21
CA PHE Q 79 13.84 -12.14 62.25
C PHE Q 79 12.98 -11.85 61.03
N ASN Q 80 12.32 -12.88 60.50
CA ASN Q 80 11.51 -12.75 59.29
C ASN Q 80 10.03 -12.84 59.64
N ILE Q 81 9.25 -11.90 59.12
CA ILE Q 81 7.79 -11.94 59.21
C ILE Q 81 7.24 -12.26 57.83
N TYR Q 82 6.45 -13.32 57.73
CA TYR Q 82 6.01 -13.85 56.45
C TYR Q 82 4.79 -13.06 55.97
N ASP Q 83 5.07 -11.95 55.29
CA ASP Q 83 4.02 -11.14 54.71
C ASP Q 83 3.35 -11.88 53.56
N GLY Q 84 2.12 -11.48 53.25
CA GLY Q 84 1.36 -12.13 52.20
C GLY Q 84 1.80 -11.82 50.79
N GLY Q 85 2.80 -10.95 50.62
CA GLY Q 85 3.28 -10.59 49.29
C GLY Q 85 4.75 -10.86 49.09
N ALA Q 86 5.36 -11.62 49.98
CA ALA Q 86 6.78 -11.92 49.92
C ALA Q 86 7.00 -13.24 49.18
N ALA Q 87 7.92 -13.24 48.23
CA ALA Q 87 8.20 -14.44 47.44
C ALA Q 87 8.75 -15.54 48.35
N PHE Q 88 8.39 -16.79 48.01
CA PHE Q 88 8.80 -17.93 48.82
C PHE Q 88 10.26 -18.30 48.55
N ASN Q 89 11.01 -18.58 49.61
CA ASN Q 89 12.40 -18.99 49.50
C ASN Q 89 12.74 -19.90 50.67
N ARG Q 90 13.94 -20.48 50.62
CA ARG Q 90 14.37 -21.43 51.65
C ARG Q 90 15.22 -20.75 52.71
N GLU Q 91 16.06 -19.79 52.32
CA GLU Q 91 16.88 -19.09 53.29
C GLU Q 91 16.04 -18.39 54.35
N THR Q 92 14.87 -17.89 53.97
CA THR Q 92 13.98 -17.23 54.92
C THR Q 92 13.49 -18.17 56.00
N LEU Q 93 13.39 -19.47 55.73
CA LEU Q 93 13.05 -20.44 56.77
C LEU Q 93 14.30 -20.86 57.54
N ASP Q 94 15.42 -20.99 56.84
CA ASP Q 94 16.65 -21.42 57.49
C ASP Q 94 17.08 -20.43 58.56
N GLU Q 95 16.99 -19.13 58.28
CA GLU Q 95 17.38 -18.13 59.27
C GLU Q 95 16.50 -18.19 60.51
N ASN Q 96 15.18 -18.33 60.32
CA ASN Q 96 14.29 -18.41 61.46
C ASN Q 96 14.58 -19.64 62.31
N PHE Q 97 14.84 -20.78 61.67
CA PHE Q 97 15.15 -21.97 62.45
C PHE Q 97 16.53 -21.89 63.09
N LYS Q 98 17.43 -21.07 62.53
CA LYS Q 98 18.75 -20.91 63.11
C LYS Q 98 18.72 -20.02 64.35
N GLN Q 99 17.84 -19.02 64.35
CA GLN Q 99 17.78 -18.10 65.48
C GLN Q 99 17.44 -18.84 66.77
N MET Q 100 16.47 -19.75 66.72
CA MET Q 100 16.07 -20.49 67.91
C MET Q 100 17.19 -21.37 68.43
N ILE Q 101 17.93 -22.03 67.54
CA ILE Q 101 19.07 -22.82 67.97
C ILE Q 101 20.15 -21.95 68.60
N TYR Q 102 20.41 -20.77 68.04
CA TYR Q 102 21.36 -19.86 68.66
C TYR Q 102 20.93 -19.49 70.06
N LEU Q 103 19.64 -19.16 70.24
CA LEU Q 103 19.15 -18.79 71.56
C LEU Q 103 19.30 -19.94 72.55
N ALA Q 104 18.97 -21.15 72.12
CA ALA Q 104 19.12 -22.31 73.00
C ALA Q 104 20.57 -22.56 73.37
N GLN Q 105 21.50 -22.42 72.42
CA GLN Q 105 22.91 -22.58 72.75
C GLN Q 105 23.34 -21.53 73.77
N GLU Q 106 22.90 -20.29 73.59
CA GLU Q 106 23.27 -19.23 74.54
C GLU Q 106 22.73 -19.54 75.93
N PHE Q 107 21.47 -19.97 76.01
CA PHE Q 107 20.85 -20.19 77.32
C PHE Q 107 21.39 -21.43 78.04
N THR Q 108 21.67 -22.52 77.32
CA THR Q 108 22.17 -23.72 77.95
C THR Q 108 23.52 -23.51 78.64
N GLU Q 109 24.27 -22.49 78.25
CA GLU Q 109 25.55 -22.21 78.89
C GLU Q 109 25.41 -21.26 80.07
N GLY Q 110 24.20 -20.77 80.36
CA GLY Q 110 23.99 -19.82 81.43
C GLY Q 110 24.43 -18.41 81.11
N ASN Q 111 24.67 -18.10 79.84
CA ASN Q 111 25.24 -16.80 79.49
C ASN Q 111 24.27 -15.66 79.80
N GLY Q 112 22.99 -15.84 79.51
CA GLY Q 112 22.05 -14.73 79.54
C GLY Q 112 21.15 -14.64 80.74
N LEU Q 113 21.37 -15.46 81.77
CA LEU Q 113 20.53 -15.41 82.95
C LEU Q 113 20.83 -14.16 83.78
N THR Q 114 19.80 -13.65 84.47
CA THR Q 114 19.93 -12.40 85.20
C THR Q 114 19.40 -12.43 86.63
N GLY Q 115 18.48 -13.32 86.98
CA GLY Q 115 17.94 -13.32 88.33
C GLY Q 115 16.85 -14.35 88.48
N LEU Q 116 16.29 -14.38 89.69
CA LEU Q 116 15.26 -15.35 90.05
C LEU Q 116 14.16 -14.66 90.85
N TYR Q 117 12.96 -15.23 90.77
CA TYR Q 117 11.82 -14.78 91.56
C TYR Q 117 11.22 -15.94 92.35
N PHE Q 118 12.06 -16.90 92.73
CA PHE Q 118 11.62 -18.05 93.51
C PHE Q 118 12.82 -18.57 94.29
N PRO Q 119 12.59 -19.33 95.35
CA PRO Q 119 13.72 -19.95 96.07
C PRO Q 119 14.45 -20.93 95.19
N LEU Q 120 15.77 -20.81 95.15
CA LEU Q 120 16.62 -21.69 94.35
C LEU Q 120 16.89 -22.97 95.13
N ASP Q 121 16.60 -24.10 94.50
CA ASP Q 121 16.80 -25.40 95.14
C ASP Q 121 18.03 -26.09 94.59
N MET Q 122 18.83 -26.65 95.51
CA MET Q 122 19.96 -27.49 95.14
C MET Q 122 19.90 -28.74 96.00
N HIS Q 123 20.11 -29.90 95.38
CA HIS Q 123 19.89 -31.17 96.06
C HIS Q 123 21.15 -31.70 96.71
N GLY Q 124 22.08 -30.82 97.05
CA GLY Q 124 23.28 -31.19 97.77
C GLY Q 124 24.59 -30.81 97.10
N PHE Q 125 24.54 -30.03 96.01
CA PHE Q 125 25.76 -29.61 95.34
C PHE Q 125 26.31 -28.34 95.98
N GLN Q 126 27.40 -27.80 95.44
CA GLN Q 126 28.08 -26.67 96.06
C GLN Q 126 28.30 -25.58 95.03
N ILE Q 127 28.76 -24.43 95.52
CA ILE Q 127 29.17 -23.31 94.70
C ILE Q 127 30.63 -23.01 95.00
N LYS Q 128 31.43 -22.84 93.95
CA LYS Q 128 32.87 -22.80 94.11
C LYS Q 128 33.46 -21.39 94.09
N ASN Q 129 33.23 -20.63 93.01
CA ASN Q 129 33.84 -19.31 92.89
C ASN Q 129 32.84 -18.21 93.25
N LEU Q 130 32.44 -18.16 94.51
CA LEU Q 130 31.38 -17.24 94.93
C LEU Q 130 31.83 -15.78 94.94
N GLY Q 131 33.10 -15.50 95.26
CA GLY Q 131 33.58 -14.13 95.35
C GLY Q 131 33.44 -13.56 96.75
N GLU Q 132 34.02 -12.38 96.93
CA GLU Q 132 34.11 -11.74 98.24
C GLU Q 132 32.94 -10.79 98.44
N PRO Q 133 32.17 -10.96 99.53
CA PRO Q 133 31.04 -10.07 99.76
C PRO Q 133 31.50 -8.68 100.20
N THR Q 134 30.80 -7.67 99.68
CA THR Q 134 31.01 -6.29 100.12
C THR Q 134 29.73 -5.73 100.73
N ASP Q 135 28.61 -5.87 100.02
CA ASP Q 135 27.34 -5.36 100.50
C ASP Q 135 26.86 -6.20 101.69
N PRO Q 136 26.11 -5.61 102.62
CA PRO Q 136 25.59 -6.40 103.74
C PRO Q 136 24.74 -7.59 103.32
N GLY Q 137 23.94 -7.44 102.27
CA GLY Q 137 23.07 -8.51 101.82
C GLY Q 137 23.71 -9.40 100.77
N ASP Q 138 24.84 -10.03 101.13
CA ASP Q 138 25.59 -10.89 100.24
C ASP Q 138 25.92 -12.20 100.95
N ALA Q 139 26.36 -13.18 100.16
CA ALA Q 139 26.77 -14.47 100.70
C ALA Q 139 28.22 -14.42 101.17
N VAL Q 140 28.54 -15.31 102.10
CA VAL Q 140 29.85 -15.33 102.75
C VAL Q 140 30.60 -16.58 102.31
N THR Q 141 31.85 -16.40 101.89
CA THR Q 141 32.69 -17.50 101.48
C THR Q 141 33.31 -18.17 102.71
N LYS Q 142 33.85 -19.37 102.50
CA LYS Q 142 34.52 -20.08 103.58
C LYS Q 142 35.72 -19.30 104.09
N GLN Q 143 36.47 -18.68 103.17
CA GLN Q 143 37.65 -17.92 103.55
C GLN Q 143 37.30 -16.77 104.49
N TYR Q 144 36.24 -16.03 104.16
CA TYR Q 144 35.88 -14.86 104.95
C TYR Q 144 35.56 -15.24 106.40
N VAL Q 145 34.74 -16.28 106.58
CA VAL Q 145 34.36 -16.68 107.93
C VAL Q 145 35.55 -17.29 108.66
N ASP Q 146 36.34 -18.13 108.00
CA ASP Q 146 37.43 -18.82 108.67
C ASP Q 146 38.50 -17.85 109.16
N THR Q 147 38.84 -16.85 108.35
CA THR Q 147 39.84 -15.86 108.74
C THR Q 147 39.32 -14.87 109.76
N ALA Q 148 38.00 -14.73 109.88
CA ALA Q 148 37.42 -13.83 110.88
C ALA Q 148 37.50 -14.40 112.29
N ASN Q 149 37.46 -15.74 112.42
CA ASN Q 149 37.56 -16.34 113.75
C ASN Q 149 38.92 -16.05 114.38
N THR Q 150 39.98 -16.06 113.58
CA THR Q 150 41.31 -15.82 114.14
C THR Q 150 41.41 -14.41 114.72
N ALA Q 151 40.83 -13.42 114.04
CA ALA Q 151 40.90 -12.05 114.52
C ALA Q 151 40.25 -11.92 115.90
N GLN Q 152 39.09 -12.54 116.08
CA GLN Q 152 38.39 -12.52 117.35
C GLN Q 152 38.85 -13.63 118.29
N ASN Q 153 40.04 -14.20 118.05
CA ASN Q 153 40.59 -15.22 118.91
C ASN Q 153 42.04 -14.89 119.27
N ALA Q 154 42.30 -13.63 119.54
CA ALA Q 154 43.65 -13.17 119.89
C ALA Q 154 43.99 -13.56 121.33
N MET R 1 -46.38 -37.54 60.18
CA MET R 1 -46.13 -38.35 58.95
C MET R 1 -45.19 -37.62 57.99
N TYR R 2 -45.72 -36.60 57.31
CA TYR R 2 -44.94 -35.81 56.36
C TYR R 2 -44.31 -34.58 57.00
N SER R 3 -45.09 -33.78 57.73
CA SER R 3 -44.63 -32.50 58.22
C SER R 3 -44.26 -32.50 59.71
N VAL R 4 -44.55 -33.57 60.44
CA VAL R 4 -44.30 -33.64 61.88
C VAL R 4 -43.51 -34.90 62.18
N GLN R 5 -42.48 -34.76 63.02
CA GLN R 5 -41.66 -35.89 63.46
C GLN R 5 -41.48 -35.81 64.97
N ILE R 6 -41.41 -36.96 65.61
CA ILE R 6 -41.28 -37.06 67.06
C ILE R 6 -40.12 -38.00 67.38
N ALA R 7 -39.53 -37.81 68.56
CA ALA R 7 -38.36 -38.59 68.98
C ALA R 7 -38.35 -38.68 70.49
N VAL R 8 -38.51 -39.90 71.02
CA VAL R 8 -38.43 -40.10 72.46
C VAL R 8 -36.99 -39.90 72.92
N SER R 9 -36.84 -39.33 74.12
CA SER R 9 -35.55 -38.88 74.63
C SER R 9 -35.10 -39.68 75.85
N ASP R 10 -35.11 -41.01 75.77
CA ASP R 10 -34.84 -41.84 76.94
C ASP R 10 -33.35 -41.83 77.28
N GLY R 11 -32.94 -40.84 78.08
CA GLY R 11 -31.61 -40.82 78.67
C GLY R 11 -30.45 -40.73 77.72
N THR R 12 -30.67 -40.74 76.41
CA THR R 12 -29.56 -40.84 75.46
C THR R 12 -29.60 -39.83 74.32
N LEU R 13 -30.75 -39.26 73.96
CA LEU R 13 -30.81 -38.40 72.80
C LEU R 13 -29.93 -37.18 72.94
N THR R 14 -28.87 -37.11 72.14
CA THR R 14 -28.07 -35.90 71.97
C THR R 14 -28.11 -35.38 70.55
N ARG R 15 -28.50 -36.21 69.59
CA ARG R 15 -28.65 -35.80 68.20
C ARG R 15 -29.94 -36.39 67.65
N ILE R 16 -30.46 -35.74 66.62
CA ILE R 16 -31.68 -36.19 65.95
C ILE R 16 -31.45 -36.19 64.46
N ALA R 17 -31.90 -37.26 63.79
CA ALA R 17 -31.79 -37.39 62.34
C ALA R 17 -33.14 -37.07 61.72
N LEU R 18 -33.15 -36.12 60.80
CA LEU R 18 -34.39 -35.67 60.18
C LEU R 18 -34.86 -36.69 59.14
N SER R 19 -36.15 -37.04 59.21
CA SER R 19 -36.78 -37.91 58.23
C SER R 19 -37.79 -37.17 57.36
N ILE R 20 -38.12 -35.93 57.70
CA ILE R 20 -39.06 -35.14 56.93
C ILE R 20 -38.31 -34.36 55.87
N GLU R 21 -39.04 -33.90 54.86
CA GLU R 21 -38.49 -33.07 53.80
C GLU R 21 -39.02 -31.66 53.96
N TYR R 22 -38.15 -30.68 53.74
CA TYR R 22 -38.50 -29.28 53.98
C TYR R 22 -38.11 -28.43 52.78
N PHE R 23 -38.85 -27.35 52.59
CA PHE R 23 -38.59 -26.44 51.48
C PHE R 23 -37.29 -25.67 51.71
N GLU R 24 -37.10 -25.14 52.91
CA GLU R 24 -35.86 -24.48 53.29
C GLU R 24 -35.66 -24.64 54.79
N LYS R 25 -34.41 -24.49 55.22
CA LYS R 25 -34.06 -24.75 56.61
C LYS R 25 -34.72 -23.77 57.58
N ASP R 26 -35.26 -22.65 57.07
CA ASP R 26 -35.81 -21.64 57.96
C ASP R 26 -37.12 -22.07 58.59
N ASP R 27 -37.76 -23.10 58.06
CA ASP R 27 -39.11 -23.46 58.48
C ASP R 27 -39.16 -24.43 59.64
N ILE R 28 -38.01 -24.87 60.18
CA ILE R 28 -38.00 -25.87 61.23
C ILE R 28 -38.10 -25.20 62.59
N THR R 29 -38.83 -25.82 63.51
CA THR R 29 -38.97 -25.33 64.87
C THR R 29 -39.05 -26.52 65.82
N LEU R 30 -38.77 -26.27 67.10
CA LEU R 30 -38.71 -27.31 68.11
C LEU R 30 -39.49 -26.90 69.35
N TYR R 31 -40.07 -27.90 70.03
CA TYR R 31 -40.74 -27.71 71.31
C TYR R 31 -40.28 -28.83 72.25
N ARG R 32 -40.14 -28.51 73.54
CA ARG R 32 -39.42 -29.43 74.42
C ARG R 32 -40.25 -30.63 74.85
N ASN R 33 -41.30 -30.46 75.64
CA ASN R 33 -42.23 -31.57 75.88
C ASN R 33 -43.68 -31.16 75.68
N LEU R 34 -44.06 -30.03 76.28
CA LEU R 34 -45.40 -29.50 76.07
C LEU R 34 -45.42 -27.97 76.05
N GLU R 35 -44.27 -27.31 76.13
CA GLU R 35 -44.23 -25.86 76.23
C GLU R 35 -44.67 -25.23 74.91
N LEU R 36 -45.42 -24.15 75.02
CA LEU R 36 -45.88 -23.41 73.85
C LEU R 36 -44.84 -22.44 73.32
N THR R 37 -43.70 -22.30 73.99
CA THR R 37 -42.63 -21.42 73.55
C THR R 37 -41.55 -22.23 72.85
N PRO R 38 -41.21 -21.90 71.60
CA PRO R 38 -40.22 -22.71 70.88
C PRO R 38 -38.82 -22.51 71.43
N LEU R 39 -37.97 -23.53 71.22
CA LEU R 39 -36.59 -23.44 71.62
C LEU R 39 -35.85 -22.41 70.76
N VAL R 40 -34.78 -21.85 71.32
CA VAL R 40 -34.03 -20.76 70.70
C VAL R 40 -32.89 -21.37 69.89
N LEU R 41 -32.85 -21.03 68.61
CA LEU R 41 -31.74 -21.45 67.75
C LEU R 41 -30.45 -20.79 68.19
N GLY R 42 -29.35 -21.54 68.19
CA GLY R 42 -28.07 -21.04 68.60
C GLY R 42 -27.75 -21.19 70.07
N THR R 43 -28.70 -21.63 70.88
CA THR R 43 -28.48 -21.86 72.30
C THR R 43 -28.99 -23.22 72.79
N ASP R 44 -29.91 -23.86 72.06
CA ASP R 44 -30.40 -25.18 72.43
C ASP R 44 -30.31 -26.19 71.30
N TRP R 45 -30.16 -25.73 70.05
CA TRP R 45 -30.03 -26.66 68.93
C TRP R 45 -29.34 -25.93 67.78
N GLN R 46 -28.53 -26.67 67.03
CA GLN R 46 -27.76 -26.11 65.92
C GLN R 46 -27.70 -27.10 64.77
N TRP R 47 -27.82 -26.58 63.55
CA TRP R 47 -27.75 -27.44 62.36
C TRP R 47 -26.35 -28.04 62.24
N ASP R 48 -26.31 -29.27 61.72
CA ASP R 48 -25.04 -29.98 61.55
C ASP R 48 -24.71 -30.23 60.08
N GLY R 49 -25.57 -30.93 59.35
CA GLY R 49 -25.27 -31.30 57.98
C GLY R 49 -26.46 -31.27 57.06
N ASP R 50 -27.47 -30.45 57.38
CA ASP R 50 -28.74 -30.36 56.67
C ASP R 50 -29.60 -31.61 56.89
N THR R 51 -29.10 -32.59 57.65
CA THR R 51 -29.95 -33.75 58.00
C THR R 51 -29.75 -34.19 59.44
N HIS R 52 -29.08 -33.40 60.28
CA HIS R 52 -28.82 -33.79 61.66
C HIS R 52 -28.85 -32.53 62.52
N ILE R 53 -29.33 -32.68 63.75
CA ILE R 53 -29.47 -31.56 64.69
C ILE R 53 -28.72 -31.91 65.97
N ASN R 54 -27.88 -30.97 66.42
CA ASN R 54 -27.13 -31.12 67.66
C ASN R 54 -27.85 -30.38 68.78
N LEU R 55 -27.92 -31.01 69.95
CA LEU R 55 -28.53 -30.40 71.12
C LEU R 55 -27.46 -29.88 72.07
N LEU R 56 -27.76 -28.77 72.73
CA LEU R 56 -26.80 -28.09 73.59
C LEU R 56 -27.22 -28.01 75.06
N THR R 57 -28.47 -28.34 75.38
CA THR R 57 -28.94 -28.24 76.76
C THR R 57 -29.47 -29.59 77.25
N GLY R 58 -28.74 -30.66 76.95
CA GLY R 58 -29.15 -31.99 77.37
C GLY R 58 -28.02 -32.98 77.30
N SER R 65 -39.72 -37.79 78.39
CA SER R 65 -39.41 -36.61 77.59
C SER R 65 -39.25 -36.97 76.12
N TYR R 66 -39.70 -36.07 75.24
CA TYR R 66 -39.65 -36.31 73.81
C TYR R 66 -39.58 -34.98 73.08
N ILE R 67 -38.88 -34.96 71.96
CA ILE R 67 -38.73 -33.77 71.14
C ILE R 67 -39.61 -33.89 69.91
N THR R 68 -40.15 -32.75 69.46
CA THR R 68 -41.04 -32.69 68.31
C THR R 68 -40.49 -31.70 67.30
N VAL R 69 -40.67 -32.02 66.01
CA VAL R 69 -40.20 -31.20 64.90
C VAL R 69 -41.39 -30.82 64.03
N ARG R 70 -41.43 -29.57 63.59
CA ARG R 70 -42.53 -29.05 62.80
C ARG R 70 -42.01 -28.38 61.54
N ARG R 71 -42.81 -28.45 60.48
CA ARG R 71 -42.53 -27.76 59.23
C ARG R 71 -43.71 -26.85 58.87
N ASN R 72 -43.39 -25.61 58.51
CA ASN R 72 -44.42 -24.62 58.18
C ASN R 72 -43.90 -23.81 57.00
N THR R 73 -44.44 -24.08 55.81
CA THR R 73 -44.03 -23.34 54.62
C THR R 73 -44.68 -21.96 54.60
N ASP R 74 -44.09 -21.09 53.79
CA ASP R 74 -44.59 -19.72 53.68
C ASP R 74 -46.00 -19.71 53.11
N ILE R 75 -46.81 -18.76 53.57
CA ILE R 75 -48.18 -18.60 53.12
C ILE R 75 -48.48 -17.19 52.62
N ASP R 76 -47.47 -16.33 52.49
CA ASP R 76 -47.68 -14.94 52.11
C ASP R 76 -47.76 -14.74 50.61
N ARG R 77 -47.00 -15.51 49.82
CA ARG R 77 -46.95 -15.32 48.39
C ARG R 77 -46.58 -16.64 47.72
N ALA R 78 -46.79 -16.68 46.40
CA ALA R 78 -46.16 -17.70 45.58
C ALA R 78 -44.68 -17.40 45.46
N PHE R 79 -43.86 -18.45 45.52
CA PHE R 79 -42.41 -18.24 45.63
C PHE R 79 -41.88 -17.46 44.43
N ASN R 80 -42.32 -17.82 43.22
CA ASN R 80 -41.83 -17.19 42.00
C ASN R 80 -42.92 -16.31 41.39
N ILE R 81 -42.55 -15.08 41.04
CA ILE R 81 -43.41 -14.16 40.30
C ILE R 81 -42.86 -14.05 38.88
N TYR R 82 -43.70 -14.35 37.90
CA TYR R 82 -43.26 -14.47 36.51
C TYR R 82 -43.21 -13.08 35.89
N ASP R 83 -42.07 -12.41 36.07
CA ASP R 83 -41.86 -11.10 35.47
C ASP R 83 -41.73 -11.24 33.96
N GLY R 84 -41.99 -10.14 33.25
CA GLY R 84 -41.96 -10.14 31.81
C GLY R 84 -40.58 -10.18 31.19
N GLY R 85 -39.52 -10.17 32.00
CA GLY R 85 -38.17 -10.20 31.50
C GLY R 85 -37.34 -11.36 32.03
N ALA R 86 -38.00 -12.35 32.64
CA ALA R 86 -37.33 -13.50 33.22
C ALA R 86 -37.29 -14.63 32.22
N ALA R 87 -36.12 -15.23 32.04
CA ALA R 87 -35.96 -16.33 31.10
C ALA R 87 -36.81 -17.52 31.51
N PHE R 88 -37.32 -18.24 30.52
CA PHE R 88 -38.20 -19.38 30.78
C PHE R 88 -37.38 -20.60 31.20
N ASN R 89 -37.87 -21.29 32.23
CA ASN R 89 -37.24 -22.52 32.72
C ASN R 89 -38.30 -23.44 33.31
N ARG R 90 -37.88 -24.65 33.65
CA ARG R 90 -38.80 -25.65 34.17
C ARG R 90 -38.81 -25.68 35.69
N GLU R 91 -37.64 -25.49 36.31
CA GLU R 91 -37.57 -25.50 37.77
C GLU R 91 -38.46 -24.42 38.38
N THR R 92 -38.59 -23.28 37.70
CA THR R 92 -39.43 -22.20 38.19
C THR R 92 -40.90 -22.60 38.25
N LEU R 93 -41.35 -23.53 37.41
CA LEU R 93 -42.71 -24.04 37.52
C LEU R 93 -42.79 -25.17 38.53
N ASP R 94 -41.74 -26.00 38.59
CA ASP R 94 -41.74 -27.13 39.51
C ASP R 94 -41.83 -26.65 40.96
N GLU R 95 -41.07 -25.61 41.30
CA GLU R 95 -41.11 -25.09 42.67
C GLU R 95 -42.50 -24.57 43.04
N ASN R 96 -43.14 -23.82 42.13
CA ASN R 96 -44.47 -23.30 42.41
C ASN R 96 -45.46 -24.43 42.61
N PHE R 97 -45.40 -25.47 41.77
CA PHE R 97 -46.32 -26.59 41.93
C PHE R 97 -46.00 -27.41 43.17
N LYS R 98 -44.75 -27.38 43.64
CA LYS R 98 -44.38 -28.11 44.84
C LYS R 98 -44.87 -27.40 46.10
N GLN R 99 -44.89 -26.07 46.08
CA GLN R 99 -45.30 -25.33 47.28
C GLN R 99 -46.74 -25.68 47.66
N MET R 100 -47.63 -25.73 46.67
CA MET R 100 -49.03 -26.05 46.97
C MET R 100 -49.20 -27.45 47.52
N ILE R 101 -48.47 -28.43 47.00
CA ILE R 101 -48.53 -29.78 47.55
C ILE R 101 -48.01 -29.80 48.98
N TYR R 102 -46.93 -29.07 49.26
CA TYR R 102 -46.45 -29.00 50.64
C TYR R 102 -47.51 -28.43 51.56
N LEU R 103 -48.18 -27.35 51.14
CA LEU R 103 -49.21 -26.74 51.97
C LEU R 103 -50.35 -27.72 52.23
N ALA R 104 -50.78 -28.44 51.18
CA ALA R 104 -51.85 -29.41 51.35
C ALA R 104 -51.45 -30.54 52.29
N GLN R 105 -50.21 -31.04 52.18
CA GLN R 105 -49.75 -32.07 53.10
C GLN R 105 -49.77 -31.56 54.54
N GLU R 106 -49.32 -30.32 54.74
CA GLU R 106 -49.31 -29.76 56.09
C GLU R 106 -50.74 -29.63 56.64
N PHE R 107 -51.67 -29.16 55.82
CA PHE R 107 -53.03 -28.93 56.31
C PHE R 107 -53.81 -30.21 56.52
N THR R 108 -53.64 -31.22 55.68
CA THR R 108 -54.38 -32.47 55.84
C THR R 108 -54.05 -33.19 57.14
N GLU R 109 -52.91 -32.89 57.75
CA GLU R 109 -52.55 -33.51 59.02
C GLU R 109 -53.02 -32.69 60.21
N GLY R 110 -53.65 -31.54 59.98
CA GLY R 110 -54.09 -30.68 61.06
C GLY R 110 -53.00 -29.89 61.73
N ASN R 111 -51.81 -29.82 61.11
CA ASN R 111 -50.67 -29.19 61.76
C ASN R 111 -50.89 -27.70 61.99
N GLY R 112 -51.46 -27.00 61.00
CA GLY R 112 -51.48 -25.55 61.03
C GLY R 112 -52.79 -24.89 61.43
N LEU R 113 -53.76 -25.67 61.89
CA LEU R 113 -55.03 -25.08 62.30
C LEU R 113 -54.88 -24.31 63.61
N THR R 114 -55.70 -23.28 63.77
CA THR R 114 -55.57 -22.40 64.94
C THR R 114 -56.90 -22.07 65.64
N GLY R 115 -58.04 -22.15 64.98
CA GLY R 115 -59.29 -21.83 65.64
C GLY R 115 -60.45 -21.89 64.68
N LEU R 116 -61.62 -21.56 65.21
CA LEU R 116 -62.87 -21.64 64.46
C LEU R 116 -63.72 -20.40 64.74
N TYR R 117 -64.57 -20.05 63.78
CA TYR R 117 -65.53 -18.97 63.91
C TYR R 117 -66.94 -19.46 63.62
N PHE R 118 -67.20 -20.74 63.89
CA PHE R 118 -68.51 -21.34 63.68
C PHE R 118 -68.66 -22.51 64.63
N PRO R 119 -69.89 -22.94 64.90
CA PRO R 119 -70.07 -24.13 65.74
C PRO R 119 -69.50 -25.36 65.06
N LEU R 120 -68.71 -26.12 65.80
CA LEU R 120 -68.09 -27.33 65.30
C LEU R 120 -69.08 -28.49 65.39
N ASP R 121 -69.31 -29.17 64.28
CA ASP R 121 -70.24 -30.29 64.23
C ASP R 121 -69.50 -31.61 64.21
N MET R 122 -69.98 -32.56 65.02
CA MET R 122 -69.50 -33.93 64.99
C MET R 122 -70.71 -34.84 64.98
N HIS R 123 -70.68 -35.86 64.13
CA HIS R 123 -71.86 -36.68 63.89
C HIS R 123 -71.88 -37.91 64.79
N GLY R 124 -71.23 -37.84 65.95
CA GLY R 124 -71.26 -38.90 66.93
C GLY R 124 -69.91 -39.45 67.33
N PHE R 125 -68.81 -38.83 66.91
CA PHE R 125 -67.49 -39.30 67.28
C PHE R 125 -67.08 -38.68 68.62
N GLN R 126 -65.86 -38.98 69.08
CA GLN R 126 -65.42 -38.56 70.40
C GLN R 126 -64.08 -37.87 70.31
N ILE R 127 -63.66 -37.30 71.43
CA ILE R 127 -62.33 -36.70 71.60
C ILE R 127 -61.63 -37.43 72.73
N LYS R 128 -60.38 -37.81 72.50
CA LYS R 128 -59.70 -38.72 73.42
C LYS R 128 -58.73 -38.02 74.36
N ASN R 129 -57.75 -37.29 73.83
CA ASN R 129 -56.74 -36.67 74.69
C ASN R 129 -57.02 -35.20 74.90
N LEU R 130 -58.12 -34.89 75.60
CA LEU R 130 -58.55 -33.51 75.75
C LEU R 130 -57.66 -32.70 76.68
N GLY R 131 -57.08 -33.30 77.70
CA GLY R 131 -56.26 -32.57 78.65
C GLY R 131 -57.07 -32.04 79.84
N GLU R 132 -56.35 -31.53 80.83
CA GLU R 132 -56.94 -31.09 82.08
C GLU R 132 -57.29 -29.60 82.03
N PRO R 133 -58.55 -29.25 82.29
CA PRO R 133 -58.92 -27.82 82.27
C PRO R 133 -58.35 -27.07 83.45
N THR R 134 -57.90 -25.84 83.19
CA THR R 134 -57.46 -24.93 84.24
C THR R 134 -58.33 -23.67 84.23
N ASP R 135 -58.48 -23.06 83.07
CA ASP R 135 -59.28 -21.86 82.95
C ASP R 135 -60.77 -22.18 83.13
N PRO R 136 -61.56 -21.24 83.65
CA PRO R 136 -63.01 -21.51 83.80
C PRO R 136 -63.70 -21.86 82.49
N GLY R 137 -63.31 -21.23 81.39
CA GLY R 137 -63.93 -21.49 80.12
C GLY R 137 -63.26 -22.59 79.32
N ASP R 138 -63.19 -23.78 79.89
CA ASP R 138 -62.56 -24.93 79.26
C ASP R 138 -63.47 -26.14 79.34
N ALA R 139 -63.12 -27.17 78.59
CA ALA R 139 -63.87 -28.41 78.59
C ALA R 139 -63.41 -29.31 79.72
N VAL R 140 -64.30 -30.21 80.14
CA VAL R 140 -64.07 -31.08 81.30
C VAL R 140 -63.92 -32.51 80.81
N THR R 141 -62.87 -33.18 81.28
CA THR R 141 -62.64 -34.57 80.94
C THR R 141 -63.47 -35.48 81.83
N LYS R 142 -63.58 -36.75 81.42
CA LYS R 142 -64.32 -37.71 82.21
C LYS R 142 -63.68 -37.90 83.59
N GLN R 143 -62.34 -37.92 83.63
CA GLN R 143 -61.63 -38.10 84.89
C GLN R 143 -61.96 -37.00 85.89
N TYR R 144 -61.96 -35.75 85.43
CA TYR R 144 -62.19 -34.62 86.33
C TYR R 144 -63.55 -34.70 86.99
N VAL R 145 -64.60 -34.97 86.20
CA VAL R 145 -65.94 -35.03 86.76
C VAL R 145 -66.12 -36.26 87.63
N ASP R 146 -65.60 -37.41 87.21
CA ASP R 146 -65.80 -38.64 87.95
C ASP R 146 -65.14 -38.59 89.32
N THR R 147 -63.92 -38.06 89.40
CA THR R 147 -63.22 -37.96 90.68
C THR R 147 -63.78 -36.86 91.57
N ALA R 148 -64.50 -35.90 91.00
CA ALA R 148 -65.11 -34.83 91.80
C ALA R 148 -66.32 -35.33 92.58
N ASN R 149 -67.05 -36.32 92.03
CA ASN R 149 -68.21 -36.84 92.74
C ASN R 149 -67.81 -37.50 94.05
N THR R 150 -66.68 -38.20 94.06
CA THR R 150 -66.24 -38.87 95.29
C THR R 150 -65.97 -37.86 96.39
N ALA R 151 -65.34 -36.73 96.06
CA ALA R 151 -65.02 -35.74 97.07
C ALA R 151 -66.29 -35.22 97.74
N GLN R 152 -67.33 -34.94 96.96
CA GLN R 152 -68.60 -34.47 97.48
C GLN R 152 -69.52 -35.62 97.87
N ASN R 153 -68.97 -36.82 98.09
CA ASN R 153 -69.75 -37.97 98.52
C ASN R 153 -69.08 -38.65 99.70
N ALA R 154 -68.55 -37.86 100.64
CA ALA R 154 -67.88 -38.39 101.81
C ALA R 154 -68.89 -38.89 102.84
N MET S 1 -84.75 1.41 -0.13
CA MET S 1 -84.11 0.63 -1.23
C MET S 1 -82.60 0.60 -1.06
N TYR S 2 -81.94 1.70 -1.36
CA TYR S 2 -80.48 1.81 -1.24
C TYR S 2 -80.04 2.34 0.12
N SER S 3 -80.62 3.45 0.58
CA SER S 3 -80.14 4.12 1.77
C SER S 3 -81.00 3.89 3.01
N VAL S 4 -82.16 3.25 2.86
CA VAL S 4 -83.08 3.04 3.98
C VAL S 4 -83.44 1.56 4.04
N GLN S 5 -83.42 1.00 5.25
CA GLN S 5 -83.82 -0.38 5.49
C GLN S 5 -84.75 -0.43 6.68
N ILE S 6 -85.69 -1.37 6.65
CA ILE S 6 -86.70 -1.52 7.69
C ILE S 6 -86.73 -2.98 8.11
N ALA S 7 -87.17 -3.23 9.35
CA ALA S 7 -87.19 -4.57 9.91
C ALA S 7 -88.31 -4.65 10.95
N VAL S 8 -89.32 -5.48 10.67
CA VAL S 8 -90.39 -5.69 11.63
C VAL S 8 -89.86 -6.46 12.82
N SER S 9 -90.36 -6.13 14.01
CA SER S 9 -89.84 -6.62 15.28
C SER S 9 -90.83 -7.53 16.01
N ASP S 10 -91.38 -8.53 15.34
CA ASP S 10 -92.45 -9.34 15.92
C ASP S 10 -91.89 -10.30 16.97
N GLY S 11 -91.78 -9.81 18.21
CA GLY S 11 -91.48 -10.65 19.36
C GLY S 11 -90.14 -11.34 19.36
N THR S 12 -89.33 -11.21 18.31
CA THR S 12 -88.11 -11.99 18.21
C THR S 12 -86.85 -11.20 17.85
N LEU S 13 -86.97 -10.02 17.24
CA LEU S 13 -85.78 -9.32 16.78
C LEU S 13 -84.84 -8.95 17.93
N THR S 14 -83.68 -9.59 17.96
CA THR S 14 -82.58 -9.19 18.83
C THR S 14 -81.34 -8.77 18.06
N ARG S 15 -81.26 -9.15 16.78
CA ARG S 15 -80.16 -8.75 15.91
C ARG S 15 -80.73 -8.36 14.56
N ILE S 16 -79.98 -7.52 13.85
CA ILE S 16 -80.37 -7.07 12.51
C ILE S 16 -79.18 -7.23 11.59
N ALA S 17 -79.43 -7.75 10.39
CA ALA S 17 -78.41 -7.91 9.37
C ALA S 17 -78.54 -6.80 8.34
N LEU S 18 -77.46 -6.06 8.12
CA LEU S 18 -77.48 -4.93 7.22
C LEU S 18 -77.46 -5.39 5.78
N SER S 19 -78.35 -4.83 4.96
CA SER S 19 -78.40 -5.08 3.53
C SER S 19 -77.98 -3.86 2.72
N ILE S 20 -77.83 -2.71 3.35
CA ILE S 20 -77.43 -1.49 2.66
C ILE S 20 -75.92 -1.38 2.68
N GLU S 21 -75.39 -0.56 1.78
CA GLU S 21 -73.96 -0.28 1.72
C GLU S 21 -73.72 1.14 2.20
N TYR S 22 -72.64 1.32 2.96
CA TYR S 22 -72.37 2.61 3.59
C TYR S 22 -70.92 3.01 3.35
N PHE S 23 -70.70 4.32 3.31
CA PHE S 23 -69.34 4.84 3.09
C PHE S 23 -68.46 4.58 4.30
N GLU S 24 -68.98 4.86 5.49
CA GLU S 24 -68.29 4.56 6.74
C GLU S 24 -69.32 4.31 7.83
N LYS S 25 -68.88 3.62 8.88
CA LYS S 25 -69.81 3.19 9.93
C LYS S 25 -70.39 4.37 10.70
N ASP S 26 -69.81 5.56 10.57
CA ASP S 26 -70.27 6.69 11.37
C ASP S 26 -71.63 7.22 10.90
N ASP S 27 -72.07 6.85 9.70
CA ASP S 27 -73.24 7.45 9.10
C ASP S 27 -74.55 6.72 9.44
N ILE S 28 -74.51 5.66 10.23
CA ILE S 28 -75.71 4.88 10.52
C ILE S 28 -76.42 5.47 11.73
N THR S 29 -77.75 5.46 11.70
CA THR S 29 -78.57 5.92 12.81
C THR S 29 -79.83 5.06 12.89
N LEU S 30 -80.47 5.07 14.04
CA LEU S 30 -81.63 4.24 14.32
C LEU S 30 -82.75 5.05 14.95
N TYR S 31 -83.99 4.68 14.65
CA TYR S 31 -85.18 5.25 15.29
C TYR S 31 -86.11 4.11 15.67
N ARG S 32 -86.80 4.25 16.80
CA ARG S 32 -87.47 3.09 17.39
C ARG S 32 -88.76 2.71 16.68
N ASN S 33 -89.82 3.51 16.76
CA ASN S 33 -90.98 3.27 15.91
C ASN S 33 -91.43 4.52 15.17
N LEU S 34 -91.55 5.63 15.90
CA LEU S 34 -91.88 6.91 15.27
C LEU S 34 -91.18 8.08 15.96
N GLU S 35 -90.32 7.84 16.94
CA GLU S 35 -89.71 8.92 17.69
C GLU S 35 -88.72 9.69 16.83
N LEU S 36 -88.70 11.00 16.99
CA LEU S 36 -87.78 11.86 16.26
C LEU S 36 -86.40 11.92 16.90
N THR S 37 -86.22 11.28 18.06
CA THR S 37 -84.92 11.27 18.73
C THR S 37 -84.22 9.95 18.45
N PRO S 38 -83.00 9.98 17.90
CA PRO S 38 -82.32 8.72 17.56
C PRO S 38 -81.87 7.97 18.79
N LEU S 39 -81.72 6.65 18.64
CA LEU S 39 -81.23 5.81 19.72
C LEU S 39 -79.76 6.12 19.98
N VAL S 40 -79.33 5.86 21.22
CA VAL S 40 -77.99 6.21 21.68
C VAL S 40 -77.08 5.01 21.45
N LEU S 41 -75.97 5.24 20.73
CA LEU S 41 -74.98 4.19 20.53
C LEU S 41 -74.30 3.87 21.86
N GLY S 42 -74.05 2.58 22.09
CA GLY S 42 -73.42 2.14 23.31
C GLY S 42 -74.37 1.80 24.45
N THR S 43 -75.66 2.09 24.29
CA THR S 43 -76.65 1.77 25.30
C THR S 43 -77.89 1.07 24.75
N ASP S 44 -78.16 1.18 23.45
CA ASP S 44 -79.28 0.49 22.83
C ASP S 44 -78.89 -0.34 21.62
N TRP S 45 -77.72 -0.09 21.03
CA TRP S 45 -77.27 -0.88 19.89
C TRP S 45 -75.75 -0.77 19.80
N GLN S 46 -75.11 -1.85 19.37
CA GLN S 46 -73.66 -1.93 19.26
C GLN S 46 -73.26 -2.71 18.03
N TRP S 47 -72.23 -2.25 17.33
CA TRP S 47 -71.73 -2.94 16.16
C TRP S 47 -71.17 -4.31 16.55
N ASP S 48 -71.33 -5.28 15.64
CA ASP S 48 -70.86 -6.64 15.87
C ASP S 48 -69.74 -7.04 14.91
N GLY S 49 -70.01 -7.02 13.60
CA GLY S 49 -69.04 -7.49 12.63
C GLY S 49 -69.01 -6.70 11.34
N ASP S 50 -69.40 -5.42 11.41
CA ASP S 50 -69.55 -4.54 10.26
C ASP S 50 -70.72 -4.93 9.37
N THR S 51 -71.45 -6.00 9.73
CA THR S 51 -72.67 -6.33 8.98
C THR S 51 -73.79 -6.79 9.90
N HIS S 52 -73.67 -6.64 11.22
CA HIS S 52 -74.68 -7.08 12.16
C HIS S 52 -74.74 -6.11 13.32
N ILE S 53 -75.94 -5.92 13.86
CA ILE S 53 -76.19 -4.98 14.95
C ILE S 53 -76.84 -5.73 16.10
N ASN S 54 -76.29 -5.56 17.30
CA ASN S 54 -76.84 -6.16 18.51
C ASN S 54 -77.68 -5.12 19.26
N LEU S 55 -78.84 -5.56 19.76
CA LEU S 55 -79.73 -4.71 20.52
C LEU S 55 -79.59 -5.01 22.00
N LEU S 56 -79.71 -3.96 22.82
CA LEU S 56 -79.50 -4.07 24.25
C LEU S 56 -80.73 -3.73 25.10
N THR S 57 -81.79 -3.17 24.50
CA THR S 57 -82.97 -2.79 25.27
C THR S 57 -84.22 -3.48 24.69
N GLY S 58 -84.10 -4.76 24.38
CA GLY S 58 -85.23 -5.51 23.84
C GLY S 58 -85.02 -7.01 23.95
N SER S 65 -94.24 -3.09 16.16
CA SER S 65 -92.98 -2.39 16.32
C SER S 65 -92.01 -2.77 15.20
N TYR S 66 -91.22 -1.80 14.76
CA TYR S 66 -90.28 -2.01 13.67
C TYR S 66 -89.12 -1.04 13.81
N ILE S 67 -87.93 -1.48 13.40
CA ILE S 67 -86.73 -0.67 13.46
C ILE S 67 -86.39 -0.18 12.06
N THR S 68 -85.84 1.03 11.98
CA THR S 68 -85.47 1.65 10.72
C THR S 68 -83.99 2.05 10.75
N VAL S 69 -83.34 1.93 9.60
CA VAL S 69 -81.92 2.24 9.46
C VAL S 69 -81.77 3.30 8.38
N ARG S 70 -80.90 4.28 8.62
CA ARG S 70 -80.70 5.39 7.71
C ARG S 70 -79.21 5.57 7.41
N ARG S 71 -78.92 6.03 6.21
CA ARG S 71 -77.57 6.38 5.79
C ARG S 71 -77.54 7.83 5.31
N ASN S 72 -76.54 8.58 5.80
CA ASN S 72 -76.41 10.00 5.47
C ASN S 72 -74.92 10.28 5.30
N THR S 73 -74.49 10.42 4.05
CA THR S 73 -73.09 10.72 3.77
C THR S 73 -72.79 12.20 4.05
N ASP S 74 -71.50 12.49 4.19
CA ASP S 74 -71.07 13.85 4.48
C ASP S 74 -71.42 14.77 3.32
N ILE S 75 -71.74 16.02 3.65
CA ILE S 75 -72.08 17.03 2.66
C ILE S 75 -71.25 18.29 2.79
N ASP S 76 -70.22 18.28 3.64
CA ASP S 76 -69.44 19.49 3.90
C ASP S 76 -68.32 19.69 2.90
N ARG S 77 -67.72 18.61 2.40
CA ARG S 77 -66.57 18.72 1.50
C ARG S 77 -66.50 17.48 0.63
N ALA S 78 -65.70 17.59 -0.43
CA ALA S 78 -65.24 16.40 -1.13
C ALA S 78 -64.22 15.67 -0.29
N PHE S 79 -64.29 14.35 -0.27
CA PHE S 79 -63.50 13.57 0.68
C PHE S 79 -62.01 13.81 0.49
N ASN S 80 -61.55 13.83 -0.76
CA ASN S 80 -60.13 13.99 -1.08
C ASN S 80 -59.88 15.37 -1.68
N ILE S 81 -58.87 16.05 -1.17
CA ILE S 81 -58.39 17.32 -1.73
C ILE S 81 -57.04 17.05 -2.37
N TYR S 82 -56.93 17.36 -3.66
CA TYR S 82 -55.76 17.00 -4.45
C TYR S 82 -54.66 18.02 -4.23
N ASP S 83 -53.87 17.79 -3.17
CA ASP S 83 -52.74 18.65 -2.88
C ASP S 83 -51.66 18.47 -3.93
N GLY S 84 -50.79 19.48 -4.07
CA GLY S 84 -49.74 19.45 -5.07
C GLY S 84 -48.59 18.53 -4.76
N GLY S 85 -48.60 17.85 -3.62
CA GLY S 85 -47.52 16.95 -3.25
C GLY S 85 -47.99 15.53 -2.96
N ALA S 86 -49.22 15.21 -3.35
CA ALA S 86 -49.80 13.90 -3.09
C ALA S 86 -49.58 13.00 -4.31
N ALA S 87 -49.10 11.78 -4.07
CA ALA S 87 -48.84 10.85 -5.16
C ALA S 87 -50.14 10.49 -5.87
N PHE S 88 -50.04 10.28 -7.19
CA PHE S 88 -51.20 9.98 -8.00
C PHE S 88 -51.62 8.52 -7.82
N ASN S 89 -52.93 8.30 -7.69
CA ASN S 89 -53.49 6.96 -7.56
C ASN S 89 -54.90 6.95 -8.15
N ARG S 90 -55.46 5.75 -8.23
CA ARG S 90 -56.79 5.59 -8.84
C ARG S 90 -57.89 5.57 -7.78
N GLU S 91 -57.61 4.95 -6.62
CA GLU S 91 -58.62 4.90 -5.57
C GLU S 91 -59.04 6.30 -5.12
N THR S 92 -58.11 7.25 -5.14
CA THR S 92 -58.42 8.63 -4.76
C THR S 92 -59.44 9.27 -5.69
N LEU S 93 -59.50 8.85 -6.95
CA LEU S 93 -60.53 9.34 -7.86
C LEU S 93 -61.81 8.53 -7.70
N ASP S 94 -61.67 7.22 -7.48
CA ASP S 94 -62.84 6.36 -7.35
C ASP S 94 -63.70 6.78 -6.15
N GLU S 95 -63.06 7.09 -5.03
CA GLU S 95 -63.82 7.51 -3.85
C GLU S 95 -64.59 8.79 -4.11
N ASN S 96 -63.95 9.77 -4.74
CA ASN S 96 -64.62 11.03 -5.03
C ASN S 96 -65.81 10.82 -5.96
N PHE S 97 -65.64 9.98 -6.98
CA PHE S 97 -66.76 9.74 -7.88
C PHE S 97 -67.85 8.89 -7.22
N LYS S 98 -67.49 8.12 -6.19
CA LYS S 98 -68.48 7.31 -5.48
C LYS S 98 -69.33 8.17 -4.55
N GLN S 99 -68.72 9.20 -3.95
CA GLN S 99 -69.46 10.03 -3.00
C GLN S 99 -70.65 10.70 -3.66
N MET S 100 -70.45 11.23 -4.87
CA MET S 100 -71.55 11.91 -5.56
C MET S 100 -72.68 10.95 -5.92
N ILE S 101 -72.36 9.72 -6.34
CA ILE S 101 -73.40 8.74 -6.60
C ILE S 101 -74.15 8.38 -5.32
N TYR S 102 -73.44 8.23 -4.21
CA TYR S 102 -74.13 7.97 -2.94
C TYR S 102 -75.09 9.10 -2.60
N LEU S 103 -74.66 10.35 -2.77
CA LEU S 103 -75.52 11.49 -2.46
C LEU S 103 -76.76 11.47 -3.36
N ALA S 104 -76.58 11.21 -4.65
CA ALA S 104 -77.72 11.15 -5.56
C ALA S 104 -78.67 10.03 -5.20
N GLN S 105 -78.17 8.86 -4.84
CA GLN S 105 -79.05 7.77 -4.42
C GLN S 105 -79.85 8.17 -3.18
N GLU S 106 -79.19 8.83 -2.22
CA GLU S 106 -79.88 9.25 -1.01
C GLU S 106 -80.98 10.26 -1.34
N PHE S 107 -80.68 11.23 -2.21
CA PHE S 107 -81.64 12.29 -2.49
C PHE S 107 -82.81 11.82 -3.36
N THR S 108 -82.57 10.93 -4.32
CA THR S 108 -83.66 10.46 -5.19
C THR S 108 -84.73 9.70 -4.42
N GLU S 109 -84.41 9.18 -3.24
CA GLU S 109 -85.40 8.48 -2.43
C GLU S 109 -86.14 9.41 -1.47
N GLY S 110 -85.78 10.70 -1.45
CA GLY S 110 -86.40 11.64 -0.54
C GLY S 110 -85.92 11.53 0.90
N ASN S 111 -84.81 10.83 1.14
CA ASN S 111 -84.39 10.56 2.51
C ASN S 111 -83.98 11.84 3.23
N GLY S 112 -83.27 12.73 2.55
CA GLY S 112 -82.63 13.86 3.22
C GLY S 112 -83.32 15.20 3.10
N LEU S 113 -84.53 15.25 2.55
CA LEU S 113 -85.23 16.51 2.40
C LEU S 113 -85.74 16.99 3.76
N THR S 114 -85.81 18.32 3.92
CA THR S 114 -86.18 18.91 5.20
C THR S 114 -87.24 20.00 5.13
N GLY S 115 -87.42 20.69 4.01
CA GLY S 115 -88.41 21.74 3.95
C GLY S 115 -88.39 22.45 2.61
N LEU S 116 -89.24 23.46 2.50
CA LEU S 116 -89.40 24.21 1.27
C LEU S 116 -89.51 25.70 1.58
N TYR S 117 -89.12 26.52 0.60
CA TYR S 117 -89.23 27.96 0.67
C TYR S 117 -90.00 28.50 -0.53
N PHE S 118 -90.92 27.70 -1.07
CA PHE S 118 -91.74 28.09 -2.20
C PHE S 118 -93.03 27.30 -2.15
N PRO S 119 -94.08 27.76 -2.82
CA PRO S 119 -95.31 26.97 -2.88
C PRO S 119 -95.09 25.66 -3.62
N LEU S 120 -95.54 24.56 -3.02
CA LEU S 120 -95.39 23.24 -3.60
C LEU S 120 -96.52 23.00 -4.59
N ASP S 121 -96.16 22.64 -5.82
CA ASP S 121 -97.13 22.39 -6.87
C ASP S 121 -97.31 20.89 -7.10
N MET S 122 -98.58 20.49 -7.22
CA MET S 122 -98.93 19.13 -7.61
C MET S 122 -99.99 19.23 -8.70
N HIS S 123 -99.83 18.43 -9.74
CA HIS S 123 -100.68 18.56 -10.93
C HIS S 123 -101.88 17.64 -10.88
N GLY S 124 -102.32 17.27 -9.68
CA GLY S 124 -103.51 16.48 -9.50
C GLY S 124 -103.33 15.19 -8.73
N PHE S 125 -102.15 14.95 -8.15
CA PHE S 125 -101.93 13.73 -7.38
C PHE S 125 -102.38 13.93 -5.94
N GLN S 126 -102.19 12.92 -5.09
CA GLN S 126 -102.70 12.96 -3.73
C GLN S 126 -101.60 12.62 -2.75
N ILE S 127 -101.91 12.78 -1.47
CA ILE S 127 -101.05 12.37 -0.37
C ILE S 127 -101.81 11.37 0.48
N LYS S 128 -101.14 10.26 0.81
CA LYS S 128 -101.85 9.13 1.41
C LYS S 128 -101.68 9.03 2.93
N ASN S 129 -100.45 8.96 3.42
CA ASN S 129 -100.23 8.77 4.85
C ASN S 129 -99.87 10.08 5.54
N LEU S 130 -100.82 11.02 5.57
CA LEU S 130 -100.52 12.36 6.07
C LEU S 130 -100.33 12.39 7.59
N GLY S 131 -101.03 11.57 8.35
CA GLY S 131 -100.94 11.59 9.80
C GLY S 131 -101.97 12.52 10.42
N GLU S 132 -102.06 12.45 11.75
CA GLU S 132 -103.07 13.16 12.52
C GLU S 132 -102.54 14.51 12.98
N PRO S 133 -103.24 15.60 12.64
CA PRO S 133 -102.77 16.92 13.08
C PRO S 133 -102.97 17.14 14.57
N THR S 134 -101.97 17.78 15.19
CA THR S 134 -102.07 18.19 16.59
C THR S 134 -101.97 19.70 16.69
N ASP S 135 -100.94 20.28 16.07
CA ASP S 135 -100.74 21.71 16.11
C ASP S 135 -101.81 22.43 15.28
N PRO S 136 -102.18 23.66 15.66
CA PRO S 136 -103.18 24.39 14.85
C PRO S 136 -102.79 24.56 13.39
N GLY S 137 -101.50 24.79 13.12
CA GLY S 137 -101.04 25.00 11.76
C GLY S 137 -100.62 23.73 11.07
N ASP S 138 -101.53 22.77 10.95
CA ASP S 138 -101.26 21.49 10.33
C ASP S 138 -102.36 21.16 9.33
N ALA S 139 -102.10 20.15 8.52
CA ALA S 139 -103.08 19.69 7.53
C ALA S 139 -104.05 18.70 8.17
N VAL S 140 -105.23 18.59 7.56
CA VAL S 140 -106.32 17.78 8.10
C VAL S 140 -106.56 16.59 7.19
N THR S 141 -106.61 15.41 7.78
CA THR S 141 -106.89 14.20 7.02
C THR S 141 -108.38 14.05 6.77
N LYS S 142 -108.73 13.14 5.85
CA LYS S 142 -110.13 12.88 5.56
C LYS S 142 -110.84 12.33 6.79
N GLN S 143 -110.16 11.45 7.53
CA GLN S 143 -110.76 10.85 8.72
C GLN S 143 -111.15 11.90 9.75
N TYR S 144 -110.26 12.86 10.00
CA TYR S 144 -110.50 13.86 11.03
C TYR S 144 -111.75 14.68 10.72
N VAL S 145 -111.86 15.15 9.47
CA VAL S 145 -113.01 15.98 9.11
C VAL S 145 -114.28 15.15 9.07
N ASP S 146 -114.22 13.94 8.52
CA ASP S 146 -115.43 13.13 8.36
C ASP S 146 -116.02 12.74 9.71
N THR S 147 -115.18 12.35 10.67
CA THR S 147 -115.66 11.98 12.00
C THR S 147 -116.09 13.18 12.83
N ALA S 148 -115.65 14.38 12.48
CA ALA S 148 -116.06 15.59 13.19
C ALA S 148 -117.48 16.00 12.85
N ASN S 149 -117.93 15.71 11.63
CA ASN S 149 -119.30 16.05 11.24
C ASN S 149 -120.31 15.29 12.09
N THR S 150 -120.04 14.03 12.39
CA THR S 150 -120.98 13.24 13.18
C THR S 150 -121.16 13.83 14.57
N ALA S 151 -120.07 14.28 15.20
CA ALA S 151 -120.17 14.84 16.53
C ALA S 151 -121.09 16.05 16.56
N GLN S 152 -120.96 16.94 15.58
CA GLN S 152 -121.80 18.12 15.47
C GLN S 152 -123.10 17.83 14.72
N ASN S 153 -123.50 16.57 14.61
CA ASN S 153 -124.75 16.20 13.96
C ASN S 153 -125.54 15.24 14.85
N ALA S 154 -125.56 15.51 16.16
CA ALA S 154 -126.27 14.67 17.09
C ALA S 154 -127.78 14.94 17.03
N ALA T 2 0.89 34.67 0.61
CA ALA T 2 1.69 34.12 -0.47
C ALA T 2 2.29 32.78 -0.07
N PHE T 3 2.50 31.91 -1.06
CA PHE T 3 3.06 30.58 -0.83
C PHE T 3 4.34 30.44 -1.62
N ASP T 4 5.08 29.36 -1.34
CA ASP T 4 6.31 29.07 -2.05
C ASP T 4 6.28 27.65 -2.60
N GLY T 5 7.34 27.23 -3.27
CA GLY T 5 7.39 25.90 -3.86
C GLY T 5 8.72 25.68 -4.54
N SER T 6 8.82 24.50 -5.17
CA SER T 6 10.04 24.10 -5.84
C SER T 6 9.71 23.14 -6.98
N ILE T 7 10.44 23.30 -8.09
CA ILE T 7 10.29 22.38 -9.21
C ILE T 7 11.05 21.10 -8.90
N LYS T 8 10.43 19.96 -9.18
CA LYS T 8 10.98 18.68 -8.71
C LYS T 8 12.35 18.41 -9.30
N SER T 9 12.49 18.47 -10.62
CA SER T 9 13.76 18.14 -11.27
C SER T 9 13.74 18.67 -12.69
N LEU T 10 14.90 18.56 -13.35
CA LEU T 10 15.10 19.06 -14.70
C LEU T 10 15.86 18.04 -15.54
N LEU T 11 15.47 16.77 -15.46
CA LEU T 11 16.24 15.69 -16.08
C LEU T 11 15.40 14.80 -16.99
N GLN T 12 14.37 15.34 -17.66
CA GLN T 12 13.54 14.57 -18.58
C GLN T 12 13.43 15.22 -19.95
N GLY T 13 14.28 16.19 -20.25
CA GLY T 13 14.32 16.72 -21.60
C GLY T 13 13.06 17.46 -22.03
N VAL T 14 12.97 17.67 -23.34
CA VAL T 14 11.93 18.52 -23.91
C VAL T 14 10.60 17.77 -23.99
N SER T 15 9.52 18.53 -24.07
CA SER T 15 8.18 17.99 -24.27
C SER T 15 7.34 19.03 -25.00
N GLN T 16 6.22 18.58 -25.54
CA GLN T 16 5.34 19.44 -26.32
C GLN T 16 3.86 19.28 -25.97
N GLN T 17 3.55 18.62 -24.86
CA GLN T 17 2.18 18.56 -24.39
C GLN T 17 1.82 19.83 -23.63
N VAL T 18 0.52 20.03 -23.41
CA VAL T 18 0.05 21.16 -22.62
C VAL T 18 0.55 20.97 -21.20
N PRO T 19 0.78 22.04 -20.44
CA PRO T 19 1.40 21.87 -19.10
C PRO T 19 0.60 20.99 -18.17
N ARG T 20 -0.71 20.83 -18.40
CA ARG T 20 -1.53 20.03 -17.50
C ARG T 20 -1.07 18.58 -17.44
N GLU T 21 -0.44 18.08 -18.51
CA GLU T 21 -0.19 16.65 -18.64
C GLU T 21 1.29 16.26 -18.64
N ARG T 22 2.20 17.22 -18.67
CA ARG T 22 3.62 16.88 -18.72
C ARG T 22 4.02 16.12 -17.46
N LEU T 23 4.91 15.14 -17.64
CA LEU T 23 5.43 14.39 -16.52
C LEU T 23 6.40 15.23 -15.70
N ASP T 24 6.77 14.70 -14.54
CA ASP T 24 7.70 15.41 -13.65
C ASP T 24 9.10 15.44 -14.25
N GLY T 25 9.70 16.62 -14.32
CA GLY T 25 11.06 16.78 -14.80
C GLY T 25 11.19 17.27 -16.22
N GLN T 26 10.12 17.24 -17.01
CA GLN T 26 10.20 17.69 -18.40
C GLN T 26 10.24 19.20 -18.48
N VAL T 27 10.91 19.70 -19.51
CA VAL T 27 11.08 21.13 -19.71
C VAL T 27 10.52 21.50 -21.08
N SER T 28 10.62 22.77 -21.46
CA SER T 28 9.97 23.26 -22.66
C SER T 28 10.94 23.43 -23.83
N VAL T 29 12.17 23.85 -23.54
CA VAL T 29 13.19 24.08 -24.56
C VAL T 29 14.55 23.75 -23.98
N GLN T 30 15.39 23.05 -24.76
CA GLN T 30 16.76 22.77 -24.39
C GLN T 30 17.61 22.82 -25.65
N LEU T 31 18.81 23.37 -25.53
CA LEU T 31 19.67 23.56 -26.71
C LEU T 31 21.10 23.72 -26.24
N ASN T 32 22.00 22.86 -26.74
CA ASN T 32 23.41 22.90 -26.39
C ASN T 32 23.62 22.71 -24.89
N ARG T 33 22.66 22.06 -24.24
CA ARG T 33 22.77 21.69 -22.83
C ARG T 33 23.02 20.19 -22.69
N LEU T 34 23.19 19.76 -21.45
CA LEU T 34 23.29 18.36 -21.11
C LEU T 34 22.25 18.02 -20.06
N SER T 35 21.71 16.81 -20.15
CA SER T 35 20.79 16.26 -19.15
C SER T 35 21.54 15.40 -18.15
N ASP T 36 22.79 15.76 -17.87
CA ASP T 36 23.68 14.91 -17.10
C ASP T 36 23.16 14.73 -15.68
N VAL T 37 23.19 13.48 -15.20
CA VAL T 37 23.00 13.21 -13.79
C VAL T 37 24.28 13.54 -13.04
N VAL T 38 24.19 13.52 -11.70
CA VAL T 38 25.32 13.67 -10.79
C VAL T 38 25.91 15.06 -10.85
N ASN T 39 26.06 15.62 -12.06
CA ASN T 39 26.59 16.97 -12.21
C ASN T 39 25.52 18.03 -12.46
N GLY T 40 24.31 17.62 -12.83
CA GLY T 40 23.23 18.57 -13.04
C GLY T 40 23.06 18.96 -14.49
N ASN T 41 22.22 19.98 -14.70
CA ASN T 41 21.86 20.45 -16.03
C ASN T 41 22.77 21.62 -16.41
N ARG T 42 23.93 21.27 -16.97
CA ARG T 42 24.96 22.23 -17.32
C ARG T 42 25.15 22.29 -18.84
N ARG T 43 26.11 23.10 -19.28
CA ARG T 43 26.39 23.25 -20.70
C ARG T 43 27.26 22.11 -21.21
N ARG T 44 27.21 21.89 -22.52
CA ARG T 44 28.02 20.85 -23.14
C ARG T 44 29.44 21.38 -23.40
N PRO T 45 30.44 20.49 -23.45
CA PRO T 45 31.80 20.93 -23.78
C PRO T 45 31.91 21.33 -25.24
N GLY T 46 33.09 21.84 -25.60
CA GLY T 46 33.33 22.27 -26.97
C GLY T 46 33.81 21.12 -27.84
N ALA T 47 33.75 21.34 -29.15
CA ALA T 47 34.20 20.33 -30.11
C ALA T 47 35.65 20.59 -30.48
N ARG T 48 36.46 19.54 -30.44
CA ARG T 48 37.90 19.63 -30.67
C ARG T 48 38.24 19.23 -32.09
N TYR T 49 39.20 19.92 -32.68
CA TYR T 49 39.61 19.65 -34.05
C TYR T 49 40.71 18.60 -34.08
N LEU T 50 40.56 17.60 -34.96
CA LEU T 50 41.51 16.50 -35.02
C LEU T 50 42.31 16.49 -36.31
N ALA T 51 41.63 16.45 -37.46
CA ALA T 51 42.31 16.39 -38.75
C ALA T 51 41.26 16.45 -39.85
N ASP T 52 41.75 16.49 -41.09
CA ASP T 52 40.91 16.53 -42.27
C ASP T 52 41.17 15.29 -43.13
N VAL T 53 40.10 14.63 -43.55
CA VAL T 53 40.22 13.42 -44.37
C VAL T 53 40.67 13.81 -45.77
N PRO T 54 41.63 13.08 -46.38
CA PRO T 54 42.06 13.43 -47.76
C PRO T 54 41.05 13.01 -48.82
N THR T 55 39.96 13.77 -48.92
CA THR T 55 38.95 13.56 -49.94
C THR T 55 38.19 14.85 -50.14
N THR T 56 37.33 14.86 -51.16
CA THR T 56 36.54 16.03 -51.49
C THR T 56 35.12 15.62 -51.84
N SER T 57 34.17 16.54 -51.59
CA SER T 57 32.77 16.30 -51.89
C SER T 57 32.03 17.62 -51.92
N GLN T 58 30.94 17.66 -52.69
CA GLN T 58 30.11 18.86 -52.77
C GLN T 58 28.73 18.66 -52.15
N TYR T 59 28.36 17.41 -51.85
CA TYR T 59 27.03 17.10 -51.33
C TYR T 59 27.15 16.50 -49.94
N ASP T 60 26.03 16.55 -49.21
CA ASP T 60 26.01 16.20 -47.80
C ASP T 60 25.77 14.72 -47.53
N ASP T 61 25.49 13.91 -48.56
CA ASP T 61 25.14 12.51 -48.31
C ASP T 61 25.85 11.53 -49.24
N HIS T 62 27.02 11.87 -49.77
CA HIS T 62 27.75 10.96 -50.65
C HIS T 62 28.99 10.42 -49.96
N VAL T 63 28.91 10.21 -48.65
CA VAL T 63 30.04 9.74 -47.85
C VAL T 63 29.56 8.65 -46.90
N PHE T 64 30.41 7.64 -46.70
CA PHE T 64 30.11 6.52 -45.81
C PHE T 64 31.33 6.27 -44.94
N ALA T 65 31.09 5.88 -43.68
CA ALA T 65 32.16 5.72 -42.72
C ALA T 65 31.84 4.57 -41.77
N SER T 66 32.87 3.82 -41.40
CA SER T 66 32.78 2.71 -40.45
C SER T 66 34.20 2.31 -40.09
N TYR T 67 34.34 1.25 -39.29
CA TYR T 67 35.64 0.82 -38.80
C TYR T 67 35.75 -0.69 -38.89
N VAL T 68 36.99 -1.18 -38.81
CA VAL T 68 37.29 -2.60 -38.81
C VAL T 68 38.52 -2.83 -37.94
N ASP T 69 38.60 -4.02 -37.35
CA ASP T 69 39.66 -4.35 -36.41
C ASP T 69 40.65 -5.33 -37.04
N VAL T 70 41.94 -5.01 -36.91
CA VAL T 70 43.02 -5.87 -37.38
C VAL T 70 43.95 -6.11 -36.20
N GLN T 71 44.10 -7.36 -35.78
CA GLN T 71 44.93 -7.70 -34.64
C GLN T 71 44.49 -6.91 -33.42
N ASP T 72 45.41 -6.15 -32.81
CA ASP T 72 45.07 -5.29 -31.68
C ASP T 72 44.68 -3.88 -32.11
N THR T 73 44.80 -3.55 -33.39
CA THR T 73 44.52 -2.21 -33.86
C THR T 73 43.09 -2.10 -34.38
N ALA T 74 42.56 -0.88 -34.39
CA ALA T 74 41.29 -0.56 -35.00
C ALA T 74 41.51 0.55 -36.02
N ASN T 75 40.86 0.42 -37.18
CA ASN T 75 41.09 1.32 -38.30
C ASN T 75 39.77 1.81 -38.86
N HIS T 76 39.81 3.00 -39.46
CA HIS T 76 38.61 3.60 -40.04
C HIS T 76 38.49 3.21 -41.51
N VAL T 77 37.24 3.12 -41.97
CA VAL T 77 36.92 2.84 -43.37
C VAL T 77 36.06 3.98 -43.88
N ILE T 78 36.52 4.64 -44.95
CA ILE T 78 35.82 5.77 -45.54
C ILE T 78 35.63 5.49 -47.03
N ILE T 79 34.40 5.68 -47.50
CA ILE T 79 34.04 5.45 -48.90
C ILE T 79 33.34 6.69 -49.42
N ASN T 80 33.76 7.15 -50.60
CA ASN T 80 33.09 8.24 -51.31
C ASN T 80 32.27 7.62 -52.43
N THR T 81 30.97 7.86 -52.41
CA THR T 81 30.04 7.16 -53.28
C THR T 81 29.82 7.86 -54.61
N GLU T 82 30.42 9.04 -54.82
CA GLU T 82 30.25 9.74 -56.10
C GLU T 82 31.29 9.25 -57.12
N THR T 83 32.57 9.35 -56.75
CA THR T 83 33.64 8.91 -57.64
C THR T 83 34.06 7.47 -57.38
N GLY T 84 33.52 6.82 -56.36
CA GLY T 84 33.89 5.45 -56.06
C GLY T 84 35.30 5.30 -55.57
N GLN T 85 35.60 5.87 -54.41
CA GLN T 85 36.93 5.82 -53.81
C GLN T 85 36.87 5.11 -52.48
N LEU T 86 37.94 4.37 -52.15
CA LEU T 86 38.02 3.59 -50.92
C LEU T 86 39.26 4.02 -50.16
N LEU T 87 39.09 4.26 -48.85
CA LEU T 87 40.16 4.73 -48.00
C LEU T 87 40.22 3.91 -46.72
N VAL T 88 41.44 3.73 -46.20
CA VAL T 88 41.68 3.12 -44.90
C VAL T 88 42.70 3.98 -44.18
N ILE T 89 42.41 4.31 -42.92
CA ILE T 89 43.23 5.24 -42.14
C ILE T 89 43.52 4.61 -40.79
N SER T 90 44.60 5.06 -40.16
CA SER T 90 44.94 4.60 -38.82
C SER T 90 44.01 5.26 -37.79
N GLU T 91 44.03 4.73 -36.57
CA GLU T 91 43.13 5.21 -35.54
C GLU T 91 43.35 6.67 -35.20
N ASP T 92 44.57 7.19 -35.40
CA ASP T 92 44.90 8.55 -35.03
C ASP T 92 44.93 9.51 -36.21
N PHE T 93 44.48 9.08 -37.39
CA PHE T 93 44.46 9.91 -38.60
C PHE T 93 45.86 10.38 -39.01
N SER T 94 46.89 9.59 -38.70
CA SER T 94 48.26 10.01 -38.98
C SER T 94 48.82 9.41 -40.25
N THR T 95 48.31 8.26 -40.70
CA THR T 95 48.83 7.58 -41.87
C THR T 95 47.68 7.01 -42.68
N THR T 96 47.93 6.83 -43.97
CA THR T 96 46.97 6.22 -44.90
C THR T 96 47.48 4.84 -45.27
N LEU T 97 46.66 3.81 -45.04
CA LEU T 97 47.07 2.45 -45.28
C LEU T 97 46.65 1.92 -46.64
N HIS T 98 45.60 2.49 -47.24
CA HIS T 98 45.15 2.07 -48.56
C HIS T 98 44.39 3.21 -49.21
N ASN T 99 44.51 3.30 -50.54
CA ASN T 99 43.82 4.34 -51.30
C ASN T 99 43.73 3.88 -52.75
N SER T 100 42.51 3.69 -53.25
CA SER T 100 42.31 3.20 -54.61
C SER T 100 40.91 3.54 -55.07
N THR T 101 40.70 3.45 -56.37
CA THR T 101 39.40 3.71 -56.98
C THR T 101 38.73 2.40 -57.36
N GLN T 102 37.40 2.38 -57.26
CA GLN T 102 36.62 1.18 -57.56
C GLN T 102 35.35 1.61 -58.29
N GLN T 103 35.22 1.18 -59.55
CA GLN T 103 34.03 1.51 -60.32
C GLN T 103 32.78 0.82 -59.79
N TYR T 104 32.94 -0.22 -58.98
CA TYR T 104 31.77 -0.94 -58.46
C TYR T 104 31.06 -0.13 -57.39
N LEU T 105 31.76 0.80 -56.73
CA LEU T 105 31.23 1.52 -55.59
C LEU T 105 30.55 2.83 -55.97
N VAL T 106 30.23 3.02 -57.25
CA VAL T 106 29.53 4.23 -57.67
C VAL T 106 28.04 4.04 -57.46
N ALA T 107 27.42 4.97 -56.73
CA ALA T 107 25.99 4.91 -56.48
C ALA T 107 25.48 6.33 -56.24
N SER T 108 24.15 6.43 -56.08
CA SER T 108 23.54 7.75 -55.94
C SER T 108 23.70 8.32 -54.54
N ALA T 109 23.70 7.48 -53.52
CA ALA T 109 23.75 7.96 -52.15
C ALA T 109 24.47 6.94 -51.27
N ALA T 110 24.92 7.41 -50.12
CA ALA T 110 25.72 6.60 -49.19
C ALA T 110 24.87 5.62 -48.39
N SER T 111 23.58 5.49 -48.70
CA SER T 111 22.72 4.54 -48.00
C SER T 111 22.67 3.18 -48.67
N ALA T 112 23.35 3.00 -49.81
CA ALA T 112 23.31 1.74 -50.52
C ALA T 112 24.45 0.80 -50.19
N ILE T 113 25.36 1.21 -49.30
CA ILE T 113 26.54 0.42 -48.98
C ILE T 113 26.25 -0.42 -47.74
N GLN T 114 26.79 -1.63 -47.71
CA GLN T 114 26.64 -2.54 -46.58
C GLN T 114 27.86 -3.44 -46.53
N THR T 115 28.11 -4.04 -45.37
CA THR T 115 29.34 -4.78 -45.16
C THR T 115 29.09 -6.01 -44.29
N ALA T 116 29.99 -6.98 -44.40
CA ALA T 116 29.95 -8.18 -43.57
C ALA T 116 31.33 -8.83 -43.62
N THR T 117 31.60 -9.68 -42.62
CA THR T 117 32.87 -10.39 -42.50
C THR T 117 32.62 -11.82 -42.05
N LEU T 118 33.22 -12.78 -42.76
CA LEU T 118 32.99 -14.18 -42.45
C LEU T 118 34.22 -14.96 -41.98
N ARG T 119 35.31 -15.01 -42.74
CA ARG T 119 36.47 -15.78 -42.33
C ARG T 119 37.70 -14.92 -42.07
N GLY T 120 38.17 -14.24 -43.11
CA GLY T 120 39.36 -13.41 -43.00
C GLY T 120 39.33 -12.19 -43.89
N ASP T 121 38.14 -11.81 -44.35
CA ASP T 121 38.02 -10.72 -45.31
C ASP T 121 36.74 -9.95 -45.02
N LEU T 122 36.75 -8.68 -45.42
CA LEU T 122 35.61 -7.79 -45.27
C LEU T 122 34.94 -7.62 -46.63
N TYR T 123 33.67 -7.98 -46.71
CA TYR T 123 32.92 -7.87 -47.96
C TYR T 123 32.12 -6.58 -47.97
N ILE T 124 31.98 -5.99 -49.15
CA ILE T 124 31.25 -4.74 -49.34
C ILE T 124 30.23 -4.95 -50.45
N ALA T 125 28.98 -4.60 -50.18
CA ALA T 125 27.88 -4.85 -51.10
C ALA T 125 27.21 -3.54 -51.48
N ASN T 126 26.91 -3.39 -52.77
CA ASN T 126 26.21 -2.23 -53.30
C ASN T 126 24.83 -2.69 -53.72
N THR T 127 23.79 -2.18 -53.05
CA THR T 127 22.43 -2.64 -53.28
C THR T 127 21.79 -2.01 -54.52
N GLU T 128 22.46 -1.07 -55.19
CA GLU T 128 21.92 -0.42 -56.37
C GLU T 128 22.31 -1.10 -57.67
N LYS T 129 23.01 -2.23 -57.60
CA LYS T 129 23.49 -2.94 -58.78
C LYS T 129 23.01 -4.38 -58.74
N ALA T 130 22.79 -4.95 -59.92
CA ALA T 130 22.23 -6.29 -60.05
C ALA T 130 23.24 -7.23 -60.70
N PRO T 131 23.41 -8.45 -60.20
CA PRO T 131 24.33 -9.40 -60.83
C PRO T 131 23.70 -10.09 -62.03
N THR T 132 24.56 -10.75 -62.81
CA THR T 132 24.12 -11.46 -64.00
C THR T 132 24.98 -12.70 -64.19
N LYS T 133 24.42 -13.70 -64.87
CA LYS T 133 25.13 -14.93 -65.13
C LYS T 133 26.07 -14.77 -66.32
N VAL T 134 27.16 -15.54 -66.31
CA VAL T 134 28.13 -15.55 -67.39
C VAL T 134 28.42 -17.00 -67.78
N PHE T 135 28.53 -17.24 -69.08
CA PHE T 135 28.83 -18.56 -69.62
C PHE T 135 30.21 -18.54 -70.25
N GLY T 136 31.10 -19.41 -69.76
CA GLY T 136 32.42 -19.52 -70.32
C GLY T 136 32.55 -20.66 -71.31
N SER T 137 33.66 -20.66 -72.05
CA SER T 137 33.92 -21.71 -73.02
C SER T 137 34.14 -23.04 -72.30
N THR T 138 33.54 -24.10 -72.83
CA THR T 138 33.68 -25.44 -72.25
C THR T 138 33.77 -26.46 -73.37
N THR T 139 34.26 -27.65 -73.01
CA THR T 139 34.43 -28.73 -73.97
C THR T 139 33.23 -29.67 -74.03
N GLN T 140 32.14 -29.36 -73.33
CA GLN T 140 31.00 -30.27 -73.30
C GLN T 140 30.39 -30.41 -74.68
N GLN T 141 29.75 -31.56 -74.92
CA GLN T 141 29.06 -31.85 -76.16
C GLN T 141 27.59 -32.13 -75.88
N ASP T 142 26.75 -31.94 -76.88
CA ASP T 142 25.31 -32.10 -76.70
C ASP T 142 24.99 -33.53 -76.27
N ALA T 265 34.24 -35.41 -74.30
CA ALA T 265 33.43 -34.83 -73.24
C ALA T 265 31.97 -35.25 -73.36
N SER T 266 31.73 -36.54 -73.57
CA SER T 266 30.36 -37.03 -73.66
C SER T 266 29.67 -36.93 -72.29
N VAL T 267 28.34 -36.89 -72.33
CA VAL T 267 27.52 -36.79 -71.13
C VAL T 267 26.52 -37.94 -71.11
N ALA T 268 26.43 -38.59 -69.95
CA ALA T 268 25.47 -39.67 -69.75
C ALA T 268 24.77 -39.45 -68.42
N VAL T 269 23.54 -39.96 -68.33
CA VAL T 269 22.68 -39.73 -67.16
C VAL T 269 22.45 -41.06 -66.46
N GLY T 270 22.85 -41.14 -65.19
CA GLY T 270 22.56 -42.29 -64.38
C GLY T 270 21.24 -42.15 -63.63
N THR T 271 21.00 -43.09 -62.72
CA THR T 271 19.80 -43.08 -61.90
C THR T 271 19.80 -44.27 -60.94
N PHE T 276 18.44 -38.62 -62.50
CA PHE T 276 18.85 -37.78 -61.38
C PHE T 276 20.24 -37.20 -61.59
N VAL T 277 21.25 -38.07 -61.51
CA VAL T 277 22.65 -37.65 -61.52
C VAL T 277 23.15 -37.62 -62.96
N TRP T 278 24.03 -36.66 -63.24
CA TRP T 278 24.64 -36.51 -64.56
C TRP T 278 26.14 -36.63 -64.42
N TYR T 279 26.78 -37.28 -65.41
CA TYR T 279 28.21 -37.53 -65.39
C TYR T 279 28.86 -37.04 -66.68
N GLN T 280 30.10 -36.60 -66.56
CA GLN T 280 30.94 -36.26 -67.69
C GLN T 280 32.18 -37.14 -67.70
N TYR T 281 32.70 -37.40 -68.89
CA TYR T 281 33.84 -38.29 -69.09
C TYR T 281 35.07 -37.46 -69.42
N ASP T 282 36.07 -37.49 -68.54
CA ASP T 282 37.31 -36.75 -68.74
C ASP T 282 38.32 -37.60 -69.51
N SER T 283 38.45 -37.29 -70.80
CA SER T 283 39.32 -38.07 -71.67
C SER T 283 40.79 -37.96 -71.28
N ALA T 284 41.15 -36.99 -70.44
CA ALA T 284 42.53 -36.85 -70.01
C ALA T 284 42.97 -37.95 -69.07
N THR T 285 42.06 -38.50 -68.26
CA THR T 285 42.41 -39.57 -67.33
C THR T 285 41.40 -40.71 -67.29
N SER T 286 40.33 -40.67 -68.06
CA SER T 286 39.34 -41.74 -68.18
C SER T 286 38.42 -41.84 -66.97
N VAL T 287 38.38 -40.81 -66.12
CA VAL T 287 37.50 -40.81 -64.96
C VAL T 287 36.14 -40.27 -65.39
N TRP T 288 35.11 -40.51 -64.56
CA TRP T 288 33.75 -40.03 -64.81
C TRP T 288 33.39 -39.05 -63.70
N LYS T 289 33.76 -37.79 -63.88
CA LYS T 289 33.44 -36.76 -62.90
C LYS T 289 32.04 -36.21 -63.15
N GLU T 290 31.46 -35.63 -62.09
CA GLU T 290 30.13 -35.07 -62.18
C GLU T 290 30.15 -33.74 -62.93
N ALA T 291 29.01 -33.39 -63.52
CA ALA T 291 28.83 -32.10 -64.17
C ALA T 291 27.36 -31.75 -64.11
N GLY T 292 27.05 -30.45 -63.98
CA GLY T 292 25.66 -30.05 -63.85
C GLY T 292 24.82 -30.43 -65.04
N ALA T 293 25.05 -29.76 -66.18
CA ALA T 293 24.34 -30.04 -67.41
C ALA T 293 24.91 -29.11 -68.49
N TYR T 294 24.46 -29.33 -69.73
CA TYR T 294 24.87 -28.48 -70.83
C TYR T 294 24.28 -27.08 -70.67
N GLY T 295 25.07 -26.08 -71.01
CA GLY T 295 24.61 -24.70 -70.96
C GLY T 295 24.48 -24.12 -69.57
N SER T 296 25.12 -24.70 -68.57
CA SER T 296 25.04 -24.18 -67.23
C SER T 296 26.01 -23.01 -67.05
N PRO T 297 25.71 -22.09 -66.13
CA PRO T 297 26.60 -20.94 -65.92
C PRO T 297 27.89 -21.36 -65.23
N THR T 298 28.94 -20.57 -65.45
CA THR T 298 30.25 -20.84 -64.87
C THR T 298 30.73 -19.73 -63.93
N GLY T 299 29.87 -18.79 -63.57
CA GLY T 299 30.28 -17.73 -62.67
C GLY T 299 29.22 -16.64 -62.61
N PHE T 300 29.57 -15.57 -61.91
CA PHE T 300 28.69 -14.42 -61.73
C PHE T 300 29.45 -13.13 -62.01
N SER T 301 28.70 -12.08 -62.31
CA SER T 301 29.24 -10.74 -62.53
C SER T 301 28.52 -9.74 -61.63
N ASN T 302 29.20 -8.63 -61.35
CA ASN T 302 28.69 -7.55 -60.51
C ASN T 302 28.46 -7.99 -59.06
N MET T 303 29.21 -8.97 -58.58
CA MET T 303 29.05 -9.45 -57.22
C MET T 303 29.88 -8.62 -56.25
N PRO T 304 29.57 -8.69 -54.95
CA PRO T 304 30.29 -7.87 -53.98
C PRO T 304 31.79 -8.13 -53.99
N ILE T 305 32.57 -7.06 -53.81
CA ILE T 305 34.03 -7.15 -53.76
C ILE T 305 34.46 -7.56 -52.35
N ARG T 306 35.73 -7.93 -52.21
CA ARG T 306 36.27 -8.45 -50.96
C ARG T 306 37.59 -7.78 -50.64
N ILE T 307 37.87 -7.63 -49.34
CA ILE T 307 39.11 -7.02 -48.86
C ILE T 307 39.71 -7.93 -47.81
N SER T 308 41.04 -8.02 -47.78
CA SER T 308 41.73 -8.88 -46.83
C SER T 308 41.99 -8.15 -45.53
N LEU T 309 42.15 -8.93 -44.46
CA LEU T 309 42.44 -8.40 -43.12
C LEU T 309 43.65 -9.06 -42.49
N ASP T 310 44.53 -9.66 -43.29
CA ASP T 310 45.71 -10.33 -42.75
C ASP T 310 46.82 -9.35 -42.39
N GLY T 311 46.69 -8.08 -42.77
CA GLY T 311 47.67 -7.07 -42.45
C GLY T 311 48.28 -6.35 -43.63
N VAL T 312 47.84 -6.61 -44.86
CA VAL T 312 48.36 -5.95 -46.04
C VAL T 312 47.29 -5.27 -46.87
N TYR T 313 46.01 -5.52 -46.59
CA TYR T 313 44.90 -4.82 -47.23
C TYR T 313 44.91 -5.01 -48.74
N THR T 314 44.73 -6.26 -49.18
CA THR T 314 44.59 -6.56 -50.60
C THR T 314 43.12 -6.50 -51.00
N VAL T 315 42.86 -5.93 -52.19
CA VAL T 315 41.51 -5.84 -52.74
C VAL T 315 41.48 -6.66 -54.02
N GLU T 316 40.46 -7.51 -54.14
CA GLU T 316 40.36 -8.40 -55.29
C GLU T 316 38.92 -8.90 -55.40
N THR T 317 38.43 -9.04 -56.63
CA THR T 317 37.10 -9.58 -56.86
C THR T 317 37.16 -11.10 -56.82
N PRO T 318 36.44 -11.76 -55.90
CA PRO T 318 36.53 -13.21 -55.81
C PRO T 318 35.83 -13.91 -56.96
N ALA T 319 36.23 -15.16 -57.20
CA ALA T 319 35.67 -15.98 -58.28
C ALA T 319 34.61 -16.90 -57.70
N TYR T 320 33.35 -16.61 -58.01
CA TYR T 320 32.25 -17.43 -57.51
C TYR T 320 32.00 -18.62 -58.42
N GLU T 321 31.49 -19.71 -57.85
CA GLU T 321 31.34 -20.95 -58.57
C GLU T 321 30.00 -21.01 -59.30
N GLY T 322 30.01 -21.58 -60.50
CA GLY T 322 28.79 -21.95 -61.19
C GLY T 322 28.32 -23.32 -60.75
N ARG T 323 27.31 -23.83 -61.46
CA ARG T 323 26.81 -25.16 -61.15
C ARG T 323 27.84 -26.20 -61.52
N LEU T 324 28.11 -27.12 -60.60
CA LEU T 324 28.96 -28.28 -60.85
C LEU T 324 28.16 -29.58 -60.90
N ALA T 325 27.05 -29.63 -60.17
CA ALA T 325 26.15 -30.78 -60.18
C ALA T 325 24.70 -30.34 -60.29
N GLY T 326 23.87 -31.22 -60.82
CA GLY T 326 22.44 -31.00 -60.85
C GLY T 326 21.94 -30.26 -62.08
N SER T 327 20.67 -30.45 -62.41
CA SER T 327 20.04 -29.79 -63.53
C SER T 327 19.12 -28.67 -63.05
N ASP T 328 18.56 -27.92 -64.00
CA ASP T 328 17.71 -26.79 -63.67
C ASP T 328 16.47 -27.21 -62.88
N GLU T 329 16.08 -28.49 -62.94
CA GLU T 329 14.91 -28.98 -62.22
C GLU T 329 15.26 -29.55 -60.86
N THR T 330 16.54 -29.58 -60.48
CA THR T 330 16.95 -30.06 -59.17
C THR T 330 17.94 -29.13 -58.48
N ASN T 331 18.54 -28.17 -59.20
CA ASN T 331 19.41 -27.15 -58.62
C ASN T 331 19.02 -25.83 -59.28
N GLU T 332 18.08 -25.13 -58.65
CA GLU T 332 17.54 -23.90 -59.25
C GLU T 332 18.45 -22.72 -58.97
N ASP T 333 18.07 -21.57 -59.52
CA ASP T 333 18.84 -20.36 -59.29
C ASP T 333 18.70 -19.92 -57.83
N PRO T 334 19.68 -19.19 -57.30
CA PRO T 334 19.62 -18.82 -55.88
C PRO T 334 18.46 -17.89 -55.55
N GLY T 335 17.87 -17.27 -56.56
CA GLY T 335 16.73 -16.39 -56.36
C GLY T 335 17.09 -14.91 -56.43
N PHE T 336 18.27 -14.55 -55.94
CA PHE T 336 18.69 -13.15 -56.00
C PHE T 336 19.07 -12.72 -57.41
N ILE T 337 19.10 -13.65 -58.37
CA ILE T 337 19.38 -13.28 -59.76
C ILE T 337 18.29 -12.36 -60.29
N ASP T 338 17.03 -12.67 -59.98
CA ASP T 338 15.89 -11.93 -60.53
C ASP T 338 15.53 -10.68 -59.74
N ASN T 339 15.45 -10.76 -58.42
CA ASN T 339 15.04 -9.63 -57.61
C ASN T 339 16.19 -8.71 -57.23
N GLY T 340 17.42 -9.05 -57.59
CA GLY T 340 18.56 -8.24 -57.22
C GLY T 340 18.92 -8.44 -55.75
N VAL T 341 19.89 -7.65 -55.31
CA VAL T 341 20.36 -7.70 -53.93
C VAL T 341 19.89 -6.43 -53.21
N THR T 342 19.04 -6.60 -52.20
CA THR T 342 18.53 -5.49 -51.41
C THR T 342 19.01 -5.52 -49.97
N GLY T 343 20.03 -6.31 -49.66
CA GLY T 343 20.54 -6.39 -48.30
C GLY T 343 21.78 -7.25 -48.25
N PHE T 344 22.37 -7.30 -47.07
CA PHE T 344 23.59 -8.06 -46.86
C PHE T 344 23.82 -8.25 -45.37
N GLY T 345 24.39 -9.39 -45.01
CA GLY T 345 24.67 -9.69 -43.62
C GLY T 345 25.23 -11.07 -43.47
N ALA T 346 25.51 -11.43 -42.21
CA ALA T 346 26.07 -12.73 -41.88
C ALA T 346 25.26 -13.36 -40.75
N TYR T 347 25.20 -14.70 -40.75
CA TYR T 347 24.44 -15.42 -39.74
C TYR T 347 24.91 -16.87 -39.72
N GLN T 348 25.28 -17.34 -38.52
CA GLN T 348 25.70 -18.71 -38.32
C GLN T 348 26.81 -19.10 -39.28
N GLY T 349 27.80 -18.23 -39.45
CA GLY T 349 28.91 -18.54 -40.33
C GLY T 349 28.54 -18.61 -41.79
N ARG T 350 27.39 -18.06 -42.17
CA ARG T 350 26.92 -18.07 -43.55
C ARG T 350 26.63 -16.64 -43.99
N LEU T 351 27.09 -16.30 -45.18
CA LEU T 351 26.74 -15.02 -45.78
C LEU T 351 25.26 -15.01 -46.14
N VAL T 352 24.62 -13.86 -45.96
CA VAL T 352 23.20 -13.70 -46.20
C VAL T 352 23.01 -12.61 -47.24
N ILE T 353 22.20 -12.89 -48.26
CA ILE T 353 21.86 -11.93 -49.31
C ILE T 353 20.35 -11.88 -49.42
N LEU T 354 19.78 -10.71 -49.14
CA LEU T 354 18.33 -10.52 -49.23
C LEU T 354 17.95 -10.13 -50.65
N ALA T 355 16.90 -10.77 -51.17
CA ALA T 355 16.46 -10.60 -52.55
C ALA T 355 14.96 -10.30 -52.54
N GLY T 356 14.55 -9.38 -51.67
CA GLY T 356 13.16 -9.02 -51.54
C GLY T 356 12.42 -9.99 -50.64
N PRO T 357 11.43 -10.71 -51.18
CA PRO T 357 10.70 -11.69 -50.36
C PRO T 357 11.42 -13.01 -50.19
N GLU T 358 12.69 -13.11 -50.53
CA GLU T 358 13.47 -14.33 -50.38
C GLU T 358 14.74 -14.03 -49.60
N VAL T 359 15.26 -15.08 -48.95
CA VAL T 359 16.51 -14.99 -48.18
C VAL T 359 17.42 -16.09 -48.70
N CYS T 360 18.66 -15.71 -49.05
CA CYS T 360 19.63 -16.64 -49.59
C CYS T 360 20.82 -16.74 -48.65
N MET T 361 21.33 -17.96 -48.48
CA MET T 361 22.45 -18.23 -47.59
C MET T 361 23.44 -19.14 -48.30
N SER T 362 24.72 -18.89 -48.07
CA SER T 362 25.77 -19.67 -48.73
C SER T 362 26.08 -20.92 -47.92
N ALA T 363 27.12 -21.64 -48.35
CA ALA T 363 27.53 -22.85 -47.68
C ALA T 363 28.18 -22.53 -46.34
N ALA T 364 28.20 -23.52 -45.45
CA ALA T 364 28.74 -23.33 -44.11
C ALA T 364 30.24 -23.07 -44.15
N GLY T 365 30.64 -21.83 -43.89
CA GLY T 365 32.05 -21.47 -43.86
C GLY T 365 32.71 -21.31 -45.21
N ASN T 366 31.94 -21.30 -46.29
CA ASN T 366 32.46 -21.15 -47.65
C ASN T 366 31.68 -20.07 -48.37
N PRO T 367 32.12 -18.82 -48.34
CA PRO T 367 31.33 -17.73 -48.96
C PRO T 367 31.27 -17.79 -50.47
N LEU T 368 32.08 -18.62 -51.12
CA LEU T 368 32.13 -18.68 -52.57
C LEU T 368 31.19 -19.71 -53.18
N ARG T 369 30.48 -20.49 -52.35
CA ARG T 369 29.60 -21.54 -52.83
C ARG T 369 28.15 -21.11 -52.64
N TRP T 370 27.42 -21.00 -53.75
CA TRP T 370 26.00 -20.63 -53.71
C TRP T 370 25.07 -21.69 -54.29
N TYR T 371 25.56 -22.56 -55.17
CA TYR T 371 24.78 -23.67 -55.70
C TYR T 371 25.02 -24.94 -54.89
N ARG T 372 24.07 -25.85 -54.95
CA ARG T 372 24.20 -27.11 -54.22
C ARG T 372 25.26 -27.98 -54.89
N SER T 373 26.18 -28.51 -54.07
CA SER T 373 27.41 -29.10 -54.60
C SER T 373 27.15 -30.43 -55.30
N THR T 374 26.35 -31.31 -54.70
CA THR T 374 26.15 -32.64 -55.25
C THR T 374 24.66 -32.98 -55.22
N VAL T 375 24.26 -33.90 -56.10
CA VAL T 375 22.86 -34.29 -56.25
C VAL T 375 22.62 -35.72 -55.78
N THR T 376 23.66 -36.51 -55.57
CA THR T 376 23.47 -37.89 -55.12
C THR T 376 22.74 -37.96 -53.79
N ALA T 377 22.76 -36.90 -52.99
CA ALA T 377 22.03 -36.83 -51.74
C ALA T 377 21.79 -35.37 -51.40
N LEU T 378 21.27 -35.14 -50.20
CA LEU T 378 21.04 -33.79 -49.69
C LEU T 378 21.95 -33.58 -48.48
N LEU T 379 22.86 -32.60 -48.58
CA LEU T 379 23.86 -32.35 -47.57
C LEU T 379 23.43 -31.20 -46.67
N THR T 380 23.72 -31.33 -45.38
CA THR T 380 23.33 -30.31 -44.41
C THR T 380 24.05 -29.00 -44.69
N ASP T 381 25.31 -29.06 -45.10
CA ASP T 381 26.16 -27.87 -45.22
C ASP T 381 25.91 -27.08 -46.51
N ASP T 382 25.09 -27.60 -47.43
CA ASP T 382 24.90 -26.93 -48.70
C ASP T 382 24.04 -25.68 -48.52
N PRO T 383 24.11 -24.75 -49.48
CA PRO T 383 23.33 -23.51 -49.36
C PRO T 383 21.84 -23.79 -49.18
N ILE T 384 21.11 -22.76 -48.77
CA ILE T 384 19.68 -22.85 -48.52
C ILE T 384 19.02 -21.55 -48.92
N ASN T 385 17.82 -21.66 -49.51
CA ASN T 385 16.97 -20.50 -49.80
C ASN T 385 15.58 -20.79 -49.28
N ILE T 386 14.90 -19.75 -48.80
CA ILE T 386 13.58 -19.87 -48.18
C ILE T 386 12.72 -18.72 -48.62
N PHE T 387 11.44 -19.00 -48.86
CA PHE T 387 10.50 -18.06 -49.45
C PHE T 387 9.58 -17.48 -48.40
N SER T 388 8.92 -16.38 -48.75
CA SER T 388 7.99 -15.71 -47.86
C SER T 388 6.88 -15.06 -48.67
N GLY T 389 5.76 -14.80 -48.01
CA GLY T 389 4.62 -14.17 -48.66
C GLY T 389 3.77 -13.46 -47.64
N ALA T 390 2.88 -12.60 -48.13
CA ALA T 390 2.02 -11.81 -47.26
C ALA T 390 0.78 -11.40 -48.05
N ALA T 391 -0.08 -10.63 -47.39
CA ALA T 391 -1.35 -10.21 -47.99
C ALA T 391 -1.18 -9.18 -49.09
N THR T 392 -0.20 -8.28 -48.99
CA THR T 392 0.00 -7.27 -50.03
C THR T 392 1.34 -7.46 -50.71
N SER T 393 2.43 -7.41 -49.94
CA SER T 393 3.78 -7.60 -50.46
C SER T 393 4.75 -7.50 -49.30
N THR T 394 5.97 -7.97 -49.53
CA THR T 394 7.05 -7.82 -48.55
C THR T 394 8.36 -7.59 -49.29
N ASN T 395 9.20 -6.74 -48.69
CA ASN T 395 10.54 -6.49 -49.22
C ASN T 395 11.49 -6.20 -48.06
N PHE T 396 12.20 -7.23 -47.59
CA PHE T 396 13.11 -7.04 -46.47
C PHE T 396 14.31 -6.20 -46.91
N ARG T 397 14.80 -5.36 -45.98
CA ARG T 397 15.83 -4.38 -46.31
C ARG T 397 17.02 -4.39 -45.36
N HIS T 398 16.85 -4.85 -44.12
CA HIS T 398 17.93 -4.84 -43.14
C HIS T 398 17.82 -6.07 -42.26
N CYS T 399 18.94 -6.41 -41.61
CA CYS T 399 19.00 -7.58 -40.75
C CYS T 399 19.90 -7.30 -39.56
N VAL T 400 19.52 -7.83 -38.40
CA VAL T 400 20.29 -7.72 -37.16
C VAL T 400 20.11 -9.00 -36.36
N GLN T 401 21.16 -9.41 -35.66
CA GLN T 401 21.15 -10.68 -34.94
C GLN T 401 20.45 -10.54 -33.59
N PHE T 402 21.03 -9.73 -32.70
CA PHE T 402 20.45 -9.44 -31.39
C PHE T 402 20.22 -10.74 -30.62
N ASN T 403 18.99 -11.06 -30.21
CA ASN T 403 18.73 -12.06 -29.16
C ASN T 403 18.75 -13.47 -29.75
N LYS T 404 19.90 -13.83 -30.32
CA LYS T 404 20.15 -15.21 -30.75
C LYS T 404 19.38 -15.56 -32.01
N ASP T 405 18.48 -14.69 -32.45
CA ASP T 405 17.74 -14.90 -33.69
C ASP T 405 18.29 -14.01 -34.79
N LEU T 406 17.62 -13.97 -35.93
CA LEU T 406 17.92 -13.03 -36.99
C LEU T 406 16.64 -12.26 -37.32
N LEU T 407 16.72 -10.93 -37.27
CA LEU T 407 15.55 -10.08 -37.41
C LEU T 407 15.51 -9.49 -38.82
N LEU T 408 14.32 -9.38 -39.38
CA LEU T 408 14.11 -8.84 -40.72
C LEU T 408 13.11 -7.69 -40.64
N PHE T 409 13.44 -6.59 -41.30
CA PHE T 409 12.64 -5.37 -41.23
C PHE T 409 12.07 -5.01 -42.60
N ALA T 410 10.82 -4.57 -42.61
CA ALA T 410 10.16 -4.14 -43.84
C ALA T 410 9.17 -3.03 -43.48
N ARG T 411 8.49 -2.51 -44.50
CA ARG T 411 7.55 -1.42 -44.28
C ARG T 411 6.44 -1.82 -43.30
N SER T 412 5.59 -2.76 -43.69
CA SER T 412 4.35 -3.02 -42.98
C SER T 412 4.34 -4.31 -42.17
N CYS T 413 5.47 -5.01 -42.07
CA CYS T 413 5.50 -6.23 -41.29
C CYS T 413 6.94 -6.51 -40.88
N GLN T 414 7.08 -7.40 -39.90
CA GLN T 414 8.38 -7.79 -39.37
C GLN T 414 8.41 -9.31 -39.21
N ALA T 415 9.58 -9.91 -39.40
CA ALA T 415 9.73 -11.35 -39.34
C ALA T 415 11.03 -11.70 -38.62
N VAL T 416 11.15 -12.97 -38.25
CA VAL T 416 12.32 -13.48 -37.57
C VAL T 416 12.61 -14.88 -38.07
N VAL T 417 13.88 -15.29 -37.97
CA VAL T 417 14.31 -16.63 -38.33
C VAL T 417 14.58 -17.39 -37.03
N PRO T 418 13.66 -18.25 -36.58
CA PRO T 418 13.82 -18.86 -35.25
C PRO T 418 15.10 -19.68 -35.15
N SER T 419 15.70 -19.65 -33.96
CA SER T 419 16.80 -20.55 -33.63
C SER T 419 16.25 -21.83 -33.02
N SER T 420 17.11 -22.82 -32.89
CA SER T 420 16.70 -24.13 -32.38
C SER T 420 17.87 -24.73 -31.61
N ASN T 421 17.67 -25.98 -31.18
CA ASN T 421 18.68 -26.70 -30.41
C ASN T 421 19.68 -27.37 -31.34
N ALA T 422 19.49 -27.23 -32.66
CA ALA T 422 20.40 -27.80 -33.64
C ALA T 422 20.69 -26.75 -34.69
N ALA T 423 21.87 -26.87 -35.30
CA ALA T 423 22.28 -25.90 -36.32
C ALA T 423 21.29 -25.92 -37.47
N ILE T 424 21.05 -24.73 -38.05
CA ILE T 424 20.09 -24.60 -39.12
C ILE T 424 20.46 -25.51 -40.27
N THR T 425 19.47 -26.17 -40.85
CA THR T 425 19.63 -27.10 -41.96
C THR T 425 18.60 -26.80 -43.03
N PRO T 426 18.81 -27.30 -44.25
CA PRO T 426 17.84 -27.02 -45.33
C PRO T 426 16.44 -27.53 -45.04
N GLN T 427 16.29 -28.48 -44.13
CA GLN T 427 14.99 -29.07 -43.84
C GLN T 427 14.28 -28.42 -42.66
N THR T 428 14.82 -27.33 -42.11
CA THR T 428 14.19 -26.68 -40.96
C THR T 428 14.12 -25.16 -41.07
N ALA T 429 14.75 -24.53 -42.07
CA ALA T 429 14.70 -23.08 -42.16
C ALA T 429 13.30 -22.60 -42.48
N GLN T 430 12.90 -21.48 -41.87
CA GLN T 430 11.58 -20.92 -42.10
C GLN T 430 11.59 -19.45 -41.72
N ILE T 431 10.59 -18.73 -42.22
CA ILE T 431 10.38 -17.31 -41.91
C ILE T 431 8.96 -17.17 -41.37
N VAL T 432 8.80 -16.43 -40.27
CA VAL T 432 7.52 -16.26 -39.61
C VAL T 432 7.31 -14.79 -39.31
N ILE T 433 6.10 -14.30 -39.55
CA ILE T 433 5.73 -12.92 -39.25
C ILE T 433 5.38 -12.80 -37.77
N THR T 434 5.65 -11.63 -37.18
CA THR T 434 5.47 -11.44 -35.74
C THR T 434 4.67 -10.20 -35.36
N SER T 435 4.68 -9.16 -36.17
CA SER T 435 3.98 -7.92 -35.81
C SER T 435 3.58 -7.20 -37.10
N GLY T 436 2.93 -6.05 -36.92
CA GLY T 436 2.39 -5.31 -38.05
C GLY T 436 2.55 -3.80 -37.98
N TYR T 437 3.60 -3.32 -37.33
CA TYR T 437 3.86 -1.89 -37.30
C TYR T 437 4.34 -1.39 -38.64
N THR T 438 3.97 -0.15 -38.96
CA THR T 438 4.46 0.51 -40.17
C THR T 438 5.70 1.32 -39.83
N THR T 439 6.75 1.16 -40.64
CA THR T 439 8.02 1.80 -40.38
C THR T 439 8.59 2.35 -41.69
N ASP T 440 9.78 2.94 -41.58
CA ASP T 440 10.51 3.45 -42.73
C ASP T 440 11.75 2.59 -42.96
N THR T 441 12.40 2.80 -44.12
CA THR T 441 13.52 1.95 -44.51
C THR T 441 14.71 2.72 -45.06
N LEU T 442 14.99 3.92 -44.54
CA LEU T 442 16.15 4.68 -45.04
C LEU T 442 17.36 4.52 -44.13
N ALA T 443 17.13 4.24 -42.84
CA ALA T 443 18.20 4.19 -41.85
C ALA T 443 18.31 2.79 -41.27
N GLN T 444 19.55 2.32 -41.12
CA GLN T 444 19.79 0.99 -40.58
C GLN T 444 19.47 0.98 -39.08
N PRO T 445 18.81 -0.05 -38.56
CA PRO T 445 18.55 -0.11 -37.12
C PRO T 445 19.84 -0.13 -36.31
N GLY T 446 19.76 0.42 -35.11
CA GLY T 446 20.89 0.46 -34.19
C GLY T 446 20.60 -0.33 -32.93
N VAL T 447 21.65 -0.76 -32.25
CA VAL T 447 21.55 -1.58 -31.05
C VAL T 447 22.24 -0.84 -29.91
N VAL T 448 21.58 -0.78 -28.75
CA VAL T 448 22.08 -0.03 -27.61
C VAL T 448 22.28 -0.98 -26.43
N GLY T 449 22.62 -2.22 -26.73
CA GLY T 449 22.88 -3.21 -25.67
C GLY T 449 21.69 -4.05 -25.25
N ARG T 450 20.62 -3.40 -24.78
CA ARG T 450 19.43 -4.11 -24.31
C ARG T 450 18.21 -3.88 -25.20
N SER T 451 18.35 -3.12 -26.28
CA SER T 451 17.20 -2.81 -27.13
C SER T 451 17.72 -2.43 -28.51
N VAL T 452 16.78 -2.33 -29.46
CA VAL T 452 17.08 -1.99 -30.85
C VAL T 452 16.12 -0.89 -31.28
N LEU T 453 16.63 0.09 -32.01
CA LEU T 453 15.86 1.25 -32.42
C LEU T 453 15.72 1.27 -33.94
N TYR T 454 14.49 1.51 -34.40
CA TYR T 454 14.22 1.71 -35.82
C TYR T 454 13.19 2.83 -35.96
N SER T 455 13.28 3.56 -37.07
CA SER T 455 12.49 4.77 -37.26
C SER T 455 11.17 4.47 -37.95
N MET T 456 10.21 5.37 -37.76
CA MET T 456 8.89 5.30 -38.37
C MET T 456 8.50 6.69 -38.81
N PRO T 457 7.58 6.81 -39.77
CA PRO T 457 7.12 8.14 -40.18
C PRO T 457 5.92 8.59 -39.35
N ARG T 458 5.96 9.85 -38.91
CA ARG T 458 4.84 10.43 -38.20
C ARG T 458 3.85 11.05 -39.19
N THR T 459 4.34 11.96 -40.02
CA THR T 459 3.54 12.56 -41.10
C THR T 459 4.47 12.88 -42.24
N GLU T 460 3.96 13.62 -43.23
CA GLU T 460 4.72 13.90 -44.43
C GLU T 460 6.06 14.57 -44.15
N HIS T 461 6.17 15.33 -43.07
CA HIS T 461 7.33 16.16 -42.82
C HIS T 461 7.98 15.94 -41.46
N PHE T 462 7.59 14.90 -40.72
CA PHE T 462 8.16 14.63 -39.41
C PHE T 462 8.33 13.14 -39.21
N ALA T 463 9.28 12.77 -38.35
CA ALA T 463 9.65 11.37 -38.13
C ALA T 463 9.43 10.97 -36.68
N GLY T 464 9.53 9.66 -36.44
CA GLY T 464 9.41 9.11 -35.10
C GLY T 464 10.46 8.04 -34.87
N VAL T 465 10.27 7.30 -33.77
CA VAL T 465 11.18 6.23 -33.38
C VAL T 465 10.41 5.18 -32.60
N LEU T 466 10.80 3.92 -32.76
CA LEU T 466 10.24 2.79 -32.03
C LEU T 466 11.37 2.00 -31.39
N GLU T 467 11.02 1.26 -30.34
CA GLU T 467 11.98 0.45 -29.61
C GLU T 467 11.42 -0.94 -29.40
N ILE T 468 12.30 -1.94 -29.42
CA ILE T 468 11.92 -3.34 -29.27
C ILE T 468 12.81 -3.97 -28.22
N ILE T 469 12.20 -4.70 -27.29
CA ILE T 469 12.94 -5.35 -26.19
C ILE T 469 12.52 -6.81 -26.12
N PRO T 470 13.43 -7.70 -25.71
CA PRO T 470 13.07 -9.13 -25.66
C PRO T 470 12.49 -9.53 -24.31
N SER T 471 11.71 -10.61 -24.34
CA SER T 471 11.20 -11.19 -23.10
C SER T 471 12.32 -11.90 -22.37
N ASN T 472 12.13 -12.06 -21.05
CA ASN T 472 13.15 -12.65 -20.19
C ASN T 472 12.73 -13.96 -19.55
N THR T 473 11.47 -14.37 -19.70
CA THR T 473 10.94 -15.55 -19.03
C THR T 473 10.59 -16.68 -20.00
N THR T 474 11.15 -16.67 -21.21
CA THR T 474 10.83 -17.69 -22.19
C THR T 474 11.79 -17.58 -23.37
N ASP T 475 11.52 -18.38 -24.40
CA ASP T 475 12.30 -18.34 -25.62
C ASP T 475 11.92 -17.10 -26.43
N SER T 476 12.40 -17.03 -27.67
CA SER T 476 12.26 -15.83 -28.48
C SER T 476 10.84 -15.27 -28.45
N GLN T 477 10.68 -14.09 -27.87
CA GLN T 477 9.42 -13.36 -27.83
C GLN T 477 9.75 -11.88 -27.72
N TYR T 478 9.04 -11.05 -28.49
CA TYR T 478 9.39 -9.64 -28.61
C TYR T 478 8.15 -8.78 -28.44
N THR T 479 8.38 -7.54 -28.02
CA THR T 479 7.33 -6.54 -27.89
C THR T 479 7.93 -5.18 -28.20
N SER T 480 7.15 -4.33 -28.87
CA SER T 480 7.63 -3.03 -29.33
C SER T 480 6.82 -1.93 -28.68
N ASN T 481 7.49 -0.79 -28.46
CA ASN T 481 6.86 0.37 -27.84
C ASN T 481 7.21 1.63 -28.63
N ASP T 482 6.35 2.64 -28.53
CA ASP T 482 6.62 3.93 -29.13
C ASP T 482 7.08 4.92 -28.06
N ILE T 483 8.23 5.53 -28.29
CA ILE T 483 8.90 6.34 -27.26
C ILE T 483 9.07 7.78 -27.72
N THR T 484 8.24 8.22 -28.67
CA THR T 484 8.26 9.62 -29.09
C THR T 484 6.86 10.16 -29.35
N ALA T 485 5.84 9.66 -28.64
CA ALA T 485 4.48 10.11 -28.90
C ALA T 485 4.25 11.54 -28.43
N HIS T 486 5.04 12.00 -27.45
CA HIS T 486 4.82 13.30 -26.83
C HIS T 486 5.55 14.44 -27.55
N ILE T 487 6.28 14.15 -28.62
CA ILE T 487 6.92 15.18 -29.42
C ILE T 487 6.65 14.90 -30.90
N PRO T 488 5.41 15.06 -31.36
CA PRO T 488 5.08 14.68 -32.74
C PRO T 488 5.57 15.65 -33.80
N ARG T 489 6.22 16.76 -33.42
CA ARG T 489 6.68 17.73 -34.40
C ARG T 489 8.07 18.26 -34.07
N TYR T 490 8.93 17.45 -33.45
CA TYR T 490 10.26 17.90 -33.03
C TYR T 490 11.36 17.44 -33.97
N LEU T 491 11.13 16.41 -34.77
CA LEU T 491 12.14 15.86 -35.68
C LEU T 491 11.76 16.16 -37.13
N PRO T 492 12.47 17.08 -37.80
CA PRO T 492 12.05 17.48 -39.15
C PRO T 492 12.56 16.50 -40.20
N GLY T 493 11.68 16.12 -41.12
CA GLY T 493 12.06 15.30 -42.25
C GLY T 493 12.18 13.83 -41.92
N ARG T 494 13.09 13.14 -42.59
CA ARG T 494 13.31 11.72 -42.41
C ARG T 494 14.63 11.48 -41.69
N ILE T 495 14.63 10.51 -40.78
CA ILE T 495 15.85 10.13 -40.07
C ILE T 495 16.78 9.44 -41.06
N ARG T 496 18.04 9.88 -41.09
CA ARG T 496 19.01 9.36 -42.05
C ARG T 496 20.13 8.55 -41.40
N SER T 497 20.23 8.54 -40.08
CA SER T 497 21.29 7.78 -39.42
C SER T 497 20.86 7.49 -37.99
N ILE T 498 21.51 6.48 -37.41
CA ILE T 498 21.32 6.11 -36.01
C ILE T 498 22.67 5.65 -35.47
N VAL T 499 23.07 6.20 -34.33
CA VAL T 499 24.35 5.89 -33.71
C VAL T 499 24.12 5.52 -32.25
N SER T 500 24.93 4.60 -31.74
CA SER T 500 24.81 4.14 -30.37
C SER T 500 26.14 4.30 -29.64
N SER T 501 26.06 4.80 -28.40
CA SER T 501 27.21 4.95 -27.53
C SER T 501 26.85 4.32 -26.18
N THR T 502 27.06 3.02 -26.07
CA THR T 502 26.73 2.33 -24.82
C THR T 502 27.71 2.65 -23.71
N THR T 503 28.83 3.30 -24.03
CA THR T 503 29.81 3.66 -23.01
C THR T 503 29.46 4.92 -22.25
N SER T 504 28.49 5.70 -22.74
CA SER T 504 28.09 6.94 -22.08
C SER T 504 26.57 7.08 -22.02
N ASN T 505 25.84 6.04 -22.37
CA ASN T 505 24.38 6.01 -22.25
C ASN T 505 23.72 7.12 -23.06
N SER T 506 23.90 7.11 -24.39
CA SER T 506 23.31 8.12 -25.25
C SER T 506 23.20 7.58 -26.66
N SER T 507 22.55 8.37 -27.53
CA SER T 507 22.38 8.02 -28.93
C SER T 507 22.25 9.31 -29.73
N ALA T 508 22.53 9.22 -31.03
CA ALA T 508 22.52 10.38 -31.91
C ALA T 508 21.75 10.06 -33.18
N PHE T 509 21.02 11.06 -33.69
CA PHE T 509 20.24 10.92 -34.92
C PHE T 509 20.54 12.09 -35.83
N ILE T 510 20.48 11.84 -37.14
CA ILE T 510 20.67 12.86 -38.16
C ILE T 510 19.44 12.87 -39.06
N CYS T 511 18.90 14.05 -39.30
CA CYS T 511 17.68 14.22 -40.08
C CYS T 511 17.98 14.98 -41.36
N THR T 512 17.16 14.71 -42.39
CA THR T 512 17.36 15.36 -43.68
C THR T 512 16.72 16.75 -43.74
N GLY T 513 15.84 17.08 -42.78
CA GLY T 513 15.19 18.38 -42.80
C GLY T 513 16.08 19.53 -42.40
N ASP T 514 17.12 19.27 -41.60
CA ASP T 514 18.06 20.31 -41.20
C ASP T 514 19.43 19.66 -41.07
N SER T 515 20.39 20.16 -41.84
CA SER T 515 21.70 19.52 -41.95
C SER T 515 22.73 20.08 -41.00
N ARG T 516 22.35 20.98 -40.09
CA ARG T 516 23.28 21.59 -39.15
C ARG T 516 22.96 21.28 -37.69
N SER T 517 22.07 20.34 -37.43
CA SER T 517 21.64 20.03 -36.07
C SER T 517 21.72 18.53 -35.82
N LEU T 518 22.00 18.17 -34.58
CA LEU T 518 22.10 16.78 -34.15
C LEU T 518 21.21 16.58 -32.93
N PHE T 519 20.38 15.55 -32.97
CA PHE T 519 19.44 15.25 -31.91
C PHE T 519 19.98 14.12 -31.03
N ILE T 520 19.87 14.30 -29.72
CA ILE T 520 20.47 13.39 -28.75
C ILE T 520 19.38 12.78 -27.90
N GLN T 521 19.69 11.63 -27.30
CA GLN T 521 18.84 11.00 -26.30
C GLN T 521 19.74 10.50 -25.18
N ASP T 522 19.22 10.52 -23.95
CA ASP T 522 19.92 9.98 -22.79
C ASP T 522 18.99 9.02 -22.06
N TYR T 523 19.51 7.83 -21.74
CA TYR T 523 18.70 6.79 -21.13
C TYR T 523 19.46 6.18 -19.96
N LEU T 524 18.69 5.61 -19.03
CA LEU T 524 19.25 4.93 -17.87
C LEU T 524 18.34 3.76 -17.51
N TRP T 525 18.95 2.71 -16.96
CA TRP T 525 18.23 1.50 -16.61
C TRP T 525 18.47 1.15 -15.15
N SER T 526 17.45 0.57 -14.52
CA SER T 526 17.54 0.14 -13.13
C SER T 526 16.73 -1.16 -13.01
N GLY T 527 17.42 -2.27 -12.79
CA GLY T 527 16.74 -3.54 -12.75
C GLY T 527 16.08 -3.82 -14.08
N ASP T 528 14.76 -3.96 -14.07
CA ASP T 528 13.96 -4.17 -15.27
C ASP T 528 13.05 -2.99 -15.53
N GLU T 529 13.53 -1.77 -15.25
CA GLU T 529 12.77 -0.55 -15.43
C GLU T 529 13.64 0.51 -16.11
N LYS T 530 13.00 1.35 -16.91
CA LYS T 530 13.66 2.45 -17.60
C LYS T 530 13.19 3.75 -16.97
N VAL T 531 14.14 4.62 -16.65
CA VAL T 531 13.86 5.79 -15.82
C VAL T 531 14.04 7.12 -16.54
N GLN T 532 14.90 7.21 -17.54
CA GLN T 532 15.21 8.48 -18.18
C GLN T 532 15.11 8.35 -19.69
N SER T 533 14.44 9.32 -20.30
CA SER T 533 14.25 9.35 -21.75
C SER T 533 14.45 10.79 -22.26
N ALA T 534 15.50 11.45 -21.78
CA ALA T 534 15.73 12.85 -22.10
C ALA T 534 16.00 13.02 -23.59
N TRP T 535 15.42 14.08 -24.18
CA TRP T 535 15.68 14.48 -25.55
C TRP T 535 16.13 15.94 -25.58
N HIS T 536 17.00 16.27 -26.52
CA HIS T 536 17.42 17.66 -26.69
C HIS T 536 18.21 17.78 -28.00
N GLN T 537 18.59 19.02 -28.32
CA GLN T 537 19.13 19.37 -29.62
C GLN T 537 20.47 20.07 -29.47
N TRP T 538 21.36 19.84 -30.45
CA TRP T 538 22.62 20.55 -30.56
C TRP T 538 22.71 21.22 -31.92
N THR T 539 23.70 22.10 -32.08
CA THR T 539 23.94 22.79 -33.34
C THR T 539 25.44 23.00 -33.51
N LEU T 540 25.85 23.09 -34.78
CA LEU T 540 27.25 23.22 -35.13
C LEU T 540 27.41 24.21 -36.27
N PRO T 541 28.60 24.77 -36.46
CA PRO T 541 28.75 25.86 -37.44
C PRO T 541 28.80 25.38 -38.89
N TYR T 542 29.06 24.11 -39.14
CA TYR T 542 29.17 23.59 -40.50
C TYR T 542 28.19 22.43 -40.70
N PRO T 543 27.81 22.17 -41.95
CA PRO T 543 26.91 21.03 -42.21
C PRO T 543 27.55 19.71 -41.79
N ILE T 544 26.73 18.79 -41.32
CA ILE T 544 27.17 17.50 -40.82
C ILE T 544 27.02 16.47 -41.93
N VAL T 545 28.02 15.61 -42.09
CA VAL T 545 28.02 14.62 -43.17
C VAL T 545 27.75 13.22 -42.64
N CYS T 546 28.52 12.78 -41.65
CA CYS T 546 28.42 11.41 -41.16
C CYS T 546 28.95 11.34 -39.73
N THR T 547 28.66 10.22 -39.07
CA THR T 547 29.10 9.99 -37.70
C THR T 547 29.31 8.50 -37.49
N TRP T 548 30.27 8.17 -36.61
CA TRP T 548 30.53 6.78 -36.26
C TRP T 548 31.25 6.72 -34.93
N PHE T 549 31.23 5.54 -34.31
CA PHE T 549 31.71 5.33 -32.95
C PHE T 549 32.82 4.29 -32.95
N VAL T 550 33.96 4.63 -32.34
CA VAL T 550 35.09 3.71 -32.25
C VAL T 550 35.79 3.89 -30.91
N ARG T 551 35.68 2.89 -30.04
CA ARG T 551 36.44 2.81 -28.79
C ARG T 551 36.28 4.07 -27.94
N ASP T 552 35.04 4.26 -27.46
CA ASP T 552 34.76 5.23 -26.41
C ASP T 552 34.87 6.67 -26.91
N ARG T 553 34.49 6.90 -28.16
CA ARG T 553 34.34 8.24 -28.70
C ARG T 553 33.38 8.22 -29.87
N VAL T 554 32.88 9.41 -30.21
CA VAL T 554 32.01 9.61 -31.35
C VAL T 554 32.63 10.68 -32.24
N TYR T 555 32.79 10.37 -33.53
CA TYR T 555 33.39 11.29 -34.47
C TYR T 555 32.32 11.90 -35.36
N ILE T 556 32.56 13.13 -35.79
CA ILE T 556 31.63 13.88 -36.62
C ILE T 556 32.42 14.52 -37.76
N GLY T 557 31.88 14.45 -38.97
CA GLY T 557 32.50 15.04 -40.15
C GLY T 557 31.66 16.18 -40.68
N MET T 558 32.33 17.24 -41.13
CA MET T 558 31.65 18.43 -41.61
C MET T 558 32.30 18.91 -42.90
N ARG T 559 31.49 19.55 -43.75
CA ARG T 559 31.91 19.95 -45.08
C ARG T 559 32.30 21.44 -45.05
N ASP T 560 33.59 21.71 -44.92
CA ASP T 560 34.11 23.07 -45.05
C ASP T 560 34.48 23.29 -46.50
N GLY T 561 33.64 24.02 -47.23
CA GLY T 561 33.84 24.18 -48.65
C GLY T 561 33.69 22.87 -49.39
N THR T 562 34.82 22.32 -49.87
CA THR T 562 34.84 21.00 -50.46
C THR T 562 35.73 20.02 -49.71
N THR T 563 36.18 20.37 -48.51
CA THR T 563 37.04 19.51 -47.71
C THR T 563 36.28 19.02 -46.48
N ILE T 564 36.66 17.84 -45.99
CA ILE T 564 35.98 17.21 -44.86
C ILE T 564 36.84 17.35 -43.61
N LEU T 565 36.21 17.72 -42.50
CA LEU T 565 36.88 17.82 -41.22
C LEU T 565 36.46 16.67 -40.30
N VAL T 566 37.03 16.65 -39.09
CA VAL T 566 36.71 15.66 -38.08
C VAL T 566 36.84 16.31 -36.71
N VAL T 567 35.77 16.24 -35.92
CA VAL T 567 35.77 16.75 -34.55
C VAL T 567 35.07 15.73 -33.66
N THR T 568 35.29 15.87 -32.34
CA THR T 568 34.73 14.96 -31.36
C THR T 568 34.31 15.72 -30.11
N ILE T 569 33.24 15.26 -29.49
CA ILE T 569 32.73 15.83 -28.24
C ILE T 569 32.71 14.73 -27.19
N GLU T 570 33.31 15.00 -26.03
CA GLU T 570 33.40 14.03 -24.94
C GLU T 570 32.80 14.65 -23.69
N PRO T 571 31.52 14.38 -23.40
CA PRO T 571 30.90 15.01 -22.23
C PRO T 571 31.41 14.49 -20.90
N GLN T 572 31.87 13.24 -20.83
CA GLN T 572 32.27 12.63 -19.58
C GLN T 572 33.76 12.79 -19.28
N ALA T 573 34.42 13.80 -19.82
CA ALA T 573 35.84 14.03 -19.60
C ALA T 573 36.04 15.17 -18.61
N GLY T 574 37.21 15.22 -18.00
CA GLY T 574 37.52 16.25 -17.03
C GLY T 574 37.63 17.63 -17.69
N ASN T 575 38.13 18.58 -16.88
CA ASN T 575 38.26 19.96 -17.35
C ASN T 575 39.65 20.27 -17.90
N THR T 576 40.56 19.32 -17.89
CA THR T 576 41.93 19.54 -18.34
C THR T 576 42.32 18.53 -19.40
N ILE T 577 43.07 18.99 -20.40
CA ILE T 577 43.59 18.12 -21.45
C ILE T 577 45.08 18.37 -21.61
N ASP T 578 45.90 17.52 -20.96
CA ASP T 578 47.35 17.61 -21.08
C ASP T 578 47.86 18.95 -20.58
N SER T 579 47.55 19.30 -19.32
CA SER T 579 48.08 20.49 -18.68
C SER T 579 47.47 21.77 -19.24
N TYR T 580 46.46 21.64 -20.10
CA TYR T 580 45.76 22.82 -20.60
C TYR T 580 44.29 22.75 -20.22
N VAL T 581 43.66 23.92 -20.16
CA VAL T 581 42.25 24.02 -19.78
C VAL T 581 41.40 24.15 -21.03
N ARG T 582 40.38 23.31 -21.14
CA ARG T 582 39.56 23.28 -22.34
C ARG T 582 38.70 24.54 -22.43
N PRO T 583 38.59 25.17 -23.59
CA PRO T 583 37.73 26.35 -23.72
C PRO T 583 36.30 25.97 -24.07
N PHE T 584 35.43 26.99 -23.99
CA PHE T 584 34.04 26.86 -24.41
C PHE T 584 33.86 27.39 -25.84
N SER T 585 34.35 26.61 -26.79
CA SER T 585 34.29 27.00 -28.19
C SER T 585 34.31 25.75 -29.07
N ASP T 586 33.91 25.93 -30.32
CA ASP T 586 33.82 24.83 -31.28
C ASP T 586 35.04 24.84 -32.21
N VAL T 587 35.46 23.64 -32.60
CA VAL T 587 36.53 23.44 -33.58
C VAL T 587 37.73 24.32 -33.22
N TYR T 588 38.21 24.21 -31.98
CA TYR T 588 39.28 25.07 -31.51
C TYR T 588 40.65 24.44 -31.78
N LEU T 589 41.62 25.30 -32.07
CA LEU T 589 43.01 24.89 -32.31
C LEU T 589 43.93 25.67 -31.38
N ARG T 590 45.13 25.15 -31.19
CA ARG T 590 46.14 25.82 -30.39
C ARG T 590 47.09 26.60 -31.28
N VAL T 591 47.52 27.77 -30.81
CA VAL T 591 48.36 28.66 -31.58
C VAL T 591 49.19 29.50 -30.62
N THR T 592 50.30 30.03 -31.13
CA THR T 592 51.23 30.85 -30.35
C THR T 592 51.04 32.31 -30.74
N ILE T 593 51.11 33.20 -29.75
CA ILE T 593 50.94 34.63 -29.96
C ILE T 593 52.25 35.32 -29.58
N THR T 594 52.75 36.16 -30.48
CA THR T 594 53.96 36.92 -30.24
C THR T 594 53.75 38.36 -30.69
N ASP T 595 54.13 39.30 -29.83
CA ASP T 595 53.98 40.72 -30.11
C ASP T 595 52.53 41.09 -30.42
N ARG T 596 51.59 40.44 -29.72
CA ARG T 596 50.17 40.73 -29.87
C ARG T 596 49.70 40.54 -31.31
N GLN T 597 50.22 39.51 -31.99
CA GLN T 597 49.85 39.23 -33.36
C GLN T 597 50.00 37.75 -33.65
N PHE T 598 49.19 37.25 -34.58
CA PHE T 598 49.29 35.88 -35.04
C PHE T 598 48.48 35.76 -36.33
N ALA T 599 48.61 34.60 -36.97
CA ALA T 599 47.94 34.32 -38.24
C ALA T 599 46.72 33.45 -38.01
N LEU T 600 45.61 33.84 -38.63
CA LEU T 600 44.35 33.12 -38.46
C LEU T 600 44.46 31.75 -39.12
N PRO T 601 44.15 30.66 -38.41
CA PRO T 601 44.21 29.34 -39.05
C PRO T 601 43.23 29.23 -40.21
N THR T 602 43.60 28.38 -41.18
CA THR T 602 42.86 28.32 -42.44
C THR T 602 41.43 27.85 -42.22
N ARG T 603 41.21 26.84 -41.39
CA ARG T 603 39.90 26.22 -41.27
C ARG T 603 38.86 27.10 -40.59
N LEU T 604 39.18 28.34 -40.20
CA LEU T 604 38.19 29.24 -39.61
C LEU T 604 37.91 30.46 -40.48
N ARG T 605 38.62 30.63 -41.59
CA ARG T 605 38.41 31.80 -42.43
C ARG T 605 37.02 31.81 -43.04
N ALA T 606 36.51 30.66 -43.46
CA ALA T 606 35.20 30.60 -44.07
C ALA T 606 34.10 30.92 -43.07
N ALA T 607 34.19 30.35 -41.86
CA ALA T 607 33.13 30.57 -40.87
C ALA T 607 33.08 32.02 -40.43
N VAL T 608 34.23 32.61 -40.09
CA VAL T 608 34.24 33.99 -39.63
C VAL T 608 33.75 34.93 -40.73
N GLY T 609 33.94 34.54 -42.00
CA GLY T 609 33.49 35.37 -43.10
C GLY T 609 32.00 35.34 -43.33
N SER T 610 31.26 34.50 -42.59
CA SER T 610 29.83 34.34 -42.78
C SER T 610 29.06 34.62 -41.49
N GLY T 611 29.65 35.42 -40.60
CA GLY T 611 28.97 35.86 -39.40
C GLY T 611 29.33 35.13 -38.13
N GLU T 612 30.09 34.04 -38.22
CA GLU T 612 30.49 33.31 -37.03
C GLU T 612 31.39 34.18 -36.15
N GLY T 613 31.24 34.04 -34.83
CA GLY T 613 31.99 34.87 -33.90
C GLY T 613 33.31 34.26 -33.47
N LEU T 614 34.40 34.98 -33.71
CA LEU T 614 35.72 34.50 -33.32
C LEU T 614 35.89 34.63 -31.81
N PHE T 615 36.44 33.59 -31.18
CA PHE T 615 36.61 33.54 -29.75
C PHE T 615 38.03 33.11 -29.41
N ILE T 616 38.63 33.77 -28.42
CA ILE T 616 39.99 33.49 -27.98
C ILE T 616 39.98 33.31 -26.46
N THR T 617 40.89 32.47 -25.96
CA THR T 617 40.97 32.19 -24.54
C THR T 617 42.42 31.91 -24.16
N PHE T 618 42.73 32.12 -22.89
CA PHE T 618 44.02 31.69 -22.35
C PHE T 618 44.11 30.18 -22.35
N ALA T 619 45.34 29.66 -22.45
CA ALA T 619 45.57 28.23 -22.55
C ALA T 619 46.37 27.65 -21.38
N ASP T 620 47.07 28.48 -20.62
CA ASP T 620 47.97 27.99 -19.59
C ASP T 620 47.86 28.88 -18.37
N THR T 621 48.72 28.60 -17.38
CA THR T 621 48.88 29.40 -16.16
C THR T 621 47.56 29.56 -15.40
N SER T 622 47.59 30.32 -14.31
CA SER T 622 46.42 30.42 -13.44
C SER T 622 45.24 31.05 -14.15
N MET T 623 45.49 31.97 -15.09
CA MET T 623 44.41 32.63 -15.80
C MET T 623 43.83 31.79 -16.94
N GLY T 624 44.13 30.50 -17.00
CA GLY T 624 43.64 29.66 -18.07
C GLY T 624 42.12 29.61 -18.16
N GLY T 625 41.59 29.80 -19.36
CA GLY T 625 40.17 29.75 -19.60
C GLY T 625 39.49 31.10 -19.70
N MET T 626 40.22 32.20 -19.50
CA MET T 626 39.61 33.51 -19.48
C MET T 626 39.57 34.13 -20.87
N TRP T 627 38.57 34.97 -21.09
CA TRP T 627 38.33 35.55 -22.40
C TRP T 627 39.37 36.63 -22.72
N VAL T 628 39.75 36.71 -23.99
CA VAL T 628 40.54 37.81 -24.52
C VAL T 628 39.96 38.20 -25.88
N GLY T 629 40.17 39.46 -26.27
CA GLY T 629 39.55 40.01 -27.44
C GLY T 629 40.56 40.40 -28.51
N TYR T 630 40.04 40.83 -29.65
CA TYR T 630 40.84 41.24 -30.80
C TYR T 630 40.34 42.59 -31.30
N GLU T 631 41.19 43.28 -32.07
CA GLU T 631 40.89 44.62 -32.52
C GLU T 631 40.73 44.77 -34.03
N SER T 632 41.39 43.93 -34.83
CA SER T 632 41.31 44.07 -36.28
C SER T 632 41.75 42.79 -36.96
N ILE T 633 41.39 42.66 -38.22
CA ILE T 633 41.79 41.54 -39.07
C ILE T 633 42.15 42.10 -40.45
N ASP T 634 43.37 41.87 -40.89
CA ASP T 634 43.82 42.38 -42.18
C ASP T 634 43.12 41.64 -43.31
N PRO T 635 42.38 42.32 -44.19
CA PRO T 635 41.67 41.60 -45.25
C PRO T 635 42.57 40.85 -46.21
N THR T 636 43.82 41.28 -46.38
CA THR T 636 44.69 40.67 -47.38
C THR T 636 45.49 39.50 -46.82
N THR T 637 46.01 39.62 -45.61
CA THR T 637 46.86 38.59 -45.02
C THR T 637 46.23 37.85 -43.85
N TYR T 638 45.06 38.24 -43.38
CA TYR T 638 44.38 37.55 -42.29
C TYR T 638 45.21 37.54 -41.01
N VAL T 639 45.89 38.65 -40.73
CA VAL T 639 46.60 38.78 -39.46
C VAL T 639 45.68 39.43 -38.43
N VAL T 640 45.77 38.96 -37.19
CA VAL T 640 44.89 39.39 -36.12
C VAL T 640 45.72 40.08 -35.05
N THR T 641 45.19 41.17 -34.51
CA THR T 641 45.83 41.93 -33.45
C THR T 641 44.96 41.86 -32.21
N THR T 642 45.56 41.48 -31.09
CA THR T 642 44.82 41.29 -29.85
C THR T 642 44.81 42.59 -29.03
N VAL T 643 44.02 42.56 -27.95
CA VAL T 643 43.90 43.71 -27.06
C VAL T 643 45.19 43.89 -26.28
N ARG T 644 45.33 45.03 -25.62
CA ARG T 644 46.58 45.39 -24.97
C ARG T 644 46.89 44.48 -23.79
N ASN T 645 48.19 44.37 -23.49
CA ASN T 645 48.72 43.75 -22.27
C ASN T 645 48.51 42.24 -22.20
N VAL T 646 48.50 41.55 -23.34
CA VAL T 646 48.48 40.09 -23.33
C VAL T 646 49.92 39.59 -23.50
N PRO T 647 50.43 38.76 -22.58
CA PRO T 647 51.81 38.30 -22.72
C PRO T 647 51.95 37.16 -23.72
N ASP T 648 53.18 36.94 -24.16
CA ASP T 648 53.46 35.88 -25.12
C ASP T 648 53.27 34.51 -24.48
N GLY T 649 52.69 33.59 -25.24
CA GLY T 649 52.47 32.24 -24.75
C GLY T 649 51.54 31.47 -25.67
N GLU T 650 50.89 30.46 -25.11
CA GLU T 650 49.99 29.58 -25.84
C GLU T 650 48.55 30.04 -25.64
N TYR T 651 47.74 29.89 -26.69
CA TYR T 651 46.35 30.32 -26.64
C TYR T 651 45.51 29.41 -27.54
N PHE T 652 44.21 29.39 -27.26
CA PHE T 652 43.23 28.69 -28.07
C PHE T 652 42.43 29.68 -28.91
N VAL T 653 41.85 29.18 -30.00
CA VAL T 653 41.06 29.99 -30.90
C VAL T 653 39.91 29.13 -31.43
N GLY T 654 38.71 29.67 -31.42
CA GLY T 654 37.55 28.90 -31.85
C GLY T 654 36.36 29.79 -32.14
N LEU T 655 35.17 29.20 -32.00
CA LEU T 655 33.92 29.86 -32.32
C LEU T 655 32.94 29.74 -31.16
N ARG T 656 31.90 30.57 -31.20
CA ARG T 656 30.95 30.67 -30.09
C ARG T 656 29.68 29.88 -30.38
N TYR T 657 28.90 29.67 -29.32
CA TYR T 657 27.57 29.06 -29.44
C TYR T 657 26.74 29.44 -28.22
N THR T 658 25.44 29.20 -28.32
CA THR T 658 24.49 29.58 -27.27
C THR T 658 23.96 28.33 -26.57
N SER T 659 23.43 28.54 -25.36
CA SER T 659 23.01 27.45 -24.48
C SER T 659 21.63 27.75 -23.87
N VAL T 660 20.67 28.11 -24.72
CA VAL T 660 19.33 28.49 -24.29
C VAL T 660 18.71 27.39 -23.42
N LEU T 661 17.86 27.81 -22.47
CA LEU T 661 17.04 26.91 -21.67
C LEU T 661 15.77 27.64 -21.26
N SER T 662 14.70 26.87 -21.04
CA SER T 662 13.40 27.47 -20.73
C SER T 662 12.57 26.53 -19.85
N PRO T 663 12.37 26.85 -18.57
CA PRO T 663 11.57 25.97 -17.72
C PRO T 663 10.10 25.96 -18.13
N THR T 664 9.30 25.19 -17.39
CA THR T 664 7.86 25.12 -17.58
C THR T 664 7.15 25.87 -16.47
N PRO T 665 6.04 26.56 -16.75
CA PRO T 665 5.40 27.36 -15.71
C PRO T 665 4.90 26.49 -14.57
N PRO T 666 4.85 27.03 -13.35
CA PRO T 666 4.39 26.22 -12.21
C PRO T 666 2.92 25.82 -12.33
N LEU T 667 2.48 25.01 -11.37
CA LEU T 667 1.10 24.53 -11.33
C LEU T 667 0.68 24.38 -9.87
N VAL T 668 -0.64 24.44 -9.66
CA VAL T 668 -1.25 24.22 -8.35
C VAL T 668 -1.96 22.88 -8.37
N ARG T 669 -1.72 22.05 -7.35
CA ARG T 669 -2.21 20.68 -7.33
C ARG T 669 -2.69 20.35 -5.93
N ASP T 670 -3.93 19.88 -5.83
CA ASP T 670 -4.54 19.57 -4.55
C ASP T 670 -4.09 18.20 -4.05
N ALA T 671 -4.76 17.71 -3.00
CA ALA T 671 -4.35 16.47 -2.36
C ALA T 671 -4.43 15.28 -3.32
N ASN T 672 -5.50 15.19 -4.10
CA ASN T 672 -5.71 14.05 -4.99
C ASN T 672 -4.96 14.17 -6.30
N GLY T 673 -4.22 15.25 -6.51
CA GLY T 673 -3.44 15.42 -7.72
C GLY T 673 -4.13 16.20 -8.82
N ILE T 674 -5.36 16.67 -8.60
CA ILE T 674 -6.07 17.41 -9.63
C ILE T 674 -5.48 18.82 -9.74
N VAL T 675 -5.56 19.39 -10.94
CA VAL T 675 -5.02 20.72 -11.20
C VAL T 675 -6.15 21.74 -11.08
N ILE T 676 -5.86 22.85 -10.38
CA ILE T 676 -6.85 23.89 -10.12
C ILE T 676 -6.19 25.25 -10.25
N GLY T 677 -7.01 26.27 -10.46
CA GLY T 677 -6.56 27.64 -10.51
C GLY T 677 -5.71 28.00 -11.71
N THR T 678 -6.01 27.47 -12.89
CA THR T 678 -5.23 27.79 -14.08
C THR T 678 -5.41 29.24 -14.51
N TYR T 679 -6.51 29.88 -14.12
CA TYR T 679 -6.80 31.26 -14.53
C TYR T 679 -6.94 32.17 -13.32
N GLN T 680 -6.62 31.67 -12.13
CA GLN T 680 -6.80 32.45 -10.91
C GLN T 680 -5.55 32.35 -10.03
N SER T 681 -4.37 32.45 -10.65
CA SER T 681 -3.12 32.39 -9.92
C SER T 681 -2.16 33.40 -10.54
N LEU T 682 -1.26 33.94 -9.72
CA LEU T 682 -0.30 34.95 -10.13
C LEU T 682 1.09 34.55 -9.65
N LEU T 683 2.09 34.76 -10.50
CA LEU T 683 3.46 34.40 -10.19
C LEU T 683 4.23 35.65 -9.80
N VAL T 684 5.05 35.55 -8.75
CA VAL T 684 5.72 36.72 -8.20
C VAL T 684 7.21 36.70 -8.48
N ARG T 685 7.86 35.54 -8.38
CA ARG T 685 9.32 35.54 -8.35
C ARG T 685 9.85 34.16 -8.70
N TYR T 686 11.12 34.13 -9.10
CA TYR T 686 11.91 32.91 -9.25
C TYR T 686 13.12 32.96 -8.34
N GLU T 687 13.50 31.81 -7.79
CA GLU T 687 14.72 31.65 -7.02
C GLU T 687 15.58 30.62 -7.72
N LEU T 688 16.84 30.96 -7.97
CA LEU T 688 17.76 30.10 -8.72
C LEU T 688 19.00 29.82 -7.87
N THR T 689 19.36 28.55 -7.75
CA THR T 689 20.57 28.13 -7.07
C THR T 689 21.55 27.57 -8.09
N LEU T 690 22.77 28.12 -8.10
CA LEU T 690 23.76 27.79 -9.13
C LEU T 690 25.01 27.25 -8.47
N LYS T 691 25.49 26.10 -8.96
CA LYS T 691 26.71 25.50 -8.46
C LYS T 691 27.96 26.21 -8.95
N ASP T 692 27.92 26.77 -10.15
CA ASP T 692 29.01 27.59 -10.67
C ASP T 692 28.51 28.30 -11.92
N SER T 693 28.82 29.58 -12.02
CA SER T 693 28.28 30.38 -13.12
C SER T 693 28.85 31.78 -13.05
N GLY T 694 28.72 32.50 -14.16
CA GLY T 694 29.01 33.92 -14.20
C GLY T 694 27.77 34.70 -14.56
N GLU T 695 27.92 35.80 -15.29
CA GLU T 695 26.76 36.56 -15.73
C GLU T 695 26.04 35.85 -16.87
N PHE T 696 24.72 35.91 -16.83
CA PHE T 696 23.88 35.35 -17.89
C PHE T 696 22.81 36.38 -18.23
N HIS T 697 21.88 35.98 -19.10
CA HIS T 697 20.87 36.88 -19.62
C HIS T 697 19.51 36.21 -19.50
N ALA T 698 18.53 36.97 -19.00
CA ALA T 698 17.19 36.45 -18.75
C ALA T 698 16.15 37.36 -19.38
N ILE T 699 15.14 36.75 -20.00
CA ILE T 699 14.03 37.48 -20.61
C ILE T 699 12.74 36.82 -20.16
N ILE T 700 11.80 37.63 -19.67
CA ILE T 700 10.46 37.17 -19.31
C ILE T 700 9.46 38.00 -20.11
N THR T 701 8.52 37.34 -20.76
CA THR T 701 7.54 38.00 -21.61
C THR T 701 6.16 37.45 -21.34
N ASP T 702 5.16 38.27 -21.62
CA ASP T 702 3.75 37.91 -21.45
C ASP T 702 3.10 37.82 -22.82
N SER T 703 1.78 37.61 -22.81
CA SER T 703 1.03 37.44 -24.04
C SER T 703 1.19 38.62 -24.99
N SER T 704 1.40 39.82 -24.44
CA SER T 704 1.37 41.04 -25.24
C SER T 704 2.49 42.02 -24.93
N ARG T 705 3.33 41.77 -23.93
CA ARG T 705 4.35 42.75 -23.56
C ARG T 705 5.49 42.07 -22.82
N THR T 706 6.64 42.74 -22.82
CA THR T 706 7.78 42.28 -22.05
C THR T 706 7.69 42.79 -20.62
N LEU T 707 8.13 41.97 -19.67
CA LEU T 707 8.08 42.31 -18.25
C LEU T 707 9.46 42.53 -17.64
N THR T 708 10.39 41.61 -17.86
CA THR T 708 11.72 41.70 -17.27
C THR T 708 12.77 41.49 -18.34
N ASP T 709 13.94 42.09 -18.14
CA ASP T 709 15.05 41.97 -19.08
C ASP T 709 16.29 42.56 -18.44
N GLY T 710 17.44 41.98 -18.78
CA GLY T 710 18.72 42.42 -18.28
C GLY T 710 19.56 41.27 -17.77
N ASN T 711 20.83 41.59 -17.52
CA ASN T 711 21.78 40.60 -17.06
C ASN T 711 21.66 40.35 -15.56
N TYR T 712 22.05 39.15 -15.14
CA TYR T 712 22.07 38.79 -13.72
C TYR T 712 23.34 37.99 -13.46
N SER T 713 23.73 37.91 -12.19
CA SER T 713 24.94 37.22 -11.80
C SER T 713 24.82 36.77 -10.35
N SER T 714 25.65 35.81 -9.97
CA SER T 714 25.72 35.31 -8.61
C SER T 714 27.02 35.65 -7.90
N LEU T 715 27.87 36.47 -8.50
CA LEU T 715 29.15 36.86 -7.93
C LEU T 715 29.06 38.32 -7.48
N VAL T 716 29.37 38.58 -6.22
CA VAL T 716 29.20 39.90 -5.63
C VAL T 716 30.57 40.50 -5.36
N TYR T 717 30.57 41.80 -5.04
CA TYR T 717 31.81 42.55 -4.87
C TYR T 717 32.54 42.23 -3.58
N SER T 718 31.90 41.52 -2.66
CA SER T 718 32.49 41.17 -1.37
C SER T 718 32.88 39.71 -1.27
N SER T 719 32.96 39.00 -2.40
CA SER T 719 33.32 37.60 -2.42
C SER T 719 34.80 37.44 -2.74
N THR T 720 35.48 36.58 -1.98
CA THR T 720 36.91 36.36 -2.16
C THR T 720 37.19 35.72 -3.52
N GLU T 721 36.16 35.17 -4.15
CA GLU T 721 36.31 34.56 -5.47
C GLU T 721 36.66 35.58 -6.54
N LEU T 722 36.38 36.85 -6.32
CA LEU T 722 36.62 37.90 -7.32
C LEU T 722 38.01 38.48 -7.07
N LEU T 723 38.95 38.13 -7.92
CA LEU T 723 40.32 38.65 -7.85
C LEU T 723 40.80 38.94 -9.27
N PRO T 724 41.72 39.88 -9.44
CA PRO T 724 42.37 40.05 -10.74
C PRO T 724 43.32 38.89 -11.04
N ASN T 725 43.37 38.49 -12.30
CA ASN T 725 44.16 37.37 -12.79
C ASN T 725 43.60 36.03 -12.35
N ASN T 726 42.31 35.94 -12.05
CA ASN T 726 41.62 34.71 -11.72
C ASN T 726 40.29 34.66 -12.47
N PRO T 727 39.75 33.45 -12.70
CA PRO T 727 38.45 33.37 -13.37
C PRO T 727 37.34 33.97 -12.52
N THR T 728 36.33 34.52 -13.20
CA THR T 728 35.21 35.18 -12.53
C THR T 728 34.04 34.20 -12.40
N ASP T 729 34.15 33.31 -11.42
CA ASP T 729 33.13 32.32 -11.13
C ASP T 729 32.96 32.19 -9.63
N ALA T 730 31.75 31.82 -9.22
CA ALA T 730 31.40 31.64 -7.81
C ALA T 730 31.01 30.19 -7.56
N SER T 731 31.60 29.59 -6.52
CA SER T 731 31.36 28.19 -6.21
C SER T 731 29.94 27.92 -5.74
N LEU T 732 29.21 28.94 -5.29
CA LEU T 732 27.85 28.76 -4.82
C LEU T 732 27.20 30.12 -4.63
N GLY T 733 25.95 30.25 -5.06
CA GLY T 733 25.27 31.52 -4.98
C GLY T 733 23.81 31.36 -5.34
N ARG T 734 23.13 32.51 -5.45
CA ARG T 734 21.71 32.53 -5.73
C ARG T 734 21.36 33.79 -6.50
N THR T 735 20.20 33.76 -7.16
CA THR T 735 19.70 34.89 -7.93
C THR T 735 18.19 34.95 -7.80
N ILE T 736 17.64 36.16 -7.95
CA ILE T 736 16.21 36.40 -7.79
C ILE T 736 15.72 37.22 -8.99
N ILE T 737 14.55 36.86 -9.50
CA ILE T 737 13.99 37.50 -10.69
C ILE T 737 12.51 37.79 -10.46
N PRO T 738 12.04 39.01 -10.67
CA PRO T 738 10.61 39.30 -10.53
C PRO T 738 9.85 39.13 -11.83
N VAL T 739 8.59 38.69 -11.70
CA VAL T 739 7.74 38.45 -12.85
C VAL T 739 6.47 39.31 -12.75
N ARG T 740 5.69 39.09 -11.71
CA ARG T 740 4.44 39.84 -11.51
C ARG T 740 3.49 39.72 -12.69
N ALA T 741 2.99 38.52 -12.96
CA ALA T 741 2.03 38.31 -14.02
C ALA T 741 1.36 36.96 -13.82
N GLN T 742 0.35 36.69 -14.65
CA GLN T 742 -0.38 35.44 -14.57
C GLN T 742 0.57 34.27 -14.74
N ALA T 743 0.35 33.20 -13.99
CA ALA T 743 1.34 32.12 -13.91
C ALA T 743 1.58 31.46 -15.27
N GLN T 744 0.51 31.02 -15.93
CA GLN T 744 0.64 30.19 -17.12
C GLN T 744 0.79 31.00 -18.41
N ASP T 745 0.55 32.30 -18.39
CA ASP T 745 0.71 33.13 -19.58
C ASP T 745 2.08 33.79 -19.59
N THR T 746 3.14 32.98 -19.48
CA THR T 746 4.50 33.51 -19.40
C THR T 746 5.45 32.59 -20.15
N VAL T 747 6.56 33.17 -20.59
CA VAL T 747 7.66 32.43 -21.21
C VAL T 747 8.96 32.96 -20.63
N ALA T 748 9.85 32.05 -20.23
CA ALA T 748 11.11 32.42 -19.60
C ALA T 748 12.25 31.71 -20.31
N THR T 749 13.35 32.43 -20.52
CA THR T 749 14.53 31.87 -21.16
C THR T 749 15.78 32.41 -20.48
N PHE T 750 16.84 31.61 -20.49
CA PHE T 750 18.13 31.99 -19.94
C PHE T 750 19.21 31.64 -20.94
N GLU T 751 20.01 32.63 -21.32
CA GLU T 751 21.04 32.47 -22.33
C GLU T 751 22.43 32.67 -21.72
N ALA T 752 23.42 32.06 -22.37
CA ALA T 752 24.81 32.24 -21.99
C ALA T 752 25.69 31.77 -23.14
N ASN T 753 26.55 32.69 -23.62
CA ASN T 753 27.42 32.39 -24.76
C ASN T 753 28.82 32.93 -24.50
N ALA T 754 29.36 32.69 -23.32
CA ALA T 754 30.65 33.24 -22.92
C ALA T 754 31.48 32.11 -22.32
N ASP T 755 32.62 32.47 -21.72
CA ASP T 755 33.58 31.46 -21.26
C ASP T 755 33.16 30.82 -19.94
N THR T 756 32.08 31.30 -19.31
CA THR T 756 31.67 30.77 -18.03
C THR T 756 30.52 29.77 -18.19
N ASP T 757 30.46 28.83 -17.25
CA ASP T 757 29.45 27.79 -17.27
C ASP T 757 28.12 28.34 -16.73
N LEU T 758 27.08 27.49 -16.77
CA LEU T 758 25.79 27.81 -16.18
C LEU T 758 25.16 26.49 -15.73
N CYS T 759 25.30 26.19 -14.43
CA CYS T 759 24.80 24.94 -13.87
C CYS T 759 23.68 25.27 -12.90
N ILE T 760 22.50 24.72 -13.15
CA ILE T 760 21.31 25.01 -12.35
C ILE T 760 21.03 23.81 -11.46
N LEU T 761 21.07 24.02 -10.15
CA LEU T 761 20.83 22.93 -9.21
C LEU T 761 19.37 22.82 -8.79
N ASP T 762 18.70 23.96 -8.58
CA ASP T 762 17.31 23.95 -8.13
C ASP T 762 16.65 25.25 -8.53
N ILE T 763 15.32 25.24 -8.56
CA ILE T 763 14.52 26.41 -8.89
C ILE T 763 13.36 26.49 -7.91
N GLU T 764 13.07 27.69 -7.44
CA GLU T 764 11.98 27.94 -6.50
C GLU T 764 11.22 29.19 -6.93
N TYR T 765 9.97 29.27 -6.48
CA TYR T 765 9.09 30.35 -6.87
C TYR T 765 8.21 30.77 -5.70
N VAL T 766 7.56 31.91 -5.84
CA VAL T 766 6.59 32.41 -4.88
C VAL T 766 5.26 32.58 -5.62
N LEU T 767 4.22 31.95 -5.10
CA LEU T 767 2.92 31.90 -5.76
C LEU T 767 1.87 32.54 -4.87
N GLN T 768 1.01 33.36 -5.48
CA GLN T 768 -0.07 34.05 -4.77
C GLN T 768 -1.40 33.50 -5.27
N TYR T 769 -1.99 32.60 -4.48
CA TYR T 769 -3.28 32.00 -4.81
C TYR T 769 -4.12 31.95 -3.54
N ARG T 770 -5.40 32.30 -3.67
CA ARG T 770 -6.27 32.45 -2.51
C ARG T 770 -7.64 31.87 -2.84
N ALA T 771 -7.94 30.70 -2.27
CA ALA T 771 -9.28 30.13 -2.40
C ALA T 771 -10.23 30.81 -1.44
N ARG T 772 -11.50 30.95 -1.86
CA ARG T 772 -12.50 31.65 -1.07
C ARG T 772 -13.73 30.78 -0.81
N ARG T 773 -13.65 29.49 -1.11
CA ARG T 773 -14.71 28.55 -0.73
C ARG T 773 -14.07 27.20 -0.47
N LYS T 774 -14.67 26.44 0.44
CA LYS T 774 -14.22 25.09 0.73
C LYS T 774 -14.40 24.23 -0.52
N ARG T 775 -13.84 23.02 -0.49
CA ARG T 775 -13.88 22.13 -1.64
C ARG T 775 -14.56 20.82 -1.26
N ILE T 776 -15.33 20.28 -2.20
CA ILE T 776 -16.06 19.05 -1.98
C ILE T 776 -16.88 18.71 -3.22
N ALA U 2 15.82 25.82 16.86
CA ALA U 2 16.77 24.87 16.29
C ALA U 2 16.20 23.47 16.29
N PHE U 3 16.61 22.67 15.31
CA PHE U 3 16.14 21.30 15.16
C PHE U 3 17.33 20.36 15.23
N ASP U 4 17.03 19.06 15.33
CA ASP U 4 18.06 18.03 15.36
C ASP U 4 17.79 16.97 14.30
N GLY U 5 18.65 15.98 14.22
CA GLY U 5 18.50 14.94 13.21
C GLY U 5 19.58 13.89 13.35
N SER U 6 19.55 12.94 12.43
CA SER U 6 20.50 11.84 12.44
C SER U 6 20.70 11.32 11.02
N ILE U 7 21.94 10.97 10.70
CA ILE U 7 22.25 10.37 9.41
C ILE U 7 21.85 8.90 9.45
N LYS U 8 21.21 8.43 8.38
CA LYS U 8 20.59 7.11 8.42
C LYS U 8 21.61 6.00 8.62
N SER U 9 22.65 5.97 7.80
CA SER U 9 23.64 4.90 7.88
C SER U 9 24.89 5.31 7.12
N LEU U 10 25.93 4.48 7.23
CA LEU U 10 27.22 4.72 6.63
C LEU U 10 27.77 3.46 5.97
N LEU U 11 26.92 2.74 5.23
CA LEU U 11 27.28 1.43 4.71
C LEU U 11 27.07 1.30 3.20
N GLN U 12 27.25 2.37 2.43
CA GLN U 12 27.10 2.32 0.99
C GLN U 12 28.31 2.88 0.25
N GLY U 13 29.43 3.08 0.95
CA GLY U 13 30.65 3.45 0.27
C GLY U 13 30.62 4.83 -0.36
N VAL U 14 31.60 5.05 -1.25
CA VAL U 14 31.83 6.37 -1.81
C VAL U 14 30.83 6.65 -2.94
N SER U 15 30.66 7.95 -3.23
CA SER U 15 29.84 8.39 -4.35
C SER U 15 30.38 9.73 -4.82
N GLN U 16 29.96 10.12 -6.03
CA GLN U 16 30.44 11.35 -6.65
C GLN U 16 29.32 12.18 -7.28
N GLN U 17 28.06 11.87 -6.98
CA GLN U 17 26.96 12.72 -7.42
C GLN U 17 26.82 13.92 -6.50
N VAL U 18 26.06 14.91 -6.95
CA VAL U 18 25.76 16.08 -6.13
C VAL U 18 24.92 15.60 -4.95
N PRO U 19 24.99 16.27 -3.80
CA PRO U 19 24.30 15.74 -2.60
C PRO U 19 22.80 15.59 -2.79
N ARG U 20 22.19 16.32 -3.74
CA ARG U 20 20.75 16.24 -3.92
C ARG U 20 20.29 14.84 -4.29
N GLU U 21 21.16 14.04 -4.93
CA GLU U 21 20.74 12.80 -5.54
C GLU U 21 21.35 11.54 -4.93
N ARG U 22 22.31 11.68 -4.01
CA ARG U 22 22.94 10.51 -3.43
C ARG U 22 21.92 9.66 -2.68
N LEU U 23 22.08 8.35 -2.77
CA LEU U 23 21.20 7.44 -2.05
C LEU U 23 21.54 7.44 -0.56
N ASP U 24 20.67 6.81 0.22
CA ASP U 24 20.84 6.74 1.67
C ASP U 24 22.03 5.86 2.02
N GLY U 25 22.94 6.37 2.84
CA GLY U 25 24.09 5.61 3.31
C GLY U 25 25.39 5.89 2.60
N GLN U 26 25.36 6.57 1.46
CA GLN U 26 26.60 6.85 0.73
C GLN U 26 27.37 7.99 1.40
N VAL U 27 28.69 7.92 1.27
CA VAL U 27 29.59 8.91 1.87
C VAL U 27 30.42 9.56 0.78
N SER U 28 31.32 10.46 1.16
CA SER U 28 32.05 11.26 0.19
C SER U 28 33.47 10.75 -0.02
N VAL U 29 34.11 10.27 1.04
CA VAL U 29 35.50 9.78 0.97
C VAL U 29 35.65 8.65 1.97
N GLN U 30 36.34 7.59 1.55
CA GLN U 30 36.68 6.48 2.43
C GLN U 30 38.06 5.97 2.02
N LEU U 31 38.88 5.61 3.01
CA LEU U 31 40.25 5.20 2.73
C LEU U 31 40.76 4.39 3.91
N ASN U 32 41.21 3.16 3.64
CA ASN U 32 41.73 2.27 4.68
C ASN U 32 40.69 1.99 5.75
N ARG U 33 39.42 2.12 5.41
CA ARG U 33 38.31 1.77 6.27
C ARG U 33 37.67 0.47 5.82
N LEU U 34 36.68 0.02 6.58
CA LEU U 34 35.85 -1.11 6.23
C LEU U 34 34.39 -0.70 6.25
N SER U 35 33.61 -1.27 5.33
CA SER U 35 32.17 -1.09 5.29
C SER U 35 31.46 -2.23 6.00
N ASP U 36 32.09 -2.77 7.03
CA ASP U 36 31.63 -3.98 7.67
C ASP U 36 30.26 -3.80 8.31
N VAL U 37 29.37 -4.76 8.08
CA VAL U 37 28.14 -4.85 8.84
C VAL U 37 28.44 -5.43 10.22
N VAL U 38 27.43 -5.38 11.09
CA VAL U 38 27.45 -6.00 12.42
C VAL U 38 28.46 -5.33 13.35
N ASN U 39 29.64 -4.99 12.84
CA ASN U 39 30.65 -4.31 13.64
C ASN U 39 30.74 -2.81 13.37
N GLY U 40 30.16 -2.33 12.26
CA GLY U 40 30.17 -0.91 11.98
C GLY U 40 31.30 -0.50 11.04
N ASN U 41 31.44 0.82 10.90
CA ASN U 41 32.42 1.41 9.99
C ASN U 41 33.72 1.71 10.76
N ARG U 42 34.57 0.69 10.83
CA ARG U 42 35.81 0.76 11.59
C ARG U 42 37.01 0.68 10.64
N ARG U 43 38.21 0.68 11.22
CA ARG U 43 39.44 0.61 10.45
C ARG U 43 39.76 -0.82 10.04
N ARG U 44 40.56 -0.95 8.99
CA ARG U 44 40.97 -2.28 8.53
C ARG U 44 42.14 -2.79 9.35
N PRO U 45 42.31 -4.12 9.45
CA PRO U 45 43.47 -4.65 10.15
C PRO U 45 44.75 -4.42 9.38
N GLY U 46 45.87 -4.81 9.99
CA GLY U 46 47.17 -4.63 9.36
C GLY U 46 47.53 -5.82 8.48
N ALA U 47 48.52 -5.61 7.62
CA ALA U 47 48.99 -6.66 6.74
C ALA U 47 50.15 -7.41 7.38
N ARG U 48 50.08 -8.74 7.35
CA ARG U 48 51.05 -9.60 8.02
C ARG U 48 52.07 -10.12 7.02
N TYR U 49 53.32 -10.21 7.45
CA TYR U 49 54.38 -10.69 6.57
C TYR U 49 54.51 -12.20 6.67
N LEU U 50 54.61 -12.86 5.52
CA LEU U 50 54.65 -14.32 5.47
C LEU U 50 56.01 -14.85 5.00
N ALA U 51 56.44 -14.43 3.81
CA ALA U 51 57.69 -14.92 3.24
C ALA U 51 57.94 -14.20 1.93
N ASP U 52 59.11 -14.49 1.33
CA ASP U 52 59.51 -13.91 0.06
C ASP U 52 59.70 -15.02 -0.97
N VAL U 53 59.12 -14.83 -2.15
CA VAL U 53 59.21 -15.84 -3.22
C VAL U 53 60.63 -15.83 -3.78
N PRO U 54 61.24 -16.99 -4.02
CA PRO U 54 62.62 -17.01 -4.59
C PRO U 54 62.63 -16.67 -6.08
N THR U 55 62.48 -15.39 -6.38
CA THR U 55 62.56 -14.91 -7.75
C THR U 55 62.89 -13.42 -7.71
N THR U 56 63.15 -12.85 -8.89
CA THR U 56 63.50 -11.44 -9.00
C THR U 56 62.80 -10.84 -10.20
N SER U 57 62.54 -9.54 -10.13
CA SER U 57 61.89 -8.81 -11.21
C SER U 57 62.11 -7.32 -11.02
N GLN U 58 62.10 -6.58 -12.13
CA GLN U 58 62.25 -5.13 -12.09
C GLN U 58 60.98 -4.40 -12.49
N TYR U 59 60.00 -5.09 -13.06
CA TYR U 59 58.78 -4.48 -13.56
C TYR U 59 57.58 -5.01 -12.79
N ASP U 60 56.48 -4.26 -12.87
CA ASP U 60 55.31 -4.50 -12.04
C ASP U 60 54.32 -5.49 -12.67
N ASP U 61 54.53 -5.91 -13.92
CA ASP U 61 53.53 -6.75 -14.58
C ASP U 61 54.12 -7.96 -15.30
N HIS U 62 55.28 -8.46 -14.88
CA HIS U 62 55.89 -9.62 -15.52
C HIS U 62 55.82 -10.84 -14.60
N VAL U 63 54.74 -10.95 -13.82
CA VAL U 63 54.57 -12.04 -12.87
C VAL U 63 53.15 -12.56 -12.97
N PHE U 64 52.99 -13.88 -12.84
CA PHE U 64 51.70 -14.53 -12.88
C PHE U 64 51.61 -15.52 -11.72
N ALA U 65 50.41 -15.65 -11.15
CA ALA U 65 50.22 -16.48 -9.97
C ALA U 65 48.86 -17.15 -10.01
N SER U 66 48.80 -18.38 -9.53
CA SER U 66 47.57 -19.17 -9.43
C SER U 66 47.89 -20.40 -8.60
N TYR U 67 46.92 -21.29 -8.45
CA TYR U 67 47.07 -22.46 -7.60
C TYR U 67 46.51 -23.69 -8.29
N VAL U 68 46.89 -24.87 -7.79
CA VAL U 68 46.40 -26.14 -8.29
C VAL U 68 46.34 -27.11 -7.11
N ASP U 69 45.42 -28.07 -7.19
CA ASP U 69 45.16 -29.00 -6.12
C ASP U 69 45.70 -30.39 -6.47
N VAL U 70 46.44 -30.99 -5.54
CA VAL U 70 46.96 -32.35 -5.68
C VAL U 70 46.52 -33.13 -4.45
N GLN U 71 45.73 -34.18 -4.67
CA GLN U 71 45.21 -34.99 -3.56
C GLN U 71 44.47 -34.09 -2.57
N ASP U 72 44.88 -34.11 -1.30
CA ASP U 72 44.28 -33.23 -0.30
C ASP U 72 45.01 -31.90 -0.16
N THR U 73 46.14 -31.72 -0.85
CA THR U 73 46.93 -30.52 -0.71
C THR U 73 46.58 -29.51 -1.80
N ALA U 74 46.87 -28.24 -1.52
CA ALA U 74 46.76 -27.17 -2.49
C ALA U 74 48.11 -26.47 -2.58
N ASN U 75 48.53 -26.15 -3.81
CA ASN U 75 49.87 -25.62 -4.06
C ASN U 75 49.78 -24.39 -4.94
N HIS U 76 50.77 -23.51 -4.79
CA HIS U 76 50.82 -22.28 -5.57
C HIS U 76 51.60 -22.49 -6.86
N VAL U 77 51.23 -21.75 -7.90
CA VAL U 77 51.93 -21.76 -9.18
C VAL U 77 52.35 -20.33 -9.48
N ILE U 78 53.65 -20.12 -9.68
CA ILE U 78 54.22 -18.81 -9.94
C ILE U 78 55.04 -18.89 -11.22
N ILE U 79 54.81 -17.94 -12.13
CA ILE U 79 55.50 -17.90 -13.42
C ILE U 79 56.07 -16.50 -13.60
N ASN U 80 57.34 -16.42 -13.99
CA ASN U 80 57.98 -15.17 -14.34
C ASN U 80 58.06 -15.10 -15.86
N THR U 81 57.46 -14.07 -16.44
CA THR U 81 57.26 -14.00 -17.88
C THR U 81 58.41 -13.32 -18.61
N GLU U 82 59.41 -12.81 -17.89
CA GLU U 82 60.55 -12.17 -18.56
C GLU U 82 61.60 -13.21 -18.93
N THR U 83 62.07 -13.97 -17.94
CA THR U 83 63.09 -15.00 -18.19
C THR U 83 62.47 -16.37 -18.43
N GLY U 84 61.15 -16.52 -18.31
CA GLY U 84 60.51 -17.79 -18.53
C GLY U 84 60.86 -18.83 -17.49
N GLN U 85 60.46 -18.58 -16.24
CA GLN U 85 60.72 -19.48 -15.13
C GLN U 85 59.40 -19.99 -14.56
N LEU U 86 59.42 -21.24 -14.09
CA LEU U 86 58.23 -21.89 -13.55
C LEU U 86 58.54 -22.36 -12.14
N LEU U 87 57.63 -22.07 -11.21
CA LEU U 87 57.82 -22.40 -9.80
C LEU U 87 56.57 -23.07 -9.25
N VAL U 88 56.77 -23.99 -8.31
CA VAL U 88 55.70 -24.61 -7.55
C VAL U 88 56.12 -24.62 -6.09
N ILE U 89 55.21 -24.18 -5.21
CA ILE U 89 55.53 -24.01 -3.79
C ILE U 89 54.44 -24.68 -2.97
N SER U 90 54.77 -25.04 -1.73
CA SER U 90 53.78 -25.60 -0.82
C SER U 90 52.87 -24.51 -0.30
N GLU U 91 51.75 -24.93 0.32
CA GLU U 91 50.75 -23.98 0.78
C GLU U 91 51.30 -23.00 1.82
N ASP U 92 52.33 -23.39 2.56
CA ASP U 92 52.87 -22.57 3.64
C ASP U 92 54.16 -21.86 3.27
N PHE U 93 54.57 -21.89 1.99
CA PHE U 93 55.78 -21.25 1.53
C PHE U 93 57.04 -21.79 2.20
N SER U 94 57.02 -23.07 2.62
CA SER U 94 58.13 -23.63 3.37
C SER U 94 59.07 -24.46 2.50
N THR U 95 58.59 -25.00 1.37
CA THR U 95 59.40 -25.86 0.52
C THR U 95 59.10 -25.55 -0.94
N THR U 96 60.07 -25.85 -1.80
CA THR U 96 59.93 -25.68 -3.24
C THR U 96 59.85 -27.07 -3.87
N LEU U 97 58.77 -27.31 -4.63
CA LEU U 97 58.54 -28.63 -5.20
C LEU U 97 59.05 -28.75 -6.63
N HIS U 98 59.16 -27.64 -7.35
CA HIS U 98 59.67 -27.67 -8.72
C HIS U 98 60.25 -26.30 -9.06
N ASN U 99 61.29 -26.31 -9.89
CA ASN U 99 61.94 -25.08 -10.32
C ASN U 99 62.72 -25.37 -11.60
N SER U 100 62.34 -24.72 -12.70
CA SER U 100 62.98 -24.97 -13.97
C SER U 100 62.70 -23.79 -14.91
N THR U 101 63.49 -23.73 -15.98
CA THR U 101 63.33 -22.69 -17.00
C THR U 101 62.64 -23.25 -18.23
N GLN U 102 61.86 -22.40 -18.89
CA GLN U 102 61.10 -22.82 -20.07
C GLN U 102 61.14 -21.67 -21.08
N GLN U 103 61.77 -21.91 -22.22
CA GLN U 103 61.83 -20.89 -23.27
C GLN U 103 60.48 -20.61 -23.89
N TYR U 104 59.51 -21.51 -23.71
CA TYR U 104 58.19 -21.29 -24.31
C TYR U 104 57.41 -20.21 -23.57
N LEU U 105 57.74 -19.97 -22.30
CA LEU U 105 56.98 -19.07 -21.46
C LEU U 105 57.47 -17.63 -21.49
N VAL U 106 58.30 -17.27 -22.48
CA VAL U 106 58.77 -15.90 -22.59
C VAL U 106 57.74 -15.07 -23.34
N ALA U 107 57.32 -13.97 -22.73
CA ALA U 107 56.34 -13.09 -23.36
C ALA U 107 56.54 -11.68 -22.81
N SER U 108 55.77 -10.74 -23.37
CA SER U 108 55.93 -9.33 -23.00
C SER U 108 55.29 -9.01 -21.66
N ALA U 109 54.17 -9.65 -21.33
CA ALA U 109 53.44 -9.32 -20.12
C ALA U 109 52.75 -10.56 -19.58
N ALA U 110 52.38 -10.50 -18.31
CA ALA U 110 51.78 -11.63 -17.61
C ALA U 110 50.31 -11.82 -17.96
N SER U 111 49.77 -11.09 -18.93
CA SER U 111 48.39 -11.26 -19.34
C SER U 111 48.21 -12.26 -20.47
N ALA U 112 49.31 -12.84 -20.97
CA ALA U 112 49.23 -13.77 -22.10
C ALA U 112 49.17 -15.23 -21.66
N ILE U 113 49.22 -15.50 -20.36
CA ILE U 113 49.26 -16.87 -19.86
C ILE U 113 47.84 -17.32 -19.53
N GLN U 114 47.55 -18.59 -19.78
CA GLN U 114 46.25 -19.19 -19.48
C GLN U 114 46.47 -20.68 -19.21
N THR U 115 45.50 -21.29 -18.53
CA THR U 115 45.67 -22.65 -18.05
C THR U 115 44.36 -23.42 -18.16
N ALA U 116 44.48 -24.75 -18.18
CA ALA U 116 43.33 -25.64 -18.17
C ALA U 116 43.80 -27.03 -17.76
N THR U 117 42.85 -27.84 -17.31
CA THR U 117 43.12 -29.21 -16.86
C THR U 117 42.02 -30.13 -17.34
N LEU U 118 42.41 -31.25 -17.95
CA LEU U 118 41.43 -32.17 -18.51
C LEU U 118 41.40 -33.56 -17.87
N ARG U 119 42.51 -34.31 -17.83
CA ARG U 119 42.47 -35.65 -17.28
C ARG U 119 43.35 -35.79 -16.03
N GLY U 120 44.65 -35.57 -16.19
CA GLY U 120 45.57 -35.71 -15.09
C GLY U 120 46.75 -34.76 -15.16
N ASP U 121 46.61 -33.71 -15.96
CA ASP U 121 47.73 -32.80 -16.20
C ASP U 121 47.20 -31.38 -16.33
N LEU U 122 48.06 -30.42 -16.02
CA LEU U 122 47.73 -29.00 -16.12
C LEU U 122 48.43 -28.44 -17.36
N TYR U 123 47.64 -27.90 -18.27
CA TYR U 123 48.18 -27.32 -19.51
C TYR U 123 48.34 -25.81 -19.36
N ILE U 124 49.37 -25.28 -19.99
CA ILE U 124 49.68 -23.86 -19.94
C ILE U 124 49.84 -23.36 -21.36
N ALA U 125 49.13 -22.28 -21.69
CA ALA U 125 49.09 -21.75 -23.05
C ALA U 125 49.60 -20.33 -23.07
N ASN U 126 50.42 -20.02 -24.07
CA ASN U 126 50.95 -18.67 -24.30
C ASN U 126 50.29 -18.13 -25.55
N THR U 127 49.50 -17.07 -25.40
CA THR U 127 48.73 -16.53 -26.52
C THR U 127 49.55 -15.65 -27.45
N GLU U 128 50.81 -15.37 -27.13
CA GLU U 128 51.66 -14.51 -27.94
C GLU U 128 52.48 -15.29 -28.95
N LYS U 129 52.29 -16.60 -29.05
CA LYS U 129 53.07 -17.44 -29.95
C LYS U 129 52.13 -18.24 -30.84
N ALA U 130 52.58 -18.53 -32.06
CA ALA U 130 51.77 -19.20 -33.06
C ALA U 130 52.35 -20.56 -33.40
N PRO U 131 51.53 -21.60 -33.53
CA PRO U 131 52.04 -22.91 -33.90
C PRO U 131 52.24 -23.03 -35.41
N THR U 132 52.96 -24.08 -35.80
CA THR U 132 53.24 -24.35 -37.20
C THR U 132 53.27 -25.86 -37.44
N LYS U 133 52.99 -26.25 -38.68
CA LYS U 133 53.01 -27.65 -39.05
C LYS U 133 54.44 -28.14 -39.30
N VAL U 134 54.66 -29.43 -39.05
CA VAL U 134 55.94 -30.07 -39.30
C VAL U 134 55.71 -31.35 -40.08
N PHE U 135 56.59 -31.61 -41.05
CA PHE U 135 56.53 -32.80 -41.88
C PHE U 135 57.73 -33.68 -41.55
N GLY U 136 57.46 -34.93 -41.13
CA GLY U 136 58.52 -35.87 -40.86
C GLY U 136 58.77 -36.82 -42.01
N SER U 137 59.89 -37.53 -41.93
CA SER U 137 60.24 -38.50 -42.96
C SER U 137 59.24 -39.65 -42.95
N THR U 138 58.82 -40.08 -44.13
CA THR U 138 57.87 -41.18 -44.27
C THR U 138 58.26 -42.02 -45.47
N THR U 139 57.71 -43.25 -45.50
CA THR U 139 58.00 -44.18 -46.58
C THR U 139 56.98 -44.12 -47.71
N GLN U 140 56.04 -43.19 -47.67
CA GLN U 140 54.98 -43.13 -48.67
C GLN U 140 55.58 -42.84 -50.05
N GLN U 141 54.88 -43.30 -51.09
CA GLN U 141 55.27 -43.08 -52.47
C GLN U 141 54.14 -42.35 -53.20
N ASP U 142 54.50 -41.65 -54.27
CA ASP U 142 53.53 -40.84 -55.00
C ASP U 142 52.40 -41.72 -55.52
N ALA U 265 55.10 -49.15 -50.00
CA ALA U 265 54.17 -48.18 -49.42
C ALA U 265 53.28 -47.56 -50.49
N SER U 266 52.72 -48.38 -51.36
CA SER U 266 51.83 -47.86 -52.39
C SER U 266 50.53 -47.35 -51.77
N VAL U 267 49.86 -46.46 -52.50
CA VAL U 267 48.61 -45.84 -52.05
C VAL U 267 47.55 -46.08 -53.10
N ALA U 268 46.38 -46.51 -52.65
CA ALA U 268 45.22 -46.72 -53.52
C ALA U 268 44.00 -46.09 -52.86
N VAL U 269 43.05 -45.69 -53.69
CA VAL U 269 41.87 -44.96 -53.24
C VAL U 269 40.64 -45.82 -53.48
N GLY U 270 39.91 -46.14 -52.41
CA GLY U 270 38.65 -46.83 -52.53
C GLY U 270 37.47 -45.87 -52.66
N THR U 271 36.28 -46.44 -52.58
CA THR U 271 35.05 -45.65 -52.65
C THR U 271 33.82 -46.55 -52.52
N PHE U 276 36.78 -41.37 -51.75
CA PHE U 276 36.58 -40.99 -50.35
C PHE U 276 37.75 -41.45 -49.48
N VAL U 277 37.84 -42.76 -49.27
CA VAL U 277 38.78 -43.35 -48.33
C VAL U 277 40.08 -43.65 -49.05
N TRP U 278 41.19 -43.50 -48.34
CA TRP U 278 42.52 -43.76 -48.85
C TRP U 278 43.18 -44.85 -48.01
N TYR U 279 43.92 -45.74 -48.66
CA TYR U 279 44.57 -46.86 -47.98
C TYR U 279 46.05 -46.90 -48.32
N GLN U 280 46.83 -47.37 -47.35
CA GLN U 280 48.25 -47.66 -47.54
C GLN U 280 48.51 -49.14 -47.27
N TYR U 281 49.53 -49.67 -47.94
CA TYR U 281 49.86 -51.09 -47.88
C TYR U 281 51.14 -51.24 -47.07
N ASP U 282 51.03 -51.92 -45.92
CA ASP U 282 52.17 -52.16 -45.04
C ASP U 282 52.88 -53.46 -45.44
N SER U 283 54.01 -53.31 -46.13
CA SER U 283 54.74 -54.47 -46.63
C SER U 283 55.30 -55.33 -45.50
N ALA U 284 55.33 -54.82 -44.28
CA ALA U 284 55.83 -55.61 -43.15
C ALA U 284 54.89 -56.75 -42.76
N THR U 285 53.58 -56.57 -42.94
CA THR U 285 52.62 -57.61 -42.59
C THR U 285 51.53 -57.83 -43.63
N SER U 286 51.52 -57.10 -44.75
CA SER U 286 50.59 -57.27 -45.85
C SER U 286 49.20 -56.76 -45.54
N VAL U 287 49.03 -55.96 -44.49
CA VAL U 287 47.73 -55.38 -44.16
C VAL U 287 47.56 -54.09 -44.95
N TRP U 288 46.31 -53.60 -45.03
CA TRP U 288 45.99 -52.36 -45.73
C TRP U 288 45.44 -51.37 -44.69
N LYS U 289 46.35 -50.65 -44.03
CA LYS U 289 45.95 -49.67 -43.04
C LYS U 289 45.61 -48.33 -43.72
N GLU U 290 44.82 -47.53 -43.02
CA GLU U 290 44.43 -46.23 -43.55
C GLU U 290 45.58 -45.23 -43.45
N ALA U 291 45.55 -44.23 -44.33
CA ALA U 291 46.50 -43.13 -44.29
C ALA U 291 45.83 -41.90 -44.88
N GLY U 292 46.17 -40.72 -44.36
CA GLY U 292 45.50 -39.51 -44.83
C GLY U 292 45.74 -39.25 -46.31
N ALA U 293 46.97 -38.89 -46.66
CA ALA U 293 47.34 -38.64 -48.04
C ALA U 293 48.83 -38.31 -48.08
N TYR U 294 49.36 -38.19 -49.28
CA TYR U 294 50.76 -37.81 -49.43
C TYR U 294 50.97 -36.35 -49.01
N GLY U 295 52.09 -36.10 -48.34
CA GLY U 295 52.43 -34.76 -47.93
C GLY U 295 51.63 -34.22 -46.76
N SER U 296 51.01 -35.10 -45.97
CA SER U 296 50.24 -34.64 -44.83
C SER U 296 51.17 -34.37 -43.64
N PRO U 297 50.77 -33.47 -42.74
CA PRO U 297 51.63 -33.18 -41.58
C PRO U 297 51.63 -34.33 -40.59
N THR U 298 52.71 -34.42 -39.81
CA THR U 298 52.88 -35.47 -38.81
C THR U 298 52.97 -34.93 -37.39
N GLY U 299 52.68 -33.66 -37.16
CA GLY U 299 52.75 -33.11 -35.82
C GLY U 299 52.62 -31.60 -35.85
N PHE U 300 52.81 -31.01 -34.67
CA PHE U 300 52.72 -29.56 -34.49
C PHE U 300 53.92 -29.07 -33.68
N SER U 301 54.21 -27.79 -33.82
CA SER U 301 55.26 -27.12 -33.07
C SER U 301 54.69 -25.89 -32.36
N ASN U 302 55.37 -25.49 -31.28
CA ASN U 302 54.98 -24.33 -30.48
C ASN U 302 53.63 -24.52 -29.78
N MET U 303 53.25 -25.75 -29.48
CA MET U 303 51.98 -26.01 -28.84
C MET U 303 52.11 -25.91 -27.32
N PRO U 304 50.99 -25.77 -26.61
CA PRO U 304 51.06 -25.61 -25.16
C PRO U 304 51.74 -26.79 -24.48
N ILE U 305 52.51 -26.48 -23.44
CA ILE U 305 53.22 -27.48 -22.65
C ILE U 305 52.27 -28.09 -21.62
N ARG U 306 52.68 -29.19 -20.99
CA ARG U 306 51.83 -29.93 -20.07
C ARG U 306 52.62 -30.28 -18.82
N ILE U 307 51.92 -30.35 -17.69
CA ILE U 307 52.52 -30.68 -16.40
C ILE U 307 51.67 -31.76 -15.74
N SER U 308 52.33 -32.68 -15.05
CA SER U 308 51.64 -33.79 -14.41
C SER U 308 51.18 -33.40 -13.00
N LEU U 309 50.15 -34.11 -12.53
CA LEU U 309 49.59 -33.89 -11.20
C LEU U 309 49.49 -35.18 -10.40
N ASP U 310 50.27 -36.21 -10.77
CA ASP U 310 50.21 -37.48 -10.05
C ASP U 310 50.98 -37.45 -8.74
N GLY U 311 51.77 -36.40 -8.50
CA GLY U 311 52.51 -36.26 -7.26
C GLY U 311 54.01 -36.11 -7.44
N VAL U 312 54.53 -36.01 -8.66
CA VAL U 312 55.96 -35.86 -8.90
C VAL U 312 56.28 -34.65 -9.77
N TYR U 313 55.28 -34.02 -10.37
CA TYR U 313 55.46 -32.76 -11.10
C TYR U 313 56.46 -32.91 -12.25
N THR U 314 56.10 -33.74 -13.22
CA THR U 314 56.90 -33.87 -14.42
C THR U 314 56.43 -32.88 -15.48
N VAL U 315 57.39 -32.28 -16.19
CA VAL U 315 57.11 -31.33 -17.27
C VAL U 315 57.62 -31.93 -18.57
N GLU U 316 56.77 -31.94 -19.60
CA GLU U 316 57.13 -32.53 -20.88
C GLU U 316 56.22 -31.99 -21.96
N THR U 317 56.77 -31.77 -23.15
CA THR U 317 55.96 -31.32 -24.28
C THR U 317 55.28 -32.52 -24.93
N PRO U 318 53.94 -32.55 -24.98
CA PRO U 318 53.26 -33.73 -25.54
C PRO U 318 53.39 -33.80 -27.04
N ALA U 319 53.20 -35.02 -27.57
CA ALA U 319 53.30 -35.27 -29.01
C ALA U 319 51.90 -35.29 -29.60
N TYR U 320 51.58 -34.25 -30.37
CA TYR U 320 50.27 -34.16 -30.99
C TYR U 320 50.24 -34.92 -32.31
N GLU U 321 49.07 -35.41 -32.69
CA GLU U 321 48.93 -36.26 -33.86
C GLU U 321 48.70 -35.43 -35.12
N GLY U 322 49.30 -35.87 -36.22
CA GLY U 322 48.98 -35.37 -37.53
C GLY U 322 47.79 -36.11 -38.11
N ARG U 323 47.52 -35.84 -39.39
CA ARG U 323 46.42 -36.53 -40.05
C ARG U 323 46.77 -38.00 -40.24
N LEU U 324 45.84 -38.87 -39.87
CA LEU U 324 45.95 -40.31 -40.12
C LEU U 324 44.96 -40.76 -41.19
N ALA U 325 43.82 -40.09 -41.30
CA ALA U 325 42.82 -40.40 -42.33
C ALA U 325 42.33 -39.10 -42.99
N GLY U 326 41.85 -39.25 -44.22
CA GLY U 326 41.22 -38.14 -44.90
C GLY U 326 42.17 -37.27 -45.70
N SER U 327 41.63 -36.57 -46.70
CA SER U 327 42.40 -35.67 -47.53
C SER U 327 42.06 -34.22 -47.17
N ASP U 328 42.78 -33.29 -47.81
CA ASP U 328 42.59 -31.88 -47.52
C ASP U 328 41.19 -31.40 -47.82
N GLU U 329 40.44 -32.12 -48.67
CA GLU U 329 39.08 -31.74 -49.03
C GLU U 329 38.04 -32.39 -48.14
N THR U 330 38.44 -33.25 -47.20
CA THR U 330 37.51 -33.88 -46.26
C THR U 330 37.97 -33.82 -44.82
N ASN U 331 39.23 -33.46 -44.55
CA ASN U 331 39.75 -33.25 -43.20
C ASN U 331 40.61 -32.00 -43.27
N GLU U 332 39.99 -30.85 -43.02
CA GLU U 332 40.67 -29.58 -43.17
C GLU U 332 41.50 -29.26 -41.93
N ASP U 333 42.22 -28.14 -42.00
CA ASP U 333 43.02 -27.72 -40.86
C ASP U 333 42.10 -27.30 -39.71
N PRO U 334 42.58 -27.36 -38.46
CA PRO U 334 41.71 -27.04 -37.33
C PRO U 334 41.27 -25.58 -37.29
N GLY U 335 41.97 -24.73 -38.04
CA GLY U 335 41.61 -23.32 -38.11
C GLY U 335 42.52 -22.43 -37.29
N PHE U 336 42.97 -22.91 -36.13
CA PHE U 336 43.88 -22.13 -35.31
C PHE U 336 45.27 -22.04 -35.89
N ILE U 337 45.55 -22.77 -36.97
CA ILE U 337 46.86 -22.66 -37.63
C ILE U 337 47.07 -21.26 -38.16
N ASP U 338 46.03 -20.68 -38.77
CA ASP U 338 46.15 -19.38 -39.44
C ASP U 338 45.97 -18.19 -38.51
N ASN U 339 44.94 -18.20 -37.66
CA ASN U 339 44.67 -17.07 -36.78
C ASN U 339 45.44 -17.12 -35.47
N GLY U 340 46.20 -18.18 -35.22
CA GLY U 340 46.90 -18.30 -33.96
C GLY U 340 45.97 -18.69 -32.83
N VAL U 341 46.53 -18.71 -31.62
CA VAL U 341 45.77 -19.05 -30.43
C VAL U 341 45.59 -17.79 -29.59
N THR U 342 44.34 -17.36 -29.43
CA THR U 342 44.01 -16.18 -28.63
C THR U 342 43.23 -16.52 -27.38
N GLY U 343 43.19 -17.78 -26.97
CA GLY U 343 42.46 -18.17 -25.78
C GLY U 343 42.70 -19.63 -25.46
N PHE U 344 42.15 -20.06 -24.33
CA PHE U 344 42.31 -21.42 -23.87
C PHE U 344 41.29 -21.71 -22.79
N GLY U 345 40.82 -22.96 -22.75
CA GLY U 345 39.84 -23.36 -21.77
C GLY U 345 39.40 -24.78 -22.00
N ALA U 346 38.50 -25.24 -21.13
CA ALA U 346 37.96 -26.59 -21.19
C ALA U 346 36.45 -26.54 -21.12
N TYR U 347 35.81 -27.52 -21.76
CA TYR U 347 34.36 -27.58 -21.81
C TYR U 347 33.93 -28.99 -22.21
N GLN U 348 33.06 -29.58 -21.38
CA GLN U 348 32.51 -30.90 -21.64
C GLN U 348 33.62 -31.93 -21.89
N GLY U 349 34.66 -31.90 -21.07
CA GLY U 349 35.74 -32.85 -21.24
C GLY U 349 36.55 -32.67 -22.50
N ARG U 350 36.46 -31.50 -23.13
CA ARG U 350 37.18 -31.20 -24.36
C ARG U 350 37.99 -29.93 -24.18
N LEU U 351 39.25 -29.97 -24.60
CA LEU U 351 40.07 -28.76 -24.62
C LEU U 351 39.53 -27.80 -25.67
N VAL U 352 39.58 -26.51 -25.36
CA VAL U 352 39.07 -25.46 -26.23
C VAL U 352 40.20 -24.51 -26.56
N ILE U 353 40.36 -24.20 -27.84
CA ILE U 353 41.36 -23.25 -28.32
C ILE U 353 40.66 -22.23 -29.19
N LEU U 354 40.68 -20.98 -28.77
CA LEU U 354 40.07 -19.89 -29.52
C LEU U 354 41.04 -19.35 -30.55
N ALA U 355 40.56 -19.15 -31.78
CA ALA U 355 41.38 -18.74 -32.90
C ALA U 355 40.71 -17.53 -33.58
N GLY U 356 40.28 -16.57 -32.77
CA GLY U 356 39.61 -15.40 -33.27
C GLY U 356 38.13 -15.65 -33.48
N PRO U 357 37.66 -15.57 -34.73
CA PRO U 357 36.24 -15.84 -35.00
C PRO U 357 35.90 -17.32 -35.10
N GLU U 358 36.79 -18.21 -34.69
CA GLU U 358 36.54 -19.64 -34.73
C GLU U 358 36.80 -20.25 -33.35
N VAL U 359 36.15 -21.37 -33.09
CA VAL U 359 36.31 -22.11 -31.85
C VAL U 359 36.67 -23.54 -32.21
N CYS U 360 37.75 -24.05 -31.62
CA CYS U 360 38.24 -25.40 -31.89
C CYS U 360 38.15 -26.24 -30.63
N MET U 361 37.74 -27.49 -30.81
CA MET U 361 37.60 -28.43 -29.69
C MET U 361 38.21 -29.77 -30.08
N SER U 362 38.86 -30.41 -29.11
CA SER U 362 39.53 -31.67 -29.36
C SER U 362 38.55 -32.83 -29.21
N ALA U 363 39.09 -34.05 -29.28
CA ALA U 363 38.27 -35.24 -29.14
C ALA U 363 37.81 -35.42 -27.69
N ALA U 364 36.74 -36.19 -27.52
CA ALA U 364 36.17 -36.39 -26.19
C ALA U 364 37.11 -37.17 -25.29
N GLY U 365 37.71 -36.47 -24.32
CA GLY U 365 38.60 -37.12 -23.37
C GLY U 365 39.99 -37.42 -23.90
N ASN U 366 40.35 -36.91 -25.06
CA ASN U 366 41.66 -37.15 -25.66
C ASN U 366 42.26 -35.81 -26.09
N PRO U 367 43.04 -35.14 -25.25
CA PRO U 367 43.55 -33.81 -25.61
C PRO U 367 44.57 -33.82 -26.75
N LEU U 368 45.09 -34.97 -27.14
CA LEU U 368 46.13 -35.04 -28.16
C LEU U 368 45.58 -35.21 -29.58
N ARG U 369 44.26 -35.35 -29.73
CA ARG U 369 43.64 -35.59 -31.03
C ARG U 369 42.93 -34.32 -31.48
N TRP U 370 43.37 -33.76 -32.61
CA TRP U 370 42.75 -32.57 -33.18
C TRP U 370 42.20 -32.77 -34.59
N TYR U 371 42.67 -33.75 -35.33
CA TYR U 371 42.13 -34.08 -36.64
C TYR U 371 41.12 -35.21 -36.52
N ARG U 372 40.23 -35.28 -37.51
CA ARG U 372 39.21 -36.33 -37.50
C ARG U 372 39.86 -37.68 -37.79
N SER U 373 39.53 -38.67 -36.97
CA SER U 373 40.30 -39.93 -36.95
C SER U 373 40.05 -40.77 -38.20
N THR U 374 38.80 -40.92 -38.61
CA THR U 374 38.47 -41.80 -39.72
C THR U 374 37.49 -41.10 -40.66
N VAL U 375 37.49 -41.53 -41.92
CA VAL U 375 36.68 -40.94 -42.97
C VAL U 375 35.55 -41.85 -43.42
N THR U 376 35.61 -43.14 -43.08
CA THR U 376 34.56 -44.06 -43.50
C THR U 376 33.18 -43.64 -42.99
N ALA U 377 33.12 -42.85 -41.92
CA ALA U 377 31.86 -42.34 -41.42
C ALA U 377 32.15 -41.07 -40.63
N LEU U 378 31.13 -40.55 -39.96
CA LEU U 378 31.25 -39.38 -39.10
C LEU U 378 30.97 -39.80 -37.67
N LEU U 379 31.98 -39.65 -36.81
CA LEU U 379 31.91 -40.11 -35.43
C LEU U 379 31.56 -38.94 -34.50
N THR U 380 30.73 -39.24 -33.50
CA THR U 380 30.31 -38.21 -32.56
C THR U 380 31.49 -37.67 -31.76
N ASP U 381 32.43 -38.55 -31.39
CA ASP U 381 33.51 -38.19 -30.48
C ASP U 381 34.64 -37.43 -31.15
N ASP U 382 34.63 -37.28 -32.47
CA ASP U 382 35.73 -36.64 -33.16
C ASP U 382 35.72 -35.13 -32.93
N PRO U 383 36.86 -34.47 -33.12
CA PRO U 383 36.92 -33.02 -32.89
C PRO U 383 35.87 -32.28 -33.71
N ILE U 384 35.65 -31.01 -33.34
CA ILE U 384 34.66 -30.16 -33.98
C ILE U 384 35.19 -28.73 -34.03
N ASN U 385 34.92 -28.04 -35.13
CA ASN U 385 35.20 -26.62 -35.27
C ASN U 385 33.95 -25.93 -35.79
N ILE U 386 33.72 -24.69 -35.34
CA ILE U 386 32.51 -23.95 -35.67
C ILE U 386 32.90 -22.49 -35.92
N PHE U 387 32.25 -21.89 -36.91
CA PHE U 387 32.60 -20.56 -37.41
C PHE U 387 31.61 -19.52 -36.89
N SER U 388 32.02 -18.26 -36.99
CA SER U 388 31.19 -17.14 -36.56
C SER U 388 31.47 -15.93 -37.43
N GLY U 389 30.51 -15.02 -37.46
CA GLY U 389 30.65 -13.79 -38.24
C GLY U 389 29.79 -12.69 -37.66
N ALA U 390 30.06 -11.47 -38.09
CA ALA U 390 29.34 -10.30 -37.58
C ALA U 390 29.43 -9.19 -38.62
N ALA U 391 28.85 -8.04 -38.27
CA ALA U 391 28.78 -6.91 -39.18
C ALA U 391 30.12 -6.23 -39.39
N THR U 392 30.99 -6.17 -38.37
CA THR U 392 32.29 -5.55 -38.53
C THR U 392 33.42 -6.55 -38.36
N SER U 393 33.46 -7.22 -37.21
CA SER U 393 34.47 -8.24 -36.94
C SER U 393 34.20 -8.79 -35.54
N THR U 394 34.82 -9.94 -35.25
CA THR U 394 34.76 -10.53 -33.93
C THR U 394 36.09 -11.20 -33.62
N ASN U 395 36.50 -11.10 -32.36
CA ASN U 395 37.70 -11.78 -31.88
C ASN U 395 37.54 -12.17 -30.43
N PHE U 396 37.11 -13.41 -30.18
CA PHE U 396 36.89 -13.86 -28.81
C PHE U 396 38.22 -13.99 -28.08
N ARG U 397 38.21 -13.67 -26.78
CA ARG U 397 39.44 -13.59 -26.01
C ARG U 397 39.39 -14.38 -24.70
N HIS U 398 38.21 -14.61 -24.12
CA HIS U 398 38.10 -15.31 -22.84
C HIS U 398 36.86 -16.18 -22.86
N CYS U 399 36.84 -17.15 -21.95
CA CYS U 399 35.73 -18.09 -21.85
C CYS U 399 35.49 -18.46 -20.39
N VAL U 400 34.21 -18.62 -20.04
CA VAL U 400 33.81 -19.03 -18.70
C VAL U 400 32.55 -19.89 -18.83
N GLN U 401 32.43 -20.88 -17.94
CA GLN U 401 31.33 -21.84 -18.04
C GLN U 401 30.06 -21.30 -17.39
N PHE U 402 30.10 -21.05 -16.09
CA PHE U 402 28.99 -20.45 -15.34
C PHE U 402 27.73 -21.29 -15.54
N ASN U 403 26.64 -20.73 -16.06
CA ASN U 403 25.30 -21.33 -15.92
C ASN U 403 25.09 -22.42 -16.97
N LYS U 404 25.94 -23.43 -16.92
CA LYS U 404 25.77 -24.64 -17.72
C LYS U 404 26.08 -24.42 -19.19
N ASP U 405 26.31 -23.16 -19.58
CA ASP U 405 26.69 -22.85 -20.95
C ASP U 405 28.19 -22.53 -21.02
N LEU U 406 28.65 -22.06 -22.16
CA LEU U 406 30.00 -21.53 -22.30
C LEU U 406 29.89 -20.13 -22.87
N LEU U 407 30.49 -19.16 -22.19
CA LEU U 407 30.36 -17.75 -22.52
C LEU U 407 31.61 -17.28 -23.26
N LEU U 408 31.41 -16.42 -24.25
CA LEU U 408 32.50 -15.88 -25.07
C LEU U 408 32.44 -14.36 -25.02
N PHE U 409 33.59 -13.73 -24.80
CA PHE U 409 33.66 -12.29 -24.62
C PHE U 409 34.50 -11.64 -25.72
N ALA U 410 34.03 -10.50 -26.21
CA ALA U 410 34.74 -9.73 -27.22
C ALA U 410 34.47 -8.25 -26.99
N ARG U 411 35.07 -7.42 -27.85
CA ARG U 411 34.89 -5.97 -27.70
C ARG U 411 33.43 -5.57 -27.78
N SER U 412 32.83 -5.72 -28.97
CA SER U 412 31.54 -5.12 -29.25
C SER U 412 30.38 -6.09 -29.29
N CYS U 413 30.59 -7.36 -28.93
CA CYS U 413 29.49 -8.32 -28.92
C CYS U 413 29.85 -9.46 -27.99
N GLN U 414 28.82 -10.23 -27.62
CA GLN U 414 28.96 -11.37 -26.74
C GLN U 414 28.17 -12.54 -27.31
N ALA U 415 28.66 -13.76 -27.08
CA ALA U 415 28.04 -14.95 -27.63
C ALA U 415 28.07 -16.06 -26.58
N VAL U 416 27.29 -17.10 -26.84
CA VAL U 416 27.19 -18.26 -25.94
C VAL U 416 27.07 -19.51 -26.80
N VAL U 417 27.49 -20.64 -26.23
CA VAL U 417 27.37 -21.95 -26.87
C VAL U 417 26.25 -22.70 -26.16
N PRO U 418 25.05 -22.76 -26.74
CA PRO U 418 23.91 -23.34 -25.99
C PRO U 418 24.14 -24.79 -25.61
N SER U 419 23.64 -25.15 -24.44
CA SER U 419 23.58 -26.53 -24.02
C SER U 419 22.27 -27.16 -24.47
N SER U 420 22.19 -28.48 -24.38
CA SER U 420 21.01 -29.21 -24.84
C SER U 420 20.82 -30.43 -23.95
N ASN U 421 19.83 -31.24 -24.32
CA ASN U 421 19.50 -32.45 -23.57
C ASN U 421 20.40 -33.62 -24.00
N ALA U 422 21.28 -33.38 -24.95
CA ALA U 422 22.21 -34.40 -25.41
C ALA U 422 23.60 -33.80 -25.51
N ALA U 423 24.61 -34.64 -25.36
CA ALA U 423 25.99 -34.18 -25.41
C ALA U 423 26.27 -33.53 -26.76
N ILE U 424 27.09 -32.48 -26.74
CA ILE U 424 27.40 -31.76 -27.97
C ILE U 424 28.02 -32.70 -28.99
N THR U 425 27.59 -32.55 -30.23
CA THR U 425 28.05 -33.38 -31.35
C THR U 425 28.40 -32.48 -32.53
N PRO U 426 29.14 -32.99 -33.50
CA PRO U 426 29.52 -32.15 -34.66
C PRO U 426 28.33 -31.62 -35.44
N GLN U 427 27.17 -32.26 -35.33
CA GLN U 427 25.99 -31.87 -36.11
C GLN U 427 25.07 -30.90 -35.36
N THR U 428 25.47 -30.43 -34.18
CA THR U 428 24.61 -29.52 -33.41
C THR U 428 25.34 -28.33 -32.82
N ALA U 429 26.67 -28.24 -32.90
CA ALA U 429 27.38 -27.12 -32.32
C ALA U 429 27.07 -25.84 -33.09
N GLN U 430 26.94 -24.73 -32.36
CA GLN U 430 26.64 -23.44 -32.96
C GLN U 430 27.06 -22.33 -32.01
N ILE U 431 27.20 -21.13 -32.57
CA ILE U 431 27.50 -19.92 -31.82
C ILE U 431 26.43 -18.88 -32.15
N VAL U 432 25.90 -18.23 -31.12
CA VAL U 432 24.82 -17.27 -31.27
C VAL U 432 25.16 -16.00 -30.49
N ILE U 433 24.89 -14.85 -31.10
CA ILE U 433 25.12 -13.56 -30.45
C ILE U 433 23.93 -13.25 -29.54
N THR U 434 24.19 -12.53 -28.44
CA THR U 434 23.16 -12.27 -27.44
C THR U 434 23.03 -10.81 -27.04
N SER U 435 24.08 -10.01 -27.11
CA SER U 435 24.01 -8.62 -26.68
C SER U 435 25.04 -7.81 -27.47
N GLY U 436 25.09 -6.51 -27.16
CA GLY U 436 25.94 -5.60 -27.91
C GLY U 436 26.66 -4.56 -27.08
N TYR U 437 26.99 -4.87 -25.83
CA TYR U 437 27.74 -3.95 -25.00
C TYR U 437 29.19 -3.87 -25.46
N THR U 438 29.78 -2.69 -25.32
CA THR U 438 31.20 -2.50 -25.59
C THR U 438 32.00 -2.69 -24.31
N THR U 439 33.06 -3.50 -24.38
CA THR U 439 33.86 -3.83 -23.22
C THR U 439 35.33 -3.78 -23.57
N ASP U 440 36.16 -4.09 -22.58
CA ASP U 440 37.60 -4.19 -22.76
C ASP U 440 38.04 -5.65 -22.64
N THR U 441 39.30 -5.90 -23.01
CA THR U 441 39.80 -7.27 -23.08
C THR U 441 41.18 -7.45 -22.46
N LEU U 442 41.51 -6.73 -21.38
CA LEU U 442 42.82 -6.89 -20.76
C LEU U 442 42.75 -7.80 -19.54
N ALA U 443 41.59 -7.88 -18.88
CA ALA U 443 41.44 -8.59 -17.63
C ALA U 443 40.45 -9.74 -17.81
N GLN U 444 40.79 -10.89 -17.25
CA GLN U 444 39.92 -12.06 -17.36
C GLN U 444 38.69 -11.86 -16.48
N PRO U 445 37.49 -12.23 -16.95
CA PRO U 445 36.30 -12.10 -16.10
C PRO U 445 36.40 -12.96 -14.84
N GLY U 446 35.75 -12.48 -13.78
CA GLY U 446 35.73 -13.18 -12.51
C GLY U 446 34.31 -13.60 -12.15
N VAL U 447 34.20 -14.62 -11.30
CA VAL U 447 32.91 -15.17 -10.88
C VAL U 447 32.82 -15.05 -9.37
N VAL U 448 31.66 -14.59 -8.90
CA VAL U 448 31.45 -14.34 -7.48
C VAL U 448 30.31 -15.19 -6.96
N GLY U 449 30.12 -16.36 -7.56
CA GLY U 449 29.06 -17.27 -7.14
C GLY U 449 27.74 -17.14 -7.87
N ARG U 450 27.12 -15.96 -7.83
CA ARG U 450 25.84 -15.73 -8.47
C ARG U 450 25.92 -14.76 -9.64
N SER U 451 27.11 -14.27 -9.98
CA SER U 451 27.24 -13.30 -11.06
C SER U 451 28.68 -13.33 -11.57
N VAL U 452 28.89 -12.66 -12.70
CA VAL U 452 30.19 -12.59 -13.36
C VAL U 452 30.49 -11.13 -13.68
N LEU U 453 31.73 -10.71 -13.44
CA LEU U 453 32.15 -9.33 -13.63
C LEU U 453 33.15 -9.22 -14.76
N TYR U 454 32.93 -8.25 -15.65
CA TYR U 454 33.88 -7.91 -16.69
C TYR U 454 33.94 -6.39 -16.83
N SER U 455 35.10 -5.89 -17.24
CA SER U 455 35.37 -4.46 -17.23
C SER U 455 35.02 -3.83 -18.58
N MET U 456 34.78 -2.53 -18.54
CA MET U 456 34.48 -1.73 -19.72
C MET U 456 35.21 -0.41 -19.60
N PRO U 457 35.45 0.27 -20.72
CA PRO U 457 36.10 1.59 -20.64
C PRO U 457 35.08 2.70 -20.49
N ARG U 458 35.36 3.64 -19.59
CA ARG U 458 34.52 4.81 -19.44
C ARG U 458 34.98 5.93 -20.38
N THR U 459 36.25 6.31 -20.27
CA THR U 459 36.85 7.27 -21.19
C THR U 459 38.31 6.90 -21.34
N GLU U 460 39.07 7.81 -21.97
CA GLU U 460 40.47 7.53 -22.28
C GLU U 460 41.29 7.17 -21.05
N HIS U 461 40.92 7.69 -19.87
CA HIS U 461 41.75 7.56 -18.68
C HIS U 461 41.03 6.97 -17.48
N PHE U 462 39.82 6.44 -17.65
CA PHE U 462 39.07 5.86 -16.54
C PHE U 462 38.34 4.61 -17.01
N ALA U 463 38.06 3.71 -16.05
CA ALA U 463 37.48 2.42 -16.34
C ALA U 463 36.14 2.24 -15.64
N GLY U 464 35.43 1.17 -16.00
CA GLY U 464 34.17 0.84 -15.39
C GLY U 464 34.06 -0.65 -15.15
N VAL U 465 32.86 -1.10 -14.82
CA VAL U 465 32.58 -2.50 -14.54
C VAL U 465 31.13 -2.80 -14.91
N LEU U 466 30.89 -4.02 -15.39
CA LEU U 466 29.55 -4.50 -15.69
C LEU U 466 29.33 -5.84 -14.99
N GLU U 467 28.06 -6.19 -14.79
CA GLU U 467 27.70 -7.44 -14.13
C GLU U 467 26.60 -8.13 -14.93
N ILE U 468 26.64 -9.45 -14.92
CA ILE U 468 25.69 -10.28 -15.67
C ILE U 468 25.14 -11.34 -14.73
N ILE U 469 23.81 -11.50 -14.75
CA ILE U 469 23.14 -12.46 -13.88
C ILE U 469 22.20 -13.32 -14.72
N PRO U 470 21.98 -14.58 -14.37
CA PRO U 470 21.11 -15.43 -15.16
C PRO U 470 19.65 -15.36 -14.72
N SER U 471 18.77 -15.69 -15.67
CA SER U 471 17.36 -15.79 -15.35
C SER U 471 17.10 -17.06 -14.53
N ASN U 472 15.99 -17.07 -13.80
CA ASN U 472 15.66 -18.17 -12.91
C ASN U 472 14.38 -18.90 -13.30
N THR U 473 13.63 -18.39 -14.26
CA THR U 473 12.33 -18.96 -14.63
C THR U 473 12.32 -19.57 -16.02
N THR U 474 13.48 -19.93 -16.56
CA THR U 474 13.54 -20.51 -17.90
C THR U 474 14.95 -21.04 -18.15
N ASP U 475 15.17 -21.48 -19.40
CA ASP U 475 16.48 -21.95 -19.82
C ASP U 475 17.41 -20.75 -20.01
N SER U 476 18.58 -21.02 -20.60
CA SER U 476 19.64 -20.01 -20.69
C SER U 476 19.10 -18.67 -21.18
N GLN U 477 19.14 -17.67 -20.31
CA GLN U 477 18.77 -16.29 -20.63
C GLN U 477 19.55 -15.38 -19.69
N TYR U 478 20.09 -14.29 -20.23
CA TYR U 478 21.00 -13.44 -19.47
C TYR U 478 20.61 -11.98 -19.63
N THR U 479 21.00 -11.18 -18.64
CA THR U 479 20.80 -9.74 -18.66
C THR U 479 21.96 -9.09 -17.91
N SER U 480 22.41 -7.94 -18.43
CA SER U 480 23.58 -7.26 -17.91
C SER U 480 23.18 -5.89 -17.36
N ASN U 481 23.89 -5.45 -16.32
CA ASN U 481 23.67 -4.17 -15.69
C ASN U 481 24.99 -3.44 -15.48
N ASP U 482 24.91 -2.11 -15.40
CA ASP U 482 26.07 -1.29 -15.09
C ASP U 482 25.99 -0.85 -13.64
N ILE U 483 27.06 -1.13 -12.89
CA ILE U 483 27.05 -0.95 -11.43
C ILE U 483 28.13 0.04 -11.00
N THR U 484 28.56 0.91 -11.91
CA THR U 484 29.49 1.96 -11.55
C THR U 484 29.17 3.29 -12.24
N ALA U 485 27.90 3.56 -12.53
CA ALA U 485 27.57 4.80 -13.24
C ALA U 485 27.75 6.03 -12.36
N HIS U 486 27.69 5.87 -11.05
CA HIS U 486 27.73 7.00 -10.13
C HIS U 486 29.14 7.39 -9.72
N ILE U 487 30.16 6.70 -10.20
CA ILE U 487 31.55 7.08 -9.94
C ILE U 487 32.33 7.03 -11.26
N PRO U 488 32.07 7.96 -12.18
CA PRO U 488 32.70 7.88 -13.51
C PRO U 488 34.15 8.32 -13.54
N ARG U 489 34.73 8.74 -12.41
CA ARG U 489 36.13 9.17 -12.40
C ARG U 489 36.88 8.67 -11.17
N TYR U 490 36.52 7.50 -10.63
CA TYR U 490 37.14 6.98 -9.43
C TYR U 490 38.19 5.92 -9.69
N LEU U 491 38.17 5.28 -10.86
CA LEU U 491 39.10 4.21 -11.20
C LEU U 491 40.07 4.69 -12.28
N PRO U 492 41.34 4.93 -11.95
CA PRO U 492 42.27 5.51 -12.94
C PRO U 492 42.84 4.44 -13.85
N GLY U 493 42.85 4.72 -15.15
CA GLY U 493 43.49 3.83 -16.11
C GLY U 493 42.64 2.64 -16.50
N ARG U 494 43.30 1.52 -16.80
CA ARG U 494 42.63 0.30 -17.20
C ARG U 494 42.73 -0.74 -16.10
N ILE U 495 41.63 -1.47 -15.90
CA ILE U 495 41.62 -2.55 -14.92
C ILE U 495 42.49 -3.68 -15.42
N ARG U 496 43.40 -4.17 -14.57
CA ARG U 496 44.36 -5.18 -14.94
C ARG U 496 44.13 -6.53 -14.27
N SER U 497 43.25 -6.60 -13.27
CA SER U 497 42.99 -7.86 -12.60
C SER U 497 41.61 -7.82 -11.95
N ILE U 498 41.09 -9.00 -11.66
CA ILE U 498 39.82 -9.16 -10.95
C ILE U 498 39.96 -10.38 -10.05
N VAL U 499 39.60 -10.23 -8.78
CA VAL U 499 39.71 -11.29 -7.79
C VAL U 499 38.39 -11.42 -7.07
N SER U 500 38.03 -12.65 -6.69
CA SER U 500 36.78 -12.93 -6.00
C SER U 500 37.05 -13.66 -4.70
N SER U 501 36.35 -13.22 -3.65
CA SER U 501 36.42 -13.86 -2.34
C SER U 501 34.98 -14.11 -1.87
N THR U 502 34.41 -15.24 -2.28
CA THR U 502 33.04 -15.55 -1.90
C THR U 502 32.92 -15.94 -0.44
N THR U 503 34.04 -16.17 0.24
CA THR U 503 34.00 -16.54 1.65
C THR U 503 33.85 -15.34 2.57
N SER U 504 34.04 -14.11 2.06
CA SER U 504 33.92 -12.91 2.90
C SER U 504 33.12 -11.83 2.18
N ASN U 505 32.50 -12.15 1.05
CA ASN U 505 31.63 -11.22 0.33
C ASN U 505 32.36 -9.95 -0.08
N SER U 506 33.39 -10.08 -0.92
CA SER U 506 34.15 -8.92 -1.38
C SER U 506 34.85 -9.26 -2.69
N SER U 507 35.47 -8.25 -3.28
CA SER U 507 36.22 -8.40 -4.52
C SER U 507 37.31 -7.33 -4.56
N ALA U 508 38.34 -7.58 -5.37
CA ALA U 508 39.49 -6.69 -5.45
C ALA U 508 39.84 -6.43 -6.91
N PHE U 509 40.26 -5.20 -7.20
CA PHE U 509 40.65 -4.80 -8.55
C PHE U 509 42.00 -4.10 -8.49
N ILE U 510 42.77 -4.25 -9.57
CA ILE U 510 44.08 -3.60 -9.71
C ILE U 510 44.06 -2.79 -11.00
N CYS U 511 44.48 -1.54 -10.91
CA CYS U 511 44.45 -0.62 -12.04
C CYS U 511 45.88 -0.23 -12.44
N THR U 512 46.05 0.09 -13.72
CA THR U 512 47.37 0.47 -14.22
C THR U 512 47.69 1.93 -13.96
N GLY U 513 46.69 2.75 -13.62
CA GLY U 513 46.94 4.16 -13.38
C GLY U 513 47.67 4.46 -12.09
N ASP U 514 47.53 3.60 -11.09
CA ASP U 514 48.22 3.77 -9.82
C ASP U 514 48.57 2.39 -9.29
N SER U 515 49.87 2.15 -9.08
CA SER U 515 50.35 0.81 -8.74
C SER U 515 50.49 0.58 -7.25
N ARG U 516 50.04 1.51 -6.41
CA ARG U 516 50.15 1.36 -4.95
C ARG U 516 48.80 1.34 -4.26
N SER U 517 47.70 1.19 -4.99
CA SER U 517 46.37 1.24 -4.40
C SER U 517 45.55 0.05 -4.89
N LEU U 518 44.65 -0.42 -4.01
CA LEU U 518 43.78 -1.54 -4.30
C LEU U 518 42.34 -1.11 -4.02
N PHE U 519 41.45 -1.36 -4.98
CA PHE U 519 40.05 -0.98 -4.87
C PHE U 519 39.21 -2.18 -4.49
N ILE U 520 38.30 -1.99 -3.54
CA ILE U 520 37.52 -3.07 -2.95
C ILE U 520 36.04 -2.82 -3.23
N GLN U 521 35.26 -3.90 -3.16
CA GLN U 521 33.82 -3.83 -3.21
C GLN U 521 33.27 -4.79 -2.17
N ASP U 522 32.11 -4.45 -1.59
CA ASP U 522 31.43 -5.30 -0.63
C ASP U 522 29.97 -5.44 -1.06
N TYR U 523 29.48 -6.68 -1.11
CA TYR U 523 28.14 -6.95 -1.60
C TYR U 523 27.43 -7.91 -0.65
N LEU U 524 26.10 -7.84 -0.67
CA LEU U 524 25.27 -8.72 0.13
C LEU U 524 24.00 -9.03 -0.65
N TRP U 525 23.45 -10.22 -0.41
CA TRP U 525 22.27 -10.68 -1.12
C TRP U 525 21.20 -11.10 -0.12
N SER U 526 19.94 -10.89 -0.51
CA SER U 526 18.80 -11.26 0.32
C SER U 526 17.69 -11.73 -0.62
N GLY U 527 17.41 -13.02 -0.61
CA GLY U 527 16.43 -13.56 -1.54
C GLY U 527 16.89 -13.34 -2.96
N ASP U 528 16.11 -12.59 -3.73
CA ASP U 528 16.44 -12.24 -5.11
C ASP U 528 16.69 -10.74 -5.23
N GLU U 529 17.29 -10.13 -4.22
CA GLU U 529 17.58 -8.71 -4.20
C GLU U 529 19.00 -8.47 -3.70
N LYS U 530 19.62 -7.41 -4.23
CA LYS U 530 20.96 -6.99 -3.85
C LYS U 530 20.85 -5.70 -3.06
N VAL U 531 21.54 -5.64 -1.93
CA VAL U 531 21.31 -4.58 -0.95
C VAL U 531 22.53 -3.67 -0.75
N GLN U 532 23.74 -4.17 -0.94
CA GLN U 532 24.95 -3.40 -0.64
C GLN U 532 25.91 -3.43 -1.82
N SER U 533 26.43 -2.27 -2.17
CA SER U 533 27.37 -2.12 -3.27
C SER U 533 28.48 -1.15 -2.85
N ALA U 534 29.00 -1.32 -1.65
CA ALA U 534 30.00 -0.40 -1.10
C ALA U 534 31.28 -0.45 -1.93
N TRP U 535 31.87 0.72 -2.16
CA TRP U 535 33.17 0.87 -2.81
C TRP U 535 34.08 1.68 -1.91
N HIS U 536 35.38 1.38 -1.94
CA HIS U 536 36.35 2.16 -1.19
C HIS U 536 37.76 1.74 -1.63
N GLN U 537 38.75 2.44 -1.08
CA GLN U 537 40.13 2.36 -1.54
C GLN U 537 41.06 2.02 -0.38
N TRP U 538 42.13 1.28 -0.70
CA TRP U 538 43.21 0.99 0.24
C TRP U 538 44.53 1.45 -0.36
N THR U 539 45.57 1.48 0.47
CA THR U 539 46.91 1.86 0.03
C THR U 539 47.93 1.04 0.82
N LEU U 540 49.10 0.84 0.20
CA LEU U 540 50.15 0.03 0.77
C LEU U 540 51.50 0.69 0.50
N PRO U 541 52.53 0.35 1.28
CA PRO U 541 53.81 1.08 1.17
C PRO U 541 54.64 0.68 -0.04
N TYR U 542 54.38 -0.45 -0.67
CA TYR U 542 55.17 -0.93 -1.79
C TYR U 542 54.27 -1.17 -2.99
N PRO U 543 54.83 -1.13 -4.21
CA PRO U 543 54.02 -1.41 -5.40
C PRO U 543 53.47 -2.83 -5.37
N ILE U 544 52.26 -3.00 -5.91
CA ILE U 544 51.56 -4.28 -5.90
C ILE U 544 51.80 -4.95 -7.25
N VAL U 545 52.06 -6.26 -7.21
CA VAL U 545 52.38 -7.01 -8.42
C VAL U 545 51.22 -7.91 -8.84
N CYS U 546 50.73 -8.74 -7.94
CA CYS U 546 49.69 -9.72 -8.28
C CYS U 546 48.93 -10.11 -7.02
N THR U 547 47.80 -10.79 -7.23
CA THR U 547 46.96 -11.25 -6.13
C THR U 547 46.24 -12.52 -6.55
N TRP U 548 45.98 -13.39 -5.58
CA TRP U 548 45.24 -14.61 -5.83
C TRP U 548 44.65 -15.12 -4.52
N PHE U 549 43.67 -16.02 -4.65
CA PHE U 549 42.86 -16.49 -3.52
C PHE U 549 42.98 -18.00 -3.41
N VAL U 550 43.31 -18.48 -2.21
CA VAL U 550 43.43 -19.90 -1.95
C VAL U 550 42.93 -20.22 -0.55
N ARG U 551 41.80 -20.92 -0.46
CA ARG U 551 41.29 -21.47 0.80
C ARG U 551 41.17 -20.39 1.88
N ASP U 552 40.24 -19.47 1.64
CA ASP U 552 39.79 -18.54 2.67
C ASP U 552 40.87 -17.52 3.04
N ARG U 553 41.65 -17.09 2.06
CA ARG U 553 42.57 -15.98 2.23
C ARG U 553 42.88 -15.36 0.87
N VAL U 554 43.39 -14.14 0.91
CA VAL U 554 43.83 -13.42 -0.28
C VAL U 554 45.28 -13.00 -0.07
N TYR U 555 46.13 -13.34 -1.02
CA TYR U 555 47.54 -13.03 -0.95
C TYR U 555 47.89 -11.87 -1.87
N ILE U 556 48.88 -11.09 -1.47
CA ILE U 556 49.32 -9.91 -2.21
C ILE U 556 50.83 -9.94 -2.29
N GLY U 557 51.37 -9.65 -3.47
CA GLY U 557 52.82 -9.60 -3.68
C GLY U 557 53.26 -8.18 -3.98
N MET U 558 54.43 -7.81 -3.45
CA MET U 558 54.94 -6.46 -3.62
C MET U 558 56.42 -6.52 -3.95
N ARG U 559 56.89 -5.51 -4.68
CA ARG U 559 58.25 -5.46 -5.20
C ARG U 559 59.11 -4.58 -4.30
N ASP U 560 59.83 -5.21 -3.38
CA ASP U 560 60.82 -4.52 -2.55
C ASP U 560 62.15 -4.59 -3.27
N GLY U 561 62.55 -3.48 -3.90
CA GLY U 561 63.75 -3.49 -4.71
C GLY U 561 63.59 -4.41 -5.92
N THR U 562 64.28 -5.54 -5.89
CA THR U 562 64.11 -6.57 -6.92
C THR U 562 63.61 -7.89 -6.35
N THR U 563 63.16 -7.92 -5.11
CA THR U 563 62.66 -9.13 -4.47
C THR U 563 61.16 -9.01 -4.25
N ILE U 564 60.47 -10.15 -4.24
CA ILE U 564 59.02 -10.19 -4.11
C ILE U 564 58.66 -10.64 -2.71
N LEU U 565 57.69 -9.96 -2.09
CA LEU U 565 57.18 -10.31 -0.78
C LEU U 565 55.79 -10.92 -0.90
N VAL U 566 55.23 -11.30 0.25
CA VAL U 566 53.88 -11.86 0.33
C VAL U 566 53.27 -11.44 1.66
N VAL U 567 52.11 -10.81 1.61
CA VAL U 567 51.36 -10.41 2.80
C VAL U 567 49.88 -10.73 2.59
N THR U 568 49.14 -10.77 3.69
CA THR U 568 47.72 -11.11 3.66
C THR U 568 46.96 -10.26 4.66
N ILE U 569 45.73 -9.90 4.31
CA ILE U 569 44.83 -9.15 5.17
C ILE U 569 43.57 -9.97 5.39
N GLU U 570 43.20 -10.16 6.66
CA GLU U 570 42.02 -10.96 7.02
C GLU U 570 41.09 -10.10 7.87
N PRO U 571 40.08 -9.47 7.25
CA PRO U 571 39.20 -8.58 8.04
C PRO U 571 38.29 -9.31 9.01
N GLN U 572 37.92 -10.56 8.72
CA GLN U 572 36.96 -11.29 9.55
C GLN U 572 37.61 -12.14 10.62
N ALA U 573 38.82 -11.79 11.07
CA ALA U 573 39.52 -12.54 12.11
C ALA U 573 39.45 -11.80 13.43
N GLY U 574 39.66 -12.51 14.52
CA GLY U 574 39.62 -11.93 15.84
C GLY U 574 40.75 -10.95 16.08
N ASN U 575 40.89 -10.55 17.34
CA ASN U 575 41.92 -9.58 17.72
C ASN U 575 43.20 -10.24 18.23
N THR U 576 43.25 -11.57 18.30
CA THR U 576 44.41 -12.28 18.83
C THR U 576 44.90 -13.31 17.82
N ILE U 577 46.23 -13.43 17.73
CA ILE U 577 46.86 -14.43 16.89
C ILE U 577 47.88 -15.22 17.71
N ASP U 578 47.46 -16.39 18.20
CA ASP U 578 48.37 -17.25 18.95
C ASP U 578 48.90 -16.57 20.20
N SER U 579 47.99 -16.10 21.06
CA SER U 579 48.36 -15.54 22.36
C SER U 579 49.02 -14.18 22.23
N TYR U 580 49.04 -13.61 21.01
CA TYR U 580 49.55 -12.27 20.81
C TYR U 580 48.46 -11.36 20.27
N VAL U 581 48.61 -10.06 20.50
CA VAL U 581 47.63 -9.08 20.06
C VAL U 581 48.14 -8.43 18.77
N ARG U 582 47.28 -8.41 17.75
CA ARG U 582 47.69 -7.89 16.46
C ARG U 582 47.85 -6.37 16.51
N PRO U 583 48.90 -5.83 15.92
CA PRO U 583 49.07 -4.37 15.92
C PRO U 583 48.39 -3.72 14.72
N PHE U 584 48.33 -2.40 14.76
CA PHE U 584 47.82 -1.59 13.65
C PHE U 584 48.98 -1.07 12.80
N SER U 585 49.58 -1.99 12.04
CA SER U 585 50.71 -1.65 11.20
C SER U 585 50.78 -2.60 10.02
N ASP U 586 51.53 -2.21 8.99
CA ASP U 586 51.67 -2.99 7.78
C ASP U 586 52.98 -3.77 7.79
N VAL U 587 52.95 -4.96 7.20
CA VAL U 587 54.12 -5.80 7.00
C VAL U 587 54.92 -5.91 8.30
N TYR U 588 54.24 -6.30 9.37
CA TYR U 588 54.87 -6.35 10.68
C TYR U 588 55.51 -7.70 10.95
N LEU U 589 56.62 -7.69 11.67
CA LEU U 589 57.34 -8.89 12.06
C LEU U 589 57.53 -8.90 13.57
N ARG U 590 57.81 -10.08 14.12
CA ARG U 590 58.08 -10.22 15.54
C ARG U 590 59.58 -10.25 15.79
N VAL U 591 60.00 -9.63 16.88
CA VAL U 591 61.42 -9.50 17.22
C VAL U 591 61.56 -9.39 18.73
N THR U 592 62.76 -9.71 19.21
CA THR U 592 63.06 -9.68 20.64
C THR U 592 63.91 -8.45 20.93
N ILE U 593 63.64 -7.81 22.07
CA ILE U 593 64.35 -6.62 22.50
C ILE U 593 65.09 -6.93 23.79
N THR U 594 66.39 -6.62 23.83
CA THR U 594 67.22 -6.83 25.00
C THR U 594 68.08 -5.60 25.23
N ASP U 595 68.09 -5.13 26.48
CA ASP U 595 68.87 -3.94 26.85
C ASP U 595 68.47 -2.73 26.01
N ARG U 596 67.17 -2.61 25.70
CA ARG U 596 66.65 -1.48 24.96
C ARG U 596 67.34 -1.31 23.61
N GLN U 597 67.64 -2.42 22.93
CA GLN U 597 68.28 -2.40 21.64
C GLN U 597 67.90 -3.64 20.84
N PHE U 598 67.90 -3.48 19.51
CA PHE U 598 67.66 -4.59 18.60
C PHE U 598 68.08 -4.16 17.21
N ALA U 599 68.07 -5.12 16.29
CA ALA U 599 68.51 -4.90 14.92
C ALA U 599 67.29 -4.77 14.00
N LEU U 600 67.30 -3.76 13.16
CA LEU U 600 66.19 -3.49 12.27
C LEU U 600 66.09 -4.61 11.23
N PRO U 601 64.92 -5.24 11.05
CA PRO U 601 64.81 -6.29 10.03
C PRO U 601 65.07 -5.73 8.63
N THR U 602 65.57 -6.61 7.76
CA THR U 602 66.03 -6.18 6.45
C THR U 602 64.90 -5.61 5.60
N ARG U 603 63.74 -6.25 5.60
CA ARG U 603 62.66 -5.87 4.69
C ARG U 603 62.02 -4.52 5.02
N LEU U 604 62.47 -3.79 6.04
CA LEU U 604 61.95 -2.47 6.33
C LEU U 604 62.96 -1.35 6.13
N ARG U 605 64.22 -1.68 5.80
CA ARG U 605 65.23 -0.65 5.65
C ARG U 605 64.93 0.27 4.47
N ALA U 606 64.42 -0.31 3.37
CA ALA U 606 64.13 0.52 2.19
C ALA U 606 62.97 1.47 2.45
N ALA U 607 61.91 0.98 3.09
CA ALA U 607 60.73 1.82 3.32
C ALA U 607 61.05 2.97 4.26
N VAL U 608 61.70 2.67 5.40
CA VAL U 608 62.00 3.71 6.36
C VAL U 608 62.95 4.74 5.76
N GLY U 609 63.77 4.33 4.80
CA GLY U 609 64.70 5.26 4.15
C GLY U 609 64.04 6.19 3.16
N SER U 610 62.74 6.03 2.89
CA SER U 610 62.04 6.85 1.92
C SER U 610 60.83 7.56 2.54
N GLY U 611 60.88 7.79 3.85
CA GLY U 611 59.85 8.56 4.53
C GLY U 611 58.82 7.75 5.28
N GLU U 612 58.80 6.43 5.13
CA GLU U 612 57.82 5.62 5.85
C GLU U 612 58.08 5.71 7.35
N GLY U 613 57.01 5.70 8.13
CA GLY U 613 57.11 5.84 9.56
C GLY U 613 57.25 4.52 10.30
N LEU U 614 58.33 4.37 11.06
CA LEU U 614 58.53 3.15 11.83
C LEU U 614 57.61 3.13 13.05
N PHE U 615 57.00 1.98 13.30
CA PHE U 615 56.03 1.84 14.38
C PHE U 615 56.35 0.58 15.19
N ILE U 616 56.28 0.70 16.51
CA ILE U 616 56.56 -0.39 17.43
C ILE U 616 55.40 -0.53 18.40
N THR U 617 55.14 -1.75 18.86
CA THR U 617 54.05 -2.02 19.79
C THR U 617 54.43 -3.17 20.70
N PHE U 618 53.77 -3.22 21.86
CA PHE U 618 53.90 -4.37 22.74
C PHE U 618 53.26 -5.59 22.10
N ALA U 619 53.75 -6.78 22.46
CA ALA U 619 53.29 -8.01 21.85
C ALA U 619 52.62 -8.97 22.83
N ASP U 620 52.84 -8.80 24.13
CA ASP U 620 52.38 -9.76 25.12
C ASP U 620 51.85 -9.01 26.33
N THR U 621 51.47 -9.78 27.36
CA THR U 621 51.05 -9.27 28.67
C THR U 621 49.89 -8.30 28.56
N SER U 622 49.46 -7.74 29.70
CA SER U 622 48.27 -6.91 29.72
C SER U 622 48.43 -5.65 28.86
N MET U 623 49.65 -5.13 28.76
CA MET U 623 49.88 -3.92 27.98
C MET U 623 50.00 -4.18 26.50
N GLY U 624 49.61 -5.35 26.01
CA GLY U 624 49.72 -5.68 24.61
C GLY U 624 48.95 -4.74 23.71
N GLY U 625 49.61 -4.25 22.65
CA GLY U 625 48.99 -3.36 21.69
C GLY U 625 49.31 -1.89 21.88
N MET U 626 50.07 -1.53 22.92
CA MET U 626 50.31 -0.13 23.21
C MET U 626 51.57 0.36 22.50
N TRP U 627 51.57 1.66 22.19
CA TRP U 627 52.65 2.26 21.41
C TRP U 627 53.91 2.41 22.24
N VAL U 628 55.06 2.22 21.58
CA VAL U 628 56.37 2.53 22.15
C VAL U 628 57.19 3.21 21.06
N GLY U 629 58.16 4.03 21.48
CA GLY U 629 58.91 4.86 20.58
C GLY U 629 60.40 4.50 20.56
N TYR U 630 61.12 5.17 19.67
CA TYR U 630 62.55 4.97 19.49
C TYR U 630 63.26 6.32 19.48
N GLU U 631 64.56 6.30 19.72
CA GLU U 631 65.34 7.51 19.86
C GLU U 631 66.40 7.72 18.78
N SER U 632 66.94 6.66 18.18
CA SER U 632 67.99 6.82 17.19
C SER U 632 68.12 5.55 16.37
N ILE U 633 68.77 5.69 15.21
CA ILE U 633 69.09 4.58 14.33
C ILE U 633 70.51 4.78 13.81
N ASP U 634 71.37 3.81 14.05
CA ASP U 634 72.76 3.90 13.63
C ASP U 634 72.85 3.80 12.11
N PRO U 635 73.39 4.79 11.41
CA PRO U 635 73.44 4.71 9.94
C PRO U 635 74.27 3.55 9.41
N THR U 636 75.25 3.07 10.17
CA THR U 636 76.15 2.05 9.65
C THR U 636 75.65 0.63 9.94
N THR U 637 75.12 0.39 11.14
CA THR U 637 74.69 -0.95 11.54
C THR U 637 73.19 -1.12 11.67
N TYR U 638 72.39 -0.05 11.55
CA TYR U 638 70.94 -0.13 11.63
C TYR U 638 70.47 -0.68 12.97
N VAL U 639 71.14 -0.28 14.05
CA VAL U 639 70.68 -0.64 15.38
C VAL U 639 69.76 0.45 15.91
N VAL U 640 68.70 0.03 16.61
CA VAL U 640 67.66 0.93 17.09
C VAL U 640 67.65 0.92 18.61
N THR U 641 67.49 2.10 19.19
CA THR U 641 67.42 2.26 20.65
C THR U 641 66.04 2.77 21.01
N THR U 642 65.39 2.09 21.95
CA THR U 642 64.03 2.43 22.33
C THR U 642 64.03 3.42 23.50
N VAL U 643 62.83 3.91 23.82
CA VAL U 643 62.65 4.86 24.91
C VAL U 643 62.87 4.16 26.24
N ARG U 644 63.00 4.94 27.31
CA ARG U 644 63.37 4.41 28.61
C ARG U 644 62.28 3.51 29.18
N ASN U 645 62.71 2.58 30.04
CA ASN U 645 61.86 1.77 30.90
C ASN U 645 61.00 0.75 30.15
N VAL U 646 61.48 0.24 29.01
CA VAL U 646 60.81 -0.86 28.34
C VAL U 646 61.46 -2.17 28.77
N PRO U 647 60.72 -3.14 29.31
CA PRO U 647 61.34 -4.39 29.75
C PRO U 647 61.62 -5.34 28.59
N ASP U 648 62.48 -6.31 28.85
CA ASP U 648 62.83 -7.29 27.83
C ASP U 648 61.65 -8.21 27.55
N GLY U 649 61.46 -8.55 26.28
CA GLY U 649 60.37 -9.42 25.89
C GLY U 649 60.19 -9.42 24.38
N GLU U 650 58.97 -9.77 23.96
CA GLU U 650 58.62 -9.85 22.55
C GLU U 650 57.93 -8.56 22.12
N TYR U 651 58.16 -8.16 20.88
CA TYR U 651 57.58 -6.92 20.35
C TYR U 651 57.35 -7.07 18.85
N PHE U 652 56.45 -6.24 18.33
CA PHE U 652 56.18 -6.16 16.91
C PHE U 652 56.80 -4.88 16.35
N VAL U 653 57.04 -4.89 15.04
CA VAL U 653 57.62 -3.75 14.34
C VAL U 653 56.99 -3.67 12.95
N GLY U 654 56.59 -2.47 12.55
CA GLY U 654 55.92 -2.31 11.28
C GLY U 654 55.90 -0.86 10.83
N LEU U 655 54.89 -0.53 10.02
CA LEU U 655 54.76 0.78 9.42
C LEU U 655 53.35 1.32 9.65
N ARG U 656 53.19 2.63 9.45
CA ARG U 656 51.95 3.32 9.75
C ARG U 656 51.11 3.53 8.49
N TYR U 657 49.84 3.89 8.72
CA TYR U 657 48.94 4.28 7.63
C TYR U 657 47.79 5.09 8.22
N THR U 658 47.06 5.77 7.33
CA THR U 658 45.98 6.66 7.72
C THR U 658 44.62 6.06 7.36
N SER U 659 43.57 6.57 8.02
CA SER U 659 42.23 6.01 7.91
C SER U 659 41.20 7.13 7.72
N VAL U 660 41.46 8.02 6.77
CA VAL U 660 40.59 9.18 6.52
C VAL U 660 39.15 8.75 6.29
N LEU U 661 38.21 9.61 6.69
CA LEU U 661 36.79 9.45 6.39
C LEU U 661 36.15 10.83 6.33
N SER U 662 35.07 10.94 5.55
CA SER U 662 34.42 12.23 5.35
C SER U 662 32.93 12.06 5.08
N PRO U 663 32.06 12.43 6.01
CA PRO U 663 30.62 12.29 5.77
C PRO U 663 30.13 13.23 4.68
N THR U 664 28.81 13.15 4.42
CA THR U 664 28.15 14.03 3.46
C THR U 664 27.32 15.07 4.21
N PRO U 665 27.23 16.31 3.73
CA PRO U 665 26.52 17.34 4.48
C PRO U 665 25.04 17.00 4.61
N PRO U 666 24.38 17.44 5.69
CA PRO U 666 22.96 17.12 5.87
C PRO U 666 22.09 17.77 4.80
N LEU U 667 20.80 17.44 4.86
CA LEU U 667 19.81 17.97 3.93
C LEU U 667 18.48 18.12 4.64
N VAL U 668 17.65 19.01 4.12
CA VAL U 668 16.29 19.24 4.61
C VAL U 668 15.32 18.68 3.59
N ARG U 669 14.35 17.90 4.06
CA ARG U 669 13.45 17.18 3.17
C ARG U 669 12.04 17.23 3.74
N ASP U 670 11.09 17.67 2.92
CA ASP U 670 9.71 17.84 3.35
C ASP U 670 8.97 16.49 3.31
N ALA U 671 7.65 16.56 3.47
CA ALA U 671 6.84 15.34 3.56
C ALA U 671 6.94 14.50 2.30
N ASN U 672 6.89 15.11 1.12
CA ASN U 672 6.88 14.39 -0.14
C ASN U 672 8.28 13.99 -0.60
N GLY U 673 9.32 14.33 0.16
CA GLY U 673 10.67 13.96 -0.20
C GLY U 673 11.44 15.00 -0.99
N ILE U 674 10.83 16.16 -1.29
CA ILE U 674 11.52 17.19 -2.04
C ILE U 674 12.56 17.87 -1.16
N VAL U 675 13.63 18.35 -1.78
CA VAL U 675 14.70 19.03 -1.06
C VAL U 675 14.48 20.53 -1.11
N ILE U 676 14.64 21.19 0.04
CA ILE U 676 14.40 22.62 0.17
C ILE U 676 15.47 23.23 1.07
N GLY U 677 15.64 24.54 0.94
CA GLY U 677 16.55 25.29 1.78
C GLY U 677 18.02 25.02 1.57
N THR U 678 18.45 24.80 0.32
CA THR U 678 19.86 24.54 0.06
C THR U 678 20.74 25.76 0.33
N TYR U 679 20.17 26.97 0.31
CA TYR U 679 20.92 28.20 0.49
C TYR U 679 20.40 29.00 1.69
N GLN U 680 19.50 28.41 2.47
CA GLN U 680 18.89 29.11 3.59
C GLN U 680 18.88 28.22 4.83
N SER U 681 20.00 27.54 5.09
CA SER U 681 20.13 26.69 6.26
C SER U 681 21.54 26.84 6.81
N LEU U 682 21.68 26.66 8.12
CA LEU U 682 22.95 26.80 8.81
C LEU U 682 23.17 25.61 9.71
N LEU U 683 24.41 25.12 9.76
CA LEU U 683 24.76 23.94 10.55
C LEU U 683 25.46 24.41 11.83
N VAL U 684 25.10 23.81 12.95
CA VAL U 684 25.60 24.26 14.24
C VAL U 684 26.59 23.27 14.86
N ARG U 685 26.35 21.97 14.74
CA ARG U 685 27.10 21.02 15.55
C ARG U 685 27.01 19.63 14.97
N TYR U 686 27.97 18.79 15.35
CA TYR U 686 27.94 17.35 15.10
C TYR U 686 27.96 16.60 16.43
N GLU U 687 27.25 15.48 16.48
CA GLU U 687 27.28 14.56 17.62
C GLU U 687 27.76 13.22 17.11
N LEU U 688 28.78 12.67 17.77
CA LEU U 688 29.41 11.41 17.36
C LEU U 688 29.34 10.41 18.50
N THR U 689 28.88 9.20 18.19
CA THR U 689 28.85 8.10 19.13
C THR U 689 29.84 7.03 18.68
N LEU U 690 30.75 6.66 19.58
CA LEU U 690 31.86 5.78 19.26
C LEU U 690 31.82 4.54 20.14
N LYS U 691 31.91 3.37 19.52
CA LYS U 691 31.92 2.11 20.27
C LYS U 691 33.26 1.85 20.93
N ASP U 692 34.35 2.30 20.33
CA ASP U 692 35.68 2.21 20.92
C ASP U 692 36.62 3.07 20.10
N SER U 693 37.45 3.86 20.79
CA SER U 693 38.31 4.80 20.10
C SER U 693 39.21 5.51 21.10
N GLY U 694 40.25 6.14 20.58
CA GLY U 694 41.08 7.04 21.36
C GLY U 694 41.02 8.44 20.80
N GLU U 695 42.12 9.18 20.87
CA GLU U 695 42.16 10.51 20.30
C GLU U 695 42.26 10.43 18.77
N PHE U 696 41.55 11.34 18.11
CA PHE U 696 41.60 11.45 16.65
C PHE U 696 41.74 12.93 16.30
N HIS U 697 41.68 13.23 15.00
CA HIS U 697 41.92 14.57 14.50
C HIS U 697 40.81 14.95 13.54
N ALA U 698 40.26 16.15 13.72
CA ALA U 698 39.13 16.63 12.93
C ALA U 698 39.44 17.99 12.34
N ILE U 699 39.06 18.18 11.08
CA ILE U 699 39.23 19.45 10.39
C ILE U 699 37.92 19.79 9.69
N ILE U 700 37.44 21.01 9.90
CA ILE U 700 36.26 21.53 9.21
C ILE U 700 36.66 22.81 8.50
N THR U 701 36.32 22.91 7.22
CA THR U 701 36.71 24.05 6.40
C THR U 701 35.51 24.53 5.60
N ASP U 702 35.56 25.81 5.22
CA ASP U 702 34.52 26.44 4.42
C ASP U 702 35.10 26.80 3.06
N SER U 703 34.30 27.50 2.26
CA SER U 703 34.69 27.85 0.90
C SER U 703 35.99 28.65 0.88
N SER U 704 36.25 29.42 1.93
CA SER U 704 37.37 30.37 1.91
C SER U 704 38.20 30.39 3.18
N ARG U 705 37.82 29.65 4.23
CA ARG U 705 38.54 29.74 5.49
C ARG U 705 38.32 28.48 6.31
N THR U 706 39.24 28.25 7.24
CA THR U 706 39.09 27.16 8.20
C THR U 706 38.26 27.62 9.39
N LEU U 707 37.44 26.70 9.92
CA LEU U 707 36.56 26.99 11.04
C LEU U 707 36.97 26.27 12.31
N THR U 708 37.21 24.96 12.25
CA THR U 708 37.53 24.17 13.43
C THR U 708 38.77 23.33 13.14
N ASP U 709 39.52 23.03 14.19
CA ASP U 709 40.73 22.22 14.07
C ASP U 709 41.21 21.86 15.47
N GLY U 710 41.80 20.68 15.58
CA GLY U 710 42.33 20.18 16.84
C GLY U 710 41.90 18.76 17.12
N ASN U 711 42.53 18.18 18.13
CA ASN U 711 42.27 16.81 18.51
C ASN U 711 41.03 16.71 19.39
N TYR U 712 40.39 15.54 19.35
CA TYR U 712 39.24 15.25 20.18
C TYR U 712 39.37 13.81 20.69
N SER U 713 38.63 13.51 21.76
CA SER U 713 38.69 12.18 22.36
C SER U 713 37.39 11.94 23.11
N SER U 714 37.13 10.66 23.38
CA SER U 714 35.96 10.24 24.15
C SER U 714 36.32 9.64 25.51
N LEU U 715 37.58 9.72 25.92
CA LEU U 715 38.03 9.20 27.20
C LEU U 715 38.32 10.36 28.13
N VAL U 716 37.71 10.36 29.32
CA VAL U 716 37.79 11.47 30.24
C VAL U 716 38.61 11.04 31.46
N TYR U 717 38.97 12.03 32.28
CA TYR U 717 39.87 11.80 33.41
C TYR U 717 39.18 11.08 34.56
N SER U 718 37.85 10.95 34.54
CA SER U 718 37.11 10.30 35.61
C SER U 718 36.58 8.94 35.21
N SER U 719 37.11 8.35 34.14
CA SER U 719 36.67 7.05 33.68
C SER U 719 37.62 5.98 34.18
N THR U 720 37.06 4.88 34.69
CA THR U 720 37.84 3.79 35.22
C THR U 720 38.67 3.11 34.13
N GLU U 721 38.32 3.36 32.87
CA GLU U 721 39.07 2.79 31.76
C GLU U 721 40.48 3.34 31.65
N LEU U 722 40.74 4.51 32.24
CA LEU U 722 42.06 5.14 32.15
C LEU U 722 42.90 4.69 33.36
N LEU U 723 43.86 3.81 33.11
CA LEU U 723 44.77 3.32 34.12
C LEU U 723 46.16 3.23 33.53
N PRO U 724 47.20 3.34 34.35
CA PRO U 724 48.55 3.06 33.85
C PRO U 724 48.74 1.57 33.63
N ASN U 725 49.50 1.23 32.58
CA ASN U 725 49.75 -0.14 32.16
C ASN U 725 48.53 -0.80 31.54
N ASN U 726 47.59 -0.03 31.01
CA ASN U 726 46.42 -0.52 30.30
C ASN U 726 46.22 0.29 29.03
N PRO U 727 45.55 -0.27 28.03
CA PRO U 727 45.29 0.51 26.81
C PRO U 727 44.37 1.69 27.08
N THR U 728 44.55 2.76 26.30
CA THR U 728 43.78 3.98 26.47
C THR U 728 42.62 4.00 25.48
N ASP U 729 41.57 3.25 25.82
CA ASP U 729 40.37 3.16 25.01
C ASP U 729 39.15 3.17 25.91
N ALA U 730 38.04 3.67 25.38
CA ALA U 730 36.78 3.75 26.10
C ALA U 730 35.74 2.90 25.39
N SER U 731 35.04 2.06 26.16
CA SER U 731 34.05 1.15 25.60
C SER U 731 32.82 1.86 25.05
N LEU U 732 32.57 3.11 25.44
CA LEU U 732 31.43 3.86 24.94
C LEU U 732 31.57 5.31 25.36
N GLY U 733 31.26 6.22 24.43
CA GLY U 733 31.42 7.63 24.71
C GLY U 733 30.83 8.45 23.59
N ARG U 734 31.06 9.76 23.68
CA ARG U 734 30.50 10.71 22.73
C ARG U 734 31.44 11.89 22.56
N THR U 735 31.28 12.62 21.46
CA THR U 735 32.07 13.81 21.17
C THR U 735 31.20 14.83 20.47
N ILE U 736 31.56 16.11 20.62
CA ILE U 736 30.80 17.22 20.07
C ILE U 736 31.75 18.16 19.35
N ILE U 737 31.32 18.64 18.19
CA ILE U 737 32.17 19.49 17.34
C ILE U 737 31.34 20.66 16.83
N PRO U 738 31.79 21.91 17.00
CA PRO U 738 31.06 23.06 16.45
C PRO U 738 31.50 23.42 15.04
N VAL U 739 30.53 23.90 14.26
CA VAL U 739 30.78 24.27 12.87
C VAL U 739 30.43 25.74 12.65
N ARG U 740 29.16 26.09 12.86
CA ARG U 740 28.69 27.46 12.67
C ARG U 740 28.97 27.99 11.27
N ALA U 741 28.35 27.40 10.26
CA ALA U 741 28.50 27.87 8.89
C ALA U 741 27.38 27.27 8.04
N GLN U 742 27.31 27.72 6.79
CA GLN U 742 26.28 27.23 5.88
C GLN U 742 26.40 25.72 5.73
N ALA U 743 25.24 25.05 5.64
CA ALA U 743 25.24 23.60 5.74
C ALA U 743 26.02 22.93 4.61
N GLN U 744 25.72 23.29 3.36
CA GLN U 744 26.26 22.57 2.21
C GLN U 744 27.62 23.09 1.76
N ASP U 745 28.07 24.25 2.25
CA ASP U 745 29.38 24.78 1.88
C ASP U 745 30.43 24.39 2.92
N THR U 746 30.55 23.09 3.20
CA THR U 746 31.46 22.60 4.23
C THR U 746 32.08 21.29 3.80
N VAL U 747 33.26 21.01 4.36
CA VAL U 747 33.94 19.74 4.18
C VAL U 747 34.47 19.29 5.53
N ALA U 748 34.25 18.03 5.88
CA ALA U 748 34.65 17.50 7.17
C ALA U 748 35.44 16.21 6.97
N THR U 749 36.51 16.05 7.74
CA THR U 749 37.34 14.86 7.68
C THR U 749 37.77 14.46 9.08
N PHE U 750 37.97 13.17 9.28
CA PHE U 750 38.45 12.62 10.54
C PHE U 750 39.59 11.65 10.26
N GLU U 751 40.74 11.88 10.89
CA GLU U 751 41.94 11.10 10.66
C GLU U 751 42.33 10.35 11.93
N ALA U 752 43.05 9.25 11.74
CA ALA U 752 43.61 8.49 12.84
C ALA U 752 44.69 7.56 12.30
N ASN U 753 45.90 7.70 12.84
CA ASN U 753 47.04 6.91 12.37
C ASN U 753 47.86 6.42 13.56
N ALA U 754 47.19 5.88 14.58
CA ALA U 754 47.84 5.47 15.81
C ALA U 754 47.35 4.06 16.16
N ASP U 755 47.70 3.59 17.36
CA ASP U 755 47.42 2.21 17.74
C ASP U 755 45.97 1.99 18.14
N THR U 756 45.16 3.05 18.22
CA THR U 756 43.79 2.93 18.66
C THR U 756 42.84 2.90 17.47
N ASP U 757 41.71 2.22 17.65
CA ASP U 757 40.70 2.09 16.61
C ASP U 757 39.86 3.36 16.53
N LEU U 758 38.95 3.40 15.55
CA LEU U 758 37.98 4.48 15.41
C LEU U 758 36.72 3.87 14.77
N CYS U 759 35.74 3.55 15.62
CA CYS U 759 34.50 2.92 15.19
C CYS U 759 33.36 3.90 15.40
N ILE U 760 32.65 4.25 14.33
CA ILE U 760 31.58 5.24 14.38
C ILE U 760 30.25 4.50 14.31
N LEU U 761 29.43 4.64 15.34
CA LEU U 761 28.14 3.96 15.37
C LEU U 761 27.02 4.83 14.82
N ASP U 762 27.02 6.13 15.13
CA ASP U 762 25.95 7.02 14.69
C ASP U 762 26.49 8.44 14.64
N ILE U 763 25.78 9.28 13.91
CA ILE U 763 26.11 10.70 13.77
C ILE U 763 24.84 11.51 13.87
N GLU U 764 24.89 12.61 14.61
CA GLU U 764 23.75 13.51 14.79
C GLU U 764 24.22 14.94 14.64
N TYR U 765 23.27 15.82 14.33
CA TYR U 765 23.57 17.23 14.07
C TYR U 765 22.45 18.11 14.62
N VAL U 766 22.73 19.40 14.69
CA VAL U 766 21.75 20.41 15.06
C VAL U 766 21.64 21.39 13.90
N LEU U 767 20.42 21.59 13.41
CA LEU U 767 20.18 22.39 12.22
C LEU U 767 19.27 23.56 12.57
N GLN U 768 19.62 24.74 12.06
CA GLN U 768 18.86 25.96 12.29
C GLN U 768 18.24 26.41 10.96
N TYR U 769 16.96 26.12 10.78
CA TYR U 769 16.22 26.49 9.59
C TYR U 769 14.85 27.00 9.99
N ARG U 770 14.42 28.09 9.36
CA ARG U 770 13.19 28.76 9.78
C ARG U 770 12.44 29.21 8.53
N ALA U 771 11.34 28.53 8.24
CA ALA U 771 10.46 28.94 7.16
C ALA U 771 9.56 30.08 7.62
N ARG U 772 9.25 31.01 6.71
CA ARG U 772 8.46 32.19 7.05
C ARG U 772 7.23 32.32 6.17
N ARG U 773 6.89 31.30 5.40
CA ARG U 773 5.64 31.26 4.66
C ARG U 773 5.17 29.82 4.57
N LYS U 774 3.86 29.63 4.53
CA LYS U 774 3.28 28.31 4.35
C LYS U 774 3.68 27.77 2.98
N ARG U 775 3.41 26.49 2.74
CA ARG U 775 3.81 25.82 1.51
C ARG U 775 2.58 25.27 0.81
N ILE U 776 2.58 25.37 -0.52
CA ILE U 776 1.47 24.90 -1.34
C ILE U 776 1.77 25.17 -2.80
N ALA V 2 8.22 9.43 32.34
CA ALA V 2 8.71 8.09 32.02
C ALA V 2 7.76 7.40 31.04
N PHE V 3 8.32 6.51 30.22
CA PHE V 3 7.55 5.77 29.22
C PHE V 3 7.70 4.28 29.49
N ASP V 4 6.89 3.49 28.79
CA ASP V 4 6.94 2.04 28.90
C ASP V 4 7.08 1.41 27.52
N GLY V 5 7.15 0.09 27.46
CA GLY V 5 7.30 -0.60 26.20
C GLY V 5 7.32 -2.09 26.41
N SER V 6 7.52 -2.81 25.30
CA SER V 6 7.52 -4.26 25.31
C SER V 6 8.40 -4.78 24.18
N ILE V 7 9.15 -5.85 24.47
CA ILE V 7 9.95 -6.51 23.45
C ILE V 7 9.03 -7.37 22.59
N LYS V 8 9.23 -7.30 21.27
CA LYS V 8 8.27 -7.91 20.35
C LYS V 8 8.17 -9.42 20.55
N SER V 9 9.30 -10.13 20.52
CA SER V 9 9.28 -11.58 20.61
C SER V 9 10.68 -12.07 20.94
N LEU V 10 10.78 -13.37 21.20
CA LEU V 10 12.02 -14.03 21.59
C LEU V 10 12.19 -15.35 20.84
N LEU V 11 11.94 -15.35 19.53
CA LEU V 11 11.90 -16.58 18.75
C LEU V 11 12.81 -16.54 17.52
N GLN V 12 13.94 -15.84 17.56
CA GLN V 12 14.86 -15.78 16.45
C GLN V 12 16.29 -16.14 16.85
N GLY V 13 16.49 -16.71 18.03
CA GLY V 13 17.79 -17.22 18.39
C GLY V 13 18.85 -16.14 18.57
N VAL V 14 20.11 -16.61 18.57
CA VAL V 14 21.24 -15.76 18.91
C VAL V 14 21.63 -14.89 17.71
N SER V 15 22.34 -13.81 18.02
CA SER V 15 22.89 -12.92 16.99
C SER V 15 24.13 -12.25 17.55
N GLN V 16 24.94 -11.69 16.67
CA GLN V 16 26.19 -11.06 17.05
C GLN V 16 26.42 -9.71 16.39
N GLN V 17 25.40 -9.12 15.78
CA GLN V 17 25.51 -7.77 15.27
C GLN V 17 25.32 -6.76 16.39
N VAL V 18 25.69 -5.52 16.11
CA VAL V 18 25.48 -4.43 17.07
C VAL V 18 23.97 -4.24 17.23
N PRO V 19 23.49 -3.78 18.38
CA PRO V 19 22.03 -3.74 18.60
C PRO V 19 21.29 -2.88 17.59
N ARG V 20 21.97 -1.94 16.93
CA ARG V 20 21.29 -1.06 15.99
C ARG V 20 20.67 -1.83 14.83
N GLU V 21 21.23 -2.99 14.48
CA GLU V 21 20.87 -3.68 13.25
C GLU V 21 20.20 -5.02 13.44
N ARG V 22 20.12 -5.55 14.66
CA ARG V 22 19.51 -6.84 14.87
C ARG V 22 18.03 -6.83 14.46
N LEU V 23 17.59 -7.93 13.86
CA LEU V 23 16.20 -8.07 13.48
C LEU V 23 15.32 -8.27 14.71
N ASP V 24 14.01 -8.20 14.49
CA ASP V 24 13.05 -8.36 15.58
C ASP V 24 13.03 -9.80 16.06
N GLY V 25 13.16 -10.01 17.37
CA GLY V 25 13.10 -11.32 17.97
C GLY V 25 14.43 -11.95 18.32
N GLN V 26 15.54 -11.42 17.80
CA GLN V 26 16.84 -11.99 18.09
C GLN V 26 17.30 -11.64 19.50
N VAL V 27 18.07 -12.54 20.10
CA VAL V 27 18.56 -12.37 21.46
C VAL V 27 20.08 -12.41 21.44
N SER V 28 20.71 -12.31 22.61
CA SER V 28 22.15 -12.18 22.69
C SER V 28 22.83 -13.48 23.08
N VAL V 29 22.21 -14.27 23.96
CA VAL V 29 22.77 -15.53 24.43
C VAL V 29 21.63 -16.51 24.70
N GLN V 30 21.81 -17.75 24.29
CA GLN V 30 20.86 -18.82 24.58
C GLN V 30 21.66 -20.11 24.80
N LEU V 31 21.23 -20.91 25.76
CA LEU V 31 21.97 -22.10 26.13
C LEU V 31 21.05 -23.06 26.86
N ASN V 32 20.91 -24.29 26.35
CA ASN V 32 20.05 -25.29 26.96
C ASN V 32 18.59 -24.83 27.01
N ARG V 33 18.22 -23.91 26.13
CA ARG V 33 16.85 -23.46 25.98
C ARG V 33 16.25 -24.04 24.71
N LEU V 34 14.97 -23.74 24.52
CA LEU V 34 14.26 -24.06 23.29
C LEU V 34 13.64 -22.80 22.71
N SER V 35 13.62 -22.74 21.38
CA SER V 35 12.96 -21.66 20.64
C SER V 35 11.56 -22.07 20.23
N ASP V 36 10.92 -22.89 21.07
CA ASP V 36 9.67 -23.52 20.69
C ASP V 36 8.56 -22.49 20.49
N VAL V 37 7.82 -22.65 19.40
CA VAL V 37 6.57 -21.91 19.23
C VAL V 37 5.48 -22.55 20.09
N VAL V 38 4.35 -21.86 20.19
CA VAL V 38 3.13 -22.35 20.84
C VAL V 38 3.32 -22.48 22.35
N ASN V 39 4.47 -23.00 22.79
CA ASN V 39 4.75 -23.14 24.21
C ASN V 39 5.66 -22.05 24.75
N GLY V 40 6.37 -21.32 23.89
CA GLY V 40 7.22 -20.24 24.34
C GLY V 40 8.68 -20.65 24.48
N ASN V 41 9.45 -19.75 25.08
CA ASN V 41 10.89 -19.93 25.24
C ASN V 41 11.18 -20.54 26.61
N ARG V 42 11.12 -21.87 26.66
CA ARG V 42 11.28 -22.61 27.89
C ARG V 42 12.55 -23.45 27.85
N ARG V 43 12.79 -24.24 28.91
CA ARG V 43 13.97 -25.08 29.00
C ARG V 43 13.77 -26.38 28.21
N ARG V 44 14.89 -27.01 27.86
CA ARG V 44 14.83 -28.27 27.14
C ARG V 44 14.64 -29.43 28.12
N PRO V 45 14.05 -30.54 27.66
CA PRO V 45 13.93 -31.71 28.54
C PRO V 45 15.28 -32.36 28.79
N GLY V 46 15.26 -33.37 29.66
CA GLY V 46 16.49 -34.08 30.00
C GLY V 46 16.76 -35.22 29.03
N ALA V 47 18.01 -35.70 29.06
CA ALA V 47 18.40 -36.81 28.20
C ALA V 47 18.22 -38.13 28.94
N ARG V 48 17.60 -39.09 28.28
CA ARG V 48 17.26 -40.37 28.88
C ARG V 48 18.27 -41.43 28.47
N TYR V 49 18.60 -42.32 29.41
CA TYR V 49 19.57 -43.37 29.15
C TYR V 49 18.89 -44.61 28.60
N LEU V 50 19.47 -45.17 27.53
CA LEU V 50 18.85 -46.31 26.85
C LEU V 50 19.67 -47.58 27.01
N ALA V 51 20.94 -47.55 26.60
CA ALA V 51 21.79 -48.73 26.64
C ALA V 51 23.19 -48.35 26.20
N ASP V 52 24.10 -49.31 26.28
CA ASP V 52 25.49 -49.14 25.87
C ASP V 52 25.81 -50.11 24.74
N VAL V 53 26.44 -49.59 23.69
CA VAL V 53 26.78 -50.41 22.52
C VAL V 53 27.95 -51.32 22.90
N PRO V 54 27.92 -52.62 22.52
CA PRO V 54 29.05 -53.52 22.85
C PRO V 54 30.27 -53.27 21.97
N THR V 55 30.99 -52.19 22.27
CA THR V 55 32.23 -51.88 21.58
C THR V 55 33.06 -50.96 22.47
N THR V 56 34.29 -50.70 22.05
CA THR V 56 35.21 -49.85 22.80
C THR V 56 35.95 -48.93 21.85
N SER V 57 36.35 -47.76 22.37
CA SER V 57 37.10 -46.79 21.60
C SER V 57 37.77 -45.80 22.54
N GLN V 58 38.89 -45.24 22.09
CA GLN V 58 39.59 -44.23 22.87
C GLN V 58 39.54 -42.85 22.24
N TYR V 59 39.10 -42.74 20.99
CA TYR V 59 39.09 -41.49 20.26
C TYR V 59 37.65 -41.11 19.90
N ASP V 60 37.45 -39.82 19.61
CA ASP V 60 36.13 -39.25 19.42
C ASP V 60 35.60 -39.36 18.01
N ASP V 61 36.41 -39.82 17.04
CA ASP V 61 35.96 -39.81 15.65
C ASP V 61 36.24 -41.11 14.91
N HIS V 62 36.33 -42.25 15.60
CA HIS V 62 36.58 -43.53 14.94
C HIS V 62 35.34 -44.40 14.99
N VAL V 63 34.16 -43.79 14.90
CA VAL V 63 32.89 -44.51 14.97
C VAL V 63 31.96 -43.98 13.90
N PHE V 64 31.19 -44.89 13.29
CA PHE V 64 30.23 -44.55 12.25
C PHE V 64 28.91 -45.25 12.57
N ALA V 65 27.80 -44.57 12.26
CA ALA V 65 26.48 -45.07 12.60
C ALA V 65 25.48 -44.70 11.53
N SER V 66 24.55 -45.62 11.27
CA SER V 66 23.46 -45.41 10.31
C SER V 66 22.47 -46.55 10.51
N TYR V 67 21.44 -46.61 9.67
CA TYR V 67 20.39 -47.60 9.80
C TYR V 67 20.03 -48.16 8.44
N VAL V 68 19.33 -49.30 8.47
CA VAL V 68 18.85 -49.96 7.26
C VAL V 68 17.54 -50.66 7.61
N ASP V 69 16.67 -50.80 6.61
CA ASP V 69 15.33 -51.35 6.80
C ASP V 69 15.25 -52.75 6.20
N VAL V 70 14.71 -53.68 6.98
CA VAL V 70 14.46 -55.05 6.54
C VAL V 70 13.00 -55.36 6.80
N GLN V 71 12.25 -55.64 5.74
CA GLN V 71 10.83 -55.92 5.86
C GLN V 71 10.12 -54.76 6.56
N ASP V 72 9.43 -55.04 7.67
CA ASP V 72 8.80 -53.99 8.46
C ASP V 72 9.70 -53.45 9.56
N THR V 73 10.87 -54.05 9.77
CA THR V 73 11.75 -53.64 10.86
C THR V 73 12.79 -52.64 10.36
N ALA V 74 13.32 -51.87 11.30
CA ALA V 74 14.45 -50.99 11.06
C ALA V 74 15.55 -51.33 12.05
N ASN V 75 16.79 -51.35 11.57
CA ASN V 75 17.92 -51.81 12.36
C ASN V 75 19.07 -50.82 12.25
N HIS V 76 19.89 -50.79 13.30
CA HIS V 76 21.03 -49.87 13.35
C HIS V 76 22.27 -50.55 12.78
N VAL V 77 23.15 -49.75 12.18
CA VAL V 77 24.43 -50.20 11.66
C VAL V 77 25.52 -49.39 12.34
N ILE V 78 26.45 -50.08 12.99
CA ILE V 78 27.55 -49.44 13.71
C ILE V 78 28.86 -50.04 13.23
N ILE V 79 29.82 -49.17 12.89
CA ILE V 79 31.12 -49.58 12.40
C ILE V 79 32.19 -48.88 13.21
N ASN V 80 33.18 -49.64 13.67
CA ASN V 80 34.35 -49.10 14.35
C ASN V 80 35.50 -49.10 13.36
N THR V 81 36.05 -47.92 13.10
CA THR V 81 37.01 -47.74 12.01
C THR V 81 38.45 -47.98 12.43
N GLU V 82 38.71 -48.23 13.71
CA GLU V 82 40.08 -48.48 14.15
C GLU V 82 40.44 -49.96 13.99
N THR V 83 39.65 -50.84 14.59
CA THR V 83 39.89 -52.28 14.49
C THR V 83 39.11 -52.93 13.35
N GLY V 84 38.25 -52.18 12.66
CA GLY V 84 37.49 -52.74 11.56
C GLY V 84 36.46 -53.76 12.00
N GLN V 85 35.48 -53.31 12.78
CA GLN V 85 34.41 -54.16 13.28
C GLN V 85 33.07 -53.70 12.74
N LEU V 86 32.17 -54.66 12.50
CA LEU V 86 30.86 -54.39 11.93
C LEU V 86 29.80 -54.95 12.88
N LEU V 87 28.79 -54.14 13.18
CA LEU V 87 27.73 -54.51 14.10
C LEU V 87 26.37 -54.22 13.51
N VAL V 88 25.39 -55.05 13.86
CA VAL V 88 23.99 -54.82 13.52
C VAL V 88 23.17 -55.10 14.78
N ILE V 89 22.26 -54.19 15.10
CA ILE V 89 21.50 -54.25 16.35
C ILE V 89 20.02 -54.06 16.03
N SER V 90 19.16 -54.54 16.91
CA SER V 90 17.73 -54.33 16.76
C SER V 90 17.36 -52.90 17.14
N GLU V 91 16.14 -52.51 16.78
CA GLU V 91 15.71 -51.13 17.00
C GLU V 91 15.71 -50.75 18.46
N ASP V 92 15.55 -51.71 19.37
CA ASP V 92 15.45 -51.43 20.79
C ASP V 92 16.72 -51.74 21.57
N PHE V 93 17.83 -52.02 20.87
CA PHE V 93 19.11 -52.32 21.51
C PHE V 93 19.05 -53.55 22.39
N SER V 94 18.16 -54.50 22.10
CA SER V 94 17.98 -55.66 22.96
C SER V 94 18.73 -56.89 22.48
N THR V 95 19.01 -56.99 21.18
CA THR V 95 19.67 -58.17 20.63
C THR V 95 20.69 -57.74 19.58
N THR V 96 21.68 -58.59 19.36
CA THR V 96 22.71 -58.38 18.35
C THR V 96 22.48 -59.37 17.23
N LEU V 97 22.33 -58.87 16.01
CA LEU V 97 22.01 -59.72 14.86
C LEU V 97 23.25 -60.15 14.08
N HIS V 98 24.33 -59.37 14.15
CA HIS V 98 25.56 -59.72 13.45
C HIS V 98 26.73 -59.06 14.15
N ASN V 99 27.88 -59.74 14.13
CA ASN V 99 29.10 -59.22 14.75
C ASN V 99 30.28 -59.95 14.14
N SER V 100 31.16 -59.20 13.46
CA SER V 100 32.30 -59.80 12.78
C SER V 100 33.35 -58.73 12.52
N THR V 101 34.57 -59.19 12.22
CA THR V 101 35.68 -58.30 11.92
C THR V 101 35.92 -58.28 10.41
N GLN V 102 36.37 -57.13 9.92
CA GLN V 102 36.62 -56.95 8.49
C GLN V 102 37.87 -56.10 8.33
N GLN V 103 38.92 -56.69 7.74
CA GLN V 103 40.15 -55.96 7.52
C GLN V 103 39.99 -54.86 6.48
N TYR V 104 38.94 -54.91 5.67
CA TYR V 104 38.76 -53.90 4.63
C TYR V 104 38.31 -52.57 5.23
N LEU V 105 37.70 -52.60 6.40
CA LEU V 105 37.09 -51.42 7.00
C LEU V 105 38.04 -50.65 7.90
N VAL V 106 39.35 -50.91 7.83
CA VAL V 106 40.31 -50.17 8.64
C VAL V 106 40.66 -48.87 7.93
N ALA V 107 40.51 -47.76 8.64
CA ALA V 107 40.83 -46.44 8.08
C ALA V 107 41.18 -45.51 9.22
N SER V 108 41.60 -44.30 8.85
CA SER V 108 42.07 -43.33 9.84
C SER V 108 40.92 -42.67 10.58
N ALA V 109 39.79 -42.43 9.92
CA ALA V 109 38.69 -41.70 10.53
C ALA V 109 37.37 -42.20 9.95
N ALA V 110 36.29 -41.91 10.67
CA ALA V 110 34.96 -42.38 10.32
C ALA V 110 34.32 -41.59 9.18
N SER V 111 35.07 -40.68 8.56
CA SER V 111 34.55 -39.91 7.44
C SER V 111 34.80 -40.57 6.09
N ALA V 112 35.49 -41.71 6.06
CA ALA V 112 35.82 -42.36 4.80
C ALA V 112 34.81 -43.43 4.40
N ILE V 113 33.79 -43.68 5.22
CA ILE V 113 32.83 -44.74 4.96
C ILE V 113 31.63 -44.16 4.21
N GLN V 114 31.07 -44.95 3.29
CA GLN V 114 29.89 -44.56 2.53
C GLN V 114 29.14 -45.83 2.15
N THR V 115 27.85 -45.67 1.82
CA THR V 115 26.99 -46.83 1.61
C THR V 115 26.00 -46.56 0.48
N ALA V 116 25.49 -47.65 -0.09
CA ALA V 116 24.46 -47.59 -1.11
C ALA V 116 23.79 -48.95 -1.22
N THR V 117 22.58 -48.95 -1.79
CA THR V 117 21.79 -50.16 -1.94
C THR V 117 21.12 -50.16 -3.31
N LEU V 118 21.25 -51.27 -4.04
CA LEU V 118 20.71 -51.33 -5.40
C LEU V 118 19.61 -52.36 -5.60
N ARG V 119 19.84 -53.65 -5.32
CA ARG V 119 18.80 -54.66 -5.56
C ARG V 119 18.33 -55.33 -4.29
N GLY V 120 19.23 -56.00 -3.59
CA GLY V 120 18.88 -56.71 -2.38
C GLY V 120 20.00 -56.76 -1.36
N ASP V 121 20.98 -55.86 -1.51
CA ASP V 121 22.15 -55.89 -0.64
C ASP V 121 22.61 -54.46 -0.37
N LEU V 122 23.28 -54.29 0.76
CA LEU V 122 23.83 -53.00 1.16
C LEU V 122 25.34 -53.02 0.94
N TYR V 123 25.82 -52.10 0.11
CA TYR V 123 27.24 -52.01 -0.20
C TYR V 123 27.91 -50.97 0.70
N ILE V 124 29.16 -51.22 1.06
CA ILE V 124 29.94 -50.34 1.91
C ILE V 124 31.26 -50.06 1.22
N ALA V 125 31.61 -48.78 1.10
CA ALA V 125 32.79 -48.36 0.37
C ALA V 125 33.73 -47.60 1.30
N ASN V 126 35.02 -47.90 1.18
CA ASN V 126 36.07 -47.22 1.93
C ASN V 126 36.87 -46.38 0.93
N THR V 127 36.81 -45.05 1.10
CA THR V 127 37.44 -44.15 0.14
C THR V 127 38.94 -44.00 0.35
N GLU V 128 39.51 -44.61 1.39
CA GLU V 128 40.93 -44.50 1.67
C GLU V 128 41.75 -45.63 1.04
N LYS V 129 41.11 -46.51 0.26
CA LYS V 129 41.79 -47.65 -0.34
C LYS V 129 41.55 -47.65 -1.84
N ALA V 130 42.54 -48.17 -2.58
CA ALA V 130 42.51 -48.14 -4.03
C ALA V 130 42.44 -49.55 -4.59
N PRO V 131 41.61 -49.81 -5.60
CA PRO V 131 41.55 -51.15 -6.20
C PRO V 131 42.68 -51.36 -7.20
N THR V 132 42.87 -52.63 -7.57
CA THR V 132 43.90 -53.03 -8.52
C THR V 132 43.39 -54.18 -9.36
N LYS V 133 43.95 -54.30 -10.57
CA LYS V 133 43.58 -55.38 -11.47
C LYS V 133 44.30 -56.67 -11.10
N VAL V 134 43.66 -57.81 -11.40
CA VAL V 134 44.23 -59.12 -11.17
C VAL V 134 44.08 -59.95 -12.43
N PHE V 135 45.12 -60.72 -12.76
CA PHE V 135 45.13 -61.59 -13.92
C PHE V 135 45.14 -63.04 -13.46
N GLY V 136 44.14 -63.81 -13.88
CA GLY V 136 44.08 -65.21 -13.55
C GLY V 136 44.61 -66.10 -14.66
N SER V 137 44.82 -67.37 -14.32
CA SER V 137 45.30 -68.33 -15.30
C SER V 137 44.23 -68.57 -16.36
N THR V 138 44.66 -68.61 -17.63
CA THR V 138 43.74 -68.83 -18.73
C THR V 138 44.42 -69.72 -19.76
N THR V 139 43.60 -70.30 -20.64
CA THR V 139 44.09 -71.21 -21.68
C THR V 139 44.38 -70.50 -23.00
N GLN V 140 44.26 -69.17 -23.05
CA GLN V 140 44.45 -68.45 -24.30
C GLN V 140 45.88 -68.61 -24.81
N GLN V 141 46.02 -68.52 -26.13
CA GLN V 141 47.32 -68.59 -26.79
C GLN V 141 47.58 -67.30 -27.56
N ASP V 142 48.84 -67.01 -27.82
CA ASP V 142 49.20 -65.76 -28.48
C ASP V 142 48.58 -65.70 -29.87
N ALA V 265 42.70 -73.10 -27.95
CA ALA V 265 42.24 -71.76 -27.59
C ALA V 265 42.81 -70.71 -28.54
N SER V 266 42.75 -70.97 -29.84
CA SER V 266 43.25 -70.00 -30.81
C SER V 266 42.34 -68.77 -30.84
N VAL V 267 42.91 -67.66 -31.29
CA VAL V 267 42.20 -66.39 -31.37
C VAL V 267 42.27 -65.87 -32.79
N ALA V 268 41.12 -65.43 -33.32
CA ALA V 268 41.03 -64.85 -34.65
C ALA V 268 40.19 -63.59 -34.57
N VAL V 269 40.46 -62.66 -35.48
CA VAL V 269 39.84 -61.34 -35.46
C VAL V 269 38.96 -61.20 -36.69
N GLY V 270 37.67 -60.97 -36.48
CA GLY V 270 36.76 -60.68 -37.56
C GLY V 270 36.66 -59.19 -37.85
N THR V 271 35.70 -58.84 -38.71
CA THR V 271 35.45 -57.45 -39.05
C THR V 271 34.30 -57.34 -40.04
N PHE V 276 37.69 -55.32 -35.51
CA PHE V 276 36.76 -54.89 -34.46
C PHE V 276 36.55 -55.99 -33.43
N VAL V 277 35.86 -57.06 -33.84
CA VAL V 277 35.42 -58.12 -32.94
C VAL V 277 36.50 -59.19 -32.88
N TRP V 278 36.66 -59.79 -31.70
CA TRP V 278 37.62 -60.86 -31.47
C TRP V 278 36.87 -62.11 -31.03
N TYR V 279 37.32 -63.27 -31.48
CA TYR V 279 36.67 -64.54 -31.18
C TYR V 279 37.68 -65.53 -30.63
N GLN V 280 37.20 -66.40 -29.75
CA GLN V 280 37.96 -67.53 -29.24
C GLN V 280 37.25 -68.83 -29.59
N TYR V 281 38.03 -69.89 -29.77
CA TYR V 281 37.52 -71.19 -30.18
C TYR V 281 37.55 -72.14 -28.99
N ASP V 282 36.37 -72.59 -28.56
CA ASP V 282 36.25 -73.51 -27.44
C ASP V 282 36.30 -74.95 -27.94
N SER V 283 37.47 -75.57 -27.74
CA SER V 283 37.70 -76.92 -28.23
C SER V 283 36.81 -77.95 -27.53
N ALA V 284 36.17 -77.58 -26.42
CA ALA V 284 35.30 -78.51 -25.72
C ALA V 284 33.99 -78.76 -26.47
N THR V 285 33.50 -77.78 -27.24
CA THR V 285 32.26 -77.94 -27.98
C THR V 285 32.32 -77.41 -29.41
N SER V 286 33.44 -76.85 -29.86
CA SER V 286 33.66 -76.38 -31.22
C SER V 286 32.91 -75.07 -31.52
N VAL V 287 32.45 -74.35 -30.50
CA VAL V 287 31.78 -73.08 -30.70
C VAL V 287 32.83 -71.98 -30.77
N TRP V 288 32.45 -70.80 -31.27
CA TRP V 288 33.34 -69.64 -31.36
C TRP V 288 32.75 -68.55 -30.47
N LYS V 289 33.10 -68.58 -29.19
CA LYS V 289 32.63 -67.57 -28.26
C LYS V 289 33.54 -66.34 -28.30
N GLU V 290 32.98 -65.22 -27.86
CA GLU V 290 33.74 -63.97 -27.85
C GLU V 290 34.74 -63.95 -26.69
N ALA V 291 35.80 -63.17 -26.86
CA ALA V 291 36.79 -62.95 -25.81
C ALA V 291 37.41 -61.58 -26.03
N GLY V 292 37.75 -60.90 -24.93
CA GLY V 292 38.27 -59.55 -25.06
C GLY V 292 39.57 -59.50 -25.85
N ALA V 293 40.64 -60.03 -25.27
CA ALA V 293 41.95 -60.08 -25.93
C ALA V 293 42.91 -60.79 -24.99
N TYR V 294 44.11 -61.05 -25.49
CA TYR V 294 45.15 -61.65 -24.67
C TYR V 294 45.62 -60.68 -23.59
N GLY V 295 45.85 -61.22 -22.40
CA GLY V 295 46.36 -60.42 -21.30
C GLY V 295 45.34 -59.50 -20.66
N SER V 296 44.06 -59.76 -20.86
CA SER V 296 43.03 -58.91 -20.25
C SER V 296 42.82 -59.31 -18.79
N PRO V 297 42.36 -58.37 -17.96
CA PRO V 297 42.12 -58.70 -16.54
C PRO V 297 40.90 -59.58 -16.38
N THR V 298 40.88 -60.34 -15.28
CA THR V 298 39.79 -61.24 -14.97
C THR V 298 39.07 -60.91 -13.68
N GLY V 299 39.33 -59.74 -13.09
CA GLY V 299 38.66 -59.37 -11.86
C GLY V 299 39.31 -58.14 -11.25
N PHE V 300 38.84 -57.81 -10.05
CA PHE V 300 39.32 -56.66 -9.30
C PHE V 300 39.61 -57.06 -7.86
N SER V 301 40.44 -56.26 -7.20
CA SER V 301 40.77 -56.44 -5.79
C SER V 301 40.53 -55.13 -5.05
N ASN V 302 40.30 -55.27 -3.74
CA ASN V 302 40.04 -54.14 -2.84
C ASN V 302 38.75 -53.41 -3.17
N MET V 303 37.77 -54.10 -3.74
CA MET V 303 36.51 -53.46 -4.10
C MET V 303 35.55 -53.48 -2.91
N PRO V 304 34.51 -52.64 -2.96
CA PRO V 304 33.58 -52.56 -1.82
C PRO V 304 32.93 -53.90 -1.51
N ILE V 305 32.74 -54.17 -0.22
CA ILE V 305 32.10 -55.40 0.25
C ILE V 305 30.58 -55.24 0.17
N ARG V 306 29.86 -56.35 0.32
CA ARG V 306 28.41 -56.36 0.18
C ARG V 306 27.78 -57.14 1.33
N ILE V 307 26.57 -56.74 1.72
CA ILE V 307 25.82 -57.38 2.79
C ILE V 307 24.42 -57.66 2.29
N SER V 308 23.85 -58.79 2.71
CA SER V 308 22.52 -59.18 2.28
C SER V 308 21.45 -58.59 3.18
N LEU V 309 20.24 -58.46 2.64
CA LEU V 309 19.09 -57.93 3.38
C LEU V 309 17.88 -58.85 3.29
N ASP V 310 18.10 -60.12 2.97
CA ASP V 310 16.97 -61.06 2.86
C ASP V 310 16.48 -61.55 4.21
N GLY V 311 17.19 -61.25 5.29
CA GLY V 311 16.78 -61.64 6.63
C GLY V 311 17.78 -62.49 7.38
N VAL V 312 18.97 -62.75 6.84
CA VAL V 312 19.97 -63.55 7.53
C VAL V 312 21.31 -62.84 7.65
N TYR V 313 21.50 -61.71 6.98
CA TYR V 313 22.68 -60.87 7.15
C TYR V 313 23.96 -61.63 6.81
N THR V 314 24.09 -62.03 5.54
CA THR V 314 25.32 -62.65 5.07
C THR V 314 26.27 -61.59 4.53
N VAL V 315 27.56 -61.76 4.83
CA VAL V 315 28.61 -60.85 4.35
C VAL V 315 29.53 -61.64 3.44
N GLU V 316 29.81 -61.10 2.26
CA GLU V 316 30.64 -61.78 1.28
C GLU V 316 31.16 -60.77 0.28
N THR V 317 32.41 -60.96 -0.16
CA THR V 317 32.99 -60.10 -1.18
C THR V 317 32.53 -60.56 -2.56
N PRO V 318 31.84 -59.73 -3.34
CA PRO V 318 31.34 -60.18 -4.64
C PRO V 318 32.44 -60.32 -5.67
N ALA V 319 32.16 -61.12 -6.69
CA ALA V 319 33.13 -61.38 -7.76
C ALA V 319 32.80 -60.49 -8.95
N TYR V 320 33.64 -59.49 -9.19
CA TYR V 320 33.42 -58.57 -10.29
C TYR V 320 34.00 -59.13 -11.59
N GLU V 321 33.42 -58.73 -12.71
CA GLU V 321 33.79 -59.29 -14.00
C GLU V 321 34.94 -58.52 -14.63
N GLY V 322 35.83 -59.25 -15.28
CA GLY V 322 36.83 -58.65 -16.15
C GLY V 322 36.28 -58.44 -17.54
N ARG V 323 37.16 -58.06 -18.46
CA ARG V 323 36.74 -57.88 -19.83
C ARG V 323 36.38 -59.22 -20.46
N LEU V 324 35.22 -59.28 -21.11
CA LEU V 324 34.80 -60.43 -21.89
C LEU V 324 34.83 -60.16 -23.38
N ALA V 325 34.60 -58.91 -23.77
CA ALA V 325 34.67 -58.48 -25.17
C ALA V 325 35.45 -57.19 -25.31
N GLY V 326 36.01 -56.99 -26.49
CA GLY V 326 36.67 -55.72 -26.82
C GLY V 326 38.13 -55.68 -26.45
N SER V 327 38.87 -54.80 -27.13
CA SER V 327 40.29 -54.60 -26.88
C SER V 327 40.52 -53.29 -26.14
N ASP V 328 41.77 -53.05 -25.77
CA ASP V 328 42.10 -51.85 -25.01
C ASP V 328 41.79 -50.57 -25.77
N GLU V 329 41.67 -50.64 -27.10
CA GLU V 329 41.36 -49.47 -27.91
C GLU V 329 39.87 -49.29 -28.16
N THR V 330 39.04 -50.21 -27.67
CA THR V 330 37.59 -50.08 -27.81
C THR V 330 36.83 -50.33 -26.51
N ASN V 331 37.48 -50.88 -25.48
CA ASN V 331 36.89 -51.05 -24.16
C ASN V 331 37.98 -50.66 -23.15
N GLU V 332 37.99 -49.38 -22.78
CA GLU V 332 39.04 -48.85 -21.94
C GLU V 332 38.74 -49.15 -20.47
N ASP V 333 39.67 -48.76 -19.61
CA ASP V 333 39.49 -48.95 -18.18
C ASP V 333 38.37 -48.04 -17.67
N PRO V 334 37.71 -48.41 -16.57
CA PRO V 334 36.58 -47.59 -16.10
C PRO V 334 36.99 -46.20 -15.64
N GLY V 335 38.29 -46.00 -15.39
CA GLY V 335 38.78 -44.70 -14.98
C GLY V 335 39.09 -44.60 -13.50
N PHE V 336 38.29 -45.27 -12.67
CA PHE V 336 38.54 -45.26 -11.23
C PHE V 336 39.75 -46.10 -10.85
N ILE V 337 40.34 -46.83 -11.80
CA ILE V 337 41.55 -47.60 -11.50
C ILE V 337 42.69 -46.66 -11.12
N ASP V 338 42.83 -45.55 -11.84
CA ASP V 338 43.95 -44.64 -11.65
C ASP V 338 43.74 -43.62 -10.54
N ASN V 339 42.57 -42.96 -10.50
CA ASN V 339 42.32 -41.92 -9.52
C ASN V 339 41.78 -42.46 -8.20
N GLY V 340 41.52 -43.76 -8.09
CA GLY V 340 40.95 -44.31 -6.89
C GLY V 340 39.47 -44.00 -6.78
N VAL V 341 38.90 -44.38 -5.64
CA VAL V 341 37.49 -44.15 -5.36
C VAL V 341 37.36 -43.07 -4.29
N THR V 342 36.78 -41.92 -4.65
CA THR V 342 36.58 -40.82 -3.73
C THR V 342 35.10 -40.57 -3.43
N GLY V 343 34.23 -41.51 -3.74
CA GLY V 343 32.81 -41.33 -3.49
C GLY V 343 32.05 -42.59 -3.81
N PHE V 344 30.75 -42.56 -3.50
CA PHE V 344 29.90 -43.71 -3.73
C PHE V 344 28.44 -43.26 -3.65
N GLY V 345 27.61 -43.91 -4.46
CA GLY V 345 26.19 -43.58 -4.48
C GLY V 345 25.47 -44.39 -5.53
N ALA V 346 24.16 -44.14 -5.62
CA ALA V 346 23.31 -44.83 -6.58
C ALA V 346 22.46 -43.82 -7.33
N TYR V 347 22.14 -44.15 -8.58
CA TYR V 347 21.36 -43.25 -9.43
C TYR V 347 20.78 -44.04 -10.59
N GLN V 348 19.46 -43.93 -10.75
CA GLN V 348 18.75 -44.59 -11.84
C GLN V 348 19.05 -46.08 -11.89
N GLY V 349 19.04 -46.74 -10.74
CA GLY V 349 19.30 -48.16 -10.70
C GLY V 349 20.71 -48.55 -11.08
N ARG V 350 21.64 -47.60 -11.02
CA ARG V 350 23.04 -47.85 -11.35
C ARG V 350 23.92 -47.39 -10.20
N LEU V 351 24.88 -48.23 -9.83
CA LEU V 351 25.88 -47.84 -8.85
C LEU V 351 26.78 -46.77 -9.44
N VAL V 352 27.17 -45.82 -8.60
CA VAL V 352 27.99 -44.69 -9.01
C VAL V 352 29.27 -44.70 -8.18
N ILE V 353 30.41 -44.57 -8.86
CA ILE V 353 31.71 -44.49 -8.21
C ILE V 353 32.42 -43.26 -8.73
N LEU V 354 32.71 -42.31 -7.84
CA LEU V 354 33.40 -41.09 -8.21
C LEU V 354 34.91 -41.32 -8.15
N ALA V 355 35.61 -40.84 -9.18
CA ALA V 355 37.05 -41.06 -9.34
C ALA V 355 37.72 -39.71 -9.62
N GLY V 356 37.34 -38.70 -8.84
CA GLY V 356 37.87 -37.37 -9.01
C GLY V 356 37.12 -36.61 -10.08
N PRO V 357 37.79 -36.24 -11.18
CA PRO V 357 37.10 -35.51 -12.26
C PRO V 357 36.31 -36.42 -13.20
N GLU V 358 36.10 -37.69 -12.84
CA GLU V 358 35.34 -38.62 -13.66
C GLU V 358 34.22 -39.24 -12.83
N VAL V 359 33.17 -39.68 -13.52
CA VAL V 359 32.03 -40.34 -12.90
C VAL V 359 31.84 -41.67 -13.62
N CYS V 360 31.77 -42.75 -12.86
CA CYS V 360 31.61 -44.09 -13.40
C CYS V 360 30.28 -44.69 -12.95
N MET V 361 29.62 -45.38 -13.87
CA MET V 361 28.32 -45.99 -13.61
C MET V 361 28.31 -47.41 -14.15
N SER V 362 27.68 -48.32 -13.42
CA SER V 362 27.65 -49.72 -13.81
C SER V 362 26.48 -49.96 -14.77
N ALA V 363 26.26 -51.23 -15.10
CA ALA V 363 25.19 -51.61 -15.99
C ALA V 363 23.83 -51.46 -15.30
N ALA V 364 22.78 -51.34 -16.11
CA ALA V 364 21.44 -51.13 -15.60
C ALA V 364 20.96 -52.34 -14.80
N GLY V 365 20.90 -52.20 -13.48
CA GLY V 365 20.41 -53.27 -12.63
C GLY V 365 21.38 -54.39 -12.37
N ASN V 366 22.64 -54.23 -12.76
CA ASN V 366 23.66 -55.27 -12.57
C ASN V 366 24.89 -54.63 -11.96
N PRO V 367 25.02 -54.63 -10.62
CA PRO V 367 26.16 -53.95 -10.00
C PRO V 367 27.50 -54.60 -10.24
N LEU V 368 27.53 -55.83 -10.76
CA LEU V 368 28.79 -56.56 -10.96
C LEU V 368 29.41 -56.33 -12.33
N ARG V 369 28.77 -55.58 -13.21
CA ARG V 369 29.26 -55.36 -14.57
C ARG V 369 29.78 -53.93 -14.69
N TRP V 370 31.07 -53.79 -14.98
CA TRP V 370 31.68 -52.48 -15.16
C TRP V 370 32.29 -52.27 -16.54
N TYR V 371 32.64 -53.33 -17.27
CA TYR V 371 33.13 -53.23 -18.63
C TYR V 371 31.98 -53.44 -19.62
N ARG V 372 32.17 -52.91 -20.83
CA ARG V 372 31.14 -53.05 -21.85
C ARG V 372 31.09 -54.50 -22.34
N SER V 373 29.87 -55.04 -22.40
CA SER V 373 29.70 -56.48 -22.55
C SER V 373 30.06 -56.98 -23.94
N THR V 374 29.63 -56.28 -24.98
CA THR V 374 29.84 -56.74 -26.35
C THR V 374 30.30 -55.57 -27.21
N VAL V 375 31.00 -55.91 -28.30
CA VAL V 375 31.58 -54.91 -29.20
C VAL V 375 30.88 -54.89 -30.55
N THR V 376 30.08 -55.91 -30.87
CA THR V 376 29.40 -55.93 -32.16
C THR V 376 28.50 -54.72 -32.36
N ALA V 377 28.06 -54.07 -31.28
CA ALA V 377 27.26 -52.86 -31.36
C ALA V 377 27.44 -52.08 -30.06
N LEU V 378 26.65 -51.03 -29.91
CA LEU V 378 26.64 -50.21 -28.71
C LEU V 378 25.28 -50.36 -28.04
N LEU V 379 25.28 -50.89 -26.82
CA LEU V 379 24.04 -51.20 -26.10
C LEU V 379 23.72 -50.09 -25.10
N THR V 380 22.44 -49.77 -24.98
CA THR V 380 22.01 -48.72 -24.08
C THR V 380 22.31 -49.07 -22.63
N ASP V 381 22.15 -50.34 -22.26
CA ASP V 381 22.25 -50.76 -20.87
C ASP V 381 23.69 -50.93 -20.38
N ASP V 382 24.68 -50.81 -21.25
CA ASP V 382 26.05 -51.04 -20.83
C ASP V 382 26.57 -49.88 -19.99
N PRO V 383 27.62 -50.12 -19.20
CA PRO V 383 28.15 -49.05 -18.34
C PRO V 383 28.50 -47.80 -19.13
N ILE V 384 28.70 -46.70 -18.41
CA ILE V 384 29.02 -45.41 -19.01
C ILE V 384 29.97 -44.66 -18.09
N ASN V 385 30.93 -43.96 -18.70
CA ASN V 385 31.83 -43.06 -17.99
C ASN V 385 31.85 -41.72 -18.71
N ILE V 386 31.96 -40.64 -17.95
CA ILE V 386 31.90 -39.29 -18.49
C ILE V 386 32.94 -38.42 -17.79
N PHE V 387 33.57 -37.54 -18.55
CA PHE V 387 34.70 -36.76 -18.10
C PHE V 387 34.29 -35.33 -17.79
N SER V 388 35.15 -34.63 -17.07
CA SER V 388 34.91 -33.23 -16.69
C SER V 388 36.24 -32.50 -16.59
N GLY V 389 36.17 -31.18 -16.71
CA GLY V 389 37.34 -30.34 -16.61
C GLY V 389 36.97 -28.95 -16.18
N ALA V 390 37.98 -28.19 -15.76
CA ALA V 390 37.77 -26.84 -15.26
C ALA V 390 39.05 -26.05 -15.43
N ALA V 391 39.01 -24.79 -14.97
CA ALA V 391 40.14 -23.88 -15.12
C ALA V 391 41.32 -24.24 -14.22
N THR V 392 41.09 -24.75 -13.01
CA THR V 392 42.18 -25.12 -12.13
C THR V 392 42.21 -26.62 -11.87
N SER V 393 41.11 -27.16 -11.34
CA SER V 393 41.00 -28.59 -11.07
C SER V 393 39.60 -28.83 -10.49
N THR V 394 39.21 -30.10 -10.49
CA THR V 394 37.96 -30.52 -9.86
C THR V 394 38.16 -31.89 -9.23
N ASN V 395 37.52 -32.09 -8.07
CA ASN V 395 37.52 -33.38 -7.41
C ASN V 395 36.21 -33.56 -6.65
N PHE V 396 35.24 -34.24 -7.28
CA PHE V 396 33.94 -34.43 -6.65
C PHE V 396 34.08 -35.39 -5.48
N ARG V 397 33.29 -35.15 -4.42
CA ARG V 397 33.43 -35.88 -3.17
C ARG V 397 32.11 -36.45 -2.64
N HIS V 398 30.97 -35.87 -2.98
CA HIS V 398 29.70 -36.33 -2.47
C HIS V 398 28.63 -36.18 -3.55
N CYS V 399 27.54 -36.92 -3.38
CA CYS V 399 26.44 -36.90 -4.34
C CYS V 399 25.11 -37.03 -3.61
N VAL V 400 24.10 -36.32 -4.12
CA VAL V 400 22.74 -36.38 -3.59
C VAL V 400 21.78 -36.22 -4.76
N GLN V 401 20.63 -36.90 -4.67
CA GLN V 401 19.67 -36.92 -5.77
C GLN V 401 18.78 -35.67 -5.75
N PHE V 402 17.98 -35.52 -4.69
CA PHE V 402 17.14 -34.34 -4.50
C PHE V 402 16.21 -34.16 -5.70
N ASN V 403 16.25 -33.03 -6.41
CA ASN V 403 15.17 -32.62 -7.31
C ASN V 403 15.30 -33.31 -8.67
N LYS V 404 15.26 -34.64 -8.63
CA LYS V 404 15.18 -35.45 -9.86
C LYS V 404 16.51 -35.48 -10.61
N ASP V 405 17.48 -34.67 -10.18
CA ASP V 405 18.80 -34.67 -10.79
C ASP V 405 19.79 -35.40 -9.88
N LEU V 406 21.08 -35.34 -10.22
CA LEU V 406 22.14 -35.82 -9.35
C LEU V 406 23.12 -34.67 -9.16
N LEU V 407 23.39 -34.34 -7.90
CA LEU V 407 24.20 -33.17 -7.56
C LEU V 407 25.62 -33.62 -7.18
N LEU V 408 26.61 -32.84 -7.59
CA LEU V 408 28.01 -33.13 -7.32
C LEU V 408 28.63 -31.94 -6.63
N PHE V 409 29.39 -32.19 -5.55
CA PHE V 409 29.96 -31.14 -4.72
C PHE V 409 31.48 -31.20 -4.75
N ALA V 410 32.10 -30.02 -4.81
CA ALA V 410 33.55 -29.91 -4.79
C ALA V 410 33.91 -28.60 -4.09
N ARG V 411 35.22 -28.35 -3.99
CA ARG V 411 35.68 -27.14 -3.31
C ARG V 411 35.14 -25.88 -3.97
N SER V 412 35.58 -25.62 -5.20
CA SER V 412 35.38 -24.31 -5.82
C SER V 412 34.33 -24.31 -6.93
N CYS V 413 33.61 -25.40 -7.15
CA CYS V 413 32.59 -25.42 -8.18
C CYS V 413 31.59 -26.52 -7.86
N GLN V 414 30.43 -26.44 -8.51
CA GLN V 414 29.36 -27.41 -8.34
C GLN V 414 28.81 -27.78 -9.71
N ALA V 415 28.35 -29.02 -9.84
CA ALA V 415 27.87 -29.53 -11.11
C ALA V 415 26.64 -30.39 -10.87
N VAL V 416 25.93 -30.69 -11.96
CA VAL V 416 24.72 -31.50 -11.92
C VAL V 416 24.68 -32.38 -13.16
N VAL V 417 23.98 -33.51 -13.05
CA VAL V 417 23.78 -34.42 -14.17
C VAL V 417 22.34 -34.27 -14.63
N PRO V 418 22.07 -33.53 -15.71
CA PRO V 418 20.68 -33.23 -16.07
C PRO V 418 19.87 -34.50 -16.34
N SER V 419 18.60 -34.45 -15.95
CA SER V 419 17.65 -35.47 -16.33
C SER V 419 16.98 -35.09 -17.66
N SER V 420 16.26 -36.05 -18.24
CA SER V 420 15.64 -35.84 -19.53
C SER V 420 14.34 -36.65 -19.58
N ASN V 421 13.71 -36.63 -20.75
CA ASN V 421 12.45 -37.33 -20.95
C ASN V 421 12.69 -38.80 -21.30
N ALA V 422 13.96 -39.19 -21.39
CA ALA V 422 14.32 -40.57 -21.69
C ALA V 422 15.41 -41.00 -20.72
N ALA V 423 15.45 -42.31 -20.45
CA ALA V 423 16.44 -42.84 -19.53
C ALA V 423 17.85 -42.54 -20.04
N ILE V 424 18.76 -42.27 -19.09
CA ILE V 424 20.12 -41.92 -19.45
C ILE V 424 20.75 -43.04 -20.28
N THR V 425 21.48 -42.64 -21.31
CA THR V 425 22.14 -43.56 -22.22
C THR V 425 23.57 -43.11 -22.45
N PRO V 426 24.43 -43.99 -22.96
CA PRO V 426 25.84 -43.58 -23.18
C PRO V 426 26.00 -42.42 -24.13
N GLN V 427 25.01 -42.14 -24.97
CA GLN V 427 25.11 -41.09 -25.97
C GLN V 427 24.52 -39.76 -25.51
N THR V 428 24.10 -39.65 -24.25
CA THR V 428 23.53 -38.40 -23.75
C THR V 428 24.04 -37.97 -22.40
N ALA V 429 24.83 -38.77 -21.69
CA ALA V 429 25.31 -38.37 -20.37
C ALA V 429 26.28 -37.20 -20.49
N GLN V 430 26.19 -36.26 -19.54
CA GLN V 430 27.05 -35.09 -19.54
C GLN V 430 27.11 -34.51 -18.13
N ILE V 431 28.13 -33.69 -17.89
CA ILE V 431 28.30 -32.96 -16.64
C ILE V 431 28.43 -31.48 -16.98
N VAL V 432 27.71 -30.65 -16.24
CA VAL V 432 27.67 -29.21 -16.49
C VAL V 432 27.88 -28.47 -15.17
N ILE V 433 28.70 -27.42 -15.20
CA ILE V 433 28.94 -26.59 -14.04
C ILE V 433 27.81 -25.57 -13.91
N THR V 434 27.49 -25.19 -12.66
CA THR V 434 26.34 -24.33 -12.39
C THR V 434 26.65 -23.13 -11.51
N SER V 435 27.64 -23.21 -10.61
CA SER V 435 27.93 -22.10 -9.71
C SER V 435 29.40 -22.14 -9.33
N GLY V 436 29.80 -21.19 -8.50
CA GLY V 436 31.20 -21.05 -8.14
C GLY V 436 31.47 -20.73 -6.68
N TYR V 437 30.61 -21.18 -5.77
CA TYR V 437 30.84 -20.97 -4.35
C TYR V 437 31.99 -21.84 -3.85
N THR V 438 32.74 -21.32 -2.89
CA THR V 438 33.78 -22.10 -2.22
C THR V 438 33.20 -22.76 -0.98
N THR V 439 33.46 -24.05 -0.83
CA THR V 439 32.91 -24.83 0.28
C THR V 439 33.97 -25.75 0.85
N ASP V 440 33.57 -26.53 1.84
CA ASP V 440 34.42 -27.54 2.45
C ASP V 440 33.91 -28.93 2.10
N THR V 441 34.73 -29.94 2.41
CA THR V 441 34.41 -31.31 2.00
C THR V 441 34.64 -32.34 3.10
N LEU V 442 34.38 -32.00 4.36
CA LEU V 442 34.56 -32.98 5.44
C LEU V 442 33.24 -33.63 5.84
N ALA V 443 32.12 -32.92 5.64
CA ALA V 443 30.82 -33.38 6.10
C ALA V 443 29.89 -33.60 4.91
N GLN V 444 29.15 -34.71 4.96
CA GLN V 444 28.24 -35.03 3.87
C GLN V 444 27.03 -34.09 3.91
N PRO V 445 26.57 -33.59 2.77
CA PRO V 445 25.39 -32.72 2.78
C PRO V 445 24.17 -33.43 3.33
N GLY V 446 23.27 -32.66 3.93
CA GLY V 446 22.03 -33.17 4.49
C GLY V 446 20.84 -32.57 3.79
N VAL V 447 19.70 -33.27 3.85
CA VAL V 447 18.47 -32.87 3.20
C VAL V 447 17.39 -32.71 4.26
N VAL V 448 16.65 -31.60 4.18
CA VAL V 448 15.64 -31.28 5.18
C VAL V 448 14.27 -31.19 4.52
N GLY V 449 14.07 -31.96 3.46
CA GLY V 449 12.78 -31.97 2.76
C GLY V 449 12.66 -31.02 1.60
N ARG V 450 12.83 -29.72 1.84
CA ARG V 450 12.70 -28.71 0.79
C ARG V 450 14.03 -28.03 0.47
N SER V 451 15.13 -28.42 1.09
CA SER V 451 16.40 -27.76 0.86
C SER V 451 17.53 -28.72 1.26
N VAL V 452 18.75 -28.34 0.90
CA VAL V 452 19.94 -29.13 1.17
C VAL V 452 20.99 -28.20 1.77
N LEU V 453 21.68 -28.70 2.80
CA LEU V 453 22.66 -27.92 3.55
C LEU V 453 24.06 -28.48 3.33
N TYR V 454 25.01 -27.60 3.04
CA TYR V 454 26.42 -27.96 2.98
C TYR V 454 27.24 -26.84 3.62
N SER V 455 28.38 -27.21 4.20
CA SER V 455 29.17 -26.30 5.00
C SER V 455 30.22 -25.58 4.15
N MET V 456 30.66 -24.43 4.65
CA MET V 456 31.70 -23.63 4.03
C MET V 456 32.62 -23.11 5.12
N PRO V 457 33.85 -22.74 4.79
CA PRO V 457 34.75 -22.16 5.79
C PRO V 457 34.60 -20.65 5.85
N ARG V 458 34.52 -20.13 7.07
CA ARG V 458 34.50 -18.68 7.28
C ARG V 458 35.92 -18.13 7.37
N THR V 459 36.71 -18.66 8.30
CA THR V 459 38.12 -18.32 8.43
C THR V 459 38.84 -19.55 8.95
N GLU V 460 40.10 -19.35 9.34
CA GLU V 460 40.94 -20.47 9.74
C GLU V 460 40.34 -21.28 10.90
N HIS V 461 39.55 -20.64 11.76
CA HIS V 461 39.08 -21.28 12.99
C HIS V 461 37.58 -21.26 13.16
N PHE V 462 36.81 -20.88 12.14
CA PHE V 462 35.36 -20.84 12.25
C PHE V 462 34.72 -21.32 10.96
N ALA V 463 33.50 -21.82 11.06
CA ALA V 463 32.80 -22.42 9.93
C ALA V 463 31.49 -21.68 9.63
N GLY V 464 30.90 -22.05 8.49
CA GLY V 464 29.62 -21.48 8.10
C GLY V 464 28.72 -22.56 7.52
N VAL V 465 27.63 -22.10 6.89
CA VAL V 465 26.65 -23.00 6.29
C VAL V 465 26.00 -22.28 5.11
N LEU V 466 25.66 -23.06 4.08
CA LEU V 466 24.94 -22.57 2.92
C LEU V 466 23.71 -23.44 2.67
N GLU V 467 22.73 -22.87 1.96
CA GLU V 467 21.50 -23.59 1.66
C GLU V 467 21.18 -23.40 0.19
N ILE V 468 20.58 -24.44 -0.41
CA ILE V 468 20.23 -24.46 -1.82
C ILE V 468 18.79 -24.90 -1.97
N ILE V 469 18.01 -24.16 -2.76
CA ILE V 469 16.60 -24.47 -2.96
C ILE V 469 16.30 -24.51 -4.45
N PRO V 470 15.36 -25.33 -4.90
CA PRO V 470 15.08 -25.41 -6.33
C PRO V 470 14.02 -24.42 -6.77
N SER V 471 14.06 -24.09 -8.06
CA SER V 471 13.03 -23.25 -8.66
C SER V 471 11.74 -24.06 -8.82
N ASN V 472 10.61 -23.34 -8.89
CA ASN V 472 9.30 -23.97 -8.96
C ASN V 472 8.57 -23.70 -10.27
N THR V 473 9.08 -22.81 -11.12
CA THR V 473 8.38 -22.41 -12.34
C THR V 473 9.09 -22.87 -13.61
N THR V 474 9.94 -23.89 -13.52
CA THR V 474 10.66 -24.38 -14.69
C THR V 474 11.35 -25.69 -14.36
N ASP V 475 12.14 -26.17 -15.31
CA ASP V 475 12.94 -27.37 -15.12
C ASP V 475 14.12 -27.07 -14.19
N SER V 476 15.04 -28.02 -14.10
CA SER V 476 16.13 -27.94 -13.12
C SER V 476 16.81 -26.58 -13.14
N GLN V 477 16.66 -25.84 -12.04
CA GLN V 477 17.31 -24.55 -11.83
C GLN V 477 17.48 -24.37 -10.33
N TYR V 478 18.65 -23.88 -9.91
CA TYR V 478 18.98 -23.82 -8.50
C TYR V 478 19.56 -22.46 -8.15
N THR V 479 19.42 -22.11 -6.87
CA THR V 479 19.98 -20.88 -6.33
C THR V 479 20.37 -21.13 -4.88
N SER V 480 21.50 -20.55 -4.47
CA SER V 480 22.06 -20.79 -3.15
C SER V 480 22.08 -19.49 -2.35
N ASN V 481 21.93 -19.62 -1.04
CA ASN V 481 21.94 -18.49 -0.12
C ASN V 481 22.83 -18.78 1.08
N ASP V 482 23.33 -17.73 1.70
CA ASP V 482 24.10 -17.85 2.93
C ASP V 482 23.23 -17.47 4.12
N ILE V 483 23.15 -18.38 5.10
CA ILE V 483 22.19 -18.22 6.19
C ILE V 483 22.91 -18.17 7.53
N THR V 484 24.18 -17.80 7.53
CA THR V 484 24.90 -17.60 8.78
C THR V 484 25.83 -16.39 8.73
N ALA V 485 25.48 -15.35 7.96
CA ALA V 485 26.37 -14.18 7.85
C ALA V 485 26.41 -13.38 9.14
N HIS V 486 25.36 -13.45 9.96
CA HIS V 486 25.24 -12.61 11.14
C HIS V 486 25.89 -13.23 12.38
N ILE V 487 26.46 -14.43 12.27
CA ILE V 487 27.18 -15.04 13.38
C ILE V 487 28.51 -15.57 12.85
N PRO V 488 29.47 -14.70 12.49
CA PRO V 488 30.71 -15.16 11.86
C PRO V 488 31.70 -15.78 12.83
N ARG V 489 31.41 -15.83 14.13
CA ARG V 489 32.34 -16.40 15.10
C ARG V 489 31.64 -17.27 16.15
N TYR V 490 30.54 -17.94 15.78
CA TYR V 490 29.77 -18.72 16.73
C TYR V 490 30.03 -20.22 16.61
N LEU V 491 30.57 -20.69 15.50
CA LEU V 491 30.83 -22.12 15.26
C LEU V 491 32.32 -22.38 15.25
N PRO V 492 32.88 -23.02 16.28
CA PRO V 492 34.34 -23.18 16.36
C PRO V 492 34.81 -24.36 15.52
N GLY V 493 35.88 -24.16 14.75
CA GLY V 493 36.50 -25.24 14.02
C GLY V 493 35.78 -25.59 12.73
N ARG V 494 35.84 -26.87 12.37
CA ARG V 494 35.20 -27.38 11.15
C ARG V 494 33.99 -28.23 11.50
N ILE V 495 32.93 -28.08 10.71
CA ILE V 495 31.74 -28.89 10.90
C ILE V 495 32.05 -30.32 10.49
N ARG V 496 31.70 -31.27 11.36
CA ARG V 496 32.03 -32.68 11.15
C ARG V 496 30.81 -33.54 10.87
N SER V 497 29.60 -33.03 11.06
CA SER V 497 28.40 -33.82 10.82
C SER V 497 27.23 -32.90 10.54
N ILE V 498 26.20 -33.46 9.92
CA ILE V 498 24.94 -32.76 9.66
C ILE V 498 23.82 -33.78 9.80
N VAL V 499 22.80 -33.43 10.57
CA VAL V 499 21.67 -34.32 10.83
C VAL V 499 20.38 -33.55 10.57
N SER V 500 19.37 -34.26 10.07
CA SER V 500 18.09 -33.66 9.75
C SER V 500 16.97 -34.40 10.47
N SER V 501 16.04 -33.61 11.05
CA SER V 501 14.86 -34.14 11.70
C SER V 501 13.63 -33.39 11.14
N THR V 502 13.11 -33.88 10.02
CA THR V 502 11.96 -33.24 9.39
C THR V 502 10.68 -33.46 10.17
N THR V 503 10.70 -34.36 11.16
CA THR V 503 9.51 -34.62 11.96
C THR V 503 9.32 -33.60 13.07
N SER V 504 10.33 -32.79 13.39
CA SER V 504 10.22 -31.80 14.45
C SER V 504 10.80 -30.46 14.03
N ASN V 505 11.13 -30.30 12.74
CA ASN V 505 11.59 -29.03 12.19
C ASN V 505 12.86 -28.54 12.89
N SER V 506 13.95 -29.30 12.81
CA SER V 506 15.20 -28.91 13.43
C SER V 506 16.36 -29.62 12.72
N SER V 507 17.58 -29.25 13.11
CA SER V 507 18.79 -29.85 12.58
C SER V 507 19.89 -29.75 13.64
N ALA V 508 20.90 -30.60 13.52
CA ALA V 508 21.98 -30.66 14.49
C ALA V 508 23.32 -30.70 13.76
N PHE V 509 24.31 -30.04 14.36
CA PHE V 509 25.66 -29.98 13.82
C PHE V 509 26.67 -30.33 14.90
N ILE V 510 27.78 -30.93 14.50
CA ILE V 510 28.87 -31.29 15.41
C ILE V 510 30.15 -30.66 14.86
N CYS V 511 30.88 -29.97 15.72
CA CYS V 511 32.10 -29.26 15.34
C CYS V 511 33.30 -29.88 16.02
N THR V 512 34.46 -29.75 15.36
CA THR V 512 35.69 -30.32 15.89
C THR V 512 36.35 -29.42 16.92
N GLY V 513 35.94 -28.15 17.00
CA GLY V 513 36.56 -27.24 17.95
C GLY V 513 36.16 -27.47 19.39
N ASP V 514 34.98 -28.04 19.62
CA ASP V 514 34.53 -28.36 20.98
C ASP V 514 33.70 -29.63 20.91
N SER V 515 34.14 -30.66 21.63
CA SER V 515 33.55 -32.00 21.52
C SER V 515 32.45 -32.26 22.54
N ARG V 516 32.04 -31.27 23.31
CA ARG V 516 31.00 -31.44 24.31
C ARG V 516 29.77 -30.58 24.07
N SER V 517 29.63 -29.98 22.89
CA SER V 517 28.52 -29.09 22.61
C SER V 517 27.89 -29.46 21.28
N LEU V 518 26.57 -29.24 21.18
CA LEU V 518 25.80 -29.53 19.99
C LEU V 518 25.03 -28.27 19.60
N PHE V 519 25.12 -27.88 18.34
CA PHE V 519 24.46 -26.68 17.83
C PHE V 519 23.19 -27.06 17.09
N ILE V 520 22.13 -26.32 17.35
CA ILE V 520 20.80 -26.63 16.84
C ILE V 520 20.32 -25.49 15.96
N GLN V 521 19.36 -25.81 15.08
CA GLN V 521 18.65 -24.80 14.30
C GLN V 521 17.17 -25.19 14.30
N ASP V 522 16.30 -24.18 14.23
CA ASP V 522 14.86 -24.39 14.14
C ASP V 522 14.33 -23.55 12.98
N TYR V 523 13.53 -24.17 12.12
CA TYR V 523 13.05 -23.51 10.92
C TYR V 523 11.56 -23.78 10.76
N LEU V 524 10.89 -22.87 10.06
CA LEU V 524 9.46 -23.01 9.77
C LEU V 524 9.21 -22.41 8.39
N TRP V 525 8.21 -22.97 7.71
CA TRP V 525 7.86 -22.55 6.35
C TRP V 525 6.39 -22.18 6.28
N SER V 526 6.09 -21.19 5.43
CA SER V 526 4.71 -20.75 5.22
C SER V 526 4.59 -20.38 3.74
N GLY V 527 3.83 -21.18 3.00
CA GLY V 527 3.72 -20.95 1.57
C GLY V 527 5.09 -21.09 0.93
N ASP V 528 5.56 -20.02 0.31
CA ASP V 528 6.88 -19.96 -0.32
C ASP V 528 7.78 -18.98 0.41
N GLU V 529 7.65 -18.90 1.74
CA GLU V 529 8.43 -18.01 2.57
C GLU V 529 8.96 -18.75 3.79
N LYS V 530 10.14 -18.33 4.24
CA LYS V 530 10.78 -18.89 5.42
C LYS V 530 10.75 -17.83 6.52
N VAL V 531 10.34 -18.24 7.72
CA VAL V 531 10.01 -17.29 8.77
C VAL V 531 10.93 -17.38 9.98
N GLN V 532 11.48 -18.54 10.28
CA GLN V 532 12.26 -18.74 11.50
C GLN V 532 13.60 -19.39 11.18
N SER V 533 14.66 -18.83 11.75
CA SER V 533 16.02 -19.33 11.56
C SER V 533 16.77 -19.31 12.90
N ALA V 534 16.10 -19.79 13.95
CA ALA V 534 16.66 -19.74 15.30
C ALA V 534 17.92 -20.59 15.40
N TRP V 535 18.93 -20.08 16.08
CA TRP V 535 20.15 -20.82 16.40
C TRP V 535 20.37 -20.79 17.91
N HIS V 536 20.96 -21.86 18.44
CA HIS V 536 21.29 -21.91 19.86
C HIS V 536 22.17 -23.13 20.12
N GLN V 537 22.63 -23.24 21.37
CA GLN V 537 23.65 -24.19 21.76
C GLN V 537 23.18 -25.06 22.91
N TRP V 538 23.64 -26.31 22.94
CA TRP V 538 23.42 -27.23 24.05
C TRP V 538 24.77 -27.74 24.55
N THR V 539 24.74 -28.39 25.71
CA THR V 539 25.94 -28.97 26.30
C THR V 539 25.56 -30.25 27.03
N LEU V 540 26.53 -31.15 27.13
CA LEU V 540 26.32 -32.46 27.74
C LEU V 540 27.53 -32.83 28.58
N PRO V 541 27.37 -33.76 29.52
CA PRO V 541 28.47 -34.04 30.47
C PRO V 541 29.59 -34.88 29.90
N TYR V 542 29.39 -35.57 28.78
CA TYR V 542 30.39 -36.44 28.21
C TYR V 542 30.65 -36.04 26.76
N PRO V 543 31.84 -36.38 26.23
CA PRO V 543 32.12 -36.06 24.83
C PRO V 543 31.15 -36.79 23.90
N ILE V 544 30.82 -36.13 22.79
CA ILE V 544 29.86 -36.65 21.82
C ILE V 544 30.63 -37.32 20.69
N VAL V 545 30.16 -38.48 20.25
CA VAL V 545 30.84 -39.26 19.23
C VAL V 545 30.11 -39.20 17.90
N CYS V 546 28.82 -39.52 17.87
CA CYS V 546 28.08 -39.59 16.62
C CYS V 546 26.60 -39.38 16.92
N THR V 547 25.83 -39.17 15.84
CA THR V 547 24.39 -38.97 15.95
C THR V 547 23.73 -39.48 14.68
N TRP V 548 22.50 -39.99 14.82
CA TRP V 548 21.71 -40.44 13.67
C TRP V 548 20.24 -40.44 14.04
N PHE V 549 19.40 -40.48 13.00
CA PHE V 549 17.96 -40.31 13.14
C PHE V 549 17.24 -41.54 12.58
N VAL V 550 16.35 -42.12 13.40
CA VAL V 550 15.59 -43.29 12.98
C VAL V 550 14.17 -43.21 13.55
N ARG V 551 13.19 -43.01 12.68
CA ARG V 551 11.77 -43.10 13.03
C ARG V 551 11.42 -42.19 14.22
N ASP V 552 11.52 -40.90 13.98
CA ASP V 552 10.97 -39.89 14.89
C ASP V 552 11.74 -39.81 16.20
N ARG V 553 13.06 -40.00 16.13
CA ARG V 553 13.94 -39.73 17.26
C ARG V 553 15.34 -39.47 16.76
N VAL V 554 16.15 -38.87 17.63
CA VAL V 554 17.56 -38.60 17.37
C VAL V 554 18.37 -39.23 18.48
N TYR V 555 19.35 -40.04 18.12
CA TYR V 555 20.21 -40.73 19.09
C TYR V 555 21.57 -40.06 19.15
N ILE V 556 22.17 -40.11 20.34
CA ILE V 556 23.47 -39.49 20.60
C ILE V 556 24.32 -40.49 21.36
N GLY V 557 25.58 -40.62 20.97
CA GLY V 557 26.52 -41.52 21.61
C GLY V 557 27.63 -40.73 22.28
N MET V 558 28.04 -41.19 23.46
CA MET V 558 29.05 -40.50 24.26
C MET V 558 30.05 -41.51 24.79
N ARG V 559 31.28 -41.04 25.00
CA ARG V 559 32.40 -41.89 25.39
C ARG V 559 32.62 -41.77 26.89
N ASP V 560 32.06 -42.72 27.65
CA ASP V 560 32.32 -42.84 29.08
C ASP V 560 33.52 -43.75 29.26
N GLY V 561 34.68 -43.17 29.54
CA GLY V 561 35.90 -43.95 29.61
C GLY V 561 36.26 -44.54 28.27
N THR V 562 36.09 -45.86 28.12
CA THR V 562 36.26 -46.53 26.85
C THR V 562 34.99 -47.21 26.36
N THR V 563 33.84 -46.94 26.98
CA THR V 563 32.58 -47.54 26.60
C THR V 563 31.66 -46.47 26.00
N ILE V 564 30.77 -46.90 25.11
CA ILE V 564 29.89 -45.99 24.39
C ILE V 564 28.48 -46.10 24.98
N LEU V 565 27.84 -44.96 25.20
CA LEU V 565 26.48 -44.90 25.68
C LEU V 565 25.53 -44.45 24.57
N VAL V 566 24.25 -44.38 24.89
CA VAL V 566 23.22 -43.92 23.96
C VAL V 566 22.13 -43.23 24.76
N VAL V 567 21.83 -41.97 24.39
CA VAL V 567 20.76 -41.19 25.00
C VAL V 567 19.98 -40.49 23.90
N THR V 568 18.78 -40.03 24.25
CA THR V 568 17.90 -39.37 23.31
C THR V 568 17.15 -38.23 23.99
N ILE V 569 16.91 -37.16 23.24
CA ILE V 569 16.16 -36.01 23.71
C ILE V 569 14.95 -35.81 22.79
N GLU V 570 13.76 -35.71 23.39
CA GLU V 570 12.52 -35.56 22.64
C GLU V 570 11.81 -34.30 23.13
N PRO V 571 11.99 -33.17 22.44
CA PRO V 571 11.37 -31.93 22.93
C PRO V 571 9.86 -31.90 22.78
N GLN V 572 9.30 -32.60 21.81
CA GLN V 572 7.87 -32.54 21.53
C GLN V 572 7.06 -33.61 22.25
N ALA V 573 7.54 -34.12 23.38
CA ALA V 573 6.84 -35.15 24.13
C ALA V 573 6.20 -34.53 25.38
N GLY V 574 5.21 -35.23 25.92
CA GLY V 574 4.52 -34.75 27.09
C GLY V 574 5.40 -34.75 28.33
N ASN V 575 4.75 -34.52 29.48
CA ASN V 575 5.47 -34.45 30.74
C ASN V 575 5.49 -35.78 31.49
N THR V 576 4.87 -36.83 30.96
CA THR V 576 4.80 -38.12 31.63
C THR V 576 5.30 -39.22 30.72
N ILE V 577 6.02 -40.17 31.31
CA ILE V 577 6.50 -41.35 30.60
C ILE V 577 6.11 -42.61 31.36
N ASP V 578 5.00 -43.23 30.95
CA ASP V 578 4.56 -44.48 31.56
C ASP V 578 4.27 -44.30 33.05
N SER V 579 3.38 -43.36 33.37
CA SER V 579 2.91 -43.18 34.75
C SER V 579 3.98 -42.56 35.64
N TYR V 580 5.11 -42.14 35.05
CA TYR V 580 6.13 -41.45 35.82
C TYR V 580 6.37 -40.05 35.26
N VAL V 581 6.86 -39.15 36.11
CA VAL V 581 7.10 -37.78 35.72
C VAL V 581 8.58 -37.60 35.39
N ARG V 582 8.86 -37.03 34.22
CA ARG V 582 10.23 -36.91 33.76
C ARG V 582 10.97 -35.86 34.59
N PRO V 583 12.20 -36.13 35.00
CA PRO V 583 12.96 -35.12 35.76
C PRO V 583 13.74 -34.19 34.84
N PHE V 584 14.28 -33.13 35.46
CA PHE V 584 15.16 -32.19 34.77
C PHE V 584 16.62 -32.55 35.04
N SER V 585 17.07 -33.63 34.41
CA SER V 585 18.43 -34.10 34.59
C SER V 585 18.87 -34.88 33.35
N ASP V 586 20.19 -35.07 33.23
CA ASP V 586 20.77 -35.75 32.09
C ASP V 586 21.12 -37.19 32.44
N VAL V 587 20.97 -38.08 31.45
CA VAL V 587 21.36 -39.48 31.56
C VAL V 587 20.81 -40.08 32.86
N TYR V 588 19.50 -39.94 33.06
CA TYR V 588 18.89 -40.38 34.31
C TYR V 588 18.42 -41.82 34.21
N LEU V 589 18.52 -42.54 35.33
CA LEU V 589 18.07 -43.93 35.45
C LEU V 589 17.10 -44.04 36.61
N ARG V 590 16.33 -45.13 36.60
CA ARG V 590 15.38 -45.40 37.67
C ARG V 590 16.01 -46.40 38.65
N VAL V 591 15.73 -46.21 39.94
CA VAL V 591 16.31 -47.02 40.99
C VAL V 591 15.36 -47.04 42.18
N THR V 592 15.51 -48.05 43.02
CA THR V 592 14.68 -48.23 44.21
C THR V 592 15.48 -47.85 45.45
N ILE V 593 14.81 -47.18 46.40
CA ILE V 593 15.43 -46.73 47.64
C ILE V 593 14.76 -47.46 48.79
N THR V 594 15.58 -48.06 49.66
CA THR V 594 15.10 -48.76 50.83
C THR V 594 15.95 -48.37 52.04
N ASP V 595 15.28 -48.02 53.14
CA ASP V 595 15.97 -47.62 54.37
C ASP V 595 16.90 -46.44 54.12
N ARG V 596 16.49 -45.52 53.26
CA ARG V 596 17.26 -44.30 52.97
C ARG V 596 18.66 -44.63 52.48
N GLN V 597 18.79 -45.67 51.65
CA GLN V 597 20.07 -46.07 51.09
C GLN V 597 19.87 -46.76 49.76
N PHE V 598 20.88 -46.64 48.90
CA PHE V 598 20.89 -47.33 47.62
C PHE V 598 22.31 -47.28 47.06
N ALA V 599 22.52 -48.02 45.97
CA ALA V 599 23.83 -48.13 45.34
C ALA V 599 23.89 -47.23 44.10
N LEU V 600 24.96 -46.46 43.98
CA LEU V 600 25.11 -45.54 42.87
C LEU V 600 25.30 -46.32 41.57
N PRO V 601 24.51 -46.05 40.53
CA PRO V 601 24.71 -46.77 39.27
C PRO V 601 26.08 -46.52 38.68
N THR V 602 26.58 -47.52 37.93
CA THR V 602 27.96 -47.49 37.45
C THR V 602 28.21 -46.32 36.52
N ARG V 603 27.30 -46.05 35.59
CA ARG V 603 27.54 -45.06 34.54
C ARG V 603 27.57 -43.63 35.04
N LEU V 604 27.43 -43.36 36.34
CA LEU V 604 27.54 -42.00 36.87
C LEU V 604 28.74 -41.82 37.79
N ARG V 605 29.49 -42.87 38.10
CA ARG V 605 30.62 -42.76 39.02
C ARG V 605 31.70 -41.86 38.45
N ALA V 606 31.96 -41.96 37.14
CA ALA V 606 33.01 -41.15 36.53
C ALA V 606 32.64 -39.68 36.53
N ALA V 607 31.39 -39.35 36.16
CA ALA V 607 30.99 -37.95 36.08
C ALA V 607 31.01 -37.29 37.45
N VAL V 608 30.41 -37.93 38.45
CA VAL V 608 30.36 -37.33 39.79
C VAL V 608 31.76 -37.16 40.35
N GLY V 609 32.70 -38.01 39.93
CA GLY V 609 34.07 -37.91 40.39
C GLY V 609 34.86 -36.77 39.78
N SER V 610 34.28 -36.05 38.82
CA SER V 610 34.97 -34.97 38.12
C SER V 610 34.21 -33.65 38.23
N GLY V 611 33.40 -33.51 39.29
CA GLY V 611 32.72 -32.26 39.56
C GLY V 611 31.27 -32.20 39.16
N GLU V 612 30.76 -33.19 38.44
CA GLU V 612 29.36 -33.18 38.04
C GLU V 612 28.47 -33.28 39.27
N GLY V 613 27.33 -32.58 39.23
CA GLY V 613 26.43 -32.55 40.36
C GLY V 613 25.38 -33.63 40.34
N LEU V 614 25.35 -34.46 41.39
CA LEU V 614 24.35 -35.52 41.48
C LEU V 614 22.99 -34.94 41.83
N PHE V 615 21.95 -35.41 41.14
CA PHE V 615 20.60 -34.91 41.31
C PHE V 615 19.63 -36.06 41.48
N ILE V 616 18.70 -35.92 42.42
CA ILE V 616 17.70 -36.94 42.72
C ILE V 616 16.33 -36.28 42.71
N THR V 617 15.31 -37.06 42.33
CA THR V 617 13.94 -36.55 42.25
C THR V 617 12.97 -37.68 42.57
N PHE V 618 11.77 -37.28 43.02
CA PHE V 618 10.68 -38.25 43.17
C PHE V 618 10.25 -38.76 41.80
N ALA V 619 9.72 -39.98 41.79
CA ALA V 619 9.34 -40.63 40.53
C ALA V 619 7.85 -40.93 40.41
N ASP V 620 7.12 -40.94 41.53
CA ASP V 620 5.72 -41.37 41.53
C ASP V 620 4.92 -40.45 42.44
N THR V 621 3.64 -40.79 42.61
CA THR V 621 2.72 -40.14 43.53
C THR V 621 2.61 -38.64 43.27
N SER V 622 1.83 -37.94 44.10
CA SER V 622 1.56 -36.53 43.85
C SER V 622 2.81 -35.69 43.91
N MET V 623 3.78 -36.07 44.75
CA MET V 623 5.01 -35.29 44.88
C MET V 623 6.01 -35.57 43.78
N GLY V 624 5.61 -36.22 42.69
CA GLY V 624 6.53 -36.55 41.62
C GLY V 624 7.19 -35.32 41.00
N GLY V 625 8.51 -35.38 40.84
CA GLY V 625 9.27 -34.30 40.24
C GLY V 625 9.97 -33.39 41.22
N MET V 626 9.80 -33.61 42.53
CA MET V 626 10.37 -32.70 43.52
C MET V 626 11.77 -33.13 43.92
N TRP V 627 12.59 -32.15 44.30
CA TRP V 627 13.99 -32.39 44.61
C TRP V 627 14.14 -33.09 45.95
N VAL V 628 15.13 -33.99 46.02
CA VAL V 628 15.57 -34.59 47.28
C VAL V 628 17.10 -34.61 47.26
N GLY V 629 17.68 -34.61 48.46
CA GLY V 629 19.11 -34.47 48.63
C GLY V 629 19.75 -35.69 49.25
N TYR V 630 21.09 -35.66 49.32
CA TYR V 630 21.88 -36.74 49.88
C TYR V 630 22.87 -36.17 50.89
N GLU V 631 23.41 -37.04 51.74
CA GLU V 631 24.27 -36.62 52.83
C GLU V 631 25.70 -37.13 52.73
N SER V 632 25.92 -38.30 52.12
CA SER V 632 27.28 -38.85 52.07
C SER V 632 27.35 -39.90 50.97
N ILE V 633 28.58 -40.22 50.57
CA ILE V 633 28.87 -41.28 49.61
C ILE V 633 30.10 -42.04 50.12
N ASP V 634 29.95 -43.34 50.30
CA ASP V 634 31.03 -44.16 50.80
C ASP V 634 32.11 -44.30 49.73
N PRO V 635 33.36 -43.90 49.99
CA PRO V 635 34.39 -44.00 48.94
C PRO V 635 34.68 -45.41 48.49
N THR V 636 34.45 -46.42 49.34
CA THR V 636 34.83 -47.78 48.99
C THR V 636 33.72 -48.53 48.27
N THR V 637 32.46 -48.37 48.71
CA THR V 637 31.34 -49.11 48.14
C THR V 637 30.37 -48.26 47.34
N TYR V 638 30.52 -46.94 47.31
CA TYR V 638 29.65 -46.06 46.54
C TYR V 638 28.19 -46.18 46.99
N VAL V 639 27.97 -46.30 48.29
CA VAL V 639 26.61 -46.28 48.82
C VAL V 639 26.23 -44.85 49.18
N VAL V 640 24.98 -44.49 48.91
CA VAL V 640 24.50 -43.13 49.09
C VAL V 640 23.41 -43.13 50.15
N THR V 641 23.43 -42.13 51.03
CA THR V 641 22.44 -41.96 52.08
C THR V 641 21.66 -40.68 51.83
N THR V 642 20.34 -40.78 51.83
CA THR V 642 19.50 -39.64 51.51
C THR V 642 19.11 -38.88 52.78
N VAL V 643 18.46 -37.73 52.59
CA VAL V 643 18.03 -36.88 53.69
C VAL V 643 16.89 -37.57 54.42
N ARG V 644 16.54 -37.05 55.60
CA ARG V 644 15.58 -37.70 56.47
C ARG V 644 14.17 -37.68 55.87
N ASN V 645 13.38 -38.67 56.28
CA ASN V 645 11.93 -38.73 56.05
C ASN V 645 11.56 -38.95 54.58
N VAL V 646 12.37 -39.66 53.82
CA VAL V 646 12.00 -40.06 52.46
C VAL V 646 11.45 -41.48 52.52
N PRO V 647 10.22 -41.73 52.05
CA PRO V 647 9.67 -43.09 52.12
C PRO V 647 10.21 -43.98 51.01
N ASP V 648 10.04 -45.29 51.22
CA ASP V 648 10.51 -46.27 50.24
C ASP V 648 9.66 -46.21 48.97
N GLY V 649 10.32 -46.33 47.83
CA GLY V 649 9.62 -46.29 46.56
C GLY V 649 10.60 -46.17 45.40
N GLU V 650 10.08 -45.65 44.29
CA GLU V 650 10.86 -45.49 43.06
C GLU V 650 11.37 -44.06 42.98
N TYR V 651 12.58 -43.89 42.43
CA TYR V 651 13.19 -42.58 42.31
C TYR V 651 14.07 -42.54 41.07
N PHE V 652 14.33 -41.32 40.59
CA PHE V 652 15.24 -41.08 39.48
C PHE V 652 16.56 -40.52 40.01
N VAL V 653 17.62 -40.67 39.22
CA VAL V 653 18.94 -40.19 39.57
C VAL V 653 19.63 -39.71 38.29
N GLY V 654 20.24 -38.54 38.35
CA GLY V 654 20.87 -37.99 37.16
C GLY V 654 21.83 -36.87 37.50
N LEU V 655 22.01 -35.96 36.54
CA LEU V 655 22.97 -34.88 36.64
C LEU V 655 22.30 -33.55 36.29
N ARG V 656 22.95 -32.46 36.67
CA ARG V 656 22.38 -31.12 36.53
C ARG V 656 22.93 -30.41 35.29
N TYR V 657 22.26 -29.32 34.92
CA TYR V 657 22.71 -28.44 33.86
C TYR V 657 22.06 -27.08 34.02
N THR V 658 22.61 -26.09 33.31
CA THR V 658 22.16 -24.71 33.41
C THR V 658 21.41 -24.29 32.15
N SER V 659 20.62 -23.23 32.28
CA SER V 659 19.71 -22.78 31.21
C SER V 659 19.81 -21.26 31.04
N VAL V 660 21.03 -20.74 30.91
CA VAL V 660 21.27 -19.31 30.81
C VAL V 660 20.46 -18.69 29.67
N LEU V 661 20.07 -17.42 29.83
CA LEU V 661 19.46 -16.63 28.78
C LEU V 661 19.78 -15.16 29.03
N SER V 662 19.81 -14.37 27.95
CA SER V 662 20.20 -12.97 28.05
C SER V 662 19.50 -12.14 26.97
N PRO V 663 18.54 -11.29 27.33
CA PRO V 663 17.88 -10.47 26.31
C PRO V 663 18.82 -9.44 25.72
N THR V 664 18.27 -8.65 24.79
CA THR V 664 18.99 -7.54 24.16
C THR V 664 18.49 -6.22 24.72
N PRO V 665 19.36 -5.21 24.90
CA PRO V 665 18.90 -3.97 25.52
C PRO V 665 17.87 -3.27 24.66
N PRO V 666 16.95 -2.50 25.25
CA PRO V 666 15.91 -1.84 24.47
C PRO V 666 16.50 -0.77 23.54
N LEU V 667 15.61 -0.19 22.74
CA LEU V 667 15.99 0.85 21.79
C LEU V 667 14.84 1.85 21.64
N VAL V 668 15.18 3.06 21.22
CA VAL V 668 14.20 4.11 20.94
C VAL V 668 14.15 4.31 19.44
N ARG V 669 12.94 4.35 18.88
CA ARG V 669 12.76 4.38 17.44
C ARG V 669 11.63 5.33 17.09
N ASP V 670 11.90 6.29 16.21
CA ASP V 670 10.93 7.31 15.84
C ASP V 670 9.96 6.76 14.80
N ALA V 671 9.17 7.67 14.22
CA ALA V 671 8.12 7.27 13.28
C ALA V 671 8.68 6.56 12.06
N ASN V 672 9.78 7.06 11.49
CA ASN V 672 10.34 6.51 10.27
C ASN V 672 11.22 5.31 10.51
N GLY V 673 11.40 4.89 11.77
CA GLY V 673 12.22 3.73 12.09
C GLY V 673 13.66 4.03 12.42
N ILE V 674 14.07 5.30 12.42
CA ILE V 674 15.45 5.64 12.74
C ILE V 674 15.69 5.48 14.24
N VAL V 675 16.92 5.16 14.60
CA VAL V 675 17.29 4.97 16.00
C VAL V 675 17.90 6.27 16.55
N ILE V 676 17.46 6.67 17.73
CA ILE V 676 17.89 7.91 18.36
C ILE V 676 18.10 7.68 19.85
N GLY V 677 18.87 8.58 20.46
CA GLY V 677 19.10 8.55 21.89
C GLY V 677 19.92 7.40 22.41
N THR V 678 20.94 6.95 21.66
CA THR V 678 21.77 5.85 22.13
C THR V 678 22.59 6.21 23.36
N TYR V 679 22.85 7.49 23.59
CA TYR V 679 23.69 7.94 24.69
C TYR V 679 22.92 8.88 25.62
N GLN V 680 21.61 9.01 25.41
CA GLN V 680 20.80 9.95 26.19
C GLN V 680 19.52 9.27 26.65
N SER V 681 19.62 8.02 27.12
CA SER V 681 18.47 7.29 27.62
C SER V 681 18.91 6.49 28.84
N LEU V 682 17.97 6.27 29.75
CA LEU V 682 18.22 5.55 31.00
C LEU V 682 17.14 4.50 31.20
N LEU V 683 17.55 3.32 31.67
CA LEU V 683 16.65 2.21 31.88
C LEU V 683 16.33 2.09 33.37
N VAL V 684 15.06 1.87 33.69
CA VAL V 684 14.62 1.89 35.08
C VAL V 684 14.26 0.50 35.59
N ARG V 685 13.62 -0.33 34.78
CA ARG V 685 13.01 -1.54 35.32
C ARG V 685 12.75 -2.54 34.20
N TYR V 686 12.61 -3.81 34.61
CA TYR V 686 12.11 -4.88 33.76
C TYR V 686 10.84 -5.46 34.36
N GLU V 687 9.91 -5.86 33.49
CA GLU V 687 8.71 -6.57 33.88
C GLU V 687 8.71 -7.92 33.17
N LEU V 688 8.53 -9.00 33.92
CA LEU V 688 8.59 -10.35 33.40
C LEU V 688 7.29 -11.08 33.70
N THR V 689 6.71 -11.70 32.68
CA THR V 689 5.52 -12.52 32.82
C THR V 689 5.88 -13.97 32.55
N LEU V 690 5.56 -14.85 33.49
CA LEU V 690 5.99 -16.24 33.46
C LEU V 690 4.77 -17.15 33.50
N LYS V 691 4.72 -18.10 32.56
CA LYS V 691 3.63 -19.07 32.51
C LYS V 691 3.76 -20.14 33.59
N ASP V 692 4.99 -20.51 33.96
CA ASP V 692 5.23 -21.43 35.05
C ASP V 692 6.70 -21.38 35.39
N SER V 693 7.01 -21.32 36.68
CA SER V 693 8.40 -21.16 37.09
C SER V 693 8.48 -21.20 38.61
N GLY V 694 9.71 -21.39 39.10
CA GLY V 694 10.00 -21.25 40.51
C GLY V 694 11.01 -20.15 40.73
N GLU V 695 11.88 -20.29 41.72
CA GLU V 695 12.92 -19.31 41.95
C GLU V 695 14.02 -19.43 40.90
N PHE V 696 14.52 -18.28 40.46
CA PHE V 696 15.64 -18.23 39.53
C PHE V 696 16.63 -17.19 40.03
N HIS V 697 17.66 -16.92 39.23
CA HIS V 697 18.75 -16.06 39.63
C HIS V 697 19.01 -15.04 38.52
N ALA V 698 19.15 -13.78 38.91
CA ALA V 698 19.32 -12.69 37.96
C ALA V 698 20.53 -11.84 38.34
N ILE V 699 21.31 -11.46 37.34
CA ILE V 699 22.47 -10.60 37.53
C ILE V 699 22.42 -9.49 36.49
N ILE V 700 22.56 -8.25 36.93
CA ILE V 700 22.66 -7.09 36.06
C ILE V 700 23.96 -6.38 36.37
N THR V 701 24.73 -6.07 35.33
CA THR V 701 26.05 -5.45 35.49
C THR V 701 26.20 -4.32 34.49
N ASP V 702 27.07 -3.37 34.84
CA ASP V 702 27.37 -2.22 34.01
C ASP V 702 28.81 -2.33 33.53
N SER V 703 29.28 -1.27 32.85
CA SER V 703 30.61 -1.26 32.28
C SER V 703 31.68 -1.49 33.33
N SER V 704 31.44 -1.07 34.57
CA SER V 704 32.47 -1.07 35.60
C SER V 704 32.01 -1.59 36.95
N ARG V 705 30.73 -1.91 37.14
CA ARG V 705 30.27 -2.31 38.46
C ARG V 705 28.99 -3.11 38.34
N THR V 706 28.72 -3.90 39.39
CA THR V 706 27.46 -4.64 39.47
C THR V 706 26.37 -3.75 40.06
N LEU V 707 25.14 -3.92 39.57
CA LEU V 707 24.00 -3.12 40.02
C LEU V 707 22.99 -3.94 40.80
N THR V 708 22.57 -5.09 40.28
CA THR V 708 21.55 -5.91 40.92
C THR V 708 22.02 -7.35 41.00
N ASP V 709 21.54 -8.07 42.00
CA ASP V 709 21.91 -9.46 42.21
C ASP V 709 21.01 -10.04 43.29
N GLY V 710 20.70 -11.32 43.14
CA GLY V 710 19.87 -12.05 44.08
C GLY V 710 18.78 -12.85 43.39
N ASN V 711 18.14 -13.71 44.18
CA ASN V 711 17.11 -14.59 43.67
C ASN V 711 15.77 -13.85 43.56
N TYR V 712 14.94 -14.33 42.65
CA TYR V 712 13.58 -13.81 42.47
C TYR V 712 12.65 -14.98 42.24
N SER V 713 11.35 -14.74 42.45
CA SER V 713 10.34 -15.78 42.29
C SER V 713 9.01 -15.13 42.01
N SER V 714 8.09 -15.94 41.47
CA SER V 714 6.73 -15.50 41.17
C SER V 714 5.68 -16.18 42.05
N LEU V 715 6.10 -16.94 43.06
CA LEU V 715 5.19 -17.63 43.96
C LEU V 715 5.22 -16.93 45.31
N VAL V 716 4.05 -16.55 45.81
CA VAL V 716 3.93 -15.75 47.03
C VAL V 716 3.32 -16.61 48.12
N TYR V 717 3.38 -16.09 49.34
CA TYR V 717 2.94 -16.84 50.52
C TYR V 717 1.43 -16.94 50.63
N SER V 718 0.68 -16.19 49.83
CA SER V 718 -0.78 -16.20 49.89
C SER V 718 -1.40 -16.90 48.69
N SER V 719 -0.62 -17.67 47.95
CA SER V 719 -1.12 -18.39 46.78
C SER V 719 -1.45 -19.83 47.16
N THR V 720 -2.62 -20.29 46.70
CA THR V 720 -3.08 -21.64 47.01
C THR V 720 -2.16 -22.68 46.38
N GLU V 721 -1.34 -22.26 45.42
CA GLU V 721 -0.40 -23.18 44.77
C GLU V 721 0.67 -23.68 45.72
N LEU V 722 0.93 -22.98 46.81
CA LEU V 722 1.98 -23.34 47.76
C LEU V 722 1.37 -24.22 48.84
N LEU V 723 1.66 -25.52 48.78
CA LEU V 723 1.20 -26.48 49.77
C LEU V 723 2.32 -27.46 50.06
N PRO V 724 2.35 -28.05 51.26
CA PRO V 724 3.30 -29.13 51.51
C PRO V 724 2.88 -30.39 50.76
N ASN V 725 3.87 -31.14 50.28
CA ASN V 725 3.70 -32.35 49.48
C ASN V 725 3.18 -32.06 48.09
N ASN V 726 3.41 -30.85 47.56
CA ASN V 726 3.06 -30.48 46.21
C ASN V 726 4.22 -29.71 45.58
N PRO V 727 4.32 -29.71 44.25
CA PRO V 727 5.40 -28.95 43.61
C PRO V 727 5.26 -27.45 43.85
N THR V 728 6.39 -26.76 43.90
CA THR V 728 6.41 -25.32 44.16
C THR V 728 6.51 -24.57 42.84
N ASP V 729 5.36 -24.47 42.17
CA ASP V 729 5.25 -23.76 40.90
C ASP V 729 3.96 -22.95 40.88
N ALA V 730 3.98 -21.85 40.14
CA ALA V 730 2.82 -20.97 40.00
C ALA V 730 2.38 -20.94 38.54
N SER V 731 1.08 -21.12 38.32
CA SER V 731 0.54 -21.18 36.98
C SER V 731 0.61 -19.84 36.24
N LEU V 732 0.76 -18.73 36.96
CA LEU V 732 0.84 -17.43 36.33
C LEU V 732 1.28 -16.41 37.37
N GLY V 733 2.18 -15.51 36.98
CA GLY V 733 2.72 -14.55 37.91
C GLY V 733 3.57 -13.53 37.19
N ARG V 734 4.23 -12.69 37.97
CA ARG V 734 5.04 -11.60 37.43
C ARG V 734 6.19 -11.31 38.39
N THR V 735 7.22 -10.65 37.85
CA THR V 735 8.39 -10.26 38.62
C THR V 735 8.89 -8.91 38.14
N ILE V 736 9.55 -8.18 39.02
CA ILE V 736 10.04 -6.83 38.74
C ILE V 736 11.50 -6.73 39.18
N ILE V 737 12.32 -6.09 38.35
CA ILE V 737 13.76 -5.98 38.61
C ILE V 737 14.21 -4.55 38.34
N PRO V 738 14.90 -3.90 39.28
CA PRO V 738 15.41 -2.56 39.02
C PRO V 738 16.82 -2.55 38.44
N VAL V 739 17.08 -1.57 37.58
CA VAL V 739 18.37 -1.45 36.92
C VAL V 739 19.01 -0.10 37.25
N ARG V 740 18.34 0.99 36.88
CA ARG V 740 18.85 2.34 37.12
C ARG V 740 20.24 2.55 36.53
N ALA V 741 20.34 2.51 35.21
CA ALA V 741 21.61 2.76 34.54
C ALA V 741 21.35 3.03 33.07
N GLN V 742 22.41 3.43 32.35
CA GLN V 742 22.28 3.72 30.93
C GLN V 742 21.76 2.50 30.20
N ALA V 743 20.91 2.73 29.20
CA ALA V 743 20.16 1.63 28.60
C ALA V 743 21.10 0.62 27.92
N GLN V 744 21.98 1.09 27.05
CA GLN V 744 22.76 0.19 26.20
C GLN V 744 24.05 -0.30 26.85
N ASP V 745 24.46 0.29 27.97
CA ASP V 745 25.66 -0.16 28.67
C ASP V 745 25.32 -1.13 29.79
N THR V 746 24.58 -2.20 29.45
CA THR V 746 24.11 -3.15 30.45
C THR V 746 24.16 -4.57 29.88
N VAL V 747 24.27 -5.54 30.77
CA VAL V 747 24.19 -6.96 30.44
C VAL V 747 23.30 -7.63 31.47
N ALA V 748 22.36 -8.44 31.01
CA ALA V 748 21.41 -9.12 31.88
C ALA V 748 21.39 -10.61 31.57
N THR V 749 21.34 -11.41 32.63
CA THR V 749 21.29 -12.87 32.49
C THR V 749 20.34 -13.44 33.52
N PHE V 750 19.73 -14.56 33.17
CA PHE V 750 18.82 -15.29 34.07
C PHE V 750 19.20 -16.77 34.03
N GLU V 751 19.47 -17.33 35.21
CA GLU V 751 19.92 -18.71 35.33
C GLU V 751 18.89 -19.54 36.09
N ALA V 752 18.90 -20.85 35.84
CA ALA V 752 18.08 -21.78 36.56
C ALA V 752 18.62 -23.19 36.34
N ASN V 753 18.94 -23.87 37.45
CA ASN V 753 19.52 -25.20 37.37
C ASN V 753 18.89 -26.12 38.43
N ALA V 754 17.57 -26.08 38.53
CA ALA V 754 16.86 -26.84 39.56
C ALA V 754 15.71 -27.58 38.89
N ASP V 755 14.82 -28.16 39.71
CA ASP V 755 13.77 -29.03 39.19
C ASP V 755 12.61 -28.25 38.57
N THR V 756 12.60 -26.94 38.69
CA THR V 756 11.50 -26.14 38.18
C THR V 756 11.83 -25.55 36.82
N ASP V 757 10.78 -25.32 36.03
CA ASP V 757 10.92 -24.78 34.69
C ASP V 757 11.12 -23.26 34.76
N LEU V 758 11.33 -22.65 33.60
CA LEU V 758 11.41 -21.19 33.47
C LEU V 758 10.91 -20.83 32.07
N CYS V 759 9.64 -20.45 31.98
CA CYS V 759 9.00 -20.12 30.71
C CYS V 759 8.68 -18.63 30.71
N ILE V 760 9.22 -17.92 29.73
CA ILE V 760 9.06 -16.47 29.64
C ILE V 760 8.07 -16.16 28.51
N LEU V 761 6.96 -15.52 28.87
CA LEU V 761 5.93 -15.21 27.88
C LEU V 761 6.12 -13.81 27.29
N ASP V 762 6.50 -12.83 28.10
CA ASP V 762 6.64 -11.47 27.62
C ASP V 762 7.60 -10.73 28.54
N ILE V 763 8.14 -9.63 28.02
CA ILE V 763 9.06 -8.77 28.77
C ILE V 763 8.67 -7.32 28.51
N GLU V 764 8.68 -6.51 29.57
CA GLU V 764 8.35 -5.10 29.50
C GLU V 764 9.35 -4.30 30.31
N TYR V 765 9.47 -3.02 29.98
CA TYR V 765 10.45 -2.14 30.60
C TYR V 765 9.86 -0.75 30.79
N VAL V 766 10.56 0.06 31.58
CA VAL V 766 10.22 1.46 31.78
C VAL V 766 11.43 2.29 31.37
N LEU V 767 11.22 3.22 30.45
CA LEU V 767 12.30 3.99 29.86
C LEU V 767 12.10 5.47 30.15
N GLN V 768 13.19 6.14 30.52
CA GLN V 768 13.17 7.57 30.83
C GLN V 768 13.99 8.31 29.78
N TYR V 769 13.29 8.91 28.81
CA TYR V 769 13.93 9.67 27.74
C TYR V 769 13.12 10.95 27.51
N ARG V 770 13.84 12.06 27.35
CA ARG V 770 13.19 13.37 27.30
C ARG V 770 13.88 14.20 26.22
N ALA V 771 13.19 14.39 25.09
CA ALA V 771 13.68 15.28 24.05
C ALA V 771 13.39 16.73 24.43
N ARG V 772 14.30 17.63 24.04
CA ARG V 772 14.17 19.04 24.39
C ARG V 772 14.19 19.95 23.16
N ARG V 773 14.10 19.38 21.97
CA ARG V 773 13.94 20.17 20.75
C ARG V 773 13.09 19.36 19.77
N LYS V 774 12.33 20.08 18.95
CA LYS V 774 11.55 19.45 17.90
C LYS V 774 12.49 18.78 16.91
N ARG V 775 11.94 17.97 16.00
CA ARG V 775 12.72 17.22 15.04
C ARG V 775 12.31 17.60 13.62
N ILE V 776 13.30 17.66 12.74
CA ILE V 776 13.07 18.02 11.35
C ILE V 776 14.40 18.04 10.60
N ALA W 2 -14.34 1.84 31.53
CA ALA W 2 -14.46 0.51 30.95
C ALA W 2 -14.59 0.59 29.44
N PHE W 3 -14.10 -0.44 28.75
CA PHE W 3 -14.14 -0.51 27.30
C PHE W 3 -14.92 -1.74 26.88
N ASP W 4 -15.23 -1.82 25.58
CA ASP W 4 -15.94 -2.95 25.02
C ASP W 4 -15.17 -3.52 23.83
N GLY W 5 -15.69 -4.57 23.22
CA GLY W 5 -15.02 -5.20 22.10
C GLY W 5 -15.84 -6.34 21.56
N SER W 6 -15.26 -7.02 20.56
CA SER W 6 -15.93 -8.12 19.90
C SER W 6 -14.89 -9.09 19.35
N ILE W 7 -15.19 -10.39 19.45
CA ILE W 7 -14.33 -11.41 18.87
C ILE W 7 -14.60 -11.47 17.37
N LYS W 8 -13.53 -11.55 16.59
CA LYS W 8 -13.66 -11.38 15.13
C LYS W 8 -14.54 -12.47 14.53
N SER W 9 -14.24 -13.74 14.79
CA SER W 9 -14.97 -14.84 14.17
C SER W 9 -14.68 -16.12 14.94
N LEU W 10 -15.41 -17.18 14.56
CA LEU W 10 -15.32 -18.48 15.21
C LEU W 10 -15.30 -19.60 14.17
N LEU W 11 -14.50 -19.43 13.12
CA LEU W 11 -14.51 -20.34 11.98
C LEU W 11 -13.15 -20.90 11.62
N GLN W 12 -12.26 -21.10 12.59
CA GLN W 12 -10.93 -21.66 12.34
C GLN W 12 -10.61 -22.85 13.23
N GLY W 13 -11.62 -23.41 13.90
CA GLY W 13 -11.40 -24.64 14.63
C GLY W 13 -10.46 -24.52 15.82
N VAL W 14 -10.02 -25.68 16.29
CA VAL W 14 -9.26 -25.77 17.53
C VAL W 14 -7.81 -25.36 17.30
N SER W 15 -7.15 -24.98 18.39
CA SER W 15 -5.72 -24.67 18.39
C SER W 15 -5.15 -24.97 19.76
N GLN W 16 -3.83 -25.06 19.84
CA GLN W 16 -3.14 -25.40 21.07
C GLN W 16 -1.94 -24.51 21.36
N GLN W 17 -1.79 -23.40 20.65
CA GLN W 17 -0.75 -22.45 20.97
C GLN W 17 -1.19 -21.55 22.12
N VAL W 18 -0.23 -20.84 22.70
CA VAL W 18 -0.53 -19.87 23.76
C VAL W 18 -1.36 -18.77 23.14
N PRO W 19 -2.24 -18.10 23.90
CA PRO W 19 -3.15 -17.12 23.28
C PRO W 19 -2.44 -15.99 22.57
N ARG W 20 -1.17 -15.70 22.91
CA ARG W 20 -0.47 -14.60 22.28
C ARG W 20 -0.33 -14.79 20.78
N GLU W 21 -0.31 -16.04 20.31
CA GLU W 21 0.07 -16.33 18.93
C GLU W 21 -1.05 -16.91 18.08
N ARG W 22 -2.20 -17.25 18.65
CA ARG W 22 -3.26 -17.85 17.87
C ARG W 22 -3.74 -16.88 16.79
N LEU W 23 -4.07 -17.44 15.62
CA LEU W 23 -4.59 -16.64 14.54
C LEU W 23 -6.04 -16.23 14.83
N ASP W 24 -6.55 -15.32 14.00
CA ASP W 24 -7.92 -14.83 14.17
C ASP W 24 -8.92 -15.91 13.83
N GLY W 25 -9.87 -16.15 14.73
CA GLY W 25 -10.94 -17.11 14.51
C GLY W 25 -10.75 -18.45 15.18
N GLN W 26 -9.55 -18.77 15.66
CA GLN W 26 -9.33 -20.05 16.30
C GLN W 26 -9.92 -20.08 17.71
N VAL W 27 -10.34 -21.26 18.14
CA VAL W 27 -10.97 -21.45 19.44
C VAL W 27 -10.16 -22.47 20.23
N SER W 28 -10.61 -22.80 21.43
CA SER W 28 -9.83 -23.63 22.33
C SER W 28 -10.34 -25.08 22.38
N VAL W 29 -11.65 -25.26 22.29
CA VAL W 29 -12.27 -26.59 22.35
C VAL W 29 -13.51 -26.59 21.47
N GLN W 30 -13.69 -27.67 20.70
CA GLN W 30 -14.88 -27.87 19.89
C GLN W 30 -15.20 -29.35 19.89
N LEU W 31 -16.49 -29.69 19.97
CA LEU W 31 -16.89 -31.09 20.07
C LEU W 31 -18.34 -31.21 19.65
N ASN W 32 -18.60 -32.05 18.64
CA ASN W 32 -19.96 -32.27 18.14
C ASN W 32 -20.57 -30.98 17.61
N ARG W 33 -19.72 -30.04 17.21
CA ARG W 33 -20.15 -28.80 16.57
C ARG W 33 -19.83 -28.84 15.08
N LEU W 34 -20.24 -27.79 14.39
CA LEU W 34 -19.89 -27.57 13.00
C LEU W 34 -19.23 -26.22 12.84
N SER W 35 -18.27 -26.15 11.92
CA SER W 35 -17.61 -24.90 11.55
C SER W 35 -18.26 -24.31 10.30
N ASP W 36 -19.56 -24.53 10.16
CA ASP W 36 -20.26 -24.18 8.93
C ASP W 36 -20.23 -22.69 8.67
N VAL W 37 -19.93 -22.32 7.42
CA VAL W 37 -20.14 -20.96 6.97
C VAL W 37 -21.63 -20.74 6.70
N VAL W 38 -21.99 -19.48 6.46
CA VAL W 38 -23.33 -19.06 6.04
C VAL W 38 -24.36 -19.29 7.14
N ASN W 39 -24.29 -20.43 7.83
CA ASN W 39 -25.22 -20.71 8.92
C ASN W 39 -24.62 -20.47 10.30
N GLY W 40 -23.30 -20.37 10.42
CA GLY W 40 -22.67 -20.10 11.69
C GLY W 40 -22.18 -21.36 12.38
N ASN W 41 -21.78 -21.17 13.64
CA ASN W 41 -21.20 -22.24 14.45
C ASN W 41 -22.30 -22.90 15.29
N ARG W 42 -22.97 -23.87 14.68
CA ARG W 42 -24.11 -24.55 15.29
C ARG W 42 -23.77 -26.02 15.56
N ARG W 43 -24.75 -26.75 16.06
CA ARG W 43 -24.58 -28.16 16.37
C ARG W 43 -24.71 -29.03 15.13
N ARG W 44 -24.14 -30.22 15.19
CA ARG W 44 -24.23 -31.15 14.07
C ARG W 44 -25.56 -31.90 14.12
N PRO W 45 -26.06 -32.38 12.97
CA PRO W 45 -27.27 -33.19 12.98
C PRO W 45 -27.03 -34.57 13.59
N GLY W 46 -28.12 -35.32 13.73
CA GLY W 46 -28.03 -36.66 14.30
C GLY W 46 -27.71 -37.70 13.25
N ALA W 47 -27.29 -38.87 13.71
CA ALA W 47 -26.97 -39.98 12.81
C ALA W 47 -28.18 -40.87 12.63
N ARG W 48 -28.48 -41.19 11.37
CA ARG W 48 -29.68 -41.96 11.02
C ARG W 48 -29.33 -43.42 10.80
N TYR W 49 -30.22 -44.30 11.22
CA TYR W 49 -30.00 -45.73 11.09
C TYR W 49 -30.54 -46.23 9.76
N LEU W 50 -29.72 -47.03 9.06
CA LEU W 50 -30.09 -47.50 7.72
C LEU W 50 -30.33 -49.00 7.70
N ALA W 51 -29.35 -49.80 8.10
CA ALA W 51 -29.47 -51.25 8.05
C ALA W 51 -28.22 -51.86 8.67
N ASP W 52 -28.23 -53.19 8.78
CA ASP W 52 -27.12 -53.96 9.33
C ASP W 52 -26.58 -54.91 8.26
N VAL W 53 -25.26 -54.92 8.09
CA VAL W 53 -24.62 -55.77 7.09
C VAL W 53 -24.68 -57.21 7.56
N PRO W 54 -25.02 -58.18 6.68
CA PRO W 54 -25.05 -59.60 7.12
C PRO W 54 -23.66 -60.21 7.28
N THR W 55 -22.99 -59.84 8.37
CA THR W 55 -21.69 -60.41 8.71
C THR W 55 -21.47 -60.24 10.19
N THR W 56 -20.39 -60.84 10.69
CA THR W 56 -20.05 -60.79 12.10
C THR W 56 -18.56 -60.58 12.27
N SER W 57 -18.18 -59.94 13.38
CA SER W 57 -16.79 -59.69 13.70
C SER W 57 -16.65 -59.37 15.18
N GLN W 58 -15.47 -59.66 15.72
CA GLN W 58 -15.20 -59.35 17.12
C GLN W 58 -14.15 -58.26 17.29
N TYR W 59 -13.44 -57.90 16.21
CA TYR W 59 -12.36 -56.92 16.28
C TYR W 59 -12.71 -55.71 15.42
N ASP W 60 -12.01 -54.61 15.71
CA ASP W 60 -12.34 -53.31 15.12
C ASP W 60 -11.65 -53.05 13.79
N ASP W 61 -10.75 -53.93 13.34
CA ASP W 61 -10.00 -53.63 12.11
C ASP W 61 -9.91 -54.80 11.15
N HIS W 62 -10.87 -55.72 11.17
CA HIS W 62 -10.84 -56.86 10.25
C HIS W 62 -11.94 -56.73 9.20
N VAL W 63 -12.23 -55.50 8.78
CA VAL W 63 -13.29 -55.22 7.82
C VAL W 63 -12.78 -54.21 6.80
N PHE W 64 -13.18 -54.40 5.54
CA PHE W 64 -12.81 -53.52 4.45
C PHE W 64 -14.04 -53.19 3.64
N ALA W 65 -14.12 -51.97 3.12
CA ALA W 65 -15.30 -51.49 2.41
C ALA W 65 -14.90 -50.55 1.29
N SER W 66 -15.62 -50.64 0.19
CA SER W 66 -15.43 -49.79 -0.99
C SER W 66 -16.62 -50.03 -1.91
N TYR W 67 -16.61 -49.39 -3.08
CA TYR W 67 -17.72 -49.46 -4.01
C TYR W 67 -17.20 -49.66 -5.43
N VAL W 68 -18.10 -50.08 -6.31
CA VAL W 68 -17.81 -50.27 -7.72
C VAL W 68 -19.07 -49.95 -8.52
N ASP W 69 -18.89 -49.49 -9.75
CA ASP W 69 -19.99 -49.05 -10.60
C ASP W 69 -20.25 -50.06 -11.71
N VAL W 70 -21.52 -50.42 -11.88
CA VAL W 70 -21.95 -51.30 -12.96
C VAL W 70 -23.06 -50.59 -13.71
N GLN W 71 -22.85 -50.32 -14.99
CA GLN W 71 -23.82 -49.61 -15.81
C GLN W 71 -24.16 -48.28 -15.16
N ASP W 72 -25.45 -48.04 -14.88
CA ASP W 72 -25.88 -46.83 -14.19
C ASP W 72 -25.93 -47.00 -12.68
N THR W 73 -25.72 -48.21 -12.17
CA THR W 73 -25.84 -48.47 -10.75
C THR W 73 -24.48 -48.39 -10.07
N ALA W 74 -24.51 -48.14 -8.76
CA ALA W 74 -23.33 -48.20 -7.92
C ALA W 74 -23.60 -49.18 -6.78
N ASN W 75 -22.61 -50.00 -6.46
CA ASN W 75 -22.76 -51.08 -5.50
C ASN W 75 -21.63 -51.06 -4.49
N HIS W 76 -21.92 -51.57 -3.29
CA HIS W 76 -20.92 -51.62 -2.23
C HIS W 76 -20.17 -52.94 -2.26
N VAL W 77 -18.91 -52.89 -1.84
CA VAL W 77 -18.05 -54.07 -1.72
C VAL W 77 -17.58 -54.16 -0.28
N ILE W 78 -17.86 -55.28 0.37
CA ILE W 78 -17.50 -55.51 1.76
C ILE W 78 -16.72 -56.81 1.85
N ILE W 79 -15.57 -56.77 2.53
CA ILE W 79 -14.71 -57.93 2.70
C ILE W 79 -14.41 -58.08 4.18
N ASN W 80 -14.55 -59.31 4.68
CA ASN W 80 -14.15 -59.66 6.05
C ASN W 80 -12.84 -60.40 5.97
N THR W 81 -11.81 -59.86 6.63
CA THR W 81 -10.45 -60.35 6.46
C THR W 81 -10.08 -61.46 7.44
N GLU W 82 -10.97 -61.82 8.36
CA GLU W 82 -10.66 -62.91 9.30
C GLU W 82 -11.02 -64.26 8.70
N THR W 83 -12.28 -64.41 8.28
CA THR W 83 -12.73 -65.67 7.68
C THR W 83 -12.64 -65.67 6.16
N GLY W 84 -12.26 -64.54 5.55
CA GLY W 84 -12.14 -64.46 4.11
C GLY W 84 -13.47 -64.57 3.40
N GLN W 85 -14.34 -63.59 3.60
CA GLN W 85 -15.67 -63.56 3.00
C GLN W 85 -15.78 -62.33 2.11
N LEU W 86 -16.53 -62.48 1.01
CA LEU W 86 -16.71 -61.42 0.02
C LEU W 86 -18.20 -61.17 -0.15
N LEU W 87 -18.59 -59.89 -0.12
CA LEU W 87 -19.99 -59.50 -0.21
C LEU W 87 -20.15 -58.38 -1.23
N VAL W 88 -21.31 -58.38 -1.90
CA VAL W 88 -21.72 -57.31 -2.79
C VAL W 88 -23.17 -56.99 -2.48
N ILE W 89 -23.48 -55.70 -2.32
CA ILE W 89 -24.80 -55.26 -1.88
C ILE W 89 -25.27 -54.15 -2.82
N SER W 90 -26.59 -53.97 -2.89
CA SER W 90 -27.15 -52.88 -3.68
C SER W 90 -26.96 -51.55 -2.95
N GLU W 91 -27.18 -50.46 -3.68
CA GLU W 91 -26.95 -49.13 -3.13
C GLU W 91 -27.82 -48.84 -1.92
N ASP W 92 -28.99 -49.48 -1.82
CA ASP W 92 -29.93 -49.19 -0.74
C ASP W 92 -29.92 -50.25 0.35
N PHE W 93 -28.97 -51.18 0.33
CA PHE W 93 -28.86 -52.25 1.33
C PHE W 93 -30.09 -53.14 1.36
N SER W 94 -30.79 -53.29 0.24
CA SER W 94 -32.03 -54.06 0.21
C SER W 94 -31.85 -55.47 -0.30
N THR W 95 -30.82 -55.74 -1.10
CA THR W 95 -30.60 -57.06 -1.68
C THR W 95 -29.12 -57.39 -1.66
N THR W 96 -28.83 -58.69 -1.67
CA THR W 96 -27.46 -59.19 -1.73
C THR W 96 -27.24 -59.80 -3.10
N LEU W 97 -26.21 -59.32 -3.81
CA LEU W 97 -25.96 -59.76 -5.17
C LEU W 97 -24.93 -60.88 -5.25
N HIS W 98 -24.05 -61.00 -4.26
CA HIS W 98 -23.05 -62.06 -4.25
C HIS W 98 -22.62 -62.31 -2.82
N ASN W 99 -22.30 -63.58 -2.52
CA ASN W 99 -21.86 -63.96 -1.19
C ASN W 99 -21.11 -65.29 -1.31
N SER W 100 -19.82 -65.28 -0.97
CA SER W 100 -19.00 -66.49 -1.10
C SER W 100 -17.77 -66.35 -0.22
N THR W 101 -17.11 -67.48 0.02
CA THR W 101 -15.89 -67.52 0.81
C THR W 101 -14.68 -67.67 -0.10
N GLN W 102 -13.57 -67.07 0.32
CA GLN W 102 -12.34 -67.11 -0.47
C GLN W 102 -11.17 -67.27 0.49
N GLN W 103 -10.46 -68.40 0.38
CA GLN W 103 -9.31 -68.63 1.24
C GLN W 103 -8.14 -67.70 0.92
N TYR W 104 -8.16 -67.06 -0.25
CA TYR W 104 -7.05 -66.17 -0.61
C TYR W 104 -7.12 -64.87 0.18
N LEU W 105 -8.30 -64.49 0.67
CA LEU W 105 -8.51 -63.20 1.30
C LEU W 105 -8.30 -63.22 2.81
N VAL W 106 -7.67 -64.27 3.34
CA VAL W 106 -7.39 -64.33 4.77
C VAL W 106 -6.11 -63.57 5.07
N ALA W 107 -6.18 -62.62 5.99
CA ALA W 107 -5.02 -61.83 6.37
C ALA W 107 -5.21 -61.35 7.80
N SER W 108 -4.17 -60.69 8.33
CA SER W 108 -4.19 -60.26 9.72
C SER W 108 -5.03 -59.01 9.93
N ALA W 109 -5.05 -58.10 8.95
CA ALA W 109 -5.74 -56.84 9.13
C ALA W 109 -6.27 -56.35 7.78
N ALA W 110 -7.23 -55.44 7.83
CA ALA W 110 -7.91 -54.94 6.64
C ALA W 110 -7.07 -53.91 5.88
N SER W 111 -5.81 -53.71 6.25
CA SER W 111 -4.95 -52.78 5.54
C SER W 111 -4.15 -53.44 4.43
N ALA W 112 -4.29 -54.75 4.24
CA ALA W 112 -3.51 -55.47 3.24
C ALA W 112 -4.25 -55.64 1.92
N ILE W 113 -5.49 -55.15 1.82
CA ILE W 113 -6.30 -55.34 0.63
C ILE W 113 -6.15 -54.13 -0.28
N GLN W 114 -6.15 -54.36 -1.58
CA GLN W 114 -6.07 -53.31 -2.58
C GLN W 114 -6.78 -53.78 -3.84
N THR W 115 -7.16 -52.83 -4.70
CA THR W 115 -8.00 -53.15 -5.84
C THR W 115 -7.60 -52.31 -7.05
N ALA W 116 -7.97 -52.80 -8.23
CA ALA W 116 -7.75 -52.09 -9.48
C ALA W 116 -8.67 -52.69 -10.54
N THR W 117 -8.91 -51.91 -11.60
CA THR W 117 -9.77 -52.32 -12.70
C THR W 117 -9.16 -51.88 -14.02
N LEU W 118 -9.06 -52.81 -14.97
CA LEU W 118 -8.42 -52.50 -16.25
C LEU W 118 -9.34 -52.58 -17.47
N ARG W 119 -10.00 -53.71 -17.74
CA ARG W 119 -10.83 -53.81 -18.93
C ARG W 119 -12.31 -54.01 -18.60
N GLY W 120 -12.62 -55.11 -17.93
CA GLY W 120 -14.00 -55.43 -17.60
C GLY W 120 -14.14 -56.17 -16.29
N ASP W 121 -13.11 -56.13 -15.45
CA ASP W 121 -13.11 -56.92 -14.23
C ASP W 121 -12.40 -56.12 -13.13
N LEU W 122 -12.77 -56.43 -11.89
CA LEU W 122 -12.18 -55.81 -10.72
C LEU W 122 -11.21 -56.80 -10.07
N TYR W 123 -9.95 -56.41 -9.96
CA TYR W 123 -8.93 -57.26 -9.36
C TYR W 123 -8.73 -56.89 -7.90
N ILE W 124 -8.44 -57.91 -7.09
CA ILE W 124 -8.24 -57.73 -5.66
C ILE W 124 -6.91 -58.38 -5.30
N ALA W 125 -6.05 -57.63 -4.60
CA ALA W 125 -4.70 -58.07 -4.27
C ALA W 125 -4.52 -58.10 -2.77
N ASN W 126 -3.88 -59.17 -2.29
CA ASN W 126 -3.53 -59.32 -0.88
C ASN W 126 -2.02 -59.20 -0.76
N THR W 127 -1.56 -58.16 -0.06
CA THR W 127 -0.14 -57.87 0.02
C THR W 127 0.58 -58.73 1.05
N GLU W 128 -0.13 -59.57 1.81
CA GLU W 128 0.49 -60.41 2.83
C GLU W 128 0.86 -61.80 2.31
N LYS W 129 0.67 -62.05 1.02
CA LYS W 129 0.94 -63.36 0.43
C LYS W 129 1.89 -63.20 -0.75
N ALA W 130 2.70 -64.23 -0.99
CA ALA W 130 3.73 -64.20 -2.00
C ALA W 130 3.45 -65.23 -3.09
N PRO W 131 3.61 -64.89 -4.36
CA PRO W 131 3.40 -65.87 -5.43
C PRO W 131 4.62 -66.77 -5.62
N THR W 132 4.40 -67.85 -6.37
CA THR W 132 5.45 -68.81 -6.66
C THR W 132 5.26 -69.38 -8.06
N LYS W 133 6.35 -69.83 -8.66
CA LYS W 133 6.30 -70.41 -9.99
C LYS W 133 5.84 -71.86 -9.93
N VAL W 134 5.19 -72.30 -11.01
CA VAL W 134 4.74 -73.68 -11.15
C VAL W 134 5.18 -74.21 -12.51
N PHE W 135 5.63 -75.46 -12.52
CA PHE W 135 6.06 -76.14 -13.74
C PHE W 135 5.08 -77.25 -14.07
N GLY W 136 4.49 -77.19 -15.26
CA GLY W 136 3.58 -78.22 -15.71
C GLY W 136 4.25 -79.23 -16.62
N SER W 137 3.55 -80.34 -16.85
CA SER W 137 4.06 -81.38 -17.72
C SER W 137 4.14 -80.86 -19.16
N THR W 138 5.25 -81.17 -19.84
CA THR W 138 5.44 -80.75 -21.22
C THR W 138 6.14 -81.87 -21.98
N THR W 139 6.06 -81.78 -23.31
CA THR W 139 6.65 -82.78 -24.19
C THR W 139 8.06 -82.42 -24.63
N GLN W 140 8.64 -81.34 -24.11
CA GLN W 140 9.96 -80.91 -24.57
C GLN W 140 11.02 -81.96 -24.22
N GLN W 141 12.08 -81.98 -25.02
CA GLN W 141 13.20 -82.88 -24.83
C GLN W 141 14.48 -82.06 -24.63
N ASP W 142 15.46 -82.65 -23.99
CA ASP W 142 16.70 -81.94 -23.68
C ASP W 142 17.38 -81.49 -24.97
N ALA W 265 9.50 -83.33 -30.21
CA ALA W 265 9.61 -82.01 -29.61
C ALA W 265 11.07 -81.58 -29.47
N SER W 266 11.85 -81.74 -30.54
CA SER W 266 13.23 -81.32 -30.51
C SER W 266 13.33 -79.79 -30.45
N VAL W 267 14.47 -79.31 -29.95
CA VAL W 267 14.73 -77.88 -29.80
C VAL W 267 16.01 -77.53 -30.53
N ALA W 268 15.96 -76.46 -31.31
CA ALA W 268 17.12 -75.96 -32.02
C ALA W 268 17.19 -74.44 -31.84
N VAL W 269 18.41 -73.91 -31.91
CA VAL W 269 18.66 -72.50 -31.62
C VAL W 269 19.13 -71.83 -32.90
N GLY W 270 18.39 -70.81 -33.35
CA GLY W 270 18.81 -70.00 -34.47
C GLY W 270 19.63 -68.80 -34.03
N THR W 271 19.89 -67.92 -34.99
CA THR W 271 20.64 -66.70 -34.73
C THR W 271 20.77 -65.86 -36.00
N PHE W 276 20.29 -66.52 -30.03
CA PHE W 276 19.24 -65.60 -29.62
C PHE W 276 17.89 -66.30 -29.51
N VAL W 277 17.32 -66.66 -30.67
CA VAL W 277 15.97 -67.18 -30.76
C VAL W 277 16.01 -68.70 -30.63
N TRP W 278 14.99 -69.25 -29.99
CA TRP W 278 14.85 -70.70 -29.81
C TRP W 278 13.57 -71.16 -30.46
N TYR W 279 13.61 -72.34 -31.08
CA TYR W 279 12.47 -72.89 -31.80
C TYR W 279 12.16 -74.30 -31.33
N GLN W 280 10.88 -74.65 -31.37
CA GLN W 280 10.42 -76.01 -31.13
C GLN W 280 9.69 -76.53 -32.36
N TYR W 281 9.75 -77.85 -32.55
CA TYR W 281 9.18 -78.51 -33.72
C TYR W 281 7.92 -79.25 -33.30
N ASP W 282 6.78 -78.83 -33.84
CA ASP W 282 5.50 -79.45 -33.54
C ASP W 282 5.22 -80.59 -34.53
N SER W 283 5.42 -81.82 -34.04
CA SER W 283 5.28 -82.99 -34.89
C SER W 283 3.84 -83.20 -35.36
N ALA W 284 2.88 -82.51 -34.74
CA ALA W 284 1.49 -82.64 -35.16
C ALA W 284 1.22 -81.99 -36.52
N THR W 285 1.94 -80.93 -36.86
CA THR W 285 1.73 -80.25 -38.14
C THR W 285 3.03 -79.88 -38.85
N SER W 286 4.19 -80.18 -38.30
CA SER W 286 5.49 -79.95 -38.93
C SER W 286 5.90 -78.49 -38.94
N VAL W 287 5.25 -77.64 -38.14
CA VAL W 287 5.62 -76.23 -38.06
C VAL W 287 6.74 -76.07 -37.02
N TRP W 288 7.42 -74.93 -37.05
CA TRP W 288 8.48 -74.61 -36.10
C TRP W 288 8.04 -73.40 -35.28
N LYS W 289 7.29 -73.66 -34.21
CA LYS W 289 6.84 -72.58 -33.34
C LYS W 289 7.91 -72.24 -32.31
N GLU W 290 7.83 -71.02 -31.79
CA GLU W 290 8.78 -70.56 -30.79
C GLU W 290 8.51 -71.19 -29.44
N ALA W 291 9.55 -71.28 -28.61
CA ALA W 291 9.43 -71.76 -27.24
C ALA W 291 10.54 -71.11 -26.43
N GLY W 292 10.26 -70.82 -25.16
CA GLY W 292 11.24 -70.14 -24.34
C GLY W 292 12.52 -70.93 -24.17
N ALA W 293 12.44 -72.03 -23.42
CA ALA W 293 13.58 -72.91 -23.20
C ALA W 293 13.11 -74.08 -22.34
N TYR W 294 13.99 -75.06 -22.16
CA TYR W 294 13.69 -76.19 -21.31
C TYR W 294 13.61 -75.75 -19.84
N GLY W 295 12.65 -76.32 -19.13
CA GLY W 295 12.50 -76.03 -17.71
C GLY W 295 11.92 -74.68 -17.39
N SER W 296 11.25 -74.04 -18.34
CA SER W 296 10.66 -72.74 -18.08
C SER W 296 9.32 -72.90 -17.36
N PRO W 297 8.91 -71.89 -16.59
CA PRO W 297 7.63 -71.98 -15.87
C PRO W 297 6.46 -71.86 -16.82
N THR W 298 5.32 -72.43 -16.42
CA THR W 298 4.10 -72.41 -17.22
C THR W 298 2.95 -71.68 -16.54
N GLY W 299 3.20 -70.97 -15.45
CA GLY W 299 2.14 -70.26 -14.77
C GLY W 299 2.60 -69.74 -13.43
N PHE W 300 1.65 -69.18 -12.69
CA PHE W 300 1.90 -68.62 -11.36
C PHE W 300 0.85 -69.11 -10.38
N SER W 301 1.19 -69.05 -9.10
CA SER W 301 0.29 -69.40 -8.01
C SER W 301 0.21 -68.25 -7.02
N ASN W 302 -0.90 -68.20 -6.28
CA ASN W 302 -1.16 -67.18 -5.27
C ASN W 302 -1.29 -65.78 -5.86
N MET W 303 -1.72 -65.66 -7.11
CA MET W 303 -1.85 -64.37 -7.76
C MET W 303 -3.22 -63.76 -7.46
N PRO W 304 -3.37 -62.44 -7.66
CA PRO W 304 -4.63 -61.79 -7.33
C PRO W 304 -5.81 -62.39 -8.09
N ILE W 305 -6.95 -62.47 -7.40
CA ILE W 305 -8.19 -63.00 -7.98
C ILE W 305 -8.88 -61.89 -8.78
N ARG W 306 -9.87 -62.26 -9.57
CA ARG W 306 -10.56 -61.34 -10.47
C ARG W 306 -12.06 -61.52 -10.37
N ILE W 307 -12.80 -60.43 -10.57
CA ILE W 307 -14.26 -60.43 -10.52
C ILE W 307 -14.78 -59.73 -11.77
N SER W 308 -15.89 -60.23 -12.29
CA SER W 308 -16.48 -59.66 -13.50
C SER W 308 -17.42 -58.52 -13.16
N LEU W 309 -17.63 -57.64 -14.14
CA LEU W 309 -18.53 -56.49 -14.00
C LEU W 309 -19.53 -56.41 -15.14
N ASP W 310 -19.78 -57.52 -15.84
CA ASP W 310 -20.72 -57.50 -16.95
C ASP W 310 -22.17 -57.55 -16.50
N GLY W 311 -22.42 -57.80 -15.21
CA GLY W 311 -23.77 -57.82 -14.68
C GLY W 311 -24.16 -59.12 -14.00
N VAL W 312 -23.26 -60.09 -13.85
CA VAL W 312 -23.57 -61.36 -13.20
C VAL W 312 -22.62 -61.67 -12.06
N TYR W 313 -21.53 -60.93 -11.91
CA TYR W 313 -20.63 -61.06 -10.76
C TYR W 313 -20.05 -62.47 -10.66
N THR W 314 -19.27 -62.86 -11.66
CA THR W 314 -18.55 -64.12 -11.62
C THR W 314 -17.17 -63.93 -10.99
N VAL W 315 -16.77 -64.89 -10.16
CA VAL W 315 -15.46 -64.88 -9.51
C VAL W 315 -14.67 -66.08 -10.02
N GLU W 316 -13.44 -65.84 -10.43
CA GLU W 316 -12.61 -66.91 -11.00
C GLU W 316 -11.15 -66.48 -10.95
N THR W 317 -10.26 -67.43 -10.68
CA THR W 317 -8.84 -67.15 -10.68
C THR W 317 -8.31 -67.21 -12.11
N PRO W 318 -7.75 -66.12 -12.64
CA PRO W 318 -7.30 -66.14 -14.03
C PRO W 318 -6.03 -66.96 -14.22
N ALA W 319 -5.82 -67.38 -15.46
CA ALA W 319 -4.66 -68.20 -15.82
C ALA W 319 -3.59 -67.31 -16.42
N TYR W 320 -2.51 -67.09 -15.67
CA TYR W 320 -1.43 -66.24 -16.14
C TYR W 320 -0.44 -67.05 -16.99
N GLU W 321 0.22 -66.37 -17.92
CA GLU W 321 1.08 -67.04 -18.87
C GLU W 321 2.49 -67.19 -18.34
N GLY W 322 3.11 -68.33 -18.65
CA GLY W 322 4.53 -68.52 -18.43
C GLY W 322 5.32 -68.00 -19.62
N ARG W 323 6.62 -68.28 -19.62
CA ARG W 323 7.46 -67.86 -20.73
C ARG W 323 7.10 -68.66 -21.97
N LEU W 324 6.91 -67.96 -23.09
CA LEU W 324 6.72 -68.57 -24.40
C LEU W 324 7.92 -68.36 -25.31
N ALA W 325 8.65 -67.27 -25.12
CA ALA W 325 9.87 -66.98 -25.87
C ALA W 325 10.98 -66.50 -24.95
N GLY W 326 12.21 -66.71 -25.38
CA GLY W 326 13.36 -66.18 -24.68
C GLY W 326 13.92 -67.09 -23.60
N SER W 327 15.19 -66.90 -23.28
CA SER W 327 15.86 -67.66 -22.25
C SER W 327 16.05 -66.81 -21.00
N ASP W 328 16.57 -67.44 -19.94
CA ASP W 328 16.75 -66.75 -18.67
C ASP W 328 17.71 -65.57 -18.79
N GLU W 329 18.56 -65.53 -19.82
CA GLU W 329 19.51 -64.45 -20.01
C GLU W 329 18.96 -63.35 -20.91
N THR W 330 17.75 -63.50 -21.45
CA THR W 330 17.13 -62.47 -22.27
C THR W 330 15.69 -62.17 -21.89
N ASN W 331 15.05 -63.01 -21.07
CA ASN W 331 13.72 -62.77 -20.53
C ASN W 331 13.76 -63.17 -19.06
N GLU W 332 14.09 -62.20 -18.20
CA GLU W 332 14.29 -62.47 -16.79
C GLU W 332 12.95 -62.52 -16.06
N ASP W 333 13.02 -62.83 -14.77
CA ASP W 333 11.82 -62.85 -13.96
C ASP W 333 11.27 -61.44 -13.78
N PRO W 334 9.96 -61.29 -13.54
CA PRO W 334 9.39 -59.94 -13.44
C PRO W 334 9.92 -59.14 -12.25
N GLY W 335 10.53 -59.82 -11.29
CA GLY W 335 11.10 -59.16 -10.13
C GLY W 335 10.24 -59.29 -8.88
N PHE W 336 8.93 -59.27 -9.04
CA PHE W 336 8.04 -59.43 -7.89
C PHE W 336 8.03 -60.85 -7.35
N ILE W 337 8.69 -61.79 -8.03
CA ILE W 337 8.78 -63.16 -7.52
C ILE W 337 9.54 -63.18 -6.21
N ASP W 338 10.63 -62.43 -6.12
CA ASP W 338 11.52 -62.47 -4.95
C ASP W 338 11.07 -61.54 -3.83
N ASN W 339 10.72 -60.30 -4.12
CA ASN W 339 10.36 -59.34 -3.09
C ASN W 339 8.89 -59.38 -2.71
N GLY W 340 8.09 -60.21 -3.37
CA GLY W 340 6.68 -60.27 -3.09
C GLY W 340 5.95 -59.07 -3.67
N VAL W 341 4.66 -59.00 -3.35
CA VAL W 341 3.82 -57.90 -3.81
C VAL W 341 3.47 -57.00 -2.63
N THR W 342 3.93 -55.76 -2.69
CA THR W 342 3.68 -54.78 -1.63
C THR W 342 2.78 -53.63 -2.10
N GLY W 343 2.11 -53.78 -3.23
CA GLY W 343 1.24 -52.73 -3.73
C GLY W 343 0.49 -53.20 -4.96
N PHE W 344 -0.40 -52.34 -5.43
CA PHE W 344 -1.23 -52.65 -6.58
C PHE W 344 -1.85 -51.38 -7.12
N GLY W 345 -2.03 -51.32 -8.43
CA GLY W 345 -2.62 -50.16 -9.05
C GLY W 345 -2.62 -50.30 -10.56
N ALA W 346 -3.15 -49.27 -11.22
CA ALA W 346 -3.24 -49.24 -12.67
C ALA W 346 -2.69 -47.92 -13.19
N TYR W 347 -2.12 -47.95 -14.40
CA TYR W 347 -1.53 -46.77 -14.99
C TYR W 347 -1.38 -46.99 -16.50
N GLN W 348 -1.93 -46.05 -17.28
CA GLN W 348 -1.83 -46.10 -18.73
C GLN W 348 -2.30 -47.43 -19.28
N GLY W 349 -3.43 -47.92 -18.78
CA GLY W 349 -3.97 -49.18 -19.28
C GLY W 349 -3.12 -50.39 -18.94
N ARG W 350 -2.22 -50.27 -17.97
CA ARG W 350 -1.35 -51.36 -17.56
C ARG W 350 -1.49 -51.58 -16.06
N LEU W 351 -1.62 -52.85 -15.68
CA LEU W 351 -1.61 -53.20 -14.27
C LEU W 351 -0.22 -52.96 -13.69
N VAL W 352 -0.18 -52.49 -12.45
CA VAL W 352 1.07 -52.16 -11.77
C VAL W 352 1.16 -52.99 -10.50
N ILE W 353 2.31 -53.64 -10.30
CA ILE W 353 2.58 -54.42 -9.10
C ILE W 353 3.90 -53.94 -8.52
N LEU W 354 3.84 -53.41 -7.30
CA LEU W 354 5.04 -52.93 -6.61
C LEU W 354 5.70 -54.07 -5.86
N ALA W 355 7.02 -54.17 -5.99
CA ALA W 355 7.80 -55.26 -5.43
C ALA W 355 8.97 -54.67 -4.64
N GLY W 356 8.68 -53.66 -3.82
CA GLY W 356 9.69 -52.99 -3.04
C GLY W 356 10.40 -51.92 -3.86
N PRO W 357 11.70 -52.07 -4.08
CA PRO W 357 12.42 -51.07 -4.89
C PRO W 357 12.27 -51.25 -6.39
N GLU W 358 11.32 -52.07 -6.84
CA GLU W 358 11.07 -52.30 -8.26
C GLU W 358 9.60 -52.04 -8.57
N VAL W 359 9.34 -51.70 -9.83
CA VAL W 359 7.98 -51.46 -10.31
C VAL W 359 7.79 -52.35 -11.54
N CYS W 360 6.70 -53.13 -11.55
CA CYS W 360 6.41 -54.04 -12.62
C CYS W 360 5.10 -53.64 -13.30
N MET W 361 5.08 -53.74 -14.63
CA MET W 361 3.93 -53.36 -15.43
C MET W 361 3.67 -54.44 -16.46
N SER W 362 2.39 -54.72 -16.71
CA SER W 362 2.02 -55.76 -17.66
C SER W 362 1.96 -55.19 -19.08
N ALA W 363 1.50 -56.03 -20.01
CA ALA W 363 1.38 -55.62 -21.39
C ALA W 363 0.24 -54.62 -21.57
N ALA W 364 0.30 -53.86 -22.66
CA ALA W 364 -0.68 -52.82 -22.92
C ALA W 364 -2.06 -53.43 -23.18
N GLY W 365 -2.97 -53.28 -22.22
CA GLY W 365 -4.32 -53.78 -22.38
C GLY W 365 -4.49 -55.27 -22.20
N ASN W 366 -3.47 -55.97 -21.72
CA ASN W 366 -3.53 -57.42 -21.51
C ASN W 366 -3.02 -57.73 -20.11
N PRO W 367 -3.89 -57.81 -19.11
CA PRO W 367 -3.42 -58.03 -17.73
C PRO W 367 -2.83 -59.40 -17.47
N LEU W 368 -2.99 -60.36 -18.40
CA LEU W 368 -2.52 -61.72 -18.18
C LEU W 368 -1.10 -61.95 -18.70
N ARG W 369 -0.48 -60.96 -19.34
CA ARG W 369 0.84 -61.11 -19.92
C ARG W 369 1.86 -60.35 -19.06
N TRP W 370 2.82 -61.08 -18.51
CA TRP W 370 3.88 -60.48 -17.69
C TRP W 370 5.29 -60.71 -18.24
N TYR W 371 5.50 -61.75 -19.05
CA TYR W 371 6.78 -61.99 -19.70
C TYR W 371 6.77 -61.40 -21.10
N ARG W 372 7.97 -61.12 -21.61
CA ARG W 372 8.10 -60.57 -22.96
C ARG W 372 7.75 -61.63 -23.98
N SER W 373 6.89 -61.25 -24.95
CA SER W 373 6.24 -62.25 -25.80
C SER W 373 7.21 -62.85 -26.81
N THR W 374 8.04 -62.03 -27.46
CA THR W 374 8.92 -62.52 -28.52
C THR W 374 10.30 -61.94 -28.33
N VAL W 375 11.31 -62.64 -28.87
CA VAL W 375 12.71 -62.26 -28.73
C VAL W 375 13.31 -61.79 -30.05
N THR W 376 12.64 -62.04 -31.18
CA THR W 376 13.19 -61.62 -32.46
C THR W 376 13.39 -60.11 -32.53
N ALA W 377 12.69 -59.34 -31.71
CA ALA W 377 12.86 -57.90 -31.64
C ALA W 377 12.39 -57.42 -30.28
N LEU W 378 12.33 -56.11 -30.11
CA LEU W 378 11.84 -55.48 -28.89
C LEU W 378 10.57 -54.71 -29.23
N LEU W 379 9.46 -55.11 -28.62
CA LEU W 379 8.15 -54.55 -28.93
C LEU W 379 7.77 -53.50 -27.89
N THR W 380 7.15 -52.42 -28.35
CA THR W 380 6.75 -51.34 -27.46
C THR W 380 5.72 -51.81 -26.45
N ASP W 381 4.80 -52.68 -26.85
CA ASP W 381 3.66 -53.07 -26.02
C ASP W 381 4.01 -54.12 -24.97
N ASP W 382 5.22 -54.67 -24.99
CA ASP W 382 5.56 -55.74 -24.06
C ASP W 382 5.75 -55.19 -22.66
N PRO W 383 5.66 -56.05 -21.64
CA PRO W 383 5.81 -55.58 -20.26
C PRO W 383 7.13 -54.85 -20.04
N ILE W 384 7.22 -54.15 -18.92
CA ILE W 384 8.40 -53.37 -18.57
C ILE W 384 8.60 -53.42 -17.06
N ASN W 385 9.87 -53.51 -16.65
CA ASN W 385 10.25 -53.40 -15.25
C ASN W 385 11.39 -52.39 -15.14
N ILE W 386 11.40 -51.64 -14.04
CA ILE W 386 12.36 -50.56 -13.82
C ILE W 386 12.81 -50.59 -12.38
N PHE W 387 14.10 -50.32 -12.16
CA PHE W 387 14.74 -50.46 -10.86
C PHE W 387 14.95 -49.11 -10.22
N SER W 388 15.20 -49.13 -8.91
CA SER W 388 15.45 -47.91 -8.14
C SER W 388 16.43 -48.22 -7.01
N GLY W 389 17.06 -47.16 -6.52
CA GLY W 389 18.01 -47.28 -5.43
C GLY W 389 18.13 -45.98 -4.68
N ALA W 390 18.72 -46.05 -3.50
CA ALA W 390 18.87 -44.88 -2.64
C ALA W 390 20.04 -45.11 -1.69
N ALA W 391 20.26 -44.13 -0.81
CA ALA W 391 21.38 -44.17 0.11
C ALA W 391 21.22 -45.21 1.22
N THR W 392 20.00 -45.45 1.69
CA THR W 392 19.78 -46.44 2.75
C THR W 392 18.93 -47.60 2.25
N SER W 393 17.73 -47.30 1.79
CA SER W 393 16.82 -48.31 1.25
C SER W 393 15.55 -47.61 0.79
N THR W 394 14.76 -48.31 -0.01
CA THR W 394 13.45 -47.82 -0.43
C THR W 394 12.49 -49.00 -0.52
N ASN W 395 11.24 -48.73 -0.14
CA ASN W 395 10.17 -49.71 -0.27
C ASN W 395 8.84 -49.01 -0.54
N PHE W 396 8.47 -48.90 -1.81
CA PHE W 396 7.24 -48.20 -2.16
C PHE W 396 6.04 -49.03 -1.71
N ARG W 397 4.98 -48.33 -1.28
CA ARG W 397 3.83 -48.98 -0.66
C ARG W 397 2.49 -48.56 -1.26
N HIS W 398 2.39 -47.38 -1.86
CA HIS W 398 1.13 -46.90 -2.40
C HIS W 398 1.40 -46.10 -3.66
N CYS W 399 0.35 -45.95 -4.48
CA CYS W 399 0.45 -45.23 -5.74
C CYS W 399 -0.83 -44.47 -6.01
N VAL W 400 -0.68 -43.27 -6.59
CA VAL W 400 -1.81 -42.43 -6.98
C VAL W 400 -1.44 -41.68 -8.25
N GLN W 401 -2.42 -41.46 -9.11
CA GLN W 401 -2.16 -40.86 -10.42
C GLN W 401 -2.09 -39.33 -10.31
N PHE W 402 -3.19 -38.70 -9.93
CA PHE W 402 -3.25 -37.25 -9.71
C PHE W 402 -2.81 -36.51 -10.98
N ASN W 403 -1.77 -35.68 -10.93
CA ASN W 403 -1.52 -34.67 -11.96
C ASN W 403 -0.79 -35.27 -13.16
N LYS W 404 -1.45 -36.25 -13.78
CA LYS W 404 -0.99 -36.82 -15.04
C LYS W 404 0.24 -37.70 -14.87
N ASP W 405 0.83 -37.72 -13.67
CA ASP W 405 1.96 -38.58 -13.38
C ASP W 405 1.52 -39.77 -12.55
N LEU W 406 2.47 -40.56 -12.07
CA LEU W 406 2.20 -41.61 -11.10
C LEU W 406 3.12 -41.38 -9.90
N LEU W 407 2.52 -41.30 -8.71
CA LEU W 407 3.24 -40.94 -7.50
C LEU W 407 3.53 -42.19 -6.68
N LEU W 408 4.70 -42.24 -6.06
CA LEU W 408 5.13 -43.37 -5.24
C LEU W 408 5.52 -42.87 -3.87
N PHE W 409 5.03 -43.55 -2.83
CA PHE W 409 5.22 -43.12 -1.45
C PHE W 409 6.03 -44.14 -0.66
N ALA W 410 6.94 -43.65 0.16
CA ALA W 410 7.76 -44.51 1.02
C ALA W 410 8.06 -43.75 2.31
N ARG W 411 8.80 -44.39 3.21
CA ARG W 411 9.10 -43.78 4.49
C ARG W 411 9.87 -42.47 4.31
N SER W 412 11.10 -42.54 3.81
CA SER W 412 12.03 -41.43 3.86
C SER W 412 12.25 -40.73 2.52
N CYS W 413 11.52 -41.10 1.48
CA CYS W 413 11.70 -40.46 0.19
C CYS W 413 10.43 -40.65 -0.64
N GLN W 414 10.32 -39.84 -1.68
CA GLN W 414 9.18 -39.88 -2.59
C GLN W 414 9.69 -39.81 -4.02
N ALA W 415 8.97 -40.46 -4.94
CA ALA W 415 9.39 -40.54 -6.33
C ALA W 415 8.16 -40.39 -7.22
N VAL W 416 8.42 -40.16 -8.51
CA VAL W 416 7.38 -40.00 -9.51
C VAL W 416 7.85 -40.63 -10.80
N VAL W 417 6.88 -41.05 -11.63
CA VAL W 417 7.15 -41.62 -12.94
C VAL W 417 6.78 -40.56 -13.98
N PRO W 418 7.74 -39.83 -14.54
CA PRO W 418 7.38 -38.70 -15.41
C PRO W 418 6.57 -39.13 -16.62
N SER W 419 5.64 -38.27 -17.02
CA SER W 419 4.93 -38.44 -18.27
C SER W 419 5.69 -37.71 -19.39
N SER W 420 5.29 -37.99 -20.63
CA SER W 420 5.96 -37.41 -21.78
C SER W 420 4.94 -37.18 -22.89
N ASN W 421 5.44 -36.76 -24.05
CA ASN W 421 4.59 -36.47 -25.20
C ASN W 421 4.31 -37.75 -25.98
N ALA W 422 4.86 -38.88 -25.54
CA ALA W 422 4.64 -40.16 -26.18
C ALA W 422 4.34 -41.20 -25.12
N ALA W 423 3.58 -42.22 -25.51
CA ALA W 423 3.21 -43.27 -24.57
C ALA W 423 4.45 -43.95 -24.03
N ILE W 424 4.39 -44.33 -22.74
CA ILE W 424 5.54 -44.95 -22.10
C ILE W 424 5.95 -46.20 -22.85
N THR W 425 7.26 -46.38 -23.00
CA THR W 425 7.85 -47.50 -23.71
C THR W 425 8.98 -48.08 -22.88
N PRO W 426 9.41 -49.31 -23.18
CA PRO W 426 10.50 -49.91 -22.39
C PRO W 426 11.80 -49.13 -22.44
N GLN W 427 11.98 -48.28 -23.44
CA GLN W 427 13.23 -47.54 -23.60
C GLN W 427 13.19 -46.15 -22.98
N THR W 428 12.12 -45.80 -22.26
CA THR W 428 12.01 -44.47 -21.66
C THR W 428 11.53 -44.47 -20.22
N ALA W 429 11.10 -45.60 -19.67
CA ALA W 429 10.60 -45.60 -18.29
C ALA W 429 11.72 -45.34 -17.31
N GLN W 430 11.43 -44.57 -16.27
CA GLN W 430 12.42 -44.24 -15.25
C GLN W 430 11.71 -43.83 -13.97
N ILE W 431 12.46 -43.87 -12.87
CA ILE W 431 12.00 -43.43 -11.56
C ILE W 431 12.98 -42.38 -11.05
N VAL W 432 12.45 -41.27 -10.52
CA VAL W 432 13.26 -40.16 -10.05
C VAL W 432 12.77 -39.73 -8.68
N ILE W 433 13.71 -39.47 -7.77
CA ILE W 433 13.39 -38.98 -6.44
C ILE W 433 13.15 -37.47 -6.49
N THR W 434 12.26 -36.98 -5.61
CA THR W 434 11.85 -35.58 -5.65
C THR W 434 11.93 -34.86 -4.31
N SER W 435 11.79 -35.57 -3.19
CA SER W 435 11.80 -34.91 -1.88
C SER W 435 12.30 -35.90 -0.84
N GLY W 436 12.35 -35.43 0.41
CA GLY W 436 12.91 -36.23 1.48
C GLY W 436 12.17 -36.16 2.81
N TYR W 437 10.86 -35.95 2.77
CA TYR W 437 10.07 -35.94 3.99
C TYR W 437 9.93 -37.35 4.55
N THR W 438 9.88 -37.44 5.88
CA THR W 438 9.61 -38.71 6.55
C THR W 438 8.11 -38.84 6.80
N THR W 439 7.56 -40.00 6.46
CA THR W 439 6.13 -40.22 6.57
C THR W 439 5.88 -41.62 7.13
N ASP W 440 4.59 -41.95 7.25
CA ASP W 440 4.15 -43.27 7.68
C ASP W 440 3.50 -44.00 6.51
N THR W 441 3.26 -45.31 6.70
CA THR W 441 2.76 -46.13 5.62
C THR W 441 1.62 -47.07 6.03
N LEU W 442 0.73 -46.64 6.93
CA LEU W 442 -0.37 -47.51 7.34
C LEU W 442 -1.66 -47.14 6.61
N ALA W 443 -1.79 -45.88 6.19
CA ALA W 443 -3.02 -45.38 5.59
C ALA W 443 -2.78 -44.96 4.15
N GLN W 444 -3.71 -45.32 3.27
CA GLN W 444 -3.58 -44.98 1.86
C GLN W 444 -3.82 -43.47 1.68
N PRO W 445 -3.03 -42.79 0.85
CA PRO W 445 -3.27 -41.36 0.62
C PRO W 445 -4.64 -41.12 0.00
N GLY W 446 -5.20 -39.95 0.31
CA GLY W 446 -6.50 -39.54 -0.21
C GLY W 446 -6.37 -38.30 -1.07
N VAL W 447 -7.34 -38.10 -1.96
CA VAL W 447 -7.34 -36.99 -2.90
C VAL W 447 -8.60 -36.17 -2.67
N VAL W 448 -8.45 -34.85 -2.62
CA VAL W 448 -9.55 -33.95 -2.31
C VAL W 448 -9.78 -32.99 -3.47
N GLY W 449 -9.48 -33.45 -4.68
CA GLY W 449 -9.67 -32.63 -5.88
C GLY W 449 -8.48 -31.82 -6.32
N ARG W 450 -7.97 -30.94 -5.46
CA ARG W 450 -6.83 -30.09 -5.79
C ARG W 450 -5.57 -30.42 -5.00
N SER W 451 -5.61 -31.44 -4.14
CA SER W 451 -4.47 -31.77 -3.31
C SER W 451 -4.58 -33.23 -2.86
N VAL W 452 -3.49 -33.72 -2.28
CA VAL W 452 -3.41 -35.11 -1.80
C VAL W 452 -2.87 -35.08 -0.38
N LEU W 453 -3.44 -35.90 0.49
CA LEU W 453 -3.09 -35.93 1.89
C LEU W 453 -2.45 -37.28 2.24
N TYR W 454 -1.33 -37.22 2.97
CA TYR W 454 -0.70 -38.40 3.52
C TYR W 454 -0.20 -38.09 4.92
N SER W 455 -0.18 -39.11 5.78
CA SER W 455 0.09 -38.93 7.19
C SER W 455 1.58 -39.06 7.50
N MET W 456 1.99 -38.47 8.62
CA MET W 456 3.35 -38.53 9.11
C MET W 456 3.30 -38.73 10.61
N PRO W 457 4.37 -39.24 11.21
CA PRO W 457 4.39 -39.39 12.67
C PRO W 457 4.96 -38.14 13.34
N ARG W 458 4.29 -37.69 14.40
CA ARG W 458 4.79 -36.58 15.19
C ARG W 458 5.74 -37.08 16.28
N THR W 459 5.25 -37.99 17.11
CA THR W 459 6.08 -38.64 18.13
C THR W 459 5.54 -40.05 18.33
N GLU W 460 6.03 -40.72 19.37
CA GLU W 460 5.67 -42.11 19.60
C GLU W 460 4.17 -42.33 19.71
N HIS W 461 3.41 -41.35 20.17
CA HIS W 461 2.00 -41.53 20.49
C HIS W 461 1.08 -40.53 19.81
N PHE W 462 1.57 -39.75 18.84
CA PHE W 462 0.72 -38.78 18.16
C PHE W 462 1.10 -38.73 16.68
N ALA W 463 0.13 -38.32 15.86
CA ALA W 463 0.28 -38.33 14.41
C ALA W 463 0.13 -36.92 13.83
N GLY W 464 0.46 -36.80 12.54
CA GLY W 464 0.33 -35.55 11.84
C GLY W 464 -0.24 -35.79 10.45
N VAL W 465 -0.17 -34.73 9.62
CA VAL W 465 -0.67 -34.78 8.25
C VAL W 465 0.15 -33.81 7.40
N LEU W 466 0.34 -34.17 6.14
CA LEU W 466 1.01 -33.34 5.15
C LEU W 466 0.13 -33.21 3.92
N GLU W 467 0.36 -32.15 3.15
CA GLU W 467 -0.40 -31.89 1.94
C GLU W 467 0.55 -31.54 0.81
N ILE W 468 0.18 -31.94 -0.41
CA ILE W 468 1.00 -31.72 -1.60
C ILE W 468 0.12 -31.13 -2.68
N ILE W 469 0.61 -30.07 -3.32
CA ILE W 469 -0.15 -29.38 -4.37
C ILE W 469 0.75 -29.22 -5.59
N PRO W 470 0.18 -29.23 -6.80
CA PRO W 470 1.01 -29.11 -8.00
C PRO W 470 1.21 -27.67 -8.43
N SER W 471 2.30 -27.44 -9.16
CA SER W 471 2.55 -26.13 -9.75
C SER W 471 1.61 -25.91 -10.93
N ASN W 472 1.39 -24.64 -11.27
CA ASN W 472 0.45 -24.27 -12.31
C ASN W 472 1.10 -23.58 -13.49
N THR W 473 2.39 -23.25 -13.42
CA THR W 473 3.07 -22.49 -14.45
C THR W 473 4.14 -23.30 -15.19
N THR W 474 4.07 -24.63 -15.13
CA THR W 474 5.07 -25.45 -15.78
C THR W 474 4.60 -26.91 -15.79
N ASP W 475 5.48 -27.79 -16.24
CA ASP W 475 5.22 -29.21 -16.24
C ASP W 475 5.34 -29.75 -14.81
N SER W 476 5.33 -31.08 -14.67
CA SER W 476 5.25 -31.71 -13.37
C SER W 476 6.25 -31.11 -12.38
N GLN W 477 5.73 -30.46 -11.35
CA GLN W 477 6.51 -29.90 -10.25
C GLN W 477 5.62 -29.86 -9.02
N TYR W 478 6.17 -30.25 -7.87
CA TYR W 478 5.37 -30.43 -6.67
C TYR W 478 6.05 -29.76 -5.48
N THR W 479 5.22 -29.40 -4.50
CA THR W 479 5.70 -28.83 -3.25
C THR W 479 4.76 -29.29 -2.14
N SER W 480 5.34 -29.56 -0.97
CA SER W 480 4.58 -30.11 0.16
C SER W 480 4.63 -29.15 1.32
N ASN W 481 3.54 -29.15 2.11
CA ASN W 481 3.42 -28.28 3.28
C ASN W 481 2.91 -29.09 4.47
N ASP W 482 3.21 -28.61 5.67
CA ASP W 482 2.70 -29.21 6.89
C ASP W 482 1.55 -28.35 7.43
N ILE W 483 0.39 -28.98 7.64
CA ILE W 483 -0.82 -28.26 7.97
C ILE W 483 -1.37 -28.68 9.32
N THR W 484 -0.51 -29.21 10.19
CA THR W 484 -0.93 -29.54 11.55
C THR W 484 0.16 -29.21 12.58
N ALA W 485 1.00 -28.19 12.33
CA ALA W 485 2.07 -27.88 13.26
C ALA W 485 1.55 -27.29 14.55
N HIS W 486 0.37 -26.67 14.54
CA HIS W 486 -0.16 -25.96 15.69
C HIS W 486 -0.97 -26.85 16.63
N ILE W 487 -1.13 -28.13 16.31
CA ILE W 487 -1.81 -29.07 17.20
C ILE W 487 -0.97 -30.34 17.31
N PRO W 488 0.19 -30.28 17.97
CA PRO W 488 1.09 -31.44 17.98
C PRO W 488 0.67 -32.56 18.92
N ARG W 489 -0.45 -32.41 19.65
CA ARG W 489 -0.89 -33.44 20.57
C ARG W 489 -2.40 -33.65 20.52
N TYR W 490 -3.04 -33.45 19.36
CA TYR W 490 -4.49 -33.55 19.25
C TYR W 490 -4.94 -34.87 18.63
N LEU W 491 -4.07 -35.56 17.91
CA LEU W 491 -4.42 -36.82 17.23
C LEU W 491 -3.72 -37.99 17.91
N PRO W 492 -4.46 -38.83 18.64
CA PRO W 492 -3.79 -39.90 19.41
C PRO W 492 -3.49 -41.11 18.54
N GLY W 493 -2.28 -41.64 18.66
CA GLY W 493 -1.91 -42.87 17.99
C GLY W 493 -1.55 -42.68 16.53
N ARG W 494 -1.84 -43.68 15.72
CA ARG W 494 -1.54 -43.66 14.29
C ARG W 494 -2.83 -43.52 13.48
N ILE W 495 -2.77 -42.73 12.42
CA ILE W 495 -3.90 -42.56 11.53
C ILE W 495 -4.10 -43.86 10.76
N ARG W 496 -5.34 -44.35 10.74
CA ARG W 496 -5.65 -45.64 10.12
C ARG W 496 -6.51 -45.51 8.86
N SER W 497 -7.05 -44.34 8.57
CA SER W 497 -7.89 -44.17 7.39
C SER W 497 -7.89 -42.70 6.99
N ILE W 498 -8.26 -42.46 5.73
CA ILE W 498 -8.42 -41.12 5.19
C ILE W 498 -9.59 -41.16 4.22
N VAL W 499 -10.53 -40.23 4.35
CA VAL W 499 -11.72 -40.18 3.53
C VAL W 499 -11.87 -38.76 2.99
N SER W 500 -12.39 -38.65 1.77
CA SER W 500 -12.57 -37.35 1.12
C SER W 500 -14.02 -37.19 0.69
N SER W 501 -14.56 -35.99 0.94
CA SER W 501 -15.91 -35.63 0.53
C SER W 501 -15.82 -34.28 -0.18
N THR W 502 -15.53 -34.31 -1.48
CA THR W 502 -15.40 -33.07 -2.24
C THR W 502 -16.75 -32.41 -2.49
N THR W 503 -17.85 -33.11 -2.20
CA THR W 503 -19.18 -32.53 -2.41
C THR W 503 -19.62 -31.63 -1.26
N SER W 504 -18.92 -31.67 -0.12
CA SER W 504 -19.28 -30.86 1.03
C SER W 504 -18.06 -30.20 1.67
N ASN W 505 -16.90 -30.30 1.02
CA ASN W 505 -15.68 -29.62 1.46
C ASN W 505 -15.27 -30.07 2.86
N SER W 506 -14.98 -31.36 3.04
CA SER W 506 -14.56 -31.88 4.34
C SER W 506 -13.78 -33.16 4.15
N SER W 507 -13.23 -33.67 5.25
CA SER W 507 -12.47 -34.92 5.26
C SER W 507 -12.59 -35.54 6.64
N ALA W 508 -12.35 -36.85 6.71
CA ALA W 508 -12.49 -37.60 7.94
C ALA W 508 -11.28 -38.49 8.15
N PHE W 509 -10.87 -38.63 9.41
CA PHE W 509 -9.73 -39.46 9.78
C PHE W 509 -10.13 -40.38 10.94
N ILE W 510 -9.52 -41.57 10.97
CA ILE W 510 -9.74 -42.54 12.04
C ILE W 510 -8.38 -42.89 12.64
N CYS W 511 -8.29 -42.85 13.96
CA CYS W 511 -7.05 -43.08 14.67
C CYS W 511 -7.16 -44.34 15.52
N THR W 512 -6.01 -44.99 15.74
CA THR W 512 -5.99 -46.22 16.52
C THR W 512 -5.95 -45.96 18.02
N GLY W 513 -5.65 -44.73 18.44
CA GLY W 513 -5.59 -44.43 19.86
C GLY W 513 -6.94 -44.36 20.55
N ASP W 514 -8.00 -44.03 19.81
CA ASP W 514 -9.34 -43.98 20.37
C ASP W 514 -10.31 -44.41 19.28
N SER W 515 -11.06 -45.47 19.56
CA SER W 515 -11.91 -46.11 18.54
C SER W 515 -13.33 -45.61 18.53
N ARG W 516 -13.66 -44.57 19.32
CA ARG W 516 -15.01 -44.04 19.38
C ARG W 516 -15.11 -42.59 18.94
N SER W 517 -14.06 -42.05 18.32
CA SER W 517 -14.05 -40.64 17.92
C SER W 517 -13.62 -40.52 16.46
N LEU W 518 -14.15 -39.50 15.81
CA LEU W 518 -13.85 -39.20 14.41
C LEU W 518 -13.42 -37.75 14.30
N PHE W 519 -12.29 -37.51 13.64
CA PHE W 519 -11.73 -36.18 13.48
C PHE W 519 -12.05 -35.64 12.09
N ILE W 520 -12.47 -34.38 12.04
CA ILE W 520 -12.97 -33.76 10.82
C ILE W 520 -12.08 -32.58 10.47
N GLN W 521 -12.11 -32.20 9.19
CA GLN W 521 -11.48 -30.98 8.71
C GLN W 521 -12.44 -30.32 7.73
N ASP W 522 -12.41 -28.99 7.69
CA ASP W 522 -13.20 -28.21 6.74
C ASP W 522 -12.29 -27.22 6.04
N TYR W 523 -12.38 -27.19 4.70
CA TYR W 523 -11.48 -26.36 3.90
C TYR W 523 -12.30 -25.60 2.85
N LEU W 524 -11.74 -24.48 2.42
CA LEU W 524 -12.35 -23.65 1.39
C LEU W 524 -11.25 -23.03 0.55
N TRP W 525 -11.54 -22.80 -0.73
CA TRP W 525 -10.58 -22.27 -1.67
C TRP W 525 -11.15 -21.03 -2.35
N SER W 526 -10.26 -20.08 -2.66
CA SER W 526 -10.64 -18.86 -3.35
C SER W 526 -9.49 -18.49 -4.29
N GLY W 527 -9.73 -18.62 -5.58
CA GLY W 527 -8.67 -18.37 -6.54
C GLY W 527 -7.54 -19.35 -6.32
N ASP W 528 -6.36 -18.84 -6.00
CA ASP W 528 -5.18 -19.64 -5.70
C ASP W 528 -4.77 -19.49 -4.24
N GLU W 529 -5.75 -19.35 -3.35
CA GLU W 529 -5.52 -19.18 -1.92
C GLU W 529 -6.43 -20.08 -1.13
N LYS W 530 -5.94 -20.53 0.03
CA LYS W 530 -6.69 -21.37 0.95
C LYS W 530 -7.01 -20.55 2.19
N VAL W 531 -8.27 -20.59 2.61
CA VAL W 531 -8.76 -19.65 3.62
C VAL W 531 -9.18 -20.32 4.92
N GLN W 532 -9.61 -21.57 4.90
CA GLN W 532 -10.15 -22.22 6.08
C GLN W 532 -9.50 -23.58 6.28
N SER W 533 -9.09 -23.84 7.52
CA SER W 533 -8.45 -25.10 7.89
C SER W 533 -9.00 -25.58 9.24
N ALA W 534 -10.32 -25.51 9.40
CA ALA W 534 -10.95 -25.83 10.68
C ALA W 534 -10.74 -27.30 11.03
N TRP W 535 -10.45 -27.57 12.30
CA TRP W 535 -10.36 -28.91 12.84
C TRP W 535 -11.30 -29.04 14.03
N HIS W 536 -11.86 -30.23 14.23
CA HIS W 536 -12.70 -30.49 15.40
C HIS W 536 -12.98 -31.99 15.49
N GLN W 537 -13.67 -32.37 16.56
CA GLN W 537 -13.83 -33.76 16.95
C GLN W 537 -15.30 -34.11 17.11
N TRP W 538 -15.64 -35.36 16.78
CA TRP W 538 -16.96 -35.92 17.03
C TRP W 538 -16.83 -37.18 17.88
N THR W 539 -17.97 -37.66 18.38
CA THR W 539 -18.01 -38.88 19.18
C THR W 539 -19.32 -39.62 18.90
N LEU W 540 -19.28 -40.93 19.07
CA LEU W 540 -20.41 -41.79 18.78
C LEU W 540 -20.54 -42.86 19.85
N PRO W 541 -21.72 -43.46 20.00
CA PRO W 541 -21.93 -44.38 21.14
C PRO W 541 -21.30 -45.75 20.96
N TYR W 542 -20.94 -46.14 19.75
CA TYR W 542 -20.37 -47.46 19.48
C TYR W 542 -19.02 -47.33 18.79
N PRO W 543 -18.17 -48.34 18.91
CA PRO W 543 -16.87 -48.29 18.22
C PRO W 543 -17.06 -48.21 16.71
N ILE W 544 -16.15 -47.50 16.05
CA ILE W 544 -16.21 -47.27 14.61
C ILE W 544 -15.30 -48.29 13.93
N VAL W 545 -15.77 -48.86 12.83
CA VAL W 545 -15.02 -49.90 12.12
C VAL W 545 -14.43 -49.37 10.81
N CYS W 546 -15.27 -48.77 9.95
CA CYS W 546 -14.81 -48.36 8.64
C CYS W 546 -15.72 -47.24 8.13
N THR W 547 -15.27 -46.58 7.07
CA THR W 547 -16.02 -45.49 6.45
C THR W 547 -15.70 -45.45 4.96
N TRP W 548 -16.69 -45.03 4.17
CA TRP W 548 -16.50 -44.87 2.73
C TRP W 548 -17.55 -43.92 2.19
N PHE W 549 -17.29 -43.40 0.98
CA PHE W 549 -18.08 -42.34 0.37
C PHE W 549 -18.62 -42.82 -0.96
N VAL W 550 -19.94 -42.68 -1.15
CA VAL W 550 -20.59 -43.08 -2.40
C VAL W 550 -21.71 -42.10 -2.73
N ARG W 551 -21.53 -41.30 -3.78
CA ARG W 551 -22.58 -40.45 -4.35
C ARG W 551 -23.21 -39.55 -3.28
N ASP W 552 -22.39 -38.62 -2.79
CA ASP W 552 -22.88 -37.49 -1.99
C ASP W 552 -23.35 -37.93 -0.61
N ARG W 553 -22.69 -38.93 -0.03
CA ARG W 553 -22.90 -39.31 1.36
C ARG W 553 -21.67 -40.01 1.89
N VAL W 554 -21.59 -40.08 3.21
CA VAL W 554 -20.52 -40.79 3.92
C VAL W 554 -21.17 -41.80 4.85
N TYR W 555 -20.75 -43.05 4.76
CA TYR W 555 -21.29 -44.11 5.57
C TYR W 555 -20.31 -44.49 6.67
N ILE W 556 -20.85 -44.92 7.81
CA ILE W 556 -20.06 -45.29 8.97
C ILE W 556 -20.59 -46.61 9.51
N GLY W 557 -19.70 -47.52 9.85
CA GLY W 557 -20.06 -48.82 10.41
C GLY W 557 -19.59 -48.94 11.85
N MET W 558 -20.43 -49.56 12.68
CA MET W 558 -20.13 -49.68 14.10
C MET W 558 -20.44 -51.10 14.56
N ARG W 559 -19.71 -51.54 15.59
CA ARG W 559 -19.77 -52.91 16.07
C ARG W 559 -20.68 -52.96 17.30
N ASP W 560 -21.94 -53.33 17.09
CA ASP W 560 -22.87 -53.58 18.18
C ASP W 560 -22.78 -55.06 18.54
N GLY W 561 -22.09 -55.37 19.64
CA GLY W 561 -21.85 -56.75 19.99
C GLY W 561 -20.96 -57.43 18.96
N THR W 562 -21.55 -58.33 18.17
CA THR W 562 -20.86 -58.95 17.05
C THR W 562 -21.50 -58.65 15.71
N THR W 563 -22.43 -57.70 15.65
CA THR W 563 -23.11 -57.33 14.42
C THR W 563 -22.69 -55.93 13.99
N ILE W 564 -22.72 -55.68 12.69
CA ILE W 564 -22.28 -54.41 12.12
C ILE W 564 -23.50 -53.58 11.72
N LEU W 565 -23.47 -52.30 12.06
CA LEU W 565 -24.52 -51.37 11.68
C LEU W 565 -24.03 -50.41 10.60
N VAL W 566 -24.92 -49.52 10.16
CA VAL W 566 -24.61 -48.51 9.16
C VAL W 566 -25.43 -47.27 9.46
N VAL W 567 -24.76 -46.13 9.60
CA VAL W 567 -25.42 -44.84 9.82
C VAL W 567 -24.73 -43.80 8.95
N THR W 568 -25.42 -42.67 8.76
CA THR W 568 -24.91 -41.59 7.92
C THR W 568 -25.28 -40.24 8.53
N ILE W 569 -24.39 -39.28 8.35
CA ILE W 569 -24.60 -37.91 8.81
C ILE W 569 -24.51 -36.98 7.61
N GLU W 570 -25.53 -36.13 7.43
CA GLU W 570 -25.60 -35.21 6.30
C GLU W 570 -25.75 -33.79 6.84
N PRO W 571 -24.65 -33.04 6.97
CA PRO W 571 -24.76 -31.69 7.54
C PRO W 571 -25.44 -30.70 6.64
N GLN W 572 -25.39 -30.87 5.32
CA GLN W 572 -25.92 -29.90 4.38
C GLN W 572 -27.35 -30.18 3.95
N ALA W 573 -28.13 -30.89 4.78
CA ALA W 573 -29.51 -31.22 4.45
C ALA W 573 -30.45 -30.33 5.26
N GLY W 574 -31.69 -30.22 4.79
CA GLY W 574 -32.67 -29.40 5.46
C GLY W 574 -33.08 -29.98 6.81
N ASN W 575 -34.14 -29.40 7.36
CA ASN W 575 -34.63 -29.81 8.68
C ASN W 575 -35.76 -30.83 8.60
N THR W 576 -36.18 -31.22 7.41
CA THR W 576 -37.29 -32.16 7.24
C THR W 576 -36.87 -33.33 6.38
N ILE W 577 -37.35 -34.52 6.74
CA ILE W 577 -37.10 -35.73 5.95
C ILE W 577 -38.43 -36.44 5.70
N ASP W 578 -39.02 -36.20 4.52
CA ASP W 578 -40.26 -36.85 4.14
C ASP W 578 -41.38 -36.53 5.10
N SER W 579 -41.67 -35.24 5.29
CA SER W 579 -42.81 -34.80 6.09
C SER W 579 -42.59 -35.02 7.58
N TYR W 580 -41.38 -35.43 7.97
CA TYR W 580 -41.06 -35.56 9.39
C TYR W 580 -39.90 -34.65 9.76
N VAL W 581 -39.84 -34.29 11.03
CA VAL W 581 -38.80 -33.39 11.53
C VAL W 581 -37.69 -34.22 12.17
N ARG W 582 -36.47 -33.96 11.77
CA ARG W 582 -35.34 -34.76 12.25
C ARG W 582 -35.06 -34.43 13.71
N PRO W 583 -34.81 -35.44 14.55
CA PRO W 583 -34.48 -35.17 15.95
C PRO W 583 -32.99 -34.96 16.16
N PHE W 584 -32.66 -34.51 17.37
CA PHE W 584 -31.28 -34.37 17.81
C PHE W 584 -30.84 -35.59 18.62
N SER W 585 -30.64 -36.69 17.92
CA SER W 585 -30.26 -37.94 18.57
C SER W 585 -29.50 -38.81 17.57
N ASP W 586 -28.80 -39.80 18.11
CA ASP W 586 -27.98 -40.70 17.31
C ASP W 586 -28.71 -42.03 17.08
N VAL W 587 -28.49 -42.61 15.90
CA VAL W 587 -28.99 -43.93 15.55
C VAL W 587 -30.48 -44.03 15.88
N TYR W 588 -31.26 -43.07 15.38
CA TYR W 588 -32.68 -43.01 15.72
C TYR W 588 -33.52 -43.82 14.73
N LEU W 589 -34.58 -44.42 15.24
CA LEU W 589 -35.53 -45.19 14.44
C LEU W 589 -36.93 -44.65 14.67
N ARG W 590 -37.83 -44.97 13.75
CA ARG W 590 -39.23 -44.59 13.87
C ARG W 590 -40.04 -45.74 14.43
N VAL W 591 -41.02 -45.41 15.26
CA VAL W 591 -41.83 -46.41 15.96
C VAL W 591 -43.19 -45.81 16.27
N THR W 592 -44.17 -46.68 16.47
CA THR W 592 -45.54 -46.27 16.77
C THR W 592 -45.82 -46.50 18.25
N ILE W 593 -46.55 -45.57 18.86
CA ILE W 593 -46.89 -45.63 20.28
C ILE W 593 -48.40 -45.74 20.39
N THR W 594 -48.85 -46.74 21.17
CA THR W 594 -50.27 -46.96 21.41
C THR W 594 -50.49 -47.21 22.90
N ASP W 595 -51.47 -46.52 23.48
CA ASP W 595 -51.79 -46.66 24.90
C ASP W 595 -50.59 -46.37 25.78
N ARG W 596 -49.77 -45.39 25.36
CA ARG W 596 -48.61 -44.96 26.14
C ARG W 596 -47.65 -46.12 26.39
N GLN W 597 -47.46 -46.99 25.40
CA GLN W 597 -46.58 -48.13 25.54
C GLN W 597 -46.03 -48.52 24.16
N PHE W 598 -44.83 -49.09 24.16
CA PHE W 598 -44.23 -49.62 22.95
C PHE W 598 -43.05 -50.50 23.35
N ALA W 599 -42.49 -51.19 22.36
CA ALA W 599 -41.39 -52.12 22.58
C ALA W 599 -40.07 -51.48 22.15
N LEU W 600 -39.07 -51.60 23.00
CA LEU W 600 -37.77 -50.99 22.73
C LEU W 600 -37.11 -51.70 21.56
N PRO W 601 -36.66 -50.98 20.52
CA PRO W 601 -35.98 -51.66 19.41
C PRO W 601 -34.71 -52.36 19.85
N THR W 602 -34.38 -53.43 19.14
CA THR W 602 -33.29 -54.31 19.57
C THR W 602 -31.95 -53.58 19.58
N ARG W 603 -31.66 -52.78 18.56
CA ARG W 603 -30.33 -52.19 18.41
C ARG W 603 -30.01 -51.11 19.45
N LEU W 604 -30.90 -50.82 20.41
CA LEU W 604 -30.60 -49.85 21.46
C LEU W 604 -30.54 -50.50 22.84
N ARG W 605 -30.83 -51.79 22.98
CA ARG W 605 -30.82 -52.42 24.28
C ARG W 605 -29.42 -52.44 24.88
N ALA W 606 -28.41 -52.69 24.06
CA ALA W 606 -27.04 -52.75 24.57
C ALA W 606 -26.56 -51.39 25.05
N ALA W 607 -26.83 -50.33 24.27
CA ALA W 607 -26.34 -49.00 24.64
C ALA W 607 -27.01 -48.51 25.91
N VAL W 608 -28.34 -48.61 26.00
CA VAL W 608 -29.03 -48.13 27.19
C VAL W 608 -28.60 -48.91 28.43
N GLY W 609 -28.19 -50.17 28.24
CA GLY W 609 -27.74 -50.98 29.36
C GLY W 609 -26.37 -50.61 29.88
N SER W 610 -25.66 -49.69 29.22
CA SER W 610 -24.31 -49.32 29.60
C SER W 610 -24.21 -47.82 29.88
N GLY W 611 -25.32 -47.18 30.25
CA GLY W 611 -25.30 -45.79 30.65
C GLY W 611 -25.77 -44.80 29.61
N GLU W 612 -25.98 -45.23 28.37
CA GLU W 612 -26.44 -44.32 27.34
C GLU W 612 -27.84 -43.81 27.67
N GLY W 613 -28.11 -42.55 27.34
CA GLY W 613 -29.38 -41.94 27.68
C GLY W 613 -30.42 -42.08 26.59
N LEU W 614 -31.56 -42.69 26.93
CA LEU W 614 -32.64 -42.86 25.96
C LEU W 614 -33.35 -41.53 25.73
N PHE W 615 -33.64 -41.21 24.47
CA PHE W 615 -34.25 -39.96 24.10
C PHE W 615 -35.42 -40.21 23.15
N ILE W 616 -36.52 -39.50 23.38
CA ILE W 616 -37.72 -39.63 22.57
C ILE W 616 -38.17 -38.24 22.12
N THR W 617 -38.78 -38.17 20.95
CA THR W 617 -39.23 -36.90 20.39
C THR W 617 -40.50 -37.13 19.57
N PHE W 618 -41.28 -36.06 19.40
CA PHE W 618 -42.40 -36.09 18.48
C PHE W 618 -41.89 -36.19 17.06
N ALA W 619 -42.72 -36.78 16.18
CA ALA W 619 -42.33 -37.03 14.80
C ALA W 619 -43.19 -36.29 13.78
N ASP W 620 -44.37 -35.82 14.16
CA ASP W 620 -45.30 -35.24 13.21
C ASP W 620 -45.97 -34.03 13.83
N THR W 621 -46.93 -33.46 13.10
CA THR W 621 -47.79 -32.37 13.55
C THR W 621 -46.98 -31.15 13.99
N SER W 622 -47.66 -30.11 14.49
CA SER W 622 -47.00 -28.86 14.81
C SER W 622 -45.98 -29.03 15.92
N MET W 623 -46.23 -29.95 16.86
CA MET W 623 -45.33 -30.16 17.98
C MET W 623 -44.12 -31.02 17.62
N GLY W 624 -43.85 -31.25 16.34
CA GLY W 624 -42.75 -32.09 15.93
C GLY W 624 -41.40 -31.59 16.42
N GLY W 625 -40.60 -32.48 17.00
CA GLY W 625 -39.29 -32.16 17.48
C GLY W 625 -39.19 -31.92 18.98
N MET W 626 -40.31 -31.98 19.70
CA MET W 626 -40.30 -31.66 21.11
C MET W 626 -40.03 -32.89 21.95
N TRP W 627 -39.42 -32.67 23.12
CA TRP W 627 -38.99 -33.76 23.98
C TRP W 627 -40.19 -34.40 24.68
N VAL W 628 -40.12 -35.72 24.86
CA VAL W 628 -41.04 -36.46 25.71
C VAL W 628 -40.23 -37.47 26.52
N GLY W 629 -40.77 -37.85 27.68
CA GLY W 629 -40.05 -38.67 28.63
C GLY W 629 -40.71 -40.02 28.85
N TYR W 630 -40.02 -40.85 29.63
CA TYR W 630 -40.49 -42.19 29.96
C TYR W 630 -40.41 -42.40 31.46
N GLU W 631 -41.14 -43.41 31.96
CA GLU W 631 -41.25 -43.65 33.38
C GLU W 631 -40.66 -44.97 33.85
N SER W 632 -40.63 -46.00 33.00
CA SER W 632 -40.12 -47.30 33.44
C SER W 632 -39.78 -48.15 32.23
N ILE W 633 -38.98 -49.18 32.48
CA ILE W 633 -38.61 -50.18 31.47
C ILE W 633 -38.67 -51.55 32.13
N ASP W 634 -39.48 -52.44 31.58
CA ASP W 634 -39.62 -53.78 32.14
C ASP W 634 -38.35 -54.58 31.91
N PRO W 635 -37.68 -55.08 32.96
CA PRO W 635 -36.43 -55.82 32.73
C PRO W 635 -36.59 -57.08 31.92
N THR W 636 -37.77 -57.70 31.92
CA THR W 636 -37.94 -58.99 31.26
C THR W 636 -38.37 -58.84 29.80
N THR W 637 -39.27 -57.91 29.51
CA THR W 637 -39.80 -57.75 28.16
C THR W 637 -39.37 -56.46 27.46
N TYR W 638 -38.68 -55.56 28.14
CA TYR W 638 -38.19 -54.32 27.53
C TYR W 638 -39.35 -53.46 26.99
N VAL W 639 -40.45 -53.42 27.73
CA VAL W 639 -41.54 -52.52 27.37
C VAL W 639 -41.35 -51.19 28.08
N VAL W 640 -41.67 -50.10 27.39
CA VAL W 640 -41.44 -48.75 27.88
C VAL W 640 -42.78 -48.05 28.03
N THR W 641 -42.93 -47.30 29.12
CA THR W 641 -44.13 -46.53 29.40
C THR W 641 -43.78 -45.06 29.40
N THR W 642 -44.53 -44.27 28.63
CA THR W 642 -44.24 -42.85 28.48
C THR W 642 -45.02 -42.03 29.51
N VAL W 643 -44.70 -40.74 29.56
CA VAL W 643 -45.33 -39.82 30.49
C VAL W 643 -46.78 -39.59 30.07
N ARG W 644 -47.56 -38.98 30.94
CA ARG W 644 -49.00 -38.85 30.73
C ARG W 644 -49.31 -37.92 29.56
N ASN W 645 -50.48 -38.16 28.96
CA ASN W 645 -51.12 -37.27 27.98
C ASN W 645 -50.37 -37.19 26.65
N VAL W 646 -49.71 -38.26 26.23
CA VAL W 646 -49.13 -38.32 24.89
C VAL W 646 -50.12 -39.05 23.97
N PRO W 647 -50.55 -38.44 22.87
CA PRO W 647 -51.51 -39.12 22.00
C PRO W 647 -50.84 -40.16 21.10
N ASP W 648 -51.67 -41.04 20.55
CA ASP W 648 -51.17 -42.08 19.66
C ASP W 648 -50.70 -41.48 18.34
N GLY W 649 -49.59 -42.01 17.83
CA GLY W 649 -49.05 -41.53 16.57
C GLY W 649 -47.64 -42.06 16.35
N GLU W 650 -46.88 -41.34 15.53
CA GLU W 650 -45.53 -41.70 15.17
C GLU W 650 -44.53 -40.95 16.04
N TYR W 651 -43.43 -41.61 16.38
CA TYR W 651 -42.41 -41.01 17.24
C TYR W 651 -41.05 -41.55 16.86
N PHE W 652 -40.01 -40.79 17.23
CA PHE W 652 -38.63 -41.19 17.06
C PHE W 652 -38.04 -41.61 18.40
N VAL W 653 -36.98 -42.41 18.34
CA VAL W 653 -36.30 -42.91 19.53
C VAL W 653 -34.81 -42.98 19.23
N GLY W 654 -33.99 -42.49 20.14
CA GLY W 654 -32.55 -42.47 19.90
C GLY W 654 -31.77 -42.24 21.18
N LEU W 655 -30.57 -41.68 21.01
CA LEU W 655 -29.65 -41.47 22.11
C LEU W 655 -29.16 -40.02 22.11
N ARG W 656 -28.57 -39.61 23.24
CA ARG W 656 -28.17 -38.22 23.44
C ARG W 656 -26.68 -38.04 23.20
N TYR W 657 -26.28 -36.78 23.08
CA TYR W 657 -24.87 -36.40 22.98
C TYR W 657 -24.72 -34.93 23.38
N THR W 658 -23.47 -34.54 23.63
CA THR W 658 -23.16 -33.19 24.09
C THR W 658 -22.46 -32.39 22.99
N SER W 659 -22.50 -31.07 23.13
CA SER W 659 -22.02 -30.14 22.11
C SER W 659 -21.16 -29.04 22.74
N VAL W 660 -20.18 -29.43 23.55
CA VAL W 660 -19.33 -28.50 24.28
C VAL W 660 -18.67 -27.51 23.32
N LEU W 661 -18.42 -26.29 23.81
CA LEU W 661 -17.64 -25.28 23.10
C LEU W 661 -16.97 -24.38 24.13
N SER W 662 -15.83 -23.80 23.74
CA SER W 662 -15.05 -22.98 24.68
C SER W 662 -14.28 -21.90 23.93
N PRO W 663 -14.66 -20.62 24.05
CA PRO W 663 -13.92 -19.57 23.35
C PRO W 663 -12.52 -19.39 23.92
N THR W 664 -11.80 -18.43 23.34
CA THR W 664 -10.46 -18.05 23.80
C THR W 664 -10.52 -16.72 24.52
N PRO W 665 -9.74 -16.51 25.59
CA PRO W 665 -9.85 -15.28 26.35
C PRO W 665 -9.48 -14.08 25.50
N PRO W 666 -10.05 -12.90 25.78
CA PRO W 666 -9.73 -11.72 24.98
C PRO W 666 -8.28 -11.28 25.13
N LEU W 667 -7.91 -10.26 24.35
CA LEU W 667 -6.57 -9.71 24.37
C LEU W 667 -6.63 -8.21 24.10
N VAL W 668 -5.60 -7.51 24.56
CA VAL W 668 -5.44 -6.07 24.32
C VAL W 668 -4.30 -5.89 23.33
N ARG W 669 -4.54 -5.07 22.29
CA ARG W 669 -3.59 -4.93 21.19
C ARG W 669 -3.53 -3.48 20.79
N ASP W 670 -2.32 -2.93 20.75
CA ASP W 670 -2.11 -1.52 20.43
C ASP W 670 -2.14 -1.30 18.92
N ALA W 671 -1.73 -0.10 18.50
CA ALA W 671 -1.82 0.28 17.09
C ALA W 671 -0.97 -0.63 16.21
N ASN W 672 0.25 -0.94 16.63
CA ASN W 672 1.18 -1.73 15.83
C ASN W 672 0.93 -3.23 15.93
N GLY W 673 -0.06 -3.66 16.71
CA GLY W 673 -0.37 -5.06 16.84
C GLY W 673 0.29 -5.78 18.00
N ILE W 674 1.09 -5.07 18.80
CA ILE W 674 1.76 -5.72 19.92
C ILE W 674 0.75 -5.98 21.04
N VAL W 675 1.00 -7.03 21.82
CA VAL W 675 0.12 -7.42 22.91
C VAL W 675 0.65 -6.82 24.21
N ILE W 676 -0.26 -6.23 25.01
CA ILE W 676 0.10 -5.56 26.25
C ILE W 676 -0.95 -5.87 27.30
N GLY W 677 -0.57 -5.70 28.56
CA GLY W 677 -1.47 -5.86 29.68
C GLY W 677 -1.93 -7.27 29.95
N THR W 678 -1.06 -8.28 29.78
CA THR W 678 -1.45 -9.65 30.04
C THR W 678 -1.71 -9.92 31.52
N TYR W 679 -1.16 -9.10 32.41
CA TYR W 679 -1.29 -9.30 33.85
C TYR W 679 -1.93 -8.09 34.52
N GLN W 680 -2.42 -7.15 33.72
CA GLN W 680 -2.98 -5.91 34.27
C GLN W 680 -4.30 -5.59 33.59
N SER W 681 -5.15 -6.60 33.40
CA SER W 681 -6.45 -6.42 32.78
C SER W 681 -7.45 -7.31 33.51
N LEU W 682 -8.71 -6.88 33.54
CA LEU W 682 -9.78 -7.59 34.22
C LEU W 682 -10.98 -7.69 33.29
N LEU W 683 -11.64 -8.86 33.30
CA LEU W 683 -12.78 -9.12 32.45
C LEU W 683 -14.05 -9.00 33.27
N VAL W 684 -15.07 -8.34 32.70
CA VAL W 684 -16.29 -8.04 33.44
C VAL W 684 -17.46 -8.87 32.97
N ARG W 685 -17.61 -9.09 31.66
CA ARG W 685 -18.87 -9.62 31.16
C ARG W 685 -18.68 -10.21 29.78
N TYR W 686 -19.62 -11.08 29.40
CA TYR W 686 -19.77 -11.58 28.03
C TYR W 686 -21.14 -11.20 27.50
N GLU W 687 -21.20 -10.90 26.21
CA GLU W 687 -22.45 -10.66 25.49
C GLU W 687 -22.56 -11.69 24.38
N LEU W 688 -23.68 -12.39 24.32
CA LEU W 688 -23.89 -13.47 23.35
C LEU W 688 -25.13 -13.18 22.52
N THR W 689 -24.99 -13.27 21.20
CA THR W 689 -26.10 -13.13 20.28
C THR W 689 -26.38 -14.47 19.62
N LEU W 690 -27.63 -14.93 19.71
CA LEU W 690 -28.00 -16.27 19.27
C LEU W 690 -29.09 -16.17 18.22
N LYS W 691 -28.89 -16.87 17.09
CA LYS W 691 -29.87 -16.90 16.03
C LYS W 691 -31.05 -17.80 16.35
N ASP W 692 -30.84 -18.87 17.11
CA ASP W 692 -31.90 -19.73 17.58
C ASP W 692 -31.33 -20.65 18.65
N SER W 693 -32.05 -20.81 19.75
CA SER W 693 -31.53 -21.58 20.87
C SER W 693 -32.58 -21.66 21.95
N GLY W 694 -32.37 -22.60 22.88
CA GLY W 694 -33.15 -22.69 24.09
C GLY W 694 -32.26 -22.50 25.30
N GLU W 695 -32.57 -23.18 26.40
CA GLU W 695 -31.73 -23.10 27.58
C GLU W 695 -30.44 -23.91 27.38
N PHE W 696 -29.34 -23.36 27.88
CA PHE W 696 -28.05 -24.04 27.85
C PHE W 696 -27.41 -23.89 29.22
N HIS W 697 -26.17 -24.36 29.33
CA HIS W 697 -25.47 -24.40 30.60
C HIS W 697 -24.08 -23.80 30.43
N ALA W 698 -23.70 -22.92 31.37
CA ALA W 698 -22.45 -22.19 31.29
C ALA W 698 -21.69 -22.34 32.60
N ILE W 699 -20.38 -22.55 32.50
CA ILE W 699 -19.50 -22.65 33.67
C ILE W 699 -18.29 -21.77 33.41
N ILE W 700 -17.96 -20.91 34.38
CA ILE W 700 -16.75 -20.09 34.34
C ILE W 700 -15.95 -20.40 35.60
N THR W 701 -14.67 -20.66 35.43
CA THR W 701 -13.79 -21.04 36.54
C THR W 701 -12.49 -20.28 36.45
N ASP W 702 -11.84 -20.12 37.60
CA ASP W 702 -10.56 -19.44 37.71
C ASP W 702 -9.49 -20.45 38.11
N SER W 703 -8.29 -19.94 38.36
CA SER W 703 -7.16 -20.79 38.69
C SER W 703 -7.43 -21.67 39.90
N SER W 704 -8.26 -21.20 40.84
CA SER W 704 -8.44 -21.86 42.12
C SER W 704 -9.89 -21.96 42.58
N ARG W 705 -10.84 -21.38 41.88
CA ARG W 705 -12.22 -21.39 42.36
C ARG W 705 -13.19 -21.17 41.21
N THR W 706 -14.44 -21.58 41.44
CA THR W 706 -15.49 -21.34 40.48
C THR W 706 -16.10 -19.96 40.72
N LEU W 707 -16.48 -19.29 39.63
CA LEU W 707 -17.06 -17.95 39.69
C LEU W 707 -18.53 -17.91 39.31
N THR W 708 -18.90 -18.52 38.19
CA THR W 708 -20.28 -18.48 37.71
C THR W 708 -20.73 -19.88 37.36
N ASP W 709 -22.04 -20.12 37.48
CA ASP W 709 -22.62 -21.42 37.17
C ASP W 709 -24.13 -21.28 37.17
N GLY W 710 -24.77 -22.06 36.31
CA GLY W 710 -26.22 -22.08 36.19
C GLY W 710 -26.67 -21.98 34.75
N ASN W 711 -27.96 -22.22 34.56
CA ASN W 711 -28.56 -22.22 33.23
C ASN W 711 -28.86 -20.80 32.77
N TYR W 712 -28.88 -20.62 31.45
CA TYR W 712 -29.24 -19.34 30.84
C TYR W 712 -30.11 -19.63 29.63
N SER W 713 -30.84 -18.61 29.18
CA SER W 713 -31.74 -18.75 28.06
C SER W 713 -31.96 -17.39 27.42
N SER W 714 -32.43 -17.40 26.17
CA SER W 714 -32.76 -16.19 25.43
C SER W 714 -34.25 -16.03 25.17
N LEU W 715 -35.09 -16.88 25.75
CA LEU W 715 -36.54 -16.82 25.57
C LEU W 715 -37.17 -16.31 26.86
N VAL W 716 -37.96 -15.25 26.75
CA VAL W 716 -38.53 -14.58 27.92
C VAL W 716 -40.03 -14.83 27.95
N TYR W 717 -40.64 -14.48 29.09
CA TYR W 717 -42.05 -14.76 29.33
C TYR W 717 -42.99 -13.87 28.55
N SER W 718 -42.48 -12.80 27.92
CA SER W 718 -43.30 -11.87 27.16
C SER W 718 -43.09 -11.99 25.67
N SER W 719 -42.51 -13.10 25.20
CA SER W 719 -42.26 -13.32 23.79
C SER W 719 -43.37 -14.19 23.21
N THR W 720 -43.87 -13.79 22.04
CA THR W 720 -44.95 -14.52 21.38
C THR W 720 -44.49 -15.91 20.96
N GLU W 721 -43.17 -16.12 20.92
CA GLU W 721 -42.63 -17.42 20.54
C GLU W 721 -42.95 -18.50 21.57
N LEU W 722 -43.27 -18.13 22.81
CA LEU W 722 -43.55 -19.09 23.88
C LEU W 722 -45.05 -19.37 23.89
N LEU W 723 -45.45 -20.54 23.41
CA LEU W 723 -46.83 -20.98 23.41
C LEU W 723 -46.87 -22.45 23.78
N PRO W 724 -47.97 -22.92 24.37
CA PRO W 724 -48.15 -24.36 24.55
C PRO W 724 -48.41 -25.05 23.21
N ASN W 725 -47.88 -26.25 23.07
CA ASN W 725 -47.95 -27.06 21.86
C ASN W 725 -47.11 -26.50 20.73
N ASN W 726 -46.07 -25.74 21.04
CA ASN W 726 -45.11 -25.22 20.07
C ASN W 726 -43.70 -25.40 20.60
N PRO W 727 -42.69 -25.46 19.73
CA PRO W 727 -41.32 -25.58 20.22
C PRO W 727 -40.89 -24.35 20.99
N THR W 728 -40.00 -24.56 21.97
CA THR W 728 -39.52 -23.47 22.83
C THR W 728 -38.19 -22.96 22.30
N ASP W 729 -38.27 -22.13 21.26
CA ASP W 729 -37.11 -21.52 20.64
C ASP W 729 -37.42 -20.08 20.29
N ALA W 730 -36.38 -19.25 20.29
CA ALA W 730 -36.50 -17.83 19.97
C ALA W 730 -35.68 -17.51 18.72
N SER W 731 -36.31 -16.81 17.77
CA SER W 731 -35.67 -16.50 16.51
C SER W 731 -34.50 -15.53 16.65
N LEU W 732 -34.43 -14.78 17.75
CA LEU W 732 -33.34 -13.83 17.96
C LEU W 732 -33.38 -13.35 19.40
N GLY W 733 -32.21 -13.25 20.01
CA GLY W 733 -32.15 -12.85 21.41
C GLY W 733 -30.71 -12.64 21.82
N ARG W 734 -30.54 -12.42 23.13
CA ARG W 734 -29.23 -12.13 23.69
C ARG W 734 -29.15 -12.65 25.11
N THR W 735 -27.93 -12.81 25.60
CA THR W 735 -27.67 -13.27 26.96
C THR W 735 -26.44 -12.56 27.50
N ILE W 736 -26.38 -12.44 28.83
CA ILE W 736 -25.30 -11.73 29.51
C ILE W 736 -24.79 -12.60 30.65
N ILE W 737 -23.48 -12.64 30.82
CA ILE W 737 -22.84 -13.49 31.82
C ILE W 737 -21.75 -12.69 32.55
N PRO W 738 -21.75 -12.64 33.87
CA PRO W 738 -20.69 -11.95 34.60
C PRO W 738 -19.53 -12.87 34.95
N VAL W 739 -18.32 -12.28 34.94
CA VAL W 739 -17.10 -13.02 35.23
C VAL W 739 -16.39 -12.41 36.43
N ARG W 740 -15.98 -11.15 36.30
CA ARG W 740 -15.27 -10.45 37.38
C ARG W 740 -14.01 -11.19 37.82
N ALA W 741 -13.03 -11.29 36.93
CA ALA W 741 -11.76 -11.92 37.27
C ALA W 741 -10.73 -11.53 36.20
N GLN W 742 -9.48 -11.92 36.46
CA GLN W 742 -8.40 -11.62 35.53
C GLN W 742 -8.71 -12.20 34.17
N ALA W 743 -8.35 -11.47 33.11
CA ALA W 743 -8.82 -11.83 31.77
C ALA W 743 -8.31 -13.20 31.34
N GLN W 744 -6.99 -13.42 31.42
CA GLN W 744 -6.38 -14.60 30.84
C GLN W 744 -6.39 -15.82 31.77
N ASP W 745 -6.68 -15.64 33.05
CA ASP W 745 -6.74 -16.76 33.98
C ASP W 745 -8.17 -17.27 34.13
N THR W 746 -8.80 -17.61 33.01
CA THR W 746 -10.20 -18.04 33.02
C THR W 746 -10.40 -19.14 31.98
N VAL W 747 -11.43 -19.95 32.22
CA VAL W 747 -11.88 -20.98 31.29
C VAL W 747 -13.39 -20.92 31.22
N ALA W 748 -13.94 -20.93 30.01
CA ALA W 748 -15.38 -20.83 29.81
C ALA W 748 -15.85 -21.95 28.89
N THR W 749 -16.99 -22.54 29.23
CA THR W 749 -17.58 -23.61 28.44
C THR W 749 -19.09 -23.44 28.38
N PHE W 750 -19.68 -23.89 27.28
CA PHE W 750 -21.12 -23.87 27.09
C PHE W 750 -21.57 -25.23 26.59
N GLU W 751 -22.52 -25.84 27.30
CA GLU W 751 -22.99 -27.17 27.00
C GLU W 751 -24.47 -27.13 26.59
N ALA W 752 -24.87 -28.14 25.82
CA ALA W 752 -26.26 -28.32 25.44
C ALA W 752 -26.44 -29.74 24.93
N ASN W 753 -27.36 -30.47 25.57
CA ASN W 753 -27.61 -31.87 25.22
C ASN W 753 -29.11 -32.15 25.19
N ALA W 754 -29.88 -31.27 24.57
CA ALA W 754 -31.33 -31.38 24.55
C ALA W 754 -31.81 -31.21 23.11
N ASP W 755 -33.14 -31.07 22.94
CA ASP W 755 -33.72 -31.06 21.61
C ASP W 755 -33.56 -29.72 20.91
N THR W 756 -33.04 -28.70 21.59
CA THR W 756 -32.92 -27.38 21.01
C THR W 756 -31.49 -27.14 20.50
N ASP W 757 -31.39 -26.29 19.48
CA ASP W 757 -30.12 -25.97 18.87
C ASP W 757 -29.37 -24.94 19.73
N LEU W 758 -28.15 -24.61 19.30
CA LEU W 758 -27.36 -23.56 19.93
C LEU W 758 -26.46 -22.96 18.84
N CYS W 759 -26.91 -21.84 18.28
CA CYS W 759 -26.19 -21.17 17.17
C CYS W 759 -25.68 -19.83 17.69
N ILE W 760 -24.38 -19.64 17.62
CA ILE W 760 -23.74 -18.43 18.15
C ILE W 760 -23.33 -17.55 16.96
N LEU W 761 -23.89 -16.35 16.90
CA LEU W 761 -23.59 -15.45 15.80
C LEU W 761 -22.44 -14.50 16.12
N ASP W 762 -22.37 -14.00 17.35
CA ASP W 762 -21.33 -13.04 17.72
C ASP W 762 -21.13 -13.10 19.23
N ILE W 763 -19.97 -12.62 19.67
CA ILE W 763 -19.62 -12.56 21.08
C ILE W 763 -18.99 -11.20 21.37
N GLU W 764 -19.38 -10.60 22.48
CA GLU W 764 -18.85 -9.30 22.90
C GLU W 764 -18.53 -9.34 24.39
N TYR W 765 -17.65 -8.45 24.81
CA TYR W 765 -17.17 -8.42 26.18
C TYR W 765 -16.98 -6.97 26.63
N VAL W 766 -16.81 -6.80 27.94
CA VAL W 766 -16.49 -5.52 28.55
C VAL W 766 -15.17 -5.67 29.29
N LEU W 767 -14.21 -4.83 28.97
CA LEU W 767 -12.85 -4.94 29.49
C LEU W 767 -12.50 -3.68 30.27
N GLN W 768 -11.87 -3.88 31.43
CA GLN W 768 -11.45 -2.77 32.30
C GLN W 768 -9.93 -2.74 32.33
N TYR W 769 -9.35 -1.83 31.56
CA TYR W 769 -7.90 -1.67 31.51
C TYR W 769 -7.59 -0.18 31.50
N ARG W 770 -6.58 0.21 32.29
CA ARG W 770 -6.29 1.63 32.50
C ARG W 770 -4.78 1.82 32.49
N ALA W 771 -4.26 2.41 31.42
CA ALA W 771 -2.85 2.77 31.37
C ALA W 771 -2.62 4.06 32.14
N ARG W 772 -1.44 4.17 32.78
CA ARG W 772 -1.12 5.32 33.61
C ARG W 772 0.18 5.99 33.18
N ARG W 773 0.72 5.62 32.01
CA ARG W 773 1.85 6.34 31.44
C ARG W 773 1.73 6.27 29.93
N LYS W 774 2.24 7.30 29.27
CA LYS W 774 2.28 7.34 27.81
C LYS W 774 3.18 6.21 27.32
N ARG W 775 3.16 5.96 26.01
CA ARG W 775 3.93 4.88 25.41
C ARG W 775 4.89 5.43 24.37
N ILE W 776 6.08 4.84 24.31
CA ILE W 776 7.11 5.26 23.38
C ILE W 776 8.36 4.42 23.58
N ALA X 2 -29.26 10.65 15.23
CA ALA X 2 -29.51 9.71 14.15
C ALA X 2 -28.47 9.86 13.05
N PHE X 3 -28.19 8.76 12.36
CA PHE X 3 -27.21 8.74 11.28
C PHE X 3 -27.89 8.31 10.00
N ASP X 4 -27.16 8.45 8.89
CA ASP X 4 -27.67 8.03 7.58
C ASP X 4 -26.66 7.11 6.90
N GLY X 5 -26.99 6.65 5.71
CA GLY X 5 -26.12 5.74 4.99
C GLY X 5 -26.69 5.40 3.63
N SER X 6 -25.98 4.52 2.94
CA SER X 6 -26.37 4.11 1.60
C SER X 6 -25.86 2.70 1.33
N ILE X 7 -26.69 1.91 0.64
CA ILE X 7 -26.28 0.56 0.23
C ILE X 7 -25.39 0.69 -1.00
N LYS X 8 -24.29 -0.06 -1.02
CA LYS X 8 -23.26 0.15 -2.02
C LYS X 8 -23.79 -0.11 -3.43
N SER X 9 -24.39 -1.26 -3.67
CA SER X 9 -24.85 -1.62 -5.00
C SER X 9 -25.82 -2.79 -4.90
N LEU X 10 -26.42 -3.13 -6.04
CA LEU X 10 -27.43 -4.17 -6.14
C LEU X 10 -27.19 -5.04 -7.37
N LEU X 11 -25.93 -5.43 -7.60
CA LEU X 11 -25.55 -6.11 -8.83
C LEU X 11 -24.82 -7.43 -8.60
N GLN X 12 -25.12 -8.15 -7.52
CA GLN X 12 -24.48 -9.43 -7.25
C GLN X 12 -25.49 -10.55 -7.00
N GLY X 13 -26.76 -10.33 -7.33
CA GLY X 13 -27.72 -11.40 -7.28
C GLY X 13 -28.01 -11.92 -5.87
N VAL X 14 -28.63 -13.10 -5.84
CA VAL X 14 -29.15 -13.65 -4.59
C VAL X 14 -28.02 -14.29 -3.78
N SER X 15 -28.27 -14.43 -2.48
CA SER X 15 -27.36 -15.12 -1.57
C SER X 15 -28.18 -15.70 -0.43
N GLN X 16 -27.56 -16.64 0.29
CA GLN X 16 -28.23 -17.34 1.38
C GLN X 16 -27.38 -17.44 2.64
N GLN X 17 -26.29 -16.70 2.73
CA GLN X 17 -25.52 -16.64 3.96
C GLN X 17 -26.17 -15.68 4.95
N VAL X 18 -25.75 -15.76 6.21
CA VAL X 18 -26.22 -14.83 7.23
C VAL X 18 -25.72 -13.44 6.85
N PRO X 19 -26.42 -12.37 7.23
CA PRO X 19 -26.03 -11.04 6.75
C PRO X 19 -24.63 -10.63 7.16
N ARG X 20 -24.07 -11.23 8.20
CA ARG X 20 -22.73 -10.85 8.66
C ARG X 20 -21.68 -11.09 7.59
N GLU X 21 -21.89 -12.04 6.69
CA GLU X 21 -20.85 -12.51 5.80
C GLU X 21 -21.10 -12.23 4.32
N ARG X 22 -22.28 -11.75 3.95
CA ARG X 22 -22.57 -11.51 2.55
C ARG X 22 -21.63 -10.47 1.97
N LEU X 23 -21.22 -10.68 0.72
CA LEU X 23 -20.36 -9.73 0.04
C LEU X 23 -21.16 -8.48 -0.35
N ASP X 24 -20.43 -7.45 -0.79
CA ASP X 24 -21.06 -6.19 -1.18
C ASP X 24 -21.85 -6.36 -2.47
N GLY X 25 -23.10 -5.93 -2.46
CA GLY X 25 -23.95 -5.98 -3.63
C GLY X 25 -24.94 -7.12 -3.68
N GLN X 26 -24.79 -8.13 -2.83
CA GLN X 26 -25.71 -9.26 -2.86
C GLN X 26 -27.04 -8.89 -2.20
N VAL X 27 -28.11 -9.53 -2.68
CA VAL X 27 -29.45 -9.27 -2.19
C VAL X 27 -30.05 -10.57 -1.67
N SER X 28 -31.30 -10.52 -1.21
CA SER X 28 -31.90 -11.66 -0.54
C SER X 28 -32.86 -12.43 -1.45
N VAL X 29 -33.58 -11.72 -2.31
CA VAL X 29 -34.54 -12.34 -3.21
C VAL X 29 -34.60 -11.53 -4.50
N GLN X 30 -34.64 -12.23 -5.63
CA GLN X 30 -34.79 -11.61 -6.94
C GLN X 30 -35.64 -12.53 -7.80
N LEU X 31 -36.54 -11.96 -8.59
CA LEU X 31 -37.47 -12.76 -9.40
C LEU X 31 -37.99 -11.91 -10.53
N ASN X 32 -37.81 -12.39 -11.76
CA ASN X 32 -38.27 -11.67 -12.96
C ASN X 32 -37.63 -10.30 -13.06
N ARG X 33 -36.47 -10.12 -12.45
CA ARG X 33 -35.68 -8.91 -12.56
C ARG X 33 -34.47 -9.15 -13.45
N LEU X 34 -33.71 -8.08 -13.68
CA LEU X 34 -32.45 -8.14 -14.37
C LEU X 34 -31.36 -7.53 -13.50
N SER X 35 -30.16 -8.11 -13.58
CA SER X 35 -28.97 -7.58 -12.92
C SER X 35 -28.16 -6.71 -13.87
N ASP X 36 -28.86 -6.03 -14.77
CA ASP X 36 -28.20 -5.32 -15.86
C ASP X 36 -27.32 -4.19 -15.34
N VAL X 37 -26.11 -4.11 -15.88
CA VAL X 37 -25.27 -2.93 -15.69
C VAL X 37 -25.78 -1.81 -16.59
N VAL X 38 -25.23 -0.61 -16.37
CA VAL X 38 -25.45 0.58 -17.19
C VAL X 38 -26.89 1.07 -17.09
N ASN X 39 -27.87 0.16 -17.09
CA ASN X 39 -29.27 0.55 -16.95
C ASN X 39 -29.83 0.34 -15.55
N GLY X 40 -29.15 -0.45 -14.70
CA GLY X 40 -29.60 -0.65 -13.35
C GLY X 40 -30.40 -1.92 -13.17
N ASN X 41 -30.99 -2.04 -11.98
CA ASN X 41 -31.75 -3.23 -11.59
C ASN X 41 -33.23 -3.01 -11.90
N ARG X 42 -33.61 -3.32 -13.15
CA ARG X 42 -34.95 -3.10 -13.65
C ARG X 42 -35.63 -4.43 -13.95
N ARG X 43 -36.86 -4.37 -14.47
CA ARG X 43 -37.62 -5.56 -14.80
C ARG X 43 -37.20 -6.12 -16.15
N ARG X 44 -37.48 -7.41 -16.35
CA ARG X 44 -37.16 -8.05 -17.62
C ARG X 44 -38.25 -7.77 -18.65
N PRO X 45 -37.92 -7.80 -19.94
CA PRO X 45 -38.95 -7.63 -20.96
C PRO X 45 -39.87 -8.83 -21.04
N GLY X 46 -40.89 -8.71 -21.89
CA GLY X 46 -41.86 -9.78 -22.05
C GLY X 46 -41.41 -10.79 -23.10
N ALA X 47 -42.05 -11.96 -23.08
CA ALA X 47 -41.75 -13.00 -24.04
C ALA X 47 -42.68 -12.89 -25.25
N ARG X 48 -42.09 -12.95 -26.44
CA ARG X 48 -42.82 -12.74 -27.69
C ARG X 48 -43.15 -14.09 -28.32
N TYR X 49 -44.34 -14.18 -28.92
CA TYR X 49 -44.76 -15.42 -29.56
C TYR X 49 -44.32 -15.45 -31.01
N LEU X 50 -43.77 -16.58 -31.43
CA LEU X 50 -43.22 -16.71 -32.78
C LEU X 50 -44.02 -17.69 -33.64
N ALA X 51 -44.15 -18.93 -33.18
CA ALA X 51 -44.84 -19.96 -33.94
C ALA X 51 -44.89 -21.24 -33.12
N ASP X 52 -45.57 -22.24 -33.67
CA ASP X 52 -45.71 -23.55 -33.03
C ASP X 52 -45.10 -24.62 -33.93
N VAL X 53 -44.27 -25.48 -33.33
CA VAL X 53 -43.60 -26.54 -34.09
C VAL X 53 -44.63 -27.61 -34.45
N PRO X 54 -44.62 -28.12 -35.69
CA PRO X 54 -45.60 -29.18 -36.06
C PRO X 54 -45.24 -30.54 -35.48
N THR X 55 -45.51 -30.70 -34.18
CA THR X 55 -45.29 -31.97 -33.51
C THR X 55 -46.17 -31.99 -32.25
N THR X 56 -46.20 -33.15 -31.59
CA THR X 56 -47.01 -33.32 -30.40
C THR X 56 -46.23 -34.14 -29.37
N SER X 57 -46.54 -33.90 -28.11
CA SER X 57 -45.90 -34.61 -27.01
C SER X 57 -46.73 -34.45 -25.75
N GLN X 58 -46.62 -35.44 -24.85
CA GLN X 58 -47.32 -35.39 -23.58
C GLN X 58 -46.38 -35.23 -22.40
N TYR X 59 -45.08 -35.40 -22.60
CA TYR X 59 -44.10 -35.37 -21.52
C TYR X 59 -43.13 -34.23 -21.75
N ASP X 60 -42.45 -33.84 -20.67
CA ASP X 60 -41.62 -32.64 -20.65
C ASP X 60 -40.18 -32.88 -21.11
N ASP X 61 -39.78 -34.13 -21.33
CA ASP X 61 -38.37 -34.40 -21.64
C ASP X 61 -38.17 -35.35 -22.81
N HIS X 62 -39.11 -35.43 -23.75
CA HIS X 62 -38.98 -36.30 -24.91
C HIS X 62 -38.75 -35.49 -26.18
N VAL X 63 -38.05 -34.36 -26.06
CA VAL X 63 -37.81 -33.47 -27.19
C VAL X 63 -36.35 -33.03 -27.16
N PHE X 64 -35.75 -32.92 -28.35
CA PHE X 64 -34.37 -32.49 -28.51
C PHE X 64 -34.31 -31.43 -29.60
N ALA X 65 -33.43 -30.45 -29.43
CA ALA X 65 -33.34 -29.33 -30.35
C ALA X 65 -31.91 -28.86 -30.49
N SER X 66 -31.54 -28.47 -31.71
CA SER X 66 -30.22 -27.94 -32.03
C SER X 66 -30.30 -27.35 -33.43
N TYR X 67 -29.17 -26.88 -33.95
CA TYR X 67 -29.14 -26.21 -35.24
C TYR X 67 -27.94 -26.69 -36.05
N VAL X 68 -28.00 -26.43 -37.36
CA VAL X 68 -26.91 -26.75 -38.28
C VAL X 68 -26.89 -25.69 -39.36
N ASP X 69 -25.70 -25.46 -39.93
CA ASP X 69 -25.49 -24.41 -40.90
C ASP X 69 -25.29 -25.01 -42.29
N VAL X 70 -26.01 -24.47 -43.27
CA VAL X 70 -25.89 -24.86 -44.68
C VAL X 70 -25.63 -23.59 -45.48
N GLN X 71 -24.47 -23.54 -46.13
CA GLN X 71 -24.08 -22.36 -46.90
C GLN X 71 -24.13 -21.11 -46.02
N ASP X 72 -24.91 -20.11 -46.42
CA ASP X 72 -25.07 -18.91 -45.60
C ASP X 72 -26.26 -19.00 -44.64
N THR X 73 -27.06 -20.06 -44.74
CA THR X 73 -28.26 -20.18 -43.92
C THR X 73 -27.97 -21.01 -42.67
N ALA X 74 -28.80 -20.80 -41.65
CA ALA X 74 -28.80 -21.61 -40.44
C ALA X 74 -30.19 -22.17 -40.24
N ASN X 75 -30.26 -23.45 -39.85
CA ASN X 75 -31.53 -24.17 -39.77
C ASN X 75 -31.63 -24.89 -38.44
N HIS X 76 -32.86 -25.09 -37.99
CA HIS X 76 -33.12 -25.77 -36.73
C HIS X 76 -33.28 -27.27 -36.94
N VAL X 77 -32.88 -28.05 -35.94
CA VAL X 77 -33.05 -29.50 -35.95
C VAL X 77 -33.86 -29.87 -34.72
N ILE X 78 -34.99 -30.55 -34.92
CA ILE X 78 -35.89 -30.95 -33.85
C ILE X 78 -36.13 -32.45 -33.97
N ILE X 79 -35.99 -33.16 -32.85
CA ILE X 79 -36.16 -34.61 -32.80
C ILE X 79 -37.13 -34.92 -31.67
N ASN X 80 -38.11 -35.77 -31.95
CA ASN X 80 -39.02 -36.28 -30.95
C ASN X 80 -38.61 -37.71 -30.63
N THR X 81 -38.29 -37.96 -29.36
CA THR X 81 -37.66 -39.21 -28.96
C THR X 81 -38.66 -40.30 -28.59
N GLU X 82 -39.96 -40.00 -28.59
CA GLU X 82 -40.95 -41.03 -28.26
C GLU X 82 -41.33 -41.82 -29.51
N THR X 83 -41.79 -41.13 -30.56
CA THR X 83 -42.16 -41.79 -31.80
C THR X 83 -41.03 -41.84 -32.81
N GLY X 84 -39.89 -41.23 -32.52
CA GLY X 84 -38.76 -41.25 -33.43
C GLY X 84 -39.01 -40.46 -34.70
N GLN X 85 -39.19 -39.15 -34.57
CA GLN X 85 -39.44 -38.28 -35.71
C GLN X 85 -38.31 -37.26 -35.84
N LEU X 86 -38.00 -36.90 -37.08
CA LEU X 86 -36.92 -35.97 -37.38
C LEU X 86 -37.48 -34.81 -38.18
N LEU X 87 -37.13 -33.59 -37.78
CA LEU X 87 -37.64 -32.38 -38.42
C LEU X 87 -36.49 -31.42 -38.71
N VAL X 88 -36.64 -30.67 -39.81
CA VAL X 88 -35.73 -29.59 -40.16
C VAL X 88 -36.59 -28.40 -40.59
N ILE X 89 -36.28 -27.22 -40.04
CA ILE X 89 -37.09 -26.03 -40.26
C ILE X 89 -36.18 -24.89 -40.66
N SER X 90 -36.74 -23.89 -41.34
CA SER X 90 -35.99 -22.70 -41.69
C SER X 90 -35.80 -21.81 -40.47
N GLU X 91 -34.90 -20.84 -40.60
CA GLU X 91 -34.56 -19.98 -39.47
C GLU X 91 -35.76 -19.19 -38.95
N ASP X 92 -36.75 -18.92 -39.80
CA ASP X 92 -37.89 -18.09 -39.43
C ASP X 92 -39.15 -18.90 -39.15
N PHE X 93 -39.05 -20.23 -39.07
CA PHE X 93 -40.18 -21.10 -38.81
C PHE X 93 -41.28 -20.99 -39.86
N SER X 94 -40.91 -20.66 -41.10
CA SER X 94 -41.91 -20.43 -42.15
C SER X 94 -42.09 -21.62 -43.06
N THR X 95 -41.09 -22.50 -43.18
CA THR X 95 -41.16 -23.64 -44.09
C THR X 95 -40.53 -24.86 -43.43
N THR X 96 -40.95 -26.04 -43.87
CA THR X 96 -40.41 -27.30 -43.40
C THR X 96 -39.59 -27.91 -44.53
N LEU X 97 -38.32 -28.21 -44.24
CA LEU X 97 -37.41 -28.71 -45.27
C LEU X 97 -37.32 -30.23 -45.28
N HIS X 98 -37.61 -30.89 -44.16
CA HIS X 98 -37.57 -32.34 -44.11
C HIS X 98 -38.47 -32.81 -42.98
N ASN X 99 -39.08 -33.98 -43.18
CA ASN X 99 -39.97 -34.58 -42.18
C ASN X 99 -40.09 -36.06 -42.48
N SER X 100 -39.64 -36.90 -41.54
CA SER X 100 -39.65 -38.34 -41.74
C SER X 100 -39.56 -39.03 -40.39
N THR X 101 -39.89 -40.32 -40.40
CA THR X 101 -39.82 -41.14 -39.20
C THR X 101 -38.59 -42.05 -39.25
N GLN X 102 -38.02 -42.32 -38.07
CA GLN X 102 -36.81 -43.13 -37.98
C GLN X 102 -36.94 -44.02 -36.74
N GLN X 103 -37.00 -45.33 -36.96
CA GLN X 103 -37.10 -46.26 -35.84
C GLN X 103 -35.83 -46.30 -35.00
N TYR X 104 -34.71 -45.80 -35.54
CA TYR X 104 -33.46 -45.84 -34.79
C TYR X 104 -33.46 -44.81 -33.66
N LEU X 105 -34.26 -43.75 -33.79
CA LEU X 105 -34.24 -42.64 -32.86
C LEU X 105 -35.21 -42.79 -31.69
N VAL X 106 -35.72 -44.00 -31.46
CA VAL X 106 -36.62 -44.23 -30.34
C VAL X 106 -35.81 -44.48 -29.08
N ALA X 107 -36.07 -43.71 -28.03
CA ALA X 107 -35.36 -43.86 -26.77
C ALA X 107 -36.26 -43.37 -25.65
N SER X 108 -35.78 -43.54 -24.42
CA SER X 108 -36.58 -43.20 -23.24
C SER X 108 -36.60 -41.70 -22.98
N ALA X 109 -35.51 -41.00 -23.26
CA ALA X 109 -35.42 -39.59 -22.92
C ALA X 109 -34.54 -38.88 -23.93
N ALA X 110 -34.68 -37.56 -24.00
CA ALA X 110 -33.96 -36.74 -24.97
C ALA X 110 -32.51 -36.50 -24.58
N SER X 111 -32.00 -37.16 -23.54
CA SER X 111 -30.61 -37.01 -23.14
C SER X 111 -29.69 -38.03 -23.80
N ALA X 112 -30.23 -38.94 -24.61
CA ALA X 112 -29.42 -39.99 -25.23
C ALA X 112 -28.96 -39.64 -26.63
N ILE X 113 -29.34 -38.47 -27.14
CA ILE X 113 -29.02 -38.08 -28.52
C ILE X 113 -27.73 -37.26 -28.50
N GLN X 114 -26.91 -37.43 -29.53
CA GLN X 114 -25.67 -36.69 -29.70
C GLN X 114 -25.37 -36.59 -31.20
N THR X 115 -24.54 -35.62 -31.56
CA THR X 115 -24.32 -35.31 -32.97
C THR X 115 -22.87 -34.93 -33.22
N ALA X 116 -22.45 -35.06 -34.47
CA ALA X 116 -21.12 -34.66 -34.90
C ALA X 116 -21.12 -34.52 -36.42
N THR X 117 -20.14 -33.78 -36.93
CA THR X 117 -20.01 -33.53 -38.37
C THR X 117 -18.55 -33.59 -38.75
N LEU X 118 -18.24 -34.35 -39.80
CA LEU X 118 -16.85 -34.54 -40.21
C LEU X 118 -16.51 -34.01 -41.60
N ARG X 119 -17.18 -34.43 -42.67
CA ARG X 119 -16.82 -33.97 -44.01
C ARG X 119 -17.94 -33.17 -44.66
N GLY X 120 -19.09 -33.81 -44.88
CA GLY X 120 -20.20 -33.15 -45.53
C GLY X 120 -21.56 -33.63 -45.04
N ASP X 121 -21.57 -34.27 -43.87
CA ASP X 121 -22.80 -34.87 -43.36
C ASP X 121 -22.85 -34.72 -41.85
N LEU X 122 -24.06 -34.72 -41.32
CA LEU X 122 -24.30 -34.62 -39.88
C LEU X 122 -24.69 -36.00 -39.37
N TYR X 123 -23.91 -36.52 -38.42
CA TYR X 123 -24.18 -37.84 -37.84
C TYR X 123 -24.95 -37.68 -36.55
N ILE X 124 -25.83 -38.64 -36.28
CA ILE X 124 -26.66 -38.65 -35.08
C ILE X 124 -26.50 -40.00 -34.41
N ALA X 125 -26.20 -39.98 -33.11
CA ALA X 125 -25.90 -41.19 -32.35
C ALA X 125 -26.88 -41.34 -31.21
N ASN X 126 -27.37 -42.56 -31.01
CA ASN X 126 -28.26 -42.91 -29.91
C ASN X 126 -27.48 -43.79 -28.95
N THR X 127 -27.26 -43.30 -27.73
CA THR X 127 -26.43 -44.00 -26.77
C THR X 127 -27.16 -45.14 -26.06
N GLU X 128 -28.46 -45.31 -26.29
CA GLU X 128 -29.24 -46.35 -25.63
C GLU X 128 -29.31 -47.64 -26.43
N LYS X 129 -28.60 -47.72 -27.56
CA LYS X 129 -28.64 -48.89 -28.43
C LYS X 129 -27.22 -49.38 -28.67
N ALA X 130 -27.09 -50.69 -28.87
CA ALA X 130 -25.79 -51.33 -29.02
C ALA X 130 -25.64 -51.93 -30.40
N PRO X 131 -24.50 -51.78 -31.06
CA PRO X 131 -24.30 -52.38 -32.37
C PRO X 131 -23.91 -53.86 -32.26
N THR X 132 -23.98 -54.54 -33.41
CA THR X 132 -23.66 -55.95 -33.49
C THR X 132 -23.02 -56.26 -34.83
N LYS X 133 -22.22 -57.31 -34.87
CA LYS X 133 -21.56 -57.72 -36.09
C LYS X 133 -22.51 -58.53 -36.99
N VAL X 134 -22.29 -58.44 -38.29
CA VAL X 134 -23.06 -59.19 -39.27
C VAL X 134 -22.10 -59.89 -40.23
N PHE X 135 -22.42 -61.13 -40.58
CA PHE X 135 -21.63 -61.93 -41.50
C PHE X 135 -22.43 -62.13 -42.78
N GLY X 136 -21.86 -61.70 -43.92
CA GLY X 136 -22.50 -61.90 -45.20
C GLY X 136 -21.96 -63.10 -45.94
N SER X 137 -22.67 -63.49 -46.99
CA SER X 137 -22.25 -64.62 -47.81
C SER X 137 -20.95 -64.28 -48.54
N THR X 138 -20.03 -65.23 -48.56
CA THR X 138 -18.74 -65.04 -49.23
C THR X 138 -18.34 -66.34 -49.91
N THR X 139 -17.39 -66.21 -50.84
CA THR X 139 -16.91 -67.36 -51.60
C THR X 139 -15.67 -68.00 -50.98
N GLN X 140 -15.24 -67.56 -49.81
CA GLN X 140 -14.02 -68.08 -49.22
C GLN X 140 -14.17 -69.56 -48.89
N GLN X 141 -13.04 -70.27 -48.88
CA GLN X 141 -12.99 -71.69 -48.55
C GLN X 141 -12.06 -71.89 -47.35
N ASP X 142 -12.27 -72.97 -46.63
CA ASP X 142 -11.50 -73.23 -45.41
C ASP X 142 -10.02 -73.32 -45.74
N ALA X 265 -11.34 -69.63 -54.55
CA ALA X 265 -11.12 -68.69 -53.45
C ALA X 265 -10.23 -69.30 -52.37
N SER X 266 -9.13 -69.92 -52.77
CA SER X 266 -8.22 -70.51 -51.80
C SER X 266 -7.51 -69.41 -51.01
N VAL X 267 -7.03 -69.78 -49.82
CA VAL X 267 -6.36 -68.86 -48.91
C VAL X 267 -5.00 -69.43 -48.57
N ALA X 268 -3.98 -68.58 -48.65
CA ALA X 268 -2.61 -68.94 -48.29
C ALA X 268 -2.03 -67.84 -47.42
N VAL X 269 -1.08 -68.21 -46.57
CA VAL X 269 -0.51 -67.31 -45.58
C VAL X 269 0.96 -67.10 -45.91
N GLY X 270 1.34 -65.85 -46.16
CA GLY X 270 2.73 -65.51 -46.35
C GLY X 270 3.42 -65.12 -45.04
N THR X 271 4.63 -64.61 -45.17
CA THR X 271 5.41 -64.17 -44.02
C THR X 271 6.76 -63.62 -44.45
N PHE X 276 1.96 -63.80 -40.83
CA PHE X 276 1.51 -62.43 -40.67
C PHE X 276 0.40 -62.09 -41.66
N VAL X 277 0.76 -62.00 -42.93
CA VAL X 277 -0.15 -61.52 -43.99
C VAL X 277 -0.90 -62.70 -44.56
N TRP X 278 -2.16 -62.46 -44.93
CA TRP X 278 -3.02 -63.47 -45.53
C TRP X 278 -3.46 -62.99 -46.91
N TYR X 279 -3.52 -63.92 -47.87
CA TYR X 279 -3.87 -63.60 -49.24
C TYR X 279 -5.01 -64.48 -49.73
N GLN X 280 -5.84 -63.91 -50.60
CA GLN X 280 -6.87 -64.65 -51.32
C GLN X 280 -6.62 -64.57 -52.82
N TYR X 281 -7.06 -65.61 -53.52
CA TYR X 281 -6.82 -65.74 -54.96
C TYR X 281 -8.14 -65.49 -55.69
N ASP X 282 -8.17 -64.43 -56.49
CA ASP X 282 -9.35 -64.07 -57.27
C ASP X 282 -9.32 -64.76 -58.63
N SER X 283 -10.12 -65.83 -58.74
CA SER X 283 -10.13 -66.63 -59.96
C SER X 283 -10.66 -65.86 -61.17
N ALA X 284 -11.30 -64.71 -60.93
CA ALA X 284 -11.80 -63.90 -62.05
C ALA X 284 -10.69 -63.23 -62.85
N THR X 285 -9.58 -62.88 -62.21
CA THR X 285 -8.46 -62.24 -62.90
C THR X 285 -7.10 -62.79 -62.54
N SER X 286 -7.00 -63.78 -61.65
CA SER X 286 -5.76 -64.45 -61.28
C SER X 286 -4.86 -63.60 -60.40
N VAL X 287 -5.39 -62.53 -59.80
CA VAL X 287 -4.62 -61.70 -58.89
C VAL X 287 -4.68 -62.30 -57.49
N TRP X 288 -3.77 -61.86 -56.60
CA TRP X 288 -3.74 -62.32 -55.22
C TRP X 288 -4.00 -61.11 -54.32
N LYS X 289 -5.28 -60.82 -54.09
CA LYS X 289 -5.65 -59.71 -53.23
C LYS X 289 -5.65 -60.14 -51.76
N GLU X 290 -5.52 -59.15 -50.88
CA GLU X 290 -5.51 -59.43 -49.45
C GLU X 290 -6.91 -59.73 -48.94
N ALA X 291 -6.97 -60.49 -47.84
CA ALA X 291 -8.23 -60.76 -47.16
C ALA X 291 -7.92 -60.99 -45.69
N GLY X 292 -8.84 -60.59 -44.82
CA GLY X 292 -8.59 -60.70 -43.38
C GLY X 292 -8.39 -62.14 -42.96
N ALA X 293 -9.46 -62.93 -42.97
CA ALA X 293 -9.41 -64.33 -42.60
C ALA X 293 -10.80 -64.93 -42.80
N TYR X 294 -10.89 -66.23 -42.64
CA TYR X 294 -12.19 -66.89 -42.73
C TYR X 294 -13.07 -66.52 -41.54
N GLY X 295 -14.36 -66.32 -41.82
CA GLY X 295 -15.31 -66.02 -40.77
C GLY X 295 -15.24 -64.61 -40.23
N SER X 296 -14.62 -63.68 -40.97
CA SER X 296 -14.53 -62.31 -40.50
C SER X 296 -15.83 -61.56 -40.80
N PRO X 297 -16.14 -60.53 -40.01
CA PRO X 297 -17.38 -59.78 -40.24
C PRO X 297 -17.28 -58.92 -41.50
N THR X 298 -18.43 -58.62 -42.08
CA THR X 298 -18.51 -57.81 -43.30
C THR X 298 -19.28 -56.51 -43.10
N GLY X 299 -19.60 -56.14 -41.87
CA GLY X 299 -20.33 -54.90 -41.65
C GLY X 299 -20.79 -54.81 -40.21
N PHE X 300 -21.58 -53.76 -39.95
CA PHE X 300 -22.12 -53.50 -38.62
C PHE X 300 -23.61 -53.20 -38.73
N SER X 301 -24.31 -53.37 -37.62
CA SER X 301 -25.73 -53.06 -37.50
C SER X 301 -25.95 -52.13 -36.31
N ASN X 302 -27.05 -51.37 -36.37
CA ASN X 302 -27.44 -50.43 -35.33
C ASN X 302 -26.45 -49.27 -35.17
N MET X 303 -25.74 -48.91 -36.24
CA MET X 303 -24.77 -47.84 -36.16
C MET X 303 -25.44 -46.49 -36.41
N PRO X 304 -24.78 -45.39 -36.02
CA PRO X 304 -25.38 -44.07 -36.18
C PRO X 304 -25.75 -43.76 -37.62
N ILE X 305 -26.89 -43.09 -37.80
CA ILE X 305 -27.37 -42.68 -39.11
C ILE X 305 -26.67 -41.39 -39.54
N ARG X 306 -26.81 -41.03 -40.81
CA ARG X 306 -26.11 -39.88 -41.38
C ARG X 306 -27.08 -39.06 -42.21
N ILE X 307 -26.84 -37.75 -42.24
CA ILE X 307 -27.66 -36.81 -43.00
C ILE X 307 -26.74 -35.92 -43.83
N SER X 308 -27.19 -35.58 -45.04
CA SER X 308 -26.38 -34.78 -45.94
C SER X 308 -26.61 -33.28 -45.70
N LEU X 309 -25.62 -32.48 -46.08
CA LEU X 309 -25.67 -31.03 -45.95
C LEU X 309 -25.36 -30.32 -47.26
N ASP X 310 -25.51 -31.00 -48.39
CA ASP X 310 -25.21 -30.38 -49.68
C ASP X 310 -26.33 -29.47 -50.16
N GLY X 311 -27.49 -29.50 -49.51
CA GLY X 311 -28.60 -28.64 -49.87
C GLY X 311 -29.89 -29.38 -50.20
N VAL X 312 -29.96 -30.70 -50.06
CA VAL X 312 -31.16 -31.47 -50.36
C VAL X 312 -31.61 -32.33 -49.19
N TYR X 313 -30.78 -32.47 -48.15
CA TYR X 313 -31.18 -33.15 -46.91
C TYR X 313 -31.59 -34.60 -47.18
N THR X 314 -30.63 -35.40 -47.63
CA THR X 314 -30.86 -36.82 -47.80
C THR X 314 -30.48 -37.57 -46.53
N VAL X 315 -31.29 -38.56 -46.16
CA VAL X 315 -31.05 -39.41 -44.99
C VAL X 315 -30.82 -40.83 -45.48
N GLU X 316 -29.74 -41.45 -45.00
CA GLU X 316 -29.39 -42.80 -45.43
C GLU X 316 -28.44 -43.42 -44.42
N THR X 317 -28.59 -44.71 -44.17
CA THR X 317 -27.69 -45.42 -43.27
C THR X 317 -26.42 -45.82 -44.02
N PRO X 318 -25.25 -45.35 -43.59
CA PRO X 318 -24.02 -45.65 -44.34
C PRO X 318 -23.58 -47.09 -44.16
N ALA X 319 -22.78 -47.56 -45.12
CA ALA X 319 -22.28 -48.94 -45.12
C ALA X 319 -20.87 -48.94 -44.55
N TYR X 320 -20.73 -49.48 -43.33
CA TYR X 320 -19.43 -49.54 -42.69
C TYR X 320 -18.68 -50.79 -43.12
N GLU X 321 -17.34 -50.70 -43.11
CA GLU X 321 -16.50 -51.77 -43.63
C GLU X 321 -16.20 -52.80 -42.55
N GLY X 322 -16.17 -54.07 -42.95
CA GLY X 322 -15.64 -55.12 -42.13
C GLY X 322 -14.14 -55.24 -42.29
N ARG X 323 -13.58 -56.30 -41.72
CA ARG X 323 -12.14 -56.52 -41.85
C ARG X 323 -11.81 -56.90 -43.29
N LEU X 324 -10.80 -56.24 -43.84
CA LEU X 324 -10.25 -56.58 -45.16
C LEU X 324 -8.87 -57.21 -45.04
N ALA X 325 -8.11 -56.84 -44.02
CA ALA X 325 -6.80 -57.42 -43.76
C ALA X 325 -6.65 -57.77 -42.28
N GLY X 326 -5.76 -58.72 -42.02
CA GLY X 326 -5.40 -59.06 -40.65
C GLY X 326 -6.29 -60.12 -40.02
N SER X 327 -5.75 -60.80 -39.01
CA SER X 327 -6.48 -61.82 -38.28
C SER X 327 -6.88 -61.29 -36.90
N ASP X 328 -7.63 -62.12 -36.17
CA ASP X 328 -8.12 -61.70 -34.86
C ASP X 328 -6.99 -61.42 -33.87
N GLU X 329 -5.79 -61.95 -34.13
CA GLU X 329 -4.64 -61.73 -33.25
C GLU X 329 -3.80 -60.54 -33.67
N THR X 330 -4.13 -59.87 -34.77
CA THR X 330 -3.41 -58.68 -35.21
C THR X 330 -4.32 -57.52 -35.58
N ASN X 331 -5.63 -57.75 -35.74
CA ASN X 331 -6.61 -56.70 -35.97
C ASN X 331 -7.81 -57.03 -35.09
N GLU X 332 -7.80 -56.51 -33.88
CA GLU X 332 -8.83 -56.85 -32.91
C GLU X 332 -10.09 -56.01 -33.12
N ASP X 333 -11.12 -56.30 -32.33
CA ASP X 333 -12.35 -55.54 -32.42
C ASP X 333 -12.12 -54.10 -31.95
N PRO X 334 -12.92 -53.14 -32.40
CA PRO X 334 -12.68 -51.74 -32.02
C PRO X 334 -12.89 -51.48 -30.54
N GLY X 335 -13.55 -52.40 -29.85
CA GLY X 335 -13.77 -52.25 -28.41
C GLY X 335 -15.17 -51.81 -28.06
N PHE X 336 -15.76 -50.94 -28.87
CA PHE X 336 -17.13 -50.49 -28.61
C PHE X 336 -18.16 -51.56 -28.90
N ILE X 337 -17.75 -52.71 -29.45
CA ILE X 337 -18.69 -53.81 -29.68
C ILE X 337 -19.23 -54.32 -28.35
N ASP X 338 -18.36 -54.45 -27.35
CA ASP X 338 -18.73 -55.05 -26.08
C ASP X 338 -19.35 -54.06 -25.09
N ASN X 339 -18.76 -52.89 -24.91
CA ASN X 339 -19.26 -51.92 -23.95
C ASN X 339 -20.34 -51.01 -24.50
N GLY X 340 -20.67 -51.12 -25.79
CA GLY X 340 -21.65 -50.24 -26.37
C GLY X 340 -21.09 -48.85 -26.62
N VAL X 341 -21.97 -47.96 -27.06
CA VAL X 341 -21.60 -46.58 -27.34
C VAL X 341 -22.21 -45.68 -26.28
N THR X 342 -21.36 -45.03 -25.49
CA THR X 342 -21.80 -44.12 -24.44
C THR X 342 -21.42 -42.67 -24.72
N GLY X 343 -21.04 -42.34 -25.95
CA GLY X 343 -20.67 -40.98 -26.29
C GLY X 343 -20.42 -40.85 -27.77
N PHE X 344 -20.17 -39.61 -28.19
CA PHE X 344 -19.93 -39.32 -29.59
C PHE X 344 -19.31 -37.94 -29.72
N GLY X 345 -18.44 -37.78 -30.71
CA GLY X 345 -17.78 -36.52 -30.93
C GLY X 345 -16.78 -36.62 -32.06
N ALA X 346 -16.12 -35.50 -32.33
CA ALA X 346 -15.12 -35.41 -33.38
C ALA X 346 -13.87 -34.76 -32.84
N TYR X 347 -12.72 -35.16 -33.40
CA TYR X 347 -11.44 -34.64 -32.96
C TYR X 347 -10.39 -34.90 -34.04
N GLN X 348 -9.70 -33.84 -34.44
CA GLN X 348 -8.63 -33.93 -35.43
C GLN X 348 -9.10 -34.64 -36.70
N GLY X 349 -10.28 -34.28 -37.18
CA GLY X 349 -10.79 -34.89 -38.39
C GLY X 349 -11.12 -36.36 -38.26
N ARG X 350 -11.28 -36.85 -37.03
CA ARG X 350 -11.60 -38.25 -36.77
C ARG X 350 -12.84 -38.34 -35.90
N LEU X 351 -13.77 -39.21 -36.29
CA LEU X 351 -14.93 -39.49 -35.45
C LEU X 351 -14.48 -40.20 -34.19
N VAL X 352 -15.12 -39.87 -33.07
CA VAL X 352 -14.78 -40.43 -31.76
C VAL X 352 -16.03 -41.12 -31.21
N ILE X 353 -15.84 -42.36 -30.74
CA ILE X 353 -16.91 -43.13 -30.11
C ILE X 353 -16.40 -43.62 -28.77
N LEU X 354 -17.05 -43.18 -27.70
CA LEU X 354 -16.68 -43.59 -26.35
C LEU X 354 -17.39 -44.89 -26.00
N ALA X 355 -16.62 -45.82 -25.41
CA ALA X 355 -17.11 -47.16 -25.10
C ALA X 355 -16.77 -47.46 -23.63
N GLY X 356 -17.04 -46.51 -22.75
CA GLY X 356 -16.75 -46.65 -21.36
C GLY X 356 -15.31 -46.29 -21.04
N PRO X 357 -14.52 -47.26 -20.57
CA PRO X 357 -13.10 -46.97 -20.29
C PRO X 357 -12.20 -47.00 -21.51
N GLU X 358 -12.76 -47.01 -22.72
CA GLU X 358 -11.98 -47.02 -23.94
C GLU X 358 -12.44 -45.88 -24.85
N VAL X 359 -11.54 -45.43 -25.71
CA VAL X 359 -11.81 -44.38 -26.69
C VAL X 359 -11.45 -44.93 -28.05
N CYS X 360 -12.38 -44.82 -29.00
CA CYS X 360 -12.19 -45.33 -30.36
C CYS X 360 -12.21 -44.17 -31.34
N MET X 361 -11.32 -44.23 -32.33
CA MET X 361 -11.21 -43.19 -33.35
C MET X 361 -11.09 -43.85 -34.72
N SER X 362 -11.73 -43.24 -35.71
CA SER X 362 -11.74 -43.78 -37.06
C SER X 362 -10.50 -43.32 -37.82
N ALA X 363 -10.46 -43.65 -39.11
CA ALA X 363 -9.35 -43.26 -39.95
C ALA X 363 -9.38 -41.76 -40.24
N ALA X 364 -8.23 -41.22 -40.62
CA ALA X 364 -8.10 -39.79 -40.86
C ALA X 364 -8.92 -39.36 -42.07
N GLY X 365 -10.03 -38.66 -41.82
CA GLY X 365 -10.87 -38.16 -42.89
C GLY X 365 -11.76 -39.19 -43.54
N ASN X 366 -11.88 -40.39 -42.97
CA ASN X 366 -12.71 -41.45 -43.52
C ASN X 366 -13.58 -42.01 -42.42
N PRO X 367 -14.80 -41.52 -42.22
CA PRO X 367 -15.63 -41.98 -41.10
C PRO X 367 -16.11 -43.42 -41.24
N LEU X 368 -15.99 -44.03 -42.40
CA LEU X 368 -16.50 -45.38 -42.62
C LEU X 368 -15.48 -46.48 -42.33
N ARG X 369 -14.25 -46.12 -41.99
CA ARG X 369 -13.19 -47.09 -41.74
C ARG X 369 -12.91 -47.17 -40.24
N TRP X 370 -13.12 -48.35 -39.67
CA TRP X 370 -12.86 -48.59 -38.25
C TRP X 370 -11.82 -49.68 -37.98
N TYR X 371 -11.60 -50.60 -38.90
CA TYR X 371 -10.56 -51.61 -38.78
C TYR X 371 -9.30 -51.17 -39.51
N ARG X 372 -8.17 -51.73 -39.08
CA ARG X 372 -6.90 -51.38 -39.70
C ARG X 372 -6.84 -51.96 -41.11
N SER X 373 -6.45 -51.12 -42.07
CA SER X 373 -6.63 -51.47 -43.48
C SER X 373 -5.67 -52.55 -43.95
N THR X 374 -4.40 -52.47 -43.58
CA THR X 374 -3.40 -53.39 -44.07
C THR X 374 -2.51 -53.85 -42.92
N VAL X 375 -1.92 -55.03 -43.08
CA VAL X 375 -1.09 -55.66 -42.06
C VAL X 375 0.38 -55.68 -42.43
N THR X 376 0.71 -55.45 -43.70
CA THR X 376 2.11 -55.47 -44.12
C THR X 376 2.96 -54.46 -43.36
N ALA X 377 2.35 -53.42 -42.82
CA ALA X 377 3.05 -52.43 -42.00
C ALA X 377 2.05 -51.76 -41.08
N LEU X 378 2.50 -50.72 -40.38
CA LEU X 378 1.65 -49.93 -39.50
C LEU X 378 1.56 -48.52 -40.07
N LEU X 379 0.35 -48.11 -40.43
CA LEU X 379 0.12 -46.84 -41.10
C LEU X 379 -0.35 -45.79 -40.08
N THR X 380 0.14 -44.56 -40.27
CA THR X 380 -0.22 -43.48 -39.35
C THR X 380 -1.71 -43.17 -39.40
N ASP X 381 -2.30 -43.23 -40.60
CA ASP X 381 -3.68 -42.80 -40.80
C ASP X 381 -4.71 -43.81 -40.36
N ASP X 382 -4.31 -45.02 -39.97
CA ASP X 382 -5.27 -46.05 -39.63
C ASP X 382 -5.92 -45.76 -38.28
N PRO X 383 -7.08 -46.35 -38.02
CA PRO X 383 -7.78 -46.10 -36.75
C PRO X 383 -6.88 -46.41 -35.55
N ILE X 384 -7.31 -45.92 -34.38
CA ILE X 384 -6.57 -46.09 -33.14
C ILE X 384 -7.57 -46.27 -32.00
N ASN X 385 -7.22 -47.15 -31.06
CA ASN X 385 -7.96 -47.32 -29.81
C ASN X 385 -6.98 -47.28 -28.66
N ILE X 386 -7.41 -46.72 -27.53
CA ILE X 386 -6.55 -46.53 -26.37
C ILE X 386 -7.36 -46.84 -25.11
N PHE X 387 -6.69 -47.47 -24.14
CA PHE X 387 -7.34 -48.00 -22.95
C PHE X 387 -7.07 -47.09 -21.75
N SER X 388 -7.87 -47.29 -20.70
CA SER X 388 -7.73 -46.52 -19.48
C SER X 388 -8.15 -47.37 -18.29
N GLY X 389 -7.68 -46.99 -17.11
CA GLY X 389 -8.00 -47.70 -15.89
C GLY X 389 -7.88 -46.79 -14.70
N ALA X 390 -8.43 -47.23 -13.58
CA ALA X 390 -8.44 -46.43 -12.35
C ALA X 390 -8.59 -47.37 -11.16
N ALA X 391 -8.66 -46.76 -9.97
CA ALA X 391 -8.73 -47.52 -8.73
C ALA X 391 -10.07 -48.20 -8.53
N THR X 392 -11.18 -47.60 -8.96
CA THR X 392 -12.49 -48.22 -8.80
C THR X 392 -13.12 -48.54 -10.13
N SER X 393 -13.30 -47.53 -10.98
CA SER X 393 -13.86 -47.71 -12.31
C SER X 393 -13.89 -46.35 -13.00
N THR X 394 -14.07 -46.37 -14.32
CA THR X 394 -14.24 -45.16 -15.09
C THR X 394 -15.24 -45.42 -16.22
N ASN X 395 -16.05 -44.41 -16.51
CA ASN X 395 -16.98 -44.47 -17.63
C ASN X 395 -17.18 -43.08 -18.21
N PHE X 396 -16.42 -42.75 -19.25
CA PHE X 396 -16.52 -41.42 -19.85
C PHE X 396 -17.86 -41.27 -20.56
N ARG X 397 -18.42 -40.05 -20.51
CA ARG X 397 -19.76 -39.81 -21.00
C ARG X 397 -19.87 -38.62 -21.95
N HIS X 398 -18.96 -37.65 -21.88
CA HIS X 398 -19.03 -36.46 -22.72
C HIS X 398 -17.62 -36.04 -23.11
N CYS X 399 -17.54 -35.24 -24.17
CA CYS X 399 -16.26 -34.76 -24.67
C CYS X 399 -16.40 -33.34 -25.21
N VAL X 400 -15.37 -32.53 -24.98
CA VAL X 400 -15.32 -31.16 -25.48
C VAL X 400 -13.87 -30.84 -25.82
N GLN X 401 -13.68 -30.02 -26.86
CA GLN X 401 -12.33 -29.73 -27.35
C GLN X 401 -11.68 -28.62 -26.54
N PHE X 402 -12.24 -27.42 -26.57
CA PHE X 402 -11.78 -26.27 -25.78
C PHE X 402 -10.31 -26.01 -26.10
N ASN X 403 -9.41 -26.04 -25.11
CA ASN X 403 -8.08 -25.42 -25.23
C ASN X 403 -7.12 -26.36 -25.96
N LYS X 404 -7.47 -26.69 -27.20
CA LYS X 404 -6.59 -27.42 -28.11
C LYS X 404 -6.45 -28.88 -27.73
N ASP X 405 -6.99 -29.27 -26.57
CA ASP X 405 -6.98 -30.67 -26.15
C ASP X 405 -8.36 -31.29 -26.36
N LEU X 406 -8.55 -32.51 -25.86
CA LEU X 406 -9.86 -33.13 -25.81
C LEU X 406 -10.12 -33.55 -24.38
N LEU X 407 -11.24 -33.10 -23.82
CA LEU X 407 -11.56 -33.29 -22.41
C LEU X 407 -12.56 -34.43 -22.26
N LEU X 408 -12.39 -35.23 -21.21
CA LEU X 408 -13.25 -36.38 -20.93
C LEU X 408 -13.80 -36.24 -19.52
N PHE X 409 -15.11 -36.45 -19.37
CA PHE X 409 -15.79 -36.24 -18.10
C PHE X 409 -16.38 -37.55 -17.58
N ALA X 410 -16.25 -37.77 -16.28
CA ALA X 410 -16.81 -38.94 -15.62
C ALA X 410 -17.23 -38.55 -14.21
N ARG X 411 -17.77 -39.53 -13.48
CA ARG X 411 -18.23 -39.26 -12.12
C ARG X 411 -17.10 -38.75 -11.23
N SER X 412 -16.13 -39.62 -10.95
CA SER X 412 -15.16 -39.36 -9.89
C SER X 412 -13.77 -38.98 -10.40
N CYS X 413 -13.58 -38.80 -11.70
CA CYS X 413 -12.28 -38.41 -12.21
C CYS X 413 -12.45 -37.75 -13.56
N GLN X 414 -11.41 -37.04 -13.99
CA GLN X 414 -11.38 -36.34 -15.26
C GLN X 414 -10.06 -36.62 -15.96
N ALA X 415 -10.09 -36.65 -17.29
CA ALA X 415 -8.92 -36.97 -18.09
C ALA X 415 -8.86 -36.07 -19.31
N VAL X 416 -7.71 -36.06 -19.95
CA VAL X 416 -7.48 -35.25 -21.15
C VAL X 416 -6.61 -36.05 -22.11
N VAL X 417 -6.72 -35.73 -23.39
CA VAL X 417 -5.89 -36.35 -24.44
C VAL X 417 -4.88 -35.29 -24.88
N PRO X 418 -3.64 -35.36 -24.42
CA PRO X 418 -2.69 -34.26 -24.71
C PRO X 418 -2.46 -34.07 -26.20
N SER X 419 -2.29 -32.81 -26.58
CA SER X 419 -1.85 -32.47 -27.92
C SER X 419 -0.32 -32.41 -27.96
N SER X 420 0.22 -32.36 -29.17
CA SER X 420 1.66 -32.36 -29.35
C SER X 420 2.01 -31.52 -30.58
N ASN X 421 3.29 -31.52 -30.93
CA ASN X 421 3.79 -30.76 -32.07
C ASN X 421 3.61 -31.55 -33.37
N ALA X 422 3.08 -32.76 -33.27
CA ALA X 422 2.84 -33.59 -34.43
C ALA X 422 1.45 -34.19 -34.33
N ALA X 423 0.85 -34.48 -35.48
CA ALA X 423 -0.49 -35.04 -35.52
C ALA X 423 -0.52 -36.37 -34.76
N ILE X 424 -1.64 -36.61 -34.08
CA ILE X 424 -1.76 -37.83 -33.28
C ILE X 424 -1.58 -39.05 -34.17
N THR X 425 -0.86 -40.02 -33.65
CA THR X 425 -0.55 -41.27 -34.35
C THR X 425 -0.80 -42.44 -33.42
N PRO X 426 -0.91 -43.66 -33.96
CA PRO X 426 -1.17 -44.83 -33.10
C PRO X 426 -0.09 -45.07 -32.06
N GLN X 427 1.13 -44.54 -32.27
CA GLN X 427 2.24 -44.79 -31.37
C GLN X 427 2.41 -43.70 -30.31
N THR X 428 1.49 -42.74 -30.23
CA THR X 428 1.61 -41.66 -29.25
C THR X 428 0.33 -41.35 -28.49
N ALA X 429 -0.82 -41.92 -28.86
CA ALA X 429 -2.06 -41.61 -28.18
C ALA X 429 -2.03 -42.14 -26.75
N GLN X 430 -2.59 -41.36 -25.82
CA GLN X 430 -2.62 -41.74 -24.42
C GLN X 430 -3.74 -40.98 -23.71
N ILE X 431 -4.13 -41.49 -22.55
CA ILE X 431 -5.11 -40.85 -21.67
C ILE X 431 -4.48 -40.70 -20.30
N VAL X 432 -4.63 -39.52 -19.71
CA VAL X 432 -4.02 -39.19 -18.43
C VAL X 432 -5.06 -38.54 -17.53
N ILE X 433 -5.08 -38.95 -16.26
CA ILE X 433 -5.98 -38.38 -15.27
C ILE X 433 -5.39 -37.07 -14.75
N THR X 434 -6.27 -36.13 -14.39
CA THR X 434 -5.82 -34.79 -13.99
C THR X 434 -6.41 -34.31 -12.67
N SER X 435 -7.60 -34.74 -12.28
CA SER X 435 -8.22 -34.25 -11.05
C SER X 435 -9.15 -35.34 -10.51
N GLY X 436 -9.80 -35.01 -9.39
CA GLY X 436 -10.62 -35.98 -8.69
C GLY X 436 -11.93 -35.45 -8.13
N TYR X 437 -12.51 -34.44 -8.77
CA TYR X 437 -13.79 -33.92 -8.33
C TYR X 437 -14.91 -34.90 -8.67
N THR X 438 -15.92 -34.95 -7.80
CA THR X 438 -17.12 -35.73 -8.06
C THR X 438 -18.16 -34.87 -8.75
N THR X 439 -18.74 -35.38 -9.84
CA THR X 439 -19.69 -34.63 -10.63
C THR X 439 -20.86 -35.52 -11.02
N ASP X 440 -21.78 -34.94 -11.78
CA ASP X 440 -22.92 -35.67 -12.33
C ASP X 440 -22.77 -35.80 -13.84
N THR X 441 -23.63 -36.64 -14.44
CA THR X 441 -23.50 -36.95 -15.85
C THR X 441 -24.84 -36.92 -16.60
N LEU X 442 -25.76 -36.02 -16.26
CA LEU X 442 -27.04 -35.96 -16.97
C LEU X 442 -27.04 -34.85 -18.01
N ALA X 443 -26.23 -33.81 -17.81
CA ALA X 443 -26.25 -32.63 -18.65
C ALA X 443 -24.90 -32.47 -19.34
N GLN X 444 -24.94 -32.14 -20.63
CA GLN X 444 -23.70 -31.95 -21.38
C GLN X 444 -23.02 -30.65 -20.95
N PRO X 445 -21.70 -30.65 -20.80
CA PRO X 445 -21.01 -29.40 -20.43
C PRO X 445 -21.20 -28.32 -21.49
N GLY X 446 -21.18 -27.07 -21.04
CA GLY X 446 -21.32 -25.93 -21.91
C GLY X 446 -20.07 -25.06 -21.88
N VAL X 447 -19.87 -24.29 -22.94
CA VAL X 447 -18.69 -23.43 -23.10
C VAL X 447 -19.17 -21.99 -23.24
N VAL X 448 -18.52 -21.09 -22.51
CA VAL X 448 -18.92 -19.69 -22.48
C VAL X 448 -17.78 -18.81 -22.97
N GLY X 449 -16.97 -19.35 -23.87
CA GLY X 449 -15.85 -18.60 -24.43
C GLY X 449 -14.52 -18.75 -23.73
N ARG X 450 -14.46 -18.42 -22.43
CA ARG X 450 -13.23 -18.51 -21.66
C ARG X 450 -13.27 -19.57 -20.58
N SER X 451 -14.37 -20.32 -20.47
CA SER X 451 -14.49 -21.32 -19.41
C SER X 451 -15.54 -22.35 -19.83
N VAL X 452 -15.59 -23.44 -19.07
CA VAL X 452 -16.51 -24.54 -19.32
C VAL X 452 -17.22 -24.88 -18.02
N LEU X 453 -18.52 -25.13 -18.10
CA LEU X 453 -19.36 -25.40 -16.93
C LEU X 453 -19.87 -26.82 -16.96
N TYR X 454 -19.76 -27.50 -15.82
CA TYR X 454 -20.35 -28.82 -15.63
C TYR X 454 -20.94 -28.90 -14.23
N SER X 455 -21.99 -29.70 -14.09
CA SER X 455 -22.78 -29.73 -12.86
C SER X 455 -22.26 -30.80 -11.91
N MET X 456 -22.57 -30.61 -10.64
CA MET X 456 -22.22 -31.55 -9.57
C MET X 456 -23.40 -31.66 -8.63
N PRO X 457 -23.49 -32.76 -7.87
CA PRO X 457 -24.58 -32.87 -6.89
C PRO X 457 -24.18 -32.29 -5.55
N ARG X 458 -25.09 -31.52 -4.95
CA ARG X 458 -24.87 -31.00 -3.61
C ARG X 458 -25.38 -31.98 -2.57
N THR X 459 -26.65 -32.36 -2.66
CA THR X 459 -27.22 -33.40 -1.81
C THR X 459 -28.29 -34.12 -2.61
N GLU X 460 -29.08 -34.95 -1.92
CA GLU X 460 -30.06 -35.78 -2.59
C GLU X 460 -31.05 -34.98 -3.43
N HIS X 461 -31.33 -33.73 -3.06
CA HIS X 461 -32.39 -32.96 -3.68
C HIS X 461 -31.96 -31.60 -4.21
N PHE X 462 -30.65 -31.32 -4.25
CA PHE X 462 -30.17 -30.03 -4.74
C PHE X 462 -28.90 -30.24 -5.57
N ALA X 463 -28.64 -29.29 -6.47
CA ALA X 463 -27.53 -29.40 -7.41
C ALA X 463 -26.56 -28.24 -7.25
N GLY X 464 -25.41 -28.36 -7.92
CA GLY X 464 -24.41 -27.31 -7.92
C GLY X 464 -23.83 -27.13 -9.30
N VAL X 465 -22.74 -26.38 -9.37
CA VAL X 465 -22.05 -26.08 -10.62
C VAL X 465 -20.57 -25.87 -10.33
N LEU X 466 -19.73 -26.28 -11.28
CA LEU X 466 -18.29 -26.07 -11.22
C LEU X 466 -17.82 -25.40 -12.50
N GLU X 467 -16.67 -24.74 -12.44
CA GLU X 467 -16.10 -24.05 -13.59
C GLU X 467 -14.62 -24.40 -13.70
N ILE X 468 -14.14 -24.47 -14.93
CA ILE X 468 -12.76 -24.83 -15.24
C ILE X 468 -12.19 -23.80 -16.20
N ILE X 469 -10.99 -23.31 -15.90
CA ILE X 469 -10.34 -22.29 -16.71
C ILE X 469 -8.91 -22.75 -17.02
N PRO X 470 -8.36 -22.40 -18.18
CA PRO X 470 -7.01 -22.85 -18.53
C PRO X 470 -5.94 -21.87 -18.05
N SER X 471 -4.74 -22.41 -17.87
CA SER X 471 -3.59 -21.58 -17.55
C SER X 471 -3.15 -20.79 -18.78
N ASN X 472 -2.45 -19.68 -18.55
CA ASN X 472 -2.05 -18.78 -19.62
C ASN X 472 -0.54 -18.69 -19.79
N THR X 473 0.24 -19.26 -18.87
CA THR X 473 1.70 -19.12 -18.89
C THR X 473 2.41 -20.43 -19.19
N THR X 474 1.74 -21.40 -19.81
CA THR X 474 2.37 -22.68 -20.11
C THR X 474 1.45 -23.48 -21.03
N ASP X 475 1.86 -24.73 -21.28
CA ASP X 475 1.06 -25.65 -22.08
C ASP X 475 -0.14 -26.13 -21.25
N SER X 476 -0.85 -27.13 -21.78
CA SER X 476 -2.10 -27.58 -21.20
C SER X 476 -2.00 -27.76 -19.69
N GLN X 477 -2.72 -26.93 -18.94
CA GLN X 477 -2.82 -27.01 -17.49
C GLN X 477 -4.16 -26.40 -17.09
N TYR X 478 -4.86 -27.06 -16.17
CA TYR X 478 -6.22 -26.67 -15.83
C TYR X 478 -6.40 -26.60 -14.32
N THR X 479 -7.38 -25.80 -13.91
CA THR X 479 -7.75 -25.68 -12.51
C THR X 479 -9.25 -25.40 -12.45
N SER X 480 -9.90 -26.00 -11.45
CA SER X 480 -11.36 -25.93 -11.32
C SER X 480 -11.73 -25.21 -10.02
N ASN X 481 -12.86 -24.51 -10.05
CA ASN X 481 -13.37 -23.78 -8.91
C ASN X 481 -14.86 -24.07 -8.73
N ASP X 482 -15.32 -23.90 -7.49
CA ASP X 482 -16.75 -24.01 -7.19
C ASP X 482 -17.35 -22.63 -7.03
N ILE X 483 -18.41 -22.37 -7.79
CA ILE X 483 -18.96 -21.01 -7.90
C ILE X 483 -20.41 -20.98 -7.44
N THR X 484 -20.81 -21.95 -6.60
CA THR X 484 -22.14 -21.93 -6.02
C THR X 484 -22.14 -22.37 -4.56
N ALA X 485 -21.06 -22.14 -3.82
CA ALA X 485 -21.01 -22.61 -2.43
C ALA X 485 -21.94 -21.81 -1.53
N HIS X 486 -22.27 -20.58 -1.91
CA HIS X 486 -23.05 -19.70 -1.05
C HIS X 486 -24.57 -19.85 -1.25
N ILE X 487 -25.00 -20.72 -2.14
CA ILE X 487 -26.43 -20.99 -2.31
C ILE X 487 -26.63 -22.51 -2.37
N PRO X 488 -26.45 -23.22 -1.25
CA PRO X 488 -26.51 -24.69 -1.28
C PRO X 488 -27.91 -25.26 -1.37
N ARG X 489 -28.96 -24.42 -1.39
CA ARG X 489 -30.32 -24.93 -1.47
C ARG X 489 -31.20 -24.11 -2.42
N TYR X 490 -30.61 -23.54 -3.47
CA TYR X 490 -31.36 -22.68 -4.39
C TYR X 490 -31.76 -23.38 -5.68
N LEU X 491 -31.10 -24.48 -6.04
CA LEU X 491 -31.37 -25.20 -7.28
C LEU X 491 -32.02 -26.55 -6.97
N PRO X 492 -33.31 -26.73 -7.24
CA PRO X 492 -34.00 -27.96 -6.83
C PRO X 492 -33.76 -29.08 -7.84
N GLY X 493 -33.43 -30.27 -7.34
CA GLY X 493 -33.32 -31.44 -8.19
C GLY X 493 -32.00 -31.53 -8.92
N ARG X 494 -32.03 -32.11 -10.12
CA ARG X 494 -30.86 -32.28 -10.95
C ARG X 494 -30.91 -31.35 -12.15
N ILE X 495 -29.75 -30.78 -12.48
CA ILE X 495 -29.66 -29.92 -13.66
C ILE X 495 -29.80 -30.77 -14.90
N ARG X 496 -30.68 -30.35 -15.82
CA ARG X 496 -30.99 -31.12 -17.01
C ARG X 496 -30.49 -30.48 -18.30
N SER X 497 -30.05 -29.22 -18.26
CA SER X 497 -29.58 -28.56 -19.46
C SER X 497 -28.63 -27.43 -19.07
N ILE X 498 -27.83 -27.01 -20.04
CA ILE X 498 -26.91 -25.88 -19.89
C ILE X 498 -26.87 -25.15 -21.23
N VAL X 499 -27.04 -23.84 -21.21
CA VAL X 499 -27.07 -23.03 -22.41
C VAL X 499 -26.13 -21.85 -22.22
N SER X 500 -25.48 -21.42 -23.30
CA SER X 500 -24.54 -20.32 -23.26
C SER X 500 -24.93 -19.26 -24.28
N SER X 501 -24.85 -18.00 -23.84
CA SER X 501 -25.11 -16.85 -24.69
C SER X 501 -23.93 -15.87 -24.52
N THR X 502 -22.87 -16.08 -25.29
CA THR X 502 -21.70 -15.22 -25.18
C THR X 502 -21.95 -13.85 -25.78
N THR X 503 -23.05 -13.66 -26.50
CA THR X 503 -23.36 -12.37 -27.09
C THR X 503 -24.00 -11.40 -26.11
N SER X 504 -24.46 -11.89 -24.95
CA SER X 504 -25.10 -11.02 -23.96
C SER X 504 -24.59 -11.32 -22.55
N ASN X 505 -23.55 -12.14 -22.43
CA ASN X 505 -22.92 -12.42 -21.14
C ASN X 505 -23.90 -13.03 -20.14
N SER X 506 -24.45 -14.20 -20.45
CA SER X 506 -25.39 -14.86 -19.56
C SER X 506 -25.42 -16.35 -19.85
N SER X 507 -26.14 -17.09 -19.02
CA SER X 507 -26.31 -18.52 -19.18
C SER X 507 -27.63 -18.93 -18.56
N ALA X 508 -28.15 -20.09 -18.98
CA ALA X 508 -29.45 -20.57 -18.54
C ALA X 508 -29.35 -22.03 -18.14
N PHE X 509 -30.10 -22.40 -17.10
CA PHE X 509 -30.12 -23.78 -16.61
C PHE X 509 -31.57 -24.22 -16.43
N ILE X 510 -31.82 -25.51 -16.63
CA ILE X 510 -33.13 -26.11 -16.45
C ILE X 510 -32.99 -27.26 -15.46
N CYS X 511 -33.86 -27.28 -14.46
CA CYS X 511 -33.81 -28.27 -13.39
C CYS X 511 -35.05 -29.17 -13.44
N THR X 512 -34.88 -30.40 -12.96
CA THR X 512 -35.99 -31.35 -12.97
C THR X 512 -36.93 -31.17 -11.77
N GLY X 513 -36.50 -30.43 -10.74
CA GLY X 513 -37.33 -30.24 -9.58
C GLY X 513 -38.51 -29.32 -9.79
N ASP X 514 -38.40 -28.38 -10.73
CA ASP X 514 -39.49 -27.47 -11.04
C ASP X 514 -39.45 -27.18 -12.53
N SER X 515 -40.53 -27.49 -13.24
CA SER X 515 -40.55 -27.43 -14.69
C SER X 515 -41.08 -26.13 -15.24
N ARG X 516 -41.34 -25.13 -14.39
CA ARG X 516 -41.87 -23.84 -14.84
C ARG X 516 -40.94 -22.68 -14.53
N SER X 517 -39.69 -22.94 -14.15
CA SER X 517 -38.76 -21.88 -13.77
C SER X 517 -37.44 -22.07 -14.50
N LEU X 518 -36.80 -20.94 -14.79
CA LEU X 518 -35.51 -20.92 -15.47
C LEU X 518 -34.53 -20.08 -14.64
N PHE X 519 -33.35 -20.63 -14.38
CA PHE X 519 -32.33 -19.98 -13.58
C PHE X 519 -31.27 -19.36 -14.48
N ILE X 520 -30.89 -18.12 -14.16
CA ILE X 520 -30.00 -17.33 -15.00
C ILE X 520 -28.74 -17.01 -14.23
N GLN X 521 -27.68 -16.70 -14.97
CA GLN X 521 -26.44 -16.18 -14.40
C GLN X 521 -25.95 -15.06 -15.30
N ASP X 522 -25.30 -14.05 -14.70
CA ASP X 522 -24.70 -12.95 -15.44
C ASP X 522 -23.26 -12.79 -14.99
N TYR X 523 -22.34 -12.71 -15.95
CA TYR X 523 -20.92 -12.66 -15.65
C TYR X 523 -20.27 -11.55 -16.47
N LEU X 524 -19.15 -11.05 -15.96
CA LEU X 524 -18.36 -10.03 -16.64
C LEU X 524 -16.89 -10.27 -16.34
N TRP X 525 -16.04 -9.91 -17.30
CA TRP X 525 -14.61 -10.12 -17.19
C TRP X 525 -13.87 -8.81 -17.40
N SER X 526 -12.74 -8.67 -16.71
CA SER X 526 -11.89 -7.49 -16.82
C SER X 526 -10.44 -7.95 -16.70
N GLY X 527 -9.71 -7.89 -17.79
CA GLY X 527 -8.35 -8.39 -17.78
C GLY X 527 -8.34 -9.87 -17.47
N ASP X 528 -7.70 -10.24 -16.37
CA ASP X 528 -7.65 -11.62 -15.89
C ASP X 528 -8.40 -11.76 -14.57
N GLU X 529 -9.50 -11.03 -14.41
CA GLU X 529 -10.30 -11.05 -13.20
C GLU X 529 -11.78 -11.14 -13.55
N LYS X 530 -12.54 -11.82 -12.69
CA LYS X 530 -13.98 -11.97 -12.82
C LYS X 530 -14.65 -11.12 -11.75
N VAL X 531 -15.65 -10.35 -12.14
CA VAL X 531 -16.19 -9.31 -11.27
C VAL X 531 -17.66 -9.55 -10.89
N GLN X 532 -18.44 -10.22 -11.73
CA GLN X 532 -19.88 -10.37 -11.48
C GLN X 532 -20.28 -11.83 -11.62
N SER X 533 -21.06 -12.30 -10.65
CA SER X 533 -21.56 -13.67 -10.62
C SER X 533 -23.03 -13.67 -10.19
N ALA X 534 -23.82 -12.76 -10.76
CA ALA X 534 -25.21 -12.60 -10.35
C ALA X 534 -26.01 -13.86 -10.67
N TRP X 535 -26.88 -14.25 -9.74
CA TRP X 535 -27.84 -15.34 -9.93
C TRP X 535 -29.24 -14.83 -9.66
N HIS X 536 -30.23 -15.37 -10.38
CA HIS X 536 -31.62 -15.01 -10.14
C HIS X 536 -32.52 -15.98 -10.90
N GLN X 537 -33.82 -15.82 -10.70
CA GLN X 537 -34.82 -16.79 -11.16
C GLN X 537 -35.88 -16.10 -12.01
N TRP X 538 -36.40 -16.83 -13.00
CA TRP X 538 -37.54 -16.40 -13.80
C TRP X 538 -38.64 -17.44 -13.71
N THR X 539 -39.83 -17.07 -14.20
CA THR X 539 -40.97 -17.97 -14.22
C THR X 539 -41.80 -17.68 -15.47
N LEU X 540 -42.52 -18.71 -15.93
CA LEU X 540 -43.30 -18.63 -17.15
C LEU X 540 -44.62 -19.37 -16.94
N PRO X 541 -45.64 -19.07 -17.76
CA PRO X 541 -46.97 -19.63 -17.49
C PRO X 541 -47.13 -21.08 -17.92
N TYR X 542 -46.25 -21.61 -18.75
CA TYR X 542 -46.37 -22.97 -19.25
C TYR X 542 -45.10 -23.75 -18.94
N PRO X 543 -45.18 -25.08 -18.86
CA PRO X 543 -43.97 -25.87 -18.62
C PRO X 543 -42.96 -25.70 -19.75
N ILE X 544 -41.68 -25.74 -19.39
CA ILE X 544 -40.58 -25.53 -20.32
C ILE X 544 -40.07 -26.89 -20.78
N VAL X 545 -39.81 -27.02 -22.08
CA VAL X 545 -39.37 -28.29 -22.65
C VAL X 545 -37.89 -28.27 -23.01
N CYS X 546 -37.46 -27.29 -23.77
CA CYS X 546 -36.08 -27.25 -24.26
C CYS X 546 -35.69 -25.82 -24.60
N THR X 547 -34.39 -25.60 -24.80
CA THR X 547 -33.87 -24.29 -25.14
C THR X 547 -32.62 -24.46 -26.00
N TRP X 548 -32.39 -23.50 -26.89
CA TRP X 548 -31.19 -23.51 -27.72
C TRP X 548 -30.94 -22.09 -28.23
N PHE X 549 -29.71 -21.88 -28.70
CA PHE X 549 -29.21 -20.55 -29.07
C PHE X 549 -28.77 -20.56 -30.53
N VAL X 550 -29.28 -19.60 -31.31
CA VAL X 550 -28.93 -19.48 -32.72
C VAL X 550 -28.85 -18.01 -33.10
N ARG X 551 -27.64 -17.52 -33.38
CA ARG X 551 -27.41 -16.19 -33.95
C ARG X 551 -28.10 -15.10 -33.12
N ASP X 552 -27.57 -14.92 -31.91
CA ASP X 552 -27.89 -13.75 -31.10
C ASP X 552 -29.34 -13.78 -30.59
N ARG X 553 -29.84 -14.97 -30.28
CA ARG X 553 -31.12 -15.11 -29.59
C ARG X 553 -31.16 -16.45 -28.88
N VAL X 554 -32.09 -16.57 -27.93
CA VAL X 554 -32.33 -17.79 -27.19
C VAL X 554 -33.81 -18.14 -27.34
N TYR X 555 -34.08 -19.36 -27.76
CA TYR X 555 -35.44 -19.82 -27.97
C TYR X 555 -35.87 -20.75 -26.84
N ILE X 556 -37.16 -20.73 -26.53
CA ILE X 556 -37.74 -21.52 -25.46
C ILE X 556 -39.00 -22.18 -25.98
N GLY X 557 -39.19 -23.46 -25.67
CA GLY X 557 -40.36 -24.21 -26.08
C GLY X 557 -41.19 -24.59 -24.87
N MET X 558 -42.51 -24.53 -25.02
CA MET X 558 -43.42 -24.82 -23.92
C MET X 558 -44.55 -25.70 -24.41
N ARG X 559 -45.10 -26.51 -23.50
CA ARG X 559 -46.11 -27.52 -23.83
C ARG X 559 -47.48 -26.97 -23.48
N ASP X 560 -48.17 -26.43 -24.48
CA ASP X 560 -49.57 -26.02 -24.33
C ASP X 560 -50.44 -27.20 -24.71
N GLY X 561 -50.99 -27.88 -23.71
CA GLY X 561 -51.75 -29.09 -23.97
C GLY X 561 -50.86 -30.19 -24.53
N THR X 562 -51.01 -30.48 -25.82
CA THR X 562 -50.12 -31.41 -26.51
C THR X 562 -49.37 -30.76 -27.66
N THR X 563 -49.40 -29.44 -27.78
CA THR X 563 -48.72 -28.72 -28.84
C THR X 563 -47.55 -27.92 -28.26
N ILE X 564 -46.53 -27.70 -29.08
CA ILE X 564 -45.31 -27.02 -28.65
C ILE X 564 -45.30 -25.61 -29.21
N LEU X 565 -44.94 -24.64 -28.37
CA LEU X 565 -44.82 -23.25 -28.77
C LEU X 565 -43.35 -22.85 -28.83
N VAL X 566 -43.11 -21.60 -29.21
CA VAL X 566 -41.77 -21.03 -29.28
C VAL X 566 -41.86 -19.54 -28.95
N VAL X 567 -41.08 -19.11 -27.95
CA VAL X 567 -41.00 -17.71 -27.56
C VAL X 567 -39.54 -17.35 -27.31
N THR X 568 -39.25 -16.05 -27.30
CA THR X 568 -37.90 -15.56 -27.13
C THR X 568 -37.91 -14.29 -26.27
N ILE X 569 -36.88 -14.13 -25.46
CA ILE X 569 -36.69 -12.95 -24.63
C ILE X 569 -35.37 -12.30 -24.99
N GLU X 570 -35.39 -11.01 -25.28
CA GLU X 570 -34.21 -10.25 -25.69
C GLU X 570 -34.03 -9.07 -24.74
N PRO X 571 -33.19 -9.22 -23.70
CA PRO X 571 -33.05 -8.11 -22.73
C PRO X 571 -32.31 -6.90 -23.28
N GLN X 572 -31.42 -7.09 -24.25
CA GLN X 572 -30.60 -5.99 -24.75
C GLN X 572 -31.19 -5.29 -25.96
N ALA X 573 -32.51 -5.32 -26.14
CA ALA X 573 -33.18 -4.68 -27.27
C ALA X 573 -33.85 -3.39 -26.80
N GLY X 574 -34.13 -2.50 -27.74
CA GLY X 574 -34.76 -1.24 -27.42
C GLY X 574 -36.21 -1.42 -26.96
N ASN X 575 -36.90 -0.29 -26.88
CA ASN X 575 -38.29 -0.28 -26.41
C ASN X 575 -39.30 -0.34 -27.54
N THR X 576 -38.85 -0.36 -28.80
CA THR X 576 -39.76 -0.35 -29.95
C THR X 576 -39.44 -1.52 -30.87
N ILE X 577 -40.50 -2.12 -31.42
CA ILE X 577 -40.37 -3.19 -32.40
C ILE X 577 -41.21 -2.86 -33.62
N ASP X 578 -40.58 -2.31 -34.65
CA ASP X 578 -41.27 -2.00 -35.90
C ASP X 578 -42.42 -1.02 -35.68
N SER X 579 -42.12 0.14 -35.11
CA SER X 579 -43.09 1.22 -34.96
C SER X 579 -44.14 0.91 -33.90
N TYR X 580 -43.95 -0.19 -33.16
CA TYR X 580 -44.84 -0.50 -32.06
C TYR X 580 -44.08 -0.55 -30.75
N VAL X 581 -44.78 -0.33 -29.65
CA VAL X 581 -44.18 -0.31 -28.32
C VAL X 581 -44.42 -1.66 -27.66
N ARG X 582 -43.35 -2.27 -27.15
CA ARG X 582 -43.46 -3.60 -26.57
C ARG X 582 -44.20 -3.54 -25.23
N PRO X 583 -45.11 -4.46 -24.98
CA PRO X 583 -45.82 -4.47 -23.70
C PRO X 583 -45.08 -5.28 -22.64
N PHE X 584 -45.55 -5.15 -21.41
CA PHE X 584 -45.05 -5.93 -20.28
C PHE X 584 -45.96 -7.14 -20.04
N SER X 585 -45.85 -8.12 -20.94
CA SER X 585 -46.68 -9.32 -20.85
C SER X 585 -45.96 -10.47 -21.53
N ASP X 586 -46.41 -11.69 -21.23
CA ASP X 586 -45.82 -12.90 -21.76
C ASP X 586 -46.65 -13.43 -22.93
N VAL X 587 -45.96 -14.02 -23.90
CA VAL X 587 -46.57 -14.70 -25.04
C VAL X 587 -47.65 -13.81 -25.66
N TYR X 588 -47.28 -12.58 -25.99
CA TYR X 588 -48.25 -11.62 -26.50
C TYR X 588 -48.37 -11.68 -28.01
N LEU X 589 -49.57 -11.45 -28.51
CA LEU X 589 -49.86 -11.42 -29.94
C LEU X 589 -50.54 -10.10 -30.29
N ARG X 590 -50.50 -9.76 -31.58
CA ARG X 590 -51.16 -8.56 -32.07
C ARG X 590 -52.52 -8.91 -32.65
N VAL X 591 -53.50 -8.03 -32.43
CA VAL X 591 -54.87 -8.27 -32.85
C VAL X 591 -55.55 -6.92 -33.09
N THR X 592 -56.62 -6.96 -33.88
CA THR X 592 -57.39 -5.76 -34.23
C THR X 592 -58.68 -5.75 -33.44
N ILE X 593 -59.08 -4.57 -32.97
CA ILE X 593 -60.30 -4.39 -32.19
C ILE X 593 -61.25 -3.50 -32.98
N THR X 594 -62.49 -3.96 -33.13
CA THR X 594 -63.53 -3.21 -33.84
C THR X 594 -64.81 -3.27 -33.03
N ASP X 595 -65.43 -2.11 -32.84
CA ASP X 595 -66.68 -2.00 -32.08
C ASP X 595 -66.52 -2.56 -30.67
N ARG X 596 -65.36 -2.35 -30.07
CA ARG X 596 -65.08 -2.77 -28.70
C ARG X 596 -65.28 -4.28 -28.53
N GLN X 597 -64.88 -5.07 -29.53
CA GLN X 597 -65.01 -6.51 -29.48
C GLN X 597 -63.92 -7.15 -30.34
N PHE X 598 -63.54 -8.37 -29.94
CA PHE X 598 -62.59 -9.17 -30.71
C PHE X 598 -62.64 -10.59 -30.20
N ALA X 599 -61.95 -11.48 -30.91
CA ALA X 599 -61.95 -12.91 -30.59
C ALA X 599 -60.65 -13.27 -29.89
N LEU X 600 -60.76 -14.01 -28.79
CA LEU X 600 -59.60 -14.39 -28.00
C LEU X 600 -58.73 -15.36 -28.80
N PRO X 601 -57.43 -15.10 -28.96
CA PRO X 601 -56.58 -16.05 -29.69
C PRO X 601 -56.54 -17.41 -29.00
N THR X 602 -56.34 -18.45 -29.82
CA THR X 602 -56.46 -19.82 -29.33
C THR X 602 -55.42 -20.13 -28.25
N ARG X 603 -54.17 -19.72 -28.45
CA ARG X 603 -53.08 -20.13 -27.56
C ARG X 603 -53.17 -19.51 -26.17
N LEU X 604 -54.19 -18.71 -25.84
CA LEU X 604 -54.35 -18.18 -24.50
C LEU X 604 -55.58 -18.70 -23.78
N ARG X 605 -56.42 -19.50 -24.44
CA ARG X 605 -57.63 -19.99 -23.82
C ARG X 605 -57.32 -20.91 -22.64
N ALA X 606 -56.30 -21.76 -22.79
CA ALA X 606 -55.96 -22.69 -21.71
C ALA X 606 -55.42 -21.95 -20.49
N ALA X 607 -54.54 -20.99 -20.70
CA ALA X 607 -53.93 -20.28 -19.56
C ALA X 607 -54.97 -19.48 -18.79
N VAL X 608 -55.79 -18.69 -19.51
CA VAL X 608 -56.79 -17.87 -18.83
C VAL X 608 -57.79 -18.75 -18.09
N GLY X 609 -58.01 -19.97 -18.57
CA GLY X 609 -58.94 -20.88 -17.90
C GLY X 609 -58.40 -21.50 -16.63
N SER X 610 -57.14 -21.25 -16.29
CA SER X 610 -56.52 -21.84 -15.11
C SER X 610 -55.98 -20.77 -14.16
N GLY X 611 -56.54 -19.57 -14.22
CA GLY X 611 -56.19 -18.51 -13.29
C GLY X 611 -55.25 -17.46 -13.82
N GLU X 612 -54.67 -17.65 -15.00
CA GLU X 612 -53.76 -16.65 -15.55
C GLU X 612 -54.52 -15.36 -15.84
N GLY X 613 -53.85 -14.23 -15.64
CA GLY X 613 -54.50 -12.94 -15.81
C GLY X 613 -54.36 -12.38 -17.21
N LEU X 614 -55.48 -12.09 -17.86
CA LEU X 614 -55.45 -11.53 -19.20
C LEU X 614 -55.07 -10.05 -19.14
N PHE X 615 -54.18 -9.63 -20.04
CA PHE X 615 -53.66 -8.27 -20.05
C PHE X 615 -53.73 -7.71 -21.46
N ILE X 616 -54.16 -6.46 -21.58
CA ILE X 616 -54.29 -5.77 -22.85
C ILE X 616 -53.57 -4.43 -22.77
N THR X 617 -53.04 -3.97 -23.89
CA THR X 617 -52.31 -2.71 -23.95
C THR X 617 -52.50 -2.07 -25.32
N PHE X 618 -52.32 -0.74 -25.35
CA PHE X 618 -52.28 -0.04 -26.62
C PHE X 618 -51.04 -0.44 -27.40
N ALA X 619 -51.12 -0.35 -28.73
CA ALA X 619 -50.04 -0.79 -29.60
C ALA X 619 -49.44 0.32 -30.45
N ASP X 620 -50.13 1.44 -30.61
CA ASP X 620 -49.70 2.49 -31.52
C ASP X 620 -49.94 3.84 -30.87
N THR X 621 -49.68 4.90 -31.65
CA THR X 621 -49.97 6.29 -31.29
C THR X 621 -49.29 6.69 -29.98
N SER X 622 -49.53 7.93 -29.53
CA SER X 622 -48.84 8.45 -28.37
C SER X 622 -49.17 7.65 -27.10
N MET X 623 -50.38 7.11 -27.01
CA MET X 623 -50.78 6.37 -25.83
C MET X 623 -50.27 4.93 -25.82
N GLY X 624 -49.33 4.59 -26.69
CA GLY X 624 -48.82 3.24 -26.76
C GLY X 624 -48.22 2.74 -25.46
N GLY X 625 -48.61 1.53 -25.04
CA GLY X 625 -48.10 0.93 -23.83
C GLY X 625 -49.01 1.05 -22.61
N MET X 626 -50.15 1.74 -22.74
CA MET X 626 -50.99 1.97 -21.59
C MET X 626 -52.02 0.86 -21.42
N TRP X 627 -52.42 0.63 -20.17
CA TRP X 627 -53.30 -0.47 -19.84
C TRP X 627 -54.73 -0.19 -20.29
N VAL X 628 -55.42 -1.24 -20.73
CA VAL X 628 -56.86 -1.21 -20.99
C VAL X 628 -57.45 -2.50 -20.44
N GLY X 629 -58.75 -2.45 -20.09
CA GLY X 629 -59.41 -3.53 -19.41
C GLY X 629 -60.53 -4.13 -20.24
N TYR X 630 -61.11 -5.21 -19.70
CA TYR X 630 -62.20 -5.93 -20.34
C TYR X 630 -63.32 -6.14 -19.33
N GLU X 631 -64.51 -6.44 -19.84
CA GLU X 631 -65.71 -6.55 -19.02
C GLU X 631 -66.32 -7.95 -18.98
N SER X 632 -66.17 -8.75 -20.02
CA SER X 632 -66.79 -10.06 -20.04
C SER X 632 -66.14 -10.93 -21.11
N ILE X 633 -66.36 -12.24 -20.98
CA ILE X 633 -65.90 -13.23 -21.94
C ILE X 633 -67.02 -14.24 -22.14
N ASP X 634 -67.47 -14.40 -23.37
CA ASP X 634 -68.56 -15.32 -23.68
C ASP X 634 -68.08 -16.76 -23.52
N PRO X 635 -68.69 -17.58 -22.66
CA PRO X 635 -68.19 -18.94 -22.47
C PRO X 635 -68.28 -19.81 -23.72
N THR X 636 -69.20 -19.50 -24.64
CA THR X 636 -69.39 -20.38 -25.79
C THR X 636 -68.52 -19.99 -26.98
N THR X 637 -68.37 -18.69 -27.24
CA THR X 637 -67.63 -18.22 -28.41
C THR X 637 -66.32 -17.53 -28.08
N TYR X 638 -66.01 -17.28 -26.80
CA TYR X 638 -64.76 -16.65 -26.40
C TYR X 638 -64.60 -15.26 -27.00
N VAL X 639 -65.70 -14.50 -27.07
CA VAL X 639 -65.62 -13.12 -27.49
C VAL X 639 -65.42 -12.22 -26.27
N VAL X 640 -64.60 -11.19 -26.43
CA VAL X 640 -64.21 -10.30 -25.34
C VAL X 640 -64.72 -8.91 -25.63
N THR X 641 -65.22 -8.24 -24.60
CA THR X 641 -65.73 -6.87 -24.71
C THR X 641 -64.86 -5.98 -23.84
N THR X 642 -64.36 -4.89 -24.42
CA THR X 642 -63.45 -4.00 -23.72
C THR X 642 -64.23 -2.88 -23.02
N VAL X 643 -63.50 -2.10 -22.23
CA VAL X 643 -64.08 -0.98 -21.49
C VAL X 643 -64.45 0.13 -22.47
N ARG X 644 -65.21 1.10 -22.00
CA ARG X 644 -65.78 2.13 -22.85
C ARG X 644 -64.69 3.04 -23.42
N ASN X 645 -64.99 3.61 -24.58
CA ASN X 645 -64.23 4.70 -25.21
C ASN X 645 -62.86 4.29 -25.71
N VAL X 646 -62.69 3.04 -26.13
CA VAL X 646 -61.46 2.62 -26.79
C VAL X 646 -61.66 2.71 -28.30
N PRO X 647 -60.83 3.45 -29.04
CA PRO X 647 -61.03 3.55 -30.49
C PRO X 647 -60.51 2.33 -31.24
N ASP X 648 -60.96 2.19 -32.48
CA ASP X 648 -60.53 1.08 -33.31
C ASP X 648 -59.08 1.23 -33.70
N GLY X 649 -58.35 0.12 -33.71
CA GLY X 649 -56.95 0.13 -34.06
C GLY X 649 -56.28 -1.18 -33.72
N GLU X 650 -54.96 -1.13 -33.55
CA GLU X 650 -54.15 -2.28 -33.24
C GLU X 650 -53.90 -2.36 -31.73
N TYR X 651 -53.84 -3.58 -31.20
CA TYR X 651 -53.64 -3.78 -29.77
C TYR X 651 -52.88 -5.08 -29.55
N PHE X 652 -52.25 -5.17 -28.38
CA PHE X 652 -51.56 -6.37 -27.94
C PHE X 652 -52.40 -7.07 -26.87
N VAL X 653 -52.16 -8.37 -26.72
CA VAL X 653 -52.86 -9.18 -25.73
C VAL X 653 -51.88 -10.22 -25.18
N GLY X 654 -51.86 -10.37 -23.86
CA GLY X 654 -50.92 -11.28 -23.24
C GLY X 654 -51.30 -11.62 -21.82
N LEU X 655 -50.29 -11.97 -21.02
CA LEU X 655 -50.48 -12.40 -19.65
C LEU X 655 -49.55 -11.62 -18.72
N ARG X 656 -49.85 -11.68 -17.42
CA ARG X 656 -49.16 -10.89 -16.42
C ARG X 656 -48.09 -11.72 -15.70
N TYR X 657 -47.22 -11.01 -14.98
CA TYR X 657 -46.22 -11.64 -14.11
C TYR X 657 -45.75 -10.62 -13.07
N THR X 658 -45.09 -11.12 -12.04
CA THR X 658 -44.64 -10.30 -10.93
C THR X 658 -43.12 -10.14 -10.95
N SER X 659 -42.64 -9.11 -10.25
CA SER X 659 -41.23 -8.71 -10.29
C SER X 659 -40.72 -8.44 -8.88
N VAL X 660 -40.96 -9.38 -7.96
CA VAL X 660 -40.58 -9.22 -6.55
C VAL X 660 -39.09 -8.89 -6.42
N LEU X 661 -38.76 -8.12 -5.37
CA LEU X 661 -37.38 -7.86 -4.98
C LEU X 661 -37.34 -7.60 -3.49
N SER X 662 -36.19 -7.90 -2.87
CA SER X 662 -36.07 -7.77 -1.42
C SER X 662 -34.63 -7.46 -1.02
N PRO X 663 -34.34 -6.25 -0.57
CA PRO X 663 -32.96 -5.92 -0.16
C PRO X 663 -32.54 -6.68 1.08
N THR X 664 -31.29 -6.42 1.50
CA THR X 664 -30.73 -7.01 2.72
C THR X 664 -30.68 -5.95 3.81
N PRO X 665 -30.92 -6.31 5.08
CA PRO X 665 -30.96 -5.28 6.13
C PRO X 665 -29.61 -4.61 6.29
N PRO X 666 -29.58 -3.34 6.72
CA PRO X 666 -28.30 -2.65 6.87
C PRO X 666 -27.44 -3.27 7.97
N LEU X 667 -26.22 -2.73 8.08
CA LEU X 667 -25.26 -3.17 9.08
C LEU X 667 -24.42 -2.00 9.55
N VAL X 668 -23.87 -2.12 10.75
CA VAL X 668 -22.96 -1.13 11.32
C VAL X 668 -21.57 -1.73 11.33
N ARG X 669 -20.59 -0.96 10.86
CA ARG X 669 -19.24 -1.46 10.66
C ARG X 669 -18.24 -0.39 11.08
N ASP X 670 -17.32 -0.75 11.97
CA ASP X 670 -16.35 0.18 12.51
C ASP X 670 -15.18 0.37 11.53
N ALA X 671 -14.13 1.02 12.01
CA ALA X 671 -13.00 1.36 11.14
C ALA X 671 -12.32 0.12 10.57
N ASN X 672 -12.12 -0.91 11.37
CA ASN X 672 -11.40 -2.11 10.95
C ASN X 672 -12.29 -3.09 10.19
N GLY X 673 -13.57 -2.78 10.01
CA GLY X 673 -14.47 -3.64 9.28
C GLY X 673 -15.26 -4.62 10.13
N ILE X 674 -15.09 -4.61 11.45
CA ILE X 674 -15.82 -5.52 12.31
C ILE X 674 -17.28 -5.08 12.42
N VAL X 675 -18.17 -6.04 12.62
CA VAL X 675 -19.59 -5.75 12.74
C VAL X 675 -19.97 -5.65 14.20
N ILE X 676 -20.75 -4.62 14.54
CA ILE X 676 -21.13 -4.34 15.92
C ILE X 676 -22.60 -3.90 15.95
N GLY X 677 -23.20 -4.02 17.12
CA GLY X 677 -24.56 -3.56 17.35
C GLY X 677 -25.64 -4.34 16.64
N THR X 678 -25.51 -5.66 16.53
CA THR X 678 -26.53 -6.45 15.86
C THR X 678 -27.84 -6.48 16.63
N TYR X 679 -27.81 -6.23 17.94
CA TYR X 679 -28.99 -6.29 18.80
C TYR X 679 -29.25 -4.96 19.47
N GLN X 680 -28.53 -3.91 19.09
CA GLN X 680 -28.65 -2.61 19.73
C GLN X 680 -28.73 -1.51 18.68
N SER X 681 -29.50 -1.73 17.62
CA SER X 681 -29.69 -0.74 16.57
C SER X 681 -31.15 -0.78 16.13
N LEU X 682 -31.64 0.37 15.67
CA LEU X 682 -33.02 0.52 15.25
C LEU X 682 -33.05 1.21 13.89
N LEU X 683 -33.95 0.76 13.01
CA LEU X 683 -34.06 1.30 11.66
C LEU X 683 -35.27 2.22 11.61
N VAL X 684 -35.12 3.37 10.97
CA VAL X 684 -36.16 4.39 10.98
C VAL X 684 -36.83 4.53 9.61
N ARG X 685 -36.08 4.45 8.52
CA ARG X 685 -36.64 4.87 7.23
C ARG X 685 -35.82 4.29 6.09
N TYR X 686 -36.45 4.24 4.92
CA TYR X 686 -35.79 3.95 3.65
C TYR X 686 -35.97 5.13 2.70
N GLU X 687 -34.95 5.40 1.90
CA GLU X 687 -35.01 6.39 0.83
C GLU X 687 -34.73 5.68 -0.48
N LEU X 688 -35.61 5.87 -1.46
CA LEU X 688 -35.53 5.19 -2.75
C LEU X 688 -35.47 6.21 -3.86
N THR X 689 -34.50 6.06 -4.77
CA THR X 689 -34.37 6.88 -5.95
C THR X 689 -34.66 6.03 -7.18
N LEU X 690 -35.60 6.49 -8.00
CA LEU X 690 -36.10 5.73 -9.13
C LEU X 690 -35.89 6.50 -10.42
N LYS X 691 -35.30 5.84 -11.42
CA LYS X 691 -35.08 6.46 -12.73
C LYS X 691 -36.36 6.55 -13.55
N ASP X 692 -37.27 5.59 -13.38
CA ASP X 692 -38.57 5.62 -14.03
C ASP X 692 -39.43 4.54 -13.40
N SER X 693 -40.67 4.89 -13.08
CA SER X 693 -41.54 3.97 -12.37
C SER X 693 -42.92 4.58 -12.22
N GLY X 694 -43.89 3.73 -11.89
CA GLY X 694 -45.21 4.16 -11.50
C GLY X 694 -45.51 3.74 -10.07
N GLU X 695 -46.76 3.41 -9.78
CA GLU X 695 -47.12 2.93 -8.46
C GLU X 695 -46.65 1.49 -8.28
N PHE X 696 -46.17 1.20 -7.08
CA PHE X 696 -45.76 -0.16 -6.72
C PHE X 696 -46.33 -0.47 -5.33
N HIS X 697 -45.95 -1.63 -4.79
CA HIS X 697 -46.50 -2.13 -3.54
C HIS X 697 -45.37 -2.56 -2.64
N ALA X 698 -45.43 -2.13 -1.38
CA ALA X 698 -44.37 -2.40 -0.41
C ALA X 698 -44.96 -3.00 0.86
N ILE X 699 -44.29 -4.01 1.39
CA ILE X 699 -44.69 -4.65 2.65
C ILE X 699 -43.46 -4.77 3.54
N ILE X 700 -43.58 -4.33 4.78
CA ILE X 700 -42.54 -4.48 5.79
C ILE X 700 -43.14 -5.24 6.97
N THR X 701 -42.45 -6.28 7.42
CA THR X 701 -42.95 -7.13 8.49
C THR X 701 -41.83 -7.39 9.49
N ASP X 702 -42.23 -7.69 10.72
CA ASP X 702 -41.32 -8.00 11.81
C ASP X 702 -41.49 -9.46 12.20
N SER X 703 -40.80 -9.85 13.27
CA SER X 703 -40.81 -11.25 13.71
C SER X 703 -42.22 -11.73 14.01
N SER X 704 -43.11 -10.83 14.44
CA SER X 704 -44.42 -11.22 14.94
C SER X 704 -45.57 -10.37 14.43
N ARG X 705 -45.31 -9.30 13.68
CA ARG X 705 -46.40 -8.41 13.29
C ARG X 705 -46.00 -7.63 12.05
N THR X 706 -47.02 -7.14 11.34
CA THR X 706 -46.79 -6.25 10.21
C THR X 706 -46.66 -4.81 10.69
N LEU X 707 -45.79 -4.05 10.02
CA LEU X 707 -45.52 -2.66 10.37
C LEU X 707 -46.03 -1.68 9.33
N THR X 708 -45.71 -1.89 8.05
CA THR X 708 -46.08 -0.97 6.99
C THR X 708 -46.72 -1.75 5.85
N ASP X 709 -47.61 -1.08 5.11
CA ASP X 709 -48.29 -1.70 3.99
C ASP X 709 -49.04 -0.62 3.23
N GLY X 710 -49.12 -0.79 1.92
CA GLY X 710 -49.82 0.13 1.05
C GLY X 710 -49.00 0.50 -0.17
N ASN X 711 -49.66 1.15 -1.11
CA ASN X 711 -49.03 1.54 -2.36
C ASN X 711 -48.23 2.83 -2.20
N TYR X 712 -47.22 2.98 -3.05
CA TYR X 712 -46.40 4.18 -3.08
C TYR X 712 -46.12 4.53 -4.55
N SER X 713 -45.74 5.78 -4.78
CA SER X 713 -45.48 6.26 -6.13
C SER X 713 -44.53 7.44 -6.06
N SER X 714 -43.90 7.73 -7.20
CA SER X 714 -43.00 8.86 -7.33
C SER X 714 -43.54 9.95 -8.26
N LEU X 715 -44.79 9.85 -8.70
CA LEU X 715 -45.41 10.83 -9.57
C LEU X 715 -46.42 11.62 -8.78
N VAL X 716 -46.30 12.96 -8.80
CA VAL X 716 -47.11 13.83 -7.98
C VAL X 716 -48.07 14.61 -8.87
N TYR X 717 -49.03 15.28 -8.25
CA TYR X 717 -50.10 15.96 -8.97
C TYR X 717 -49.62 17.26 -9.62
N SER X 718 -48.43 17.74 -9.28
CA SER X 718 -47.90 18.99 -9.83
C SER X 718 -46.79 18.76 -10.83
N SER X 719 -46.64 17.54 -11.35
CA SER X 719 -45.61 17.22 -12.32
C SER X 719 -46.19 17.27 -13.72
N THR X 720 -45.45 17.90 -14.64
CA THR X 720 -45.89 18.04 -16.01
C THR X 720 -45.97 16.68 -16.71
N GLU X 721 -45.34 15.67 -16.12
CA GLU X 721 -45.37 14.33 -16.69
C GLU X 721 -46.76 13.71 -16.64
N LEU X 722 -47.64 14.21 -15.77
CA LEU X 722 -48.98 13.65 -15.62
C LEU X 722 -49.94 14.41 -16.54
N LEU X 723 -50.34 13.77 -17.63
CA LEU X 723 -51.27 14.32 -18.59
C LEU X 723 -52.23 13.24 -19.03
N PRO X 724 -53.45 13.60 -19.43
CA PRO X 724 -54.33 12.62 -20.06
C PRO X 724 -53.84 12.27 -21.45
N ASN X 725 -54.00 10.99 -21.83
CA ASN X 725 -53.54 10.44 -23.10
C ASN X 725 -52.03 10.31 -23.17
N ASN X 726 -51.34 10.22 -22.04
CA ASN X 726 -49.91 9.99 -21.97
C ASN X 726 -49.62 8.94 -20.90
N PRO X 727 -48.49 8.24 -21.01
CA PRO X 727 -48.15 7.26 -19.97
C PRO X 727 -47.91 7.92 -18.62
N THR X 728 -48.21 7.19 -17.55
CA THR X 728 -48.08 7.70 -16.19
C THR X 728 -46.76 7.23 -15.60
N ASP X 729 -45.69 7.91 -16.00
CA ASP X 729 -44.35 7.63 -15.52
C ASP X 729 -43.61 8.93 -15.26
N ALA X 730 -42.67 8.88 -14.33
CA ALA X 730 -41.86 10.04 -13.96
C ALA X 730 -40.40 9.75 -14.26
N SER X 731 -39.73 10.69 -14.94
CA SER X 731 -38.35 10.51 -15.33
C SER X 731 -37.38 10.51 -14.16
N LEU X 732 -37.78 11.03 -13.00
CA LEU X 732 -36.92 11.04 -11.83
C LEU X 732 -37.74 11.44 -10.62
N GLY X 733 -37.51 10.74 -9.50
CA GLY X 733 -38.29 11.01 -8.30
C GLY X 733 -37.72 10.25 -7.13
N ARG X 734 -38.45 10.30 -6.02
CA ARG X 734 -38.01 9.68 -4.78
C ARG X 734 -39.22 9.22 -3.98
N THR X 735 -38.99 8.30 -3.04
CA THR X 735 -40.03 7.79 -2.17
C THR X 735 -39.43 7.53 -0.79
N ILE X 736 -40.29 7.58 0.23
CA ILE X 736 -39.88 7.43 1.62
C ILE X 736 -40.81 6.43 2.30
N ILE X 737 -40.24 5.55 3.11
CA ILE X 737 -41.00 4.49 3.76
C ILE X 737 -40.57 4.39 5.22
N PRO X 738 -41.49 4.43 6.19
CA PRO X 738 -41.12 4.27 7.59
C PRO X 738 -41.16 2.81 8.05
N VAL X 739 -40.25 2.48 8.96
CA VAL X 739 -40.14 1.13 9.48
C VAL X 739 -40.33 1.12 10.99
N ARG X 740 -39.44 1.83 11.71
CA ARG X 740 -39.51 1.90 13.17
C ARG X 740 -39.48 0.52 13.82
N ALA X 741 -38.37 -0.20 13.69
CA ALA X 741 -38.21 -1.50 14.32
C ALA X 741 -36.74 -1.87 14.31
N GLN X 742 -36.42 -2.97 14.99
CA GLN X 742 -35.04 -3.44 15.06
C GLN X 742 -34.51 -3.69 13.66
N ALA X 743 -33.23 -3.36 13.45
CA ALA X 743 -32.70 -3.34 12.09
C ALA X 743 -32.74 -4.71 11.43
N GLN X 744 -32.19 -5.73 12.09
CA GLN X 744 -31.99 -7.03 11.47
C GLN X 744 -33.20 -7.95 11.56
N ASP X 745 -34.20 -7.62 12.39
CA ASP X 745 -35.40 -8.44 12.50
C ASP X 745 -36.51 -7.90 11.59
N THR X 746 -36.20 -7.74 10.30
CA THR X 746 -37.14 -7.17 9.35
C THR X 746 -37.02 -7.87 8.01
N VAL X 747 -38.12 -7.82 7.25
CA VAL X 747 -38.16 -8.32 5.88
C VAL X 747 -38.89 -7.29 5.03
N ALA X 748 -38.33 -6.94 3.88
CA ALA X 748 -38.91 -5.93 3.01
C ALA X 748 -39.02 -6.49 1.59
N THR X 749 -40.14 -6.20 0.93
CA THR X 749 -40.38 -6.63 -0.43
C THR X 749 -41.07 -5.52 -1.21
N PHE X 750 -40.81 -5.48 -2.51
CA PHE X 750 -41.43 -4.52 -3.42
C PHE X 750 -41.95 -5.27 -4.64
N GLU X 751 -43.23 -5.12 -4.94
CA GLU X 751 -43.87 -5.83 -6.02
C GLU X 751 -44.36 -4.85 -7.09
N ALA X 752 -44.49 -5.35 -8.31
CA ALA X 752 -45.04 -4.59 -9.41
C ALA X 752 -45.43 -5.55 -10.53
N ASN X 753 -46.71 -5.51 -10.92
CA ASN X 753 -47.22 -6.42 -11.94
C ASN X 753 -48.14 -5.66 -12.90
N ALA X 754 -47.70 -4.49 -13.35
CA ALA X 754 -48.52 -3.62 -14.20
C ALA X 754 -47.68 -3.18 -15.39
N ASP X 755 -48.20 -2.23 -16.16
CA ASP X 755 -47.56 -1.84 -17.41
C ASP X 755 -46.37 -0.92 -17.20
N THR X 756 -46.11 -0.48 -15.97
CA THR X 756 -45.03 0.45 -15.69
C THR X 756 -43.80 -0.29 -15.17
N ASP X 757 -42.64 0.28 -15.45
CA ASP X 757 -41.36 -0.29 -15.03
C ASP X 757 -41.11 0.01 -13.56
N LEU X 758 -40.00 -0.53 -13.03
CA LEU X 758 -39.54 -0.24 -11.68
C LEU X 758 -38.01 -0.37 -11.69
N CYS X 759 -37.34 0.77 -11.81
CA CYS X 759 -35.88 0.83 -11.89
C CYS X 759 -35.35 1.51 -10.64
N ILE X 760 -34.52 0.81 -9.88
CA ILE X 760 -34.00 1.32 -8.61
C ILE X 760 -32.54 1.73 -8.83
N LEU X 761 -32.25 3.01 -8.62
CA LEU X 761 -30.89 3.49 -8.81
C LEU X 761 -30.07 3.47 -7.52
N ASP X 762 -30.68 3.81 -6.38
CA ASP X 762 -29.96 3.85 -5.12
C ASP X 762 -30.95 3.67 -3.98
N ILE X 763 -30.42 3.30 -2.82
CA ILE X 763 -31.21 3.12 -1.61
C ILE X 763 -30.46 3.74 -0.44
N GLU X 764 -31.18 4.45 0.41
CA GLU X 764 -30.61 5.10 1.59
C GLU X 764 -31.51 4.85 2.78
N TYR X 765 -30.93 4.97 3.97
CA TYR X 765 -31.64 4.68 5.21
C TYR X 765 -31.20 5.65 6.29
N VAL X 766 -31.97 5.68 7.39
CA VAL X 766 -31.64 6.45 8.58
C VAL X 766 -31.53 5.47 9.74
N LEU X 767 -30.40 5.49 10.43
CA LEU X 767 -30.10 4.52 11.47
C LEU X 767 -29.89 5.25 12.79
N GLN X 768 -30.47 4.71 13.86
CA GLN X 768 -30.37 5.26 15.20
C GLN X 768 -29.56 4.30 16.07
N TYR X 769 -28.28 4.62 16.27
CA TYR X 769 -27.39 3.82 17.09
C TYR X 769 -26.54 4.75 17.94
N ARG X 770 -26.38 4.38 19.22
CA ARG X 770 -25.73 5.27 20.18
C ARG X 770 -24.83 4.43 21.08
N ALA X 771 -23.52 4.56 20.88
CA ALA X 771 -22.56 3.92 21.77
C ALA X 771 -22.39 4.75 23.04
N ARG X 772 -22.18 4.07 24.17
CA ARG X 772 -22.07 4.74 25.46
C ARG X 772 -20.76 4.41 26.16
N ARG X 773 -19.82 3.78 25.48
CA ARG X 773 -18.48 3.58 26.01
C ARG X 773 -17.49 3.61 24.85
N LYS X 774 -16.28 4.07 25.14
CA LYS X 774 -15.21 4.07 24.15
C LYS X 774 -14.88 2.63 23.78
N ARG X 775 -14.07 2.45 22.74
CA ARG X 775 -13.74 1.14 22.22
C ARG X 775 -12.23 0.94 22.26
N ILE X 776 -11.82 -0.29 22.60
CA ILE X 776 -10.41 -0.63 22.70
C ILE X 776 -10.27 -2.09 23.12
#